data_5WLN
#
_entry.id   5WLN
#
_cell.length_a   1.0
_cell.length_b   1.0
_cell.length_c   1.0
_cell.angle_alpha   90.0
_cell.angle_beta   90.0
_cell.angle_gamma   90.0
#
_symmetry.space_group_name_H-M   'P 1'
#
_entity_poly.entity_id   1
_entity_poly.type   'polypeptide(L)'
_entity_poly.pdbx_seq_one_letter_code
;ENSGGNAFVPAGNQQEAHWTINLKDADIREFIDQISEITGETFVVDPRVKGQVSVVSKAQLSLSEVYQLFLSVMSTHGFT
VVAQGDQARIVPNAEAKTEAGGGQSAPDRLETRVIQVQQSPVSELIPLIRPLVPQYGHLAAVPSANALIISDRSANIARI
EDVIRQLDQKGSHDYSVINLRYGWVMDAAEVLNNAMSRGQAKGAAGAQVIADARTNRLIILGPPQARAKLVQLAQSLDTP
TARSANTRVIRLRHNDAKTLAETLGQISEGMKNNGGQGGEQTGGGRPSNILIRADESTNALVLLADPDTVNALEDIVRQL
DVPRAQVLVEAAIVEISGDIQDAVGVQWAINKGGMGGTKTNFANTGLSIGTLLQSLESNKAPESIPDGAIVGIGSSSFGA
LVTALSANTKSNLLSTPSLLTLDNQKAEILVGQNVPFQTGSYTTNSEGSSNPFTTVERKDIGVSLKVTPHINDGAALRLE
IEQEISALLPNAQQRNNTDLITSKRSIKSTILAENGQVIVIGGLIQDDVSQAESKVPLLGDIPLLGRLFRSTKDTHTKRN
LMVFLRPTVVRDSAGLAALSGKKYSDIRVIDGTRGPEGRPSILPTNANQLFDGQAVDLRELMTE
;
_entity_poly.pdbx_strand_id   G,O,A,B,C,D,E,F,H,I,J,K,L,M,N
#
# COMPACT_ATOMS: atom_id res chain seq x y z
N ASP A 174 -40.27 73.28 -37.97
CA ASP A 174 -39.18 73.25 -38.94
C ASP A 174 -38.05 72.31 -38.50
N TYR A 175 -37.14 72.02 -39.42
CA TYR A 175 -36.13 70.99 -39.23
C TYR A 175 -34.82 71.64 -38.80
N SER A 176 -34.11 71.00 -37.86
CA SER A 176 -32.80 71.49 -37.46
C SER A 176 -31.99 70.36 -36.85
N VAL A 177 -30.68 70.58 -36.77
CA VAL A 177 -29.75 69.66 -36.13
C VAL A 177 -28.80 70.47 -35.25
N ILE A 178 -28.58 70.00 -34.02
CA ILE A 178 -27.71 70.66 -33.08
C ILE A 178 -26.70 69.66 -32.53
N ASN A 179 -25.65 70.21 -31.92
CA ASN A 179 -24.62 69.46 -31.22
C ASN A 179 -24.95 69.38 -29.73
N LEU A 180 -24.13 68.62 -29.01
CA LEU A 180 -24.09 68.62 -27.57
C LEU A 180 -22.64 68.51 -27.12
N ARG A 181 -22.30 69.26 -26.08
CA ARG A 181 -20.93 69.20 -25.55
C ARG A 181 -20.76 68.03 -24.60
N TYR A 182 -21.53 68.03 -23.51
CA TYR A 182 -21.57 66.95 -22.56
C TYR A 182 -22.90 66.22 -22.51
N GLY A 183 -23.93 66.72 -23.18
CA GLY A 183 -25.23 66.12 -23.09
C GLY A 183 -25.34 64.83 -23.90
N TRP A 184 -26.23 63.94 -23.46
CA TRP A 184 -26.47 62.67 -24.12
C TRP A 184 -27.84 62.69 -24.80
N VAL A 185 -27.85 62.38 -26.09
CA VAL A 185 -29.11 62.25 -26.82
C VAL A 185 -29.84 60.97 -26.42
N MET A 186 -29.12 60.01 -25.86
CA MET A 186 -29.74 58.78 -25.36
C MET A 186 -30.69 59.09 -24.22
N ASP A 187 -30.25 59.90 -23.27
CA ASP A 187 -31.13 60.30 -22.17
C ASP A 187 -32.18 61.28 -22.64
N ALA A 188 -31.81 62.18 -23.54
CA ALA A 188 -32.73 63.24 -23.96
C ALA A 188 -33.77 62.78 -24.96
N ALA A 189 -33.64 61.57 -25.50
CA ALA A 189 -34.60 61.08 -26.48
C ALA A 189 -35.96 60.82 -25.84
N GLU A 190 -35.96 60.14 -24.69
CA GLU A 190 -37.20 59.91 -23.94
C GLU A 190 -37.79 61.21 -23.40
N VAL A 191 -36.93 62.19 -23.14
CA VAL A 191 -37.36 63.53 -22.74
C VAL A 191 -38.13 64.18 -23.87
N LEU A 192 -37.46 64.35 -25.01
CA LEU A 192 -38.01 65.15 -26.10
C LEU A 192 -39.12 64.45 -26.86
N ASN A 193 -39.20 63.12 -26.78
CA ASN A 193 -40.36 62.45 -27.35
C ASN A 193 -41.61 62.77 -26.54
N ASN A 194 -41.47 62.94 -25.23
CA ASN A 194 -42.56 63.34 -24.37
C ASN A 194 -42.59 64.83 -24.12
N ALA A 195 -41.77 65.60 -24.83
CA ALA A 195 -41.84 67.06 -24.71
C ALA A 195 -43.14 67.59 -25.30
N MET A 196 -43.61 66.97 -26.37
CA MET A 196 -44.94 67.25 -26.88
C MET A 196 -45.92 66.24 -26.33
N SER A 197 -47.12 66.71 -26.00
CA SER A 197 -48.09 65.92 -25.24
C SER A 197 -48.66 64.79 -26.08
N ARG A 198 -49.41 63.92 -25.43
CA ARG A 198 -50.01 62.77 -26.09
C ARG A 198 -51.26 63.18 -26.86
N ALA A 205 -48.58 63.16 -32.01
CA ALA A 205 -47.33 63.63 -31.44
C ALA A 205 -46.93 64.97 -32.05
N GLY A 206 -46.99 65.07 -33.37
CA GLY A 206 -46.64 66.29 -34.05
C GLY A 206 -45.17 66.39 -34.38
N ALA A 207 -44.42 67.09 -33.53
CA ALA A 207 -42.99 67.25 -33.73
C ALA A 207 -42.25 65.93 -33.53
N GLN A 208 -41.01 65.88 -34.01
CA GLN A 208 -40.20 64.67 -33.91
C GLN A 208 -38.79 64.99 -33.46
N VAL A 209 -38.08 63.95 -33.07
CA VAL A 209 -36.73 64.05 -32.51
C VAL A 209 -35.96 62.78 -32.86
N ILE A 210 -34.71 62.96 -33.27
CA ILE A 210 -33.87 61.90 -33.82
C ILE A 210 -32.48 62.01 -33.18
N ALA A 211 -32.01 60.91 -32.62
CA ALA A 211 -30.75 60.90 -31.88
C ALA A 211 -29.61 60.36 -32.73
N ASP A 212 -28.40 60.82 -32.43
CA ASP A 212 -27.15 60.27 -32.96
C ASP A 212 -26.19 60.09 -31.79
N ALA A 213 -26.08 58.85 -31.32
CA ALA A 213 -25.23 58.54 -30.17
C ALA A 213 -23.78 58.33 -30.55
N ARG A 214 -23.45 58.25 -31.84
CA ARG A 214 -22.04 58.18 -32.22
C ARG A 214 -21.43 59.57 -32.30
N THR A 215 -22.12 60.49 -32.99
CA THR A 215 -21.66 61.84 -33.15
C THR A 215 -22.43 62.84 -32.31
N ASN A 216 -23.29 62.34 -31.41
CA ASN A 216 -23.96 63.12 -30.37
C ASN A 216 -24.82 64.22 -30.97
N ARG A 217 -25.48 63.92 -32.07
CA ARG A 217 -26.24 64.93 -32.79
C ARG A 217 -27.72 64.79 -32.48
N LEU A 218 -28.43 65.90 -32.66
CA LEU A 218 -29.86 65.91 -32.37
C LEU A 218 -30.58 66.56 -33.54
N ILE A 219 -31.48 65.81 -34.17
CA ILE A 219 -32.25 66.30 -35.31
C ILE A 219 -33.69 66.44 -34.85
N ILE A 220 -34.16 67.68 -34.72
CA ILE A 220 -35.51 67.93 -34.22
C ILE A 220 -36.33 68.61 -35.29
N LEU A 221 -37.60 68.21 -35.39
CA LEU A 221 -38.50 68.57 -36.49
C LEU A 221 -39.76 69.11 -35.83
N GLY A 222 -39.80 70.42 -35.55
CA GLY A 222 -40.94 70.98 -34.86
C GLY A 222 -40.93 72.49 -34.69
N PRO A 223 -41.56 72.97 -33.62
CA PRO A 223 -41.76 74.40 -33.46
C PRO A 223 -40.47 75.10 -33.09
N PRO A 224 -40.32 76.38 -33.44
CA PRO A 224 -39.04 77.06 -33.15
C PRO A 224 -38.83 77.40 -31.68
N GLN A 225 -39.90 77.55 -30.91
CA GLN A 225 -39.72 77.85 -29.49
C GLN A 225 -39.30 76.63 -28.69
N ALA A 226 -39.78 75.44 -29.05
CA ALA A 226 -39.26 74.22 -28.44
C ALA A 226 -37.79 74.02 -28.79
N ARG A 227 -37.42 74.37 -30.04
CA ARG A 227 -36.02 74.41 -30.45
C ARG A 227 -35.19 75.32 -29.55
N ALA A 228 -35.65 76.56 -29.36
CA ALA A 228 -34.85 77.53 -28.61
C ALA A 228 -34.78 77.18 -27.13
N LYS A 229 -35.91 76.86 -26.52
CA LYS A 229 -35.94 76.53 -25.10
C LYS A 229 -35.20 75.22 -24.82
N LEU A 230 -35.18 74.29 -25.76
CA LEU A 230 -34.49 73.05 -25.46
C LEU A 230 -33.04 73.08 -25.90
N VAL A 231 -32.64 74.01 -26.76
CA VAL A 231 -31.23 74.32 -26.90
C VAL A 231 -30.71 75.01 -25.65
N GLN A 232 -31.54 75.83 -25.00
CA GLN A 232 -31.13 76.41 -23.71
C GLN A 232 -31.08 75.34 -22.62
N LEU A 233 -32.03 74.40 -22.63
CA LEU A 233 -31.94 73.26 -21.71
C LEU A 233 -30.79 72.34 -22.08
N ALA A 234 -30.38 72.32 -23.34
CA ALA A 234 -29.18 71.58 -23.72
C ALA A 234 -27.93 72.26 -23.16
N GLN A 235 -27.90 73.58 -23.21
CA GLN A 235 -26.75 74.35 -22.74
C GLN A 235 -26.68 74.34 -21.21
N SER A 236 -27.82 74.18 -20.54
CA SER A 236 -27.82 73.90 -19.11
C SER A 236 -27.64 72.41 -18.82
N LEU A 237 -27.84 71.57 -19.82
CA LEU A 237 -27.89 70.12 -19.66
C LEU A 237 -26.54 69.49 -19.87
N ASP A 238 -25.70 70.09 -20.70
CA ASP A 238 -24.32 69.66 -20.88
C ASP A 238 -23.38 70.29 -19.86
N THR A 239 -23.90 70.77 -18.76
CA THR A 239 -23.08 71.20 -17.66
C THR A 239 -22.92 70.05 -16.67
N PRO A 240 -21.73 69.83 -16.13
CA PRO A 240 -21.58 68.83 -15.07
C PRO A 240 -22.27 69.26 -13.79
N THR A 241 -22.76 68.26 -13.05
CA THR A 241 -23.53 68.48 -11.82
C THR A 241 -23.24 67.26 -10.94
N ALA A 242 -24.16 66.84 -10.07
CA ALA A 242 -23.98 65.81 -9.04
C ALA A 242 -23.61 64.43 -9.59
N ARG A 243 -23.44 63.48 -8.67
CA ARG A 243 -22.63 62.26 -8.82
C ARG A 243 -21.33 62.54 -9.58
N SER A 244 -20.62 63.55 -9.11
CA SER A 244 -19.31 63.91 -9.63
C SER A 244 -18.53 64.58 -8.51
N ALA A 245 -17.31 64.07 -8.26
CA ALA A 245 -16.44 64.48 -7.16
C ALA A 245 -17.16 64.38 -5.81
N ASN A 246 -17.67 63.19 -5.52
CA ASN A 246 -18.31 62.88 -4.25
C ASN A 246 -17.61 61.73 -3.55
N THR A 247 -16.28 61.71 -3.65
CA THR A 247 -15.44 60.64 -3.15
C THR A 247 -14.58 61.13 -2.00
N ARG A 248 -13.84 60.19 -1.38
CA ARG A 248 -13.13 60.49 -0.15
C ARG A 248 -12.01 59.47 0.03
N VAL A 249 -10.88 59.92 0.57
CA VAL A 249 -9.76 59.04 0.90
C VAL A 249 -9.42 59.25 2.38
N ILE A 250 -9.33 58.15 3.12
CA ILE A 250 -9.15 58.19 4.57
C ILE A 250 -7.90 57.40 4.93
N ARG A 251 -6.95 58.06 5.58
CA ARG A 251 -5.84 57.35 6.18
C ARG A 251 -6.29 56.74 7.51
N LEU A 252 -5.67 55.63 7.88
CA LEU A 252 -6.04 54.98 9.11
C LEU A 252 -4.87 54.94 10.08
N ARG A 253 -5.21 55.00 11.35
CA ARG A 253 -4.25 54.91 12.44
C ARG A 253 -4.67 53.80 13.38
N HIS A 254 -3.70 52.96 13.74
CA HIS A 254 -3.80 51.85 14.68
C HIS A 254 -4.78 50.76 14.24
N ASN A 255 -5.15 50.72 12.96
CA ASN A 255 -6.07 49.73 12.45
C ASN A 255 -5.72 49.40 11.01
N ASP A 256 -5.97 48.16 10.63
CA ASP A 256 -5.80 47.76 9.25
C ASP A 256 -6.95 48.27 8.40
N ALA A 257 -6.74 48.33 7.09
CA ALA A 257 -7.74 48.90 6.22
C ALA A 257 -8.79 47.86 5.84
N LYS A 258 -8.36 46.64 5.55
CA LYS A 258 -9.31 45.62 5.12
C LYS A 258 -10.14 45.11 6.29
N THR A 259 -9.56 45.08 7.48
CA THR A 259 -10.25 44.59 8.66
C THR A 259 -11.43 45.48 9.02
N LEU A 260 -11.23 46.80 9.00
CA LEU A 260 -12.35 47.69 9.18
C LEU A 260 -13.23 47.74 7.94
N ALA A 261 -12.67 47.43 6.77
CA ALA A 261 -13.44 47.55 5.53
C ALA A 261 -14.52 46.49 5.43
N GLU A 262 -14.27 45.28 5.96
CA GLU A 262 -15.35 44.30 6.00
C GLU A 262 -16.48 44.76 6.89
N THR A 263 -16.16 45.38 8.02
CA THR A 263 -17.19 45.81 8.96
C THR A 263 -17.97 47.01 8.42
N LEU A 264 -17.28 47.94 7.77
CA LEU A 264 -17.99 49.07 7.17
C LEU A 264 -18.83 48.64 5.97
N GLY A 265 -18.36 47.66 5.20
CA GLY A 265 -19.19 47.12 4.14
C GLY A 265 -20.38 46.34 4.65
N GLN A 266 -20.26 45.74 5.82
CA GLN A 266 -21.40 45.04 6.40
C GLN A 266 -22.35 45.95 7.15
N ILE A 267 -21.93 47.16 7.54
CA ILE A 267 -22.91 48.11 8.10
C ILE A 267 -23.43 49.08 7.05
N SER A 268 -22.83 49.14 5.88
CA SER A 268 -23.21 50.18 4.94
C SER A 268 -24.42 49.84 4.09
N GLU A 269 -25.08 48.70 4.33
CA GLU A 269 -26.37 48.48 3.69
C GLU A 269 -27.44 49.39 4.26
N GLY A 270 -27.34 49.71 5.54
CA GLY A 270 -28.34 50.56 6.17
C GLY A 270 -28.18 52.03 5.90
N MET A 271 -27.04 52.43 5.33
CA MET A 271 -26.86 53.81 4.90
C MET A 271 -27.24 54.01 3.44
N LYS A 272 -27.84 53.00 2.80
CA LYS A 272 -28.19 53.08 1.39
C LYS A 272 -29.65 53.50 1.21
N SER A 288 -27.57 57.18 -3.40
CA SER A 288 -28.29 55.93 -3.58
C SER A 288 -27.32 54.76 -3.71
N ASN A 289 -26.03 55.05 -3.61
CA ASN A 289 -24.99 54.05 -3.71
C ASN A 289 -23.91 54.31 -2.66
N ILE A 290 -23.21 53.24 -2.30
CA ILE A 290 -22.27 53.29 -1.18
C ILE A 290 -21.12 52.32 -1.41
N LEU A 291 -19.88 52.83 -1.41
CA LEU A 291 -18.73 52.00 -1.77
C LEU A 291 -17.54 52.30 -0.89
N ILE A 292 -17.15 51.32 -0.07
CA ILE A 292 -16.00 51.46 0.81
C ILE A 292 -15.05 50.32 0.47
N ARG A 293 -13.91 50.65 -0.11
CA ARG A 293 -12.92 49.63 -0.40
C ARG A 293 -11.61 49.99 0.28
N ALA A 294 -10.69 49.05 0.30
CA ALA A 294 -9.52 49.17 1.16
C ALA A 294 -8.24 49.26 0.36
N ASP A 295 -7.16 49.51 1.09
CA ASP A 295 -5.81 49.43 0.56
C ASP A 295 -4.89 49.09 1.71
N GLU A 296 -4.26 47.92 1.62
CA GLU A 296 -3.35 47.48 2.67
C GLU A 296 -1.94 47.98 2.47
N SER A 297 -1.65 48.64 1.36
CA SER A 297 -0.29 49.14 1.14
C SER A 297 -0.01 50.37 2.00
N THR A 298 -0.76 51.43 1.77
CA THR A 298 -0.70 52.64 2.58
C THR A 298 -1.80 52.67 3.64
N ASN A 299 -2.44 51.54 3.90
CA ASN A 299 -3.38 51.32 5.00
C ASN A 299 -4.58 52.25 4.93
N ALA A 300 -5.00 52.59 3.72
CA ALA A 300 -5.99 53.63 3.52
C ALA A 300 -7.31 53.04 3.08
N LEU A 301 -8.31 53.91 3.02
CA LEU A 301 -9.69 53.48 2.85
C LEU A 301 -10.35 54.43 1.88
N VAL A 302 -10.91 53.91 0.80
CA VAL A 302 -11.51 54.74 -0.23
C VAL A 302 -13.02 54.70 -0.07
N LEU A 303 -13.60 55.86 0.16
CA LEU A 303 -15.02 56.04 0.36
C LEU A 303 -15.64 56.66 -0.88
N LEU A 304 -16.85 56.21 -1.19
CA LEU A 304 -17.65 56.83 -2.23
C LEU A 304 -19.09 56.85 -1.74
N ALA A 305 -19.59 58.05 -1.42
CA ALA A 305 -20.88 58.20 -0.78
C ALA A 305 -21.34 59.64 -0.89
N ASP A 306 -22.62 59.84 -0.61
CA ASP A 306 -23.17 61.17 -0.47
C ASP A 306 -22.64 61.82 0.81
N PRO A 307 -22.54 63.15 0.85
CA PRO A 307 -21.81 63.81 1.97
C PRO A 307 -22.38 63.60 3.37
N ASP A 308 -23.69 63.32 3.50
CA ASP A 308 -24.22 62.90 4.80
C ASP A 308 -23.64 61.55 5.20
N THR A 309 -23.62 60.60 4.25
CA THR A 309 -23.04 59.30 4.52
C THR A 309 -21.54 59.40 4.72
N VAL A 310 -20.90 60.36 4.05
CA VAL A 310 -19.48 60.62 4.27
C VAL A 310 -19.23 61.08 5.69
N ASN A 311 -20.06 61.99 6.20
CA ASN A 311 -19.89 62.46 7.57
C ASN A 311 -20.21 61.38 8.59
N ALA A 312 -21.19 60.51 8.29
CA ALA A 312 -21.49 59.41 9.20
C ALA A 312 -20.35 58.40 9.26
N LEU A 313 -19.75 58.09 8.11
CA LEU A 313 -18.62 57.17 8.12
C LEU A 313 -17.38 57.81 8.71
N GLU A 314 -17.25 59.13 8.63
CA GLU A 314 -16.20 59.80 9.37
C GLU A 314 -16.42 59.72 10.87
N ASP A 315 -17.68 59.77 11.31
CA ASP A 315 -17.97 59.57 12.73
C ASP A 315 -17.67 58.15 13.17
N ILE A 316 -17.86 57.16 12.29
CA ILE A 316 -17.44 55.80 12.60
C ILE A 316 -15.93 55.72 12.73
N VAL A 317 -15.22 56.31 11.77
CA VAL A 317 -13.77 56.13 11.70
C VAL A 317 -13.07 56.87 12.83
N ARG A 318 -13.54 58.07 13.16
CA ARG A 318 -12.90 58.82 14.24
C ARG A 318 -13.13 58.22 15.62
N GLN A 319 -14.01 57.25 15.75
CA GLN A 319 -14.22 56.57 17.02
C GLN A 319 -13.76 55.12 16.99
N LEU A 320 -13.05 54.72 15.94
CA LEU A 320 -12.47 53.39 15.87
C LEU A 320 -10.96 53.40 15.68
N ASP A 321 -10.35 54.57 15.59
CA ASP A 321 -8.91 54.69 15.40
C ASP A 321 -8.33 55.39 16.62
N VAL A 322 -8.02 54.62 17.65
CA VAL A 322 -7.46 55.20 18.87
C VAL A 322 -6.11 54.56 19.14
N PRO A 323 -5.18 55.27 19.77
CA PRO A 323 -4.00 54.61 20.31
C PRO A 323 -4.38 53.71 21.47
N ARG A 324 -3.96 52.46 21.40
CA ARG A 324 -4.28 51.50 22.43
C ARG A 324 -3.36 51.71 23.64
N ALA A 325 -3.55 50.90 24.67
CA ALA A 325 -2.87 51.11 25.93
C ALA A 325 -1.83 50.02 26.19
N GLN A 326 -0.82 50.38 26.96
CA GLN A 326 0.28 49.48 27.27
C GLN A 326 0.29 49.11 28.74
N VAL A 327 0.80 47.93 29.01
CA VAL A 327 0.98 47.43 30.37
C VAL A 327 2.43 47.08 30.56
N LEU A 328 3.02 47.52 31.65
CA LEU A 328 4.26 46.95 32.13
C LEU A 328 3.91 46.01 33.26
N VAL A 329 4.20 44.73 33.06
CA VAL A 329 3.93 43.68 34.03
C VAL A 329 5.23 43.30 34.70
N GLU A 330 5.25 43.34 36.03
CA GLU A 330 6.39 42.91 36.82
C GLU A 330 5.91 41.72 37.64
N ALA A 331 6.23 40.51 37.23
CA ALA A 331 5.98 39.36 38.07
C ALA A 331 7.19 39.12 38.94
N ALA A 332 6.97 38.64 40.16
CA ALA A 332 8.05 38.45 41.10
C ALA A 332 7.85 37.13 41.81
N ILE A 333 8.94 36.42 42.07
CA ILE A 333 8.86 35.10 42.67
C ILE A 333 9.83 35.08 43.83
N VAL A 334 9.34 34.77 45.02
CA VAL A 334 10.18 34.64 46.19
C VAL A 334 10.09 33.19 46.64
N GLU A 335 11.23 32.59 46.94
CA GLU A 335 11.28 31.25 47.52
C GLU A 335 12.27 31.24 48.66
N ILE A 336 11.85 30.78 49.82
CA ILE A 336 12.77 30.50 50.90
C ILE A 336 12.72 29.02 51.16
N SER A 337 13.82 28.34 50.91
CA SER A 337 13.86 26.91 51.18
C SER A 337 14.83 26.65 52.30
N GLY A 338 14.67 25.50 52.92
CA GLY A 338 15.61 25.10 53.94
C GLY A 338 15.36 23.68 54.40
N ASP A 339 16.41 23.02 54.85
CA ASP A 339 16.24 21.71 55.47
C ASP A 339 17.39 21.44 56.42
N ILE A 340 17.14 20.53 57.33
CA ILE A 340 18.12 20.16 58.34
C ILE A 340 17.99 18.67 58.63
N GLN A 341 19.06 17.94 58.39
CA GLN A 341 19.13 16.56 58.86
C GLN A 341 19.80 16.52 60.22
N ASP A 342 19.68 15.37 60.87
CA ASP A 342 20.36 15.13 62.13
C ASP A 342 20.48 13.62 62.29
N ALA A 343 21.67 13.08 62.03
CA ALA A 343 21.87 11.64 62.08
C ALA A 343 22.88 11.32 63.16
N VAL A 344 22.51 10.42 64.07
CA VAL A 344 23.39 10.11 65.20
C VAL A 344 23.14 8.68 65.67
N GLY A 345 24.21 7.91 65.83
CA GLY A 345 24.07 6.54 66.26
C GLY A 345 25.25 5.97 67.01
N VAL A 346 24.97 5.20 68.06
CA VAL A 346 25.97 4.53 68.88
C VAL A 346 25.94 3.05 68.53
N GLN A 347 27.10 2.46 68.31
CA GLN A 347 27.20 1.06 67.92
C GLN A 347 28.16 0.35 68.86
N TRP A 348 27.76 -0.82 69.35
CA TRP A 348 28.53 -1.56 70.36
C TRP A 348 29.01 -2.89 69.78
N ALA A 349 30.30 -3.18 69.97
CA ALA A 349 31.00 -4.29 69.34
C ALA A 349 31.73 -5.10 70.40
N ILE A 350 30.99 -5.56 71.40
CA ILE A 350 31.56 -6.37 72.47
C ILE A 350 31.73 -7.80 71.97
N ASN A 351 32.91 -8.14 71.46
CA ASN A 351 33.14 -9.51 71.02
C ASN A 351 33.85 -10.33 72.10
N LYS A 352 33.20 -10.38 73.26
CA LYS A 352 33.73 -11.11 74.41
C LYS A 352 33.47 -12.59 74.19
N GLY A 353 34.44 -13.27 73.59
CA GLY A 353 34.45 -14.71 73.50
C GLY A 353 33.42 -15.36 72.59
N GLY A 354 33.60 -16.65 72.33
CA GLY A 354 32.65 -17.44 71.60
C GLY A 354 32.60 -17.20 70.11
N MET A 355 32.15 -18.20 69.35
CA MET A 355 31.88 -17.97 67.93
C MET A 355 30.65 -17.10 67.80
N GLY A 356 30.79 -16.02 67.03
CA GLY A 356 29.78 -14.98 67.00
C GLY A 356 30.40 -13.64 67.31
N GLY A 357 30.02 -13.06 68.46
CA GLY A 357 30.49 -11.74 68.81
C GLY A 357 29.31 -10.80 68.96
N THR A 358 29.10 -10.26 70.16
CA THR A 358 27.83 -9.63 70.52
C THR A 358 27.75 -8.20 69.97
N LYS A 359 27.86 -8.07 68.66
CA LYS A 359 27.95 -6.77 68.03
C LYS A 359 26.57 -6.25 67.67
N THR A 360 26.35 -4.95 67.89
CA THR A 360 25.05 -4.32 67.65
C THR A 360 25.11 -3.58 66.33
N ASN A 361 24.95 -4.34 65.25
CA ASN A 361 24.99 -3.80 63.89
C ASN A 361 23.73 -2.97 63.62
N PHE A 362 23.90 -1.67 63.42
CA PHE A 362 22.84 -0.78 62.97
C PHE A 362 23.22 -0.26 61.59
N ALA A 363 22.59 -0.79 60.56
CA ALA A 363 22.83 -0.33 59.20
C ALA A 363 21.89 0.84 58.89
N ASN A 364 22.06 1.92 59.65
CA ASN A 364 21.27 3.12 59.50
C ASN A 364 22.11 4.28 58.99
N THR A 365 23.18 4.62 59.69
CA THR A 365 23.97 5.80 59.39
C THR A 365 25.34 5.34 58.90
N GLY A 366 25.46 5.21 57.57
CA GLY A 366 26.74 5.03 56.93
C GLY A 366 27.44 3.73 57.26
N LEU A 367 28.47 3.83 58.09
CA LEU A 367 29.26 2.69 58.49
C LEU A 367 28.46 1.77 59.41
N SER A 368 29.06 0.62 59.69
CA SER A 368 28.46 -0.38 60.55
C SER A 368 29.57 -1.22 61.13
N ILE A 369 29.22 -2.02 62.14
CA ILE A 369 30.22 -2.86 62.79
C ILE A 369 30.63 -4.02 61.89
N GLY A 370 29.70 -4.53 61.09
CA GLY A 370 30.05 -5.61 60.17
C GLY A 370 31.05 -5.16 59.13
N THR A 371 30.80 -4.00 58.52
CA THR A 371 31.82 -3.45 57.64
C THR A 371 32.99 -2.86 58.43
N LEU A 372 32.90 -2.72 59.74
CA LEU A 372 34.09 -2.33 60.51
C LEU A 372 35.03 -3.51 60.72
N LEU A 373 34.48 -4.69 61.02
CA LEU A 373 35.31 -5.88 61.13
C LEU A 373 35.76 -6.35 59.76
N GLN A 374 35.03 -6.01 58.70
CA GLN A 374 35.63 -6.12 57.37
C GLN A 374 36.58 -4.96 57.08
N SER A 375 36.47 -3.85 57.81
CA SER A 375 37.41 -2.77 57.60
C SER A 375 38.72 -3.04 58.29
N LEU A 376 38.73 -3.96 59.24
CA LEU A 376 40.00 -4.53 59.72
C LEU A 376 40.76 -5.17 58.57
N GLU A 377 40.08 -5.96 57.74
CA GLU A 377 40.69 -6.50 56.54
C GLU A 377 40.87 -5.44 55.46
N SER A 378 40.16 -4.32 55.54
CA SER A 378 40.46 -3.22 54.64
C SER A 378 41.77 -2.56 55.05
N ASN A 379 41.93 -2.32 56.35
CA ASN A 379 43.18 -1.82 56.93
C ASN A 379 44.33 -2.79 56.65
N LYS A 380 44.01 -4.07 56.45
CA LYS A 380 45.01 -4.96 55.89
C LYS A 380 45.40 -4.55 54.47
N ALA A 381 44.58 -4.84 53.43
CA ALA A 381 45.02 -4.36 52.12
C ALA A 381 44.38 -3.05 51.60
N PRO A 382 43.01 -2.90 51.39
CA PRO A 382 42.56 -1.68 50.67
C PRO A 382 42.30 -0.39 51.46
N GLU A 383 41.83 -0.45 52.72
CA GLU A 383 41.50 0.69 53.58
C GLU A 383 40.43 1.58 52.92
N SER A 384 39.22 1.04 52.82
CA SER A 384 38.20 1.60 51.95
C SER A 384 36.93 2.02 52.72
N ILE A 385 36.13 2.83 52.02
CA ILE A 385 34.74 3.19 52.32
C ILE A 385 34.52 3.80 53.71
N PRO A 386 34.80 5.09 53.91
CA PRO A 386 34.29 5.80 55.08
C PRO A 386 32.97 6.51 54.80
N ASP A 387 32.31 6.93 55.88
CA ASP A 387 31.10 7.74 55.79
C ASP A 387 30.83 8.38 57.15
N GLY A 388 30.54 9.68 57.16
CA GLY A 388 30.07 10.36 58.34
C GLY A 388 31.15 10.69 59.36
N ALA A 389 30.80 11.59 60.28
CA ALA A 389 31.73 12.00 61.33
C ALA A 389 31.79 10.90 62.38
N ILE A 390 32.85 10.10 62.35
CA ILE A 390 32.93 8.88 63.14
C ILE A 390 33.91 9.06 64.29
N VAL A 391 33.64 8.36 65.39
CA VAL A 391 34.46 8.40 66.60
C VAL A 391 34.53 6.96 67.11
N GLY A 392 35.70 6.35 67.03
CA GLY A 392 35.81 4.96 67.45
C GLY A 392 36.55 4.71 68.75
N ILE A 393 35.83 4.44 69.83
CA ILE A 393 36.44 4.12 71.12
C ILE A 393 36.50 2.61 71.20
N GLY A 394 37.67 2.04 71.08
CA GLY A 394 37.78 0.59 71.13
C GLY A 394 39.07 0.13 71.75
N SER A 395 39.03 -1.02 72.40
CA SER A 395 40.25 -1.76 72.71
C SER A 395 40.52 -2.80 71.63
N SER A 396 40.37 -2.36 70.38
CA SER A 396 40.73 -3.00 69.12
C SER A 396 39.88 -4.23 68.76
N SER A 397 39.16 -4.76 69.72
CA SER A 397 38.10 -5.73 69.49
C SER A 397 36.84 -5.38 70.26
N PHE A 398 36.99 -4.93 71.50
CA PHE A 398 35.90 -4.41 72.32
C PHE A 398 35.64 -3.00 71.82
N GLY A 399 34.64 -2.85 70.95
CA GLY A 399 34.52 -1.58 70.26
C GLY A 399 33.25 -0.79 70.53
N ALA A 400 33.28 0.50 70.21
CA ALA A 400 32.11 1.35 70.31
C ALA A 400 32.29 2.49 69.32
N LEU A 401 31.49 2.49 68.27
CA LEU A 401 31.60 3.48 67.20
C LEU A 401 30.42 4.44 67.27
N VAL A 402 30.71 5.72 67.37
CA VAL A 402 29.69 6.77 67.38
C VAL A 402 29.77 7.50 66.06
N THR A 403 28.68 7.49 65.30
CA THR A 403 28.66 8.13 63.99
C THR A 403 27.63 9.25 64.00
N ALA A 404 28.02 10.43 63.55
CA ALA A 404 27.13 11.57 63.60
C ALA A 404 27.39 12.50 62.42
N LEU A 405 26.31 13.16 61.98
CA LEU A 405 26.32 14.19 60.95
C LEU A 405 25.14 15.12 61.18
N SER A 406 25.30 16.37 60.76
CA SER A 406 24.20 17.34 60.82
C SER A 406 24.30 18.28 59.62
N ALA A 407 23.65 17.91 58.53
CA ALA A 407 23.54 18.83 57.41
C ALA A 407 22.52 19.91 57.71
N ASN A 408 22.71 21.08 57.11
CA ASN A 408 21.86 22.22 57.38
C ASN A 408 21.97 23.15 56.18
N THR A 409 21.03 23.07 55.26
CA THR A 409 21.10 23.90 54.06
C THR A 409 19.95 24.88 54.07
N LYS A 410 20.22 26.09 53.61
CA LYS A 410 19.20 27.10 53.43
C LYS A 410 19.32 27.64 52.02
N SER A 411 18.30 28.34 51.57
CA SER A 411 18.30 28.86 50.22
C SER A 411 17.27 29.97 50.11
N ASN A 412 17.53 30.93 49.24
CA ASN A 412 16.64 32.07 49.12
C ASN A 412 16.72 32.58 47.69
N LEU A 413 15.72 32.23 46.90
CA LEU A 413 15.64 32.65 45.51
C LEU A 413 14.68 33.81 45.36
N LEU A 414 14.94 34.63 44.35
CA LEU A 414 14.11 35.76 43.99
C LEU A 414 14.22 35.94 42.49
N SER A 415 13.14 36.34 41.85
CA SER A 415 13.20 36.61 40.44
C SER A 415 12.18 37.69 40.11
N THR A 416 12.50 38.56 39.17
CA THR A 416 11.58 39.61 38.75
C THR A 416 11.67 39.81 37.25
N PRO A 417 10.97 38.99 36.48
CA PRO A 417 10.78 39.34 35.07
C PRO A 417 9.75 40.44 34.94
N SER A 418 9.87 41.19 33.85
CA SER A 418 9.01 42.35 33.65
C SER A 418 9.06 42.73 32.18
N LEU A 419 7.90 42.96 31.58
CA LEU A 419 7.85 43.33 30.18
C LEU A 419 6.75 44.33 29.88
N LEU A 420 6.92 45.04 28.77
CA LEU A 420 5.92 45.96 28.26
C LEU A 420 5.17 45.29 27.13
N THR A 421 3.87 45.59 27.04
CA THR A 421 3.06 44.99 26.00
C THR A 421 1.86 45.87 25.70
N LEU A 422 1.22 45.60 24.58
CA LEU A 422 -0.14 46.06 24.33
C LEU A 422 -1.12 45.01 24.83
N ASP A 423 -2.40 45.31 24.73
CA ASP A 423 -3.41 44.30 24.98
C ASP A 423 -3.47 43.33 23.82
N ASN A 424 -3.87 42.10 24.14
CA ASN A 424 -4.12 41.02 23.17
C ASN A 424 -2.89 40.68 22.36
N GLN A 425 -1.71 40.86 22.95
CA GLN A 425 -0.45 40.65 22.27
C GLN A 425 0.45 39.80 23.16
N LYS A 426 0.69 38.57 22.72
CA LYS A 426 1.40 37.58 23.52
C LYS A 426 2.86 37.96 23.67
N ALA A 427 3.19 38.64 24.76
CA ALA A 427 4.58 38.94 25.03
C ALA A 427 5.25 37.69 25.60
N GLU A 428 6.56 37.78 25.84
CA GLU A 428 7.34 36.65 26.30
C GLU A 428 8.69 37.14 26.74
N ILE A 429 9.19 36.63 27.84
CA ILE A 429 10.61 36.70 28.15
C ILE A 429 11.05 35.29 28.44
N LEU A 430 12.21 34.92 27.93
CA LEU A 430 12.76 33.62 28.22
C LEU A 430 14.24 33.81 28.48
N VAL A 431 14.72 33.46 29.66
CA VAL A 431 16.12 33.63 29.99
C VAL A 431 16.66 32.30 30.46
N GLY A 432 17.76 31.86 29.86
CA GLY A 432 18.39 30.61 30.22
C GLY A 432 18.33 29.61 29.10
N GLN A 433 18.96 28.46 29.35
CA GLN A 433 19.47 27.56 28.33
C GLN A 433 18.37 26.93 27.49
N ASN A 434 18.80 26.29 26.40
CA ASN A 434 17.94 25.53 25.50
C ASN A 434 18.58 24.16 25.32
N VAL A 435 17.87 23.11 25.70
CA VAL A 435 18.46 21.78 25.84
C VAL A 435 17.76 20.85 24.87
N PRO A 436 18.40 19.72 24.54
CA PRO A 436 17.70 18.65 23.85
C PRO A 436 17.04 17.71 24.84
N PHE A 437 16.09 16.95 24.33
CA PHE A 437 15.49 15.89 25.12
C PHE A 437 15.09 14.80 24.16
N GLN A 438 15.25 13.55 24.58
CA GLN A 438 14.90 12.45 23.72
C GLN A 438 13.38 12.31 23.66
N THR A 439 12.87 12.08 22.46
CA THR A 439 11.51 11.59 22.26
C THR A 439 11.57 10.17 21.69
N GLY A 440 12.68 9.49 21.94
CA GLY A 440 12.90 8.17 21.39
C GLY A 440 14.33 7.71 21.49
N THR A 454 16.65 7.40 19.28
CA THR A 454 16.99 8.80 19.40
C THR A 454 16.30 9.62 18.33
N THR A 455 15.31 10.40 18.75
CA THR A 455 14.63 11.35 17.88
C THR A 455 14.42 12.67 18.63
N VAL A 456 15.51 13.21 19.18
CA VAL A 456 15.54 14.29 20.17
C VAL A 456 14.95 15.60 19.66
N GLU A 457 14.77 16.55 20.57
CA GLU A 457 13.99 17.74 20.30
C GLU A 457 14.49 18.86 21.21
N ARG A 458 14.32 20.10 20.77
CA ARG A 458 14.83 21.25 21.49
C ARG A 458 13.74 21.84 22.38
N LYS A 459 14.17 22.37 23.53
CA LYS A 459 13.22 22.73 24.58
C LYS A 459 13.89 23.69 25.56
N ASP A 460 13.15 24.73 25.95
CA ASP A 460 13.72 25.87 26.67
C ASP A 460 13.63 25.72 28.18
N ILE A 461 14.71 26.10 28.86
CA ILE A 461 14.89 25.88 30.29
C ILE A 461 15.39 27.18 30.91
N GLY A 462 14.64 27.72 31.86
CA GLY A 462 15.05 28.93 32.54
C GLY A 462 13.87 29.80 32.83
N VAL A 463 14.09 30.98 33.40
CA VAL A 463 13.01 31.85 33.84
C VAL A 463 12.18 32.27 32.65
N SER A 464 10.86 32.30 32.80
CA SER A 464 10.05 32.61 31.64
C SER A 464 8.76 33.26 32.05
N LEU A 465 8.22 34.05 31.15
CA LEU A 465 7.00 34.77 31.46
C LEU A 465 6.22 34.99 30.17
N LYS A 466 4.92 34.73 30.19
CA LYS A 466 4.07 35.00 29.04
C LYS A 466 2.81 35.69 29.51
N VAL A 467 2.67 36.96 29.22
CA VAL A 467 1.52 37.75 29.64
C VAL A 467 0.62 37.93 28.44
N THR A 468 -0.69 37.94 28.65
CA THR A 468 -1.61 38.51 27.68
C THR A 468 -2.65 39.37 28.38
N PRO A 469 -2.60 40.69 28.23
CA PRO A 469 -3.56 41.54 28.90
C PRO A 469 -4.87 41.70 28.14
N HIS A 470 -5.81 42.35 28.79
CA HIS A 470 -7.03 42.84 28.17
C HIS A 470 -7.44 44.07 28.95
N ILE A 471 -7.51 45.21 28.28
CA ILE A 471 -7.41 46.50 28.96
C ILE A 471 -8.71 47.27 28.80
N ASN A 472 -9.33 47.56 29.93
CA ASN A 472 -10.47 48.44 29.98
C ASN A 472 -9.99 49.88 29.93
N ASP A 473 -10.85 50.77 29.47
CA ASP A 473 -10.56 52.19 29.51
C ASP A 473 -10.71 52.68 30.95
N GLY A 474 -9.70 52.38 31.76
CA GLY A 474 -9.72 52.74 33.16
C GLY A 474 -9.03 51.72 34.05
N ALA A 475 -9.67 51.37 35.16
CA ALA A 475 -9.09 50.46 36.13
C ALA A 475 -9.34 49.02 35.73
N ALA A 476 -8.85 48.09 36.56
CA ALA A 476 -9.21 46.67 36.54
C ALA A 476 -8.89 46.00 35.20
N LEU A 477 -7.61 45.86 34.96
CA LEU A 477 -7.12 45.13 33.80
C LEU A 477 -7.29 43.62 34.00
N ARG A 478 -7.39 42.88 32.90
CA ARG A 478 -7.37 41.42 32.95
C ARG A 478 -6.02 40.92 32.49
N LEU A 479 -5.49 39.90 33.16
CA LEU A 479 -4.22 39.32 32.77
C LEU A 479 -4.37 37.83 32.60
N GLU A 480 -3.71 37.28 31.60
CA GLU A 480 -3.63 35.84 31.40
C GLU A 480 -2.17 35.52 31.54
N ILE A 481 -1.77 35.04 32.70
CA ILE A 481 -0.37 34.87 33.04
C ILE A 481 -0.01 33.42 32.77
N GLU A 482 1.15 33.18 32.21
CA GLU A 482 1.72 31.85 32.20
C GLU A 482 3.17 32.06 32.58
N GLN A 483 3.45 32.00 33.86
CA GLN A 483 4.79 32.25 34.33
C GLN A 483 5.41 30.92 34.70
N GLU A 484 6.71 30.78 34.52
CA GLU A 484 7.34 29.59 35.03
C GLU A 484 8.78 29.86 35.39
N ILE A 485 9.34 29.00 36.21
CA ILE A 485 10.76 28.97 36.49
C ILE A 485 11.19 27.53 36.40
N SER A 486 12.05 27.24 35.45
CA SER A 486 12.62 25.92 35.32
C SER A 486 13.94 25.87 36.08
N ALA A 487 14.70 24.81 35.87
CA ALA A 487 16.10 24.66 36.29
C ALA A 487 16.65 23.44 35.58
N LEU A 488 17.84 23.02 35.96
CA LEU A 488 18.43 21.82 35.43
C LEU A 488 19.27 21.22 36.54
N LEU A 489 19.28 19.90 36.66
CA LEU A 489 19.76 19.28 37.88
C LEU A 489 20.97 18.40 37.63
N PRO A 490 22.12 18.67 38.25
CA PRO A 490 23.29 17.81 38.07
C PRO A 490 23.46 16.77 39.16
N ASN A 491 22.69 16.92 40.24
CA ASN A 491 22.94 16.12 41.45
C ASN A 491 22.32 14.74 41.35
N ALA A 492 20.99 14.69 41.34
CA ALA A 492 20.24 13.44 41.41
C ALA A 492 20.00 12.95 39.99
N GLN A 493 20.99 12.25 39.46
CA GLN A 493 20.90 11.68 38.13
C GLN A 493 20.72 10.17 38.22
N GLN A 494 19.74 9.68 37.50
CA GLN A 494 19.40 8.26 37.46
C GLN A 494 20.23 7.58 36.36
N ARG A 495 19.79 6.40 35.95
CA ARG A 495 20.35 5.61 34.86
C ARG A 495 19.84 6.10 33.47
N ASN A 496 19.40 7.35 33.38
CA ASN A 496 18.72 7.86 32.20
C ASN A 496 19.26 9.26 31.89
N ASN A 497 18.52 10.00 31.08
CA ASN A 497 19.01 11.26 30.53
C ASN A 497 18.92 12.40 31.52
N THR A 498 19.01 13.63 30.99
CA THR A 498 18.94 14.84 31.80
C THR A 498 17.61 14.93 32.53
N ASP A 499 17.69 14.99 33.86
CA ASP A 499 16.52 15.10 34.71
C ASP A 499 16.12 16.57 34.81
N LEU A 500 15.58 17.06 33.70
CA LEU A 500 15.39 18.48 33.48
C LEU A 500 14.26 18.98 34.35
N ILE A 501 14.55 19.85 35.33
CA ILE A 501 13.46 20.40 36.10
C ILE A 501 12.86 21.48 35.21
N THR A 502 11.93 21.07 34.34
CA THR A 502 11.41 21.95 33.30
C THR A 502 10.27 22.81 33.84
N SER A 503 9.59 22.33 34.87
CA SER A 503 8.86 23.20 35.77
C SER A 503 9.44 22.99 37.14
N LYS A 504 9.81 24.09 37.78
CA LYS A 504 9.93 24.11 39.23
C LYS A 504 8.89 25.00 39.84
N ARG A 505 8.52 26.05 39.17
CA ARG A 505 7.25 26.69 39.43
C ARG A 505 6.60 26.86 38.09
N SER A 506 5.30 26.64 38.01
CA SER A 506 4.69 26.83 36.71
C SER A 506 3.25 27.23 36.95
N ILE A 507 3.00 28.51 37.11
CA ILE A 507 1.66 28.94 37.41
C ILE A 507 1.04 29.52 36.15
N LYS A 508 -0.05 28.91 35.71
CA LYS A 508 -0.67 29.25 34.45
C LYS A 508 -2.06 29.73 34.75
N SER A 509 -2.20 30.98 35.15
CA SER A 509 -3.46 31.40 35.72
C SER A 509 -4.06 32.53 34.90
N THR A 510 -5.18 33.04 35.39
CA THR A 510 -5.88 34.12 34.68
C THR A 510 -6.48 35.01 35.75
N ILE A 511 -5.88 36.17 36.00
CA ILE A 511 -6.33 36.99 37.10
C ILE A 511 -6.85 38.31 36.59
N LEU A 512 -7.32 39.16 37.49
CA LEU A 512 -7.88 40.45 37.11
C LEU A 512 -7.46 41.46 38.17
N ALA A 513 -6.54 42.35 37.84
CA ALA A 513 -5.85 43.16 38.82
C ALA A 513 -6.16 44.64 38.64
N GLU A 514 -5.64 45.42 39.58
CA GLU A 514 -5.78 46.86 39.63
C GLU A 514 -4.42 47.50 39.43
N ASN A 515 -4.37 48.58 38.64
CA ASN A 515 -3.17 49.10 37.99
C ASN A 515 -2.11 49.68 38.92
N GLY A 516 -2.15 49.57 40.24
CA GLY A 516 -1.01 49.99 41.03
C GLY A 516 -0.84 49.05 42.21
N GLN A 517 -1.57 47.95 42.19
CA GLN A 517 -1.74 47.10 43.36
C GLN A 517 -0.85 45.89 43.27
N VAL A 518 0.13 45.80 44.16
CA VAL A 518 0.95 44.60 44.27
C VAL A 518 0.06 43.52 44.86
N ILE A 519 -0.25 42.50 44.06
CA ILE A 519 -1.13 41.43 44.50
C ILE A 519 -0.34 40.13 44.53
N VAL A 520 -0.99 39.09 45.06
CA VAL A 520 -0.40 37.77 45.19
C VAL A 520 -1.14 36.83 44.26
N ILE A 521 -0.41 36.15 43.40
CA ILE A 521 -1.05 35.21 42.51
C ILE A 521 -1.02 33.81 43.07
N GLY A 522 0.11 33.37 43.59
CA GLY A 522 0.19 31.96 43.95
C GLY A 522 1.12 31.70 45.09
N GLY A 523 1.07 30.48 45.59
CA GLY A 523 1.94 30.18 46.72
C GLY A 523 2.04 28.70 47.00
N LEU A 524 2.98 28.38 47.87
CA LEU A 524 3.20 27.02 48.33
C LEU A 524 3.93 27.09 49.65
N ILE A 525 3.36 26.49 50.69
CA ILE A 525 4.02 26.38 51.98
C ILE A 525 4.11 24.91 52.29
N GLN A 526 5.30 24.35 52.24
CA GLN A 526 5.50 22.91 52.38
C GLN A 526 6.38 22.65 53.58
N ASP A 527 5.83 22.03 54.60
CA ASP A 527 6.52 21.75 55.83
C ASP A 527 6.64 20.24 56.00
N ASP A 528 7.71 19.81 56.64
CA ASP A 528 7.98 18.40 56.75
C ASP A 528 8.86 18.16 57.96
N VAL A 529 8.60 17.05 58.62
CA VAL A 529 9.44 16.57 59.71
C VAL A 529 9.35 15.05 59.73
N SER A 530 10.49 14.39 59.69
CA SER A 530 10.54 12.94 59.59
C SER A 530 11.63 12.44 60.51
N GLN A 531 11.44 11.25 61.05
CA GLN A 531 12.41 10.73 62.02
C GLN A 531 12.32 9.22 62.12
N ALA A 532 13.43 8.56 61.83
CA ALA A 532 13.53 7.11 61.92
C ALA A 532 14.45 6.75 63.08
N GLU A 533 14.16 5.62 63.71
CA GLU A 533 15.02 5.08 64.74
C GLU A 533 15.35 3.64 64.44
N SER A 534 16.35 3.13 65.14
CA SER A 534 16.66 1.70 65.10
C SER A 534 17.39 1.38 66.39
N LYS A 535 16.82 0.53 67.24
CA LYS A 535 17.40 0.26 68.53
C LYS A 535 17.26 -1.20 68.90
N VAL A 536 18.04 -1.61 69.88
CA VAL A 536 17.74 -2.87 70.57
C VAL A 536 16.48 -2.66 71.40
N PRO A 537 15.46 -3.53 71.27
CA PRO A 537 14.12 -3.22 71.79
C PRO A 537 14.00 -3.14 73.30
N LEU A 538 14.97 -3.63 74.05
CA LEU A 538 14.91 -3.49 75.50
C LEU A 538 15.68 -2.29 76.00
N LEU A 539 16.80 -1.94 75.37
CA LEU A 539 17.77 -1.04 75.95
C LEU A 539 17.62 0.40 75.47
N GLY A 540 17.06 0.62 74.29
CA GLY A 540 16.86 1.99 73.82
C GLY A 540 15.80 2.74 74.59
N ASP A 541 14.91 2.03 75.28
CA ASP A 541 13.77 2.67 75.93
C ASP A 541 14.16 3.40 77.20
N ILE A 542 15.24 2.98 77.85
CA ILE A 542 15.63 3.51 79.16
C ILE A 542 16.14 4.93 79.01
N PRO A 543 15.47 5.94 79.60
CA PRO A 543 15.85 7.33 79.32
C PRO A 543 17.02 7.82 80.16
N LEU A 544 18.03 6.99 80.31
CA LEU A 544 19.32 7.33 80.86
C LEU A 544 20.45 6.83 79.99
N LEU A 545 20.28 5.67 79.36
CA LEU A 545 21.27 5.11 78.43
C LEU A 545 20.66 4.87 77.06
N GLY A 546 19.47 5.42 76.79
CA GLY A 546 18.80 5.18 75.53
C GLY A 546 19.51 5.79 74.35
N ARG A 547 20.33 6.80 74.56
CA ARG A 547 21.16 7.33 73.49
C ARG A 547 22.25 6.35 73.11
N LEU A 548 22.73 5.55 74.07
CA LEU A 548 23.86 4.67 73.82
C LEU A 548 23.49 3.40 73.07
N PHE A 549 22.27 3.25 72.64
CA PHE A 549 21.94 2.05 71.88
C PHE A 549 21.23 2.36 70.57
N ARG A 550 20.39 3.38 70.53
CA ARG A 550 19.56 3.63 69.37
C ARG A 550 20.37 4.25 68.24
N SER A 551 19.69 4.48 67.13
CA SER A 551 20.28 5.14 65.97
C SER A 551 19.17 5.96 65.34
N THR A 552 19.28 7.28 65.39
CA THR A 552 18.21 8.14 64.95
C THR A 552 18.63 8.95 63.74
N LYS A 553 17.61 9.36 62.99
CA LYS A 553 17.81 10.14 61.78
C LYS A 553 16.61 11.06 61.64
N ASP A 554 16.83 12.36 61.83
CA ASP A 554 15.77 13.35 61.76
C ASP A 554 15.95 14.18 60.51
N THR A 555 14.84 14.74 60.02
CA THR A 555 14.86 15.49 58.76
C THR A 555 13.72 16.49 58.79
N HIS A 556 14.05 17.76 58.92
CA HIS A 556 13.06 18.83 58.87
C HIS A 556 13.24 19.59 57.57
N THR A 557 12.15 20.10 57.01
CA THR A 557 12.20 20.64 55.65
C THR A 557 11.10 21.67 55.46
N LYS A 558 11.47 22.88 55.04
CA LYS A 558 10.49 23.90 54.71
C LYS A 558 10.74 24.46 53.32
N ARG A 559 9.67 24.73 52.60
CA ARG A 559 9.73 25.44 51.32
C ARG A 559 8.61 26.44 51.30
N ASN A 560 8.93 27.72 51.38
CA ASN A 560 7.96 28.78 51.28
C ASN A 560 8.10 29.41 49.90
N LEU A 561 6.98 29.78 49.32
CA LEU A 561 6.97 30.20 47.93
C LEU A 561 5.81 31.14 47.69
N MET A 562 6.10 32.34 47.18
CA MET A 562 5.07 33.26 46.76
C MET A 562 5.35 33.72 45.35
N VAL A 563 4.29 33.96 44.60
CA VAL A 563 4.36 34.53 43.26
C VAL A 563 3.45 35.74 43.24
N PHE A 564 4.05 36.92 43.18
CA PHE A 564 3.40 38.22 43.16
C PHE A 564 3.37 38.81 41.77
N LEU A 565 2.52 39.80 41.60
CA LEU A 565 2.33 40.42 40.30
C LEU A 565 2.09 41.89 40.48
N ARG A 566 2.55 42.68 39.53
CA ARG A 566 2.38 44.11 39.61
C ARG A 566 2.12 44.67 38.22
N PRO A 567 0.93 45.09 37.93
CA PRO A 567 0.68 45.74 36.64
C PRO A 567 0.74 47.25 36.74
N THR A 568 1.25 47.91 35.71
CA THR A 568 1.21 49.37 35.61
C THR A 568 0.70 49.73 34.22
N VAL A 569 -0.37 50.52 34.17
CA VAL A 569 -0.97 50.92 32.92
C VAL A 569 -0.34 52.24 32.49
N VAL A 570 0.23 52.25 31.29
CA VAL A 570 0.70 53.48 30.66
C VAL A 570 -0.03 53.66 29.35
N ARG A 571 -0.57 54.85 29.14
CA ARG A 571 -1.23 55.18 27.90
C ARG A 571 -0.73 56.46 27.26
N ASP A 572 -0.07 57.33 28.00
CA ASP A 572 0.68 58.45 27.42
C ASP A 572 2.17 58.17 27.52
N SER A 573 2.93 58.82 26.65
CA SER A 573 4.37 58.59 26.63
C SER A 573 5.09 59.22 27.82
N ALA A 574 4.42 60.08 28.59
CA ALA A 574 5.06 60.70 29.75
C ALA A 574 5.33 59.67 30.82
N GLY A 575 4.34 58.83 31.15
CA GLY A 575 4.54 57.81 32.15
C GLY A 575 5.51 56.73 31.71
N LEU A 576 5.52 56.44 30.41
CA LEU A 576 6.50 55.50 29.87
C LEU A 576 7.91 56.06 29.97
N ALA A 577 8.08 57.35 29.71
CA ALA A 577 9.36 58.00 29.93
C ALA A 577 9.76 57.99 31.39
N ALA A 578 8.79 58.13 32.30
CA ALA A 578 9.10 58.11 33.73
C ALA A 578 9.56 56.74 34.19
N LEU A 579 8.85 55.68 33.73
CA LEU A 579 9.28 54.31 34.02
C LEU A 579 10.66 54.03 33.45
N SER A 580 10.91 54.49 32.22
CA SER A 580 12.21 54.26 31.59
C SER A 580 13.32 54.98 32.34
N GLY A 581 13.05 56.20 32.79
CA GLY A 581 14.05 56.94 33.55
C GLY A 581 14.34 56.31 34.89
N LYS A 582 13.31 55.79 35.57
CA LYS A 582 13.54 55.12 36.84
C LYS A 582 14.33 53.83 36.67
N LYS A 583 13.99 53.01 35.67
CA LYS A 583 14.73 51.78 35.46
C LYS A 583 16.13 52.05 34.97
N TYR A 584 16.32 53.13 34.21
CA TYR A 584 17.64 53.45 33.71
C TYR A 584 18.54 53.99 34.81
N SER A 585 17.98 54.77 35.73
CA SER A 585 18.76 55.16 36.90
C SER A 585 19.05 53.97 37.79
N ASP A 586 18.10 53.05 37.91
CA ASP A 586 18.29 51.89 38.76
C ASP A 586 19.27 50.89 38.16
N ILE A 587 19.52 50.94 36.85
CA ILE A 587 20.60 50.13 36.32
C ILE A 587 21.92 50.92 36.31
N ARG A 588 21.86 52.25 36.26
CA ARG A 588 23.05 53.07 36.37
C ARG A 588 23.66 52.97 37.76
N VAL A 589 22.84 52.80 38.79
CA VAL A 589 23.38 52.66 40.13
C VAL A 589 24.03 51.29 40.30
N ILE A 590 23.58 50.29 39.54
CA ILE A 590 24.26 49.01 39.55
C ILE A 590 25.58 49.11 38.82
N ASP A 591 25.62 49.93 37.77
CA ASP A 591 26.90 50.32 37.19
C ASP A 591 27.75 51.12 38.18
N GLY A 592 27.11 51.85 39.09
CA GLY A 592 27.78 52.64 40.10
C GLY A 592 28.22 51.88 41.34
N THR A 593 28.20 50.56 41.32
CA THR A 593 28.68 49.78 42.45
C THR A 593 29.93 48.99 42.06
N PRO A 604 39.44 45.76 35.61
CA PRO A 604 38.61 46.34 36.67
C PRO A 604 37.15 46.49 36.28
N THR A 605 36.44 47.31 37.05
CA THR A 605 35.01 47.55 36.94
C THR A 605 34.74 49.06 36.85
N ASN A 606 35.45 49.71 35.93
CA ASN A 606 35.54 51.15 35.83
C ASN A 606 34.20 51.76 35.37
N ALA A 607 34.19 53.09 35.33
CA ALA A 607 32.96 53.88 35.25
C ALA A 607 32.26 53.67 33.91
N ASN A 608 31.00 53.23 33.96
CA ASN A 608 30.24 52.91 32.76
C ASN A 608 29.58 54.15 32.21
N GLN A 609 28.83 54.02 31.12
CA GLN A 609 28.56 55.18 30.28
C GLN A 609 27.07 55.37 30.07
N LEU A 610 26.65 56.63 30.00
CA LEU A 610 25.30 56.99 29.61
C LEU A 610 25.15 56.90 28.10
N PHE A 611 23.93 56.95 27.59
CA PHE A 611 23.68 57.06 26.16
C PHE A 611 22.83 58.28 25.88
N ASP A 612 22.47 58.41 24.61
CA ASP A 612 21.69 59.53 24.16
C ASP A 612 20.24 59.34 24.61
N GLY A 613 19.95 59.75 25.85
CA GLY A 613 18.63 59.62 26.41
C GLY A 613 17.59 60.48 25.72
N ASP B 174 -83.83 -21.65 -29.13
CA ASP B 174 -84.01 -22.28 -27.82
C ASP B 174 -82.68 -22.42 -27.06
N TYR B 175 -82.77 -22.75 -25.78
CA TYR B 175 -81.61 -22.73 -24.89
C TYR B 175 -81.05 -24.15 -24.74
N SER B 176 -79.72 -24.26 -24.70
CA SER B 176 -79.10 -25.56 -24.46
C SER B 176 -77.70 -25.35 -23.91
N VAL B 177 -77.16 -26.42 -23.33
CA VAL B 177 -75.80 -26.46 -22.84
C VAL B 177 -75.16 -27.78 -23.28
N ILE B 178 -73.93 -27.71 -23.79
CA ILE B 178 -73.19 -28.87 -24.26
C ILE B 178 -71.82 -28.90 -23.62
N ASN B 179 -71.20 -30.07 -23.70
CA ASN B 179 -69.83 -30.30 -23.27
C ASN B 179 -68.88 -30.16 -24.44
N LEU B 180 -67.58 -30.25 -24.13
CA LEU B 180 -66.53 -30.41 -25.12
C LEU B 180 -65.50 -31.37 -24.57
N ARG B 181 -64.99 -32.25 -25.43
CA ARG B 181 -63.96 -33.19 -25.00
C ARG B 181 -62.58 -32.55 -25.05
N TYR B 182 -62.16 -32.13 -26.22
CA TYR B 182 -60.91 -31.41 -26.42
C TYR B 182 -61.10 -29.97 -26.87
N GLY B 183 -62.32 -29.57 -27.22
CA GLY B 183 -62.53 -28.23 -27.74
C GLY B 183 -62.48 -27.17 -26.66
N TRP B 184 -62.10 -25.96 -27.07
CA TRP B 184 -62.00 -24.82 -26.18
C TRP B 184 -63.12 -23.82 -26.49
N VAL B 185 -63.90 -23.47 -25.45
CA VAL B 185 -64.91 -22.43 -25.61
C VAL B 185 -64.28 -21.06 -25.71
N MET B 186 -63.04 -20.92 -25.27
CA MET B 186 -62.32 -19.65 -25.40
C MET B 186 -62.10 -19.31 -26.88
N ASP B 187 -61.65 -20.30 -27.65
CA ASP B 187 -61.48 -20.08 -29.08
C ASP B 187 -62.82 -20.01 -29.80
N ALA B 188 -63.77 -20.84 -29.37
CA ALA B 188 -65.04 -20.93 -30.06
C ALA B 188 -65.99 -19.79 -29.75
N ALA B 189 -65.67 -18.95 -28.76
CA ALA B 189 -66.56 -17.85 -28.40
C ALA B 189 -66.58 -16.79 -29.50
N GLU B 190 -65.41 -16.41 -30.00
CA GLU B 190 -65.31 -15.46 -31.10
C GLU B 190 -65.89 -16.04 -32.39
N VAL B 191 -65.81 -17.37 -32.52
CA VAL B 191 -66.44 -18.05 -33.65
C VAL B 191 -67.95 -17.89 -33.60
N LEU B 192 -68.56 -18.37 -32.51
CA LEU B 192 -70.00 -18.47 -32.41
C LEU B 192 -70.68 -17.13 -32.19
N ASN B 193 -69.96 -16.12 -31.71
CA ASN B 193 -70.54 -14.79 -31.66
C ASN B 193 -70.71 -14.23 -33.07
N ASN B 194 -69.78 -14.56 -33.97
CA ASN B 194 -69.89 -14.19 -35.36
C ASN B 194 -70.51 -15.27 -36.23
N ALA B 195 -71.05 -16.31 -35.61
CA ALA B 195 -71.77 -17.32 -36.39
C ALA B 195 -73.06 -16.76 -36.96
N MET B 196 -73.72 -15.89 -36.20
CA MET B 196 -74.84 -15.13 -36.72
C MET B 196 -74.35 -13.77 -37.20
N SER B 197 -74.91 -13.31 -38.32
CA SER B 197 -74.39 -12.16 -39.03
C SER B 197 -74.66 -10.87 -38.26
N ARG B 198 -74.07 -9.78 -38.75
CA ARG B 198 -74.21 -8.49 -38.11
C ARG B 198 -75.55 -7.84 -38.46
N ALA B 205 -77.99 -9.20 -33.38
CA ALA B 205 -77.27 -10.45 -33.28
C ALA B 205 -78.23 -11.64 -33.24
N GLY B 206 -79.25 -11.54 -32.39
CA GLY B 206 -80.22 -12.61 -32.29
C GLY B 206 -79.85 -13.66 -31.26
N ALA B 207 -79.26 -14.75 -31.74
CA ALA B 207 -78.84 -15.84 -30.87
C ALA B 207 -77.66 -15.41 -30.00
N GLN B 208 -77.41 -16.20 -28.95
CA GLN B 208 -76.33 -15.88 -28.02
C GLN B 208 -75.53 -17.14 -27.68
N VAL B 209 -74.38 -16.90 -27.07
CA VAL B 209 -73.41 -17.95 -26.77
C VAL B 209 -72.65 -17.54 -25.51
N ILE B 210 -72.47 -18.50 -24.60
CA ILE B 210 -71.90 -18.26 -23.27
C ILE B 210 -70.88 -19.35 -22.99
N ALA B 211 -69.66 -18.94 -22.61
CA ALA B 211 -68.57 -19.87 -22.41
C ALA B 211 -68.36 -20.19 -20.93
N ASP B 212 -67.84 -21.39 -20.67
CA ASP B 212 -67.36 -21.80 -19.36
C ASP B 212 -65.99 -22.43 -19.54
N ALA B 213 -64.94 -21.67 -19.24
CA ALA B 213 -63.57 -22.14 -19.43
C ALA B 213 -63.06 -22.95 -18.25
N ARG B 214 -63.79 -23.01 -17.14
CA ARG B 214 -63.39 -23.88 -16.05
C ARG B 214 -63.91 -25.29 -16.27
N THR B 215 -65.19 -25.42 -16.59
CA THR B 215 -65.82 -26.70 -16.83
C THR B 215 -66.10 -26.95 -18.30
N ASN B 216 -65.58 -26.09 -19.18
CA ASN B 216 -65.55 -26.28 -20.63
C ASN B 216 -66.96 -26.42 -21.20
N ARG B 217 -67.89 -25.65 -20.66
CA ARG B 217 -69.28 -25.79 -21.04
C ARG B 217 -69.67 -24.71 -22.03
N LEU B 218 -70.71 -24.99 -22.81
CA LEU B 218 -71.16 -24.04 -23.83
C LEU B 218 -72.67 -23.89 -23.72
N ILE B 219 -73.14 -22.68 -23.44
CA ILE B 219 -74.56 -22.40 -23.31
C ILE B 219 -74.97 -21.56 -24.50
N ILE B 220 -75.74 -22.12 -25.40
CA ILE B 220 -76.13 -21.43 -26.62
C ILE B 220 -77.64 -21.25 -26.65
N LEU B 221 -78.07 -20.08 -27.12
CA LEU B 221 -79.45 -19.62 -27.03
C LEU B 221 -79.86 -19.20 -28.43
N GLY B 222 -80.36 -20.14 -29.23
CA GLY B 222 -80.69 -19.83 -30.61
C GLY B 222 -81.37 -20.92 -31.40
N PRO B 223 -81.14 -20.94 -32.72
CA PRO B 223 -81.88 -21.85 -33.59
C PRO B 223 -81.39 -23.28 -33.43
N PRO B 224 -82.24 -24.28 -33.68
CA PRO B 224 -81.82 -25.66 -33.47
C PRO B 224 -80.86 -26.18 -34.52
N GLN B 225 -80.86 -25.63 -35.73
CA GLN B 225 -79.94 -26.10 -36.75
C GLN B 225 -78.52 -25.59 -36.51
N ALA B 226 -78.37 -24.37 -36.00
CA ALA B 226 -77.05 -23.91 -35.57
C ALA B 226 -76.53 -24.74 -34.42
N ARG B 227 -77.43 -25.13 -33.51
CA ARG B 227 -77.10 -26.08 -32.45
C ARG B 227 -76.57 -27.39 -33.00
N ALA B 228 -77.30 -27.98 -33.95
CA ALA B 228 -76.92 -29.31 -34.46
C ALA B 228 -75.64 -29.24 -35.28
N LYS B 229 -75.55 -28.29 -36.20
CA LYS B 229 -74.36 -28.16 -37.06
C LYS B 229 -73.14 -27.76 -36.26
N LEU B 230 -73.30 -27.01 -35.16
CA LEU B 230 -72.12 -26.63 -34.43
C LEU B 230 -71.79 -27.60 -33.31
N VAL B 231 -72.73 -28.47 -32.92
CA VAL B 231 -72.34 -29.65 -32.16
C VAL B 231 -71.56 -30.62 -33.05
N GLN B 232 -71.92 -30.71 -34.34
CA GLN B 232 -71.12 -31.52 -35.26
C GLN B 232 -69.75 -30.89 -35.51
N LEU B 233 -69.69 -29.56 -35.61
CA LEU B 233 -68.39 -28.88 -35.69
C LEU B 233 -67.64 -28.98 -34.37
N ALA B 234 -68.34 -29.13 -33.25
CA ALA B 234 -67.68 -29.39 -31.99
C ALA B 234 -67.07 -30.79 -31.97
N GLN B 235 -67.79 -31.76 -32.51
CA GLN B 235 -67.33 -33.14 -32.55
C GLN B 235 -66.21 -33.33 -33.56
N SER B 236 -66.16 -32.49 -34.59
CA SER B 236 -64.99 -32.43 -35.45
C SER B 236 -63.91 -31.51 -34.89
N LEU B 237 -64.27 -30.66 -33.93
CA LEU B 237 -63.42 -29.61 -33.41
C LEU B 237 -62.61 -30.07 -32.22
N ASP B 238 -63.14 -31.00 -31.45
CA ASP B 238 -62.42 -31.62 -30.36
C ASP B 238 -61.60 -32.83 -30.81
N THR B 239 -61.30 -32.91 -32.09
CA THR B 239 -60.35 -33.88 -32.58
C THR B 239 -58.96 -33.26 -32.67
N PRO B 240 -57.92 -33.97 -32.26
CA PRO B 240 -56.56 -33.45 -32.46
C PRO B 240 -56.19 -33.40 -33.93
N THR B 241 -55.36 -32.42 -34.27
CA THR B 241 -54.95 -32.15 -35.65
C THR B 241 -53.54 -31.57 -35.55
N ALA B 242 -53.12 -30.71 -36.50
CA ALA B 242 -51.76 -30.20 -36.63
C ALA B 242 -51.25 -29.40 -35.44
N ARG B 243 -50.00 -28.93 -35.55
CA ARG B 243 -49.10 -28.58 -34.43
C ARG B 243 -49.19 -29.61 -33.30
N SER B 244 -49.06 -30.88 -33.69
CA SER B 244 -49.04 -31.99 -32.76
C SER B 244 -48.23 -33.11 -33.38
N ALA B 245 -47.23 -33.61 -32.64
CA ALA B 245 -46.26 -34.60 -33.10
C ALA B 245 -45.56 -34.16 -34.39
N ASN B 246 -44.97 -32.98 -34.35
CA ASN B 246 -44.20 -32.44 -35.45
C ASN B 246 -42.76 -32.17 -35.02
N THR B 247 -42.21 -33.06 -34.19
CA THR B 247 -40.90 -32.90 -33.59
C THR B 247 -39.94 -33.96 -34.13
N ARG B 248 -38.68 -33.85 -33.71
CA ARG B 248 -37.63 -34.67 -34.29
C ARG B 248 -36.45 -34.72 -33.33
N VAL B 249 -35.77 -35.87 -33.28
CA VAL B 249 -34.56 -36.05 -32.49
C VAL B 249 -33.47 -36.57 -33.40
N ILE B 250 -32.31 -35.91 -33.38
CA ILE B 250 -31.22 -36.20 -34.30
C ILE B 250 -29.97 -36.53 -33.48
N ARG B 251 -29.42 -37.72 -33.70
CA ARG B 251 -28.10 -38.01 -33.17
C ARG B 251 -27.04 -37.40 -34.07
N LEU B 252 -25.91 -37.06 -33.48
CA LEU B 252 -24.84 -36.44 -34.25
C LEU B 252 -23.60 -37.32 -34.25
N ARG B 253 -22.87 -37.24 -35.35
CA ARG B 253 -21.62 -37.94 -35.51
C ARG B 253 -20.54 -36.95 -35.91
N HIS B 254 -19.40 -37.04 -35.24
CA HIS B 254 -18.19 -36.26 -35.44
C HIS B 254 -18.37 -34.76 -35.20
N ASN B 255 -19.44 -34.36 -34.51
CA ASN B 255 -19.69 -32.96 -34.22
C ASN B 255 -20.39 -32.83 -32.89
N ASP B 256 -20.12 -31.73 -32.20
CA ASP B 256 -20.82 -31.44 -30.96
C ASP B 256 -22.22 -30.93 -31.26
N ALA B 257 -23.09 -31.00 -30.25
CA ALA B 257 -24.47 -30.63 -30.46
C ALA B 257 -24.68 -29.13 -30.33
N LYS B 258 -24.04 -28.52 -29.33
CA LYS B 258 -24.23 -27.09 -29.11
C LYS B 258 -23.51 -26.26 -30.17
N THR B 259 -22.37 -26.75 -30.65
CA THR B 259 -21.58 -26.04 -31.64
C THR B 259 -22.34 -25.90 -32.95
N LEU B 260 -22.96 -26.99 -33.41
CA LEU B 260 -23.82 -26.87 -34.57
C LEU B 260 -25.14 -26.19 -34.23
N ALA B 261 -25.55 -26.23 -32.96
CA ALA B 261 -26.85 -25.68 -32.60
C ALA B 261 -26.84 -24.16 -32.66
N GLU B 262 -25.73 -23.51 -32.34
CA GLU B 262 -25.66 -22.06 -32.53
C GLU B 262 -25.79 -21.70 -34.00
N THR B 263 -25.16 -22.48 -34.88
CA THR B 263 -25.20 -22.17 -36.30
C THR B 263 -26.57 -22.43 -36.90
N LEU B 264 -27.22 -23.52 -36.49
CA LEU B 264 -28.57 -23.79 -36.98
C LEU B 264 -29.57 -22.79 -36.42
N GLY B 265 -29.39 -22.33 -35.18
CA GLY B 265 -30.25 -21.28 -34.66
C GLY B 265 -30.01 -19.95 -35.34
N GLN B 266 -28.79 -19.71 -35.82
CA GLN B 266 -28.54 -18.47 -36.55
C GLN B 266 -28.91 -18.54 -38.03
N ILE B 267 -29.08 -19.74 -38.60
CA ILE B 267 -29.64 -19.80 -39.95
C ILE B 267 -31.13 -20.04 -39.96
N SER B 268 -31.73 -20.39 -38.84
CA SER B 268 -33.12 -20.79 -38.87
C SER B 268 -34.11 -19.63 -38.81
N GLU B 269 -33.64 -18.39 -38.84
CA GLU B 269 -34.56 -17.27 -39.02
C GLU B 269 -35.13 -17.25 -40.42
N GLY B 270 -34.34 -17.66 -41.41
CA GLY B 270 -34.79 -17.64 -42.78
C GLY B 270 -35.69 -18.79 -43.16
N MET B 271 -35.79 -19.80 -42.32
CA MET B 271 -36.75 -20.87 -42.53
C MET B 271 -38.07 -20.62 -41.82
N LYS B 272 -38.27 -19.43 -41.26
CA LYS B 272 -39.48 -19.10 -40.52
C LYS B 272 -40.49 -18.39 -41.40
N SER B 288 -44.79 -22.03 -38.69
CA SER B 288 -44.58 -20.62 -38.41
C SER B 288 -43.61 -20.44 -37.24
N ASN B 289 -43.11 -21.55 -36.71
CA ASN B 289 -42.17 -21.54 -35.61
C ASN B 289 -41.07 -22.56 -35.85
N ILE B 290 -39.92 -22.31 -35.22
CA ILE B 290 -38.72 -23.09 -35.49
C ILE B 290 -37.84 -23.17 -34.25
N LEU B 291 -37.54 -24.39 -33.79
CA LEU B 291 -36.85 -24.56 -32.51
C LEU B 291 -35.83 -25.67 -32.60
N ILE B 292 -34.55 -25.32 -32.49
CA ILE B 292 -33.46 -26.29 -32.52
C ILE B 292 -32.68 -26.09 -31.24
N ARG B 293 -32.74 -27.07 -30.35
CA ARG B 293 -31.96 -26.97 -29.13
C ARG B 293 -31.07 -28.21 -29.02
N ALA B 294 -30.13 -28.16 -28.08
CA ALA B 294 -29.05 -29.13 -28.09
C ALA B 294 -29.07 -30.00 -26.85
N ASP B 295 -28.20 -31.00 -26.86
CA ASP B 295 -27.92 -31.84 -25.69
C ASP B 295 -26.49 -32.32 -25.82
N GLU B 296 -25.65 -31.90 -24.88
CA GLU B 296 -24.26 -32.30 -24.90
C GLU B 296 -24.01 -33.62 -24.20
N SER B 297 -25.02 -34.21 -23.56
CA SER B 297 -24.82 -35.47 -22.86
C SER B 297 -24.73 -36.62 -23.84
N THR B 298 -25.80 -36.85 -24.59
CA THR B 298 -25.84 -37.84 -25.66
C THR B 298 -25.60 -37.21 -27.02
N ASN B 299 -25.11 -35.96 -27.05
CA ASN B 299 -24.63 -35.27 -28.26
C ASN B 299 -25.72 -35.10 -29.29
N ALA B 300 -26.96 -34.94 -28.85
CA ALA B 300 -28.11 -35.00 -29.74
C ALA B 300 -28.71 -33.62 -29.92
N LEU B 301 -29.68 -33.55 -30.83
CA LEU B 301 -30.20 -32.28 -31.30
C LEU B 301 -31.70 -32.42 -31.41
N VAL B 302 -32.45 -31.56 -30.75
CA VAL B 302 -33.90 -31.64 -30.74
C VAL B 302 -34.44 -30.58 -31.68
N LEU B 303 -35.17 -31.04 -32.70
CA LEU B 303 -35.77 -30.21 -33.72
C LEU B 303 -37.27 -30.11 -33.49
N LEU B 304 -37.80 -28.93 -33.75
CA LEU B 304 -39.23 -28.73 -33.77
C LEU B 304 -39.55 -27.79 -34.92
N ALA B 305 -40.19 -28.34 -35.95
CA ALA B 305 -40.40 -27.62 -37.20
C ALA B 305 -41.45 -28.34 -38.03
N ASP B 306 -41.94 -27.63 -39.03
CA ASP B 306 -42.81 -28.22 -40.04
C ASP B 306 -41.99 -29.16 -40.93
N PRO B 307 -42.62 -30.20 -41.50
CA PRO B 307 -41.84 -31.28 -42.15
C PRO B 307 -40.99 -30.86 -43.35
N ASP B 308 -41.34 -29.77 -44.05
CA ASP B 308 -40.43 -29.23 -45.05
C ASP B 308 -39.16 -28.69 -44.41
N THR B 309 -39.33 -27.93 -43.32
CA THR B 309 -38.18 -27.41 -42.58
C THR B 309 -37.41 -28.54 -41.93
N VAL B 310 -38.10 -29.62 -41.53
CA VAL B 310 -37.44 -30.80 -40.99
C VAL B 310 -36.55 -31.44 -42.05
N ASN B 311 -37.05 -31.56 -43.28
CA ASN B 311 -36.24 -32.14 -44.35
C ASN B 311 -35.08 -31.24 -44.74
N ALA B 312 -35.28 -29.92 -44.70
CA ALA B 312 -34.18 -28.99 -45.00
C ALA B 312 -33.09 -29.07 -43.95
N LEU B 313 -33.48 -29.15 -42.67
CA LEU B 313 -32.47 -29.27 -41.63
C LEU B 313 -31.82 -30.64 -41.63
N GLU B 314 -32.52 -31.67 -42.10
CA GLU B 314 -31.86 -32.95 -42.31
C GLU B 314 -30.84 -32.88 -43.45
N ASP B 315 -31.13 -32.08 -44.48
CA ASP B 315 -30.15 -31.87 -45.54
C ASP B 315 -28.94 -31.09 -45.04
N ILE B 316 -29.13 -30.18 -44.09
CA ILE B 316 -27.99 -29.51 -43.46
C ILE B 316 -27.18 -30.50 -42.65
N VAL B 317 -27.84 -31.33 -41.86
CA VAL B 317 -27.14 -32.19 -40.92
C VAL B 317 -26.41 -33.31 -41.64
N ARG B 318 -27.01 -33.89 -42.67
CA ARG B 318 -26.36 -34.96 -43.41
C ARG B 318 -25.15 -34.51 -44.21
N GLN B 319 -24.94 -33.21 -44.36
CA GLN B 319 -23.77 -32.69 -45.06
C GLN B 319 -22.82 -31.97 -44.12
N LEU B 320 -23.03 -32.08 -42.82
CA LEU B 320 -22.11 -31.51 -41.84
C LEU B 320 -21.56 -32.53 -40.87
N ASP B 321 -21.97 -33.79 -40.98
CA ASP B 321 -21.51 -34.86 -40.09
C ASP B 321 -20.75 -35.87 -40.94
N VAL B 322 -19.46 -35.62 -41.13
CA VAL B 322 -18.64 -36.54 -41.91
C VAL B 322 -17.50 -37.03 -41.05
N PRO B 323 -17.00 -38.24 -41.29
CA PRO B 323 -15.71 -38.63 -40.69
C PRO B 323 -14.59 -37.83 -41.31
N ARG B 324 -13.78 -37.22 -40.46
CA ARG B 324 -12.68 -36.40 -40.93
C ARG B 324 -11.52 -37.30 -41.35
N ALA B 325 -10.43 -36.68 -41.80
CA ALA B 325 -9.32 -37.42 -42.39
C ALA B 325 -8.10 -37.37 -41.49
N GLN B 326 -7.28 -38.40 -41.61
CA GLN B 326 -6.08 -38.54 -40.81
C GLN B 326 -4.83 -38.41 -41.66
N VAL B 327 -3.76 -37.95 -41.02
CA VAL B 327 -2.45 -37.83 -41.65
C VAL B 327 -1.47 -38.60 -40.79
N LEU B 328 -0.66 -39.42 -41.43
CA LEU B 328 0.55 -39.91 -40.81
C LEU B 328 1.71 -39.10 -41.35
N VAL B 329 2.38 -38.37 -40.48
CA VAL B 329 3.49 -37.51 -40.83
C VAL B 329 4.77 -38.19 -40.39
N GLU B 330 5.71 -38.36 -41.32
CA GLU B 330 7.03 -38.91 -41.03
C GLU B 330 8.03 -37.80 -41.34
N ALA B 331 8.51 -37.12 -40.33
CA ALA B 331 9.61 -36.20 -40.54
C ALA B 331 10.92 -36.94 -40.34
N ALA B 332 11.94 -36.56 -41.11
CA ALA B 332 13.21 -37.25 -41.06
C ALA B 332 14.32 -36.24 -41.07
N ILE B 333 15.38 -36.49 -40.33
CA ILE B 333 16.47 -35.55 -40.19
C ILE B 333 17.75 -36.31 -40.44
N VAL B 334 18.53 -35.85 -41.39
CA VAL B 334 19.83 -36.45 -41.67
C VAL B 334 20.88 -35.38 -41.39
N GLU B 335 21.93 -35.77 -40.68
CA GLU B 335 23.07 -34.89 -40.45
C GLU B 335 24.35 -35.67 -40.68
N ILE B 336 25.23 -35.16 -41.52
CA ILE B 336 26.57 -35.70 -41.63
C ILE B 336 27.52 -34.62 -41.16
N SER B 337 28.20 -34.86 -40.07
CA SER B 337 29.16 -33.90 -39.59
C SER B 337 30.56 -34.48 -39.70
N GLY B 338 31.54 -33.59 -39.70
CA GLY B 338 32.91 -34.06 -39.71
C GLY B 338 33.87 -32.91 -39.52
N ASP B 339 35.03 -33.19 -38.95
CA ASP B 339 36.08 -32.19 -38.88
C ASP B 339 37.43 -32.88 -38.77
N ILE B 340 38.46 -32.14 -39.14
CA ILE B 340 39.83 -32.64 -39.12
C ILE B 340 40.76 -31.52 -38.72
N GLN B 341 41.46 -31.70 -37.63
CA GLN B 341 42.55 -30.80 -37.29
C GLN B 341 43.84 -31.35 -37.84
N ASP B 342 44.87 -30.50 -37.84
CA ASP B 342 46.22 -30.92 -38.23
C ASP B 342 47.18 -29.93 -37.59
N ALA B 343 47.82 -30.34 -36.49
CA ALA B 343 48.71 -29.45 -35.77
C ALA B 343 50.11 -30.01 -35.81
N VAL B 344 51.08 -29.19 -36.24
CA VAL B 344 52.45 -29.68 -36.38
C VAL B 344 53.42 -28.53 -36.21
N GLY B 345 54.44 -28.72 -35.38
CA GLY B 345 55.41 -27.68 -35.13
C GLY B 345 56.79 -28.14 -34.73
N VAL B 346 57.81 -27.50 -35.28
CA VAL B 346 59.21 -27.79 -34.97
C VAL B 346 59.73 -26.66 -34.09
N GLN B 347 60.42 -27.02 -33.01
CA GLN B 347 60.93 -26.05 -32.06
C GLN B 347 62.41 -26.29 -31.86
N TRP B 348 63.21 -25.22 -31.88
CA TRP B 348 64.66 -25.30 -31.81
C TRP B 348 65.18 -24.63 -30.56
N ALA B 349 66.04 -25.33 -29.83
CA ALA B 349 66.52 -24.97 -28.50
C ALA B 349 68.03 -24.97 -28.45
N ILE B 350 68.66 -24.22 -29.36
CA ILE B 350 70.11 -24.14 -29.42
C ILE B 350 70.59 -23.19 -28.33
N ASN B 351 70.94 -23.70 -27.16
CA ASN B 351 71.46 -22.83 -26.10
C ASN B 351 72.99 -22.84 -26.10
N LYS B 352 73.55 -22.45 -27.23
CA LYS B 352 75.00 -22.41 -27.41
C LYS B 352 75.51 -21.14 -26.74
N GLY B 353 75.87 -21.27 -25.46
CA GLY B 353 76.58 -20.23 -24.75
C GLY B 353 75.82 -18.97 -24.41
N GLY B 354 76.40 -18.15 -23.55
CA GLY B 354 75.85 -16.84 -23.22
C GLY B 354 74.63 -16.85 -22.32
N MET B 355 74.42 -15.75 -21.60
CA MET B 355 73.17 -15.59 -20.87
C MET B 355 72.03 -15.36 -21.87
N GLY B 356 70.99 -16.16 -21.75
CA GLY B 356 69.95 -16.22 -22.75
C GLY B 356 69.74 -17.64 -23.23
N GLY B 357 70.08 -17.90 -24.48
CA GLY B 357 69.85 -19.19 -25.07
C GLY B 357 68.91 -19.08 -26.25
N THR B 358 69.40 -19.43 -27.44
CA THR B 358 68.73 -19.05 -28.69
C THR B 358 67.56 -19.96 -29.01
N LYS B 359 66.60 -20.01 -28.08
CA LYS B 359 65.49 -20.95 -28.18
C LYS B 359 64.33 -20.34 -28.96
N THR B 360 63.70 -21.15 -29.82
CA THR B 360 62.61 -20.67 -30.66
C THR B 360 61.29 -21.12 -30.04
N ASN B 361 60.85 -20.36 -29.05
CA ASN B 361 59.61 -20.66 -28.33
C ASN B 361 58.41 -20.36 -29.22
N PHE B 362 57.66 -21.40 -29.57
CA PHE B 362 56.37 -21.27 -30.26
C PHE B 362 55.29 -21.78 -29.32
N ALA B 363 54.54 -20.86 -28.71
CA ALA B 363 53.43 -21.24 -27.84
C ALA B 363 52.16 -21.39 -28.69
N ASN B 364 52.22 -22.36 -29.61
CA ASN B 364 51.10 -22.66 -30.48
C ASN B 364 50.51 -24.03 -30.18
N THR B 365 51.33 -25.07 -30.21
CA THR B 365 50.85 -26.44 -30.09
C THR B 365 51.35 -27.01 -28.78
N GLY B 366 50.54 -26.87 -27.73
CA GLY B 366 50.76 -27.57 -26.48
C GLY B 366 52.00 -27.15 -25.74
N LEU B 367 53.01 -28.01 -25.77
CA LEU B 367 54.26 -27.76 -25.09
C LEU B 367 55.05 -26.64 -25.77
N SER B 368 56.13 -26.25 -25.11
CA SER B 368 56.99 -25.20 -25.59
C SER B 368 58.37 -25.41 -24.99
N ILE B 369 59.36 -24.69 -25.52
CA ILE B 369 60.72 -24.84 -25.04
C ILE B 369 60.88 -24.20 -23.66
N GLY B 370 60.15 -23.12 -23.40
CA GLY B 370 60.22 -22.50 -22.09
C GLY B 370 59.70 -23.41 -20.99
N THR B 371 58.54 -24.02 -21.24
CA THR B 371 58.09 -25.04 -20.30
C THR B 371 58.86 -26.34 -20.45
N LEU B 372 59.70 -26.50 -21.48
CA LEU B 372 60.57 -27.67 -21.51
C LEU B 372 61.79 -27.48 -20.60
N LEU B 373 62.37 -26.29 -20.60
CA LEU B 373 63.45 -26.01 -19.67
C LEU B 373 62.93 -25.86 -18.25
N GLN B 374 61.67 -25.51 -18.07
CA GLN B 374 61.04 -25.72 -16.78
C GLN B 374 60.66 -27.17 -16.56
N SER B 375 60.54 -27.96 -17.62
CA SER B 375 60.24 -29.37 -17.43
C SER B 375 61.48 -30.15 -17.05
N LEU B 376 62.65 -29.58 -17.28
CA LEU B 376 63.86 -30.09 -16.65
C LEU B 376 63.73 -30.05 -15.13
N GLU B 377 63.25 -28.93 -14.60
CA GLU B 377 62.96 -28.85 -13.18
C GLU B 377 61.72 -29.63 -12.80
N SER B 378 60.85 -29.95 -13.77
CA SER B 378 59.76 -30.87 -13.46
C SER B 378 60.30 -32.29 -13.31
N ASN B 379 61.18 -32.69 -14.23
CA ASN B 379 61.89 -33.96 -14.14
C ASN B 379 62.74 -34.03 -12.88
N LYS B 380 63.13 -32.87 -12.33
CA LYS B 380 63.65 -32.88 -10.98
C LYS B 380 62.60 -33.31 -9.96
N ALA B 381 61.65 -32.43 -9.58
CA ALA B 381 60.64 -32.95 -8.64
C ALA B 381 59.29 -33.41 -9.23
N PRO B 382 58.42 -32.55 -9.91
CA PRO B 382 57.07 -33.06 -10.22
C PRO B 382 56.83 -33.89 -11.49
N GLU B 383 57.55 -33.63 -12.59
CA GLU B 383 57.41 -34.29 -13.90
C GLU B 383 55.97 -34.15 -14.44
N SER B 384 55.64 -32.92 -14.81
CA SER B 384 54.25 -32.52 -15.04
C SER B 384 54.00 -32.04 -16.48
N ILE B 385 52.70 -32.00 -16.80
CA ILE B 385 52.09 -31.33 -17.95
C ILE B 385 52.66 -31.75 -19.32
N PRO B 386 52.24 -32.88 -19.88
CA PRO B 386 52.49 -33.15 -21.30
C PRO B 386 51.30 -32.72 -22.16
N ASP B 387 51.55 -32.67 -23.47
CA ASP B 387 50.50 -32.41 -24.46
C ASP B 387 51.02 -32.81 -25.84
N GLY B 388 50.19 -33.55 -26.59
CA GLY B 388 50.46 -33.83 -27.99
C GLY B 388 51.50 -34.90 -28.23
N ALA B 389 51.54 -35.39 -29.48
CA ALA B 389 52.50 -36.42 -29.86
C ALA B 389 53.85 -35.78 -30.07
N ILE B 390 54.73 -35.93 -29.08
CA ILE B 390 55.98 -35.18 -29.03
C ILE B 390 57.15 -36.09 -29.37
N VAL B 391 58.19 -35.51 -29.97
CA VAL B 391 59.41 -36.20 -30.36
C VAL B 391 60.56 -35.27 -30.03
N GLY B 392 61.37 -35.63 -29.04
CA GLY B 392 62.45 -34.75 -28.64
C GLY B 392 63.85 -35.20 -29.00
N ILE B 393 64.44 -34.61 -30.05
CA ILE B 393 65.81 -34.92 -30.44
C ILE B 393 66.70 -33.88 -29.79
N GLY B 394 67.46 -34.26 -28.79
CA GLY B 394 68.30 -33.30 -28.11
C GLY B 394 69.57 -33.93 -27.61
N SER B 395 70.63 -33.13 -27.58
CA SER B 395 71.80 -33.46 -26.76
C SER B 395 71.70 -32.80 -25.40
N SER B 396 70.51 -32.90 -24.81
CA SER B 396 70.11 -32.56 -23.44
C SER B 396 70.12 -31.07 -23.12
N SER B 397 70.75 -30.26 -23.95
CA SER B 397 70.63 -28.82 -23.96
C SER B 397 70.42 -28.28 -25.36
N PHE B 398 71.13 -28.83 -26.33
CA PHE B 398 70.95 -28.52 -27.74
C PHE B 398 69.72 -29.31 -28.19
N GLY B 399 68.56 -28.65 -28.21
CA GLY B 399 67.34 -29.41 -28.38
C GLY B 399 66.54 -29.13 -29.62
N ALA B 400 65.63 -30.06 -29.96
CA ALA B 400 64.72 -29.86 -31.09
C ALA B 400 63.49 -30.71 -30.81
N LEU B 401 62.38 -30.07 -30.52
CA LEU B 401 61.14 -30.76 -30.17
C LEU B 401 60.14 -30.64 -31.31
N VAL B 402 59.66 -31.78 -31.80
CA VAL B 402 58.65 -31.82 -32.85
C VAL B 402 57.36 -32.28 -32.22
N THR B 403 56.33 -31.46 -32.31
CA THR B 403 55.04 -31.77 -31.69
C THR B 403 53.99 -31.87 -32.78
N ALA B 404 53.21 -32.95 -32.78
CA ALA B 404 52.23 -33.16 -33.82
C ALA B 404 51.01 -33.89 -33.28
N LEU B 405 49.86 -33.59 -33.88
CA LEU B 405 48.59 -34.23 -33.63
C LEU B 405 47.72 -34.12 -34.86
N SER B 406 46.83 -35.08 -35.05
CA SER B 406 45.86 -35.03 -36.14
C SER B 406 44.54 -35.66 -35.68
N ALA B 407 43.66 -34.85 -35.13
CA ALA B 407 42.32 -35.34 -34.82
C ALA B 407 41.50 -35.44 -36.09
N ASN B 408 40.54 -36.34 -36.10
CA ASN B 408 39.74 -36.60 -37.28
C ASN B 408 38.45 -37.25 -36.79
N THR B 409 37.39 -36.45 -36.65
CA THR B 409 36.14 -36.99 -36.16
C THR B 409 35.09 -36.89 -37.24
N LYS B 410 34.25 -37.91 -37.33
CA LYS B 410 33.12 -37.91 -38.23
C LYS B 410 31.89 -38.25 -37.42
N SER B 411 30.72 -38.02 -38.00
CA SER B 411 29.48 -38.27 -37.30
C SER B 411 28.35 -38.34 -38.30
N ASN B 412 27.34 -39.13 -37.97
CA ASN B 412 26.24 -39.33 -38.91
C ASN B 412 24.98 -39.61 -38.10
N LEU B 413 24.15 -38.60 -37.96
CA LEU B 413 22.90 -38.72 -37.24
C LEU B 413 21.73 -38.88 -38.20
N LEU B 414 20.70 -39.55 -37.71
CA LEU B 414 19.46 -39.76 -38.43
C LEU B 414 18.34 -39.82 -37.42
N SER B 415 17.18 -39.30 -37.77
CA SER B 415 16.05 -39.41 -36.87
C SER B 415 14.79 -39.45 -37.71
N THR B 416 13.80 -40.21 -37.26
CA THR B 416 12.52 -40.30 -37.96
C THR B 416 11.38 -40.35 -36.97
N PRO B 417 10.95 -39.22 -36.45
CA PRO B 417 9.67 -39.20 -35.74
C PRO B 417 8.53 -39.28 -36.73
N SER B 418 7.41 -39.80 -36.25
CA SER B 418 6.25 -40.02 -37.11
C SER B 418 5.02 -40.19 -36.24
N LEU B 419 3.94 -39.50 -36.58
CA LEU B 419 2.72 -39.61 -35.79
C LEU B 419 1.47 -39.53 -36.65
N LEU B 420 0.38 -40.06 -36.11
CA LEU B 420 -0.92 -39.99 -36.73
C LEU B 420 -1.72 -38.88 -36.08
N THR B 421 -2.53 -38.20 -36.87
CA THR B 421 -3.34 -37.11 -36.34
C THR B 421 -4.57 -36.89 -37.21
N LEU B 422 -5.52 -36.14 -36.67
CA LEU B 422 -6.55 -35.52 -37.46
C LEU B 422 -6.08 -34.13 -37.89
N ASP B 423 -6.91 -33.47 -38.69
CA ASP B 423 -6.65 -32.07 -38.97
C ASP B 423 -6.99 -31.21 -37.76
N ASN B 424 -6.28 -30.09 -37.66
CA ASN B 424 -6.53 -29.04 -36.65
C ASN B 424 -6.37 -29.57 -35.23
N GLN B 425 -5.50 -30.57 -35.05
CA GLN B 425 -5.30 -31.23 -33.78
C GLN B 425 -3.80 -31.30 -33.51
N LYS B 426 -3.36 -30.56 -32.52
CA LYS B 426 -1.94 -30.41 -32.23
C LYS B 426 -1.36 -31.70 -31.68
N ALA B 427 -0.80 -32.53 -32.55
CA ALA B 427 -0.12 -33.71 -32.09
C ALA B 427 1.25 -33.34 -31.55
N GLU B 428 1.97 -34.32 -31.02
CA GLU B 428 3.25 -34.09 -30.39
C GLU B 428 3.93 -35.42 -30.16
N ILE B 429 5.22 -35.49 -30.41
CA ILE B 429 6.04 -36.55 -29.85
C ILE B 429 7.20 -35.86 -29.18
N LEU B 430 7.56 -36.35 -28.01
CA LEU B 430 8.71 -35.82 -27.30
C LEU B 430 9.47 -37.01 -26.73
N VAL B 431 10.71 -37.19 -27.13
CA VAL B 431 11.50 -38.31 -26.65
C VAL B 431 12.79 -37.77 -26.06
N GLY B 432 13.09 -38.15 -24.84
CA GLY B 432 14.31 -37.73 -24.18
C GLY B 432 14.01 -36.86 -22.98
N GLN B 433 15.08 -36.49 -22.28
CA GLN B 433 15.06 -36.10 -20.88
C GLN B 433 14.29 -34.80 -20.64
N ASN B 434 14.04 -34.54 -19.35
CA ASN B 434 13.42 -33.31 -18.87
C ASN B 434 14.31 -32.76 -17.76
N VAL B 435 14.81 -31.55 -17.96
CA VAL B 435 15.88 -31.01 -17.12
C VAL B 435 15.37 -29.77 -16.42
N PRO B 436 16.01 -29.38 -15.33
CA PRO B 436 15.78 -28.05 -14.76
C PRO B 436 16.68 -27.01 -15.39
N PHE B 437 16.28 -25.77 -15.24
CA PHE B 437 17.13 -24.67 -15.65
C PHE B 437 16.84 -23.51 -14.72
N GLN B 438 17.87 -22.77 -14.37
CA GLN B 438 17.69 -21.64 -13.47
C GLN B 438 17.02 -20.50 -14.21
N THR B 439 16.06 -19.87 -13.56
CA THR B 439 15.57 -18.57 -13.97
C THR B 439 15.93 -17.54 -12.90
N GLY B 440 16.98 -17.83 -12.14
CA GLY B 440 17.38 -16.99 -11.05
C GLY B 440 18.35 -17.65 -10.10
N THR B 454 18.00 -18.81 -7.12
CA THR B 454 17.49 -20.07 -7.65
C THR B 454 15.97 -20.09 -7.67
N THR B 455 15.41 -19.99 -8.86
CA THR B 455 13.97 -20.13 -9.08
C THR B 455 13.71 -21.01 -10.31
N VAL B 456 14.32 -22.20 -10.31
CA VAL B 456 14.47 -23.09 -11.46
C VAL B 456 13.14 -23.57 -12.03
N GLU B 457 13.21 -24.21 -13.20
CA GLU B 457 12.02 -24.51 -13.97
C GLU B 457 12.31 -25.74 -14.83
N ARG B 458 11.26 -26.48 -15.18
CA ARG B 458 11.39 -27.72 -15.92
C ARG B 458 11.23 -27.48 -17.42
N LYS B 459 11.96 -28.26 -18.21
CA LYS B 459 12.09 -27.97 -19.63
C LYS B 459 12.58 -29.21 -20.35
N ASP B 460 11.97 -29.49 -21.51
CA ASP B 460 12.14 -30.77 -22.20
C ASP B 460 13.26 -30.73 -23.23
N ILE B 461 14.03 -31.81 -23.27
CA ILE B 461 15.26 -31.93 -24.06
C ILE B 461 15.24 -33.26 -24.80
N GLY B 462 15.31 -33.21 -26.12
CA GLY B 462 15.33 -34.42 -26.90
C GLY B 462 14.53 -34.26 -28.17
N VAL B 463 14.42 -35.32 -28.96
CA VAL B 463 13.77 -35.25 -30.26
C VAL B 463 12.32 -34.86 -30.10
N SER B 464 11.81 -34.00 -30.96
CA SER B 464 10.45 -33.55 -30.75
C SER B 464 9.82 -33.17 -32.06
N LEU B 465 8.50 -33.28 -32.09
CA LEU B 465 7.78 -32.97 -33.31
C LEU B 465 6.39 -32.48 -32.96
N LYS B 466 5.94 -31.40 -33.59
CA LYS B 466 4.59 -30.90 -33.38
C LYS B 466 3.99 -30.57 -34.74
N VAL B 467 3.04 -31.36 -35.19
CA VAL B 467 2.41 -31.18 -36.48
C VAL B 467 1.04 -30.57 -36.24
N THR B 468 0.59 -29.71 -37.13
CA THR B 468 -0.84 -29.39 -37.23
C THR B 468 -1.26 -29.36 -38.68
N PRO B 469 -2.05 -30.32 -39.14
CA PRO B 469 -2.46 -30.33 -40.54
C PRO B 469 -3.68 -29.47 -40.81
N HIS B 470 -3.99 -29.36 -42.09
CA HIS B 470 -5.25 -28.81 -42.57
C HIS B 470 -5.53 -29.49 -43.89
N ILE B 471 -6.65 -30.20 -43.98
CA ILE B 471 -6.80 -31.25 -44.97
C ILE B 471 -7.91 -30.91 -45.94
N ASN B 472 -7.54 -30.79 -47.20
CA ASN B 472 -8.49 -30.64 -48.28
C ASN B 472 -9.08 -32.01 -48.61
N ASP B 473 -10.27 -31.99 -49.17
CA ASP B 473 -10.86 -33.23 -49.68
C ASP B 473 -10.15 -33.61 -50.98
N GLY B 474 -8.96 -34.17 -50.84
CA GLY B 474 -8.16 -34.54 -51.99
C GLY B 474 -6.67 -34.37 -51.76
N ALA B 475 -5.98 -33.78 -52.73
CA ALA B 475 -4.54 -33.62 -52.67
C ALA B 475 -4.19 -32.36 -51.88
N ALA B 476 -2.87 -32.11 -51.76
CA ALA B 476 -2.29 -30.84 -51.31
C ALA B 476 -2.75 -30.46 -49.91
N LEU B 477 -2.26 -31.23 -48.95
CA LEU B 477 -2.48 -30.92 -47.54
C LEU B 477 -1.61 -29.74 -47.11
N ARG B 478 -2.06 -29.04 -46.06
CA ARG B 478 -1.23 -28.01 -45.43
C ARG B 478 -0.68 -28.53 -44.12
N LEU B 479 0.57 -28.23 -43.84
CA LEU B 479 1.19 -28.65 -42.59
C LEU B 479 1.79 -27.45 -41.89
N GLU B 480 1.66 -27.43 -40.56
CA GLU B 480 2.32 -26.42 -39.75
C GLU B 480 3.26 -27.22 -38.86
N ILE B 481 4.52 -27.24 -39.24
CA ILE B 481 5.49 -28.12 -38.60
C ILE B 481 6.23 -27.30 -37.57
N GLU B 482 6.49 -27.88 -36.41
CA GLU B 482 7.46 -27.32 -35.49
C GLU B 482 8.27 -28.50 -35.03
N GLN B 483 9.35 -28.76 -35.73
CA GLN B 483 10.17 -29.91 -35.42
C GLN B 483 11.41 -29.41 -34.73
N GLU B 484 11.95 -30.20 -33.80
CA GLU B 484 13.24 -29.82 -33.26
C GLU B 484 14.01 -31.05 -32.82
N ILE B 485 15.30 -30.88 -32.70
CA ILE B 485 16.17 -31.86 -32.08
C ILE B 485 17.07 -31.12 -31.11
N SER B 486 16.93 -31.41 -29.85
CA SER B 486 17.80 -30.85 -28.84
C SER B 486 18.97 -31.79 -28.61
N ALA B 487 19.73 -31.53 -27.56
CA ALA B 487 20.74 -32.42 -26.99
C ALA B 487 21.13 -31.87 -25.64
N LEU B 488 22.18 -32.42 -25.04
CA LEU B 488 22.71 -31.91 -23.80
C LEU B 488 24.20 -32.17 -23.83
N LEU B 489 24.98 -31.23 -23.31
CA LEU B 489 26.41 -31.23 -23.61
C LEU B 489 27.25 -31.40 -22.36
N PRO B 490 28.07 -32.45 -22.27
CA PRO B 490 28.93 -32.62 -21.09
C PRO B 490 30.34 -32.09 -21.29
N ASN B 491 30.69 -31.77 -22.54
CA ASN B 491 32.08 -31.49 -22.87
C ASN B 491 32.46 -30.05 -22.53
N ALA B 492 31.86 -29.10 -23.26
CA ALA B 492 32.24 -27.69 -23.16
C ALA B 492 31.38 -27.04 -22.10
N GLN B 493 31.82 -27.17 -20.85
CA GLN B 493 31.13 -26.57 -19.73
C GLN B 493 31.92 -25.38 -19.23
N GLN B 494 31.22 -24.27 -19.04
CA GLN B 494 31.78 -23.02 -18.56
C GLN B 494 31.73 -23.00 -17.04
N ARG B 495 31.86 -21.81 -16.47
CA ARG B 495 31.76 -21.53 -15.04
C ARG B 495 30.28 -21.41 -14.59
N ASN B 496 29.35 -21.99 -15.33
CA ASN B 496 27.92 -21.78 -15.13
C ASN B 496 27.22 -23.12 -15.24
N ASN B 497 25.90 -23.07 -15.43
CA ASN B 497 25.06 -24.26 -15.33
C ASN B 497 25.12 -25.12 -16.59
N THR B 498 24.13 -26.01 -16.72
CA THR B 498 24.03 -26.91 -17.86
C THR B 498 23.91 -26.13 -19.16
N ASP B 499 24.86 -26.36 -20.06
CA ASP B 499 24.87 -25.70 -21.36
C ASP B 499 23.99 -26.50 -22.31
N LEU B 500 22.69 -26.37 -22.06
CA LEU B 500 21.70 -27.24 -22.67
C LEU B 500 21.53 -26.90 -24.14
N ILE B 501 21.90 -27.81 -25.03
CA ILE B 501 21.66 -27.54 -26.43
C ILE B 501 20.18 -27.81 -26.64
N THR B 502 19.36 -26.79 -26.38
CA THR B 502 17.91 -26.98 -26.35
C THR B 502 17.32 -26.86 -27.75
N SER B 503 18.00 -26.14 -28.63
CA SER B 503 17.84 -26.34 -30.05
C SER B 503 19.20 -26.74 -30.58
N LYS B 504 19.24 -27.82 -31.32
CA LYS B 504 20.32 -28.05 -32.26
C LYS B 504 19.81 -28.04 -33.67
N ARG B 505 18.60 -28.48 -33.88
CA ARG B 505 17.87 -28.09 -35.06
C ARG B 505 16.53 -27.63 -34.58
N SER B 506 16.00 -26.58 -35.16
CA SER B 506 14.69 -26.17 -34.69
C SER B 506 13.98 -25.49 -35.84
N ILE B 507 13.31 -26.26 -36.66
CA ILE B 507 12.69 -25.66 -37.83
C ILE B 507 11.20 -25.54 -37.57
N LYS B 508 10.71 -24.31 -37.59
CA LYS B 508 9.34 -24.00 -37.22
C LYS B 508 8.67 -23.42 -38.43
N SER B 509 8.24 -24.26 -39.34
CA SER B 509 7.83 -23.74 -40.64
C SER B 509 6.38 -24.07 -40.92
N THR B 510 5.94 -23.71 -42.11
CA THR B 510 4.57 -23.94 -42.51
C THR B 510 4.57 -24.27 -43.99
N ILE B 511 4.41 -25.53 -44.33
CA ILE B 511 4.56 -25.92 -45.73
C ILE B 511 3.24 -26.47 -46.26
N LEU B 512 3.22 -26.84 -47.53
CA LEU B 512 2.01 -27.35 -48.17
C LEU B 512 2.44 -28.45 -49.12
N ALA B 513 2.14 -29.70 -48.76
CA ALA B 513 2.73 -30.85 -49.43
C ALA B 513 1.67 -31.68 -50.14
N GLU B 514 2.18 -32.69 -50.85
CA GLU B 514 1.38 -33.64 -51.62
C GLU B 514 1.52 -35.02 -51.00
N ASN B 515 0.41 -35.75 -50.91
CA ASN B 515 0.21 -36.88 -50.01
C ASN B 515 1.05 -38.12 -50.33
N GLY B 516 2.04 -38.14 -51.22
CA GLY B 516 2.91 -39.29 -51.31
C GLY B 516 4.31 -38.85 -51.60
N GLN B 517 4.56 -37.56 -51.50
CA GLN B 517 5.75 -36.94 -52.03
C GLN B 517 6.74 -36.66 -50.91
N VAL B 518 7.87 -37.37 -50.94
CA VAL B 518 8.97 -37.08 -50.03
C VAL B 518 9.56 -35.74 -50.44
N ILE B 519 9.38 -34.72 -49.61
CA ILE B 519 9.86 -33.39 -49.93
C ILE B 519 10.93 -33.00 -48.92
N VAL B 520 11.57 -31.85 -49.19
CA VAL B 520 12.62 -31.32 -48.35
C VAL B 520 12.12 -30.04 -47.70
N ILE B 521 12.21 -29.98 -46.38
CA ILE B 521 11.77 -28.78 -45.70
C ILE B 521 12.93 -27.85 -45.46
N GLY B 522 14.05 -28.36 -44.97
CA GLY B 522 15.08 -27.44 -44.54
C GLY B 522 16.47 -28.00 -44.69
N GLY B 523 17.45 -27.14 -44.52
CA GLY B 523 18.81 -27.62 -44.67
C GLY B 523 19.83 -26.65 -44.14
N LEU B 524 21.06 -27.15 -44.08
CA LEU B 524 22.21 -26.36 -43.66
C LEU B 524 23.45 -27.04 -44.21
N ILE B 525 24.25 -26.31 -44.98
CA ILE B 525 25.53 -26.81 -45.44
C ILE B 525 26.58 -25.84 -44.94
N GLN B 526 27.38 -26.26 -43.99
CA GLN B 526 28.33 -25.38 -43.34
C GLN B 526 29.73 -25.90 -43.55
N ASP B 527 30.53 -25.17 -44.29
CA ASP B 527 31.89 -25.56 -44.63
C ASP B 527 32.85 -24.57 -43.99
N ASP B 528 34.03 -25.06 -43.65
CA ASP B 528 34.99 -24.24 -42.93
C ASP B 528 36.37 -24.79 -43.18
N VAL B 529 37.32 -23.88 -43.28
CA VAL B 529 38.74 -24.21 -43.34
C VAL B 529 39.51 -23.06 -42.72
N SER B 530 40.35 -23.36 -41.75
CA SER B 530 41.07 -22.34 -41.00
C SER B 530 42.49 -22.82 -40.82
N GLN B 531 43.43 -21.88 -40.75
CA GLN B 531 44.83 -22.26 -40.65
C GLN B 531 45.66 -21.12 -40.09
N ALA B 532 46.31 -21.39 -38.97
CA ALA B 532 47.19 -20.44 -38.32
C ALA B 532 48.63 -20.91 -38.44
N GLU B 533 49.55 -19.96 -38.53
CA GLU B 533 50.96 -20.27 -38.52
C GLU B 533 51.66 -19.43 -37.48
N SER B 534 52.89 -19.81 -37.17
CA SER B 534 53.76 -18.99 -36.34
C SER B 534 55.19 -19.38 -36.67
N LYS B 535 55.97 -18.45 -37.18
CA LYS B 535 57.31 -18.78 -37.65
C LYS B 535 58.28 -17.67 -37.32
N VAL B 536 59.55 -18.00 -37.37
CA VAL B 536 60.58 -16.96 -37.46
C VAL B 536 60.48 -16.31 -38.84
N PRO B 537 60.39 -14.97 -38.92
CA PRO B 537 59.98 -14.33 -40.19
C PRO B 537 60.97 -14.44 -41.33
N LEU B 538 62.21 -14.82 -41.09
CA LEU B 538 63.14 -15.03 -42.18
C LEU B 538 63.22 -16.47 -42.65
N LEU B 539 63.09 -17.42 -41.72
CA LEU B 539 63.47 -18.80 -41.99
C LEU B 539 62.30 -19.68 -42.40
N GLY B 540 61.08 -19.36 -41.99
CA GLY B 540 59.94 -20.15 -42.39
C GLY B 540 59.59 -20.03 -43.86
N ASP B 541 60.06 -18.97 -44.52
CA ASP B 541 59.67 -18.70 -45.89
C ASP B 541 60.37 -19.63 -46.89
N ILE B 542 61.55 -20.13 -46.54
CA ILE B 542 62.37 -20.89 -47.47
C ILE B 542 61.74 -22.25 -47.71
N PRO B 543 61.33 -22.57 -48.95
CA PRO B 543 60.57 -23.81 -49.17
C PRO B 543 61.44 -25.04 -49.32
N LEU B 544 62.44 -25.15 -48.48
CA LEU B 544 63.26 -26.34 -48.29
C LEU B 544 63.41 -26.68 -46.82
N LEU B 545 63.51 -25.67 -45.96
CA LEU B 545 63.58 -25.87 -44.52
C LEU B 545 62.46 -25.14 -43.79
N GLY B 546 61.44 -24.69 -44.52
CA GLY B 546 60.34 -23.95 -43.92
C GLY B 546 59.50 -24.75 -42.96
N ARG B 547 59.49 -26.08 -43.12
CA ARG B 547 58.82 -26.92 -42.14
C ARG B 547 59.57 -26.93 -40.82
N LEU B 548 60.89 -26.78 -40.85
CA LEU B 548 61.71 -26.90 -39.65
C LEU B 548 61.67 -25.66 -38.77
N PHE B 549 60.88 -24.67 -39.09
CA PHE B 549 60.83 -23.51 -38.21
C PHE B 549 59.40 -23.12 -37.84
N ARG B 550 58.46 -23.27 -38.75
CA ARG B 550 57.11 -22.78 -38.52
C ARG B 550 56.35 -23.67 -37.56
N SER B 551 55.12 -23.27 -37.27
CA SER B 551 54.21 -24.04 -36.44
C SER B 551 52.82 -23.81 -36.99
N THR B 552 52.21 -24.84 -37.56
CA THR B 552 50.94 -24.68 -38.25
C THR B 552 49.84 -25.42 -37.53
N LYS B 553 48.63 -24.96 -37.77
CA LYS B 553 47.43 -25.55 -37.17
C LYS B 553 46.31 -25.36 -38.17
N ASP B 554 45.85 -26.46 -38.76
CA ASP B 554 44.79 -26.45 -39.76
C ASP B 554 43.53 -27.06 -39.16
N THR B 555 42.39 -26.64 -39.68
CA THR B 555 41.10 -27.07 -39.14
C THR B 555 40.08 -27.01 -40.26
N HIS B 556 39.64 -28.17 -40.74
CA HIS B 556 38.58 -28.24 -41.73
C HIS B 556 37.34 -28.80 -41.07
N THR B 557 36.17 -28.36 -41.52
CA THR B 557 34.94 -28.66 -40.81
C THR B 557 33.74 -28.62 -41.75
N LYS B 558 32.97 -29.70 -41.79
CA LYS B 558 31.75 -29.73 -42.59
C LYS B 558 30.59 -30.18 -41.72
N ARG B 559 29.43 -29.57 -41.96
CA ARG B 559 28.17 -30.01 -41.35
C ARG B 559 27.10 -29.94 -42.42
N ASN B 560 26.65 -31.10 -42.87
CA ASN B 560 25.56 -31.19 -43.82
C ASN B 560 24.30 -31.61 -43.08
N LEU B 561 23.18 -31.03 -43.46
CA LEU B 561 21.96 -31.21 -42.70
C LEU B 561 20.76 -31.07 -43.60
N MET B 562 19.90 -32.08 -43.63
CA MET B 562 18.64 -31.99 -44.33
C MET B 562 17.51 -32.39 -43.40
N VAL B 563 16.36 -31.76 -43.59
CA VAL B 563 15.15 -32.09 -42.88
C VAL B 563 14.07 -32.33 -43.92
N PHE B 564 13.66 -33.60 -44.07
CA PHE B 564 12.67 -34.07 -45.01
C PHE B 564 11.36 -34.35 -44.32
N LEU B 565 10.31 -34.46 -45.13
CA LEU B 565 8.98 -34.65 -44.61
C LEU B 565 8.21 -35.56 -45.54
N ARG B 566 7.33 -36.36 -44.98
CA ARG B 566 6.54 -37.28 -45.76
C ARG B 566 5.14 -37.37 -45.20
N PRO B 567 4.16 -36.82 -45.85
CA PRO B 567 2.79 -37.00 -45.40
C PRO B 567 2.08 -38.13 -46.12
N THR B 568 1.23 -38.87 -45.41
CA THR B 568 0.36 -39.87 -46.02
C THR B 568 -1.04 -39.65 -45.51
N VAL B 569 -1.98 -39.48 -46.43
CA VAL B 569 -3.38 -39.24 -46.08
C VAL B 569 -4.08 -40.58 -46.02
N VAL B 570 -4.69 -40.87 -44.87
CA VAL B 570 -5.58 -42.02 -44.72
C VAL B 570 -6.95 -41.53 -44.30
N ARG B 571 -7.97 -41.99 -45.00
CA ARG B 571 -9.35 -41.66 -44.66
C ARG B 571 -10.25 -42.86 -44.51
N ASP B 572 -9.88 -44.02 -45.04
CA ASP B 572 -10.54 -45.27 -44.72
C ASP B 572 -9.64 -46.11 -43.83
N SER B 573 -10.26 -47.02 -43.08
CA SER B 573 -9.49 -47.85 -42.15
C SER B 573 -8.64 -48.90 -42.85
N ALA B 574 -8.86 -49.13 -44.16
CA ALA B 574 -8.07 -50.12 -44.88
C ALA B 574 -6.62 -49.67 -45.01
N GLY B 575 -6.41 -48.42 -45.41
CA GLY B 575 -5.05 -47.92 -45.53
C GLY B 575 -4.36 -47.76 -44.20
N LEU B 576 -5.12 -47.45 -43.16
CA LEU B 576 -4.58 -47.39 -41.82
C LEU B 576 -4.14 -48.78 -41.34
N ALA B 577 -4.94 -49.80 -41.65
CA ALA B 577 -4.55 -51.17 -41.37
C ALA B 577 -3.30 -51.57 -42.16
N ALA B 578 -3.18 -51.09 -43.39
CA ALA B 578 -2.01 -51.42 -44.20
C ALA B 578 -0.74 -50.79 -43.65
N LEU B 579 -0.83 -49.51 -43.24
CA LEU B 579 0.29 -48.84 -42.60
C LEU B 579 0.67 -49.53 -41.30
N SER B 580 -0.33 -49.93 -40.51
CA SER B 580 -0.07 -50.59 -39.24
C SER B 580 0.59 -51.94 -39.45
N GLY B 581 0.14 -52.69 -40.47
CA GLY B 581 0.75 -53.97 -40.77
C GLY B 581 2.18 -53.85 -41.24
N LYS B 582 2.46 -52.83 -42.06
CA LYS B 582 3.84 -52.62 -42.51
C LYS B 582 4.75 -52.22 -41.37
N LYS B 583 4.31 -51.30 -40.50
CA LYS B 583 5.15 -50.91 -39.38
C LYS B 583 5.30 -52.03 -38.37
N TYR B 584 4.27 -52.86 -38.23
CA TYR B 584 4.34 -53.95 -37.27
C TYR B 584 5.26 -55.06 -37.78
N SER B 585 5.26 -55.32 -39.09
CA SER B 585 6.23 -56.25 -39.63
C SER B 585 7.64 -55.68 -39.56
N ASP B 586 7.77 -54.37 -39.75
CA ASP B 586 9.08 -53.75 -39.70
C ASP B 586 9.63 -53.64 -38.30
N ILE B 587 8.79 -53.73 -37.28
CA ILE B 587 9.33 -53.85 -35.93
C ILE B 587 9.51 -55.31 -35.54
N ARG B 588 8.73 -56.23 -36.13
CA ARG B 588 8.93 -57.65 -35.91
C ARG B 588 10.26 -58.13 -36.48
N VAL B 589 10.69 -57.54 -37.59
CA VAL B 589 11.97 -57.93 -38.15
C VAL B 589 13.13 -57.41 -37.29
N ILE B 590 12.90 -56.31 -36.55
CA ILE B 590 13.91 -55.86 -35.61
C ILE B 590 13.92 -56.79 -34.40
N ASP B 591 12.76 -57.30 -34.02
CA ASP B 591 12.73 -58.40 -33.07
C ASP B 591 13.39 -59.65 -33.63
N GLY B 592 13.36 -59.82 -34.95
CA GLY B 592 13.98 -60.94 -35.63
C GLY B 592 15.46 -60.82 -35.91
N THR B 593 16.14 -59.85 -35.32
CA THR B 593 17.59 -59.74 -35.47
C THR B 593 18.29 -59.99 -34.14
N PRO B 604 19.73 -63.60 -22.87
CA PRO B 604 19.81 -63.55 -24.33
C PRO B 604 18.78 -62.62 -24.95
N THR B 605 18.58 -62.80 -26.25
CA THR B 605 17.71 -61.97 -27.09
C THR B 605 16.72 -62.85 -27.85
N ASN B 606 16.06 -63.74 -27.10
CA ASN B 606 15.25 -64.82 -27.65
C ASN B 606 14.01 -64.30 -28.36
N ALA B 607 13.25 -65.24 -28.92
CA ALA B 607 12.21 -64.95 -29.92
C ALA B 607 11.05 -64.20 -29.28
N ASN B 608 10.75 -63.02 -29.84
CA ASN B 608 9.71 -62.16 -29.29
C ASN B 608 8.36 -62.54 -29.83
N GLN B 609 7.31 -61.83 -29.44
CA GLN B 609 5.96 -62.40 -29.53
C GLN B 609 5.03 -61.49 -30.31
N LEU B 610 4.13 -62.10 -31.07
CA LEU B 610 3.04 -61.39 -31.72
C LEU B 610 1.94 -61.09 -30.71
N PHE B 611 0.99 -60.24 -31.08
CA PHE B 611 -0.20 -60.01 -30.26
C PHE B 611 -1.44 -60.27 -31.10
N ASP B 612 -2.58 -60.00 -30.48
CA ASP B 612 -3.86 -60.22 -31.12
C ASP B 612 -4.08 -59.14 -32.16
N GLY B 613 -3.55 -59.34 -33.36
CA GLY B 613 -3.69 -58.38 -34.44
C GLY B 613 -5.11 -58.23 -34.94
N ASP C 174 -74.55 -20.47 -48.87
CA ASP C 174 -74.77 -21.53 -47.88
C ASP C 174 -73.55 -21.76 -47.00
N TYR C 175 -73.72 -22.53 -45.93
CA TYR C 175 -72.70 -22.66 -44.89
C TYR C 175 -71.92 -23.95 -45.11
N SER C 176 -70.61 -23.90 -44.89
CA SER C 176 -69.79 -25.10 -44.97
C SER C 176 -68.52 -24.92 -44.16
N VAL C 177 -67.88 -26.05 -43.86
CA VAL C 177 -66.58 -26.09 -43.19
C VAL C 177 -65.68 -27.06 -43.92
N ILE C 178 -64.44 -26.65 -44.16
CA ILE C 178 -63.45 -27.49 -44.84
C ILE C 178 -62.18 -27.56 -44.01
N ASN C 179 -61.35 -28.54 -44.35
CA ASN C 179 -60.02 -28.73 -43.79
C ASN C 179 -58.98 -28.05 -44.67
N LEU C 180 -57.74 -28.08 -44.19
CA LEU C 180 -56.56 -27.74 -44.98
C LEU C 180 -55.45 -28.70 -44.59
N ARG C 181 -54.69 -29.15 -45.59
CA ARG C 181 -53.57 -30.04 -45.32
C ARG C 181 -52.32 -29.26 -44.92
N TYR C 182 -51.84 -28.39 -45.80
CA TYR C 182 -50.74 -27.49 -45.53
C TYR C 182 -51.13 -26.02 -45.52
N GLY C 183 -52.35 -25.69 -45.92
CA GLY C 183 -52.74 -24.29 -46.01
C GLY C 183 -53.00 -23.67 -44.66
N TRP C 184 -52.81 -22.36 -44.58
CA TRP C 184 -53.02 -21.59 -43.36
C TRP C 184 -54.26 -20.72 -43.52
N VAL C 185 -55.20 -20.85 -42.58
CA VAL C 185 -56.37 -19.96 -42.56
C VAL C 185 -56.00 -18.56 -42.10
N MET C 186 -54.86 -18.42 -41.43
CA MET C 186 -54.36 -17.11 -41.02
C MET C 186 -54.04 -16.26 -42.24
N ASP C 187 -53.33 -16.85 -43.20
CA ASP C 187 -53.03 -16.13 -44.43
C ASP C 187 -54.27 -15.99 -45.31
N ALA C 188 -55.10 -17.02 -45.35
CA ALA C 188 -56.24 -17.03 -46.25
C ALA C 188 -57.41 -16.21 -45.74
N ALA C 189 -57.36 -15.74 -44.50
CA ALA C 189 -58.47 -14.95 -43.96
C ALA C 189 -58.56 -13.59 -44.64
N GLU C 190 -57.42 -12.90 -44.78
CA GLU C 190 -57.37 -11.62 -45.48
C GLU C 190 -57.67 -11.80 -46.96
N VAL C 191 -57.35 -12.96 -47.51
CA VAL C 191 -57.69 -13.29 -48.89
C VAL C 191 -59.20 -13.36 -49.05
N LEU C 192 -59.84 -14.26 -48.30
CA LEU C 192 -61.24 -14.57 -48.49
C LEU C 192 -62.18 -13.49 -47.98
N ASN C 193 -61.71 -12.64 -47.06
CA ASN C 193 -62.53 -11.48 -46.70
C ASN C 193 -62.63 -10.51 -47.85
N ASN C 194 -61.56 -10.38 -48.64
CA ASN C 194 -61.56 -9.55 -49.84
C ASN C 194 -61.86 -10.34 -51.09
N ALA C 195 -62.28 -11.60 -50.95
CA ALA C 195 -62.70 -12.36 -52.13
C ALA C 195 -64.00 -11.81 -52.70
N MET C 196 -64.89 -11.34 -51.83
CA MET C 196 -66.07 -10.61 -52.25
C MET C 196 -65.77 -9.11 -52.18
N SER C 197 -66.27 -8.38 -53.17
CA SER C 197 -65.89 -6.99 -53.37
C SER C 197 -66.48 -6.09 -52.28
N ARG C 198 -66.04 -4.85 -52.28
CA ARG C 198 -66.49 -3.87 -51.29
C ARG C 198 -67.87 -3.33 -51.63
N ALA C 205 -70.61 -6.67 -47.77
CA ALA C 205 -69.69 -7.77 -47.96
C ALA C 205 -70.41 -9.02 -48.47
N GLY C 206 -71.53 -9.35 -47.83
CA GLY C 206 -72.31 -10.50 -48.25
C GLY C 206 -71.86 -11.79 -47.58
N ALA C 207 -71.05 -12.56 -48.27
CA ALA C 207 -70.54 -13.82 -47.74
C ALA C 207 -69.56 -13.57 -46.59
N GLN C 208 -69.30 -14.63 -45.82
CA GLN C 208 -68.41 -14.53 -44.67
C GLN C 208 -67.45 -15.70 -44.63
N VAL C 209 -66.43 -15.54 -43.78
CA VAL C 209 -65.34 -16.51 -43.66
C VAL C 209 -64.82 -16.46 -42.24
N ILE C 210 -64.57 -17.64 -41.67
CA ILE C 210 -64.22 -17.81 -40.26
C ILE C 210 -63.05 -18.78 -40.17
N ALA C 211 -62.00 -18.38 -39.47
CA ALA C 211 -60.78 -19.17 -39.39
C ALA C 211 -60.70 -19.95 -38.09
N ASP C 212 -60.01 -21.09 -38.14
CA ASP C 212 -59.61 -21.86 -36.96
C ASP C 212 -58.14 -22.22 -37.11
N ALA C 213 -57.29 -21.46 -36.40
CA ALA C 213 -55.86 -21.67 -36.49
C ALA C 213 -55.35 -22.76 -35.57
N ARG C 214 -56.18 -23.29 -34.68
CA ARG C 214 -55.76 -24.44 -33.87
C ARG C 214 -55.98 -25.74 -34.63
N THR C 215 -57.17 -25.90 -35.19
CA THR C 215 -57.52 -27.09 -35.94
C THR C 215 -57.58 -26.86 -37.44
N ASN C 216 -57.13 -25.67 -37.88
CA ASN C 216 -56.89 -25.35 -39.29
C ASN C 216 -58.17 -25.46 -40.12
N ARG C 217 -59.28 -25.06 -39.53
CA ARG C 217 -60.57 -25.23 -40.16
C ARG C 217 -61.03 -23.94 -40.80
N LEU C 218 -61.90 -24.06 -41.80
CA LEU C 218 -62.40 -22.89 -42.51
C LEU C 218 -63.91 -22.98 -42.63
N ILE C 219 -64.62 -22.02 -42.05
CA ILE C 219 -66.07 -21.99 -42.09
C ILE C 219 -66.47 -20.84 -43.00
N ILE C 220 -67.03 -21.15 -44.16
CA ILE C 220 -67.39 -20.13 -45.14
C ILE C 220 -68.88 -20.16 -45.36
N LEU C 221 -69.46 -18.96 -45.50
CA LEU C 221 -70.90 -18.75 -45.50
C LEU C 221 -71.20 -17.92 -46.74
N GLY C 222 -71.44 -18.57 -47.89
CA GLY C 222 -71.64 -17.85 -49.11
C GLY C 222 -72.02 -18.69 -50.32
N PRO C 223 -71.63 -18.21 -51.51
CA PRO C 223 -72.09 -18.86 -52.74
C PRO C 223 -71.37 -20.17 -52.97
N PRO C 224 -71.99 -21.11 -53.68
CA PRO C 224 -71.35 -22.42 -53.85
C PRO C 224 -70.19 -22.42 -54.83
N GLN C 225 -70.16 -21.49 -55.79
CA GLN C 225 -69.04 -21.45 -56.72
C GLN C 225 -67.78 -20.87 -56.09
N ALA C 226 -67.92 -19.89 -55.19
CA ALA C 226 -66.76 -19.44 -54.42
C ALA C 226 -66.24 -20.55 -53.52
N ARG C 227 -67.16 -21.35 -52.95
CA ARG C 227 -66.79 -22.56 -52.22
C ARG C 227 -65.97 -23.51 -53.08
N ALA C 228 -66.46 -23.83 -54.27
CA ALA C 228 -65.79 -24.82 -55.11
C ALA C 228 -64.45 -24.32 -55.63
N LYS C 229 -64.42 -23.09 -56.16
CA LYS C 229 -63.20 -22.54 -56.71
C LYS C 229 -62.16 -22.27 -55.62
N LEU C 230 -62.60 -21.98 -54.39
CA LEU C 230 -61.59 -21.73 -53.38
C LEU C 230 -61.23 -22.97 -52.60
N VAL C 231 -62.03 -24.04 -52.67
CA VAL C 231 -61.52 -25.35 -52.29
C VAL C 231 -60.49 -25.84 -53.30
N GLN C 232 -60.68 -25.52 -54.58
CA GLN C 232 -59.63 -25.84 -55.56
C GLN C 232 -58.37 -25.00 -55.35
N LEU C 233 -58.55 -23.72 -55.00
CA LEU C 233 -57.39 -22.89 -54.63
C LEU C 233 -56.79 -23.35 -53.31
N ALA C 234 -57.59 -23.96 -52.44
CA ALA C 234 -57.05 -24.56 -51.23
C ALA C 234 -56.20 -25.78 -51.56
N GLN C 235 -56.67 -26.59 -52.51
CA GLN C 235 -55.95 -27.81 -52.91
C GLN C 235 -54.71 -27.48 -53.71
N SER C 236 -54.69 -26.34 -54.39
CA SER C 236 -53.45 -25.83 -54.96
C SER C 236 -52.65 -25.03 -53.96
N LEU C 237 -53.26 -24.63 -52.85
CA LEU C 237 -52.68 -23.71 -51.89
C LEU C 237 -51.95 -24.44 -50.79
N ASP C 238 -52.40 -25.66 -50.46
CA ASP C 238 -51.70 -26.52 -49.52
C ASP C 238 -50.62 -27.36 -50.20
N THR C 239 -50.16 -26.96 -51.36
CA THR C 239 -49.01 -27.58 -51.97
C THR C 239 -47.77 -26.79 -51.60
N PRO C 240 -46.66 -27.44 -51.28
CA PRO C 240 -45.41 -26.72 -51.05
C PRO C 240 -44.87 -26.11 -52.34
N THR C 241 -44.20 -24.98 -52.20
CA THR C 241 -43.69 -24.19 -53.33
C THR C 241 -42.43 -23.51 -52.79
N ALA C 242 -42.07 -22.33 -53.31
CA ALA C 242 -40.81 -21.63 -53.05
C ALA C 242 -40.59 -21.23 -51.58
N ARG C 243 -39.45 -20.59 -51.32
CA ARG C 243 -38.76 -20.55 -50.01
C ARG C 243 -38.80 -21.91 -49.31
N SER C 244 -38.40 -22.93 -50.07
CA SER C 244 -38.29 -24.29 -49.54
C SER C 244 -37.22 -25.00 -50.35
N ALA C 245 -36.24 -25.59 -49.66
CA ALA C 245 -35.06 -26.23 -50.23
C ALA C 245 -34.31 -25.28 -51.17
N ASN C 246 -33.95 -24.12 -50.65
CA ASN C 246 -33.16 -23.13 -51.36
C ASN C 246 -31.86 -22.84 -50.62
N THR C 247 -31.26 -23.88 -50.04
CA THR C 247 -30.08 -23.79 -49.20
C THR C 247 -28.88 -24.45 -49.88
N ARG C 248 -27.73 -24.33 -49.24
CA ARG C 248 -26.49 -24.75 -49.86
C ARG C 248 -25.44 -24.99 -48.78
N VAL C 249 -24.58 -25.98 -48.99
CA VAL C 249 -23.45 -26.26 -48.10
C VAL C 249 -22.18 -26.29 -48.92
N ILE C 250 -21.17 -25.53 -48.50
CA ILE C 250 -19.94 -25.34 -49.25
C ILE C 250 -18.77 -25.77 -48.38
N ARG C 251 -17.99 -26.72 -48.86
CA ARG C 251 -16.71 -27.01 -48.25
C ARG C 251 -15.69 -25.99 -48.70
N LEU C 252 -14.71 -25.73 -47.85
CA LEU C 252 -13.69 -24.76 -48.18
C LEU C 252 -12.32 -25.40 -48.24
N ARG C 253 -11.49 -24.87 -49.12
CA ARG C 253 -10.11 -25.29 -49.28
C ARG C 253 -9.20 -24.09 -49.14
N HIS C 254 -8.15 -24.26 -48.33
CA HIS C 254 -7.08 -23.30 -48.07
C HIS C 254 -7.56 -22.03 -47.39
N ASN C 255 -8.76 -22.03 -46.81
CA ASN C 255 -9.29 -20.86 -46.13
C ASN C 255 -10.16 -21.31 -44.96
N ASP C 256 -10.17 -20.49 -43.92
CA ASP C 256 -11.06 -20.74 -42.79
C ASP C 256 -12.48 -20.34 -43.16
N ALA C 257 -13.43 -20.87 -42.39
CA ALA C 257 -14.82 -20.62 -42.71
C ALA C 257 -15.32 -19.31 -42.13
N LYS C 258 -14.92 -19.01 -40.90
CA LYS C 258 -15.39 -17.78 -40.26
C LYS C 258 -14.72 -16.55 -40.85
N THR C 259 -13.46 -16.69 -41.25
CA THR C 259 -12.71 -15.58 -41.81
C THR C 259 -13.31 -15.09 -43.12
N LEU C 260 -13.66 -16.02 -44.01
CA LEU C 260 -14.39 -15.62 -45.21
C LEU C 260 -15.84 -15.28 -44.89
N ALA C 261 -16.38 -15.82 -43.80
CA ALA C 261 -17.79 -15.60 -43.50
C ALA C 261 -18.06 -14.17 -43.07
N GLU C 262 -17.11 -13.53 -42.36
CA GLU C 262 -17.30 -12.11 -42.06
C GLU C 262 -17.32 -11.28 -43.33
N THR C 263 -16.45 -11.61 -44.29
CA THR C 263 -16.37 -10.83 -45.52
C THR C 263 -17.59 -11.05 -46.40
N LEU C 264 -18.08 -12.29 -46.49
CA LEU C 264 -19.29 -12.54 -47.25
C LEU C 264 -20.52 -11.94 -46.59
N GLY C 265 -20.57 -11.92 -45.26
CA GLY C 265 -21.66 -11.24 -44.59
C GLY C 265 -21.59 -9.73 -44.75
N GLN C 266 -20.39 -9.18 -44.91
CA GLN C 266 -20.27 -7.75 -45.14
C GLN C 266 -20.46 -7.36 -46.59
N ILE C 267 -20.34 -8.29 -47.55
CA ILE C 267 -20.70 -7.95 -48.92
C ILE C 267 -22.12 -8.35 -49.26
N SER C 268 -22.77 -9.15 -48.44
CA SER C 268 -24.06 -9.69 -48.84
C SER C 268 -25.23 -8.76 -48.58
N GLU C 269 -24.99 -7.54 -48.12
CA GLU C 269 -26.08 -6.56 -48.08
C GLU C 269 -26.47 -6.12 -49.48
N GLY C 270 -25.50 -6.06 -50.40
CA GLY C 270 -25.79 -5.62 -51.75
C GLY C 270 -26.41 -6.67 -52.63
N MET C 271 -26.42 -7.92 -52.19
CA MET C 271 -27.15 -8.96 -52.90
C MET C 271 -28.56 -9.14 -52.39
N LYS C 272 -29.03 -8.26 -51.51
CA LYS C 272 -30.36 -8.38 -50.93
C LYS C 272 -31.39 -7.54 -51.69
N SER C 288 -35.24 -12.42 -51.10
CA SER C 288 -35.33 -11.18 -50.35
C SER C 288 -34.54 -11.29 -49.04
N ASN C 289 -33.93 -12.44 -48.82
CA ASN C 289 -33.14 -12.70 -47.62
C ASN C 289 -31.85 -13.42 -47.99
N ILE C 290 -30.84 -13.25 -47.13
CA ILE C 290 -29.50 -13.73 -47.42
C ILE C 290 -28.78 -14.12 -46.13
N LEU C 291 -28.33 -15.37 -46.04
CA LEU C 291 -27.76 -15.88 -44.79
C LEU C 291 -26.55 -16.76 -45.05
N ILE C 292 -25.38 -16.29 -44.63
CA ILE C 292 -24.14 -17.05 -44.77
C ILE C 292 -23.56 -17.21 -43.39
N ARG C 293 -23.56 -18.43 -42.88
CA ARG C 293 -22.96 -18.68 -41.59
C ARG C 293 -21.88 -19.74 -41.72
N ALA C 294 -21.08 -19.90 -40.68
CA ALA C 294 -19.85 -20.65 -40.81
C ALA C 294 -19.87 -21.90 -39.94
N ASP C 295 -18.82 -22.71 -40.13
CA ASP C 295 -18.55 -23.85 -39.26
C ASP C 295 -17.04 -24.07 -39.29
N GLU C 296 -16.41 -23.91 -38.14
CA GLU C 296 -14.98 -24.09 -38.03
C GLU C 296 -14.58 -25.52 -37.76
N SER C 297 -15.55 -26.42 -37.54
CA SER C 297 -15.20 -27.81 -37.26
C SER C 297 -14.78 -28.52 -38.55
N THR C 298 -15.70 -28.62 -39.50
CA THR C 298 -15.42 -29.16 -40.81
C THR C 298 -15.15 -28.07 -41.84
N ASN C 299 -14.89 -26.84 -41.37
CA ASN C 299 -14.41 -25.72 -42.19
C ASN C 299 -15.38 -25.34 -43.29
N ALA C 300 -16.67 -25.52 -43.04
CA ALA C 300 -17.67 -25.41 -44.08
C ALA C 300 -18.49 -24.15 -43.91
N LEU C 301 -19.33 -23.89 -44.90
CA LEU C 301 -20.02 -22.61 -45.01
C LEU C 301 -21.45 -22.89 -45.43
N VAL C 302 -22.41 -22.43 -44.65
CA VAL C 302 -23.81 -22.70 -44.94
C VAL C 302 -24.43 -21.45 -45.56
N LEU C 303 -24.93 -21.63 -46.77
CA LEU C 303 -25.54 -20.57 -47.57
C LEU C 303 -27.04 -20.76 -47.57
N LEU C 304 -27.75 -19.63 -47.53
CA LEU C 304 -29.19 -19.63 -47.73
C LEU C 304 -29.53 -18.41 -48.55
N ALA C 305 -29.93 -18.63 -49.81
CA ALA C 305 -30.12 -17.55 -50.76
C ALA C 305 -30.91 -18.08 -51.95
N ASP C 306 -31.40 -17.12 -52.74
CA ASP C 306 -32.02 -17.44 -54.02
C ASP C 306 -30.95 -17.90 -55.00
N PRO C 307 -31.30 -18.75 -55.98
CA PRO C 307 -30.27 -19.42 -56.80
C PRO C 307 -29.38 -18.50 -57.63
N ASP C 308 -29.83 -17.30 -57.99
CA ASP C 308 -28.92 -16.33 -58.59
C ASP C 308 -27.87 -15.88 -57.59
N THR C 309 -28.29 -15.59 -56.37
CA THR C 309 -27.36 -15.21 -55.32
C THR C 309 -26.47 -16.39 -54.93
N VAL C 310 -26.99 -17.61 -55.04
CA VAL C 310 -26.19 -18.80 -54.80
C VAL C 310 -25.09 -18.92 -55.85
N ASN C 311 -25.41 -18.67 -57.11
CA ASN C 311 -24.39 -18.73 -58.15
C ASN C 311 -23.37 -17.60 -58.03
N ALA C 312 -23.81 -16.42 -57.60
CA ALA C 312 -22.87 -15.32 -57.39
C ALA C 312 -21.92 -15.61 -56.24
N LEU C 313 -22.43 -16.18 -55.15
CA LEU C 313 -21.54 -16.51 -54.04
C LEU C 313 -20.66 -17.71 -54.37
N GLU C 314 -21.10 -18.59 -55.26
CA GLU C 314 -20.21 -19.62 -55.76
C GLU C 314 -19.10 -19.02 -56.62
N ASP C 315 -19.39 -17.97 -57.36
CA ASP C 315 -18.35 -17.28 -58.11
C ASP C 315 -17.37 -16.57 -57.19
N ILE C 316 -17.84 -16.08 -56.04
CA ILE C 316 -16.91 -15.52 -55.05
C ILE C 316 -16.04 -16.62 -54.48
N VAL C 317 -16.63 -17.76 -54.13
CA VAL C 317 -15.91 -18.79 -53.40
C VAL C 317 -14.90 -19.49 -54.30
N ARG C 318 -15.27 -19.74 -55.56
CA ARG C 318 -14.34 -20.40 -56.48
C ARG C 318 -13.15 -19.53 -56.87
N GLN C 319 -13.16 -18.24 -56.56
CA GLN C 319 -12.03 -17.38 -56.83
C GLN C 319 -11.34 -16.90 -55.56
N LEU C 320 -11.68 -17.49 -54.42
CA LEU C 320 -11.01 -17.18 -53.16
C LEU C 320 -10.41 -18.40 -52.50
N ASP C 321 -10.55 -19.58 -53.07
CA ASP C 321 -10.02 -20.82 -52.52
C ASP C 321 -9.00 -21.36 -53.50
N VAL C 322 -7.76 -20.91 -53.37
CA VAL C 322 -6.70 -21.38 -54.25
C VAL C 322 -5.59 -21.98 -53.41
N PRO C 323 -4.86 -22.95 -53.94
CA PRO C 323 -3.61 -23.36 -53.30
C PRO C 323 -2.58 -22.25 -53.42
N ARG C 324 -2.01 -21.88 -52.28
CA ARG C 324 -1.03 -20.82 -52.27
C ARG C 324 0.33 -21.35 -52.74
N ALA C 325 1.33 -20.48 -52.76
CA ALA C 325 2.61 -20.82 -53.36
C ALA C 325 3.69 -20.92 -52.30
N GLN C 326 4.70 -21.73 -52.61
CA GLN C 326 5.80 -21.98 -51.70
C GLN C 326 7.10 -21.40 -52.23
N VAL C 327 7.97 -21.05 -51.30
CA VAL C 327 9.30 -20.56 -51.63
C VAL C 327 10.30 -21.44 -50.90
N LEU C 328 11.32 -21.89 -51.62
CA LEU C 328 12.51 -22.40 -50.98
C LEU C 328 13.57 -21.30 -51.03
N VAL C 329 13.98 -20.84 -49.86
CA VAL C 329 14.95 -19.77 -49.71
C VAL C 329 16.27 -20.40 -49.31
N GLU C 330 17.33 -20.11 -50.07
CA GLU C 330 18.68 -20.54 -49.75
C GLU C 330 19.49 -19.28 -49.50
N ALA C 331 19.72 -18.94 -48.25
CA ALA C 331 20.65 -17.86 -47.97
C ALA C 331 22.04 -18.45 -47.79
N ALA C 332 23.05 -17.69 -48.20
CA ALA C 332 24.41 -18.20 -48.16
C ALA C 332 25.32 -17.10 -47.65
N ILE C 333 26.31 -17.47 -46.86
CA ILE C 333 27.19 -16.50 -46.23
C ILE C 333 28.61 -16.94 -46.48
N VAL C 334 29.41 -16.08 -47.10
CA VAL C 334 30.81 -16.37 -47.31
C VAL C 334 31.61 -15.34 -46.53
N GLU C 335 32.62 -15.81 -45.81
CA GLU C 335 33.55 -14.93 -45.12
C GLU C 335 34.96 -15.41 -45.36
N ILE C 336 35.83 -14.53 -45.82
CA ILE C 336 37.25 -14.81 -45.86
C ILE C 336 37.92 -13.85 -44.92
N SER C 337 38.50 -14.37 -43.86
CA SER C 337 39.21 -13.52 -42.94
C SER C 337 40.69 -13.83 -42.98
N GLY C 338 41.49 -12.89 -42.53
CA GLY C 338 42.91 -13.13 -42.44
C GLY C 338 43.62 -12.01 -41.73
N ASP C 339 44.72 -12.31 -41.08
CA ASP C 339 45.57 -11.28 -40.52
C ASP C 339 46.99 -11.78 -40.41
N ILE C 340 47.91 -10.83 -40.33
CA ILE C 340 49.33 -11.12 -40.24
C ILE C 340 49.99 -10.10 -39.35
N GLN C 341 50.58 -10.56 -38.26
CA GLN C 341 51.44 -9.70 -37.46
C GLN C 341 52.87 -9.85 -37.93
N ASP C 342 53.73 -8.94 -37.47
CA ASP C 342 55.15 -9.02 -37.74
C ASP C 342 55.84 -8.19 -36.66
N ALA C 343 56.41 -8.86 -35.66
CA ALA C 343 57.02 -8.17 -34.54
C ALA C 343 58.51 -8.49 -34.52
N VAL C 344 59.35 -7.46 -34.49
CA VAL C 344 60.79 -7.69 -34.54
C VAL C 344 61.51 -6.54 -33.83
N GLY C 345 62.45 -6.89 -32.95
CA GLY C 345 63.17 -5.87 -32.21
C GLY C 345 64.56 -6.28 -31.75
N VAL C 346 65.50 -5.35 -31.87
CA VAL C 346 66.88 -5.55 -31.44
C VAL C 346 67.08 -4.74 -30.16
N GLN C 347 67.68 -5.36 -29.16
CA GLN C 347 67.89 -4.72 -27.87
C GLN C 347 69.37 -4.82 -27.50
N TRP C 348 69.95 -3.71 -27.04
CA TRP C 348 71.38 -3.63 -26.75
C TRP C 348 71.61 -3.38 -25.27
N ALA C 349 72.50 -4.16 -24.67
CA ALA C 349 72.73 -4.22 -23.23
C ALA C 349 74.21 -4.05 -22.93
N ILE C 350 74.79 -2.96 -23.42
CA ILE C 350 76.20 -2.67 -23.20
C ILE C 350 76.36 -2.11 -21.80
N ASN C 351 76.66 -2.94 -20.82
CA ASN C 351 76.88 -2.44 -19.45
C ASN C 351 78.38 -2.24 -19.18
N LYS C 352 78.99 -1.42 -20.03
CA LYS C 352 80.42 -1.12 -19.92
C LYS C 352 80.60 -0.11 -18.79
N GLY C 353 80.83 -0.63 -17.58
CA GLY C 353 81.25 0.19 -16.46
C GLY C 353 80.23 1.13 -15.87
N GLY C 354 80.55 1.67 -14.70
CA GLY C 354 79.74 2.70 -14.07
C GLY C 354 78.44 2.22 -13.45
N MET C 355 77.95 2.96 -12.45
CA MET C 355 76.61 2.69 -11.95
C MET C 355 75.59 3.11 -13.00
N GLY C 356 74.69 2.18 -13.33
CA GLY C 356 73.81 2.35 -14.45
C GLY C 356 73.92 1.17 -15.40
N GLY C 357 74.45 1.40 -16.59
CA GLY C 357 74.53 0.37 -17.60
C GLY C 357 73.73 0.78 -18.82
N THR C 358 74.40 0.92 -19.96
CA THR C 358 73.85 1.63 -21.11
C THR C 358 72.90 0.73 -21.91
N LYS C 359 71.87 0.24 -21.24
CA LYS C 359 70.96 -0.73 -21.83
C LYS C 359 69.81 -0.05 -22.54
N THR C 360 69.45 -0.59 -23.70
CA THR C 360 68.40 0.00 -24.53
C THR C 360 67.11 -0.80 -24.33
N ASN C 361 66.43 -0.50 -23.24
CA ASN C 361 65.19 -1.18 -22.89
C ASN C 361 64.06 -0.75 -23.82
N PHE C 362 63.56 -1.69 -24.61
CA PHE C 362 62.37 -1.49 -25.43
C PHE C 362 61.29 -2.44 -24.92
N ALA C 363 60.32 -1.90 -24.19
CA ALA C 363 59.20 -2.70 -23.69
C ALA C 363 58.10 -2.71 -24.75
N ASN C 364 58.44 -3.28 -25.90
CA ASN C 364 57.51 -3.40 -27.02
C ASN C 364 57.14 -4.85 -27.27
N THR C 365 58.12 -5.71 -27.50
CA THR C 365 57.89 -7.08 -27.91
C THR C 365 58.34 -7.99 -26.79
N GLY C 366 57.39 -8.34 -25.91
CA GLY C 366 57.58 -9.40 -24.94
C GLY C 366 58.63 -9.10 -23.90
N LEU C 367 59.78 -9.76 -24.03
CA LEU C 367 60.87 -9.60 -23.10
C LEU C 367 61.51 -8.22 -23.23
N SER C 368 62.42 -7.95 -22.30
CA SER C 368 63.13 -6.69 -22.26
C SER C 368 64.44 -6.92 -21.53
N ILE C 369 65.33 -5.93 -21.62
CA ILE C 369 66.63 -6.07 -20.98
C ILE C 369 66.51 -5.93 -19.47
N GLY C 370 65.57 -5.11 -19.00
CA GLY C 370 65.37 -4.98 -17.56
C GLY C 370 64.90 -6.27 -16.94
N THR C 371 63.91 -6.91 -17.56
CA THR C 371 63.54 -8.23 -17.10
C THR C 371 64.55 -9.29 -17.52
N LEU C 372 65.51 -8.97 -18.38
CA LEU C 372 66.59 -9.94 -18.65
C LEU C 372 67.63 -9.92 -17.53
N LEU C 373 67.98 -8.74 -17.04
CA LEU C 373 68.88 -8.67 -15.89
C LEU C 373 68.17 -9.08 -14.61
N GLN C 374 66.85 -8.98 -14.56
CA GLN C 374 66.12 -9.71 -13.52
C GLN C 374 65.99 -11.19 -13.85
N SER C 375 66.14 -11.57 -15.13
CA SER C 375 66.08 -12.98 -15.46
C SER C 375 67.38 -13.67 -15.14
N LEU C 376 68.46 -12.91 -14.97
CA LEU C 376 69.66 -13.45 -14.33
C LEU C 376 69.34 -13.95 -12.93
N GLU C 377 68.61 -13.16 -12.15
CA GLU C 377 68.14 -13.62 -10.86
C GLU C 377 67.02 -14.64 -10.97
N SER C 378 66.35 -14.72 -12.13
CA SER C 378 65.41 -15.82 -12.34
C SER C 378 66.18 -17.12 -12.56
N ASN C 379 67.22 -17.06 -13.39
CA ASN C 379 68.14 -18.17 -13.60
C ASN C 379 68.82 -18.57 -12.30
N LYS C 380 68.94 -17.63 -11.35
CA LYS C 380 69.29 -18.04 -10.00
C LYS C 380 68.21 -18.93 -9.38
N ALA C 381 67.07 -18.37 -8.91
CA ALA C 381 66.08 -19.31 -8.37
C ALA C 381 64.91 -19.72 -9.30
N PRO C 382 63.99 -18.79 -9.81
CA PRO C 382 62.79 -19.32 -10.50
C PRO C 382 62.87 -19.68 -11.99
N GLU C 383 63.66 -18.96 -12.80
CA GLU C 383 63.78 -19.15 -14.27
C GLU C 383 62.43 -19.01 -14.97
N SER C 384 61.92 -17.78 -14.97
CA SER C 384 60.53 -17.52 -15.31
C SER C 384 60.36 -16.60 -16.51
N ILE C 385 59.13 -16.61 -17.03
CA ILE C 385 58.54 -15.68 -18.00
C ILE C 385 59.34 -15.52 -19.30
N PRO C 386 59.21 -16.43 -20.26
CA PRO C 386 59.66 -16.15 -21.63
C PRO C 386 58.53 -15.61 -22.49
N ASP C 387 58.92 -15.07 -23.65
CA ASP C 387 57.97 -14.63 -24.67
C ASP C 387 58.70 -14.45 -26.00
N GLY C 388 58.13 -14.98 -27.08
CA GLY C 388 58.60 -14.71 -28.42
C GLY C 388 59.85 -15.49 -28.81
N ALA C 389 60.11 -15.51 -30.12
CA ALA C 389 61.28 -16.22 -30.65
C ALA C 389 62.51 -15.37 -30.39
N ILE C 390 63.29 -15.72 -29.38
CA ILE C 390 64.36 -14.89 -28.88
C ILE C 390 65.71 -15.47 -29.28
N VAL C 391 66.68 -14.59 -29.46
CA VAL C 391 68.05 -14.94 -29.84
C VAL C 391 68.97 -14.04 -29.02
N GLY C 392 69.71 -14.61 -28.08
CA GLY C 392 70.55 -13.79 -27.23
C GLY C 392 72.05 -13.90 -27.48
N ILE C 393 72.63 -12.91 -28.15
CA ILE C 393 74.07 -12.88 -28.39
C ILE C 393 74.68 -12.03 -27.29
N GLY C 394 75.37 -12.64 -26.35
CA GLY C 394 75.93 -11.87 -25.26
C GLY C 394 77.23 -12.46 -24.78
N SER C 395 78.12 -11.59 -24.30
CA SER C 395 79.22 -12.02 -23.46
C SER C 395 78.84 -11.90 -21.98
N SER C 396 77.63 -12.36 -21.68
CA SER C 396 77.01 -12.58 -20.36
C SER C 396 76.72 -11.30 -19.59
N SER C 397 77.28 -10.18 -19.99
CA SER C 397 76.90 -8.85 -19.55
C SER C 397 76.76 -7.88 -20.71
N PHE C 398 77.68 -7.96 -21.67
CA PHE C 398 77.61 -7.21 -22.92
C PHE C 398 76.61 -7.95 -23.79
N GLY C 399 75.37 -7.49 -23.81
CA GLY C 399 74.33 -8.29 -24.42
C GLY C 399 73.64 -7.70 -25.64
N ALA C 400 72.97 -8.55 -26.40
CA ALA C 400 72.17 -8.11 -27.54
C ALA C 400 71.10 -9.15 -27.78
N LEU C 401 69.85 -8.79 -27.50
CA LEU C 401 68.74 -9.72 -27.60
C LEU C 401 67.87 -9.35 -28.79
N VAL C 402 67.67 -10.29 -29.70
CA VAL C 402 66.82 -10.09 -30.87
C VAL C 402 65.56 -10.92 -30.66
N THR C 403 64.42 -10.26 -30.65
CA THR C 403 63.15 -10.93 -30.40
C THR C 403 62.26 -10.77 -31.63
N ALA C 404 61.70 -11.88 -32.11
CA ALA C 404 60.91 -11.84 -33.33
C ALA C 404 59.79 -12.86 -33.26
N LEU C 405 58.68 -12.52 -33.92
CA LEU C 405 57.52 -13.38 -34.12
C LEU C 405 56.80 -12.95 -35.38
N SER C 406 56.13 -13.89 -36.02
CA SER C 406 55.30 -13.59 -37.19
C SER C 406 54.07 -14.52 -37.19
N ALA C 407 53.00 -14.07 -36.57
CA ALA C 407 51.75 -14.80 -36.68
C ALA C 407 51.13 -14.55 -38.03
N ASN C 408 50.35 -15.53 -38.49
CA ASN C 408 49.75 -15.45 -39.82
C ASN C 408 48.55 -16.39 -39.80
N THR C 409 47.36 -15.84 -39.60
CA THR C 409 46.17 -16.67 -39.53
C THR C 409 45.26 -16.35 -40.69
N LYS C 410 44.63 -17.37 -41.24
CA LYS C 410 43.64 -17.20 -42.28
C LYS C 410 42.40 -17.96 -41.86
N SER C 411 41.29 -17.69 -42.53
CA SER C 411 40.04 -18.33 -42.16
C SER C 411 39.06 -18.20 -43.31
N ASN C 412 38.18 -19.17 -43.45
CA ASN C 412 37.26 -19.17 -44.57
C ASN C 412 35.98 -19.88 -44.13
N LEU C 413 34.97 -19.11 -43.81
CA LEU C 413 33.68 -19.63 -43.40
C LEU C 413 32.69 -19.59 -44.54
N LEU C 414 31.74 -20.52 -44.48
CA LEU C 414 30.66 -20.62 -45.44
C LEU C 414 29.46 -21.19 -44.71
N SER C 415 28.28 -20.73 -45.07
CA SER C 415 27.08 -21.28 -44.48
C SER C 415 25.96 -21.20 -45.48
N THR C 416 25.08 -22.19 -45.49
CA THR C 416 23.94 -22.18 -46.39
C THR C 416 22.71 -22.74 -45.68
N PRO C 417 22.01 -21.92 -44.91
CA PRO C 417 20.68 -22.32 -44.47
C PRO C 417 19.69 -22.19 -45.60
N SER C 418 18.64 -22.98 -45.52
CA SER C 418 17.66 -23.05 -46.59
C SER C 418 16.38 -23.67 -46.05
N LEU C 419 15.24 -23.05 -46.33
CA LEU C 419 13.98 -23.57 -45.84
C LEU C 419 12.86 -23.37 -46.84
N LEU C 420 11.82 -24.18 -46.69
CA LEU C 420 10.60 -24.08 -47.48
C LEU C 420 9.55 -23.38 -46.65
N THR C 421 8.72 -22.57 -47.31
CA THR C 421 7.68 -21.85 -46.61
C THR C 421 6.55 -21.50 -47.56
N LEU C 422 5.42 -21.13 -46.97
CA LEU C 422 4.39 -20.40 -47.69
C LEU C 422 4.64 -18.91 -47.56
N ASP C 423 3.81 -18.12 -48.22
CA ASP C 423 3.85 -16.69 -47.99
C ASP C 423 3.22 -16.36 -46.65
N ASN C 424 3.68 -15.25 -46.06
CA ASN C 424 3.14 -14.68 -44.83
C ASN C 424 3.22 -15.63 -43.66
N GLN C 425 4.23 -16.50 -43.66
CA GLN C 425 4.39 -17.54 -42.65
C GLN C 425 5.83 -17.51 -42.17
N LYS C 426 6.02 -17.10 -40.92
CA LYS C 426 7.33 -16.87 -40.36
C LYS C 426 8.07 -18.19 -40.18
N ALA C 427 8.87 -18.58 -41.15
CA ALA C 427 9.70 -19.76 -40.98
C ALA C 427 10.90 -19.42 -40.13
N GLU C 428 11.71 -20.42 -39.82
CA GLU C 428 12.86 -20.25 -38.94
C GLU C 428 13.73 -21.48 -39.04
N ILE C 429 15.03 -21.30 -39.07
CA ILE C 429 15.95 -22.37 -38.75
C ILE C 429 16.88 -21.82 -37.71
N LEU C 430 17.19 -22.63 -36.71
CA LEU C 430 18.13 -22.24 -35.68
C LEU C 430 19.02 -23.43 -35.41
N VAL C 431 20.31 -23.30 -35.62
CA VAL C 431 21.22 -24.41 -35.40
C VAL C 431 22.31 -23.94 -34.45
N GLY C 432 22.54 -24.68 -33.39
CA GLY C 432 23.57 -24.37 -32.42
C GLY C 432 22.97 -24.01 -31.07
N GLN C 433 23.86 -23.77 -30.13
CA GLN C 433 23.61 -23.90 -28.70
C GLN C 433 22.60 -22.88 -28.18
N ASN C 434 22.15 -23.12 -26.94
CA ASN C 434 21.26 -22.23 -26.21
C ASN C 434 21.90 -21.98 -24.86
N VAL C 435 22.19 -20.72 -24.55
CA VAL C 435 23.04 -20.37 -23.42
C VAL C 435 22.24 -19.52 -22.45
N PRO C 436 22.66 -19.46 -21.19
CA PRO C 436 22.12 -18.47 -20.28
C PRO C 436 22.89 -17.15 -20.37
N PHE C 437 22.25 -16.11 -19.89
CA PHE C 437 22.94 -14.83 -19.77
C PHE C 437 22.34 -14.12 -18.58
N GLN C 438 23.17 -13.42 -17.83
CA GLN C 438 22.67 -12.71 -16.66
C GLN C 438 21.91 -11.48 -17.10
N THR C 439 20.77 -11.25 -16.47
CA THR C 439 20.10 -9.96 -16.51
C THR C 439 20.14 -9.33 -15.11
N GLY C 440 21.13 -9.73 -14.32
CA GLY C 440 21.24 -9.27 -12.96
C GLY C 440 22.19 -10.09 -12.13
N THR C 454 21.71 -12.25 -9.79
CA THR C 454 21.50 -13.31 -10.78
C THR C 454 20.03 -13.50 -11.07
N THR C 455 19.60 -13.07 -12.24
CA THR C 455 18.24 -13.33 -12.74
C THR C 455 18.30 -13.74 -14.21
N VAL C 456 19.11 -14.76 -14.49
CA VAL C 456 19.55 -15.17 -15.83
C VAL C 456 18.41 -15.60 -16.75
N GLU C 457 18.73 -15.78 -18.02
CA GLU C 457 17.72 -15.94 -19.05
C GLU C 457 18.33 -16.75 -20.20
N ARG C 458 17.48 -17.45 -20.93
CA ARG C 458 17.92 -18.33 -22.00
C ARG C 458 17.89 -17.61 -23.35
N LYS C 459 18.85 -17.95 -24.21
CA LYS C 459 19.08 -17.18 -25.42
C LYS C 459 19.87 -18.01 -26.42
N ASP C 460 19.47 -17.95 -27.68
CA ASP C 460 19.95 -18.87 -28.70
C ASP C 460 21.17 -18.33 -29.46
N ILE C 461 22.12 -19.22 -29.71
CA ILE C 461 23.43 -18.89 -30.27
C ILE C 461 23.74 -19.87 -31.38
N GLY C 462 23.95 -19.37 -32.59
CA GLY C 462 24.29 -20.23 -33.71
C GLY C 462 23.63 -19.73 -34.96
N VAL C 463 23.80 -20.45 -36.07
CA VAL C 463 23.32 -20.01 -37.37
C VAL C 463 21.81 -19.90 -37.34
N SER C 464 21.26 -18.86 -37.96
CA SER C 464 19.83 -18.69 -37.85
C SER C 464 19.28 -17.97 -39.05
N LEU C 465 18.03 -18.23 -39.35
CA LEU C 465 17.42 -17.62 -40.51
C LEU C 465 15.94 -17.46 -40.26
N LYS C 466 15.37 -16.30 -40.58
CA LYS C 466 13.94 -16.09 -40.46
C LYS C 466 13.45 -15.39 -41.72
N VAL C 467 12.72 -16.09 -42.56
CA VAL C 467 12.22 -15.55 -43.81
C VAL C 467 10.75 -15.25 -43.63
N THR C 468 10.26 -14.19 -44.25
CA THR C 468 8.82 -14.05 -44.48
C THR C 468 8.58 -13.58 -45.90
N PRO C 469 8.05 -14.41 -46.78
CA PRO C 469 7.81 -13.99 -48.16
C PRO C 469 6.49 -13.26 -48.34
N HIS C 470 6.32 -12.75 -49.55
CA HIS C 470 5.05 -12.23 -50.03
C HIS C 470 5.06 -12.43 -51.54
N ILE C 471 4.11 -13.21 -52.04
CA ILE C 471 4.26 -13.87 -53.33
C ILE C 471 3.24 -13.36 -54.31
N ASN C 472 3.73 -12.76 -55.38
CA ASN C 472 2.90 -12.36 -56.50
C ASN C 472 2.62 -13.60 -57.35
N ASP C 473 1.51 -13.54 -58.09
CA ASP C 473 1.23 -14.59 -59.06
C ASP C 473 2.14 -14.39 -60.27
N GLY C 474 3.39 -14.82 -60.11
CA GLY C 474 4.38 -14.66 -61.16
C GLY C 474 5.77 -14.38 -60.63
N ALA C 475 6.45 -13.40 -61.22
CA ALA C 475 7.82 -13.09 -60.87
C ALA C 475 7.85 -12.16 -59.66
N ALA C 476 9.07 -11.79 -59.24
CA ALA C 476 9.35 -10.69 -58.32
C ALA C 476 8.67 -10.88 -56.96
N LEU C 477 9.16 -11.87 -56.23
CA LEU C 477 8.73 -12.09 -54.86
C LEU C 477 9.31 -11.04 -53.93
N ARG C 478 8.63 -10.81 -52.80
CA ARG C 478 9.16 -9.96 -51.75
C ARG C 478 9.65 -10.84 -50.60
N LEU C 479 10.78 -10.49 -50.01
CA LEU C 479 11.30 -11.23 -48.87
C LEU C 479 11.60 -10.29 -47.74
N GLU C 480 11.31 -10.74 -46.53
CA GLU C 480 11.67 -10.00 -45.32
C GLU C 480 12.63 -10.92 -44.59
N ILE C 481 13.90 -10.67 -44.73
CA ILE C 481 14.94 -11.58 -44.25
C ILE C 481 15.39 -11.08 -42.91
N GLU C 482 15.60 -11.98 -41.97
CA GLU C 482 16.33 -11.65 -40.76
C GLU C 482 17.30 -12.80 -40.57
N GLN C 483 18.48 -12.67 -41.11
CA GLN C 483 19.44 -13.74 -41.07
C GLN C 483 20.49 -13.36 -40.04
N GLU C 484 21.04 -14.34 -39.35
CA GLU C 484 22.18 -14.00 -38.50
C GLU C 484 23.09 -15.19 -38.35
N ILE C 485 24.31 -14.92 -37.96
CA ILE C 485 25.26 -15.92 -37.54
C ILE C 485 25.88 -15.45 -36.25
N SER C 486 25.66 -16.18 -35.19
CA SER C 486 26.28 -15.90 -33.92
C SER C 486 27.56 -16.70 -33.81
N ALA C 487 28.14 -16.74 -32.62
CA ALA C 487 29.22 -17.63 -32.21
C ALA C 487 29.34 -17.52 -30.70
N LEU C 488 30.39 -18.11 -30.14
CA LEU C 488 30.66 -18.00 -28.72
C LEU C 488 32.17 -18.04 -28.58
N LEU C 489 32.71 -17.24 -27.66
CA LEU C 489 34.13 -16.95 -27.69
C LEU C 489 34.83 -17.45 -26.43
N PRO C 490 35.81 -18.34 -26.55
CA PRO C 490 36.55 -18.80 -25.35
C PRO C 490 37.85 -18.05 -25.12
N ASN C 491 38.28 -17.27 -26.12
CA ASN C 491 39.63 -16.71 -26.10
C ASN C 491 39.70 -15.45 -25.25
N ALA C 492 39.02 -14.39 -25.71
CA ALA C 492 39.14 -13.06 -25.11
C ALA C 492 38.04 -12.94 -24.05
N GLN C 493 38.35 -13.44 -22.87
CA GLN C 493 37.43 -13.36 -21.75
C GLN C 493 37.93 -12.33 -20.75
N GLN C 494 37.02 -11.46 -20.35
CA GLN C 494 37.29 -10.39 -19.40
C GLN C 494 37.05 -10.90 -17.98
N ARG C 495 36.89 -9.99 -17.05
CA ARG C 495 36.57 -10.23 -15.64
C ARG C 495 35.05 -10.46 -15.44
N ASN C 496 34.34 -10.87 -16.49
CA ASN C 496 32.88 -10.93 -16.47
C ASN C 496 32.45 -12.23 -17.13
N ASN C 497 31.17 -12.29 -17.52
CA ASN C 497 30.56 -13.53 -17.97
C ASN C 497 30.93 -13.89 -19.40
N THR C 498 30.15 -14.79 -19.98
CA THR C 498 30.34 -15.25 -21.36
C THR C 498 30.24 -14.09 -22.32
N ASP C 499 31.31 -13.86 -23.07
CA ASP C 499 31.37 -12.80 -24.07
C ASP C 499 30.75 -13.32 -25.36
N LEU C 500 29.43 -13.46 -25.32
CA LEU C 500 28.69 -14.20 -26.34
C LEU C 500 28.65 -13.38 -27.62
N ILE C 501 29.29 -13.87 -28.68
CA ILE C 501 29.17 -13.16 -29.94
C ILE C 501 27.81 -13.53 -30.48
N THR C 502 26.77 -12.79 -30.05
CA THR C 502 25.39 -13.16 -30.33
C THR C 502 24.96 -12.64 -31.70
N SER C 503 25.60 -11.57 -32.17
CA SER C 503 25.65 -11.29 -33.58
C SER C 503 27.11 -11.29 -33.96
N LYS C 504 27.44 -12.04 -34.99
CA LYS C 504 28.65 -11.78 -35.76
C LYS C 504 28.32 -11.34 -37.15
N ARG C 505 27.25 -11.84 -37.70
CA ARG C 505 26.60 -11.16 -38.79
C ARG C 505 25.15 -11.08 -38.44
N SER C 506 24.50 -9.98 -38.73
CA SER C 506 23.10 -9.93 -38.39
C SER C 506 22.42 -8.98 -39.36
N ILE C 507 22.01 -9.49 -40.49
CA ILE C 507 21.42 -8.63 -41.49
C ILE C 507 19.92 -8.80 -41.46
N LYS C 508 19.22 -7.70 -41.18
CA LYS C 508 17.78 -7.73 -40.97
C LYS C 508 17.17 -6.85 -42.03
N SER C 509 17.00 -7.38 -43.22
CA SER C 509 16.68 -6.50 -44.33
C SER C 509 15.35 -6.89 -44.94
N THR C 510 15.00 -6.20 -46.02
CA THR C 510 13.73 -6.46 -46.69
C THR C 510 13.98 -6.23 -48.19
N ILE C 511 14.09 -7.32 -48.94
CA ILE C 511 14.48 -7.17 -50.33
C ILE C 511 13.36 -7.67 -51.24
N LEU C 512 13.56 -7.58 -52.54
CA LEU C 512 12.54 -7.98 -53.51
C LEU C 512 13.27 -8.62 -54.68
N ALA C 513 13.16 -9.94 -54.80
CA ALA C 513 14.02 -10.70 -55.69
C ALA C 513 13.23 -11.36 -56.81
N GLU C 514 13.98 -11.99 -57.70
CA GLU C 514 13.47 -12.70 -58.86
C GLU C 514 13.78 -14.18 -58.70
N ASN C 515 12.83 -15.04 -59.06
CA ASN C 515 12.73 -16.43 -58.62
C ASN C 515 13.82 -17.36 -59.17
N GLY C 516 14.88 -16.94 -59.83
CA GLY C 516 15.95 -17.87 -60.14
C GLY C 516 17.28 -17.16 -60.03
N GLN C 517 17.27 -15.96 -59.47
CA GLN C 517 18.40 -15.05 -59.56
C GLN C 517 19.17 -15.07 -58.26
N VAL C 518 20.40 -15.56 -58.31
CA VAL C 518 21.32 -15.47 -57.18
C VAL C 518 21.70 -14.00 -57.03
N ILE C 519 21.24 -13.37 -55.96
CA ILE C 519 21.51 -11.96 -55.74
C ILE C 519 22.36 -11.80 -54.49
N VAL C 520 22.81 -10.57 -54.25
CA VAL C 520 23.64 -10.23 -53.12
C VAL C 520 22.85 -9.34 -52.19
N ILE C 521 22.76 -9.72 -50.92
CA ILE C 521 22.03 -8.90 -49.99
C ILE C 521 22.97 -7.97 -49.25
N GLY C 522 24.09 -8.47 -48.77
CA GLY C 522 24.88 -7.63 -47.90
C GLY C 522 26.36 -7.92 -47.97
N GLY C 523 27.14 -7.04 -47.37
CA GLY C 523 28.57 -7.26 -47.43
C GLY C 523 29.33 -6.41 -46.44
N LEU C 524 30.61 -6.75 -46.33
CA LEU C 524 31.55 -6.01 -45.49
C LEU C 524 32.94 -6.29 -46.00
N ILE C 525 33.68 -5.24 -46.34
CA ILE C 525 35.08 -5.37 -46.71
C ILE C 525 35.86 -4.50 -45.76
N GLN C 526 36.60 -5.12 -44.86
CA GLN C 526 37.30 -4.40 -43.81
C GLN C 526 38.79 -4.65 -43.93
N ASP C 527 39.52 -3.59 -44.24
CA ASP C 527 40.96 -3.67 -44.44
C ASP C 527 41.64 -2.84 -43.36
N ASP C 528 42.84 -3.27 -43.00
CA ASP C 528 43.54 -2.63 -41.90
C ASP C 528 45.02 -2.88 -42.06
N VAL C 529 45.80 -1.87 -41.70
CA VAL C 529 47.24 -1.97 -41.62
C VAL C 529 47.71 -1.01 -40.53
N SER C 530 48.48 -1.52 -39.58
CA SER C 530 48.90 -0.75 -38.44
C SER C 530 50.36 -1.07 -38.17
N GLN C 531 51.09 -0.10 -37.65
CA GLN C 531 52.52 -0.30 -37.43
C GLN C 531 53.06 0.66 -36.39
N ALA C 532 53.61 0.11 -35.32
CA ALA C 532 54.22 0.89 -34.26
C ALA C 532 55.72 0.67 -34.27
N GLU C 533 56.46 1.71 -33.89
CA GLU C 533 57.90 1.60 -33.74
C GLU C 533 58.30 2.12 -32.36
N SER C 534 59.53 1.81 -31.99
CA SER C 534 60.13 2.39 -30.80
C SER C 534 61.64 2.33 -30.99
N LYS C 535 62.29 3.48 -31.03
CA LYS C 535 63.72 3.49 -31.34
C LYS C 535 64.42 4.54 -30.51
N VAL C 536 65.74 4.42 -30.43
CA VAL C 536 66.56 5.56 -30.00
C VAL C 536 66.50 6.62 -31.09
N PRO C 537 66.18 7.88 -30.76
CA PRO C 537 65.82 8.87 -31.80
C PRO C 537 66.94 9.29 -32.72
N LEU C 538 68.19 9.01 -32.40
CA LEU C 538 69.28 9.33 -33.32
C LEU C 538 69.66 8.16 -34.21
N LEU C 539 69.60 6.93 -33.69
CA LEU C 539 70.25 5.80 -34.32
C LEU C 539 69.31 4.96 -35.18
N GLY C 540 68.02 4.97 -34.90
CA GLY C 540 67.10 4.22 -35.74
C GLY C 540 66.91 4.80 -37.12
N ASP C 541 67.25 6.07 -37.31
CA ASP C 541 66.99 6.75 -38.57
C ASP C 541 67.95 6.33 -39.67
N ILE C 542 69.16 5.90 -39.31
CA ILE C 542 70.22 5.62 -40.27
C ILE C 542 69.87 4.36 -41.06
N PRO C 543 69.67 4.44 -42.38
CA PRO C 543 69.18 3.26 -43.11
C PRO C 543 70.27 2.29 -43.51
N LEU C 544 71.16 2.02 -42.58
CA LEU C 544 72.16 0.97 -42.65
C LEU C 544 72.20 0.15 -41.37
N LEU C 545 71.99 0.80 -40.22
CA LEU C 545 71.94 0.13 -38.93
C LEU C 545 70.62 0.40 -38.22
N GLY C 546 69.63 0.94 -38.93
CA GLY C 546 68.36 1.28 -38.31
C GLY C 546 67.57 0.09 -37.83
N ARG C 547 67.82 -1.08 -38.41
CA ARG C 547 67.21 -2.29 -37.89
C ARG C 547 67.78 -2.66 -36.53
N LEU C 548 69.04 -2.34 -36.29
CA LEU C 548 69.71 -2.76 -35.06
C LEU C 548 69.36 -1.94 -33.85
N PHE C 549 68.44 -1.00 -33.97
CA PHE C 549 68.07 -0.24 -32.79
C PHE C 549 66.57 -0.18 -32.56
N ARG C 550 65.78 -0.13 -33.62
CA ARG C 550 64.35 0.07 -33.48
C ARG C 550 63.65 -1.20 -33.01
N SER C 551 62.35 -1.08 -32.82
CA SER C 551 61.50 -2.20 -32.45
C SER C 551 60.16 -1.98 -33.13
N THR C 552 59.82 -2.81 -34.10
CA THR C 552 58.64 -2.59 -34.92
C THR C 552 57.62 -3.68 -34.68
N LYS C 553 56.37 -3.32 -34.96
CA LYS C 553 55.24 -4.23 -34.81
C LYS C 553 54.22 -3.86 -35.87
N ASP C 554 54.05 -4.73 -36.86
CA ASP C 554 53.13 -4.51 -37.96
C ASP C 554 51.94 -5.44 -37.82
N THR C 555 50.82 -5.04 -38.38
CA THR C 555 49.57 -5.79 -38.23
C THR C 555 48.69 -5.47 -39.43
N HIS C 556 48.53 -6.44 -40.33
CA HIS C 556 47.64 -6.30 -41.47
C HIS C 556 46.44 -7.20 -41.24
N THR C 557 45.27 -6.79 -41.73
CA THR C 557 44.04 -7.47 -41.36
C THR C 557 42.99 -7.27 -42.44
N LYS C 558 42.43 -8.36 -42.96
CA LYS C 558 41.34 -8.27 -43.92
C LYS C 558 40.18 -9.14 -43.47
N ARG C 559 38.97 -8.64 -43.68
CA ARG C 559 37.74 -9.42 -43.48
C ARG C 559 36.83 -9.13 -44.64
N ASN C 560 36.64 -10.10 -45.51
CA ASN C 560 35.70 -10.00 -46.62
C ASN C 560 34.47 -10.81 -46.27
N LEU C 561 33.31 -10.29 -46.65
CA LEU C 561 32.06 -10.87 -46.20
C LEU C 561 30.97 -10.58 -47.21
N MET C 562 30.32 -11.63 -47.71
CA MET C 562 29.16 -11.47 -48.55
C MET C 562 28.02 -12.30 -48.01
N VAL C 563 26.80 -11.80 -48.18
CA VAL C 563 25.59 -12.52 -47.84
C VAL C 563 24.71 -12.52 -49.07
N PHE C 564 24.56 -13.69 -49.69
CA PHE C 564 23.79 -13.93 -50.89
C PHE C 564 22.48 -14.60 -50.57
N LEU C 565 21.58 -14.56 -51.54
CA LEU C 565 20.24 -15.10 -51.35
C LEU C 565 19.77 -15.71 -52.66
N ARG C 566 18.99 -16.76 -52.54
CA ARG C 566 18.48 -17.45 -53.70
C ARG C 566 17.06 -17.91 -53.45
N PRO C 567 16.08 -17.30 -54.05
CA PRO C 567 14.72 -17.81 -53.92
C PRO C 567 14.32 -18.70 -55.09
N THR C 568 13.54 -19.74 -54.81
CA THR C 568 12.95 -20.58 -55.85
C THR C 568 11.47 -20.72 -55.55
N VAL C 569 10.63 -20.36 -56.51
CA VAL C 569 9.18 -20.45 -56.35
C VAL C 569 8.72 -21.80 -56.85
N VAL C 570 8.05 -22.55 -55.99
CA VAL C 570 7.38 -23.79 -56.37
C VAL C 570 5.91 -23.65 -56.06
N ARG C 571 5.07 -23.98 -57.04
CA ARG C 571 3.64 -23.97 -56.86
C ARG C 571 2.95 -25.25 -57.26
N ASP C 572 3.58 -26.10 -58.06
CA ASP C 572 3.13 -27.46 -58.29
C ASP C 572 4.05 -28.43 -57.57
N SER C 573 3.53 -29.61 -57.29
CA SER C 573 4.31 -30.60 -56.56
C SER C 573 5.41 -31.22 -57.40
N ALA C 574 5.40 -31.02 -58.72
CA ALA C 574 6.43 -31.57 -59.57
C ALA C 574 7.79 -30.93 -59.31
N GLY C 575 7.81 -29.60 -59.23
CA GLY C 575 9.06 -28.91 -58.95
C GLY C 575 9.55 -29.14 -57.54
N LEU C 576 8.62 -29.32 -56.60
CA LEU C 576 9.00 -29.66 -55.24
C LEU C 576 9.59 -31.05 -55.16
N ALA C 577 9.05 -31.99 -55.94
CA ALA C 577 9.65 -33.32 -56.04
C ALA C 577 11.02 -33.26 -56.68
N ALA C 578 11.21 -32.36 -57.66
CA ALA C 578 12.51 -32.23 -58.31
C ALA C 578 13.56 -31.67 -57.37
N LEU C 579 13.20 -30.64 -56.61
CA LEU C 579 14.10 -30.10 -55.59
C LEU C 579 14.44 -31.15 -54.54
N SER C 580 13.43 -31.91 -54.11
CA SER C 580 13.66 -32.94 -53.10
C SER C 580 14.57 -34.03 -53.62
N GLY C 581 14.39 -34.43 -54.88
CA GLY C 581 15.26 -35.43 -55.46
C GLY C 581 16.68 -34.97 -55.63
N LYS C 582 16.87 -33.70 -56.00
CA LYS C 582 18.23 -33.18 -56.12
C LYS C 582 18.92 -33.09 -54.77
N LYS C 583 18.22 -32.59 -53.74
CA LYS C 583 18.83 -32.51 -52.42
C LYS C 583 19.06 -33.88 -51.82
N TYR C 584 18.19 -34.83 -52.13
CA TYR C 584 18.34 -36.16 -51.59
C TYR C 584 19.49 -36.90 -52.26
N SER C 585 19.70 -36.69 -53.56
CA SER C 585 20.88 -37.24 -54.20
C SER C 585 22.14 -36.55 -53.70
N ASP C 586 22.06 -35.25 -53.43
CA ASP C 586 23.23 -34.52 -52.97
C ASP C 586 23.57 -34.84 -51.52
N ILE C 587 22.64 -35.39 -50.75
CA ILE C 587 23.03 -35.89 -49.44
C ILE C 587 23.42 -37.36 -49.52
N ARG C 588 22.91 -38.11 -50.51
CA ARG C 588 23.33 -39.48 -50.72
C ARG C 588 24.77 -39.56 -51.18
N VAL C 589 25.22 -38.56 -51.94
CA VAL C 589 26.62 -38.57 -52.37
C VAL C 589 27.53 -38.23 -51.20
N ILE C 590 27.04 -37.49 -50.20
CA ILE C 590 27.82 -37.28 -48.99
C ILE C 590 27.86 -38.55 -48.17
N ASP C 591 26.77 -39.32 -48.19
CA ASP C 591 26.83 -40.68 -47.67
C ASP C 591 27.77 -41.55 -48.47
N GLY C 592 27.93 -41.25 -49.76
CA GLY C 592 28.81 -41.97 -50.65
C GLY C 592 30.28 -41.58 -50.61
N THR C 593 30.70 -40.80 -49.62
CA THR C 593 32.10 -40.44 -49.49
C THR C 593 32.68 -41.05 -48.21
N PRO C 604 33.40 -48.14 -38.64
CA PRO C 604 33.64 -47.58 -39.97
C PRO C 604 32.54 -46.63 -40.43
N THR C 605 32.53 -46.37 -41.73
CA THR C 605 31.63 -45.42 -42.39
C THR C 605 30.92 -46.11 -43.56
N ASN C 606 30.33 -47.27 -43.27
CA ASN C 606 29.81 -48.19 -44.27
C ASN C 606 28.58 -47.62 -44.97
N ALA C 607 28.09 -48.40 -45.94
CA ALA C 607 27.15 -47.92 -46.94
C ALA C 607 25.79 -47.59 -46.32
N ASN C 608 25.36 -46.34 -46.50
CA ASN C 608 24.12 -45.86 -45.89
C ASN C 608 22.93 -46.21 -46.76
N GLN C 609 21.72 -45.83 -46.34
CA GLN C 609 20.54 -46.50 -46.84
C GLN C 609 19.55 -45.49 -47.43
N LEU C 610 18.87 -45.91 -48.50
CA LEU C 610 17.75 -45.17 -49.06
C LEU C 610 16.51 -45.38 -48.21
N PHE C 611 15.47 -44.60 -48.44
CA PHE C 611 14.18 -44.82 -47.82
C PHE C 611 13.11 -44.93 -48.90
N ASP C 612 11.87 -45.05 -48.43
CA ASP C 612 10.74 -45.19 -49.33
C ASP C 612 10.45 -43.85 -49.97
N GLY C 613 11.15 -43.55 -51.06
CA GLY C 613 10.97 -42.31 -51.78
C GLY C 613 9.62 -42.18 -52.44
N ASP D 174 -63.18 -10.19 -65.88
CA ASP D 174 -63.33 -11.55 -65.38
C ASP D 174 -62.20 -11.94 -64.40
N TYR D 175 -62.37 -13.07 -63.71
CA TYR D 175 -61.49 -13.45 -62.62
C TYR D 175 -60.46 -14.47 -63.12
N SER D 176 -59.23 -14.33 -62.66
CA SER D 176 -58.20 -15.32 -63.00
C SER D 176 -57.10 -15.31 -61.95
N VAL D 177 -56.31 -16.37 -61.96
CA VAL D 177 -55.13 -16.50 -61.11
C VAL D 177 -53.98 -17.03 -61.95
N ILE D 178 -52.81 -16.42 -61.80
CA ILE D 178 -51.61 -16.81 -62.53
C ILE D 178 -50.46 -17.03 -61.56
N ASN D 179 -49.44 -17.71 -62.06
CA ASN D 179 -48.18 -17.93 -61.37
C ASN D 179 -47.18 -16.86 -61.76
N LEU D 180 -46.01 -16.91 -61.09
CA LEU D 180 -44.83 -16.18 -61.49
C LEU D 180 -43.61 -17.06 -61.26
N ARG D 181 -42.67 -17.02 -62.19
CA ARG D 181 -41.45 -17.81 -62.05
C ARG D 181 -40.43 -17.09 -61.18
N TYR D 182 -40.01 -15.91 -61.61
CA TYR D 182 -39.12 -15.04 -60.86
C TYR D 182 -39.76 -13.75 -60.42
N GLY D 183 -40.96 -13.42 -60.89
CA GLY D 183 -41.57 -12.15 -60.57
C GLY D 183 -42.12 -12.11 -59.16
N TRP D 184 -42.17 -10.90 -58.61
CA TRP D 184 -42.67 -10.67 -57.26
C TRP D 184 -44.01 -9.94 -57.33
N VAL D 185 -45.03 -10.52 -56.69
CA VAL D 185 -46.32 -9.85 -56.58
C VAL D 185 -46.26 -8.69 -55.62
N MET D 186 -45.26 -8.66 -54.73
CA MET D 186 -45.07 -7.54 -53.82
C MET D 186 -44.74 -6.27 -54.59
N ASP D 187 -43.82 -6.38 -55.55
CA ASP D 187 -43.50 -5.22 -56.39
C ASP D 187 -44.62 -4.93 -57.38
N ALA D 188 -45.24 -5.97 -57.91
CA ALA D 188 -46.25 -5.79 -58.96
C ALA D 188 -47.59 -5.34 -58.42
N ALA D 189 -47.80 -5.36 -57.10
CA ALA D 189 -49.08 -4.96 -56.54
C ALA D 189 -49.33 -3.46 -56.72
N GLU D 190 -48.31 -2.65 -56.41
CA GLU D 190 -48.41 -1.20 -56.61
C GLU D 190 -48.47 -0.86 -58.09
N VAL D 191 -47.88 -1.70 -58.94
CA VAL D 191 -47.99 -1.55 -60.38
C VAL D 191 -49.43 -1.73 -60.82
N LEU D 192 -49.98 -2.91 -60.55
CA LEU D 192 -51.28 -3.29 -61.10
C LEU D 192 -52.44 -2.60 -60.43
N ASN D 193 -52.26 -2.08 -59.20
CA ASN D 193 -53.31 -1.25 -58.62
C ASN D 193 -53.42 0.06 -59.37
N ASN D 194 -52.30 0.59 -59.86
CA ASN D 194 -52.30 1.79 -60.67
C ASN D 194 -52.31 1.49 -62.16
N ALA D 195 -52.50 0.23 -62.55
CA ALA D 195 -52.63 -0.09 -63.96
C ALA D 195 -53.92 0.47 -64.53
N MET D 196 -54.98 0.47 -63.74
CA MET D 196 -56.21 1.17 -64.09
C MET D 196 -56.19 2.55 -63.46
N SER D 197 -56.69 3.54 -64.22
CA SER D 197 -56.53 4.94 -63.86
C SER D 197 -57.40 5.29 -62.65
N ARG D 198 -57.20 6.50 -62.15
CA ARG D 198 -57.93 6.98 -60.98
C ARG D 198 -59.33 7.45 -61.37
N ALA D 205 -61.91 2.62 -59.44
CA ALA D 205 -60.79 1.77 -59.83
C ALA D 205 -61.21 0.74 -60.86
N GLY D 206 -62.32 0.06 -60.58
CA GLY D 206 -62.83 -0.95 -61.50
C GLY D 206 -62.26 -2.33 -61.24
N ALA D 207 -61.22 -2.69 -61.99
CA ALA D 207 -60.57 -3.98 -61.84
C ALA D 207 -59.81 -4.06 -60.52
N GLN D 208 -59.48 -5.28 -60.12
CA GLN D 208 -58.78 -5.50 -58.87
C GLN D 208 -57.63 -6.48 -59.04
N VAL D 209 -56.78 -6.53 -58.03
CA VAL D 209 -55.55 -7.33 -58.05
C VAL D 209 -55.23 -7.75 -56.62
N ILE D 210 -54.85 -9.02 -56.45
CA ILE D 210 -54.66 -9.65 -55.15
C ILE D 210 -53.37 -10.44 -55.19
N ALA D 211 -52.49 -10.20 -54.22
CA ALA D 211 -51.17 -10.79 -54.19
C ALA D 211 -51.12 -11.99 -53.24
N ASP D 212 -50.24 -12.94 -53.55
CA ASP D 212 -49.86 -14.04 -52.66
C ASP D 212 -48.35 -14.13 -52.63
N ALA D 213 -47.74 -13.60 -51.57
CA ALA D 213 -46.29 -13.58 -51.46
C ALA D 213 -45.72 -14.87 -50.90
N ARG D 214 -46.56 -15.78 -50.41
CA ARG D 214 -46.04 -17.07 -49.99
C ARG D 214 -45.94 -18.03 -51.17
N THR D 215 -46.99 -18.11 -51.96
CA THR D 215 -47.04 -18.99 -53.11
C THR D 215 -46.94 -18.24 -54.42
N ASN D 216 -46.65 -16.93 -54.36
CA ASN D 216 -46.30 -16.08 -55.49
C ASN D 216 -47.42 -16.04 -56.53
N ARG D 217 -48.65 -16.01 -56.05
CA ARG D 217 -49.79 -16.10 -56.94
C ARG D 217 -50.39 -14.71 -57.16
N LEU D 218 -51.09 -14.57 -58.28
CA LEU D 218 -51.70 -13.29 -58.63
C LEU D 218 -53.14 -13.52 -59.04
N ILE D 219 -54.07 -12.92 -58.31
CA ILE D 219 -55.49 -13.05 -58.60
C ILE D 219 -55.98 -11.71 -59.12
N ILE D 220 -56.31 -11.65 -60.40
CA ILE D 220 -56.71 -10.39 -61.02
C ILE D 220 -58.15 -10.50 -61.51
N LEU D 221 -58.90 -9.42 -61.33
CA LEU D 221 -60.35 -9.39 -61.52
C LEU D 221 -60.63 -8.21 -62.44
N GLY D 222 -60.60 -8.43 -63.76
CA GLY D 222 -60.76 -7.33 -64.68
C GLY D 222 -60.83 -7.71 -66.15
N PRO D 223 -60.39 -6.79 -67.01
CA PRO D 223 -60.57 -6.99 -68.45
C PRO D 223 -59.60 -8.03 -68.98
N PRO D 224 -59.95 -8.72 -70.07
CA PRO D 224 -59.08 -9.79 -70.56
C PRO D 224 -57.81 -9.29 -71.25
N GLN D 225 -57.83 -8.07 -71.80
CA GLN D 225 -56.63 -7.57 -72.45
C GLN D 225 -55.58 -7.11 -71.44
N ALA D 226 -56.00 -6.56 -70.30
CA ALA D 226 -55.05 -6.28 -69.23
C ALA D 226 -54.46 -7.57 -68.68
N ARG D 227 -55.29 -8.62 -68.60
CA ARG D 227 -54.81 -9.97 -68.27
C ARG D 227 -53.73 -10.43 -69.23
N ALA D 228 -53.99 -10.35 -70.54
CA ALA D 228 -53.06 -10.88 -71.52
C ALA D 228 -51.77 -10.07 -71.59
N LYS D 229 -51.90 -8.74 -71.65
CA LYS D 229 -50.73 -7.87 -71.74
C LYS D 229 -49.91 -7.91 -70.46
N LEU D 230 -50.53 -8.13 -69.31
CA LEU D 230 -49.73 -8.16 -68.11
C LEU D 230 -49.25 -9.55 -67.75
N VAL D 231 -49.84 -10.59 -68.32
CA VAL D 231 -49.16 -11.89 -68.32
C VAL D 231 -47.94 -11.85 -69.23
N GLN D 232 -48.01 -11.10 -70.35
CA GLN D 232 -46.81 -10.92 -71.17
C GLN D 232 -45.76 -10.06 -70.45
N LEU D 233 -46.20 -9.04 -69.73
CA LEU D 233 -45.27 -8.27 -68.90
C LEU D 233 -44.77 -9.11 -67.72
N ALA D 234 -45.55 -10.08 -67.27
CA ALA D 234 -45.07 -11.01 -66.27
C ALA D 234 -43.99 -11.92 -66.83
N GLN D 235 -44.18 -12.38 -68.08
CA GLN D 235 -43.22 -13.27 -68.72
C GLN D 235 -41.95 -12.53 -69.13
N SER D 236 -42.05 -11.22 -69.36
CA SER D 236 -40.86 -10.39 -69.49
C SER D 236 -40.33 -9.92 -68.14
N LEU D 237 -41.15 -10.03 -67.09
CA LEU D 237 -40.88 -9.47 -65.78
C LEU D 237 -40.17 -10.45 -64.89
N ASP D 238 -40.44 -11.75 -65.08
CA ASP D 238 -39.73 -12.80 -64.39
C ASP D 238 -38.44 -13.21 -65.10
N THR D 239 -37.92 -12.36 -65.94
CA THR D 239 -36.59 -12.56 -66.51
C THR D 239 -35.57 -11.81 -65.67
N PRO D 240 -34.41 -12.41 -65.40
CA PRO D 240 -33.34 -11.68 -64.72
C PRO D 240 -32.77 -10.59 -65.60
N THR D 241 -32.33 -9.50 -64.96
CA THR D 241 -31.82 -8.31 -65.64
C THR D 241 -30.78 -7.72 -64.68
N ALA D 242 -30.57 -6.39 -64.69
CA ALA D 242 -29.51 -5.70 -63.98
C ALA D 242 -29.56 -5.85 -62.46
N ARG D 243 -28.60 -5.21 -61.79
CA ARG D 243 -28.09 -5.57 -60.45
C ARG D 243 -27.98 -7.08 -60.27
N SER D 244 -27.31 -7.70 -61.24
CA SER D 244 -27.02 -9.13 -61.20
C SER D 244 -25.75 -9.37 -62.00
N ALA D 245 -24.78 -10.05 -61.37
CA ALA D 245 -23.45 -10.29 -61.91
C ALA D 245 -22.76 -8.98 -62.31
N ASN D 246 -22.68 -8.06 -61.36
CA ASN D 246 -21.99 -6.79 -61.54
C ASN D 246 -20.87 -6.64 -60.52
N THR D 247 -20.17 -7.73 -60.24
CA THR D 247 -19.15 -7.81 -59.22
C THR D 247 -17.77 -8.04 -59.85
N ARG D 248 -16.74 -8.02 -59.01
CA ARG D 248 -15.37 -8.03 -59.51
C ARG D 248 -14.46 -8.52 -58.40
N VAL D 249 -13.41 -9.26 -58.77
CA VAL D 249 -12.38 -9.71 -57.84
C VAL D 249 -11.03 -9.27 -58.38
N ILE D 250 -10.23 -8.62 -57.55
CA ILE D 250 -8.97 -8.01 -57.94
C ILE D 250 -7.85 -8.58 -57.08
N ARG D 251 -6.86 -9.20 -57.71
CA ARG D 251 -5.64 -9.53 -57.00
C ARG D 251 -4.76 -8.31 -56.88
N LEU D 252 -3.97 -8.26 -55.84
CA LEU D 252 -3.11 -7.12 -55.62
C LEU D 252 -1.65 -7.53 -55.65
N ARG D 253 -0.82 -6.61 -56.12
CA ARG D 253 0.62 -6.78 -56.17
C ARG D 253 1.28 -5.62 -55.46
N HIS D 254 2.24 -5.94 -54.59
CA HIS D 254 3.08 -5.03 -53.82
C HIS D 254 2.29 -4.15 -52.85
N ASN D 255 1.05 -4.52 -52.53
CA ASN D 255 0.24 -3.75 -51.60
C ASN D 255 -0.68 -4.68 -50.83
N ASP D 256 -0.97 -4.30 -49.59
CA ASP D 256 -1.93 -5.05 -48.81
C ASP D 256 -3.35 -4.73 -49.27
N ALA D 257 -4.28 -5.61 -48.91
CA ALA D 257 -5.64 -5.45 -49.38
C ALA D 257 -6.43 -4.49 -48.49
N LYS D 258 -6.25 -4.61 -47.17
CA LYS D 258 -7.01 -3.78 -46.25
C LYS D 258 -6.50 -2.34 -46.25
N THR D 259 -5.19 -2.17 -46.44
CA THR D 259 -4.58 -0.85 -46.44
C THR D 259 -5.09 0.00 -47.60
N LEU D 260 -5.16 -0.57 -48.79
CA LEU D 260 -5.79 0.14 -49.89
C LEU D 260 -7.29 0.17 -49.74
N ALA D 261 -7.87 -0.79 -49.02
CA ALA D 261 -9.32 -0.86 -48.93
C ALA D 261 -9.89 0.27 -48.09
N GLU D 262 -9.17 0.71 -47.05
CA GLU D 262 -9.65 1.89 -46.32
C GLU D 262 -9.65 3.12 -47.22
N THR D 263 -8.62 3.26 -48.05
CA THR D 263 -8.52 4.45 -48.91
C THR D 263 -9.56 4.42 -50.01
N LEU D 264 -9.82 3.25 -50.60
CA LEU D 264 -10.84 3.16 -51.63
C LEU D 264 -12.24 3.32 -51.03
N GLY D 265 -12.47 2.84 -49.81
CA GLY D 265 -13.73 3.10 -49.15
C GLY D 265 -13.91 4.56 -48.77
N GLN D 266 -12.82 5.26 -48.51
CA GLN D 266 -12.93 6.68 -48.21
C GLN D 266 -12.99 7.56 -49.45
N ILE D 267 -12.58 7.07 -50.62
CA ILE D 267 -12.82 7.83 -51.85
C ILE D 267 -14.10 7.42 -52.56
N SER D 268 -14.70 6.30 -52.19
CA SER D 268 -15.80 5.79 -52.98
C SER D 268 -17.15 6.41 -52.64
N GLU D 269 -17.19 7.41 -51.75
CA GLU D 269 -18.43 8.15 -51.59
C GLU D 269 -18.71 9.04 -52.80
N GLY D 270 -17.66 9.54 -53.44
CA GLY D 270 -17.84 10.41 -54.60
C GLY D 270 -18.15 9.68 -55.88
N MET D 271 -18.00 8.37 -55.90
CA MET D 271 -18.43 7.58 -57.04
C MET D 271 -19.85 7.05 -56.89
N LYS D 272 -20.57 7.49 -55.86
CA LYS D 272 -21.92 7.02 -55.61
C LYS D 272 -22.97 7.95 -56.21
N SER D 288 -25.95 2.76 -58.03
CA SER D 288 -26.35 3.61 -56.93
C SER D 288 -25.74 3.13 -55.61
N ASN D 289 -24.95 2.06 -55.70
CA ASN D 289 -24.29 1.49 -54.54
C ASN D 289 -22.86 1.11 -54.88
N ILE D 290 -22.03 1.06 -53.85
CA ILE D 290 -20.59 0.89 -54.04
C ILE D 290 -19.98 0.15 -52.86
N LEU D 291 -19.32 -0.98 -53.12
CA LEU D 291 -18.84 -1.85 -52.03
C LEU D 291 -17.47 -2.41 -52.36
N ILE D 292 -16.47 -2.00 -51.59
CA ILE D 292 -15.11 -2.49 -51.75
C ILE D 292 -14.69 -3.08 -50.42
N ARG D 293 -14.53 -4.39 -50.37
CA ARG D 293 -14.07 -5.02 -49.15
C ARG D 293 -12.81 -5.82 -49.44
N ALA D 294 -12.13 -6.26 -48.39
CA ALA D 294 -10.78 -6.76 -48.55
C ALA D 294 -10.69 -8.23 -48.18
N ASP D 295 -9.50 -8.79 -48.43
CA ASP D 295 -9.14 -10.12 -47.97
C ASP D 295 -7.63 -10.13 -47.80
N GLU D 296 -7.19 -10.32 -46.57
CA GLU D 296 -5.77 -10.36 -46.28
C GLU D 296 -5.16 -11.74 -46.44
N SER D 297 -5.97 -12.76 -46.71
CA SER D 297 -5.43 -14.10 -46.87
C SER D 297 -4.74 -14.24 -48.21
N THR D 298 -5.49 -14.10 -49.30
CA THR D 298 -4.95 -14.08 -50.65
C THR D 298 -4.75 -12.67 -51.18
N ASN D 299 -4.78 -11.67 -50.28
CA ASN D 299 -4.40 -10.29 -50.56
C ASN D 299 -5.28 -9.65 -51.62
N ALA D 300 -6.53 -10.05 -51.68
CA ALA D 300 -7.40 -9.70 -52.78
C ALA D 300 -8.45 -8.69 -52.34
N LEU D 301 -9.18 -8.20 -53.32
CA LEU D 301 -10.07 -7.06 -53.11
C LEU D 301 -11.36 -7.33 -53.87
N VAL D 302 -12.48 -7.30 -53.17
CA VAL D 302 -13.76 -7.61 -53.76
C VAL D 302 -14.50 -6.31 -54.04
N LEU D 303 -14.81 -6.08 -55.31
CA LEU D 303 -15.49 -4.90 -55.78
C LEU D 303 -16.92 -5.24 -56.13
N LEU D 304 -17.82 -4.32 -55.83
CA LEU D 304 -19.20 -4.41 -56.28
C LEU D 304 -19.64 -3.01 -56.69
N ALA D 305 -19.83 -2.82 -57.99
CA ALA D 305 -20.09 -1.50 -58.54
C ALA D 305 -20.62 -1.63 -59.96
N ASP D 306 -21.17 -0.53 -60.45
CA ASP D 306 -21.55 -0.43 -61.85
C ASP D 306 -20.30 -0.36 -62.72
N PRO D 307 -20.36 -0.83 -63.97
CA PRO D 307 -19.13 -1.03 -64.77
C PRO D 307 -18.31 0.23 -65.06
N ASP D 308 -18.92 1.41 -65.07
CA ASP D 308 -18.14 2.64 -65.13
C ASP D 308 -17.31 2.81 -63.86
N THR D 309 -17.94 2.59 -62.71
CA THR D 309 -17.22 2.66 -61.44
C THR D 309 -16.19 1.54 -61.32
N VAL D 310 -16.48 0.40 -61.93
CA VAL D 310 -15.52 -0.70 -61.98
C VAL D 310 -14.29 -0.30 -62.77
N ASN D 311 -14.49 0.36 -63.92
CA ASN D 311 -13.34 0.81 -64.72
C ASN D 311 -12.56 1.93 -64.03
N ALA D 312 -13.26 2.81 -63.30
CA ALA D 312 -12.56 3.86 -62.57
C ALA D 312 -11.73 3.29 -61.43
N LEU D 313 -12.27 2.30 -60.71
CA LEU D 313 -11.49 1.69 -59.64
C LEU D 313 -10.37 0.82 -60.20
N GLU D 314 -10.53 0.27 -61.40
CA GLU D 314 -9.41 -0.38 -62.05
C GLU D 314 -8.32 0.60 -62.44
N ASP D 315 -8.70 1.82 -62.82
CA ASP D 315 -7.71 2.86 -63.08
C ASP D 315 -6.99 3.29 -61.80
N ILE D 316 -7.69 3.28 -60.67
CA ILE D 316 -7.02 3.52 -59.40
C ILE D 316 -6.03 2.41 -59.08
N VAL D 317 -6.46 1.17 -59.25
CA VAL D 317 -5.66 0.03 -58.81
C VAL D 317 -4.44 -0.16 -59.69
N ARG D 318 -4.59 0.02 -61.00
CA ARG D 318 -3.45 -0.14 -61.91
C ARG D 318 -2.40 0.94 -61.76
N GLN D 319 -2.68 2.02 -61.03
CA GLN D 319 -1.69 3.05 -60.78
C GLN D 319 -1.26 3.10 -59.32
N LEU D 320 -1.64 2.11 -58.52
CA LEU D 320 -1.20 2.01 -57.14
C LEU D 320 -0.47 0.73 -56.83
N ASP D 321 -0.33 -0.18 -57.80
CA ASP D 321 0.33 -1.46 -57.61
C ASP D 321 1.55 -1.48 -58.51
N VAL D 322 2.66 -0.96 -58.02
CA VAL D 322 3.89 -0.94 -58.80
C VAL D 322 4.97 -1.67 -58.02
N PRO D 323 5.92 -2.30 -58.71
CA PRO D 323 7.13 -2.76 -58.02
C PRO D 323 7.96 -1.57 -57.58
N ARG D 324 8.30 -1.56 -56.29
CA ARG D 324 9.08 -0.47 -55.74
C ARG D 324 10.55 -0.63 -56.11
N ALA D 325 11.38 0.30 -55.66
CA ALA D 325 12.76 0.36 -56.09
C ALA D 325 13.70 0.01 -54.95
N GLN D 326 14.87 -0.51 -55.32
CA GLN D 326 15.87 -0.95 -54.37
C GLN D 326 17.10 -0.07 -54.43
N VAL D 327 17.78 0.03 -53.29
CA VAL D 327 19.03 0.76 -53.18
C VAL D 327 20.07 -0.19 -52.63
N LEU D 328 21.23 -0.23 -53.26
CA LEU D 328 22.41 -0.78 -52.62
C LEU D 328 23.25 0.37 -52.10
N VAL D 329 23.41 0.42 -50.79
CA VAL D 329 24.17 1.47 -50.12
C VAL D 329 25.51 0.91 -49.72
N GLU D 330 26.58 1.57 -50.13
CA GLU D 330 27.94 1.22 -49.74
C GLU D 330 28.47 2.39 -48.93
N ALA D 331 28.48 2.29 -47.62
CA ALA D 331 29.17 3.28 -46.81
C ALA D 331 30.60 2.84 -46.61
N ALA D 332 31.51 3.80 -46.53
CA ALA D 332 32.92 3.49 -46.43
C ALA D 332 33.54 4.43 -45.41
N ILE D 333 34.48 3.92 -44.63
CA ILE D 333 35.08 4.69 -43.56
C ILE D 333 36.57 4.54 -43.68
N VAL D 334 37.28 5.65 -43.81
CA VAL D 334 38.73 5.63 -43.86
C VAL D 334 39.23 6.39 -42.64
N GLU D 335 40.21 5.82 -41.95
CA GLU D 335 40.87 6.48 -40.84
C GLU D 335 42.37 6.30 -40.97
N ILE D 336 43.11 7.39 -40.93
CA ILE D 336 44.56 7.30 -40.83
C ILE D 336 44.92 7.94 -39.50
N SER D 337 45.44 7.14 -38.59
CA SER D 337 45.87 7.67 -37.32
C SER D 337 47.38 7.58 -37.20
N GLY D 338 47.93 8.38 -36.31
CA GLY D 338 49.34 8.29 -36.05
C GLY D 338 49.74 9.15 -34.89
N ASP D 339 50.81 8.76 -34.20
CA ASP D 339 51.38 9.62 -33.16
C ASP D 339 52.83 9.29 -32.97
N ILE D 340 53.55 10.24 -32.41
CA ILE D 340 54.98 10.11 -32.18
C ILE D 340 55.33 10.81 -30.87
N GLN D 341 55.84 10.07 -29.92
CA GLN D 341 56.43 10.66 -28.74
C GLN D 341 57.92 10.86 -28.96
N ASP D 342 58.52 11.65 -28.08
CA ASP D 342 59.98 11.85 -28.09
C ASP D 342 60.36 12.29 -26.68
N ALA D 343 60.90 11.37 -25.89
CA ALA D 343 61.24 11.68 -24.51
C ALA D 343 62.74 11.55 -24.33
N VAL D 344 63.38 12.58 -23.80
CA VAL D 344 64.83 12.56 -23.65
C VAL D 344 65.25 13.45 -22.48
N GLY D 345 66.10 12.92 -21.62
CA GLY D 345 66.53 13.68 -20.45
C GLY D 345 67.89 13.31 -19.91
N VAL D 346 68.68 14.32 -19.54
CA VAL D 346 70.00 14.15 -18.95
C VAL D 346 69.89 14.44 -17.47
N GLN D 347 70.46 13.58 -16.64
CA GLN D 347 70.39 13.73 -15.19
C GLN D 347 71.79 13.68 -14.62
N TRP D 348 72.11 14.60 -13.72
CA TRP D 348 73.46 14.74 -13.16
C TRP D 348 73.44 14.46 -11.67
N ALA D 349 74.38 13.62 -11.22
CA ALA D 349 74.43 13.07 -9.87
C ALA D 349 75.80 13.30 -9.26
N ILE D 350 76.24 14.55 -9.24
CA ILE D 350 77.54 14.91 -8.67
C ILE D 350 77.41 14.94 -7.16
N ASN D 351 77.73 13.84 -6.49
CA ASN D 351 77.68 13.84 -5.03
C ASN D 351 79.08 14.10 -4.43
N LYS D 352 79.63 15.24 -4.82
CA LYS D 352 80.96 15.64 -4.36
C LYS D 352 80.83 16.19 -2.95
N GLY D 353 80.98 15.30 -1.97
CA GLY D 353 81.10 15.69 -0.57
C GLY D 353 79.86 16.23 0.11
N GLY D 354 79.93 16.33 1.43
CA GLY D 354 78.88 16.96 2.21
C GLY D 354 77.62 16.13 2.39
N MET D 355 76.88 16.39 3.46
CA MET D 355 75.56 15.80 3.60
C MET D 355 74.61 16.44 2.59
N GLY D 356 73.95 15.60 1.80
CA GLY D 356 73.21 16.06 0.66
C GLY D 356 73.64 15.33 -0.59
N GLY D 357 74.27 16.05 -1.51
CA GLY D 357 74.65 15.47 -2.78
C GLY D 357 73.97 16.20 -3.92
N THR D 358 74.74 16.83 -4.80
CA THR D 358 74.22 17.83 -5.71
C THR D 358 73.55 17.18 -6.94
N LYS D 359 72.54 16.36 -6.66
CA LYS D 359 71.91 15.56 -7.70
C LYS D 359 70.76 16.33 -8.34
N THR D 360 70.64 16.21 -9.67
CA THR D 360 69.62 16.93 -10.42
C THR D 360 68.49 15.96 -10.74
N ASN D 361 67.62 15.76 -9.75
CA ASN D 361 66.49 14.85 -9.89
C ASN D 361 65.44 15.45 -10.80
N PHE D 362 65.21 14.82 -11.95
CA PHE D 362 64.11 15.15 -12.85
C PHE D 362 63.17 13.97 -12.90
N ALA D 363 62.03 14.09 -12.22
CA ALA D 363 61.01 13.04 -12.24
C ALA D 363 60.07 13.28 -13.42
N ASN D 364 60.65 13.21 -14.62
CA ASN D 364 59.90 13.39 -15.85
C ASN D 364 59.84 12.11 -16.65
N THR D 365 60.99 11.51 -16.97
CA THR D 365 61.05 10.37 -17.87
C THR D 365 61.50 9.17 -17.06
N GLY D 366 60.53 8.41 -16.54
CA GLY D 366 60.78 7.11 -15.97
C GLY D 366 61.62 7.12 -14.72
N LEU D 367 62.87 6.71 -14.86
CA LEU D 367 63.78 6.64 -13.74
C LEU D 367 64.18 8.03 -13.27
N SER D 368 64.91 8.06 -12.16
CA SER D 368 65.38 9.29 -11.56
C SER D 368 66.61 8.97 -10.73
N ILE D 369 67.31 10.02 -10.32
CA ILE D 369 68.52 9.82 -9.53
C ILE D 369 68.18 9.37 -8.12
N GLY D 370 67.06 9.85 -7.57
CA GLY D 370 66.66 9.42 -6.24
C GLY D 370 66.34 7.94 -6.20
N THR D 371 65.57 7.47 -7.17
CA THR D 371 65.38 6.02 -7.26
C THR D 371 66.61 5.33 -7.83
N LEU D 372 67.61 6.05 -8.34
CA LEU D 372 68.86 5.38 -8.71
C LEU D 372 69.74 5.12 -7.49
N LEU D 373 69.81 6.07 -6.56
CA LEU D 373 70.52 5.82 -5.32
C LEU D 373 69.75 4.88 -4.41
N GLN D 374 68.43 4.81 -4.57
CA GLN D 374 67.72 3.67 -3.99
C GLN D 374 67.89 2.41 -4.83
N SER D 375 68.25 2.55 -6.10
CA SER D 375 68.49 1.35 -6.90
C SER D 375 69.85 0.75 -6.61
N LEU D 376 70.74 1.52 -5.99
CA LEU D 376 71.94 0.95 -5.37
C LEU D 376 71.54 -0.08 -4.30
N GLU D 377 70.58 0.28 -3.45
CA GLU D 377 70.03 -0.67 -2.50
C GLU D 377 69.14 -1.71 -3.16
N SER D 378 68.64 -1.44 -4.37
CA SER D 378 67.96 -2.49 -5.11
C SER D 378 68.95 -3.51 -5.62
N ASN D 379 70.07 -3.03 -6.18
CA ASN D 379 71.19 -3.86 -6.58
C ASN D 379 71.75 -4.63 -5.39
N LYS D 380 71.58 -4.10 -4.18
CA LYS D 380 71.83 -4.93 -3.01
C LYS D 380 70.85 -6.10 -2.94
N ALA D 381 69.58 -5.90 -2.51
CA ALA D 381 68.72 -7.08 -2.53
C ALA D 381 67.77 -7.25 -3.73
N PRO D 382 66.76 -6.32 -4.05
CA PRO D 382 65.78 -6.70 -5.08
C PRO D 382 66.11 -6.48 -6.57
N GLU D 383 66.85 -5.43 -6.94
CA GLU D 383 67.20 -5.05 -8.32
C GLU D 383 65.93 -4.83 -9.17
N SER D 384 65.22 -3.75 -8.85
CA SER D 384 63.86 -3.56 -9.32
C SER D 384 63.68 -2.29 -10.15
N ILE D 385 62.56 -2.26 -10.86
CA ILE D 385 61.95 -1.12 -11.54
C ILE D 385 62.85 -0.40 -12.54
N PRO D 386 63.02 -0.91 -13.76
CA PRO D 386 63.57 -0.09 -14.85
C PRO D 386 62.49 0.58 -15.66
N ASP D 387 62.92 1.56 -16.48
CA ASP D 387 62.05 2.23 -17.44
C ASP D 387 62.89 2.96 -18.46
N GLY D 388 62.57 2.79 -19.75
CA GLY D 388 63.16 3.59 -20.80
C GLY D 388 64.56 3.16 -21.20
N ALA D 389 64.99 3.65 -22.37
CA ALA D 389 66.33 3.34 -22.89
C ALA D 389 67.34 4.17 -22.13
N ILE D 390 68.03 3.56 -21.18
CA ILE D 390 68.87 4.28 -20.24
C ILE D 390 70.33 4.05 -20.56
N VAL D 391 71.15 5.06 -20.25
CA VAL D 391 72.59 5.03 -20.47
C VAL D 391 73.23 5.68 -19.24
N GLY D 392 73.93 4.89 -18.44
CA GLY D 392 74.50 5.44 -17.22
C GLY D 392 76.02 5.61 -17.21
N ILE D 393 76.50 6.83 -17.39
CA ILE D 393 77.93 7.13 -17.34
C ILE D 393 78.23 7.59 -15.92
N GLY D 394 78.89 6.76 -15.14
CA GLY D 394 79.17 7.14 -13.77
C GLY D 394 80.48 6.57 -13.28
N SER D 395 81.13 7.31 -12.39
CA SER D 395 82.17 6.72 -11.56
C SER D 395 81.59 6.25 -10.22
N SER D 396 80.44 5.58 -10.32
CA SER D 396 79.72 4.83 -9.30
C SER D 396 79.11 5.69 -8.19
N SER D 397 79.51 6.93 -8.08
CA SER D 397 78.85 7.95 -7.29
C SER D 397 78.70 9.24 -8.06
N PHE D 398 79.72 9.64 -8.81
CA PHE D 398 79.69 10.77 -9.71
C PHE D 398 78.95 10.30 -10.95
N GLY D 399 77.65 10.59 -11.03
CA GLY D 399 76.85 9.94 -12.06
C GLY D 399 76.23 10.85 -13.10
N ALA D 400 75.83 10.25 -14.22
CA ALA D 400 75.12 10.99 -15.27
C ALA D 400 74.28 9.98 -16.04
N LEU D 401 72.97 10.07 -15.89
CA LEU D 401 72.06 9.11 -16.50
C LEU D 401 71.30 9.79 -17.63
N VAL D 402 71.39 9.23 -18.83
CA VAL D 402 70.67 9.73 -20.00
C VAL D 402 69.56 8.75 -20.31
N THR D 403 68.32 9.21 -20.28
CA THR D 403 67.17 8.36 -20.52
C THR D 403 66.44 8.84 -21.76
N ALA D 404 66.15 7.92 -22.69
CA ALA D 404 65.52 8.31 -23.93
C ALA D 404 64.60 7.21 -24.43
N LEU D 405 63.55 7.63 -25.12
CA LEU D 405 62.60 6.76 -25.81
C LEU D 405 61.98 7.54 -26.96
N SER D 406 61.56 6.83 -28.00
CA SER D 406 60.85 7.43 -29.12
C SER D 406 59.83 6.43 -29.66
N ALA D 407 58.61 6.49 -29.13
CA ALA D 407 57.54 5.71 -29.70
C ALA D 407 57.05 6.35 -30.99
N ASN D 408 56.53 5.52 -31.88
CA ASN D 408 56.10 6.01 -33.19
C ASN D 408 55.08 5.00 -33.70
N THR D 409 53.80 5.30 -33.54
CA THR D 409 52.79 4.35 -33.98
C THR D 409 51.98 4.97 -35.11
N LYS D 410 51.63 4.15 -36.08
CA LYS D 410 50.76 4.56 -37.16
C LYS D 410 49.63 3.55 -37.26
N SER D 411 48.59 3.92 -37.98
CA SER D 411 47.43 3.04 -38.10
C SER D 411 46.61 3.47 -39.29
N ASN D 412 45.93 2.52 -39.90
CA ASN D 412 45.17 2.81 -41.11
C ASN D 412 44.00 1.85 -41.18
N LEU D 413 42.83 2.33 -40.80
CA LEU D 413 41.61 1.54 -40.84
C LEU D 413 40.78 1.87 -42.06
N LEU D 414 40.01 0.89 -42.49
CA LEU D 414 39.10 1.01 -43.61
C LEU D 414 37.93 0.08 -43.35
N SER D 415 36.75 0.50 -43.74
CA SER D 415 35.60 -0.39 -43.60
C SER D 415 34.62 -0.07 -44.69
N THR D 416 33.93 -1.09 -45.20
CA THR D 416 32.93 -0.90 -46.24
C THR D 416 31.74 -1.82 -45.99
N PRO D 417 30.83 -1.42 -45.13
CA PRO D 417 29.54 -2.11 -45.10
C PRO D 417 28.70 -1.69 -46.29
N SER D 418 27.80 -2.58 -46.68
CA SER D 418 26.98 -2.37 -47.86
C SER D 418 25.77 -3.28 -47.81
N LEU D 419 24.60 -2.75 -48.06
CA LEU D 419 23.39 -3.57 -48.02
C LEU D 419 22.38 -3.15 -49.09
N LEU D 420 21.50 -4.08 -49.41
CA LEU D 420 20.40 -3.84 -50.32
C LEU D 420 19.13 -3.63 -49.51
N THR D 421 18.27 -2.74 -49.99
CA THR D 421 17.04 -2.46 -49.29
C THR D 421 15.99 -1.93 -50.25
N LEU D 422 14.75 -1.92 -49.79
CA LEU D 422 13.70 -1.11 -50.39
C LEU D 422 13.67 0.24 -49.72
N ASP D 423 12.81 1.12 -50.20
CA ASP D 423 12.56 2.36 -49.50
C ASP D 423 11.71 2.10 -48.27
N ASN D 424 11.90 2.96 -47.26
CA ASN D 424 11.11 2.98 -46.03
C ASN D 424 11.21 1.66 -45.26
N GLN D 425 12.34 0.99 -45.38
CA GLN D 425 12.56 -0.31 -44.77
C GLN D 425 13.90 -0.29 -44.06
N LYS D 426 13.85 -0.34 -42.72
CA LYS D 426 15.03 -0.18 -41.89
C LYS D 426 15.94 -1.38 -42.03
N ALA D 427 16.92 -1.28 -42.93
CA ALA D 427 17.92 -2.33 -43.03
C ALA D 427 18.93 -2.19 -41.89
N GLU D 428 19.86 -3.13 -41.82
CA GLU D 428 20.83 -3.16 -40.74
C GLU D 428 21.91 -4.16 -41.08
N ILE D 429 23.15 -3.81 -40.82
CA ILE D 429 24.20 -4.80 -40.72
C ILE D 429 24.88 -4.57 -39.39
N LEU D 430 25.19 -5.65 -38.70
CA LEU D 430 25.92 -5.55 -37.45
C LEU D 430 26.95 -6.64 -37.44
N VAL D 431 28.22 -6.29 -37.35
CA VAL D 431 29.28 -7.28 -37.36
C VAL D 431 30.13 -7.07 -36.13
N GLY D 432 30.35 -8.12 -35.36
CA GLY D 432 31.17 -8.05 -34.17
C GLY D 432 30.36 -8.28 -32.91
N GLN D 433 31.07 -8.31 -31.80
CA GLN D 433 30.67 -8.98 -30.57
C GLN D 433 29.43 -8.35 -29.94
N ASN D 434 28.89 -9.07 -28.95
CA ASN D 434 27.76 -8.62 -28.13
C ASN D 434 28.17 -8.81 -26.68
N VAL D 435 28.19 -7.73 -25.92
CA VAL D 435 28.82 -7.72 -24.60
C VAL D 435 27.76 -7.39 -23.57
N PRO D 436 28.00 -7.73 -22.30
CA PRO D 436 27.18 -7.22 -21.22
C PRO D 436 27.71 -5.88 -20.72
N PHE D 437 26.84 -5.16 -20.04
CA PHE D 437 27.27 -3.95 -19.36
C PHE D 437 26.40 -3.80 -18.13
N GLN D 438 27.00 -3.32 -17.05
CA GLN D 438 26.24 -3.15 -15.83
C GLN D 438 25.33 -1.95 -15.95
N THR D 439 24.10 -2.10 -15.49
CA THR D 439 23.22 -0.98 -15.21
C THR D 439 22.97 -0.90 -13.71
N GLY D 440 23.91 -1.44 -12.92
CA GLY D 440 23.76 -1.50 -11.49
C GLY D 440 24.73 -2.45 -10.83
N THR D 454 24.33 -5.36 -9.51
CA THR D 454 24.45 -5.99 -10.82
C THR D 454 23.09 -6.24 -11.42
N THR D 455 22.74 -5.47 -12.44
CA THR D 455 21.53 -5.69 -13.22
C THR D 455 21.85 -5.52 -14.71
N VAL D 456 22.85 -6.27 -15.17
CA VAL D 456 23.52 -6.11 -16.46
C VAL D 456 22.60 -6.30 -17.66
N GLU D 457 23.10 -5.97 -18.84
CA GLU D 457 22.28 -5.85 -20.03
C GLU D 457 23.15 -6.11 -21.25
N ARG D 458 22.55 -6.58 -22.33
CA ARG D 458 23.28 -6.96 -23.54
C ARG D 458 23.30 -5.81 -24.53
N LYS D 459 24.39 -5.70 -25.27
CA LYS D 459 24.64 -4.51 -26.08
C LYS D 459 25.68 -4.82 -27.14
N ASP D 460 25.45 -4.35 -28.36
CA ASP D 460 26.21 -4.76 -29.52
C ASP D 460 27.39 -3.86 -29.82
N ILE D 461 28.51 -4.47 -30.18
CA ILE D 461 29.80 -3.80 -30.34
C ILE D 461 30.42 -4.27 -31.65
N GLY D 462 30.68 -3.33 -32.55
CA GLY D 462 31.32 -3.67 -33.81
C GLY D 462 30.74 -2.83 -34.92
N VAL D 463 31.19 -3.08 -36.16
CA VAL D 463 30.79 -2.25 -37.30
C VAL D 463 29.30 -2.35 -37.50
N SER D 464 28.66 -1.23 -37.82
CA SER D 464 27.22 -1.28 -37.92
C SER D 464 26.72 -0.24 -38.89
N LEU D 465 25.57 -0.52 -39.48
CA LEU D 465 25.01 0.39 -40.45
C LEU D 465 23.51 0.27 -40.44
N LYS D 466 22.79 1.39 -40.44
CA LYS D 466 21.34 1.38 -40.52
C LYS D 466 20.90 2.42 -41.53
N VAL D 467 20.42 2.00 -42.67
CA VAL D 467 20.00 2.88 -43.73
C VAL D 467 18.48 2.92 -43.73
N THR D 468 17.91 4.07 -44.03
CA THR D 468 16.50 4.11 -44.46
C THR D 468 16.37 5.04 -45.66
N PRO D 469 16.10 4.52 -46.84
CA PRO D 469 15.97 5.38 -48.01
C PRO D 469 14.57 5.97 -48.17
N HIS D 470 14.47 6.87 -49.14
CA HIS D 470 13.20 7.36 -49.64
C HIS D 470 13.44 7.72 -51.09
N ILE D 471 12.72 7.08 -52.00
CA ILE D 471 13.14 6.97 -53.38
C ILE D 471 12.17 7.67 -54.30
N ASN D 472 12.69 8.67 -55.00
CA ASN D 472 11.95 9.34 -56.05
C ASN D 472 12.00 8.49 -57.31
N ASP D 473 11.02 8.67 -58.17
CA ASP D 473 11.04 8.02 -59.47
C ASP D 473 12.05 8.76 -60.35
N GLY D 474 13.33 8.46 -60.12
CA GLY D 474 14.40 9.11 -60.85
C GLY D 474 15.63 9.34 -60.02
N ALA D 475 16.20 10.53 -60.11
CA ALA D 475 17.43 10.86 -59.42
C ALA D 475 17.14 11.28 -57.99
N ALA D 476 18.21 11.61 -57.26
CA ALA D 476 18.18 12.33 -55.98
C ALA D 476 17.37 11.58 -54.91
N LEU D 477 17.95 10.46 -54.48
CA LEU D 477 17.39 9.69 -53.38
C LEU D 477 17.64 10.39 -52.05
N ARG D 478 16.80 10.11 -51.07
CA ARG D 478 17.04 10.57 -49.70
C ARG D 478 17.51 9.41 -48.86
N LEU D 479 18.49 9.65 -48.00
CA LEU D 479 18.98 8.61 -47.10
C LEU D 479 18.96 9.10 -45.67
N GLU D 480 18.60 8.21 -44.76
CA GLU D 480 18.68 8.49 -43.34
C GLU D 480 19.68 7.49 -42.80
N ILE D 481 20.89 7.93 -42.60
CA ILE D 481 22.00 7.05 -42.29
C ILE D 481 22.18 7.06 -40.79
N GLU D 482 22.43 5.92 -40.20
CA GLU D 482 22.93 5.87 -38.84
C GLU D 482 24.05 4.85 -38.89
N GLN D 483 25.25 5.31 -39.13
CA GLN D 483 26.37 4.42 -39.26
C GLN D 483 27.20 4.53 -38.01
N GLU D 484 27.83 3.44 -37.60
CA GLU D 484 28.77 3.57 -36.49
C GLU D 484 29.85 2.52 -36.59
N ILE D 485 30.95 2.79 -35.91
CA ILE D 485 32.00 1.81 -35.71
C ILE D 485 32.35 1.86 -34.25
N SER D 486 32.13 0.77 -33.56
CA SER D 486 32.52 0.64 -32.17
C SER D 486 33.90 0.01 -32.10
N ALA D 487 34.31 -0.40 -30.91
CA ALA D 487 35.49 -1.23 -30.65
C ALA D 487 35.38 -1.67 -29.20
N LEU D 488 36.44 -2.29 -28.69
CA LEU D 488 36.51 -2.68 -27.30
C LEU D 488 37.97 -2.58 -26.90
N LEU D 489 38.23 -2.12 -25.69
CA LEU D 489 39.58 -1.67 -25.35
C LEU D 489 40.19 -2.50 -24.24
N PRO D 490 41.32 -3.17 -24.47
CA PRO D 490 41.96 -3.94 -23.39
C PRO D 490 43.07 -3.17 -22.69
N ASN D 491 43.49 -2.04 -23.26
CA ASN D 491 44.70 -1.37 -22.80
C ASN D 491 44.43 -0.50 -21.57
N ALA D 492 43.65 0.56 -21.76
CA ALA D 492 43.44 1.58 -20.74
C ALA D 492 42.23 1.17 -19.92
N GLN D 493 42.46 0.32 -18.95
CA GLN D 493 41.41 -0.14 -18.04
C GLN D 493 41.58 0.52 -16.69
N GLN D 494 40.49 1.07 -16.18
CA GLN D 494 40.45 1.73 -14.90
C GLN D 494 40.12 0.71 -13.81
N ARG D 495 39.68 1.20 -12.65
CA ARG D 495 39.23 0.43 -11.51
C ARG D 495 37.76 -0.05 -11.67
N ASN D 496 37.28 -0.12 -12.90
CA ASN D 496 35.87 -0.35 -13.18
C ASN D 496 35.75 -1.37 -14.32
N ASN D 497 34.57 -1.44 -14.93
CA ASN D 497 34.25 -2.50 -15.87
C ASN D 497 34.85 -2.26 -17.25
N THR D 498 34.32 -2.97 -18.24
CA THR D 498 34.77 -2.87 -19.61
C THR D 498 34.58 -1.45 -20.14
N ASP D 499 35.69 -0.84 -20.56
CA ASP D 499 35.69 0.50 -21.10
C ASP D 499 35.35 0.42 -22.59
N LEU D 500 34.07 0.13 -22.84
CA LEU D 500 33.61 -0.27 -24.16
C LEU D 500 33.59 0.94 -25.06
N ILE D 501 34.43 0.96 -26.10
CA ILE D 501 34.35 2.06 -27.04
C ILE D 501 33.15 1.74 -27.91
N THR D 502 31.96 2.15 -27.45
CA THR D 502 30.71 1.75 -28.09
C THR D 502 30.37 2.68 -29.25
N SER D 503 30.86 3.91 -29.21
CA SER D 503 31.05 4.70 -30.40
C SER D 503 32.52 5.01 -30.49
N LYS D 504 33.11 4.73 -31.64
CA LYS D 504 34.34 5.38 -32.03
C LYS D 504 34.12 6.26 -33.22
N ARG D 505 33.22 5.88 -34.10
CA ARG D 505 32.62 6.83 -34.99
C ARG D 505 31.14 6.60 -34.91
N SER D 506 30.36 7.64 -34.90
CA SER D 506 28.92 7.39 -34.83
C SER D 506 28.22 8.55 -35.53
N ILE D 507 28.06 8.44 -36.82
CA ILE D 507 27.45 9.53 -37.56
C ILE D 507 26.02 9.18 -37.86
N LYS D 508 25.11 10.00 -37.35
CA LYS D 508 23.68 9.73 -37.43
C LYS D 508 23.05 10.85 -38.23
N SER D 509 23.15 10.79 -39.53
CA SER D 509 22.81 11.96 -40.31
C SER D 509 21.67 11.68 -41.25
N THR D 510 21.34 12.66 -42.08
CA THR D 510 20.23 12.52 -43.01
C THR D 510 20.62 13.29 -44.27
N ILE D 511 21.02 12.58 -45.31
CA ILE D 511 21.55 13.28 -46.49
C ILE D 511 20.66 13.01 -47.68
N LEU D 512 21.00 13.60 -48.83
CA LEU D 512 20.22 13.45 -50.04
C LEU D 512 21.18 13.38 -51.20
N ALA D 513 21.33 12.19 -51.79
CA ALA D 513 22.41 11.92 -52.70
C ALA D 513 21.90 11.62 -54.11
N GLU D 514 22.86 11.46 -55.01
CA GLU D 514 22.62 11.16 -56.41
C GLU D 514 23.18 9.78 -56.72
N ASN D 515 22.44 9.01 -57.50
CA ASN D 515 22.54 7.55 -57.60
C ASN D 515 23.83 7.01 -58.22
N GLY D 516 24.88 7.77 -58.49
CA GLY D 516 26.12 7.16 -58.90
C GLY D 516 27.29 7.92 -58.32
N GLN D 517 26.99 8.83 -57.40
CA GLN D 517 27.94 9.84 -56.97
C GLN D 517 28.54 9.44 -55.62
N VAL D 518 29.83 9.16 -55.62
CA VAL D 518 30.56 8.94 -54.38
C VAL D 518 30.65 10.27 -53.67
N ILE D 519 29.97 10.42 -52.54
CA ILE D 519 29.95 11.67 -51.81
C ILE D 519 30.59 11.46 -50.46
N VAL D 520 30.78 12.56 -49.74
CA VAL D 520 31.39 12.57 -48.43
C VAL D 520 30.33 12.96 -47.40
N ILE D 521 30.16 12.13 -46.38
CA ILE D 521 29.18 12.46 -45.37
C ILE D 521 29.84 13.16 -44.21
N GLY D 522 30.97 12.65 -43.72
CA GLY D 522 31.47 13.21 -42.49
C GLY D 522 32.97 13.15 -42.38
N GLY D 523 33.51 13.83 -41.38
CA GLY D 523 34.94 13.82 -41.26
C GLY D 523 35.42 14.33 -39.93
N LEU D 524 36.70 14.14 -39.70
CA LEU D 524 37.38 14.62 -38.51
C LEU D 524 38.86 14.72 -38.82
N ILE D 525 39.44 15.89 -38.64
CA ILE D 525 40.88 16.08 -38.78
C ILE D 525 41.37 16.62 -37.45
N GLN D 526 42.09 15.81 -36.70
CA GLN D 526 42.50 16.17 -35.36
C GLN D 526 44.01 16.17 -35.29
N ASP D 527 44.58 17.34 -35.08
CA ASP D 527 46.01 17.52 -35.03
C ASP D 527 46.41 17.98 -33.63
N ASP D 528 47.61 17.59 -33.22
CA ASP D 528 48.03 17.86 -31.86
C ASP D 528 49.54 17.87 -31.83
N VAL D 529 50.08 18.77 -31.00
CA VAL D 529 51.50 18.81 -30.70
C VAL D 529 51.65 19.36 -29.29
N SER D 530 52.36 18.63 -28.45
CA SER D 530 52.50 18.98 -27.05
C SER D 530 53.94 18.75 -26.65
N GLN D 531 54.42 19.55 -25.70
CA GLN D 531 55.82 19.46 -25.31
C GLN D 531 56.04 20.02 -23.92
N ALA D 532 56.54 19.19 -23.02
CA ALA D 532 56.86 19.60 -21.68
C ALA D 532 58.37 19.59 -21.49
N GLU D 533 58.85 20.49 -20.65
CA GLU D 533 60.26 20.50 -20.27
C GLU D 533 60.38 20.53 -18.76
N SER D 534 61.59 20.26 -18.30
CA SER D 534 61.92 20.43 -16.90
C SER D 534 63.43 20.62 -16.81
N LYS D 535 63.88 21.78 -16.34
CA LYS D 535 65.30 22.08 -16.36
C LYS D 535 65.70 22.82 -15.10
N VAL D 536 66.99 22.85 -14.84
CA VAL D 536 67.54 23.83 -13.91
C VAL D 536 67.44 25.21 -14.55
N PRO D 537 66.85 26.21 -13.88
CA PRO D 537 66.46 27.45 -14.56
C PRO D 537 67.60 28.32 -15.07
N LEU D 538 68.83 28.09 -14.64
CA LEU D 538 69.94 28.85 -15.19
C LEU D 538 70.65 28.14 -16.33
N LEU D 539 70.73 26.81 -16.28
CA LEU D 539 71.64 26.07 -17.13
C LEU D 539 70.99 25.51 -18.38
N GLY D 540 69.69 25.25 -18.36
CA GLY D 540 69.03 24.76 -19.55
C GLY D 540 68.92 25.77 -20.66
N ASP D 541 69.06 27.06 -20.34
CA ASP D 541 68.84 28.12 -21.32
C ASP D 541 69.99 28.25 -22.30
N ILE D 542 71.19 27.86 -21.90
CA ILE D 542 72.40 28.08 -22.69
C ILE D 542 72.39 27.16 -23.90
N PRO D 543 72.35 27.69 -25.13
CA PRO D 543 72.17 26.82 -26.30
C PRO D 543 73.46 26.18 -26.79
N LEU D 544 74.27 25.71 -25.87
CA LEU D 544 75.43 24.88 -26.12
C LEU D 544 75.44 23.67 -25.20
N LEU D 545 74.99 23.82 -23.96
CA LEU D 545 74.88 22.73 -23.01
C LEU D 545 73.46 22.56 -22.49
N GLY D 546 72.49 23.20 -23.14
CA GLY D 546 71.11 23.13 -22.70
C GLY D 546 70.49 21.77 -22.81
N ARG D 547 71.01 20.92 -23.70
CA ARG D 547 70.56 19.54 -23.74
C ARG D 547 71.02 18.77 -22.51
N LEU D 548 72.16 19.13 -21.94
CA LEU D 548 72.73 18.38 -20.84
C LEU D 548 72.08 18.66 -19.49
N PHE D 549 71.05 19.45 -19.46
CA PHE D 549 70.39 19.67 -18.17
C PHE D 549 68.89 19.47 -18.22
N ARG D 550 68.24 19.81 -19.32
CA ARG D 550 66.79 19.78 -19.38
C ARG D 550 66.28 18.35 -19.51
N SER D 551 64.96 18.23 -19.54
CA SER D 551 64.28 16.95 -19.73
C SER D 551 63.02 17.25 -20.52
N THR D 552 62.97 16.80 -21.77
CA THR D 552 61.88 17.16 -22.66
C THR D 552 61.04 15.94 -23.00
N LYS D 553 59.80 16.23 -23.36
CA LYS D 553 58.83 15.21 -23.73
C LYS D 553 57.91 15.81 -24.77
N ASP D 554 58.02 15.34 -26.01
CA ASP D 554 57.22 15.84 -27.12
C ASP D 554 56.22 14.79 -27.52
N THR D 555 55.11 15.23 -28.11
CA THR D 555 54.01 14.34 -28.45
C THR D 555 53.25 14.95 -29.62
N HIS D 556 53.38 14.37 -30.80
CA HIS D 556 52.63 14.81 -31.96
C HIS D 556 51.59 13.75 -32.28
N THR D 557 50.44 14.17 -32.80
CA THR D 557 49.31 13.26 -32.93
C THR D 557 48.38 13.70 -34.05
N LYS D 558 48.10 12.83 -35.00
CA LYS D 558 47.14 13.13 -36.04
C LYS D 558 46.11 12.03 -36.14
N ARG D 559 44.86 12.42 -36.39
CA ARG D 559 43.79 11.47 -36.69
C ARG D 559 42.98 12.06 -37.83
N ASN D 560 43.09 11.46 -39.00
CA ASN D 560 42.28 11.84 -40.15
C ASN D 560 41.18 10.82 -40.34
N LEU D 561 40.01 11.29 -40.71
CA LEU D 561 38.84 10.45 -40.73
C LEU D 561 37.85 10.96 -41.76
N MET D 562 37.47 10.09 -42.70
CA MET D 562 36.40 10.42 -43.63
C MET D 562 35.37 9.30 -43.63
N VAL D 563 34.12 9.69 -43.83
CA VAL D 563 33.02 8.76 -43.98
C VAL D 563 32.32 9.11 -45.28
N PHE D 564 32.46 8.22 -46.27
CA PHE D 564 31.91 8.35 -47.61
C PHE D 564 30.70 7.46 -47.78
N LEU D 565 29.93 7.74 -48.82
CA LEU D 565 28.71 7.02 -49.07
C LEU D 565 28.51 6.86 -50.56
N ARG D 566 27.92 5.76 -50.96
CA ARG D 566 27.70 5.49 -52.37
C ARG D 566 26.35 4.80 -52.55
N PRO D 567 25.38 5.47 -53.07
CA PRO D 567 24.11 4.79 -53.38
C PRO D 567 24.03 4.34 -54.82
N THR D 568 23.43 3.19 -55.06
CA THR D 568 23.13 2.74 -56.42
C THR D 568 21.67 2.31 -56.46
N VAL D 569 20.91 2.89 -57.38
CA VAL D 569 19.50 2.58 -57.53
C VAL D 569 19.35 1.46 -58.53
N VAL D 570 18.72 0.37 -58.11
CA VAL D 570 18.34 -0.71 -59.01
C VAL D 570 16.83 -0.88 -58.94
N ARG D 571 16.19 -0.91 -60.11
CA ARG D 571 14.77 -1.15 -60.20
C ARG D 571 14.38 -2.26 -61.14
N ASP D 572 15.25 -2.68 -62.04
CA ASP D 572 15.08 -3.91 -62.80
C ASP D 572 16.05 -4.95 -62.30
N SER D 573 15.71 -6.23 -62.54
CA SER D 573 16.56 -7.30 -62.07
C SER D 573 17.86 -7.44 -62.85
N ALA D 574 17.97 -6.77 -64.00
CA ALA D 574 19.20 -6.86 -64.80
C ALA D 574 20.36 -6.18 -64.08
N GLY D 575 20.14 -4.98 -63.55
CA GLY D 575 21.20 -4.29 -62.83
C GLY D 575 21.55 -4.97 -61.52
N LEU D 576 20.55 -5.58 -60.88
CA LEU D 576 20.79 -6.35 -59.68
C LEU D 576 21.63 -7.59 -59.98
N ALA D 577 21.35 -8.25 -61.10
CA ALA D 577 22.18 -9.35 -61.54
C ALA D 577 23.60 -8.90 -61.87
N ALA D 578 23.75 -7.70 -62.42
CA ALA D 578 25.08 -7.19 -62.75
C ALA D 578 25.88 -6.89 -61.50
N LEU D 579 25.26 -6.25 -60.50
CA LEU D 579 25.90 -6.02 -59.22
C LEU D 579 26.28 -7.32 -58.54
N SER D 580 25.39 -8.31 -58.59
CA SER D 580 25.66 -9.60 -57.97
C SER D 580 26.80 -10.32 -58.65
N GLY D 581 26.86 -10.25 -59.98
CA GLY D 581 27.96 -10.85 -60.72
C GLY D 581 29.29 -10.19 -60.44
N LYS D 582 29.30 -8.86 -60.32
CA LYS D 582 30.55 -8.17 -60.00
C LYS D 582 31.03 -8.51 -58.60
N LYS D 583 30.13 -8.50 -57.61
CA LYS D 583 30.54 -8.82 -56.26
C LYS D 583 30.93 -10.29 -56.13
N TYR D 584 30.29 -11.17 -56.91
CA TYR D 584 30.61 -12.57 -56.82
C TYR D 584 31.95 -12.88 -57.48
N SER D 585 32.27 -12.18 -58.57
CA SER D 585 33.60 -12.30 -59.14
C SER D 585 34.65 -11.71 -58.21
N ASP D 586 34.30 -10.61 -57.53
CA ASP D 586 35.26 -9.98 -56.65
C ASP D 586 35.46 -10.75 -55.36
N ILE D 587 34.55 -11.64 -55.00
CA ILE D 587 34.86 -12.55 -53.90
C ILE D 587 35.52 -13.83 -54.40
N ARG D 588 35.26 -14.22 -55.65
CA ARG D 588 35.94 -15.35 -56.25
C ARG D 588 37.43 -15.09 -56.43
N VAL D 589 37.80 -13.84 -56.71
CA VAL D 589 39.21 -13.52 -56.86
C VAL D 589 39.90 -13.53 -55.49
N ILE D 590 39.15 -13.27 -54.41
CA ILE D 590 39.73 -13.41 -53.09
C ILE D 590 39.89 -14.89 -52.75
N ASP D 591 38.95 -15.71 -53.22
CA ASP D 591 39.19 -17.16 -53.20
C ASP D 591 40.37 -17.55 -54.07
N GLY D 592 40.64 -16.79 -55.13
CA GLY D 592 41.74 -17.03 -56.04
C GLY D 592 43.09 -16.50 -55.60
N THR D 593 43.23 -16.09 -54.34
CA THR D 593 44.52 -15.64 -53.84
C THR D 593 45.03 -16.60 -52.76
N PRO D 604 45.77 -26.56 -46.23
CA PRO D 604 46.08 -25.53 -47.22
C PRO D 604 44.89 -24.62 -47.51
N THR D 605 45.00 -23.89 -48.63
CA THR D 605 44.04 -22.89 -49.08
C THR D 605 43.62 -23.18 -50.52
N ASN D 606 43.21 -24.43 -50.75
CA ASN D 606 42.99 -24.98 -52.08
C ASN D 606 41.78 -24.35 -52.76
N ALA D 607 41.56 -24.77 -54.01
CA ALA D 607 40.69 -24.07 -54.95
C ALA D 607 39.23 -24.16 -54.50
N ASN D 608 38.60 -23.00 -54.32
CA ASN D 608 37.24 -22.92 -53.82
C ASN D 608 36.25 -23.06 -54.96
N GLN D 609 34.95 -23.01 -54.65
CA GLN D 609 33.97 -23.58 -55.56
C GLN D 609 32.92 -22.56 -55.95
N LEU D 610 32.45 -22.64 -57.20
CA LEU D 610 31.31 -21.89 -57.67
C LEU D 610 30.02 -22.54 -57.18
N PHE D 611 28.89 -21.85 -57.32
CA PHE D 611 27.58 -22.44 -57.06
C PHE D 611 26.71 -22.28 -58.28
N ASP D 612 25.46 -22.69 -58.12
CA ASP D 612 24.50 -22.64 -59.20
C ASP D 612 24.06 -21.21 -59.40
N GLY D 613 24.83 -20.45 -60.17
CA GLY D 613 24.52 -19.06 -60.44
C GLY D 613 23.26 -18.86 -61.25
N ASP E 174 -52.66 5.56 -75.19
CA ASP E 174 -52.61 4.11 -75.21
C ASP E 174 -51.55 3.56 -74.25
N TYR E 175 -51.59 2.25 -74.00
CA TYR E 175 -50.78 1.62 -72.97
C TYR E 175 -49.54 1.01 -73.59
N SER E 176 -48.39 1.12 -72.91
CA SER E 176 -47.18 0.47 -73.37
C SER E 176 -46.22 0.26 -72.22
N VAL E 177 -45.25 -0.61 -72.44
CA VAL E 177 -44.17 -0.87 -71.49
C VAL E 177 -42.86 -0.91 -72.25
N ILE E 178 -41.84 -0.24 -71.71
CA ILE E 178 -40.52 -0.18 -72.32
C ILE E 178 -39.47 -0.58 -71.29
N ASN E 179 -38.28 -0.88 -71.80
CA ASN E 179 -37.09 -1.17 -71.03
C ASN E 179 -36.27 0.09 -70.86
N LEU E 180 -35.20 -0.03 -70.06
CA LEU E 180 -34.13 0.95 -69.98
C LEU E 180 -32.81 0.21 -69.85
N ARG E 181 -31.79 0.71 -70.55
CA ARG E 181 -30.46 0.09 -70.47
C ARG E 181 -29.71 0.59 -69.25
N TYR E 182 -29.46 1.89 -69.19
CA TYR E 182 -28.84 2.54 -68.05
C TYR E 182 -29.76 3.50 -67.31
N GLY E 183 -30.94 3.80 -67.86
CA GLY E 183 -31.81 4.78 -67.24
C GLY E 183 -32.51 4.25 -66.02
N TRP E 184 -32.84 5.16 -65.10
CA TRP E 184 -33.53 4.83 -63.86
C TRP E 184 -34.96 5.34 -63.92
N VAL E 185 -35.92 4.44 -63.68
CA VAL E 185 -37.32 4.85 -63.58
C VAL E 185 -37.59 5.60 -62.28
N MET E 186 -36.71 5.43 -61.29
CA MET E 186 -36.84 6.17 -60.04
C MET E 186 -36.67 7.66 -60.28
N ASP E 187 -35.64 8.04 -61.04
CA ASP E 187 -35.45 9.43 -61.38
C ASP E 187 -36.49 9.91 -62.39
N ALA E 188 -36.84 9.05 -63.34
CA ALA E 188 -37.73 9.46 -64.42
C ALA E 188 -39.20 9.50 -64.00
N ALA E 189 -39.54 8.99 -62.82
CA ALA E 189 -40.93 8.98 -62.39
C ALA E 189 -41.42 10.40 -62.10
N GLU E 190 -40.62 11.17 -61.37
CA GLU E 190 -40.96 12.57 -61.09
C GLU E 190 -40.93 13.41 -62.36
N VAL E 191 -40.10 13.01 -63.32
CA VAL E 191 -40.07 13.66 -64.63
C VAL E 191 -41.39 13.45 -65.35
N LEU E 192 -41.74 12.19 -65.59
CA LEU E 192 -42.87 11.85 -66.43
C LEU E 192 -44.21 12.10 -65.78
N ASN E 193 -44.27 12.16 -64.45
CA ASN E 193 -45.50 12.58 -63.80
C ASN E 193 -45.78 14.06 -64.09
N ASN E 194 -44.73 14.86 -64.17
CA ASN E 194 -44.86 16.27 -64.53
C ASN E 194 -44.63 16.51 -66.01
N ALA E 195 -44.55 15.45 -66.82
CA ALA E 195 -44.46 15.64 -68.26
C ALA E 195 -45.76 16.19 -68.83
N MET E 196 -46.88 15.77 -68.26
CA MET E 196 -48.17 16.37 -68.57
C MET E 196 -48.49 17.43 -67.52
N SER E 197 -49.06 18.54 -67.98
CA SER E 197 -49.22 19.73 -67.15
C SER E 197 -50.27 19.51 -66.07
N ARG E 198 -50.35 20.48 -65.16
CA ARG E 198 -51.29 20.41 -64.05
C ARG E 198 -52.69 20.79 -64.49
N ALA E 205 -54.53 15.30 -64.75
CA ALA E 205 -53.24 14.80 -65.19
C ALA E 205 -53.34 14.15 -66.57
N GLY E 206 -54.32 13.28 -66.73
CA GLY E 206 -54.53 12.60 -68.00
C GLY E 206 -53.75 11.31 -68.11
N ALA E 207 -52.58 11.39 -68.76
CA ALA E 207 -51.73 10.23 -68.94
C ALA E 207 -51.12 9.78 -67.60
N GLN E 208 -50.61 8.55 -67.59
CA GLN E 208 -50.03 8.00 -66.38
C GLN E 208 -48.71 7.31 -66.67
N VAL E 209 -47.97 7.02 -65.61
CA VAL E 209 -46.64 6.45 -65.69
C VAL E 209 -46.40 5.61 -64.44
N ILE E 210 -45.82 4.42 -64.64
CA ILE E 210 -45.66 3.40 -63.61
C ILE E 210 -44.25 2.86 -63.68
N ALA E 211 -43.54 2.85 -62.56
CA ALA E 211 -42.15 2.46 -62.50
C ALA E 211 -41.99 1.03 -62.01
N ASP E 212 -40.91 0.39 -62.46
CA ASP E 212 -40.44 -0.91 -61.94
C ASP E 212 -38.95 -0.79 -61.69
N ALA E 213 -38.58 -0.59 -60.43
CA ALA E 213 -37.18 -0.42 -60.08
C ALA E 213 -36.45 -1.74 -59.88
N ARG E 214 -37.14 -2.86 -59.87
CA ARG E 214 -36.45 -4.15 -59.82
C ARG E 214 -36.03 -4.59 -61.22
N THR E 215 -36.97 -4.53 -62.16
CA THR E 215 -36.71 -4.93 -63.53
C THR E 215 -36.60 -3.76 -64.47
N ASN E 216 -36.58 -2.54 -63.93
CA ASN E 216 -36.26 -1.30 -64.64
C ASN E 216 -37.25 -1.04 -65.78
N ARG E 217 -38.52 -1.36 -65.53
CA ARG E 217 -39.51 -1.27 -66.58
C ARG E 217 -40.32 0.00 -66.43
N LEU E 218 -40.90 0.44 -67.54
CA LEU E 218 -41.69 1.67 -67.54
C LEU E 218 -43.01 1.41 -68.24
N ILE E 219 -44.12 1.58 -67.53
CA ILE E 219 -45.45 1.37 -68.08
C ILE E 219 -46.12 2.73 -68.20
N ILE E 220 -46.31 3.20 -69.43
CA ILE E 220 -46.86 4.52 -69.65
C ILE E 220 -48.18 4.40 -70.38
N LEU E 221 -49.15 5.24 -69.99
CA LEU E 221 -50.55 5.13 -70.40
C LEU E 221 -50.93 6.51 -70.91
N GLY E 222 -50.71 6.79 -72.20
CA GLY E 222 -50.97 8.11 -72.73
C GLY E 222 -50.80 8.28 -74.23
N PRO E 223 -50.45 9.50 -74.64
CA PRO E 223 -50.42 9.79 -76.06
C PRO E 223 -49.22 9.16 -76.74
N PRO E 224 -49.31 8.86 -78.04
CA PRO E 224 -48.20 8.16 -78.71
C PRO E 224 -46.99 9.04 -78.96
N GLN E 225 -47.16 10.35 -79.07
CA GLN E 225 -46.02 11.22 -79.30
C GLN E 225 -45.19 11.42 -78.04
N ALA E 226 -45.82 11.47 -76.87
CA ALA E 226 -45.08 11.48 -75.62
C ALA E 226 -44.32 10.17 -75.45
N ARG E 227 -44.94 9.06 -75.85
CA ARG E 227 -44.27 7.76 -75.91
C ARG E 227 -43.02 7.82 -76.77
N ALA E 228 -43.14 8.33 -78.00
CA ALA E 228 -42.02 8.31 -78.93
C ALA E 228 -40.90 9.26 -78.50
N LYS E 229 -41.27 10.50 -78.14
CA LYS E 229 -40.28 11.48 -77.74
C LYS E 229 -39.62 11.11 -76.43
N LEU E 230 -40.31 10.40 -75.54
CA LEU E 230 -39.67 10.06 -74.29
C LEU E 230 -38.98 8.71 -74.34
N VAL E 231 -39.29 7.86 -75.32
CA VAL E 231 -38.39 6.76 -75.63
C VAL E 231 -37.10 7.29 -76.26
N GLN E 232 -37.18 8.36 -77.06
CA GLN E 232 -35.96 8.99 -77.55
C GLN E 232 -35.17 9.67 -76.42
N LEU E 233 -35.87 10.30 -75.48
CA LEU E 233 -35.20 10.84 -74.30
C LEU E 233 -34.69 9.72 -73.41
N ALA E 234 -35.31 8.55 -73.44
CA ALA E 234 -34.79 7.40 -72.74
C ALA E 234 -33.50 6.91 -73.37
N GLN E 235 -33.46 6.89 -74.71
CA GLN E 235 -32.29 6.43 -75.44
C GLN E 235 -31.14 7.43 -75.36
N SER E 236 -31.46 8.71 -75.15
CA SER E 236 -30.44 9.69 -74.80
C SER E 236 -30.16 9.71 -73.30
N LEU E 237 -31.06 9.13 -72.51
CA LEU E 237 -31.04 9.22 -71.07
C LEU E 237 -30.27 8.08 -70.44
N ASP E 238 -30.26 6.93 -71.09
CA ASP E 238 -29.45 5.79 -70.68
C ASP E 238 -28.04 5.84 -71.26
N THR E 239 -27.59 7.00 -71.66
CA THR E 239 -26.20 7.19 -72.04
C THR E 239 -25.43 7.72 -70.84
N PRO E 240 -24.22 7.23 -70.59
CA PRO E 240 -23.39 7.81 -69.52
C PRO E 240 -22.94 9.21 -69.89
N THR E 241 -22.78 10.04 -68.85
CA THR E 241 -22.44 11.46 -69.00
C THR E 241 -21.64 11.81 -67.74
N ALA E 242 -21.68 13.06 -67.28
CA ALA E 242 -20.85 13.59 -66.19
C ALA E 242 -21.04 12.91 -64.84
N ARG E 243 -20.29 13.39 -63.84
CA ARG E 243 -19.89 12.65 -62.63
C ARG E 243 -19.52 11.20 -62.95
N SER E 244 -18.63 11.06 -63.95
CA SER E 244 -18.09 9.76 -64.33
C SER E 244 -16.73 10.00 -64.95
N ALA E 245 -15.72 9.27 -64.42
CA ALA E 245 -14.30 9.44 -64.77
C ALA E 245 -13.84 10.88 -64.59
N ASN E 246 -14.03 11.40 -63.39
CA ASN E 246 -13.58 12.73 -63.01
C ASN E 246 -12.63 12.66 -61.82
N THR E 247 -11.78 11.64 -61.82
CA THR E 247 -10.88 11.34 -60.71
C THR E 247 -9.43 11.54 -61.14
N ARG E 248 -8.52 11.41 -60.18
CA ARG E 248 -7.12 11.74 -60.41
C ARG E 248 -6.25 11.03 -59.38
N VAL E 249 -5.07 10.62 -59.80
CA VAL E 249 -4.08 10.01 -58.91
C VAL E 249 -2.77 10.78 -59.04
N ILE E 250 -2.21 11.20 -57.91
CA ILE E 250 -1.05 12.07 -57.86
C ILE E 250 0.04 11.39 -57.06
N ARG E 251 1.19 11.17 -57.68
CA ARG E 251 2.37 10.78 -56.93
C ARG E 251 2.99 11.99 -56.27
N LEU E 252 3.64 11.77 -55.13
CA LEU E 252 4.25 12.86 -54.40
C LEU E 252 5.75 12.69 -54.33
N ARG E 253 6.44 13.82 -54.32
CA ARG E 253 7.88 13.88 -54.17
C ARG E 253 8.22 14.78 -53.01
N HIS E 254 9.12 14.31 -52.15
CA HIS E 254 9.69 14.99 -51.00
C HIS E 254 8.65 15.35 -49.94
N ASN E 255 7.47 14.73 -49.97
CA ASN E 255 6.43 15.00 -48.99
C ASN E 255 5.63 13.74 -48.75
N ASP E 256 5.12 13.61 -47.52
CA ASP E 256 4.24 12.50 -47.21
C ASP E 256 2.84 12.78 -47.76
N ALA E 257 2.06 11.71 -47.88
CA ALA E 257 0.75 11.85 -48.49
C ALA E 257 -0.29 12.30 -47.48
N LYS E 258 -0.25 11.74 -46.27
CA LYS E 258 -1.25 12.09 -45.28
C LYS E 258 -1.02 13.48 -44.71
N THR E 259 0.26 13.88 -44.60
CA THR E 259 0.61 15.19 -44.06
C THR E 259 0.07 16.32 -44.94
N LEU E 260 0.25 16.21 -46.25
CA LEU E 260 -0.37 17.18 -47.14
C LEU E 260 -1.86 16.95 -47.25
N ALA E 261 -2.33 15.72 -47.00
CA ALA E 261 -3.75 15.43 -47.18
C ALA E 261 -4.61 16.10 -46.12
N GLU E 262 -4.10 16.24 -44.89
CA GLU E 262 -4.86 17.00 -43.91
C GLU E 262 -4.99 18.45 -44.33
N THR E 263 -3.93 19.02 -44.88
CA THR E 263 -3.95 20.44 -45.26
C THR E 263 -4.84 20.66 -46.48
N LEU E 264 -4.79 19.75 -47.46
CA LEU E 264 -5.67 19.90 -48.61
C LEU E 264 -7.13 19.64 -48.24
N GLY E 265 -7.40 18.74 -47.30
CA GLY E 265 -8.76 18.58 -46.82
C GLY E 265 -9.24 19.76 -46.01
N GLN E 266 -8.33 20.47 -45.36
CA GLN E 266 -8.74 21.66 -44.62
C GLN E 266 -8.82 22.90 -45.49
N ILE E 267 -8.21 22.92 -46.68
CA ILE E 267 -8.45 24.03 -47.60
C ILE E 267 -9.53 23.73 -48.61
N SER E 268 -9.96 22.49 -48.74
CA SER E 268 -10.85 22.15 -49.84
C SER E 268 -12.32 22.42 -49.54
N GLU E 269 -12.64 23.01 -48.39
CA GLU E 269 -14.01 23.49 -48.20
C GLU E 269 -14.30 24.69 -49.09
N GLY E 270 -13.30 25.53 -49.33
CA GLY E 270 -13.52 26.71 -50.14
C GLY E 270 -13.54 26.46 -51.63
N MET E 271 -13.14 25.27 -52.06
CA MET E 271 -13.29 24.89 -53.46
C MET E 271 -14.58 24.15 -53.73
N LYS E 272 -15.49 24.10 -52.76
CA LYS E 272 -16.75 23.39 -52.92
C LYS E 272 -17.88 24.32 -53.34
N SER E 288 -19.61 19.77 -57.26
CA SER E 288 -20.29 20.12 -56.02
C SER E 288 -19.76 19.29 -54.86
N ASN E 289 -18.77 18.44 -55.16
CA ASN E 289 -18.16 17.57 -54.16
C ASN E 289 -16.65 17.54 -54.36
N ILE E 290 -15.94 17.25 -53.28
CA ILE E 290 -14.49 17.35 -53.26
C ILE E 290 -13.89 16.32 -52.30
N LEU E 291 -13.00 15.46 -52.81
CA LEU E 291 -12.50 14.34 -52.01
C LEU E 291 -11.02 14.11 -52.27
N ILE E 292 -10.20 14.35 -51.25
CA ILE E 292 -8.77 14.14 -51.33
C ILE E 292 -8.40 13.18 -50.22
N ARG E 293 -8.01 11.97 -50.59
CA ARG E 293 -7.57 11.02 -49.58
C ARG E 293 -6.16 10.56 -49.90
N ALA E 294 -5.54 9.87 -48.96
CA ALA E 294 -4.12 9.64 -49.04
C ALA E 294 -3.78 8.16 -49.17
N ASP E 295 -2.50 7.90 -49.39
CA ASP E 295 -1.95 6.56 -49.35
C ASP E 295 -0.49 6.68 -48.93
N GLU E 296 -0.17 6.12 -47.77
CA GLU E 296 1.19 6.19 -47.28
C GLU E 296 2.06 5.05 -47.79
N SER E 297 1.48 4.09 -48.51
CA SER E 297 2.29 2.98 -49.02
C SER E 297 3.15 3.42 -50.19
N THR E 298 2.50 3.84 -51.28
CA THR E 298 3.17 4.40 -52.44
C THR E 298 3.17 5.92 -52.41
N ASN E 299 2.86 6.53 -51.26
CA ASN E 299 3.00 7.96 -50.98
C ASN E 299 2.14 8.81 -51.91
N ALA E 300 1.00 8.28 -52.32
CA ALA E 300 0.22 8.89 -53.38
C ALA E 300 -1.04 9.53 -52.81
N LEU E 301 -1.75 10.23 -53.67
CA LEU E 301 -2.84 11.09 -53.25
C LEU E 301 -3.97 10.93 -54.25
N VAL E 302 -5.15 10.56 -53.79
CA VAL E 302 -6.28 10.31 -54.67
C VAL E 302 -7.20 11.51 -54.61
N LEU E 303 -7.41 12.13 -55.77
CA LEU E 303 -8.23 13.30 -55.94
C LEU E 303 -9.54 12.92 -56.62
N LEU E 304 -10.62 13.55 -56.19
CA LEU E 304 -11.90 13.43 -56.87
C LEU E 304 -12.54 14.81 -56.86
N ALA E 305 -12.62 15.43 -58.03
CA ALA E 305 -13.05 16.81 -58.15
C ALA E 305 -13.38 17.12 -59.60
N ASP E 306 -14.07 18.24 -59.78
CA ASP E 306 -14.30 18.78 -61.11
C ASP E 306 -12.99 19.32 -61.68
N PRO E 307 -12.83 19.33 -63.02
CA PRO E 307 -11.50 19.60 -63.61
C PRO E 307 -10.90 20.97 -63.32
N ASP E 308 -11.72 21.98 -63.04
CA ASP E 308 -11.17 23.25 -62.54
C ASP E 308 -10.54 23.07 -61.17
N THR E 309 -11.24 22.37 -60.28
CA THR E 309 -10.70 22.08 -58.96
C THR E 309 -9.51 21.14 -59.05
N VAL E 310 -9.50 20.26 -60.05
CA VAL E 310 -8.35 19.39 -60.29
C VAL E 310 -7.13 20.21 -60.68
N ASN E 311 -7.32 21.21 -61.56
CA ASN E 311 -6.20 22.05 -61.96
C ASN E 311 -5.73 22.94 -60.81
N ALA E 312 -6.64 23.40 -59.97
CA ALA E 312 -6.24 24.21 -58.82
C ALA E 312 -5.45 23.38 -57.81
N LEU E 313 -5.88 22.15 -57.56
CA LEU E 313 -5.13 21.31 -56.64
C LEU E 313 -3.80 20.86 -57.25
N GLU E 314 -3.73 20.75 -58.58
CA GLU E 314 -2.43 20.53 -59.21
C GLU E 314 -1.51 21.73 -59.05
N ASP E 315 -2.08 22.94 -59.07
CA ASP E 315 -1.26 24.13 -58.80
C ASP E 315 -0.79 24.17 -57.35
N ILE E 316 -1.59 23.65 -56.42
CA ILE E 316 -1.13 23.52 -55.03
C ILE E 316 0.01 22.52 -54.95
N VAL E 317 -0.17 21.36 -55.60
CA VAL E 317 0.78 20.27 -55.42
C VAL E 317 2.11 20.57 -56.09
N ARG E 318 2.07 21.18 -57.28
CA ARG E 318 3.31 21.51 -57.98
C ARG E 318 4.13 22.60 -57.30
N GLN E 319 3.57 23.29 -56.32
CA GLN E 319 4.32 24.29 -55.57
C GLN E 319 4.55 23.89 -54.13
N LEU E 320 4.29 22.63 -53.79
CA LEU E 320 4.58 22.11 -52.46
C LEU E 320 5.49 20.90 -52.48
N ASP E 321 5.90 20.43 -53.66
CA ASP E 321 6.77 19.27 -53.79
C ASP E 321 8.07 19.74 -54.43
N VAL E 322 8.99 20.19 -53.60
CA VAL E 322 10.28 20.65 -54.11
C VAL E 322 11.39 19.84 -53.45
N PRO E 323 12.51 19.65 -54.14
CA PRO E 323 13.70 19.13 -53.45
C PRO E 323 14.23 20.18 -52.49
N ARG E 324 14.42 19.78 -51.24
CA ARG E 324 14.91 20.70 -50.23
C ARG E 324 16.42 20.88 -50.38
N ALA E 325 17.01 21.69 -49.51
CA ALA E 325 18.40 22.10 -49.65
C ALA E 325 19.25 21.49 -48.55
N GLN E 326 20.52 21.30 -48.87
CA GLN E 326 21.48 20.69 -47.96
C GLN E 326 22.52 21.69 -47.51
N VAL E 327 23.04 21.46 -46.32
CA VAL E 327 24.11 22.27 -45.75
C VAL E 327 25.24 21.33 -45.38
N LEU E 328 26.45 21.69 -45.77
CA LEU E 328 27.63 21.10 -45.18
C LEU E 328 28.17 22.09 -44.16
N VAL E 329 28.18 21.69 -42.90
CA VAL E 329 28.65 22.52 -41.80
C VAL E 329 30.02 22.04 -41.39
N GLU E 330 30.99 22.95 -41.36
CA GLU E 330 32.33 22.67 -40.88
C GLU E 330 32.55 23.54 -39.66
N ALA E 331 32.42 22.97 -38.47
CA ALA E 331 32.81 23.70 -37.28
C ALA E 331 34.27 23.41 -36.98
N ALA E 332 34.97 24.39 -36.45
CA ALA E 332 36.40 24.26 -36.21
C ALA E 332 36.72 24.85 -34.86
N ILE E 333 37.64 24.23 -34.14
CA ILE E 333 37.96 24.64 -32.78
C ILE E 333 39.46 24.75 -32.70
N VAL E 334 39.96 25.92 -32.32
CA VAL E 334 41.38 26.11 -32.12
C VAL E 334 41.58 26.44 -30.66
N GLU E 335 42.57 25.80 -30.04
CA GLU E 335 42.97 26.11 -28.68
C GLU E 335 44.48 26.20 -28.61
N ILE E 336 45.00 27.29 -28.08
CA ILE E 336 46.41 27.36 -27.75
C ILE E 336 46.50 27.52 -26.26
N SER E 337 47.05 26.54 -25.59
CA SER E 337 47.23 26.62 -24.16
C SER E 337 48.71 26.71 -23.83
N GLY E 338 48.99 27.20 -22.64
CA GLY E 338 50.36 27.22 -22.19
C GLY E 338 50.46 27.65 -20.75
N ASP E 339 51.49 27.19 -20.06
CA ASP E 339 51.77 27.70 -18.73
C ASP E 339 53.24 27.51 -18.41
N ILE E 340 53.69 28.30 -17.45
CA ILE E 340 55.08 28.28 -17.02
C ILE E 340 55.15 28.51 -15.53
N GLN E 341 55.69 27.56 -14.80
CA GLN E 341 56.02 27.77 -13.41
C GLN E 341 57.45 28.23 -13.30
N ASP E 342 57.80 28.72 -12.10
CA ASP E 342 59.18 29.10 -11.81
C ASP E 342 59.31 29.06 -10.28
N ALA E 343 59.92 28.01 -9.76
CA ALA E 343 60.04 27.85 -8.33
C ALA E 343 61.51 27.87 -7.95
N VAL E 344 61.88 28.72 -7.00
CA VAL E 344 63.29 28.85 -6.62
C VAL E 344 63.39 29.31 -5.18
N GLY E 345 64.24 28.63 -4.40
CA GLY E 345 64.38 28.96 -3.00
C GLY E 345 65.72 28.61 -2.39
N VAL E 346 66.24 29.52 -1.58
CA VAL E 346 67.50 29.33 -0.86
C VAL E 346 67.18 29.07 0.60
N GLN E 347 67.81 28.05 1.18
CA GLN E 347 67.54 27.66 2.55
C GLN E 347 68.86 27.59 3.30
N TRP E 348 68.90 28.17 4.51
CA TRP E 348 70.11 28.29 5.30
C TRP E 348 69.99 27.49 6.60
N ALA E 349 71.00 26.68 6.89
CA ALA E 349 71.00 25.69 7.96
C ALA E 349 72.23 25.88 8.83
N ILE E 350 72.43 27.08 9.35
CA ILE E 350 73.57 27.39 10.21
C ILE E 350 73.26 26.86 11.61
N ASN E 351 73.70 25.65 11.93
CA ASN E 351 73.49 25.12 13.27
C ASN E 351 74.73 25.33 14.14
N LYS E 352 75.11 26.61 14.26
CA LYS E 352 76.28 26.99 15.04
C LYS E 352 75.89 26.98 16.52
N GLY E 353 76.09 25.82 17.16
CA GLY E 353 75.98 25.70 18.60
C GLY E 353 74.59 25.79 19.20
N GLY E 354 74.49 25.43 20.47
CA GLY E 354 73.26 25.59 21.22
C GLY E 354 72.17 24.59 20.90
N MET E 355 71.27 24.35 21.85
CA MET E 355 70.08 23.58 21.55
C MET E 355 69.15 24.40 20.68
N GLY E 356 68.75 23.82 19.56
CA GLY E 356 68.07 24.55 18.52
C GLY E 356 68.76 24.38 17.19
N GLY E 357 69.35 25.45 16.67
CA GLY E 357 69.98 25.43 15.37
C GLY E 357 69.30 26.41 14.45
N THR E 358 70.04 27.40 13.97
CA THR E 358 69.44 28.59 13.36
C THR E 358 69.05 28.34 11.91
N LYS E 359 68.19 27.34 11.70
CA LYS E 359 67.84 26.89 10.38
C LYS E 359 66.64 27.67 9.84
N THR E 360 66.71 28.02 8.56
CA THR E 360 65.65 28.81 7.91
C THR E 360 64.76 27.88 7.11
N ASN E 361 63.85 27.22 7.80
CA ASN E 361 62.93 26.27 7.18
C ASN E 361 61.89 27.02 6.35
N PHE E 362 61.92 26.80 5.04
CA PHE E 362 60.89 27.29 4.13
C PHE E 362 60.19 26.09 3.53
N ALA E 363 58.98 25.80 4.01
CA ALA E 363 58.18 24.70 3.47
C ALA E 363 57.35 25.21 2.29
N ASN E 364 58.07 25.65 1.26
CA ASN E 364 57.45 26.17 0.05
C ASN E 364 57.71 25.25 -1.15
N THR E 365 58.97 24.98 -1.44
CA THR E 365 59.35 24.25 -2.64
C THR E 365 59.92 22.90 -2.21
N GLY E 366 59.06 21.90 -2.15
CA GLY E 366 59.48 20.52 -2.01
C GLY E 366 60.15 20.20 -0.69
N LEU E 367 61.46 20.03 -0.74
CA LEU E 367 62.25 19.70 0.43
C LEU E 367 62.32 20.88 1.38
N SER E 368 62.90 20.59 2.55
CA SER E 368 63.06 21.58 3.59
C SER E 368 64.23 21.16 4.47
N ILE E 369 64.68 22.08 5.32
CA ILE E 369 65.81 21.78 6.19
C ILE E 369 65.40 20.81 7.29
N GLY E 370 64.16 20.91 7.77
CA GLY E 370 63.69 19.98 8.79
C GLY E 370 63.65 18.56 8.29
N THR E 371 63.09 18.36 7.09
CA THR E 371 63.20 17.04 6.51
C THR E 371 64.59 16.75 5.95
N LEU E 372 65.48 17.74 5.89
CA LEU E 372 66.86 17.43 5.54
C LEU E 372 67.64 16.86 6.73
N LEU E 373 67.42 17.42 7.91
CA LEU E 373 68.02 16.85 9.11
C LEU E 373 67.34 15.55 9.51
N GLN E 374 66.09 15.36 9.11
CA GLN E 374 65.54 14.01 9.14
C GLN E 374 66.04 13.16 7.98
N SER E 375 66.51 13.79 6.90
CA SER E 375 67.06 13.01 5.81
C SER E 375 68.46 12.53 6.11
N LEU E 376 69.12 13.15 7.09
CA LEU E 376 70.32 12.55 7.68
C LEU E 376 70.00 11.17 8.26
N GLU E 377 68.90 11.07 9.00
CA GLU E 377 68.44 9.78 9.48
C GLU E 377 67.83 8.93 8.36
N SER E 378 67.43 9.55 7.25
CA SER E 378 67.04 8.74 6.10
C SER E 378 68.26 8.11 5.46
N ASN E 379 69.33 8.90 5.29
CA ASN E 379 70.61 8.43 4.83
C ASN E 379 71.19 7.38 5.77
N LYS E 380 70.78 7.40 7.05
CA LYS E 380 71.04 6.27 7.90
C LYS E 380 70.29 5.02 7.41
N ALA E 381 68.97 4.89 7.65
CA ALA E 381 68.36 3.68 7.10
C ALA E 381 67.59 3.82 5.76
N PRO E 382 66.48 4.67 5.60
CA PRO E 382 65.71 4.54 4.34
C PRO E 382 66.14 5.33 3.10
N GLU E 383 66.72 6.52 3.24
CA GLU E 383 67.14 7.41 2.14
C GLU E 383 65.96 7.75 1.21
N SER E 384 65.04 8.53 1.75
CA SER E 384 63.72 8.70 1.14
C SER E 384 63.41 10.15 0.76
N ILE E 385 62.38 10.27 -0.07
CA ILE E 385 61.64 11.49 -0.43
C ILE E 385 62.51 12.64 -0.96
N PRO E 386 62.90 12.62 -2.23
CA PRO E 386 63.42 13.83 -2.88
C PRO E 386 62.32 14.61 -3.61
N ASP E 387 62.66 15.85 -3.96
CA ASP E 387 61.78 16.70 -4.77
C ASP E 387 62.60 17.86 -5.33
N GLY E 388 62.45 18.11 -6.64
CA GLY E 388 62.99 19.31 -7.25
C GLY E 388 64.49 19.24 -7.52
N ALA E 389 64.96 20.17 -8.37
CA ALA E 389 66.37 20.24 -8.73
C ALA E 389 67.12 20.89 -7.58
N ILE E 390 67.80 20.08 -6.78
CA ILE E 390 68.39 20.52 -5.52
C ILE E 390 69.89 20.62 -5.65
N VAL E 391 70.47 21.54 -4.89
CA VAL E 391 71.92 21.79 -4.86
C VAL E 391 72.27 22.05 -3.40
N GLY E 392 73.01 21.12 -2.79
CA GLY E 392 73.33 21.28 -1.37
C GLY E 392 74.77 21.64 -1.06
N ILE E 393 75.04 22.89 -0.73
CA ILE E 393 76.37 23.34 -0.35
C ILE E 393 76.42 23.30 1.18
N GLY E 394 77.13 22.35 1.74
CA GLY E 394 77.17 22.25 3.19
C GLY E 394 78.50 21.72 3.67
N SER E 395 78.89 22.17 4.85
CA SER E 395 79.94 21.48 5.61
C SER E 395 79.31 20.49 6.59
N SER E 396 78.33 19.74 6.08
CA SER E 396 77.63 18.59 6.65
C SER E 396 76.75 18.91 7.86
N SER E 397 76.90 20.07 8.44
CA SER E 397 75.98 20.64 9.41
C SER E 397 75.68 22.09 9.10
N PHE E 398 76.68 22.86 8.72
CA PHE E 398 76.54 24.23 8.24
C PHE E 398 76.05 24.13 6.81
N GLY E 399 74.74 24.24 6.61
CA GLY E 399 74.20 23.92 5.31
C GLY E 399 73.55 25.04 4.53
N ALA E 400 73.39 24.84 3.23
CA ALA E 400 72.68 25.79 2.38
C ALA E 400 72.13 25.02 1.19
N LEU E 401 70.82 24.87 1.13
CA LEU E 401 70.18 24.08 0.09
C LEU E 401 69.44 25.01 -0.86
N VAL E 402 69.76 24.93 -2.14
CA VAL E 402 69.10 25.71 -3.18
C VAL E 402 68.24 24.76 -3.98
N THR E 403 66.94 25.01 -4.02
CA THR E 403 66.00 24.16 -4.72
C THR E 403 65.34 24.94 -5.83
N ALA E 404 65.33 24.38 -7.04
CA ALA E 404 64.78 25.10 -8.18
C ALA E 404 64.15 24.14 -9.16
N LEU E 405 63.11 24.64 -9.84
CA LEU E 405 62.42 23.95 -10.94
C LEU E 405 61.80 24.99 -11.84
N SER E 406 61.66 24.64 -13.12
CA SER E 406 60.97 25.51 -14.08
C SER E 406 60.21 24.64 -15.09
N ALA E 407 58.96 24.35 -14.78
CA ALA E 407 58.12 23.67 -15.76
C ALA E 407 57.67 24.66 -16.82
N ASN E 408 57.41 24.14 -18.01
CA ASN E 408 57.06 25.00 -19.14
C ASN E 408 56.31 24.11 -20.13
N THR E 409 54.99 24.15 -20.10
CA THR E 409 54.22 23.30 -21.00
C THR E 409 53.46 24.17 -21.97
N LYS E 410 53.37 23.72 -23.21
CA LYS E 410 52.56 24.36 -24.23
C LYS E 410 51.66 23.31 -24.83
N SER E 411 50.65 23.76 -25.57
CA SER E 411 49.70 22.84 -26.15
C SER E 411 48.95 23.55 -27.26
N ASN E 412 48.54 22.79 -28.27
CA ASN E 412 47.88 23.39 -29.41
C ASN E 412 46.92 22.37 -30.00
N LEU E 413 45.65 22.52 -29.70
CA LEU E 413 44.61 21.64 -30.19
C LEU E 413 43.88 22.27 -31.36
N LEU E 414 43.36 21.41 -32.22
CA LEU E 414 42.57 21.80 -33.37
C LEU E 414 41.58 20.68 -33.63
N SER E 415 40.39 21.05 -34.06
CA SER E 415 39.41 20.03 -34.41
C SER E 415 38.52 20.58 -35.50
N THR E 416 38.10 19.72 -36.42
CA THR E 416 37.20 20.14 -37.49
C THR E 416 36.18 19.05 -37.78
N PRO E 417 35.11 18.98 -36.99
CA PRO E 417 33.99 18.15 -37.42
C PRO E 417 33.22 18.85 -38.53
N SER E 418 32.55 18.04 -39.34
CA SER E 418 31.85 18.56 -40.50
C SER E 418 30.84 17.52 -40.96
N LEU E 419 29.61 17.95 -41.23
CA LEU E 419 28.59 17.02 -41.66
C LEU E 419 27.65 17.64 -42.68
N LEU E 420 26.99 16.79 -43.44
CA LEU E 420 25.97 17.18 -44.39
C LEU E 420 24.61 16.92 -43.79
N THR E 421 23.66 17.79 -44.09
CA THR E 421 22.31 17.64 -43.55
C THR E 421 21.30 18.33 -44.44
N LEU E 422 20.04 18.00 -44.23
CA LEU E 422 18.94 18.82 -44.70
C LEU E 422 18.58 19.84 -43.63
N ASP E 423 17.63 20.70 -43.93
CA ASP E 423 17.07 21.57 -42.91
C ASP E 423 16.16 20.77 -42.00
N ASN E 424 16.08 21.23 -40.75
CA ASN E 424 15.16 20.71 -39.73
C ASN E 424 15.41 19.23 -39.44
N GLN E 425 16.66 18.80 -39.58
CA GLN E 425 17.04 17.41 -39.41
C GLN E 425 18.26 17.36 -38.50
N LYS E 426 18.08 16.82 -37.30
CA LYS E 426 19.11 16.84 -36.28
C LYS E 426 20.24 15.90 -36.65
N ALA E 427 21.27 16.44 -37.28
CA ALA E 427 22.45 15.64 -37.55
C ALA E 427 23.28 15.50 -36.28
N GLU E 428 24.36 14.73 -36.36
CA GLU E 428 25.19 14.45 -35.20
C GLU E 428 26.46 13.80 -35.68
N ILE E 429 27.58 14.19 -35.10
CA ILE E 429 28.79 13.38 -35.15
C ILE E 429 29.26 13.22 -33.73
N LEU E 430 29.69 12.01 -33.39
CA LEU E 430 30.23 11.75 -32.07
C LEU E 430 31.45 10.89 -32.25
N VAL E 431 32.61 11.35 -31.84
CA VAL E 431 33.82 10.58 -31.99
C VAL E 431 34.48 10.45 -30.64
N GLY E 432 34.80 9.24 -30.24
CA GLY E 432 35.46 8.99 -28.97
C GLY E 432 34.57 8.21 -28.03
N GLN E 433 35.13 7.89 -26.88
CA GLN E 433 34.73 6.79 -26.04
C GLN E 433 33.33 6.97 -25.44
N ASN E 434 32.82 5.88 -24.86
CA ASN E 434 31.55 5.85 -24.15
C ASN E 434 31.82 5.21 -22.80
N VAL E 435 31.55 5.95 -21.73
CA VAL E 435 32.01 5.57 -20.39
C VAL E 435 30.81 5.37 -19.51
N PRO E 436 30.96 4.63 -18.41
CA PRO E 436 29.94 4.61 -17.37
C PRO E 436 30.16 5.74 -16.37
N PHE E 437 29.10 6.04 -15.64
CA PHE E 437 29.21 6.97 -14.54
C PHE E 437 28.20 6.56 -13.50
N GLN E 438 28.57 6.70 -12.24
CA GLN E 438 27.66 6.32 -11.18
C GLN E 438 26.56 7.35 -11.04
N THR E 439 25.33 6.87 -10.88
CA THR E 439 24.24 7.70 -10.39
C THR E 439 23.82 7.20 -9.02
N GLY E 440 24.73 6.55 -8.32
CA GLY E 440 24.44 5.97 -7.03
C GLY E 440 25.50 4.98 -6.57
N THR E 454 25.50 1.78 -6.38
CA THR E 454 25.88 1.66 -7.77
C THR E 454 24.66 1.46 -8.65
N THR E 455 24.29 2.49 -9.40
CA THR E 455 23.24 2.41 -10.40
C THR E 455 23.68 3.14 -11.68
N VAL E 456 24.85 2.75 -12.19
CA VAL E 456 25.63 3.44 -13.21
C VAL E 456 24.90 3.56 -14.55
N GLU E 457 25.46 4.37 -15.45
CA GLU E 457 24.77 4.78 -16.65
C GLU E 457 25.81 5.10 -17.71
N ARG E 458 25.43 4.96 -18.98
CA ARG E 458 26.34 5.15 -20.10
C ARG E 458 26.26 6.57 -20.64
N LYS E 459 27.40 7.08 -21.10
CA LYS E 459 27.51 8.49 -21.41
C LYS E 459 28.70 8.73 -22.31
N ASP E 460 28.52 9.57 -23.33
CA ASP E 460 29.47 9.70 -24.43
C ASP E 460 30.49 10.80 -24.19
N ILE E 461 31.74 10.52 -24.53
CA ILE E 461 32.89 11.37 -24.25
C ILE E 461 33.74 11.49 -25.51
N GLY E 462 33.92 12.71 -25.98
CA GLY E 462 34.73 12.93 -27.16
C GLY E 462 34.15 14.02 -28.02
N VAL E 463 34.76 14.30 -29.16
CA VAL E 463 34.36 15.41 -30.01
C VAL E 463 32.95 15.20 -30.50
N SER E 464 32.15 16.26 -30.52
CA SER E 464 30.76 16.05 -30.88
C SER E 464 30.18 17.28 -31.51
N LEU E 465 29.18 17.08 -32.35
CA LEU E 465 28.59 18.20 -33.05
C LEU E 465 27.14 17.87 -33.33
N LYS E 466 26.23 18.82 -33.08
CA LYS E 466 24.83 18.64 -33.41
C LYS E 466 24.31 19.91 -34.07
N VAL E 467 24.06 19.85 -35.36
CA VAL E 467 23.59 21.00 -36.11
C VAL E 467 22.11 20.82 -36.36
N THR E 468 21.36 21.92 -36.36
CA THR E 468 20.05 21.92 -36.98
C THR E 468 19.86 23.18 -37.80
N PRO E 469 19.83 23.10 -39.13
CA PRO E 469 19.68 24.29 -39.94
C PRO E 469 18.23 24.70 -40.13
N HIS E 470 18.07 25.86 -40.75
CA HIS E 470 16.80 26.33 -41.27
C HIS E 470 17.12 27.21 -42.46
N ILE E 471 16.64 26.84 -43.63
CA ILE E 471 17.23 27.29 -44.88
C ILE E 471 16.26 28.13 -45.66
N ASN E 472 16.65 29.38 -45.89
CA ASN E 472 15.93 30.27 -46.77
C ASN E 472 16.28 29.94 -48.20
N ASP E 473 15.37 30.28 -49.11
CA ASP E 473 15.67 30.15 -50.53
C ASP E 473 16.61 31.27 -50.94
N GLY E 474 17.89 31.09 -50.60
CA GLY E 474 18.89 32.10 -50.88
C GLY E 474 19.97 32.18 -49.82
N ALA E 475 20.31 33.39 -49.41
CA ALA E 475 21.38 33.61 -48.45
C ALA E 475 20.85 33.46 -47.04
N ALA E 476 21.75 33.65 -46.06
CA ALA E 476 21.44 33.85 -44.65
C ALA E 476 20.68 32.66 -44.05
N LEU E 477 21.40 31.55 -43.92
CA LEU E 477 20.87 30.38 -43.25
C LEU E 477 20.84 30.58 -41.73
N ARG E 478 19.95 29.87 -41.06
CA ARG E 478 19.95 29.83 -39.60
C ARG E 478 20.53 28.52 -39.13
N LEU E 479 21.34 28.57 -38.07
CA LEU E 479 21.92 27.36 -37.51
C LEU E 479 21.63 27.29 -36.03
N GLU E 480 21.35 26.10 -35.54
CA GLU E 480 21.22 25.86 -34.12
C GLU E 480 22.32 24.88 -33.78
N ILE E 481 23.40 25.38 -33.24
CA ILE E 481 24.61 24.60 -33.05
C ILE E 481 24.62 24.11 -31.62
N GLU E 482 25.01 22.87 -31.42
CA GLU E 482 25.35 22.40 -30.09
C GLU E 482 26.64 21.63 -30.28
N GLN E 483 27.75 22.31 -30.15
CA GLN E 483 29.02 21.68 -30.37
C GLN E 483 29.67 21.45 -29.03
N GLU E 484 30.44 20.38 -28.90
CA GLU E 484 31.21 20.24 -27.68
C GLU E 484 32.47 19.45 -27.94
N ILE E 485 33.42 19.60 -27.03
CA ILE E 485 34.59 18.77 -26.98
C ILE E 485 34.77 18.33 -25.55
N SER E 486 34.68 17.04 -25.31
CA SER E 486 34.93 16.49 -24.00
C SER E 486 36.39 16.07 -23.92
N ALA E 487 36.72 15.33 -22.88
CA ALA E 487 37.99 14.62 -22.71
C ALA E 487 37.82 13.67 -21.52
N LEU E 488 38.91 13.07 -21.09
CA LEU E 488 38.89 12.23 -19.91
C LEU E 488 40.25 12.37 -19.26
N LEU E 489 40.29 12.40 -17.93
CA LEU E 489 41.48 12.88 -17.24
C LEU E 489 42.10 11.80 -16.38
N PRO E 490 43.36 11.42 -16.63
CA PRO E 490 44.00 10.41 -15.77
C PRO E 490 44.86 11.01 -14.67
N ASN E 491 45.12 12.32 -14.76
CA ASN E 491 46.13 12.94 -13.90
C ASN E 491 45.57 13.27 -12.52
N ALA E 492 44.63 14.21 -12.49
CA ALA E 492 44.13 14.75 -11.23
C ALA E 492 42.92 13.93 -10.81
N GLN E 493 43.20 12.82 -10.15
CA GLN E 493 42.15 11.95 -9.64
C GLN E 493 42.05 12.09 -8.14
N GLN E 494 40.83 12.27 -7.68
CA GLN E 494 40.51 12.42 -6.27
C GLN E 494 40.26 11.05 -5.65
N ARG E 495 39.61 11.02 -4.49
CA ARG E 495 39.19 9.84 -3.77
C ARG E 495 37.86 9.26 -4.32
N ASN E 496 37.54 9.57 -5.58
CA ASN E 496 36.24 9.26 -6.15
C ASN E 496 36.44 8.71 -7.55
N ASN E 497 35.38 8.71 -8.35
CA ASN E 497 35.37 8.02 -9.63
C ASN E 497 36.06 8.82 -10.73
N THR E 498 35.79 8.43 -11.98
CA THR E 498 36.36 9.08 -13.14
C THR E 498 35.97 10.56 -13.19
N ASP E 499 36.98 11.41 -13.19
CA ASP E 499 36.79 12.85 -13.25
C ASP E 499 36.65 13.26 -14.70
N LEU E 500 35.49 12.90 -15.25
CA LEU E 500 35.25 12.94 -16.69
C LEU E 500 35.11 14.38 -17.13
N ILE E 501 36.04 14.87 -17.94
CA ILE E 501 35.87 16.22 -18.46
C ILE E 501 34.86 16.08 -19.58
N THR E 502 33.57 16.13 -19.22
CA THR E 502 32.49 15.83 -20.16
C THR E 502 32.12 17.04 -20.98
N SER E 503 32.38 18.23 -20.45
CA SER E 503 32.53 19.42 -21.26
C SER E 503 33.92 19.94 -20.99
N LYS E 504 34.68 20.16 -22.05
CA LYS E 504 35.80 21.08 -21.99
C LYS E 504 35.56 22.28 -22.84
N ARG E 505 34.86 22.11 -23.93
CA ARG E 505 34.19 23.24 -24.55
C ARG E 505 32.78 22.79 -24.79
N SER E 506 31.82 23.66 -24.58
CA SER E 506 30.46 23.20 -24.84
C SER E 506 29.65 24.41 -25.23
N ILE E 507 29.64 24.75 -26.49
CA ILE E 507 28.94 25.94 -26.90
C ILE E 507 27.64 25.54 -27.55
N LYS E 508 26.54 25.99 -26.96
CA LYS E 508 25.20 25.58 -27.37
C LYS E 508 24.48 26.81 -27.83
N SER E 509 24.71 27.24 -29.05
CA SER E 509 24.26 28.55 -29.44
C SER E 509 23.30 28.46 -30.61
N THR E 510 22.89 29.63 -31.10
CA THR E 510 21.95 29.68 -32.20
C THR E 510 22.33 30.89 -33.05
N ILE E 511 22.96 30.67 -34.19
CA ILE E 511 23.48 31.80 -34.94
C ILE E 511 22.80 31.85 -36.30
N LEU E 512 23.15 32.85 -37.11
CA LEU E 512 22.55 33.05 -38.42
C LEU E 512 23.64 33.51 -39.36
N ALA E 513 24.07 32.65 -40.26
CA ALA E 513 25.28 32.88 -41.03
C ALA E 513 24.99 33.02 -42.51
N GLU E 514 26.06 33.33 -43.23
CA GLU E 514 26.05 33.52 -44.68
C GLU E 514 26.89 32.42 -45.33
N ASN E 515 26.39 31.89 -46.44
CA ASN E 515 26.77 30.59 -47.00
C ASN E 515 28.21 30.50 -47.53
N GLY E 516 29.11 31.43 -47.35
CA GLY E 516 30.49 31.18 -47.72
C GLY E 516 31.42 31.83 -46.73
N GLN E 517 30.86 32.31 -45.63
CA GLN E 517 31.55 33.21 -44.73
C GLN E 517 32.05 32.45 -43.51
N VAL E 518 33.37 32.36 -43.38
CA VAL E 518 33.98 31.81 -42.18
C VAL E 518 33.74 32.81 -41.06
N ILE E 519 32.91 32.45 -40.09
CA ILE E 519 32.58 33.35 -39.00
C ILE E 519 33.09 32.76 -37.70
N VAL E 520 32.99 33.54 -36.64
CA VAL E 520 33.44 33.16 -35.31
C VAL E 520 32.22 33.01 -34.41
N ILE E 521 32.09 31.86 -33.78
CA ILE E 521 30.96 31.67 -32.88
C ILE E 521 31.34 31.99 -31.46
N GLY E 522 32.48 31.51 -30.99
CA GLY E 522 32.73 31.65 -29.57
C GLY E 522 34.20 31.76 -29.25
N GLY E 523 34.48 32.10 -28.00
CA GLY E 523 35.87 32.24 -27.65
C GLY E 523 36.09 32.31 -26.16
N LEU E 524 37.36 32.22 -25.79
CA LEU E 524 37.79 32.34 -24.40
C LEU E 524 39.24 32.74 -24.41
N ILE E 525 39.57 33.83 -23.75
CA ILE E 525 40.96 34.25 -23.57
C ILE E 525 41.18 34.34 -22.07
N GLN E 526 41.96 33.43 -21.53
CA GLN E 526 42.14 33.34 -20.09
C GLN E 526 43.60 33.52 -19.77
N ASP E 527 43.92 34.61 -19.09
CA ASP E 527 45.28 34.95 -18.73
C ASP E 527 45.43 34.91 -17.23
N ASP E 528 46.63 34.58 -16.76
CA ASP E 528 46.84 34.40 -15.34
C ASP E 528 48.30 34.60 -15.05
N VAL E 529 48.56 35.21 -13.90
CA VAL E 529 49.90 35.33 -13.36
C VAL E 529 49.79 35.35 -11.84
N SER E 530 50.54 34.48 -11.19
CA SER E 530 50.44 34.32 -9.74
C SER E 530 51.84 34.17 -9.20
N GLN E 531 52.05 34.63 -7.97
CA GLN E 531 53.40 34.59 -7.41
C GLN E 531 53.35 34.65 -5.89
N ALA E 532 53.89 33.64 -5.25
CA ALA E 532 53.97 33.57 -3.81
C ALA E 532 55.43 33.69 -3.38
N GLU E 533 55.64 34.29 -2.22
CA GLU E 533 56.96 34.37 -1.63
C GLU E 533 56.90 33.87 -0.20
N SER E 534 58.09 33.62 0.34
CA SER E 534 58.22 33.32 1.76
C SER E 534 59.65 33.67 2.16
N LYS E 535 59.82 34.63 3.05
CA LYS E 535 61.15 35.10 3.38
C LYS E 535 61.25 35.40 4.87
N VAL E 536 62.49 35.51 5.34
CA VAL E 536 62.74 36.15 6.62
C VAL E 536 62.45 37.65 6.46
N PRO E 537 61.62 38.25 7.32
CA PRO E 537 61.08 39.59 7.03
C PRO E 537 62.09 40.72 7.05
N LEU E 538 63.28 40.53 7.58
CA LEU E 538 64.29 41.58 7.51
C LEU E 538 65.24 41.42 6.34
N LEU E 539 65.56 40.18 5.96
CA LEU E 539 66.69 39.93 5.08
C LEU E 539 66.30 39.76 3.62
N GLY E 540 65.06 39.34 3.33
CA GLY E 540 64.65 39.22 1.95
C GLY E 540 64.48 40.55 1.24
N ASP E 541 64.34 41.64 1.99
CA ASP E 541 64.04 42.94 1.40
C ASP E 541 65.25 43.56 0.72
N ILE E 542 66.46 43.22 1.18
CA ILE E 542 67.68 43.87 0.72
C ILE E 542 67.98 43.44 -0.71
N PRO E 543 67.98 44.37 -1.68
CA PRO E 543 68.10 43.96 -3.09
C PRO E 543 69.53 43.73 -3.54
N LEU E 544 70.30 43.07 -2.70
CA LEU E 544 71.62 42.54 -3.01
C LEU E 544 71.75 41.09 -2.56
N LEU E 545 71.14 40.73 -1.44
CA LEU E 545 71.14 39.37 -0.94
C LEU E 545 69.72 38.84 -0.75
N GLY E 546 68.73 39.53 -1.31
CA GLY E 546 67.34 39.13 -1.15
C GLY E 546 67.00 37.82 -1.81
N ARG E 547 67.77 37.42 -2.83
CA ARG E 547 67.59 36.10 -3.41
C ARG E 547 68.04 35.01 -2.45
N LEU E 548 69.02 35.30 -1.60
CA LEU E 548 69.60 34.28 -0.74
C LEU E 548 68.76 33.98 0.49
N PHE E 549 67.60 34.56 0.62
CA PHE E 549 66.77 34.22 1.77
C PHE E 549 65.35 33.84 1.41
N ARG E 550 64.78 34.46 0.38
CA ARG E 550 63.37 34.25 0.07
C ARG E 550 63.16 32.91 -0.61
N SER E 551 61.89 32.64 -0.90
CA SER E 551 61.49 31.43 -1.62
C SER E 551 60.30 31.83 -2.47
N THR E 552 60.47 31.84 -3.79
CA THR E 552 59.43 32.34 -4.68
C THR E 552 58.89 31.22 -5.54
N LYS E 553 57.66 31.45 -5.99
CA LYS E 553 56.95 30.50 -6.84
C LYS E 553 56.05 31.30 -7.77
N ASP E 554 56.39 31.33 -9.05
CA ASP E 554 55.65 32.08 -10.04
C ASP E 554 54.90 31.11 -10.95
N THR E 555 53.80 31.59 -11.52
CA THR E 555 52.93 30.74 -12.33
C THR E 555 52.21 31.61 -13.34
N HIS E 556 52.58 31.52 -14.61
CA HIS E 556 51.90 32.24 -15.67
C HIS E 556 51.12 31.23 -16.50
N THR E 557 49.97 31.65 -17.03
CA THR E 557 49.06 30.69 -17.65
C THR E 557 48.20 31.39 -18.69
N LYS E 558 48.19 30.87 -19.92
CA LYS E 558 47.32 31.39 -20.96
C LYS E 558 46.51 30.27 -21.58
N ARG E 559 45.26 30.55 -21.90
CA ARG E 559 44.42 29.64 -22.67
C ARG E 559 43.65 30.48 -23.67
N ASN E 560 44.00 30.36 -24.94
CA ASN E 560 43.28 31.02 -26.01
C ASN E 560 42.41 29.99 -26.71
N LEU E 561 41.21 30.41 -27.10
CA LEU E 561 40.24 29.47 -27.60
C LEU E 561 39.29 30.17 -28.56
N MET E 562 39.18 29.65 -29.78
CA MET E 562 38.19 30.14 -30.72
C MET E 562 37.39 28.97 -31.26
N VAL E 563 36.12 29.23 -31.53
CA VAL E 563 35.23 28.28 -32.17
C VAL E 563 34.63 28.96 -33.38
N PHE E 564 35.05 28.53 -34.57
CA PHE E 564 34.64 29.04 -35.87
C PHE E 564 33.64 28.11 -36.52
N LEU E 565 32.96 28.64 -37.53
CA LEU E 565 31.93 27.90 -38.21
C LEU E 565 31.93 28.26 -39.67
N ARG E 566 31.61 27.31 -40.51
CA ARG E 566 31.59 27.52 -41.94
C ARG E 566 30.44 26.77 -42.57
N PRO E 567 29.42 27.44 -43.01
CA PRO E 567 28.34 26.76 -43.72
C PRO E 567 28.52 26.85 -45.22
N THR E 568 28.17 25.78 -45.94
CA THR E 568 28.10 25.80 -47.40
C THR E 568 26.77 25.22 -47.83
N VAL E 569 26.03 25.99 -48.62
CA VAL E 569 24.72 25.56 -49.10
C VAL E 569 24.90 24.85 -50.43
N VAL E 570 24.44 23.61 -50.51
CA VAL E 570 24.36 22.90 -51.77
C VAL E 570 22.91 22.52 -52.02
N ARG E 571 22.44 22.81 -53.22
CA ARG E 571 21.09 22.43 -53.62
C ARG E 571 21.03 21.68 -54.93
N ASP E 572 22.06 21.74 -55.76
CA ASP E 572 22.20 20.84 -56.90
C ASP E 572 23.29 19.83 -56.62
N SER E 573 23.22 18.70 -57.32
CA SER E 573 24.20 17.64 -57.10
C SER E 573 25.58 17.98 -57.65
N ALA E 574 25.70 19.03 -58.47
CA ALA E 574 26.99 19.39 -59.02
C ALA E 574 27.92 19.91 -57.94
N GLY E 575 27.44 20.81 -57.09
CA GLY E 575 28.26 21.33 -56.01
C GLY E 575 28.56 20.28 -54.96
N LEU E 576 27.63 19.36 -54.74
CA LEU E 576 27.88 18.25 -53.84
C LEU E 576 28.96 17.32 -54.39
N ALA E 577 28.94 17.08 -55.69
CA ALA E 577 30.01 16.32 -56.33
C ALA E 577 31.34 17.04 -56.24
N ALA E 578 31.33 18.38 -56.34
CA ALA E 578 32.56 19.14 -56.24
C ALA E 578 33.16 19.08 -54.83
N LEU E 579 32.32 19.23 -53.81
CA LEU E 579 32.76 19.07 -52.43
C LEU E 579 33.30 17.68 -52.17
N SER E 580 32.60 16.66 -52.71
CA SER E 580 33.04 15.29 -52.51
C SER E 580 34.38 15.03 -53.19
N GLY E 581 34.57 15.58 -54.39
CA GLY E 581 35.83 15.42 -55.08
C GLY E 581 36.98 16.12 -54.38
N LYS E 582 36.72 17.30 -53.82
CA LYS E 582 37.78 17.99 -53.08
C LYS E 582 38.15 17.26 -51.81
N LYS E 583 37.16 16.78 -51.05
CA LYS E 583 37.48 16.06 -49.82
C LYS E 583 38.11 14.71 -50.13
N TYR E 584 37.74 14.09 -51.24
CA TYR E 584 38.30 12.80 -51.59
C TYR E 584 39.74 12.94 -52.07
N SER E 585 40.04 14.01 -52.79
CA SER E 585 41.43 14.27 -53.13
C SER E 585 42.24 14.65 -51.90
N ASP E 586 41.63 15.37 -50.97
CA ASP E 586 42.33 15.77 -49.77
C ASP E 586 42.53 14.63 -48.80
N ILE E 587 41.78 13.54 -48.92
CA ILE E 587 42.12 12.36 -48.14
C ILE E 587 43.05 11.44 -48.92
N ARG E 588 43.02 11.49 -50.26
CA ARG E 588 43.96 10.74 -51.08
C ARG E 588 45.38 11.26 -50.89
N VAL E 589 45.54 12.57 -50.69
CA VAL E 589 46.88 13.10 -50.47
C VAL E 589 47.40 12.70 -49.09
N ILE E 590 46.49 12.45 -48.12
CA ILE E 590 46.94 11.92 -46.85
C ILE E 590 47.33 10.47 -47.00
N ASP E 591 46.63 9.74 -47.87
CA ASP E 591 47.12 8.44 -48.29
C ASP E 591 48.45 8.53 -49.03
N GLY E 592 48.68 9.66 -49.71
CA GLY E 592 49.90 9.90 -50.44
C GLY E 592 51.07 10.41 -49.63
N THR E 593 51.00 10.37 -48.31
CA THR E 593 52.12 10.78 -47.46
C THR E 593 52.66 9.58 -46.70
N PRO E 604 54.50 -1.86 -43.82
CA PRO E 604 54.72 -0.50 -44.34
C PRO E 604 53.43 0.28 -44.52
N THR E 605 53.52 1.36 -45.30
CA THR E 605 52.45 2.32 -45.54
C THR E 605 52.26 2.50 -47.04
N ASN E 606 52.12 1.38 -47.75
CA ASN E 606 52.16 1.31 -49.20
C ASN E 606 50.94 1.98 -49.83
N ALA E 607 50.94 2.00 -51.16
CA ALA E 607 50.06 2.87 -51.95
C ALA E 607 48.61 2.43 -51.82
N ASN E 608 47.76 3.36 -51.36
CA ASN E 608 46.36 3.07 -51.11
C ASN E 608 45.54 3.20 -52.39
N GLN E 609 44.24 2.97 -52.31
CA GLN E 609 43.49 2.63 -53.51
C GLN E 609 42.31 3.57 -53.71
N LEU E 610 42.02 3.88 -54.97
CA LEU E 610 40.81 4.59 -55.35
C LEU E 610 39.62 3.64 -55.34
N PHE E 611 38.41 4.17 -55.43
CA PHE E 611 37.22 3.36 -55.61
C PHE E 611 36.46 3.82 -56.83
N ASP E 612 35.30 3.21 -57.04
CA ASP E 612 34.48 3.52 -58.18
C ASP E 612 33.80 4.85 -57.96
N GLY E 613 34.50 5.93 -58.30
CA GLY E 613 33.97 7.27 -58.14
C GLY E 613 32.80 7.57 -59.05
N ASP F 174 -42.46 24.90 -77.02
CA ASP F 174 -42.14 23.57 -77.51
C ASP F 174 -41.13 22.86 -76.61
N TYR F 175 -40.94 21.56 -76.84
CA TYR F 175 -40.16 20.71 -75.95
C TYR F 175 -38.76 20.53 -76.51
N SER F 176 -37.75 20.54 -75.63
CA SER F 176 -36.39 20.27 -76.07
C SER F 176 -35.56 19.79 -74.89
N VAL F 177 -34.42 19.19 -75.22
CA VAL F 177 -33.44 18.74 -74.24
C VAL F 177 -32.06 19.16 -74.72
N ILE F 178 -31.26 19.72 -73.80
CA ILE F 178 -29.90 20.16 -74.11
C ILE F 178 -28.93 19.57 -73.10
N ASN F 179 -27.66 19.63 -73.47
CA ASN F 179 -26.54 19.24 -72.62
C ASN F 179 -25.99 20.45 -71.90
N LEU F 180 -25.02 20.18 -71.01
CA LEU F 180 -24.17 21.21 -70.42
C LEU F 180 -22.76 20.65 -70.30
N ARG F 181 -21.78 21.49 -70.60
CA ARG F 181 -20.38 21.07 -70.49
C ARG F 181 -19.89 21.19 -69.06
N TYR F 182 -19.90 22.40 -68.51
CA TYR F 182 -19.55 22.67 -67.14
C TYR F 182 -20.72 23.17 -66.30
N GLY F 183 -21.85 23.48 -66.92
CA GLY F 183 -22.97 24.05 -66.17
C GLY F 183 -23.70 23.02 -65.34
N TRP F 184 -24.30 23.48 -64.24
CA TRP F 184 -25.07 22.64 -63.34
C TRP F 184 -26.55 22.94 -63.47
N VAL F 185 -27.35 21.90 -63.73
CA VAL F 185 -28.79 22.05 -63.76
C VAL F 185 -29.36 22.23 -62.36
N MET F 186 -28.59 21.83 -61.33
CA MET F 186 -29.01 22.05 -59.95
C MET F 186 -29.09 23.53 -59.65
N ASP F 187 -28.07 24.29 -60.04
CA ASP F 187 -28.10 25.73 -59.84
C ASP F 187 -29.08 26.40 -60.79
N ALA F 188 -29.15 25.91 -62.03
CA ALA F 188 -29.96 26.55 -63.04
C ALA F 188 -31.45 26.24 -62.92
N ALA F 189 -31.83 25.30 -62.05
CA ALA F 189 -33.24 24.95 -61.91
C ALA F 189 -34.02 26.09 -61.26
N GLU F 190 -33.48 26.64 -60.17
CA GLU F 190 -34.09 27.78 -59.50
C GLU F 190 -34.07 29.03 -60.38
N VAL F 191 -33.07 29.12 -61.26
CA VAL F 191 -33.00 30.19 -62.25
C VAL F 191 -34.16 30.09 -63.21
N LEU F 192 -34.24 28.96 -63.92
CA LEU F 192 -35.17 28.81 -65.02
C LEU F 192 -36.60 28.63 -64.58
N ASN F 193 -36.83 28.20 -63.33
CA ASN F 193 -38.20 28.18 -62.83
C ASN F 193 -38.72 29.60 -62.63
N ASN F 194 -37.83 30.52 -62.25
CA ASN F 194 -38.18 31.92 -62.13
C ASN F 194 -37.82 32.72 -63.37
N ALA F 195 -37.45 32.05 -64.46
CA ALA F 195 -37.21 32.76 -65.72
C ALA F 195 -38.51 33.31 -66.29
N MET F 196 -39.60 32.56 -66.12
CA MET F 196 -40.93 33.06 -66.42
C MET F 196 -41.56 33.62 -65.15
N SER F 197 -42.27 34.72 -65.30
CA SER F 197 -42.75 35.50 -64.17
C SER F 197 -43.86 34.77 -63.43
N ARG F 198 -44.24 35.32 -62.28
CA ARG F 198 -45.28 34.72 -61.44
C ARG F 198 -46.66 35.05 -61.98
N ALA F 205 -47.39 29.84 -64.41
CA ALA F 205 -45.98 29.71 -64.76
C ALA F 205 -45.79 29.59 -66.26
N GLY F 206 -46.57 28.71 -66.89
CA GLY F 206 -46.49 28.53 -68.32
C GLY F 206 -45.46 27.49 -68.73
N ALA F 207 -44.28 27.94 -69.08
CA ALA F 207 -43.20 27.06 -69.49
C ALA F 207 -42.68 26.24 -68.30
N GLN F 208 -41.96 25.16 -68.61
CA GLN F 208 -41.43 24.29 -67.57
C GLN F 208 -39.97 23.94 -67.84
N VAL F 209 -39.34 23.38 -66.82
CA VAL F 209 -37.93 23.06 -66.84
C VAL F 209 -37.68 21.86 -65.94
N ILE F 210 -36.87 20.92 -66.42
CA ILE F 210 -36.65 19.62 -65.78
C ILE F 210 -35.15 19.34 -65.78
N ALA F 211 -34.62 19.01 -64.61
CA ALA F 211 -33.19 18.82 -64.45
C ALA F 211 -32.82 17.34 -64.44
N ASP F 212 -31.59 17.05 -64.89
CA ASP F 212 -30.96 15.73 -64.75
C ASP F 212 -29.56 15.95 -64.21
N ALA F 213 -29.38 15.72 -62.92
CA ALA F 213 -28.10 15.94 -62.27
C ALA F 213 -27.15 14.75 -62.40
N ARG F 214 -27.63 13.61 -62.90
CA ARG F 214 -26.72 12.50 -63.17
C ARG F 214 -26.06 12.65 -64.53
N THR F 215 -26.86 12.93 -65.55
CA THR F 215 -26.37 13.09 -66.91
C THR F 215 -26.38 14.54 -67.36
N ASN F 216 -26.64 15.47 -66.44
CA ASN F 216 -26.48 16.91 -66.62
C ASN F 216 -27.35 17.43 -67.77
N ARG F 217 -28.55 16.88 -67.88
CA ARG F 217 -29.42 17.21 -68.99
C ARG F 217 -30.47 18.22 -68.57
N LEU F 218 -30.99 18.95 -69.55
CA LEU F 218 -31.98 19.98 -69.28
C LEU F 218 -33.13 19.83 -70.26
N ILE F 219 -34.33 19.58 -69.74
CA ILE F 219 -35.52 19.41 -70.56
C ILE F 219 -36.41 20.61 -70.33
N ILE F 220 -36.53 21.47 -71.33
CA ILE F 220 -37.30 22.70 -71.20
C ILE F 220 -38.47 22.67 -72.16
N LEU F 221 -39.62 23.18 -71.68
CA LEU F 221 -40.90 23.04 -72.35
C LEU F 221 -41.48 24.45 -72.42
N GLY F 222 -41.16 25.20 -73.48
CA GLY F 222 -41.60 26.57 -73.57
C GLY F 222 -41.29 27.30 -74.86
N PRO F 223 -41.11 28.62 -74.77
CA PRO F 223 -40.97 29.42 -75.99
C PRO F 223 -39.60 29.24 -76.60
N PRO F 224 -39.47 29.42 -77.93
CA PRO F 224 -38.18 29.17 -78.57
C PRO F 224 -37.14 30.23 -78.29
N GLN F 225 -37.54 31.46 -77.98
CA GLN F 225 -36.55 32.50 -77.68
C GLN F 225 -35.94 32.34 -76.30
N ALA F 226 -36.71 31.87 -75.32
CA ALA F 226 -36.14 31.51 -74.04
C ALA F 226 -35.17 30.34 -74.17
N ARG F 227 -35.51 29.39 -75.04
CA ARG F 227 -34.61 28.30 -75.42
C ARG F 227 -33.29 28.83 -75.97
N ALA F 228 -33.37 29.72 -76.95
CA ALA F 228 -32.15 30.21 -77.61
C ALA F 228 -31.31 31.08 -76.69
N LYS F 229 -31.93 32.03 -76.02
CA LYS F 229 -31.20 32.93 -75.13
C LYS F 229 -30.64 32.18 -73.92
N LEU F 230 -31.30 31.13 -73.47
CA LEU F 230 -30.76 30.45 -72.31
C LEU F 230 -29.82 29.31 -72.69
N VAL F 231 -29.85 28.84 -73.94
CA VAL F 231 -28.73 28.05 -74.44
C VAL F 231 -27.50 28.94 -74.60
N GLN F 232 -27.68 30.21 -74.98
CA GLN F 232 -26.54 31.12 -75.01
C GLN F 232 -26.04 31.45 -73.60
N LEU F 233 -26.96 31.60 -72.64
CA LEU F 233 -26.54 31.75 -71.25
C LEU F 233 -25.95 30.46 -70.71
N ALA F 234 -26.33 29.32 -71.26
CA ALA F 234 -25.69 28.06 -70.89
C ALA F 234 -24.27 28.02 -71.43
N GLN F 235 -24.06 28.50 -72.65
CA GLN F 235 -22.74 28.49 -73.27
C GLN F 235 -21.83 29.54 -72.65
N SER F 236 -22.40 30.59 -72.09
CA SER F 236 -21.63 31.50 -71.24
C SER F 236 -21.54 31.02 -69.80
N LEU F 237 -22.41 30.07 -69.43
CA LEU F 237 -22.59 29.63 -68.05
C LEU F 237 -21.69 28.46 -67.72
N ASP F 238 -21.39 27.63 -68.72
CA ASP F 238 -20.44 26.54 -68.57
C ASP F 238 -19.00 26.98 -68.83
N THR F 239 -18.74 28.26 -68.74
CA THR F 239 -17.37 28.75 -68.77
C THR F 239 -16.87 28.91 -67.34
N PRO F 240 -15.62 28.53 -67.05
CA PRO F 240 -15.06 28.78 -65.73
C PRO F 240 -14.83 30.27 -65.50
N THR F 241 -14.96 30.68 -64.25
CA THR F 241 -14.87 32.08 -63.84
C THR F 241 -14.31 32.05 -62.41
N ALA F 242 -14.64 33.03 -61.57
CA ALA F 242 -14.07 33.25 -60.24
C ALA F 242 -14.28 32.09 -59.26
N ARG F 243 -13.77 32.27 -58.04
CA ARG F 243 -13.38 31.20 -57.09
C ARG F 243 -12.71 30.03 -57.81
N SER F 244 -11.71 30.38 -58.62
CA SER F 244 -10.89 29.40 -59.32
C SER F 244 -9.52 30.02 -59.55
N ALA F 245 -8.48 29.30 -59.13
CA ALA F 245 -7.08 29.75 -59.15
C ALA F 245 -6.92 31.08 -58.41
N ASN F 246 -7.36 31.10 -57.16
CA ASN F 246 -7.20 32.25 -56.29
C ASN F 246 -6.41 31.88 -55.03
N THR F 247 -5.40 31.05 -55.22
CA THR F 247 -4.59 30.50 -54.14
C THR F 247 -3.17 31.03 -54.21
N ARG F 248 -2.37 30.67 -53.20
CA ARG F 248 -1.04 31.25 -53.04
C ARG F 248 -0.19 30.33 -52.18
N VAL F 249 1.10 30.26 -52.49
CA VAL F 249 2.07 29.50 -51.70
C VAL F 249 3.20 30.44 -51.32
N ILE F 250 3.53 30.49 -50.03
CA ILE F 250 4.50 31.43 -49.48
C ILE F 250 5.60 30.65 -48.77
N ARG F 251 6.83 30.84 -49.21
CA ARG F 251 7.96 30.36 -48.45
C ARG F 251 8.26 31.30 -47.30
N LEU F 252 8.79 30.77 -46.22
CA LEU F 252 9.10 31.60 -45.07
C LEU F 252 10.58 31.61 -44.78
N ARG F 253 11.04 32.74 -44.26
CA ARG F 253 12.41 32.92 -43.85
C ARG F 253 12.44 33.40 -42.40
N HIS F 254 13.30 32.75 -41.62
CA HIS F 254 13.58 33.05 -40.21
C HIS F 254 12.38 32.85 -39.30
N ASN F 255 11.34 32.14 -39.75
CA ASN F 255 10.16 31.89 -38.95
C ASN F 255 9.58 30.53 -39.29
N ASP F 256 8.97 29.90 -38.30
CA ASP F 256 8.27 28.65 -38.54
C ASP F 256 6.93 28.92 -39.21
N ALA F 257 6.39 27.88 -39.82
CA ALA F 257 5.16 28.06 -40.58
C ALA F 257 3.93 27.97 -39.68
N LYS F 258 3.93 27.02 -38.74
CA LYS F 258 2.77 26.84 -37.88
C LYS F 258 2.67 27.96 -36.85
N THR F 259 3.82 28.45 -36.39
CA THR F 259 3.85 29.51 -35.39
C THR F 259 3.23 30.79 -35.91
N LEU F 260 3.58 31.19 -37.12
CA LEU F 260 2.90 32.32 -37.72
C LEU F 260 1.50 31.96 -38.18
N ALA F 261 1.25 30.68 -38.45
CA ALA F 261 -0.05 30.29 -38.97
C ALA F 261 -1.15 30.40 -37.93
N GLU F 262 -0.84 30.15 -36.65
CA GLU F 262 -1.84 30.39 -35.61
C GLU F 262 -2.19 31.87 -35.53
N THR F 263 -1.19 32.74 -35.65
CA THR F 263 -1.43 34.17 -35.54
C THR F 263 -2.19 34.72 -36.75
N LEU F 264 -1.86 34.23 -37.94
CA LEU F 264 -2.60 34.67 -39.12
C LEU F 264 -4.02 34.12 -39.13
N GLY F 265 -4.23 32.90 -38.62
CA GLY F 265 -5.58 32.39 -38.48
C GLY F 265 -6.37 33.13 -37.42
N GLN F 266 -5.70 33.67 -36.41
CA GLN F 266 -6.41 34.44 -35.40
C GLN F 266 -6.62 35.89 -35.80
N ILE F 267 -5.88 36.42 -36.78
CA ILE F 267 -6.21 37.75 -37.29
C ILE F 267 -7.08 37.70 -38.52
N SER F 268 -7.24 36.54 -39.15
CA SER F 268 -7.92 36.51 -40.43
C SER F 268 -9.44 36.45 -40.33
N GLU F 269 -10.01 36.55 -39.13
CA GLU F 269 -11.45 36.73 -39.04
C GLU F 269 -11.86 38.12 -39.51
N GLY F 270 -11.01 39.11 -39.27
CA GLY F 270 -11.34 40.47 -39.65
C GLY F 270 -11.13 40.77 -41.12
N MET F 271 -10.47 39.89 -41.84
CA MET F 271 -10.37 40.03 -43.29
C MET F 271 -11.47 39.27 -44.02
N LYS F 272 -12.46 38.75 -43.31
CA LYS F 272 -13.53 37.99 -43.92
C LYS F 272 -14.76 38.85 -44.20
N SER F 288 -15.11 35.86 -49.68
CA SER F 288 -15.99 35.63 -48.54
C SER F 288 -15.45 34.52 -47.65
N ASN F 289 -14.30 33.97 -48.03
CA ASN F 289 -13.66 32.89 -47.29
C ASN F 289 -12.16 33.14 -47.21
N ILE F 290 -11.54 32.56 -46.19
CA ILE F 290 -10.14 32.85 -45.87
C ILE F 290 -9.49 31.62 -45.24
N LEU F 291 -8.40 31.13 -45.84
CA LEU F 291 -7.80 29.88 -45.38
C LEU F 291 -6.29 29.95 -45.43
N ILE F 292 -5.66 29.92 -44.26
CA ILE F 292 -4.20 29.94 -44.14
C ILE F 292 -3.80 28.70 -43.38
N ARG F 293 -3.15 27.77 -44.05
CA ARG F 293 -2.67 26.59 -43.37
C ARG F 293 -1.16 26.46 -43.57
N ALA F 294 -0.55 25.57 -42.82
CA ALA F 294 0.90 25.58 -42.71
C ALA F 294 1.51 24.31 -43.27
N ASP F 295 2.84 24.31 -43.33
CA ASP F 295 3.63 23.13 -43.64
C ASP F 295 4.96 23.29 -42.95
N GLU F 296 5.24 22.40 -42.01
CA GLU F 296 6.50 22.45 -41.29
C GLU F 296 7.62 21.70 -41.99
N SER F 297 7.34 21.01 -43.09
CA SER F 297 8.39 20.27 -43.79
C SER F 297 9.28 21.22 -44.57
N THR F 298 8.71 21.91 -45.54
CA THR F 298 9.39 22.94 -46.30
C THR F 298 9.10 24.33 -45.76
N ASN F 299 8.55 24.43 -44.55
CA ASN F 299 8.38 25.67 -43.79
C ASN F 299 7.50 26.67 -44.51
N ALA F 300 6.54 26.19 -45.26
CA ALA F 300 5.78 27.03 -46.18
C ALA F 300 4.37 27.25 -45.67
N LEU F 301 3.65 28.11 -46.36
CA LEU F 301 2.37 28.61 -45.88
C LEU F 301 1.43 28.68 -47.07
N VAL F 302 0.29 28.01 -46.97
CA VAL F 302 -0.65 27.96 -48.08
C VAL F 302 -1.79 28.91 -47.78
N LEU F 303 -1.96 29.89 -48.68
CA LEU F 303 -2.97 30.91 -48.58
C LEU F 303 -4.08 30.63 -49.58
N LEU F 304 -5.31 30.92 -49.17
CA LEU F 304 -6.44 30.89 -50.06
C LEU F 304 -7.34 32.06 -49.70
N ALA F 305 -7.39 33.06 -50.59
CA ALA F 305 -8.05 34.32 -50.31
C ALA F 305 -8.26 35.08 -51.60
N ASP F 306 -9.11 36.10 -51.52
CA ASP F 306 -9.28 37.05 -52.60
C ASP F 306 -8.03 37.92 -52.71
N PRO F 307 -7.71 38.44 -53.92
CA PRO F 307 -6.40 39.08 -54.14
C PRO F 307 -6.10 40.31 -53.29
N ASP F 308 -7.13 41.04 -52.84
CA ASP F 308 -6.89 42.10 -51.86
C ASP F 308 -6.40 41.52 -50.53
N THR F 309 -7.06 40.45 -50.07
CA THR F 309 -6.65 39.78 -48.86
C THR F 309 -5.30 39.11 -49.04
N VAL F 310 -5.00 38.65 -50.26
CA VAL F 310 -3.69 38.09 -50.56
C VAL F 310 -2.61 39.15 -50.43
N ASN F 311 -2.87 40.36 -50.94
CA ASN F 311 -1.89 41.44 -50.82
C ASN F 311 -1.73 41.91 -49.38
N ALA F 312 -2.83 41.91 -48.60
CA ALA F 312 -2.73 42.28 -47.19
C ALA F 312 -1.93 41.26 -46.40
N LEU F 313 -2.13 39.98 -46.67
CA LEU F 313 -1.35 38.97 -45.96
C LEU F 313 0.09 38.95 -46.44
N GLU F 314 0.35 39.35 -47.70
CA GLU F 314 1.73 39.53 -48.12
C GLU F 314 2.38 40.71 -47.39
N ASP F 315 1.61 41.75 -47.10
CA ASP F 315 2.14 42.85 -46.31
C ASP F 315 2.42 42.43 -44.87
N ILE F 316 1.62 41.52 -44.33
CA ILE F 316 1.93 40.95 -43.02
C ILE F 316 3.22 40.14 -43.07
N VAL F 317 3.34 39.29 -44.09
CA VAL F 317 4.45 38.34 -44.12
C VAL F 317 5.77 39.04 -44.41
N ARG F 318 5.76 40.03 -45.31
CA ARG F 318 7.00 40.75 -45.61
C ARG F 318 7.50 41.61 -44.47
N GLN F 319 6.71 41.82 -43.43
CA GLN F 319 7.16 42.58 -42.26
C GLN F 319 7.29 41.70 -41.03
N LEU F 320 7.23 40.39 -41.18
CA LEU F 320 7.44 39.46 -40.08
C LEU F 320 8.57 38.48 -40.34
N ASP F 321 9.19 38.53 -41.52
CA ASP F 321 10.27 37.62 -41.87
C ASP F 321 11.53 38.46 -42.07
N VAL F 322 12.24 38.69 -40.98
CA VAL F 322 13.48 39.48 -41.07
C VAL F 322 14.63 38.64 -40.53
N PRO F 323 15.84 38.84 -41.03
CA PRO F 323 17.01 38.29 -40.35
C PRO F 323 17.22 38.98 -39.01
N ARG F 324 17.32 38.17 -37.96
CA ARG F 324 17.51 38.73 -36.63
C ARG F 324 18.96 39.15 -36.43
N ALA F 325 19.27 39.66 -35.26
CA ALA F 325 20.57 40.25 -35.00
C ALA F 325 21.39 39.41 -34.03
N GLN F 326 22.70 39.52 -34.16
CA GLN F 326 23.63 38.76 -33.35
C GLN F 326 24.41 39.65 -32.41
N VAL F 327 24.80 39.07 -31.28
CA VAL F 327 25.63 39.76 -30.30
C VAL F 327 26.86 38.91 -30.08
N LEU F 328 28.02 39.53 -30.11
CA LEU F 328 29.21 38.94 -29.53
C LEU F 328 29.43 39.56 -28.16
N VAL F 329 29.36 38.73 -27.13
CA VAL F 329 29.52 39.16 -25.75
C VAL F 329 30.90 38.74 -25.28
N GLU F 330 31.67 39.70 -24.78
CA GLU F 330 32.97 39.44 -24.19
C GLU F 330 32.88 39.83 -22.73
N ALA F 331 32.71 38.86 -21.85
CA ALA F 331 32.82 39.15 -20.42
C ALA F 331 34.26 38.97 -19.98
N ALA F 332 34.68 39.78 -19.03
CA ALA F 332 36.07 39.75 -18.60
C ALA F 332 36.10 39.85 -17.09
N ILE F 333 37.03 39.13 -16.47
CA ILE F 333 37.10 39.06 -15.02
C ILE F 333 38.54 39.33 -14.63
N VAL F 334 38.76 40.33 -13.80
CA VAL F 334 40.09 40.63 -13.29
C VAL F 334 40.04 40.43 -11.79
N GLU F 335 41.05 39.75 -11.27
CA GLU F 335 41.21 39.59 -9.83
C GLU F 335 42.65 39.83 -9.46
N ILE F 336 42.90 40.73 -8.51
CA ILE F 336 44.22 40.86 -7.94
C ILE F 336 44.10 40.48 -6.48
N SER F 337 44.73 39.39 -6.10
CA SER F 337 44.72 38.98 -4.71
C SER F 337 46.10 39.13 -4.11
N GLY F 338 46.14 39.20 -2.80
CA GLY F 338 47.42 39.23 -2.13
C GLY F 338 47.26 39.12 -0.64
N ASP F 339 48.26 38.57 0.04
CA ASP F 339 48.29 38.59 1.49
C ASP F 339 49.71 38.50 1.98
N ILE F 340 49.88 38.93 3.22
CA ILE F 340 51.19 38.95 3.86
C ILE F 340 51.03 38.64 5.33
N GLN F 341 51.65 37.54 5.77
CA GLN F 341 51.76 37.29 7.18
C GLN F 341 53.06 37.86 7.72
N ASP F 342 53.16 37.93 9.04
CA ASP F 342 54.38 38.35 9.69
C ASP F 342 54.35 37.78 11.10
N ALA F 343 55.07 36.70 11.34
CA ALA F 343 55.05 36.04 12.64
C ALA F 343 56.43 36.11 13.26
N VAL F 344 56.52 36.61 14.49
CA VAL F 344 57.81 36.78 15.14
C VAL F 344 57.65 36.68 16.64
N GLY F 345 58.51 35.88 17.28
CA GLY F 345 58.42 35.71 18.72
C GLY F 345 59.71 35.35 19.40
N VAL F 346 59.96 35.95 20.56
CA VAL F 346 61.13 35.69 21.39
C VAL F 346 60.68 34.87 22.58
N GLN F 347 61.42 33.80 22.89
CA GLN F 347 61.06 32.91 23.98
C GLN F 347 62.27 32.75 24.89
N TRP F 348 62.05 32.84 26.20
CA TRP F 348 63.12 32.82 27.19
C TRP F 348 63.00 31.61 28.09
N ALA F 349 64.09 30.89 28.28
CA ALA F 349 64.14 29.59 28.94
C ALA F 349 65.21 29.60 30.02
N ILE F 350 65.11 30.55 30.94
CA ILE F 350 66.05 30.67 32.05
C ILE F 350 65.69 29.63 33.10
N ASN F 351 66.31 28.46 33.06
CA ASN F 351 66.04 27.46 34.09
C ASN F 351 67.10 27.51 35.19
N LYS F 352 67.22 28.68 35.80
CA LYS F 352 68.19 28.91 36.87
C LYS F 352 67.62 28.31 38.15
N GLY F 353 67.96 27.04 38.39
CA GLY F 353 67.70 26.39 39.65
C GLY F 353 66.26 26.07 39.99
N GLY F 354 66.07 25.26 41.03
CA GLY F 354 64.76 24.96 41.55
C GLY F 354 63.92 24.01 40.72
N MET F 355 62.97 23.33 41.36
CA MET F 355 61.99 22.57 40.61
C MET F 355 61.04 23.53 39.90
N GLY F 356 60.89 23.34 38.59
CA GLY F 356 60.22 24.30 37.76
C GLY F 356 61.09 24.72 36.61
N GLY F 357 61.52 25.98 36.60
CA GLY F 357 62.30 26.51 35.50
C GLY F 357 61.56 27.66 34.85
N THR F 358 62.16 28.85 34.89
CA THR F 358 61.43 30.09 34.62
C THR F 358 61.27 30.32 33.11
N LYS F 359 60.64 29.37 32.45
CA LYS F 359 60.55 29.40 31.00
C LYS F 359 59.30 30.15 30.54
N THR F 360 59.45 30.94 29.49
CA THR F 360 58.36 31.77 28.99
C THR F 360 57.77 31.09 27.75
N ASN F 361 56.91 30.10 28.01
CA ASN F 361 56.27 29.34 26.95
C ASN F 361 55.22 30.19 26.25
N PHE F 362 55.45 30.47 24.97
CA PHE F 362 54.46 31.11 24.11
C PHE F 362 54.07 30.13 23.02
N ALA F 363 52.89 29.53 23.15
CA ALA F 363 52.39 28.61 22.13
C ALA F 363 51.64 29.40 21.07
N ASN F 364 52.36 30.28 20.39
CA ASN F 364 51.82 31.11 19.33
C ASN F 364 52.39 30.73 17.98
N THR F 365 53.71 30.75 17.84
CA THR F 365 54.35 30.57 16.55
C THR F 365 55.11 29.25 16.59
N GLY F 366 54.45 28.18 16.16
CA GLY F 366 55.10 26.92 15.90
C GLY F 366 55.66 26.23 17.12
N LEU F 367 56.97 26.26 17.25
CA LEU F 367 57.67 25.64 18.35
C LEU F 367 57.40 26.38 19.66
N SER F 368 57.87 25.78 20.74
CA SER F 368 57.71 26.33 22.08
C SER F 368 58.83 25.78 22.95
N ILE F 369 58.98 26.38 24.13
CA ILE F 369 60.04 25.94 25.03
C ILE F 369 59.68 24.59 25.66
N GLY F 370 58.40 24.34 25.90
CA GLY F 370 57.99 23.05 26.44
C GLY F 370 58.29 21.91 25.49
N THR F 371 57.93 22.09 24.22
CA THR F 371 58.35 21.10 23.25
C THR F 371 59.82 21.23 22.89
N LEU F 372 60.52 22.28 23.32
CA LEU F 372 61.96 22.30 23.14
C LEU F 372 62.68 21.44 24.19
N LEU F 373 62.22 21.50 25.44
CA LEU F 373 62.77 20.62 26.46
C LEU F 373 62.30 19.19 26.27
N GLN F 374 61.16 18.98 25.60
CA GLN F 374 60.87 17.66 25.09
C GLN F 374 61.66 17.37 23.81
N SER F 375 62.14 18.40 23.12
CA SER F 375 62.95 18.15 21.94
C SER F 375 64.37 17.78 22.32
N LEU F 376 64.78 18.08 23.54
CA LEU F 376 65.99 17.47 24.10
C LEU F 376 65.87 15.96 24.11
N GLU F 377 64.72 15.44 24.57
CA GLU F 377 64.46 14.02 24.48
C GLU F 377 64.15 13.56 23.06
N SER F 378 63.78 14.48 22.17
CA SER F 378 63.70 14.11 20.76
C SER F 378 65.09 13.92 20.18
N ASN F 379 65.99 14.86 20.48
CA ASN F 379 67.40 14.76 20.13
C ASN F 379 68.03 13.52 20.75
N LYS F 380 67.48 13.03 21.85
CA LYS F 380 67.84 11.70 22.31
C LYS F 380 67.41 10.63 21.30
N ALA F 381 66.12 10.24 21.24
CA ALA F 381 65.81 9.24 20.21
C ALA F 381 65.19 9.77 18.89
N PRO F 382 63.98 10.45 18.82
CA PRO F 382 63.40 10.69 17.48
C PRO F 382 63.83 11.93 16.67
N GLU F 383 64.15 13.06 17.32
CA GLU F 383 64.53 14.34 16.67
C GLU F 383 63.43 14.84 15.71
N SER F 384 62.31 15.23 16.31
CA SER F 384 61.08 15.43 15.57
C SER F 384 60.54 16.87 15.65
N ILE F 385 59.62 17.15 14.74
CA ILE F 385 58.72 18.30 14.69
C ILE F 385 59.42 19.67 14.74
N PRO F 386 59.94 20.17 13.63
CA PRO F 386 60.31 21.59 13.55
C PRO F 386 59.18 22.42 12.93
N ASP F 387 59.32 23.74 13.09
CA ASP F 387 58.41 24.70 12.46
C ASP F 387 59.05 26.08 12.48
N GLY F 388 59.02 26.77 11.34
CA GLY F 388 59.40 28.17 11.27
C GLY F 388 60.90 28.41 11.27
N ALA F 389 61.28 29.63 10.89
CA ALA F 389 62.69 30.02 10.83
C ALA F 389 63.17 30.29 12.26
N ILE F 390 63.88 29.34 12.83
CA ILE F 390 64.21 29.36 14.25
C ILE F 390 65.68 29.70 14.45
N VAL F 391 65.98 30.36 15.56
CA VAL F 391 67.33 30.77 15.94
C VAL F 391 67.45 30.52 17.44
N GLY F 392 68.28 29.54 17.82
CA GLY F 392 68.38 29.21 19.23
C GLY F 392 69.68 29.61 19.91
N ILE F 393 69.66 30.70 20.68
CA ILE F 393 70.83 31.14 21.44
C ILE F 393 70.71 30.56 22.83
N GLY F 394 71.50 29.57 23.16
CA GLY F 394 71.39 28.95 24.47
C GLY F 394 72.72 28.48 24.97
N SER F 395 72.88 28.51 26.29
CA SER F 395 73.93 27.73 26.94
C SER F 395 73.39 26.38 27.41
N SER F 396 72.63 25.76 26.50
CA SER F 396 72.11 24.39 26.52
C SER F 396 71.04 24.13 27.58
N SER F 397 70.90 25.00 28.55
CA SER F 397 69.77 25.06 29.46
C SER F 397 69.24 26.47 29.61
N PHE F 398 70.13 27.45 29.70
CA PHE F 398 69.79 28.87 29.69
C PHE F 398 69.51 29.24 28.25
N GLY F 399 68.23 29.24 27.87
CA GLY F 399 67.92 29.33 26.45
C GLY F 399 67.17 30.57 26.00
N ALA F 400 67.21 30.83 24.70
CA ALA F 400 66.45 31.92 24.11
C ALA F 400 66.20 31.57 22.65
N LEU F 401 64.96 31.28 22.31
CA LEU F 401 64.61 30.85 20.96
C LEU F 401 63.83 31.95 20.27
N VAL F 402 64.31 32.39 19.12
CA VAL F 402 63.65 33.40 18.31
C VAL F 402 63.08 32.71 17.08
N THR F 403 61.77 32.78 16.90
CA THR F 403 61.10 32.11 15.80
C THR F 403 60.44 33.16 14.91
N ALA F 404 60.69 33.08 13.61
CA ALA F 404 60.17 34.09 12.70
C ALA F 404 59.85 33.47 11.35
N LEU F 405 58.83 34.04 10.70
CA LEU F 405 58.42 33.71 9.34
C LEU F 405 57.73 34.93 8.74
N SER F 406 57.81 35.05 7.42
CA SER F 406 57.09 36.10 6.69
C SER F 406 56.64 35.57 5.34
N ALA F 407 55.44 35.02 5.29
CA ALA F 407 54.87 34.64 4.01
C ALA F 407 54.38 35.88 3.30
N ASN F 408 54.36 35.81 1.97
CA ASN F 408 53.99 36.95 1.15
C ASN F 408 53.55 36.40 -0.20
N THR F 409 52.25 36.26 -0.40
CA THR F 409 51.77 35.69 -1.65
C THR F 409 50.98 36.75 -2.40
N LYS F 410 51.13 36.76 -3.71
CA LYS F 410 50.35 37.62 -4.58
C LYS F 410 49.74 36.75 -5.65
N SER F 411 48.76 37.30 -6.36
CA SER F 411 48.08 36.54 -7.40
C SER F 411 47.35 37.50 -8.30
N ASN F 412 47.21 37.11 -9.56
CA ASN F 412 46.60 38.00 -10.54
C ASN F 412 45.93 37.13 -11.60
N LEU F 413 44.62 37.00 -11.50
CA LEU F 413 43.83 36.23 -12.44
C LEU F 413 43.14 37.14 -13.44
N LEU F 414 42.91 36.59 -14.62
CA LEU F 414 42.21 37.26 -15.70
C LEU F 414 41.48 36.20 -16.49
N SER F 415 40.29 36.53 -16.98
CA SER F 415 39.59 35.59 -17.83
C SER F 415 38.75 36.37 -18.81
N THR F 416 38.61 35.87 -20.02
CA THR F 416 37.78 36.52 -21.03
C THR F 416 37.03 35.48 -21.85
N PRO F 417 35.91 35.00 -21.34
CA PRO F 417 35.01 34.24 -22.22
C PRO F 417 34.27 35.18 -23.14
N SER F 418 33.87 34.64 -24.29
CA SER F 418 33.23 35.45 -25.32
C SER F 418 32.50 34.52 -26.27
N LEU F 419 31.26 34.86 -26.59
CA LEU F 419 30.49 34.02 -27.50
C LEU F 419 29.57 34.85 -28.39
N LEU F 420 29.19 34.24 -29.50
CA LEU F 420 28.23 34.82 -30.43
C LEU F 420 26.89 34.18 -30.21
N THR F 421 25.83 34.97 -30.36
CA THR F 421 24.48 34.45 -30.16
C THR F 421 23.48 35.28 -30.93
N LEU F 422 22.29 34.73 -31.07
CA LEU F 422 21.12 35.51 -31.43
C LEU F 422 20.44 36.01 -30.16
N ASP F 423 19.39 36.80 -30.33
CA ASP F 423 18.56 37.14 -29.19
C ASP F 423 17.71 35.96 -28.78
N ASN F 424 17.38 35.91 -27.49
CA ASN F 424 16.47 34.94 -26.89
C ASN F 424 16.95 33.51 -27.07
N GLN F 425 18.28 33.33 -27.12
CA GLN F 425 18.88 32.03 -27.37
C GLN F 425 19.97 31.82 -26.34
N LYS F 426 19.75 30.86 -25.44
CA LYS F 426 20.62 30.63 -24.30
C LYS F 426 21.95 30.06 -24.75
N ALA F 427 22.93 30.92 -24.96
CA ALA F 427 24.26 30.44 -25.27
C ALA F 427 24.94 29.97 -24.00
N GLU F 428 26.14 29.42 -24.14
CA GLU F 428 26.87 28.85 -23.01
C GLU F 428 28.29 28.59 -23.43
N ILE F 429 29.24 28.90 -22.57
CA ILE F 429 30.57 28.32 -22.68
C ILE F 429 30.89 27.72 -21.34
N LEU F 430 31.48 26.54 -21.35
CA LEU F 430 31.91 25.91 -20.12
C LEU F 430 33.27 25.32 -20.36
N VAL F 431 34.27 25.75 -19.62
CA VAL F 431 35.62 25.26 -19.80
C VAL F 431 36.12 24.74 -18.47
N GLY F 432 36.62 23.52 -18.45
CA GLY F 432 37.15 22.91 -17.25
C GLY F 432 36.31 21.74 -16.81
N GLN F 433 36.78 21.10 -15.74
CA GLN F 433 36.48 19.71 -15.41
C GLN F 433 35.02 19.48 -15.06
N ASN F 434 34.66 18.20 -14.98
CA ASN F 434 33.33 17.74 -14.56
C ASN F 434 33.55 16.70 -13.49
N VAL F 435 33.03 16.95 -12.29
CA VAL F 435 33.39 16.17 -11.11
C VAL F 435 32.13 15.50 -10.57
N PRO F 436 32.29 14.46 -9.78
CA PRO F 436 31.17 13.92 -9.01
C PRO F 436 31.04 14.63 -7.67
N PHE F 437 29.87 14.51 -7.09
CA PHE F 437 29.67 14.98 -5.74
C PHE F 437 28.64 14.09 -5.10
N GLN F 438 28.82 13.80 -3.81
CA GLN F 438 27.87 12.95 -3.13
C GLN F 438 26.60 13.70 -2.85
N THR F 439 25.47 13.04 -3.09
CA THR F 439 24.19 13.48 -2.56
C THR F 439 23.70 12.47 -1.53
N GLY F 440 24.63 11.73 -0.93
CA GLY F 440 24.30 10.68 0.01
C GLY F 440 25.45 9.75 0.28
N THR F 454 26.03 6.72 -0.62
CA THR F 454 26.60 7.18 -1.88
C THR F 454 25.55 7.16 -2.98
N THR F 455 25.09 8.32 -3.39
CA THR F 455 24.21 8.47 -4.53
C THR F 455 24.66 9.67 -5.38
N VAL F 456 25.93 9.64 -5.77
CA VAL F 456 26.68 10.77 -6.34
C VAL F 456 26.12 11.27 -7.67
N GLU F 457 26.62 12.40 -8.13
CA GLU F 457 26.01 13.14 -9.22
C GLU F 457 27.10 13.95 -9.91
N ARG F 458 26.90 14.23 -11.20
CA ARG F 458 27.90 14.94 -12.00
C ARG F 458 27.62 16.43 -12.03
N LYS F 459 28.69 17.22 -12.08
CA LYS F 459 28.57 18.65 -11.86
C LYS F 459 29.80 19.36 -12.41
N ASP F 460 29.58 20.47 -13.09
CA ASP F 460 30.62 21.11 -13.89
C ASP F 460 31.38 22.19 -13.11
N ILE F 461 32.69 22.22 -13.31
CA ILE F 461 33.62 23.04 -12.55
C ILE F 461 34.57 23.72 -13.52
N GLY F 462 34.58 25.06 -13.51
CA GLY F 462 35.48 25.79 -14.37
C GLY F 462 34.80 27.03 -14.90
N VAL F 463 35.49 27.78 -15.75
CA VAL F 463 35.00 29.06 -16.24
C VAL F 463 33.71 28.86 -17.00
N SER F 464 32.74 29.73 -16.82
CA SER F 464 31.47 29.49 -17.47
C SER F 464 30.75 30.78 -17.74
N LEU F 465 29.92 30.77 -18.76
CA LEU F 465 29.21 31.98 -19.14
C LEU F 465 27.89 31.59 -19.77
N LYS F 466 26.81 32.25 -19.39
CA LYS F 466 25.50 32.01 -20.01
C LYS F 466 24.85 33.35 -20.27
N VAL F 467 24.77 33.74 -21.53
CA VAL F 467 24.19 35.01 -21.93
C VAL F 467 22.81 34.75 -22.48
N THR F 468 21.87 35.65 -22.25
CA THR F 468 20.66 35.70 -23.06
C THR F 468 20.35 37.14 -23.42
N PRO F 469 20.49 37.53 -24.68
CA PRO F 469 20.23 38.92 -25.06
C PRO F 469 18.75 39.18 -25.35
N HIS F 470 18.46 40.45 -25.57
CA HIS F 470 17.20 40.90 -26.12
C HIS F 470 17.49 42.19 -26.85
N ILE F 471 17.22 42.21 -28.15
CA ILE F 471 17.88 43.15 -29.04
C ILE F 471 16.87 44.10 -29.65
N ASN F 472 17.04 45.37 -29.38
CA ASN F 472 16.28 46.42 -30.01
C ASN F 472 16.85 46.68 -31.39
N ASP F 473 16.03 47.20 -32.28
CA ASP F 473 16.51 47.65 -33.58
C ASP F 473 17.27 48.96 -33.40
N GLY F 474 18.51 48.84 -32.92
CA GLY F 474 19.33 49.99 -32.66
C GLY F 474 20.23 49.82 -31.45
N ALA F 475 20.29 50.84 -30.61
CA ALA F 475 21.17 50.83 -29.46
C ALA F 475 20.51 50.11 -28.29
N ALA F 476 21.24 50.05 -27.16
CA ALA F 476 20.73 49.67 -25.85
C ALA F 476 20.13 48.26 -25.84
N LEU F 477 21.02 47.30 -25.96
CA LEU F 477 20.64 45.90 -25.84
C LEU F 477 20.39 45.53 -24.38
N ARG F 478 19.58 44.50 -24.15
CA ARG F 478 19.40 43.94 -22.81
C ARG F 478 20.16 42.64 -22.71
N LEU F 479 20.82 42.41 -21.59
CA LEU F 479 21.54 41.16 -21.37
C LEU F 479 21.09 40.53 -20.07
N GLU F 480 20.98 39.20 -20.07
CA GLU F 480 20.72 38.45 -18.86
C GLU F 480 21.94 37.58 -18.68
N ILE F 481 22.83 37.98 -17.82
CA ILE F 481 24.14 37.35 -17.70
C ILE F 481 24.06 36.39 -16.54
N GLU F 482 24.65 35.21 -16.70
CA GLU F 482 24.91 34.36 -15.57
C GLU F 482 26.33 33.88 -15.78
N GLN F 483 27.27 34.60 -15.22
CA GLN F 483 28.67 34.28 -15.41
C GLN F 483 29.16 33.65 -14.13
N GLU F 484 30.11 32.72 -14.24
CA GLU F 484 30.73 32.25 -13.02
C GLU F 484 32.13 31.78 -13.30
N ILE F 485 32.92 31.71 -12.24
CA ILE F 485 34.23 31.09 -12.26
C ILE F 485 34.30 30.19 -11.06
N SER F 486 34.42 28.91 -11.28
CA SER F 486 34.62 27.95 -10.21
C SER F 486 36.11 27.73 -10.02
N ALA F 487 36.45 26.71 -9.24
CA ALA F 487 37.80 26.16 -9.10
C ALA F 487 37.65 24.84 -8.35
N LEU F 488 38.78 24.27 -7.97
CA LEU F 488 38.77 23.06 -7.16
C LEU F 488 39.99 23.13 -6.26
N LEU F 489 39.86 22.68 -5.02
CA LEU F 489 40.85 23.04 -4.02
C LEU F 489 41.56 21.80 -3.47
N PRO F 490 42.88 21.70 -3.59
CA PRO F 490 43.60 20.55 -3.04
C PRO F 490 44.18 20.82 -1.66
N ASN F 491 44.20 22.09 -1.25
CA ASN F 491 44.97 22.48 -0.07
C ASN F 491 44.19 22.21 1.22
N ALA F 492 43.10 22.94 1.41
CA ALA F 492 42.35 22.92 2.66
C ALA F 492 41.27 21.85 2.54
N GLN F 493 41.67 20.63 2.83
CA GLN F 493 40.76 19.49 2.81
C GLN F 493 40.44 19.06 4.22
N GLN F 494 39.17 18.90 4.50
CA GLN F 494 38.66 18.49 5.79
C GLN F 494 38.59 16.96 5.85
N ARG F 495 37.83 16.44 6.80
CA ARG F 495 37.55 15.03 6.99
C ARG F 495 36.43 14.53 6.03
N ASN F 496 36.21 15.22 4.93
CA ASN F 496 35.08 14.97 4.06
C ASN F 496 35.55 15.00 2.61
N ASN F 497 34.60 15.14 1.69
CA ASN F 497 34.87 14.97 0.27
C ASN F 497 35.53 16.20 -0.35
N THR F 498 35.50 16.25 -1.68
CA THR F 498 36.07 17.36 -2.43
C THR F 498 35.43 18.68 -2.05
N ASP F 499 36.26 19.61 -1.57
CA ASP F 499 35.80 20.93 -1.17
C ASP F 499 35.76 21.82 -2.42
N LEU F 500 34.76 21.53 -3.25
CA LEU F 500 34.71 22.06 -4.60
C LEU F 500 34.36 23.54 -4.56
N ILE F 501 35.26 24.41 -4.96
CA ILE F 501 34.91 25.81 -5.02
C ILE F 501 34.07 25.96 -6.28
N THR F 502 32.77 25.70 -6.17
CA THR F 502 31.89 25.62 -7.33
C THR F 502 31.41 26.99 -7.75
N SER F 503 31.36 27.93 -6.81
CA SER F 503 31.40 29.33 -7.13
C SER F 503 32.63 29.89 -6.46
N LYS F 504 33.44 30.59 -7.22
CA LYS F 504 34.36 31.56 -6.64
C LYS F 504 33.99 32.95 -7.07
N ARG F 505 33.48 33.10 -8.26
CA ARG F 505 32.69 34.27 -8.58
C ARG F 505 31.43 33.76 -9.21
N SER F 506 30.31 34.36 -8.89
CA SER F 506 29.10 33.85 -9.53
C SER F 506 28.12 35.00 -9.62
N ILE F 507 28.21 35.78 -10.68
CA ILE F 507 27.35 36.94 -10.78
C ILE F 507 26.23 36.62 -11.75
N LYS F 508 25.01 36.68 -11.25
CA LYS F 508 23.84 36.27 -12.01
C LYS F 508 22.95 37.48 -12.15
N SER F 509 23.26 38.34 -13.10
CA SER F 509 22.61 39.65 -13.09
C SER F 509 21.83 39.86 -14.37
N THR F 510 21.28 41.04 -14.50
CA THR F 510 20.48 41.38 -15.68
C THR F 510 20.73 42.85 -15.97
N ILE F 511 21.53 43.14 -16.99
CA ILE F 511 21.92 44.52 -17.22
C ILE F 511 21.41 44.99 -18.56
N LEU F 512 21.66 46.24 -18.91
CA LEU F 512 21.19 46.82 -20.17
C LEU F 512 22.29 47.74 -20.68
N ALA F 513 22.97 47.32 -21.73
CA ALA F 513 24.21 47.97 -22.14
C ALA F 513 24.07 48.61 -23.51
N GLU F 514 25.15 49.30 -23.88
CA GLU F 514 25.28 50.00 -25.15
C GLU F 514 26.37 49.33 -25.97
N ASN F 515 26.13 49.18 -27.27
CA ASN F 515 26.81 48.23 -28.16
C ASN F 515 28.29 48.53 -28.43
N GLY F 516 28.98 49.46 -27.78
CA GLY F 516 30.41 49.53 -27.95
C GLY F 516 31.08 49.90 -26.66
N GLN F 517 30.31 49.86 -25.58
CA GLN F 517 30.70 50.46 -24.31
C GLN F 517 31.19 49.38 -23.36
N VAL F 518 32.47 49.42 -23.03
CA VAL F 518 33.02 48.56 -21.99
C VAL F 518 32.46 49.04 -20.66
N ILE F 519 31.62 48.25 -20.04
CA ILE F 519 30.98 48.63 -18.79
C ILE F 519 31.43 47.68 -17.69
N VAL F 520 31.05 48.01 -16.46
CA VAL F 520 31.40 47.23 -15.28
C VAL F 520 30.14 46.61 -14.74
N ILE F 521 30.15 45.30 -14.56
CA ILE F 521 28.97 44.66 -14.00
C ILE F 521 29.10 44.48 -12.51
N GLY F 522 30.26 44.01 -12.03
CA GLY F 522 30.30 43.67 -10.63
C GLY F 522 31.67 43.84 -10.03
N GLY F 523 31.73 43.73 -8.71
CA GLY F 523 33.02 43.92 -8.08
C GLY F 523 33.03 43.47 -6.65
N LEU F 524 34.24 43.43 -6.11
CA LEU F 524 34.47 43.09 -4.71
C LEU F 524 35.82 43.65 -4.32
N ILE F 525 35.85 44.46 -3.28
CA ILE F 525 37.09 44.97 -2.72
C ILE F 525 37.12 44.54 -1.27
N GLN F 526 37.98 43.59 -0.94
CA GLN F 526 38.00 43.02 0.40
C GLN F 526 39.36 43.26 1.02
N ASP F 527 39.37 44.05 2.08
CA ASP F 527 40.60 44.42 2.76
C ASP F 527 40.56 43.86 4.17
N ASP F 528 41.73 43.55 4.69
CA ASP F 528 41.79 42.90 5.99
C ASP F 528 43.15 43.16 6.59
N VAL F 529 43.15 43.33 7.91
CA VAL F 529 44.37 43.44 8.69
C VAL F 529 44.08 42.89 10.08
N SER F 530 44.88 41.94 10.53
CA SER F 530 44.64 41.27 11.78
C SER F 530 45.97 41.11 12.48
N GLN F 531 45.94 41.12 13.81
CA GLN F 531 47.19 41.05 14.57
C GLN F 531 46.95 40.55 15.98
N ALA F 532 47.59 39.44 16.32
CA ALA F 532 47.50 38.88 17.65
C ALA F 532 48.84 39.02 18.35
N GLU F 533 48.80 39.18 19.67
CA GLU F 533 50.00 39.21 20.48
C GLU F 533 49.87 38.23 21.61
N SER F 534 51.00 37.95 22.24
CA SER F 534 51.02 37.18 23.48
C SER F 534 52.29 37.55 24.22
N LYS F 535 52.17 38.13 25.40
CA LYS F 535 53.34 38.63 26.11
C LYS F 535 53.21 38.37 27.60
N VAL F 536 54.33 38.46 28.29
CA VAL F 536 54.29 38.63 29.74
C VAL F 536 53.75 40.02 30.04
N PRO F 537 52.72 40.16 30.90
CA PRO F 537 51.97 41.42 30.98
C PRO F 537 52.74 42.60 31.56
N LEU F 538 53.88 42.39 32.20
CA LEU F 538 54.67 43.50 32.67
C LEU F 538 55.77 43.92 31.71
N LEU F 539 56.37 42.95 31.00
CA LEU F 539 57.62 43.19 30.30
C LEU F 539 57.45 43.52 28.83
N GLY F 540 56.36 43.07 28.21
CA GLY F 540 56.15 43.41 26.81
C GLY F 540 55.82 44.87 26.57
N ASP F 541 55.38 45.58 27.61
CA ASP F 541 54.93 46.95 27.44
C ASP F 541 56.07 47.93 27.25
N ILE F 542 57.25 47.61 27.77
CA ILE F 542 58.38 48.54 27.79
C ILE F 542 58.92 48.71 26.37
N PRO F 543 58.86 49.92 25.80
CA PRO F 543 59.23 50.07 24.38
C PRO F 543 60.73 50.19 24.14
N LEU F 544 61.50 49.39 24.83
CA LEU F 544 62.92 49.19 24.61
C LEU F 544 63.26 47.71 24.56
N LEU F 545 62.60 46.89 25.36
CA LEU F 545 62.79 45.45 25.37
C LEU F 545 61.49 44.71 25.10
N GLY F 546 60.46 45.42 24.64
CA GLY F 546 59.17 44.81 24.40
C GLY F 546 59.16 43.79 23.28
N ARG F 547 60.11 43.90 22.35
CA ARG F 547 60.26 42.86 21.33
C ARG F 547 60.78 41.57 21.93
N LEU F 548 61.59 41.66 22.99
CA LEU F 548 62.23 40.48 23.55
C LEU F 548 61.33 39.65 24.43
N PHE F 549 60.06 39.98 24.53
CA PHE F 549 59.18 39.14 25.34
C PHE F 549 57.91 38.74 24.61
N ARG F 550 57.35 39.60 23.77
CA ARG F 550 56.07 39.34 23.16
C ARG F 550 56.19 38.32 22.04
N SER F 551 55.04 38.01 21.45
CA SER F 551 54.97 37.11 20.30
C SER F 551 53.83 37.62 19.44
N THR F 552 54.16 38.13 18.26
CA THR F 552 53.17 38.78 17.42
C THR F 552 52.94 37.99 16.14
N LYS F 553 51.76 38.20 15.58
CA LYS F 553 51.36 37.54 14.35
C LYS F 553 50.44 38.50 13.60
N ASP F 554 50.92 39.04 12.48
CA ASP F 554 50.18 40.00 11.69
C ASP F 554 49.74 39.33 10.39
N THR F 555 48.66 39.83 9.82
CA THR F 555 48.07 39.22 8.63
C THR F 555 47.32 40.30 7.87
N HIS F 556 47.85 40.72 6.73
CA HIS F 556 47.17 41.69 5.87
C HIS F 556 46.71 40.95 4.63
N THR F 557 45.58 41.38 4.06
CA THR F 557 44.94 40.61 3.01
C THR F 557 44.10 41.50 2.12
N LYS F 558 44.33 41.48 0.82
CA LYS F 558 43.51 42.22 -0.13
C LYS F 558 43.02 41.31 -1.23
N ARG F 559 41.78 41.52 -1.65
CA ARG F 559 41.22 40.85 -2.82
C ARG F 559 40.44 41.89 -3.61
N ASN F 560 40.96 42.27 -4.75
CA ASN F 560 40.27 43.17 -5.65
C ASN F 560 39.71 42.37 -6.80
N LEU F 561 38.51 42.74 -7.24
CA LEU F 561 37.79 41.92 -8.19
C LEU F 561 36.85 42.79 -9.02
N MET F 562 36.99 42.74 -10.33
CA MET F 562 36.05 43.40 -11.21
C MET F 562 35.55 42.42 -12.25
N VAL F 563 34.30 42.60 -12.65
CA VAL F 563 33.69 41.83 -13.72
C VAL F 563 33.13 42.82 -14.71
N PHE F 564 33.75 42.91 -15.89
CA PHE F 564 33.42 43.79 -16.99
C PHE F 564 32.70 43.04 -18.09
N LEU F 565 32.07 43.81 -18.96
CA LEU F 565 31.27 43.24 -20.02
C LEU F 565 31.40 44.11 -21.26
N ARG F 566 31.35 43.48 -22.40
CA ARG F 566 31.47 44.20 -23.66
C ARG F 566 30.57 43.59 -24.70
N PRO F 567 29.50 44.23 -25.06
CA PRO F 567 28.67 43.72 -26.14
C PRO F 567 29.00 44.36 -27.48
N THR F 568 28.95 43.60 -28.56
CA THR F 568 29.06 44.14 -29.91
C THR F 568 27.93 43.59 -30.74
N VAL F 569 27.15 44.48 -31.35
CA VAL F 569 26.01 44.09 -32.17
C VAL F 569 26.48 43.95 -33.61
N VAL F 570 26.28 42.77 -34.19
CA VAL F 570 26.50 42.55 -35.61
C VAL F 570 25.18 42.10 -36.22
N ARG F 571 24.81 42.74 -37.32
CA ARG F 571 23.62 42.37 -38.06
C ARG F 571 23.86 42.14 -39.54
N ASP F 572 24.95 42.63 -40.10
CA ASP F 572 25.40 42.25 -41.42
C ASP F 572 26.62 41.35 -41.31
N SER F 573 26.85 40.55 -42.35
CA SER F 573 27.98 39.63 -42.33
C SER F 573 29.31 40.32 -42.48
N ALA F 574 29.34 41.60 -42.86
CA ALA F 574 30.60 42.31 -43.01
C ALA F 574 31.29 42.51 -41.67
N GLY F 575 30.53 42.97 -40.67
CA GLY F 575 31.10 43.17 -39.35
C GLY F 575 31.47 41.86 -38.68
N LEU F 576 30.71 40.81 -38.96
CA LEU F 576 31.06 39.48 -38.46
C LEU F 576 32.34 38.97 -39.07
N ALA F 577 32.53 39.22 -40.37
CA ALA F 577 33.80 38.90 -41.02
C ALA F 577 34.95 39.71 -40.46
N ALA F 578 34.69 40.97 -40.09
CA ALA F 578 35.74 41.81 -39.52
C ALA F 578 36.16 41.31 -38.14
N LEU F 579 35.18 40.97 -37.29
CA LEU F 579 35.47 40.38 -36.00
C LEU F 579 36.23 39.07 -36.14
N SER F 580 35.82 38.24 -37.08
CA SER F 580 36.48 36.96 -37.30
C SER F 580 37.91 37.14 -37.76
N GLY F 581 38.13 38.11 -38.65
CA GLY F 581 39.48 38.38 -39.12
C GLY F 581 40.38 38.92 -38.03
N LYS F 582 39.85 39.77 -37.16
CA LYS F 582 40.65 40.28 -36.06
C LYS F 582 41.00 39.19 -35.06
N LYS F 583 40.03 38.35 -34.70
CA LYS F 583 40.33 37.27 -33.75
C LYS F 583 41.24 36.22 -34.38
N TYR F 584 41.11 36.01 -35.69
CA TYR F 584 41.95 35.02 -36.34
C TYR F 584 43.38 35.52 -36.47
N SER F 585 43.57 36.81 -36.73
CA SER F 585 44.92 37.36 -36.70
C SER F 585 45.49 37.36 -35.29
N ASP F 586 44.63 37.60 -34.29
CA ASP F 586 45.10 37.64 -32.92
C ASP F 586 45.39 36.25 -32.37
N ILE F 587 44.88 35.19 -32.98
CA ILE F 587 45.33 33.87 -32.61
C ILE F 587 46.51 33.42 -33.48
N ARG F 588 46.63 33.96 -34.69
CA ARG F 588 47.79 33.69 -35.53
C ARG F 588 49.06 34.29 -34.94
N VAL F 589 48.94 35.43 -34.27
CA VAL F 589 50.12 36.02 -33.65
C VAL F 589 50.53 35.22 -32.41
N ILE F 590 49.59 34.53 -31.77
CA ILE F 590 49.96 33.64 -30.69
C ILE F 590 50.64 32.39 -31.25
N ASP F 591 50.19 31.96 -32.43
CA ASP F 591 50.96 30.96 -33.17
C ASP F 591 52.33 31.50 -33.57
N GLY F 592 52.44 32.82 -33.79
CA GLY F 592 53.67 33.47 -34.16
C GLY F 592 54.61 33.80 -33.02
N THR F 593 54.38 33.27 -31.83
CA THR F 593 55.29 33.49 -30.71
C THR F 593 55.96 32.17 -30.31
N PRO F 604 59.55 20.83 -31.19
CA PRO F 604 59.57 22.29 -31.18
C PRO F 604 58.19 22.92 -31.31
N THR F 605 58.18 24.20 -31.64
CA THR F 605 56.98 25.03 -31.74
C THR F 605 56.93 25.73 -33.10
N ASN F 606 57.10 24.92 -34.15
CA ASN F 606 57.33 25.39 -35.51
C ASN F 606 56.09 26.07 -36.09
N ALA F 607 56.25 26.59 -37.31
CA ALA F 607 55.32 27.55 -37.90
C ALA F 607 53.97 26.91 -38.19
N ASN F 608 52.92 27.48 -37.62
CA ASN F 608 51.57 26.94 -37.74
C ASN F 608 50.91 27.42 -39.01
N GLN F 609 49.68 27.01 -39.25
CA GLN F 609 49.15 27.03 -40.62
C GLN F 609 47.84 27.81 -40.69
N LEU F 610 47.66 28.52 -41.81
CA LEU F 610 46.40 29.15 -42.14
C LEU F 610 45.42 28.12 -42.67
N PHE F 611 44.14 28.48 -42.78
CA PHE F 611 43.16 27.63 -43.44
C PHE F 611 42.49 28.41 -44.55
N ASP F 612 41.49 27.77 -45.15
CA ASP F 612 40.78 28.35 -46.26
C ASP F 612 39.84 29.42 -45.72
N GLY F 613 40.36 30.63 -45.53
CA GLY F 613 39.58 31.74 -45.04
C GLY F 613 38.48 32.18 -45.99
N ASP G 174 -38.39 45.55 -70.44
CA ASP G 174 -37.79 44.53 -71.29
C ASP G 174 -36.77 43.68 -70.52
N TYR G 175 -36.34 42.58 -71.13
CA TYR G 175 -35.53 41.57 -70.46
C TYR G 175 -34.06 41.78 -70.80
N SER G 176 -33.19 41.60 -69.82
CA SER G 176 -31.75 41.68 -70.08
C SER G 176 -30.99 40.91 -69.01
N VAL G 177 -29.73 40.61 -69.33
CA VAL G 177 -28.81 39.97 -68.40
C VAL G 177 -27.48 40.71 -68.47
N ILE G 178 -26.89 40.99 -67.31
CA ILE G 178 -25.61 41.68 -67.22
C ILE G 178 -24.67 40.90 -66.31
N ASN G 179 -23.40 41.23 -66.42
CA ASN G 179 -22.33 40.71 -65.59
C ASN G 179 -22.08 41.65 -64.41
N LEU G 180 -21.20 41.21 -63.53
CA LEU G 180 -20.60 42.05 -62.49
C LEU G 180 -19.15 41.67 -62.34
N ARG G 181 -18.29 42.68 -62.17
CA ARG G 181 -16.87 42.43 -61.98
C ARG G 181 -16.57 42.09 -60.52
N TYR G 182 -16.85 43.02 -59.62
CA TYR G 182 -16.71 42.83 -58.19
C TYR G 182 -18.03 42.84 -57.45
N GLY G 183 -19.13 43.22 -58.10
CA GLY G 183 -20.40 43.34 -57.40
C GLY G 183 -21.03 42.00 -57.09
N TRP G 184 -21.82 41.97 -56.03
CA TRP G 184 -22.52 40.77 -55.59
C TRP G 184 -24.01 40.91 -55.87
N VAL G 185 -24.58 39.94 -56.58
CA VAL G 185 -26.03 39.91 -56.80
C VAL G 185 -26.76 39.52 -55.53
N MET G 186 -26.07 38.88 -54.59
CA MET G 186 -26.66 38.54 -53.30
C MET G 186 -27.04 39.79 -52.53
N ASP G 187 -26.13 40.76 -52.48
CA ASP G 187 -26.43 42.03 -51.82
C ASP G 187 -27.39 42.86 -52.65
N ALA G 188 -27.24 42.83 -53.97
CA ALA G 188 -28.04 43.70 -54.84
C ALA G 188 -29.44 43.18 -55.08
N ALA G 189 -29.75 41.95 -54.65
CA ALA G 189 -31.09 41.40 -54.86
C ALA G 189 -32.12 42.12 -54.00
N GLU G 190 -31.80 42.32 -52.72
CA GLU G 190 -32.69 43.07 -51.83
C GLU G 190 -32.78 44.54 -52.23
N VAL G 191 -31.71 45.05 -52.85
CA VAL G 191 -31.72 46.40 -53.39
C VAL G 191 -32.74 46.51 -54.52
N LEU G 192 -32.54 45.71 -55.56
CA LEU G 192 -33.29 45.84 -56.79
C LEU G 192 -34.71 45.33 -56.68
N ASN G 193 -35.00 44.47 -55.71
CA ASN G 193 -36.39 44.11 -55.46
C ASN G 193 -37.16 45.29 -54.90
N ASN G 194 -36.50 46.12 -54.09
CA ASN G 194 -37.10 47.34 -53.58
C ASN G 194 -36.76 48.56 -54.40
N ALA G 195 -36.14 48.37 -55.58
CA ALA G 195 -35.90 49.50 -56.46
C ALA G 195 -37.20 50.04 -57.03
N MET G 196 -38.15 49.15 -57.30
CA MET G 196 -39.50 49.56 -57.65
C MET G 196 -40.36 49.55 -56.39
N SER G 197 -41.23 50.55 -56.27
CA SER G 197 -41.96 50.81 -55.04
C SER G 197 -43.01 49.73 -54.78
N ARG G 198 -43.60 49.79 -53.60
CA ARG G 198 -44.60 48.82 -53.19
C ARG G 198 -45.96 49.14 -53.81
N ALA G 205 -45.50 45.06 -57.91
CA ALA G 205 -44.05 45.25 -58.04
C ALA G 205 -43.68 45.69 -59.44
N GLY G 206 -44.23 45.00 -60.45
CA GLY G 206 -43.94 45.35 -61.82
C GLY G 206 -42.71 44.65 -62.38
N ALA G 207 -41.59 45.35 -62.36
CA ALA G 207 -40.33 44.80 -62.86
C ALA G 207 -39.83 43.69 -61.94
N GLN G 208 -38.90 42.89 -62.45
CA GLN G 208 -38.35 41.78 -61.70
C GLN G 208 -36.83 41.73 -61.82
N VAL G 209 -36.22 40.92 -60.95
CA VAL G 209 -34.78 40.81 -60.84
C VAL G 209 -34.45 39.40 -60.35
N ILE G 210 -33.43 38.80 -60.98
CA ILE G 210 -33.06 37.40 -60.78
C ILE G 210 -31.56 37.32 -60.63
N ALA G 211 -31.10 36.68 -59.56
CA ALA G 211 -29.69 36.62 -59.23
C ALA G 211 -29.07 35.29 -59.66
N ASP G 212 -27.77 35.34 -59.96
CA ASP G 212 -26.94 34.14 -60.17
C ASP G 212 -25.66 34.32 -59.36
N ALA G 213 -25.60 33.68 -58.21
CA ALA G 213 -24.45 33.80 -57.33
C ALA G 213 -23.31 32.86 -57.69
N ARG G 214 -23.52 31.92 -58.61
CA ARG G 214 -22.41 31.11 -59.06
C ARG G 214 -21.63 31.80 -60.18
N THR G 215 -22.35 32.33 -61.17
CA THR G 215 -21.74 33.01 -62.28
C THR G 215 -21.95 34.52 -62.23
N ASN G 216 -22.48 35.02 -61.11
CA ASN G 216 -22.55 36.44 -60.78
C ASN G 216 -23.36 37.21 -61.81
N ARG G 217 -24.42 36.60 -62.29
CA ARG G 217 -25.20 37.20 -63.37
C ARG G 217 -26.46 37.85 -62.82
N LEU G 218 -26.98 38.82 -63.57
CA LEU G 218 -28.15 39.55 -63.14
C LEU G 218 -29.14 39.60 -64.29
N ILE G 219 -30.33 39.04 -64.09
CA ILE G 219 -31.38 39.04 -65.11
C ILE G 219 -32.48 39.97 -64.64
N ILE G 220 -32.64 41.09 -65.31
CA ILE G 220 -33.61 42.08 -64.90
C ILE G 220 -34.65 42.26 -66.00
N LEU G 221 -35.91 42.42 -65.58
CA LEU G 221 -37.07 42.37 -66.46
C LEU G 221 -37.88 43.64 -66.16
N GLY G 222 -37.57 44.74 -66.83
CA GLY G 222 -38.23 45.99 -66.53
C GLY G 222 -37.90 47.16 -67.44
N PRO G 223 -37.97 48.37 -66.90
CA PRO G 223 -37.84 49.56 -67.73
C PRO G 223 -36.39 49.78 -68.15
N PRO G 224 -36.16 50.43 -69.28
CA PRO G 224 -34.77 50.59 -69.76
C PRO G 224 -33.96 51.60 -68.97
N GLN G 225 -34.61 52.58 -68.34
CA GLN G 225 -33.85 53.56 -67.56
C GLN G 225 -33.38 52.99 -66.23
N ALA G 226 -34.17 52.12 -65.61
CA ALA G 226 -33.69 51.41 -64.42
C ALA G 226 -32.52 50.50 -64.79
N ARG G 227 -32.60 49.87 -65.97
CA ARG G 227 -31.48 49.11 -66.52
C ARG G 227 -30.23 49.95 -66.64
N ALA G 228 -30.34 51.13 -67.26
CA ALA G 228 -29.16 51.95 -67.52
C ALA G 228 -28.58 52.53 -66.24
N LYS G 229 -29.44 53.11 -65.39
CA LYS G 229 -28.98 53.71 -64.15
C LYS G 229 -28.45 52.67 -63.19
N LEU G 230 -28.95 51.45 -63.23
CA LEU G 230 -28.43 50.48 -62.29
C LEU G 230 -27.28 49.66 -62.86
N VAL G 231 -27.08 49.68 -64.18
CA VAL G 231 -25.79 49.26 -64.72
C VAL G 231 -24.72 50.29 -64.37
N GLN G 232 -25.08 51.58 -64.34
CA GLN G 232 -24.12 52.58 -63.87
C GLN G 232 -23.85 52.45 -62.37
N LEU G 233 -24.88 52.13 -61.58
CA LEU G 233 -24.66 51.84 -60.17
C LEU G 233 -23.91 50.52 -59.99
N ALA G 234 -24.03 49.60 -60.94
CA ALA G 234 -23.22 48.39 -60.92
C ALA G 234 -21.76 48.72 -61.18
N GLN G 235 -21.50 49.62 -62.13
CA GLN G 235 -20.14 49.99 -62.49
C GLN G 235 -19.50 50.85 -61.41
N SER G 236 -20.31 51.57 -60.64
CA SER G 236 -19.81 52.20 -59.43
C SER G 236 -19.81 51.25 -58.24
N LEU G 237 -20.53 50.14 -58.34
CA LEU G 237 -20.78 49.23 -57.24
C LEU G 237 -19.74 48.13 -57.17
N ASP G 238 -19.19 47.75 -58.33
CA ASP G 238 -18.08 46.81 -58.39
C ASP G 238 -16.73 47.49 -58.24
N THR G 239 -16.69 48.68 -57.69
CA THR G 239 -15.44 49.31 -57.33
C THR G 239 -15.14 49.01 -55.87
N PRO G 240 -13.89 48.71 -55.53
CA PRO G 240 -13.53 48.55 -54.12
C PRO G 240 -13.59 49.87 -53.37
N THR G 241 -13.93 49.80 -52.09
CA THR G 241 -14.13 50.96 -51.23
C THR G 241 -13.74 50.50 -49.83
N ALA G 242 -14.33 51.07 -48.77
CA ALA G 242 -13.96 50.88 -47.37
C ALA G 242 -14.08 49.43 -46.87
N ARG G 243 -13.75 49.22 -45.60
CA ARG G 243 -13.29 47.95 -45.02
C ARG G 243 -12.35 47.21 -45.96
N SER G 244 -11.34 47.93 -46.42
CA SER G 244 -10.29 47.37 -47.26
C SER G 244 -9.03 48.20 -47.05
N ALA G 245 -7.93 47.51 -46.73
CA ALA G 245 -6.64 48.12 -46.35
C ALA G 245 -6.80 49.11 -45.20
N ASN G 246 -7.37 48.62 -44.11
CA ASN G 246 -7.52 49.40 -42.89
C ASN G 246 -6.82 48.71 -41.72
N THR G 247 -5.66 48.13 -41.99
CA THR G 247 -4.90 47.34 -41.04
C THR G 247 -3.58 48.03 -40.69
N ARG G 248 -2.86 47.44 -39.74
CA ARG G 248 -1.69 48.09 -39.18
C ARG G 248 -0.79 47.04 -38.54
N VAL G 249 0.52 47.24 -38.64
CA VAL G 249 1.51 46.38 -38.00
C VAL G 249 2.42 47.25 -37.15
N ILE G 250 2.58 46.89 -35.87
CA ILE G 250 3.30 47.69 -34.89
C ILE G 250 4.44 46.85 -34.31
N ARG G 251 5.66 47.33 -34.46
CA ARG G 251 6.76 46.75 -33.71
C ARG G 251 6.76 47.27 -32.29
N LEU G 252 7.25 46.46 -31.38
CA LEU G 252 7.27 46.86 -29.98
C LEU G 252 8.69 46.95 -29.46
N ARG G 253 8.88 47.87 -28.53
CA ARG G 253 10.15 48.06 -27.85
C ARG G 253 9.93 47.99 -26.36
N HIS G 254 10.80 47.23 -25.69
CA HIS G 254 10.86 47.03 -24.24
C HIS G 254 9.61 46.37 -23.66
N ASN G 255 8.78 45.75 -24.50
CA ASN G 255 7.57 45.10 -24.02
C ASN G 255 7.28 43.88 -24.89
N ASP G 256 6.68 42.88 -24.28
CA ASP G 256 6.25 41.71 -25.03
C ASP G 256 4.96 42.03 -25.79
N ALA G 257 4.67 41.21 -26.79
CA ALA G 257 3.53 41.49 -27.64
C ALA G 257 2.25 40.95 -27.04
N LYS G 258 2.30 39.74 -26.48
CA LYS G 258 1.10 39.12 -25.93
C LYS G 258 0.69 39.77 -24.62
N THR G 259 1.68 40.22 -23.84
CA THR G 259 1.41 40.84 -22.55
C THR G 259 0.63 42.14 -22.71
N LEU G 260 1.05 42.99 -23.65
CA LEU G 260 0.25 44.17 -23.95
C LEU G 260 -1.01 43.82 -24.72
N ALA G 261 -0.99 42.69 -25.44
CA ALA G 261 -2.14 42.35 -26.27
C ALA G 261 -3.36 41.95 -25.44
N GLU G 262 -3.14 41.31 -24.29
CA GLU G 262 -4.28 41.04 -23.41
C GLU G 262 -4.90 42.34 -22.91
N THR G 263 -4.05 43.32 -22.57
CA THR G 263 -4.55 44.58 -22.03
C THR G 263 -5.25 45.41 -23.10
N LEU G 264 -4.71 45.43 -24.31
CA LEU G 264 -5.37 46.15 -25.38
C LEU G 264 -6.67 45.47 -25.82
N GLY G 265 -6.71 44.13 -25.78
CA GLY G 265 -7.97 43.45 -26.03
C GLY G 265 -8.99 43.66 -24.94
N GLN G 266 -8.55 43.88 -23.71
CA GLN G 266 -9.49 44.16 -22.64
C GLN G 266 -9.89 45.62 -22.56
N ILE G 267 -9.15 46.55 -23.18
CA ILE G 267 -9.64 47.92 -23.26
C ILE G 267 -10.35 48.20 -24.57
N SER G 268 -10.24 47.33 -25.56
CA SER G 268 -10.75 47.67 -26.88
C SER G 268 -12.24 47.39 -27.05
N GLU G 269 -12.95 46.99 -25.99
CA GLU G 269 -14.40 46.94 -26.10
C GLU G 269 -14.99 48.34 -26.14
N GLY G 270 -14.36 49.29 -25.45
CA GLY G 270 -14.87 50.64 -25.41
C GLY G 270 -14.55 51.47 -26.63
N MET G 271 -13.68 50.99 -27.49
CA MET G 271 -13.43 51.64 -28.77
C MET G 271 -14.29 51.07 -29.88
N LYS G 272 -15.25 50.20 -29.55
CA LYS G 272 -16.10 49.57 -30.56
C LYS G 272 -17.41 50.32 -30.73
N SER G 288 -16.63 49.44 -36.87
CA SER G 288 -17.58 48.72 -36.03
C SER G 288 -16.95 47.43 -35.48
N ASN G 289 -15.69 47.21 -35.84
CA ASN G 289 -14.96 46.02 -35.39
C ASN G 289 -13.55 46.41 -35.00
N ILE G 290 -12.96 45.60 -34.13
CA ILE G 290 -11.67 45.92 -33.51
C ILE G 290 -10.89 44.64 -33.21
N LEU G 291 -9.68 44.53 -33.76
CA LEU G 291 -8.92 43.27 -33.65
C LEU G 291 -7.45 43.56 -33.41
N ILE G 292 -6.95 43.18 -32.23
CA ILE G 292 -5.56 43.35 -31.88
C ILE G 292 -5.04 41.98 -31.52
N ARG G 293 -4.15 41.43 -32.34
CA ARG G 293 -3.56 40.15 -32.02
C ARG G 293 -2.05 40.29 -32.00
N ALA G 294 -1.37 39.27 -31.49
CA ALA G 294 0.03 39.42 -31.15
C ALA G 294 0.91 38.51 -31.99
N ASP G 295 2.22 38.70 -31.82
CA ASP G 295 3.23 37.81 -32.38
C ASP G 295 4.44 37.88 -31.46
N GLU G 296 4.76 36.77 -30.84
CA GLU G 296 5.90 36.70 -29.94
C GLU G 296 7.20 36.41 -30.65
N SER G 297 7.16 36.11 -31.94
CA SER G 297 8.40 35.81 -32.67
C SER G 297 9.20 37.06 -32.93
N THR G 298 8.62 37.98 -33.69
CA THR G 298 9.21 39.29 -33.94
C THR G 298 8.62 40.36 -33.04
N ASN G 299 7.93 39.95 -31.96
CA ASN G 299 7.46 40.81 -30.88
C ASN G 299 6.50 41.89 -31.36
N ALA G 300 5.73 41.59 -32.38
CA ALA G 300 4.95 42.60 -33.08
C ALA G 300 3.47 42.44 -32.77
N LEU G 301 2.69 43.40 -33.23
CA LEU G 301 1.30 43.54 -32.84
C LEU G 301 0.51 43.90 -34.08
N VAL G 302 -0.50 43.12 -34.40
CA VAL G 302 -1.30 43.33 -35.60
C VAL G 302 -2.60 43.97 -35.20
N LEU G 303 -2.84 45.17 -35.74
CA LEU G 303 -4.02 45.97 -35.48
C LEU G 303 -4.94 45.92 -36.68
N LEU G 304 -6.23 45.88 -36.40
CA LEU G 304 -7.24 46.04 -37.44
C LEU G 304 -8.36 46.89 -36.85
N ALA G 305 -8.48 48.12 -37.36
CA ALA G 305 -9.37 49.10 -36.80
C ALA G 305 -9.56 50.25 -37.78
N ASP G 306 -10.59 51.05 -37.51
CA ASP G 306 -10.79 52.30 -38.22
C ASP G 306 -9.71 53.30 -37.83
N PRO G 307 -9.36 54.23 -38.72
CA PRO G 307 -8.16 55.07 -38.50
C PRO G 307 -8.18 55.95 -37.26
N ASP G 308 -9.36 56.35 -36.76
CA ASP G 308 -9.42 57.01 -35.45
C ASP G 308 -8.99 56.06 -34.34
N THR G 309 -9.51 54.83 -34.38
CA THR G 309 -9.12 53.83 -33.40
C THR G 309 -7.66 53.44 -33.57
N VAL G 310 -7.16 53.49 -34.80
CA VAL G 310 -5.74 53.23 -35.06
C VAL G 310 -4.88 54.31 -34.41
N ASN G 311 -5.29 55.58 -34.52
CA ASN G 311 -4.53 56.65 -33.88
C ASN G 311 -4.62 56.59 -32.36
N ALA G 312 -5.78 56.19 -31.82
CA ALA G 312 -5.91 56.05 -30.38
C ALA G 312 -5.04 54.92 -29.85
N LEU G 313 -4.98 53.80 -30.55
CA LEU G 313 -4.13 52.72 -30.11
C LEU G 313 -2.65 53.03 -30.32
N GLU G 314 -2.33 53.88 -31.30
CA GLU G 314 -0.96 54.37 -31.41
C GLU G 314 -0.61 55.29 -30.23
N ASP G 315 -1.58 56.06 -29.75
CA ASP G 315 -1.35 56.87 -28.55
C ASP G 315 -1.17 56.00 -27.31
N ILE G 316 -1.84 54.87 -27.25
CA ILE G 316 -1.59 53.92 -26.16
C ILE G 316 -0.19 53.34 -26.27
N VAL G 317 0.20 52.93 -27.47
CA VAL G 317 1.45 52.19 -27.65
C VAL G 317 2.65 53.11 -27.45
N ARG G 318 2.57 54.34 -27.96
CA ARG G 318 3.69 55.27 -27.81
C ARG G 318 3.91 55.73 -26.37
N GLN G 319 2.98 55.47 -25.46
CA GLN G 319 3.15 55.81 -24.06
C GLN G 319 3.30 54.58 -23.17
N LEU G 320 3.48 53.39 -23.77
CA LEU G 320 3.73 52.18 -23.02
C LEU G 320 5.03 51.50 -23.40
N ASP G 321 5.76 52.04 -24.37
CA ASP G 321 7.02 51.45 -24.82
C ASP G 321 8.12 52.45 -24.52
N VAL G 322 8.66 52.38 -23.31
CA VAL G 322 9.73 53.28 -22.92
C VAL G 322 10.94 52.46 -22.52
N PRO G 323 12.16 52.98 -22.71
CA PRO G 323 13.32 52.37 -22.06
C PRO G 323 13.25 52.56 -20.56
N ARG G 324 13.39 51.46 -19.83
CA ARG G 324 13.31 51.52 -18.38
C ARG G 324 14.64 52.02 -17.82
N ALA G 325 14.72 52.11 -16.50
CA ALA G 325 15.86 52.74 -15.85
C ALA G 325 16.69 51.72 -15.10
N GLN G 326 17.97 52.03 -14.97
CA GLN G 326 18.93 51.15 -14.31
C GLN G 326 19.42 51.75 -13.01
N VAL G 327 19.79 50.86 -12.09
CA VAL G 327 20.37 51.24 -10.82
C VAL G 327 21.70 50.53 -10.68
N LEU G 328 22.72 51.26 -10.31
CA LEU G 328 23.93 50.65 -9.77
C LEU G 328 23.87 50.78 -8.26
N VAL G 329 23.83 49.63 -7.59
CA VAL G 329 23.77 49.57 -6.14
C VAL G 329 25.13 49.18 -5.61
N GLU G 330 25.66 49.99 -4.69
CA GLU G 330 26.91 49.71 -4.02
C GLU G 330 26.59 49.53 -2.55
N ALA G 331 26.50 48.30 -2.08
CA ALA G 331 26.38 48.08 -0.65
C ALA G 331 27.77 47.93 -0.06
N ALA G 332 27.95 48.40 1.16
CA ALA G 332 29.25 48.40 1.79
C ALA G 332 29.10 47.96 3.23
N ILE G 333 30.05 47.19 3.72
CA ILE G 333 29.99 46.63 5.05
C ILE G 333 31.29 46.91 5.74
N VAL G 334 31.24 47.58 6.88
CA VAL G 334 32.43 47.84 7.67
C VAL G 334 32.25 47.12 8.99
N GLU G 335 33.30 46.42 9.43
CA GLU G 335 33.33 45.79 10.73
C GLU G 335 34.65 46.06 11.39
N ILE G 336 34.63 46.59 12.61
CA ILE G 336 35.83 46.67 13.42
C ILE G 336 35.62 45.79 14.62
N SER G 337 36.38 44.73 14.72
CA SER G 337 36.28 43.86 15.87
C SER G 337 37.53 43.95 16.70
N GLY G 338 37.42 43.55 17.95
CA GLY G 338 38.58 43.51 18.80
C GLY G 338 38.27 42.86 20.12
N ASP G 339 39.27 42.24 20.74
CA ASP G 339 39.13 41.75 22.08
C ASP G 339 40.48 41.66 22.75
N ILE G 340 40.44 41.65 24.08
CA ILE G 340 41.64 41.60 24.89
C ILE G 340 41.37 40.76 26.13
N GLN G 341 42.12 39.68 26.28
CA GLN G 341 42.11 38.95 27.52
C GLN G 341 43.22 39.46 28.42
N ASP G 342 43.16 39.06 29.69
CA ASP G 342 44.22 39.38 30.64
C ASP G 342 44.11 38.35 31.76
N ALA G 343 44.98 37.35 31.75
CA ALA G 343 44.92 36.28 32.73
C ALA G 343 46.20 36.30 33.56
N VAL G 344 46.06 36.33 34.87
CA VAL G 344 47.23 36.43 35.74
C VAL G 344 46.91 35.78 37.09
N GLY G 345 47.81 34.92 37.56
CA GLY G 345 47.60 34.24 38.83
C GLY G 345 48.84 33.82 39.55
N VAL G 346 48.85 34.00 40.87
CA VAL G 346 49.95 33.61 41.74
C VAL G 346 49.52 32.37 42.51
N GLN G 347 50.38 31.36 42.55
CA GLN G 347 50.08 30.11 43.22
C GLN G 347 51.18 29.79 44.21
N TRP G 348 50.80 29.40 45.43
CA TRP G 348 51.73 29.15 46.52
C TRP G 348 51.72 27.69 46.93
N ALA G 349 52.90 27.09 47.04
CA ALA G 349 53.10 25.66 47.23
C ALA G 349 54.02 25.43 48.42
N ILE G 350 53.65 25.97 49.58
CA ILE G 350 54.44 25.80 50.79
C ILE G 350 54.13 24.43 51.37
N ASN G 351 54.95 23.43 51.05
CA ASN G 351 54.74 22.10 51.63
C ASN G 351 55.65 21.89 52.84
N LYS G 352 55.49 22.77 53.81
CA LYS G 352 56.28 22.73 55.05
C LYS G 352 55.68 21.65 55.94
N GLY G 353 56.21 20.43 55.80
CA GLY G 353 55.93 19.35 56.72
C GLY G 353 54.54 18.75 56.68
N GLY G 354 54.37 17.62 57.34
CA GLY G 354 53.07 17.00 57.51
C GLY G 354 52.51 16.31 56.29
N MET G 355 51.64 15.33 56.50
CA MET G 355 50.90 14.76 55.39
C MET G 355 49.88 15.79 54.90
N GLY G 356 49.91 16.05 53.59
CA GLY G 356 49.18 17.16 53.02
C GLY G 356 50.09 18.07 52.24
N GLY G 357 50.29 19.28 52.72
CA GLY G 357 51.09 20.26 52.01
C GLY G 357 50.24 21.47 51.66
N THR G 358 50.61 22.63 52.19
CA THR G 358 49.71 23.78 52.22
C THR G 358 49.69 24.52 50.89
N LYS G 359 49.31 23.79 49.84
CA LYS G 359 49.38 24.31 48.48
C LYS G 359 48.08 25.01 48.11
N THR G 360 48.21 26.14 47.41
CA THR G 360 47.05 26.95 47.04
C THR G 360 46.73 26.68 45.57
N ASN G 361 46.04 25.58 45.34
CA ASN G 361 45.66 25.16 44.00
C ASN G 361 44.57 26.07 43.45
N PHE G 362 44.89 26.81 42.40
CA PHE G 362 43.91 27.59 41.65
C PHE G 362 43.83 27.01 40.24
N ALA G 363 42.76 26.27 39.96
CA ALA G 363 42.54 25.71 38.63
C ALA G 363 41.78 26.72 37.78
N ASN G 364 42.43 27.86 37.56
CA ASN G 364 41.86 28.94 36.77
C ASN G 364 42.64 29.14 35.48
N THR G 365 43.94 29.37 35.58
CA THR G 365 44.76 29.73 34.42
C THR G 365 45.72 28.59 34.16
N GLY G 366 45.31 27.67 33.29
CA GLY G 366 46.20 26.67 32.73
C GLY G 366 46.72 25.67 33.73
N LEU G 367 47.99 25.82 34.09
CA LEU G 367 48.65 24.93 35.02
C LEU G 367 48.11 25.13 36.43
N SER G 368 48.56 24.25 37.32
CA SER G 368 48.15 24.28 38.71
C SER G 368 49.23 23.59 39.52
N ILE G 369 49.16 23.74 40.85
CA ILE G 369 50.16 23.14 41.71
C ILE G 369 49.98 21.64 41.79
N GLY G 370 48.74 21.16 41.71
CA GLY G 370 48.50 19.72 41.73
C GLY G 370 49.09 19.03 40.52
N THR G 371 48.86 19.60 39.33
CA THR G 371 49.55 19.08 38.17
C THR G 371 51.01 19.50 38.12
N LEU G 372 51.46 20.41 39.00
CA LEU G 372 52.89 20.68 39.08
C LEU G 372 53.61 19.60 39.89
N LEU G 373 53.02 19.16 40.99
CA LEU G 373 53.60 18.05 41.73
C LEU G 373 53.40 16.73 41.00
N GLN G 374 52.40 16.63 40.13
CA GLN G 374 52.41 15.56 39.16
C GLN G 374 53.37 15.83 38.01
N SER G 375 53.74 17.09 37.79
CA SER G 375 54.71 17.38 36.74
C SER G 375 56.12 17.07 37.21
N LEU G 376 56.32 16.97 38.52
CA LEU G 376 57.55 16.36 39.03
C LEU G 376 57.69 14.94 38.52
N GLU G 377 56.61 14.16 38.59
CA GLU G 377 56.61 12.83 37.99
C GLU G 377 56.56 12.87 36.47
N SER G 378 56.14 13.99 35.88
CA SER G 378 56.28 14.14 34.44
C SER G 378 57.73 14.34 34.07
N ASN G 379 58.42 15.21 34.81
CA ASN G 379 59.86 15.41 34.67
C ASN G 379 60.62 14.13 34.95
N LYS G 380 60.03 13.21 35.73
CA LYS G 380 60.57 11.87 35.77
C LYS G 380 60.45 11.18 34.40
N ALA G 381 59.26 10.69 34.00
CA ALA G 381 59.24 10.08 32.66
C ALA G 381 58.71 10.95 31.50
N PRO G 382 57.40 11.46 31.47
CA PRO G 382 56.94 12.09 30.21
C PRO G 382 57.25 13.57 29.94
N GLU G 383 57.28 14.44 30.96
CA GLU G 383 57.51 15.90 30.85
C GLU G 383 56.46 16.55 29.95
N SER G 384 55.23 16.58 30.44
CA SER G 384 54.07 16.87 29.61
C SER G 384 53.29 18.10 30.08
N ILE G 385 52.44 18.58 29.17
CA ILE G 385 51.36 19.56 29.37
C ILE G 385 51.80 20.88 29.97
N PRO G 386 52.37 21.81 29.20
CA PRO G 386 52.47 23.20 29.65
C PRO G 386 51.30 24.05 29.18
N ASP G 387 51.19 25.24 29.78
CA ASP G 387 50.21 26.24 29.36
C ASP G 387 50.59 27.59 29.95
N GLY G 388 50.57 28.63 29.11
CA GLY G 388 50.71 30.00 29.56
C GLY G 388 52.13 30.41 29.89
N ALA G 389 52.33 31.72 30.01
CA ALA G 389 53.66 32.28 30.33
C ALA G 389 53.91 32.08 31.81
N ILE G 390 54.71 31.08 32.15
CA ILE G 390 54.87 30.65 33.53
C ILE G 390 56.23 31.08 34.07
N VAL G 391 56.27 31.33 35.38
CA VAL G 391 57.48 31.75 36.08
C VAL G 391 57.48 30.99 37.41
N GLY G 392 58.40 30.05 37.58
CA GLY G 392 58.41 29.27 38.80
C GLY G 392 59.53 29.55 39.78
N ILE G 393 59.25 30.29 40.85
CA ILE G 393 60.22 30.58 41.89
C ILE G 393 60.04 29.53 42.97
N GLY G 394 60.96 28.59 43.08
CA GLY G 394 60.81 27.55 44.08
C GLY G 394 62.14 27.09 44.62
N SER G 395 62.14 26.68 45.87
CA SER G 395 63.23 25.86 46.39
C SER G 395 62.88 24.37 46.29
N SER G 396 62.35 24.01 45.11
CA SER G 396 62.07 22.68 44.59
C SER G 396 60.95 21.92 45.31
N SER G 397 60.55 22.38 46.47
CA SER G 397 59.34 21.98 47.15
C SER G 397 58.55 23.17 47.67
N PHE G 398 59.24 24.16 48.23
CA PHE G 398 58.66 25.42 48.64
C PHE G 398 58.49 26.23 47.36
N GLY G 399 57.27 26.22 46.81
CA GLY G 399 57.12 26.77 45.47
C GLY G 399 56.23 27.98 45.34
N ALA G 400 56.37 28.69 44.22
CA ALA G 400 55.49 29.82 43.91
C ALA G 400 55.49 29.98 42.40
N LEU G 401 54.35 29.67 41.78
CA LEU G 401 54.23 29.70 40.33
C LEU G 401 53.36 30.87 39.91
N VAL G 402 53.90 31.75 39.07
CA VAL G 402 53.16 32.88 38.54
C VAL G 402 52.87 32.61 37.08
N THR G 403 51.59 32.58 36.72
CA THR G 403 51.18 32.27 35.36
C THR G 403 50.45 33.47 34.78
N ALA G 404 50.85 33.89 33.58
CA ALA G 404 50.26 35.08 32.99
C ALA G 404 50.21 34.94 31.47
N LEU G 405 49.19 35.57 30.89
CA LEU G 405 49.00 35.70 29.44
C LEU G 405 48.19 36.95 29.18
N SER G 406 48.39 37.53 28.01
CA SER G 406 47.59 38.68 27.57
C SER G 406 47.39 38.62 26.05
N ALA G 407 46.32 37.97 25.63
CA ALA G 407 45.97 38.00 24.22
C ALA G 407 45.36 39.35 23.88
N ASN G 408 45.50 39.74 22.62
CA ASN G 408 45.04 41.05 22.18
C ASN G 408 44.86 40.96 20.67
N THR G 409 43.63 40.73 20.22
CA THR G 409 43.40 40.59 18.79
C THR G 409 42.53 41.73 18.32
N LYS G 410 42.82 42.23 17.12
CA LYS G 410 42.01 43.23 16.48
C LYS G 410 41.68 42.74 15.09
N SER G 411 40.71 43.38 14.45
CA SER G 411 40.29 42.96 13.13
C SER G 411 39.52 44.08 12.47
N ASN G 412 39.59 44.14 11.16
CA ASN G 412 38.95 45.23 10.45
C ASN G 412 38.56 44.72 9.06
N LEU G 413 37.29 44.39 8.89
CA LEU G 413 36.77 43.92 7.63
C LEU G 413 36.05 45.03 6.89
N LEU G 414 36.05 44.91 5.58
CA LEU G 414 35.36 45.83 4.68
C LEU G 414 34.92 45.03 3.47
N SER G 415 33.77 45.36 2.93
CA SER G 415 33.33 44.70 1.71
C SER G 415 32.48 45.68 0.92
N THR G 416 32.57 45.61 -0.40
CA THR G 416 31.77 46.48 -1.26
C THR G 416 31.31 45.71 -2.48
N PRO G 417 30.23 44.93 -2.37
CA PRO G 417 29.59 44.44 -3.57
C PRO G 417 28.81 45.54 -4.25
N SER G 418 28.63 45.40 -5.55
CA SER G 418 27.99 46.43 -6.35
C SER G 418 27.53 45.83 -7.66
N LEU G 419 26.30 46.09 -8.05
CA LEU G 419 25.80 45.53 -9.30
C LEU G 419 24.85 46.50 -10.01
N LEU G 420 24.72 46.28 -11.31
CA LEU G 420 23.79 47.04 -12.14
C LEU G 420 22.55 46.20 -12.37
N THR G 421 21.40 46.84 -12.43
CA THR G 421 20.15 46.13 -12.63
C THR G 421 19.11 47.05 -13.24
N LEU G 422 18.05 46.44 -13.76
CA LEU G 422 16.81 47.15 -14.02
C LEU G 422 15.91 47.07 -12.78
N ASP G 423 14.77 47.74 -12.85
CA ASP G 423 13.77 47.55 -11.82
C ASP G 423 13.10 46.20 -11.97
N ASN G 424 12.64 45.68 -10.84
CA ASN G 424 11.85 44.44 -10.76
C ASN G 424 12.59 43.24 -11.32
N GLN G 425 13.92 43.25 -11.21
CA GLN G 425 14.77 42.21 -11.77
C GLN G 425 15.76 41.79 -10.70
N LYS G 426 15.59 40.56 -10.21
CA LYS G 426 16.36 40.05 -9.09
C LYS G 426 17.82 39.84 -9.48
N ALA G 427 18.65 40.84 -9.23
CA ALA G 427 20.07 40.66 -9.46
C ALA G 427 20.67 39.86 -8.31
N GLU G 428 21.96 39.56 -8.43
CA GLU G 428 22.64 38.71 -7.44
C GLU G 428 24.13 38.80 -7.69
N ILE G 429 24.90 38.89 -6.63
CA ILE G 429 26.32 38.57 -6.70
C ILE G 429 26.57 37.57 -5.60
N LEU G 430 27.37 36.56 -5.91
CA LEU G 430 27.74 35.58 -4.91
C LEU G 430 29.22 35.30 -5.10
N VAL G 431 30.04 35.55 -4.10
CA VAL G 431 31.46 35.33 -4.21
C VAL G 431 31.89 34.44 -3.06
N GLY G 432 32.59 33.36 -3.37
CA GLY G 432 33.07 32.44 -2.37
C GLY G 432 32.40 31.08 -2.48
N GLN G 433 32.86 30.17 -1.63
CA GLN G 433 32.77 28.74 -1.83
C GLN G 433 31.33 28.23 -1.81
N ASN G 434 31.20 26.97 -2.23
CA ASN G 434 29.95 26.23 -2.21
C ASN G 434 30.21 24.91 -1.52
N VAL G 435 29.51 24.65 -0.42
CA VAL G 435 29.87 23.56 0.48
C VAL G 435 28.70 22.60 0.55
N PRO G 436 28.94 21.36 0.97
CA PRO G 436 27.86 20.46 1.32
C PRO G 436 27.46 20.62 2.78
N PHE G 437 26.26 20.15 3.08
CA PHE G 437 25.84 20.10 4.46
C PHE G 437 24.91 18.92 4.59
N GLN G 438 24.99 18.22 5.71
CA GLN G 438 24.13 17.06 5.91
C GLN G 438 22.72 17.51 6.21
N THR G 439 21.76 16.84 5.59
CA THR G 439 20.37 16.91 6.01
C THR G 439 19.95 15.54 6.55
N GLY G 440 20.92 14.77 7.01
CA GLY G 440 20.68 13.43 7.49
C GLY G 440 21.93 12.60 7.63
N THR G 454 23.13 10.18 5.87
CA THR G 454 23.74 11.12 4.94
C THR G 454 22.85 11.35 3.74
N THR G 455 22.24 12.53 3.68
CA THR G 455 21.48 12.96 2.51
C THR G 455 21.81 14.42 2.20
N VAL G 456 23.11 14.70 2.04
CA VAL G 456 23.71 16.04 2.01
C VAL G 456 23.21 16.89 0.85
N GLU G 457 23.56 18.18 0.89
CA GLU G 457 22.97 19.16 0.01
C GLU G 457 23.97 20.29 -0.18
N ARG G 458 23.87 20.99 -1.31
CA ARG G 458 24.81 22.05 -1.66
C ARG G 458 24.28 23.41 -1.24
N LYS G 459 25.20 24.30 -0.85
CA LYS G 459 24.80 25.53 -0.19
C LYS G 459 25.96 26.53 -0.26
N ASP G 460 25.62 27.78 -0.57
CA ASP G 460 26.62 28.79 -0.92
C ASP G 460 27.09 29.60 0.28
N ILE G 461 28.40 29.85 0.33
CA ILE G 461 29.07 30.47 1.46
C ILE G 461 29.98 31.56 0.95
N GLY G 462 29.77 32.79 1.39
CA GLY G 462 30.62 33.89 0.98
C GLY G 462 29.80 35.14 0.80
N VAL G 463 30.44 36.23 0.37
CA VAL G 463 29.79 37.52 0.26
C VAL G 463 28.65 37.45 -0.74
N SER G 464 27.53 38.07 -0.43
CA SER G 464 26.41 37.93 -1.34
C SER G 464 25.51 39.12 -1.26
N LEU G 465 24.81 39.37 -2.37
CA LEU G 465 23.95 40.53 -2.43
C LEU G 465 22.80 40.24 -3.36
N LYS G 466 21.58 40.58 -2.97
CA LYS G 466 20.42 40.42 -3.84
C LYS G 466 19.57 41.67 -3.76
N VAL G 467 19.57 42.46 -4.81
CA VAL G 467 18.84 43.71 -4.85
C VAL G 467 17.59 43.49 -5.68
N THR G 468 16.49 44.14 -5.32
CA THR G 468 15.39 44.32 -6.25
C THR G 468 14.87 45.75 -6.17
N PRO G 469 15.09 46.57 -7.17
CA PRO G 469 14.63 47.96 -7.11
C PRO G 469 13.18 48.11 -7.55
N HIS G 470 12.70 49.33 -7.38
CA HIS G 470 11.44 49.79 -7.95
C HIS G 470 11.60 51.28 -8.15
N ILE G 471 11.48 51.72 -9.40
CA ILE G 471 12.05 52.99 -9.81
C ILE G 471 10.97 53.96 -10.23
N ASN G 472 10.88 55.07 -9.52
CA ASN G 472 10.02 56.17 -9.89
C ASN G 472 10.70 56.97 -10.99
N ASP G 473 9.90 57.66 -11.78
CA ASP G 473 10.45 58.59 -12.76
C ASP G 473 10.94 59.84 -12.03
N GLY G 474 12.12 59.71 -11.42
CA GLY G 474 12.70 60.80 -10.66
C GLY G 474 13.47 60.32 -9.45
N ALA G 475 13.25 60.97 -8.31
CA ALA G 475 13.99 60.67 -7.10
C ALA G 475 13.34 59.51 -6.37
N ALA G 476 13.93 59.14 -5.22
CA ALA G 476 13.34 58.27 -4.21
C ALA G 476 13.00 56.88 -4.76
N LEU G 477 14.05 56.14 -5.06
CA LEU G 477 13.92 54.75 -5.46
C LEU G 477 13.57 53.86 -4.26
N ARG G 478 12.93 52.73 -4.53
CA ARG G 478 12.70 51.72 -3.51
C ARG G 478 13.65 50.56 -3.72
N LEU G 479 14.21 50.03 -2.64
CA LEU G 479 15.11 48.89 -2.73
C LEU G 479 14.63 47.79 -1.81
N GLU G 480 14.75 46.56 -2.27
CA GLU G 480 14.49 45.39 -1.44
C GLU G 480 15.82 44.67 -1.36
N ILE G 481 16.52 44.85 -0.28
CA ILE G 481 17.89 44.39 -0.15
C ILE G 481 17.85 43.07 0.58
N GLU G 482 18.65 42.12 0.15
CA GLU G 482 18.93 40.95 0.96
C GLU G 482 20.42 40.75 0.84
N GLN G 483 21.15 41.34 1.76
CA GLN G 483 22.59 41.29 1.70
C GLN G 483 23.05 40.32 2.77
N GLU G 484 24.15 39.61 2.51
CA GLU G 484 24.70 38.82 3.59
C GLU G 484 26.19 38.65 3.41
N ILE G 485 26.85 38.31 4.51
CA ILE G 485 28.23 37.90 4.50
C ILE G 485 28.32 36.65 5.33
N SER G 486 28.70 35.56 4.72
CA SER G 486 28.92 34.32 5.42
C SER G 486 30.40 34.22 5.77
N ALA G 487 30.82 33.05 6.22
CA ALA G 487 32.22 32.65 6.40
C ALA G 487 32.24 31.15 6.63
N LEU G 488 33.39 30.62 6.99
CA LEU G 488 33.50 29.22 7.33
C LEU G 488 34.58 29.11 8.38
N LEU G 489 34.39 28.25 9.36
CA LEU G 489 35.18 28.34 10.59
C LEU G 489 36.02 27.09 10.80
N PRO G 490 37.35 27.21 10.87
CA PRO G 490 38.19 26.03 11.13
C PRO G 490 38.56 25.87 12.60
N ASN G 491 38.31 26.91 13.40
CA ASN G 491 38.86 26.94 14.76
C ASN G 491 37.99 26.15 15.73
N ALA G 492 36.77 26.62 15.96
CA ALA G 492 35.91 26.07 16.99
C ALA G 492 35.05 24.98 16.36
N GLN G 493 35.62 23.78 16.28
CA GLN G 493 34.93 22.64 15.74
C GLN G 493 34.54 21.69 16.86
N GLN G 494 33.28 21.29 16.85
CA GLN G 494 32.71 20.39 17.83
C GLN G 494 32.91 18.95 17.37
N ARG G 495 32.14 18.03 17.94
CA ARG G 495 32.09 16.61 17.61
C ARG G 495 31.19 16.35 16.37
N ASN G 496 30.99 17.35 15.53
CA ASN G 496 30.01 17.29 14.45
C ASN G 496 30.63 17.89 13.20
N ASN G 497 29.78 18.24 12.23
CA ASN G 497 30.25 18.61 10.91
C ASN G 497 30.76 20.04 10.84
N THR G 498 30.85 20.57 9.62
CA THR G 498 31.31 21.93 9.38
C THR G 498 30.41 22.94 10.07
N ASP G 499 31.00 23.73 10.96
CA ASP G 499 30.28 24.77 11.69
C ASP G 499 30.22 26.02 10.82
N LEU G 500 29.40 25.93 9.79
CA LEU G 500 29.40 26.89 8.69
C LEU G 500 28.80 28.19 9.18
N ILE G 501 29.59 29.25 9.23
CA ILE G 501 28.99 30.53 9.59
C ILE G 501 28.30 31.01 8.33
N THR G 502 27.06 30.57 8.13
CA THR G 502 26.35 30.80 6.87
C THR G 502 25.67 32.16 6.86
N SER G 503 25.36 32.69 8.04
CA SER G 503 25.19 34.11 8.21
C SER G 503 26.22 34.55 9.23
N LYS G 504 26.98 35.57 8.89
CA LYS G 504 27.65 36.37 9.89
C LYS G 504 27.10 37.77 9.90
N ARG G 505 26.70 38.26 8.75
CA ARG G 505 25.76 39.36 8.72
C ARG G 505 24.69 38.95 7.75
N SER G 506 23.45 39.26 8.06
CA SER G 506 22.43 38.87 7.10
C SER G 506 21.29 39.85 7.24
N ILE G 507 21.36 40.95 6.52
CA ILE G 507 20.33 41.96 6.66
C ILE G 507 19.40 41.87 5.48
N LYS G 508 18.13 41.59 5.76
CA LYS G 508 17.15 41.33 4.72
C LYS G 508 16.08 42.40 4.85
N SER G 509 16.33 43.57 4.30
CA SER G 509 15.49 44.69 4.63
C SER G 509 14.83 45.25 3.38
N THR G 510 14.09 46.33 3.56
CA THR G 510 13.39 46.95 2.45
C THR G 510 13.41 48.45 2.70
N ILE G 511 14.26 49.18 1.99
CA ILE G 511 14.43 50.59 2.30
C ILE G 511 13.99 51.44 1.12
N LEU G 512 14.06 52.75 1.25
CA LEU G 512 13.65 53.67 0.21
C LEU G 512 14.61 54.84 0.21
N ALA G 513 15.48 54.91 -0.78
CA ALA G 513 16.63 55.81 -0.75
C ALA G 513 16.53 56.87 -1.83
N GLU G 514 17.51 57.77 -1.77
CA GLU G 514 17.66 58.89 -2.70
C GLU G 514 18.94 58.69 -3.50
N ASN G 515 18.88 58.98 -4.79
CA ASN G 515 19.81 58.49 -5.81
C ASN G 515 21.23 59.05 -5.72
N GLY G 516 21.68 59.77 -4.70
CA GLY G 516 23.08 60.07 -4.60
C GLY G 516 23.52 60.04 -3.16
N GLN G 517 22.65 59.52 -2.31
CA GLN G 517 22.80 59.67 -0.86
C GLN G 517 23.34 58.41 -0.25
N VAL G 518 24.56 58.49 0.28
CA VAL G 518 25.13 57.39 1.04
C VAL G 518 24.35 57.31 2.34
N ILE G 519 23.58 56.24 2.52
CA ILE G 519 22.76 56.08 3.71
C ILE G 519 23.25 54.86 4.49
N VAL G 520 22.68 54.69 5.67
CA VAL G 520 23.02 53.59 6.57
C VAL G 520 21.82 52.66 6.67
N ILE G 521 22.04 51.39 6.40
CA ILE G 521 20.94 50.45 6.50
C ILE G 521 20.94 49.78 7.85
N GLY G 522 22.08 49.32 8.33
CA GLY G 522 22.03 48.50 9.53
C GLY G 522 23.28 48.62 10.37
N GLY G 523 23.20 48.07 11.56
CA GLY G 523 24.36 48.18 12.43
C GLY G 523 24.29 47.26 13.62
N LEU G 524 25.42 47.18 14.30
CA LEU G 524 25.54 46.39 15.52
C LEU G 524 26.72 46.94 16.31
N ILE G 525 26.49 47.33 17.54
CA ILE G 525 27.56 47.76 18.43
C ILE G 525 27.49 46.86 19.65
N GLN G 526 28.46 45.96 19.79
CA GLN G 526 28.43 44.96 20.84
C GLN G 526 29.64 45.13 21.72
N ASP G 527 29.40 45.50 22.97
CA ASP G 527 30.46 45.75 23.92
C ASP G 527 30.36 44.73 25.04
N ASP G 528 31.50 44.40 25.62
CA ASP G 528 31.52 43.34 26.62
C ASP G 528 32.75 43.54 27.50
N VAL G 529 32.57 43.24 28.77
CA VAL G 529 33.65 43.21 29.74
C VAL G 529 33.30 42.18 30.80
N SER G 530 34.20 41.24 31.02
CA SER G 530 33.94 40.14 31.93
C SER G 530 35.19 39.91 32.75
N GLN G 531 35.01 39.44 33.99
CA GLN G 531 36.16 39.27 34.87
C GLN G 531 35.85 38.29 35.97
N ALA G 532 36.62 37.22 36.03
CA ALA G 532 36.49 36.21 37.06
C ALA G 532 37.70 36.27 37.99
N GLU G 533 37.48 35.94 39.25
CA GLU G 533 38.56 35.84 40.21
C GLU G 533 38.47 34.50 40.92
N SER G 534 39.56 34.15 41.61
CA SER G 534 39.56 33.01 42.50
C SER G 534 40.66 33.25 43.52
N LYS G 535 40.30 33.35 44.79
CA LYS G 535 41.28 33.71 45.80
C LYS G 535 41.03 32.93 47.09
N VAL G 536 42.03 32.91 47.94
CA VAL G 536 41.80 32.55 49.34
C VAL G 536 41.00 33.66 49.99
N PRO G 537 39.88 33.36 50.66
CA PRO G 537 38.92 34.41 51.04
C PRO G 537 39.39 35.39 52.08
N LEU G 538 40.48 35.11 52.80
CA LEU G 538 41.00 36.08 53.75
C LEU G 538 42.12 36.94 53.17
N LEU G 539 42.94 36.37 52.29
CA LEU G 539 44.21 36.99 51.93
C LEU G 539 44.15 37.79 50.64
N GLY G 540 43.24 37.46 49.73
CA GLY G 540 43.13 38.24 48.51
C GLY G 540 42.58 39.64 48.72
N ASP G 541 41.91 39.89 49.84
CA ASP G 541 41.24 41.15 50.06
C ASP G 541 42.22 42.27 50.41
N ILE G 542 43.37 41.95 50.97
CA ILE G 542 44.31 42.93 51.49
C ILE G 542 44.97 43.66 50.33
N PRO G 543 44.77 44.97 50.17
CA PRO G 543 45.26 45.66 48.98
C PRO G 543 46.73 46.05 49.04
N LEU G 544 47.54 45.15 49.55
CA LEU G 544 49.00 45.21 49.51
C LEU G 544 49.60 43.91 49.03
N LEU G 545 49.00 42.78 49.39
CA LEU G 545 49.43 41.47 48.95
C LEU G 545 48.32 40.71 48.24
N GLY G 546 47.24 41.40 47.87
CA GLY G 546 46.11 40.76 47.24
C GLY G 546 46.40 40.22 45.86
N ARG G 547 47.42 40.76 45.19
CA ARG G 547 47.85 40.18 43.93
C ARG G 547 48.52 38.83 44.14
N LEU G 548 49.18 38.65 45.29
CA LEU G 548 49.95 37.43 45.52
C LEU G 548 49.11 36.23 45.91
N PHE G 549 47.81 36.35 45.91
CA PHE G 549 47.00 35.17 46.23
C PHE G 549 45.90 34.90 45.22
N ARG G 550 45.32 35.94 44.63
CA ARG G 550 44.17 35.75 43.76
C ARG G 550 44.58 35.21 42.40
N SER G 551 43.59 34.99 41.56
CA SER G 551 43.79 34.55 40.18
C SER G 551 42.70 35.19 39.36
N THR G 552 43.06 36.12 38.48
CA THR G 552 42.07 36.90 37.76
C THR G 552 42.13 36.59 36.28
N LYS G 553 41.00 36.84 35.63
CA LYS G 553 40.86 36.62 34.19
C LYS G 553 39.89 37.65 33.67
N ASP G 554 40.38 38.60 32.89
CA ASP G 554 39.59 39.68 32.34
C ASP G 554 39.42 39.46 30.84
N THR G 555 38.34 39.99 30.30
CA THR G 555 38.00 39.79 28.90
C THR G 555 37.17 40.95 28.42
N HIS G 556 37.74 41.82 27.60
CA HIS G 556 37.02 42.93 27.00
C HIS G 556 36.83 42.63 25.52
N THR G 557 35.71 43.08 24.96
CA THR G 557 35.34 42.66 23.61
C THR G 557 34.46 43.71 22.95
N LYS G 558 34.85 44.17 21.77
CA LYS G 558 34.02 45.09 21.01
C LYS G 558 33.83 44.57 19.59
N ARG G 559 32.61 44.76 19.07
CA ARG G 559 32.32 44.48 17.67
C ARG G 559 31.47 45.62 17.15
N ASN G 560 32.03 46.46 16.30
CA ASN G 560 31.30 47.53 15.65
C ASN G 560 31.02 47.12 14.22
N LEU G 561 29.83 47.46 13.73
CA LEU G 561 29.38 46.96 12.45
C LEU G 561 28.41 47.93 11.83
N MET G 562 28.70 48.37 10.62
CA MET G 562 27.76 49.19 9.86
C MET G 562 27.57 48.58 8.49
N VAL G 563 26.36 48.72 7.97
CA VAL G 563 26.02 48.31 6.61
C VAL G 563 25.40 49.51 5.93
N PHE G 564 26.14 50.08 4.97
CA PHE G 564 25.78 51.25 4.19
C PHE G 564 25.33 50.86 2.79
N LEU G 565 24.67 51.80 2.13
CA LEU G 565 24.11 51.54 0.83
C LEU G 565 24.23 52.80 -0.01
N ARG G 566 24.43 52.62 -1.30
CA ARG G 566 24.56 53.75 -2.20
C ARG G 566 23.90 53.43 -3.53
N PRO G 567 22.78 54.02 -3.82
CA PRO G 567 22.18 53.83 -5.14
C PRO G 567 22.55 54.94 -6.10
N THR G 568 22.75 54.60 -7.38
CA THR G 568 22.92 55.60 -8.43
C THR G 568 22.00 55.23 -9.57
N VAL G 569 21.15 56.18 -9.96
CA VAL G 569 20.20 55.97 -11.05
C VAL G 569 20.85 56.41 -12.35
N VAL G 570 20.91 55.49 -13.31
CA VAL G 570 21.32 55.81 -14.67
C VAL G 570 20.19 55.46 -15.61
N ARG G 571 19.84 56.39 -16.48
CA ARG G 571 18.82 56.15 -17.49
C ARG G 571 19.26 56.50 -18.90
N ASP G 572 20.30 57.29 -19.07
CA ASP G 572 20.96 57.46 -20.36
C ASP G 572 22.30 56.73 -20.34
N SER G 573 22.78 56.40 -21.54
CA SER G 573 24.03 55.66 -21.64
C SER G 573 25.26 56.52 -21.32
N ALA G 574 25.10 57.85 -21.26
CA ALA G 574 26.22 58.72 -20.95
C ALA G 574 26.71 58.52 -19.52
N GLY G 575 25.78 58.49 -18.56
CA GLY G 575 26.15 58.27 -17.18
C GLY G 575 26.67 56.88 -16.92
N LEU G 576 26.14 55.90 -17.66
CA LEU G 576 26.64 54.54 -17.58
C LEU G 576 28.06 54.44 -18.11
N ALA G 577 28.35 55.16 -19.19
CA ALA G 577 29.71 55.24 -19.70
C ALA G 577 30.63 55.94 -18.71
N ALA G 578 30.12 56.95 -18.00
CA ALA G 578 30.94 57.65 -17.01
C ALA G 578 31.28 56.76 -15.83
N LEU G 579 30.28 56.02 -15.32
CA LEU G 579 30.53 55.05 -14.26
C LEU G 579 31.51 53.98 -14.69
N SER G 580 31.35 53.49 -15.93
CA SER G 580 32.25 52.46 -16.43
C SER G 580 33.68 52.97 -16.58
N GLY G 581 33.82 54.21 -17.04
CA GLY G 581 35.15 54.80 -17.16
C GLY G 581 35.82 55.02 -15.81
N LYS G 582 35.05 55.44 -14.81
CA LYS G 582 35.62 55.62 -13.48
C LYS G 582 36.04 54.30 -12.87
N LYS G 583 35.19 53.28 -12.97
CA LYS G 583 35.56 51.98 -12.41
C LYS G 583 36.70 51.33 -13.17
N TYR G 584 36.78 51.59 -14.48
CA TYR G 584 37.83 51.01 -15.27
C TYR G 584 39.16 51.69 -15.00
N SER G 585 39.16 53.00 -14.77
CA SER G 585 40.38 53.67 -14.34
C SER G 585 40.77 53.23 -12.94
N ASP G 586 39.78 53.01 -12.08
CA ASP G 586 40.07 52.61 -10.71
C ASP G 586 40.55 51.16 -10.61
N ILE G 587 40.29 50.34 -11.62
CA ILE G 587 40.92 49.03 -11.63
C ILE G 587 42.25 49.08 -12.39
N ARG G 588 42.41 50.02 -13.32
CA ARG G 588 43.69 50.20 -14.00
C ARG G 588 44.75 50.70 -13.04
N VAL G 589 44.36 51.52 -12.06
CA VAL G 589 45.34 52.00 -11.09
C VAL G 589 45.75 50.87 -10.14
N ILE G 590 44.87 49.88 -9.93
CA ILE G 590 45.27 48.70 -9.16
C ILE G 590 46.21 47.85 -9.99
N ASP G 591 45.99 47.79 -11.30
CA ASP G 591 47.00 47.23 -12.18
C ASP G 591 48.28 48.04 -12.16
N GLY G 592 48.19 49.35 -11.90
CA GLY G 592 49.32 50.24 -11.82
C GLY G 592 50.06 50.26 -10.50
N THR G 593 49.79 49.32 -9.61
CA THR G 593 50.52 49.24 -8.35
C THR G 593 51.36 47.97 -8.29
N PRO G 604 56.93 38.20 -12.28
CA PRO G 604 56.70 39.56 -11.78
C PRO G 604 55.25 40.00 -11.92
N THR G 605 55.06 41.31 -11.81
CA THR G 605 53.76 41.98 -11.82
C THR G 605 53.73 43.09 -12.86
N ASN G 606 54.16 42.74 -14.08
CA ASN G 606 54.46 43.68 -15.15
C ASN G 606 53.19 44.36 -15.66
N ALA G 607 53.40 45.29 -16.61
CA ALA G 607 52.39 46.28 -16.98
C ALA G 607 51.21 45.61 -17.69
N ASN G 608 50.02 45.82 -17.14
CA ASN G 608 48.81 45.18 -17.65
C ASN G 608 48.22 46.00 -18.79
N GLN G 609 47.11 45.55 -19.36
CA GLN G 609 46.74 45.99 -20.70
C GLN G 609 45.35 46.59 -20.73
N LEU G 610 45.17 47.60 -21.57
CA LEU G 610 43.86 48.15 -21.87
C LEU G 610 43.14 47.26 -22.87
N PHE G 611 41.84 47.47 -23.07
CA PHE G 611 41.10 46.81 -24.12
C PHE G 611 40.43 47.83 -25.01
N ASP G 612 39.65 47.33 -25.94
CA ASP G 612 38.96 48.17 -26.90
C ASP G 612 37.80 48.86 -26.20
N GLY G 613 38.08 49.97 -25.54
CA GLY G 613 37.06 50.74 -24.84
C GLY G 613 36.03 51.34 -25.75
N ASP H 174 -36.50 62.07 -56.69
CA ASP H 174 -35.62 61.52 -57.72
C ASP H 174 -34.56 60.59 -57.10
N TYR H 175 -33.85 59.84 -57.96
CA TYR H 175 -32.97 58.77 -57.52
C TYR H 175 -31.53 59.28 -57.51
N SER H 176 -30.76 58.88 -56.49
CA SER H 176 -29.34 59.23 -56.46
C SER H 176 -28.59 58.24 -55.58
N VAL H 177 -27.28 58.23 -55.74
CA VAL H 177 -26.37 57.43 -54.93
C VAL H 177 -25.20 58.31 -54.51
N ILE H 178 -24.83 58.24 -53.24
CA ILE H 178 -23.72 59.01 -52.69
C ILE H 178 -22.78 58.08 -51.94
N ASN H 179 -21.58 58.60 -51.70
CA ASN H 179 -20.54 57.96 -50.91
C ASN H 179 -20.63 58.43 -49.46
N LEU H 180 -19.78 57.83 -48.62
CA LEU H 180 -19.51 58.30 -47.28
C LEU H 180 -18.03 58.09 -47.00
N ARG H 181 -17.40 59.08 -46.35
CA ARG H 181 -15.99 58.95 -46.00
C ARG H 181 -15.81 58.15 -44.72
N TYR H 182 -16.37 58.65 -43.62
CA TYR H 182 -16.38 57.98 -42.34
C TYR H 182 -17.77 57.56 -41.88
N GLY H 183 -18.83 57.99 -42.57
CA GLY H 183 -20.17 57.69 -42.11
C GLY H 183 -20.57 56.26 -42.39
N TRP H 184 -21.48 55.74 -41.55
CA TRP H 184 -21.99 54.39 -41.68
C TRP H 184 -23.44 54.43 -42.15
N VAL H 185 -23.72 53.72 -43.24
CA VAL H 185 -25.10 53.57 -43.71
C VAL H 185 -25.89 52.65 -42.81
N MET H 186 -25.22 51.82 -42.03
CA MET H 186 -25.90 50.97 -41.06
C MET H 186 -26.59 51.80 -39.99
N ASP H 187 -25.89 52.80 -39.45
CA ASP H 187 -26.51 53.69 -38.48
C ASP H 187 -27.50 54.63 -39.15
N ALA H 188 -27.18 55.11 -40.35
CA ALA H 188 -27.99 56.11 -41.01
C ALA H 188 -29.25 55.53 -41.65
N ALA H 189 -29.37 54.20 -41.72
CA ALA H 189 -30.54 53.60 -42.34
C ALA H 189 -31.79 53.83 -41.50
N GLU H 190 -31.68 53.59 -40.19
CA GLU H 190 -32.79 53.84 -39.27
C GLU H 190 -33.10 55.33 -39.17
N VAL H 191 -32.09 56.17 -39.37
CA VAL H 191 -32.28 57.62 -39.43
C VAL H 191 -33.14 57.98 -40.62
N LEU H 192 -32.67 57.65 -41.83
CA LEU H 192 -33.28 58.11 -43.06
C LEU H 192 -34.59 57.41 -43.37
N ASN H 193 -34.83 56.23 -42.81
CA ASN H 193 -36.14 55.63 -42.96
C ASN H 193 -37.18 56.41 -42.19
N ASN H 194 -36.80 56.98 -41.05
CA ASN H 194 -37.67 57.85 -40.27
C ASN H 194 -37.45 59.32 -40.56
N ALA H 195 -36.68 59.64 -41.60
CA ALA H 195 -36.54 61.03 -42.00
C ALA H 195 -37.84 61.56 -42.58
N MET H 196 -38.57 60.72 -43.30
CA MET H 196 -39.92 61.05 -43.72
C MET H 196 -40.91 60.48 -42.73
N SER H 197 -41.96 61.24 -42.44
CA SER H 197 -42.88 60.94 -41.35
C SER H 197 -43.73 59.71 -41.66
N ARG H 198 -44.46 59.27 -40.66
CA ARG H 198 -45.31 58.09 -40.78
C ARG H 198 -46.61 58.43 -41.50
N ALA H 205 -44.89 56.21 -46.57
CA ALA H 205 -43.50 56.61 -46.36
C ALA H 205 -43.05 57.57 -47.45
N GLY H 206 -43.32 57.22 -48.70
CA GLY H 206 -42.94 58.08 -49.81
C GLY H 206 -41.55 57.79 -50.33
N ALA H 207 -40.58 58.57 -49.88
CA ALA H 207 -39.19 58.41 -50.29
C ALA H 207 -38.61 57.12 -49.72
N GLN H 208 -37.49 56.69 -50.29
CA GLN H 208 -36.84 55.46 -49.87
C GLN H 208 -35.34 55.65 -49.72
N VAL H 209 -34.71 54.67 -49.07
CA VAL H 209 -33.29 54.72 -48.74
C VAL H 209 -32.76 53.29 -48.71
N ILE H 210 -31.59 53.09 -49.30
CA ILE H 210 -31.00 51.77 -49.51
C ILE H 210 -29.52 51.84 -49.13
N ALA H 211 -29.10 50.92 -48.27
CA ALA H 211 -27.74 50.93 -47.73
C ALA H 211 -26.85 49.94 -48.46
N ASP H 212 -25.55 50.26 -48.49
CA ASP H 212 -24.49 49.33 -48.93
C ASP H 212 -23.38 49.38 -47.90
N ALA H 213 -23.34 48.38 -47.02
CA ALA H 213 -22.36 48.33 -45.96
C ALA H 213 -21.04 47.73 -46.40
N ARG H 214 -20.94 47.17 -47.60
CA ARG H 214 -19.65 46.72 -48.10
C ARG H 214 -18.89 47.87 -48.75
N THR H 215 -19.56 48.61 -49.62
CA THR H 215 -18.95 49.73 -50.32
C THR H 215 -19.44 51.07 -49.80
N ASN H 216 -20.20 51.06 -48.69
CA ASN H 216 -20.56 52.25 -47.92
C ASN H 216 -21.37 53.23 -48.77
N ARG H 217 -22.23 52.70 -49.62
CA ARG H 217 -22.98 53.53 -50.55
C ARG H 217 -24.38 53.78 -50.04
N LEU H 218 -24.98 54.87 -50.52
CA LEU H 218 -26.32 55.24 -50.09
C LEU H 218 -27.15 55.58 -51.32
N ILE H 219 -28.23 54.83 -51.53
CA ILE H 219 -29.12 55.05 -52.67
C ILE H 219 -30.42 55.60 -52.13
N ILE H 220 -30.69 56.86 -52.40
CA ILE H 220 -31.89 57.51 -51.87
C ILE H 220 -32.80 57.93 -53.01
N LEU H 221 -34.10 57.76 -52.79
CA LEU H 221 -35.12 57.88 -53.84
C LEU H 221 -36.17 58.84 -53.28
N GLY H 222 -35.99 60.15 -53.49
CA GLY H 222 -36.91 61.10 -52.91
C GLY H 222 -36.69 62.55 -53.30
N PRO H 223 -37.05 63.47 -52.40
CA PRO H 223 -37.03 64.89 -52.76
C PRO H 223 -35.61 65.42 -52.80
N PRO H 224 -35.36 66.46 -53.59
CA PRO H 224 -33.98 66.96 -53.72
C PRO H 224 -33.48 67.71 -52.51
N GLN H 225 -34.36 68.31 -51.72
CA GLN H 225 -33.91 69.03 -50.54
C GLN H 225 -33.51 68.10 -49.41
N ALA H 226 -34.20 66.96 -49.27
CA ALA H 226 -33.74 65.94 -48.32
C ALA H 226 -32.40 65.38 -48.76
N ARG H 227 -32.20 65.22 -50.07
CA ARG H 227 -30.91 64.85 -50.63
C ARG H 227 -29.83 65.84 -50.22
N ALA H 228 -30.08 67.14 -50.44
CA ALA H 228 -29.04 68.15 -50.19
C ALA H 228 -28.75 68.30 -48.70
N LYS H 229 -29.81 68.41 -47.88
CA LYS H 229 -29.62 68.59 -46.45
C LYS H 229 -29.03 67.34 -45.80
N LEU H 230 -29.29 66.16 -46.34
CA LEU H 230 -28.72 64.99 -45.71
C LEU H 230 -27.38 64.61 -46.29
N VAL H 231 -27.02 65.11 -47.47
CA VAL H 231 -25.62 65.09 -47.88
C VAL H 231 -24.81 66.06 -47.02
N GLN H 232 -25.40 67.19 -46.62
CA GLN H 232 -24.71 68.07 -45.67
C GLN H 232 -24.61 67.44 -44.28
N LEU H 233 -25.65 66.73 -43.84
CA LEU H 233 -25.56 65.98 -42.61
C LEU H 233 -24.61 64.80 -42.74
N ALA H 234 -24.43 64.28 -43.95
CA ALA H 234 -23.42 63.26 -44.18
C ALA H 234 -22.02 63.84 -44.05
N GLN H 235 -21.83 65.05 -44.59
CA GLN H 235 -20.52 65.70 -44.55
C GLN H 235 -20.19 66.19 -43.15
N SER H 236 -21.21 66.48 -42.33
CA SER H 236 -20.99 66.69 -40.91
C SER H 236 -20.96 65.38 -40.13
N LEU H 237 -21.44 64.30 -40.73
CA LEU H 237 -21.65 63.03 -40.06
C LEU H 237 -20.45 62.12 -40.17
N ASP H 238 -19.69 62.26 -41.27
CA ASP H 238 -18.44 61.56 -41.44
C ASP H 238 -17.25 62.31 -40.83
N THR H 239 -17.52 63.21 -39.92
CA THR H 239 -16.46 63.83 -39.14
C THR H 239 -16.28 63.07 -37.84
N PRO H 240 -15.05 62.83 -37.40
CA PRO H 240 -14.85 62.21 -36.08
C PRO H 240 -15.26 63.17 -34.96
N THR H 241 -15.73 62.59 -33.86
CA THR H 241 -16.25 63.34 -32.71
C THR H 241 -15.95 62.46 -31.50
N ALA H 242 -16.76 62.53 -30.44
CA ALA H 242 -16.54 61.89 -29.14
C ALA H 242 -16.46 60.36 -29.18
N ARG H 243 -16.25 59.76 -28.01
CA ARG H 243 -15.64 58.43 -27.82
C ARG H 243 -14.46 58.20 -28.77
N SER H 244 -13.56 59.18 -28.78
CA SER H 244 -12.33 59.10 -29.55
C SER H 244 -11.28 59.94 -28.84
N ALA H 245 -10.12 59.33 -28.57
CA ALA H 245 -9.03 59.93 -27.79
C ALA H 245 -9.50 60.41 -26.42
N ASN H 246 -10.11 59.50 -25.67
CA ASN H 246 -10.55 59.75 -24.32
C ASN H 246 -9.89 58.79 -23.34
N THR H 247 -8.62 58.50 -23.58
CA THR H 247 -7.85 57.53 -22.82
C THR H 247 -6.74 58.21 -22.03
N ARG H 248 -6.04 57.42 -21.21
CA ARG H 248 -5.09 57.97 -20.27
C ARG H 248 -4.10 56.88 -19.87
N VAL H 249 -2.84 57.28 -19.65
CA VAL H 249 -1.81 56.38 -19.16
C VAL H 249 -1.19 57.00 -17.91
N ILE H 250 -1.11 56.23 -16.83
CA ILE H 250 -0.68 56.70 -15.53
C ILE H 250 0.50 55.87 -15.07
N ARG H 251 1.63 56.53 -14.82
CA ARG H 251 2.72 55.87 -14.12
C ARG H 251 2.43 55.84 -12.63
N LEU H 252 2.96 54.82 -11.96
CA LEU H 252 2.72 54.69 -10.54
C LEU H 252 4.03 54.77 -9.77
N ARG H 253 3.93 55.31 -8.57
CA ARG H 253 5.04 55.42 -7.65
C ARG H 253 4.66 54.78 -6.33
N HIS H 254 5.55 53.95 -5.81
CA HIS H 254 5.47 53.25 -4.52
C HIS H 254 4.31 52.28 -4.43
N ASN H 255 3.71 51.89 -5.56
CA ASN H 255 2.60 50.97 -5.56
C ASN H 255 2.65 50.12 -6.82
N ASP H 256 2.18 48.88 -6.70
CA ASP H 256 2.06 48.02 -7.87
C ASP H 256 0.84 48.43 -8.69
N ALA H 257 0.85 47.99 -9.94
CA ALA H 257 -0.22 48.40 -10.84
C ALA H 257 -1.45 47.52 -10.71
N LYS H 258 -1.23 46.21 -10.59
CA LYS H 258 -2.36 45.28 -10.50
C LYS H 258 -3.04 45.37 -9.14
N THR H 259 -2.26 45.62 -8.09
CA THR H 259 -2.80 45.70 -6.74
C THR H 259 -3.78 46.86 -6.59
N LEU H 260 -3.41 48.03 -7.10
CA LEU H 260 -4.37 49.12 -7.13
C LEU H 260 -5.43 48.91 -8.19
N ALA H 261 -5.13 48.13 -9.23
CA ALA H 261 -6.08 47.97 -10.33
C ALA H 261 -7.29 47.15 -9.91
N GLU H 262 -7.10 46.16 -9.03
CA GLU H 262 -8.28 45.46 -8.50
C GLU H 262 -9.18 46.40 -7.71
N THR H 263 -8.58 47.29 -6.92
CA THR H 263 -9.37 48.18 -6.09
C THR H 263 -10.07 49.25 -6.93
N LEU H 264 -9.40 49.78 -7.95
CA LEU H 264 -10.05 50.74 -8.82
C LEU H 264 -11.12 50.10 -9.68
N GLY H 265 -10.92 48.85 -10.11
CA GLY H 265 -11.98 48.14 -10.80
C GLY H 265 -13.16 47.81 -9.91
N GLN H 266 -12.92 47.63 -8.61
CA GLN H 266 -14.01 47.38 -7.69
C GLN H 266 -14.70 48.65 -7.20
N ILE H 267 -14.07 49.82 -7.33
CA ILE H 267 -14.79 51.05 -7.04
C ILE H 267 -15.38 51.70 -8.29
N SER H 268 -14.98 51.26 -9.48
CA SER H 268 -15.37 51.98 -10.68
C SER H 268 -16.75 51.60 -11.19
N GLU H 269 -17.50 50.75 -10.49
CA GLU H 269 -18.90 50.56 -10.85
C GLU H 269 -19.72 51.79 -10.53
N GLY H 270 -19.37 52.49 -9.46
CA GLY H 270 -20.12 53.67 -9.07
C GLY H 270 -19.82 54.91 -9.87
N MET H 271 -18.77 54.89 -10.66
CA MET H 271 -18.49 55.98 -11.58
C MET H 271 -19.08 55.74 -12.96
N LYS H 272 -19.91 54.71 -13.13
CA LYS H 272 -20.49 54.37 -14.41
C LYS H 272 -21.88 54.95 -14.56
N SER H 288 -20.19 56.44 -20.39
CA SER H 288 -21.09 55.35 -20.03
C SER H 288 -20.30 54.06 -19.84
N ASN H 289 -18.99 54.13 -20.01
CA ASN H 289 -18.11 52.98 -19.87
C ASN H 289 -16.85 53.37 -19.11
N ILE H 290 -16.24 52.39 -18.47
CA ILE H 290 -15.12 52.62 -17.56
C ILE H 290 -14.17 51.44 -17.57
N LEU H 291 -12.89 51.69 -17.89
CA LEU H 291 -11.93 50.60 -18.07
C LEU H 291 -10.58 50.95 -17.49
N ILE H 292 -10.18 50.26 -16.43
CA ILE H 292 -8.88 50.47 -15.79
C ILE H 292 -8.17 49.14 -15.83
N ARG H 293 -7.11 49.04 -16.61
CA ARG H 293 -6.33 47.81 -16.63
C ARG H 293 -4.89 48.13 -16.29
N ALA H 294 -4.10 47.10 -16.04
CA ALA H 294 -2.80 47.29 -15.41
C ALA H 294 -1.67 46.88 -16.34
N ASP H 295 -0.45 47.17 -15.89
CA ASP H 295 0.76 46.66 -16.51
C ASP H 295 1.82 46.55 -15.42
N GLU H 296 2.25 45.34 -15.15
CA GLU H 296 3.26 45.12 -14.13
C GLU H 296 4.68 45.26 -14.66
N SER H 297 4.86 45.45 -15.96
CA SER H 297 6.21 45.58 -16.51
C SER H 297 6.79 46.95 -16.18
N THR H 298 6.15 48.01 -16.69
CA THR H 298 6.51 49.37 -16.38
C THR H 298 5.62 49.96 -15.28
N ASN H 299 4.89 49.10 -14.56
CA ASN H 299 4.14 49.46 -13.35
C ASN H 299 3.07 50.50 -13.61
N ALA H 300 2.50 50.48 -14.80
CA ALA H 300 1.64 51.56 -15.24
C ALA H 300 0.19 51.12 -15.28
N LEU H 301 -0.69 52.08 -15.54
CA LEU H 301 -2.11 51.88 -15.38
C LEU H 301 -2.81 52.56 -16.55
N VAL H 302 -3.60 51.80 -17.29
CA VAL H 302 -4.27 52.33 -18.47
C VAL H 302 -5.71 52.62 -18.13
N LEU H 303 -6.09 53.88 -18.26
CA LEU H 303 -7.43 54.38 -17.97
C LEU H 303 -8.17 54.64 -19.27
N LEU H 304 -9.45 54.34 -19.26
CA LEU H 304 -10.34 54.73 -20.34
C LEU H 304 -11.66 55.16 -19.73
N ALA H 305 -11.94 56.46 -19.81
CA ALA H 305 -13.07 57.05 -19.12
C ALA H 305 -13.34 58.44 -19.68
N ASP H 306 -14.52 58.94 -19.35
CA ASP H 306 -14.86 60.33 -19.63
C ASP H 306 -14.04 61.25 -18.74
N PRO H 307 -13.76 62.49 -19.19
CA PRO H 307 -12.78 63.33 -18.48
C PRO H 307 -13.12 63.70 -17.04
N ASP H 308 -14.39 63.73 -16.66
CA ASP H 308 -14.74 63.87 -15.25
C ASP H 308 -14.29 62.65 -14.46
N THR H 309 -14.56 61.46 -15.00
CA THR H 309 -14.11 60.23 -14.35
C THR H 309 -12.60 60.12 -14.37
N VAL H 310 -11.97 60.67 -15.41
CA VAL H 310 -10.51 60.72 -15.47
C VAL H 310 -9.95 61.59 -14.35
N ASN H 311 -10.57 62.75 -14.11
CA ASN H 311 -10.11 63.61 -13.03
C ASN H 311 -10.38 63.00 -11.65
N ALA H 312 -11.49 62.28 -11.51
CA ALA H 312 -11.78 61.61 -10.24
C ALA H 312 -10.78 60.50 -9.95
N LEU H 313 -10.44 59.71 -10.98
CA LEU H 313 -9.46 58.66 -10.77
C LEU H 313 -8.05 59.23 -10.59
N GLU H 314 -7.77 60.41 -11.16
CA GLU H 314 -6.52 61.09 -10.84
C GLU H 314 -6.50 61.55 -9.39
N ASP H 315 -7.64 61.96 -8.86
CA ASP H 315 -7.71 62.31 -7.44
C ASP H 315 -7.52 61.09 -6.55
N ILE H 316 -7.98 59.92 -6.99
CA ILE H 316 -7.70 58.69 -6.26
C ILE H 316 -6.21 58.38 -6.29
N VAL H 317 -5.61 58.48 -7.48
CA VAL H 317 -4.23 58.03 -7.65
C VAL H 317 -3.26 58.96 -6.95
N ARG H 318 -3.49 60.27 -7.02
CA ARG H 318 -2.60 61.21 -6.36
C ARG H 318 -2.65 61.16 -4.85
N GLN H 319 -3.62 60.46 -4.27
CA GLN H 319 -3.68 60.29 -2.82
C GLN H 319 -3.43 58.86 -2.39
N LEU H 320 -2.96 58.01 -3.29
CA LEU H 320 -2.58 56.65 -2.96
C LEU H 320 -1.14 56.33 -3.31
N ASP H 321 -0.40 57.26 -3.89
CA ASP H 321 0.99 57.05 -4.28
C ASP H 321 1.84 58.01 -3.47
N VAL H 322 2.22 57.58 -2.27
CA VAL H 322 3.05 58.42 -1.42
C VAL H 322 4.34 57.67 -1.09
N PRO H 323 5.44 58.37 -0.88
CA PRO H 323 6.61 57.73 -0.28
C PRO H 323 6.32 57.35 1.16
N ARG H 324 6.56 56.09 1.49
CA ARG H 324 6.31 55.62 2.84
C ARG H 324 7.44 56.06 3.77
N ALA H 325 7.34 55.68 5.04
CA ALA H 325 8.24 56.17 6.06
C ALA H 325 9.15 55.06 6.56
N GLN H 326 10.33 55.46 7.02
CA GLN H 326 11.34 54.54 7.51
C GLN H 326 11.54 54.69 8.99
N VAL H 327 11.95 53.60 9.62
CA VAL H 327 12.29 53.57 11.03
C VAL H 327 13.69 53.03 11.16
N LEU H 328 14.52 53.71 11.94
CA LEU H 328 15.73 53.11 12.45
C LEU H 328 15.48 52.67 13.88
N VAL H 329 15.56 51.37 14.11
CA VAL H 329 15.33 50.77 15.42
C VAL H 329 16.67 50.41 16.02
N GLU H 330 16.91 50.89 17.23
CA GLU H 330 18.11 50.55 18.00
C GLU H 330 17.63 49.82 19.24
N ALA H 331 17.72 48.50 19.25
CA ALA H 331 17.47 47.76 20.47
C ALA H 331 18.78 47.61 21.22
N ALA H 332 18.70 47.62 22.54
CA ALA H 332 19.91 47.56 23.35
C ALA H 332 19.65 46.62 24.51
N ILE H 333 20.68 45.85 24.89
CA ILE H 333 20.54 44.85 25.92
C ILE H 333 21.68 45.04 26.88
N VAL H 334 21.36 45.23 28.15
CA VAL H 334 22.37 45.34 29.19
C VAL H 334 22.17 44.18 30.13
N GLU H 335 23.27 43.52 30.50
CA GLU H 335 23.24 42.47 31.50
C GLU H 335 24.40 42.65 32.44
N ILE H 336 24.13 42.70 33.73
CA ILE H 336 25.19 42.64 34.72
C ILE H 336 24.99 41.36 35.51
N SER H 337 25.92 40.46 35.39
CA SER H 337 25.84 39.22 36.14
C SER H 337 26.95 39.17 37.17
N GLY H 338 26.75 38.34 38.17
CA GLY H 338 27.79 38.15 39.15
C GLY H 338 27.45 37.03 40.11
N ASP H 339 28.46 36.37 40.64
CA ASP H 339 28.24 35.41 41.70
C ASP H 339 29.49 35.26 42.54
N ILE H 340 29.29 34.77 43.75
CA ILE H 340 30.37 34.59 44.71
C ILE H 340 30.10 33.34 45.53
N GLN H 341 31.01 32.38 45.43
CA GLN H 341 30.99 31.25 46.35
C GLN H 341 31.86 31.55 47.55
N ASP H 342 31.71 30.72 48.58
CA ASP H 342 32.58 30.81 49.75
C ASP H 342 32.52 29.44 50.43
N ALA H 343 33.55 28.64 50.23
CA ALA H 343 33.58 27.29 50.77
C ALA H 343 34.71 27.17 51.78
N VAL H 344 34.40 26.71 52.98
CA VAL H 344 35.41 26.64 54.03
C VAL H 344 35.06 25.52 55.00
N GLY H 345 36.04 24.67 55.32
CA GLY H 345 35.80 23.56 56.22
C GLY H 345 37.01 23.07 56.98
N VAL H 346 36.81 22.77 58.26
CA VAL H 346 37.85 22.24 59.13
C VAL H 346 37.56 20.76 59.35
N GLN H 347 38.59 19.92 59.21
CA GLN H 347 38.44 18.49 59.35
C GLN H 347 39.44 17.97 60.37
N TRP H 348 38.99 17.12 61.28
CA TRP H 348 39.82 16.63 62.39
C TRP H 348 40.02 15.13 62.27
N ALA H 349 41.27 14.70 62.40
CA ALA H 349 41.71 13.33 62.13
C ALA H 349 42.49 12.80 63.32
N ILE H 350 41.90 12.84 64.50
CA ILE H 350 42.54 12.35 65.72
C ILE H 350 42.43 10.84 65.73
N ASN H 351 43.44 10.13 65.25
CA ASN H 351 43.42 8.67 65.30
C ASN H 351 44.19 8.15 66.52
N LYS H 352 43.75 8.61 67.69
CA LYS H 352 44.37 8.23 68.96
C LYS H 352 43.89 6.82 69.32
N GLY H 353 44.64 5.82 68.87
CA GLY H 353 44.45 4.45 69.32
C GLY H 353 43.21 3.74 68.83
N GLY H 354 43.18 2.42 69.03
CA GLY H 354 42.01 1.62 68.74
C GLY H 354 41.74 1.36 67.28
N MET H 355 41.04 0.26 66.99
CA MET H 355 40.56 0.04 65.63
C MET H 355 39.44 1.03 65.34
N GLY H 356 39.60 1.75 64.22
CA GLY H 356 38.74 2.88 63.94
C GLY H 356 39.57 4.12 63.68
N GLY H 357 39.47 5.09 64.57
CA GLY H 357 40.16 6.35 64.38
C GLY H 357 39.15 7.48 64.30
N THR H 358 39.23 8.42 65.25
CA THR H 358 38.13 9.36 65.51
C THR H 358 38.14 10.52 64.50
N LYS H 359 38.04 10.18 63.23
CA LYS H 359 38.18 11.15 62.16
C LYS H 359 36.83 11.77 61.81
N THR H 360 36.83 13.07 61.57
CA THR H 360 35.60 13.81 61.29
C THR H 360 35.52 14.04 59.78
N ASN H 361 35.08 13.01 59.07
CA ASN H 361 34.95 13.06 57.62
C ASN H 361 33.78 13.95 57.22
N PHE H 362 34.09 15.06 56.54
CA PHE H 362 33.08 15.92 55.93
C PHE H 362 33.29 15.88 54.43
N ALA H 363 32.42 15.15 53.73
CA ALA H 363 32.49 15.09 52.28
C ALA H 363 31.66 16.23 51.69
N ASN H 364 32.09 17.45 51.99
CA ASN H 364 31.45 18.65 51.51
C ASN H 364 32.33 19.40 50.52
N THR H 365 33.55 19.76 50.92
CA THR H 365 34.42 20.60 50.12
C THR H 365 35.61 19.77 49.68
N GLY H 366 35.48 19.19 48.48
CA GLY H 366 36.60 18.57 47.80
C GLY H 366 37.17 17.35 48.48
N LEU H 367 38.34 17.53 49.09
CA LEU H 367 39.02 16.46 49.79
C LEU H 367 38.28 16.06 51.06
N SER H 368 38.77 14.99 51.67
CA SER H 368 38.20 14.46 52.89
C SER H 368 39.28 13.68 53.61
N ILE H 369 39.01 13.33 54.87
CA ILE H 369 39.99 12.61 55.65
C ILE H 369 40.09 11.16 55.18
N GLY H 370 38.97 10.58 54.73
CA GLY H 370 39.01 9.22 54.22
C GLY H 370 39.87 9.09 52.98
N THR H 371 39.68 10.01 52.03
CA THR H 371 40.59 10.05 50.90
C THR H 371 41.95 10.64 51.27
N LEU H 372 42.10 11.22 52.47
CA LEU H 372 43.44 11.63 52.88
C LEU H 372 44.25 10.44 53.41
N LEU H 373 43.61 9.55 54.17
CA LEU H 373 44.28 8.33 54.59
C LEU H 373 44.43 7.35 53.45
N GLN H 374 43.58 7.45 52.42
CA GLN H 374 43.91 6.80 51.16
C GLN H 374 44.94 7.59 50.37
N SER H 375 45.10 8.88 50.65
CA SER H 375 46.12 9.65 49.96
C SER H 375 47.49 9.39 50.54
N LEU H 376 47.55 8.85 51.76
CA LEU H 376 48.79 8.25 52.25
C LEU H 376 49.26 7.14 51.32
N GLU H 377 48.34 6.26 50.92
CA GLU H 377 48.66 5.24 49.94
C GLU H 377 48.79 5.83 48.54
N SER H 378 48.24 7.02 48.30
CA SER H 378 48.53 7.68 47.02
C SER H 378 49.97 8.20 47.02
N ASN H 379 50.38 8.83 48.12
CA ASN H 379 51.76 9.25 48.33
C ASN H 379 52.71 8.05 48.29
N LYS H 380 52.20 6.86 48.59
CA LYS H 380 52.97 5.67 48.27
C LYS H 380 53.16 5.51 46.76
N ALA H 381 52.14 5.03 46.01
CA ALA H 381 52.40 4.96 44.57
C ALA H 381 51.86 6.12 43.69
N PRO H 382 50.50 6.43 43.59
CA PRO H 382 50.09 7.41 42.55
C PRO H 382 50.15 8.91 42.86
N GLU H 383 49.90 9.35 44.10
CA GLU H 383 49.86 10.77 44.52
C GLU H 383 48.83 11.56 43.71
N SER H 384 47.56 11.24 43.96
CA SER H 384 46.47 11.65 43.08
C SER H 384 45.44 12.53 43.78
N ILE H 385 44.63 13.18 42.94
CA ILE H 385 43.37 13.87 43.25
C ILE H 385 43.48 14.95 44.34
N PRO H 386 43.96 16.15 44.03
CA PRO H 386 43.75 17.29 44.93
C PRO H 386 42.50 18.09 44.57
N ASP H 387 42.10 18.96 45.49
CA ASP H 387 41.00 19.91 45.27
C ASP H 387 41.06 20.99 46.33
N GLY H 388 40.95 22.25 45.90
CA GLY H 388 40.77 23.36 46.80
C GLY H 388 42.05 23.82 47.50
N ALA H 389 41.99 25.02 48.09
CA ALA H 389 43.13 25.58 48.80
C ALA H 389 43.23 24.91 50.16
N ILE H 390 44.15 23.96 50.29
CA ILE H 390 44.21 23.08 51.45
C ILE H 390 45.39 23.47 52.34
N VAL H 391 45.23 23.23 53.63
CA VAL H 391 46.24 23.53 54.64
C VAL H 391 46.21 22.35 55.63
N GLY H 392 47.27 21.55 55.64
CA GLY H 392 47.26 20.38 56.50
C GLY H 392 48.18 20.44 57.70
N ILE H 393 47.63 20.69 58.90
CA ILE H 393 48.40 20.72 60.13
C ILE H 393 48.28 19.33 60.75
N GLY H 394 49.34 18.55 60.70
CA GLY H 394 49.26 17.21 61.24
C GLY H 394 50.58 16.77 61.83
N SER H 395 50.50 15.93 62.86
CA SER H 395 51.64 15.12 63.26
C SER H 395 51.59 13.74 62.60
N SER H 396 51.29 13.76 61.31
CA SER H 396 51.33 12.68 60.32
C SER H 396 50.29 11.59 60.53
N SER H 397 49.66 11.54 61.69
CA SER H 397 48.47 10.77 61.95
C SER H 397 47.43 11.57 62.69
N PHE H 398 47.85 12.37 63.67
CA PHE H 398 47.00 13.32 64.37
C PHE H 398 46.83 14.51 63.43
N GLY H 399 45.73 14.54 62.68
CA GLY H 399 45.65 15.51 61.60
C GLY H 399 44.56 16.55 61.72
N ALA H 400 44.70 17.63 60.95
CA ALA H 400 43.68 18.67 60.89
C ALA H 400 43.83 19.36 59.54
N LEU H 401 42.87 19.16 58.65
CA LEU H 401 42.92 19.69 57.30
C LEU H 401 41.90 20.81 57.15
N VAL H 402 42.37 21.99 56.76
CA VAL H 402 41.51 23.14 56.51
C VAL H 402 41.46 23.36 55.02
N THR H 403 40.26 23.30 54.45
CA THR H 403 40.09 23.45 53.00
C THR H 403 39.23 24.67 52.74
N ALA H 404 39.69 25.54 51.84
CA ALA H 404 38.97 26.78 51.58
C ALA H 404 39.13 27.18 50.14
N LEU H 405 38.10 27.84 49.61
CA LEU H 405 38.06 28.46 48.30
C LEU H 405 37.07 29.60 48.31
N SER H 406 37.30 30.60 47.46
CA SER H 406 36.37 31.71 47.28
C SER H 406 36.38 32.16 45.83
N ALA H 407 35.51 31.58 45.03
CA ALA H 407 35.33 32.07 43.67
C ALA H 407 34.53 33.35 43.69
N ASN H 408 34.75 34.19 42.68
CA ASN H 408 34.11 35.50 42.63
C ASN H 408 34.14 35.93 41.18
N THR H 409 33.04 35.72 40.46
CA THR H 409 33.02 36.08 39.05
C THR H 409 32.02 37.19 38.84
N LYS H 410 32.36 38.11 37.95
CA LYS H 410 31.46 39.17 37.54
C LYS H 410 31.42 39.17 36.02
N SER H 411 30.42 39.87 35.48
CA SER H 411 30.26 39.89 34.03
C SER H 411 29.38 41.06 33.66
N ASN H 412 29.61 41.60 32.48
CA ASN H 412 28.86 42.79 32.06
C ASN H 412 28.75 42.77 30.54
N LEU H 413 27.60 42.35 30.05
CA LEU H 413 27.34 42.30 28.63
C LEU H 413 26.51 43.49 28.19
N LEU H 414 26.70 43.86 26.92
CA LEU H 414 25.98 44.94 26.29
C LEU H 414 25.84 44.59 24.82
N SER H 415 24.73 44.94 24.21
CA SER H 415 24.57 44.71 22.79
C SER H 415 23.66 45.78 22.23
N THR H 416 23.93 46.21 21.01
CA THR H 416 23.09 47.20 20.35
C THR H 416 22.94 46.88 18.88
N PRO H 417 22.02 45.98 18.54
CA PRO H 417 21.64 45.87 17.13
C PRO H 417 20.75 47.03 16.75
N SER H 418 20.78 47.35 15.45
CA SER H 418 20.05 48.50 14.95
C SER H 418 19.89 48.35 13.44
N LEU H 419 18.68 48.58 12.95
CA LEU H 419 18.45 48.45 11.52
C LEU H 419 17.44 49.48 11.01
N LEU H 420 17.51 49.73 9.71
CA LEU H 420 16.57 50.60 9.02
C LEU H 420 15.55 49.74 8.31
N THR H 421 14.31 50.21 8.26
CA THR H 421 13.25 49.46 7.61
C THR H 421 12.14 50.40 7.17
N LEU H 422 11.28 49.88 6.29
CA LEU H 422 9.98 50.47 6.05
C LEU H 422 8.98 49.84 7.01
N ASP H 423 7.74 50.33 6.95
CA ASP H 423 6.67 49.66 7.67
C ASP H 423 6.29 48.37 6.96
N ASN H 424 5.80 47.42 7.74
CA ASN H 424 5.24 46.15 7.26
C ASN H 424 6.27 45.34 6.47
N GLN H 425 7.53 45.48 6.82
CA GLN H 425 8.62 44.83 6.12
C GLN H 425 9.54 44.17 7.15
N LYS H 426 9.55 42.85 7.15
CA LYS H 426 10.24 42.08 8.17
C LYS H 426 11.75 42.22 7.99
N ALA H 427 12.35 43.15 8.72
CA ALA H 427 13.79 43.26 8.70
C ALA H 427 14.38 42.18 9.60
N GLU H 428 15.71 42.10 9.63
CA GLU H 428 16.41 41.07 10.38
C GLU H 428 17.87 41.43 10.45
N ILE H 429 18.48 41.24 11.60
CA ILE H 429 19.93 41.14 11.68
C ILE H 429 20.23 39.86 12.41
N LEU H 430 21.23 39.14 11.94
CA LEU H 430 21.66 37.93 12.60
C LEU H 430 23.16 37.93 12.61
N VAL H 431 23.79 37.92 13.76
CA VAL H 431 25.24 37.92 13.84
C VAL H 431 25.67 36.74 14.69
N GLY H 432 26.58 35.94 14.17
CA GLY H 432 27.11 34.81 14.88
C GLY H 432 26.71 33.51 14.21
N GLN H 433 27.23 32.42 14.77
CA GLN H 433 27.44 31.15 14.09
C GLN H 433 26.13 30.48 13.66
N ASN H 434 26.28 29.45 12.84
CA ASN H 434 25.19 28.60 12.38
C ASN H 434 25.61 27.16 12.62
N VAL H 435 24.84 26.45 13.44
CA VAL H 435 25.28 25.15 13.97
C VAL H 435 24.31 24.09 13.50
N PRO H 436 24.73 22.83 13.52
CA PRO H 436 23.79 21.73 13.34
C PRO H 436 23.19 21.30 14.67
N PHE H 437 22.07 20.61 14.58
CA PHE H 437 21.50 20.00 15.76
C PHE H 437 20.79 18.74 15.31
N GLN H 438 20.86 17.71 16.14
CA GLN H 438 20.22 16.46 15.78
C GLN H 438 18.73 16.59 15.95
N THR H 439 17.99 16.06 14.97
CA THR H 439 16.57 15.79 15.13
C THR H 439 16.34 14.28 15.09
N GLY H 440 17.38 13.52 15.44
CA GLY H 440 17.33 12.07 15.38
C GLY H 440 18.69 11.43 15.47
N THR H 454 20.52 9.98 13.26
CA THR H 454 21.06 11.27 12.83
C THR H 454 20.30 11.80 11.63
N THR H 455 19.50 12.82 11.86
CA THR H 455 18.82 13.54 10.79
C THR H 455 18.90 15.05 11.04
N VAL H 456 20.14 15.53 11.22
CA VAL H 456 20.48 16.85 11.74
C VAL H 456 19.98 18.00 10.87
N GLU H 457 20.08 19.21 11.40
CA GLU H 457 19.43 20.37 10.81
C GLU H 457 20.22 21.62 11.19
N ARG H 458 20.14 22.65 10.35
CA ARG H 458 20.91 23.87 10.56
C ARG H 458 20.08 24.91 11.31
N LYS H 459 20.77 25.70 12.13
CA LYS H 459 20.07 26.56 13.08
C LYS H 459 21.01 27.65 13.56
N ASP H 460 20.49 28.88 13.63
CA ASP H 460 21.31 30.07 13.83
C ASP H 460 21.47 30.45 15.30
N ILE H 461 22.69 30.84 15.67
CA ILE H 461 23.09 31.08 17.04
C ILE H 461 23.85 32.39 17.09
N GLY H 462 23.35 33.35 17.87
CA GLY H 462 24.03 34.62 18.02
C GLY H 462 23.02 35.73 18.11
N VAL H 463 23.50 36.98 18.20
CA VAL H 463 22.64 38.12 18.41
C VAL H 463 21.68 38.27 17.26
N SER H 464 20.42 38.60 17.54
CA SER H 464 19.46 38.63 16.45
C SER H 464 18.35 39.61 16.75
N LEU H 465 17.78 40.14 15.69
CA LEU H 465 16.73 41.12 15.87
C LEU H 465 15.78 41.04 14.69
N LYS H 466 14.47 41.05 14.95
CA LYS H 466 13.48 41.05 13.88
C LYS H 466 12.41 42.07 14.23
N VAL H 467 12.39 43.18 13.51
CA VAL H 467 11.45 44.27 13.76
C VAL H 467 10.38 44.19 12.69
N THR H 468 9.15 44.51 13.04
CA THR H 468 8.15 44.88 12.03
C THR H 468 7.37 46.10 12.50
N PRO H 469 7.56 47.25 11.87
CA PRO H 469 6.84 48.44 12.31
C PRO H 469 5.46 48.56 11.70
N HIS H 470 4.74 49.56 12.18
CA HIS H 470 3.50 50.03 11.58
C HIS H 470 3.39 51.50 11.91
N ILE H 471 3.36 52.35 10.89
CA ILE H 471 3.73 53.74 11.04
C ILE H 471 2.55 54.64 10.76
N ASN H 472 2.18 55.40 11.79
CA ASN H 472 1.19 56.44 11.66
C ASN H 472 1.82 57.65 11.03
N ASP H 473 1.01 58.48 10.39
CA ASP H 473 1.49 59.76 9.89
C ASP H 473 1.66 60.72 11.07
N GLY H 474 2.74 60.53 11.80
CA GLY H 474 3.01 61.34 12.97
C GLY H 474 3.71 60.57 14.08
N ALA H 475 3.24 60.73 15.30
CA ALA H 475 3.85 60.12 16.45
C ALA H 475 3.35 58.69 16.63
N ALA H 476 3.86 58.02 17.67
CA ALA H 476 3.31 56.76 18.21
C ALA H 476 3.30 55.64 17.17
N LEU H 477 4.51 55.19 16.85
CA LEU H 477 4.68 54.04 15.98
C LEU H 477 4.36 52.75 16.72
N ARG H 478 3.98 51.71 15.99
CA ARG H 478 3.81 50.38 16.56
C ARG H 478 4.99 49.52 16.15
N LEU H 479 5.49 48.70 17.07
CA LEU H 479 6.58 47.80 16.77
C LEU H 479 6.22 46.39 17.17
N GLU H 480 6.62 45.43 16.35
CA GLU H 480 6.48 44.02 16.68
C GLU H 480 7.90 43.50 16.75
N ILE H 481 8.41 43.38 17.95
CA ILE H 481 9.82 43.07 18.15
C ILE H 481 9.94 41.59 18.39
N GLU H 482 10.94 40.97 17.81
CA GLU H 482 11.33 39.63 18.22
C GLU H 482 12.84 39.69 18.33
N GLN H 483 13.32 40.00 19.50
CA GLN H 483 14.75 40.15 19.69
C GLN H 483 15.23 38.93 20.44
N GLU H 484 16.46 38.51 20.16
CA GLU H 484 17.02 37.46 20.99
C GLU H 484 18.52 37.57 21.05
N ILE H 485 19.09 36.95 22.07
CA ILE H 485 20.53 36.75 22.17
C ILE H 485 20.75 35.31 22.54
N SER H 486 21.38 34.57 21.68
CA SER H 486 21.75 33.20 21.95
C SER H 486 23.16 33.18 22.52
N ALA H 487 23.74 31.99 22.62
CA ALA H 487 25.15 31.74 22.90
C ALA H 487 25.41 30.27 22.61
N LEU H 488 26.59 29.80 22.98
CA LEU H 488 26.92 28.40 22.85
C LEU H 488 27.85 28.06 23.98
N LEU H 489 27.71 26.88 24.57
CA LEU H 489 28.31 26.63 25.87
C LEU H 489 29.34 25.51 25.81
N PRO H 490 30.60 25.76 26.15
CA PRO H 490 31.60 24.69 26.16
C PRO H 490 31.82 24.07 27.52
N ASN H 491 31.28 24.70 28.57
CA ASN H 491 31.63 24.33 29.93
C ASN H 491 30.83 23.13 30.41
N ALA H 492 29.51 23.33 30.56
CA ALA H 492 28.64 22.33 31.17
C ALA H 492 28.10 21.44 30.07
N GLN H 493 28.88 20.44 29.70
CA GLN H 493 28.49 19.49 28.69
C GLN H 493 28.13 18.16 29.34
N GLN H 494 26.98 17.63 28.96
CA GLN H 494 26.48 16.37 29.47
C GLN H 494 26.99 15.23 28.59
N ARG H 495 26.35 14.07 28.69
CA ARG H 495 26.60 12.88 27.89
C ARG H 495 25.93 12.96 26.49
N ASN H 496 25.64 14.17 26.02
CA ASN H 496 24.84 14.36 24.82
C ASN H 496 25.49 15.45 23.97
N ASN H 497 24.72 16.01 23.04
CA ASN H 497 25.27 16.89 22.02
C ASN H 497 25.50 18.30 22.54
N THR H 498 25.66 19.24 21.60
CA THR H 498 25.88 20.64 21.92
C THR H 498 24.73 21.21 22.72
N ASP H 499 25.05 21.71 23.92
CA ASP H 499 24.06 22.30 24.81
C ASP H 499 23.88 23.76 24.42
N LEU H 500 23.22 23.94 23.28
CA LEU H 500 23.19 25.22 22.59
C LEU H 500 22.29 26.17 23.35
N ILE H 501 22.85 27.24 23.91
CA ILE H 501 21.99 28.22 24.57
C ILE H 501 21.39 29.02 23.42
N THR H 502 20.29 28.52 22.87
CA THR H 502 19.70 29.09 21.65
C THR H 502 18.80 30.27 21.97
N SER H 503 18.25 30.29 23.18
CA SER H 503 17.80 31.53 23.79
C SER H 503 18.59 31.70 25.06
N LYS H 504 19.19 32.85 25.22
CA LYS H 504 19.57 33.33 26.54
C LYS H 504 18.77 34.54 26.92
N ARG H 505 18.43 35.37 25.96
CA ARG H 505 17.31 36.27 26.11
C ARG H 505 16.47 36.10 24.89
N SER H 506 15.17 36.11 25.05
CA SER H 506 14.37 35.96 23.85
C SER H 506 13.04 36.67 24.09
N ILE H 507 13.01 37.95 23.81
CA ILE H 507 11.79 38.69 24.10
C ILE H 507 11.06 38.92 22.80
N LYS H 508 9.84 38.40 22.74
CA LYS H 508 9.05 38.40 21.51
C LYS H 508 7.80 39.21 21.79
N SER H 509 7.90 40.51 21.72
CA SER H 509 6.82 41.32 22.25
C SER H 509 6.24 42.20 21.16
N THR H 510 5.30 43.04 21.55
CA THR H 510 4.63 43.93 20.60
C THR H 510 4.33 45.23 21.34
N ILE H 511 5.13 46.26 21.08
CA ILE H 511 4.98 47.47 21.88
C ILE H 511 4.56 48.62 20.97
N LEU H 512 4.36 49.80 21.55
CA LEU H 512 3.92 50.97 20.81
C LEU H 512 4.64 52.18 21.39
N ALA H 513 5.60 52.71 20.65
CA ALA H 513 6.54 53.67 21.19
C ALA H 513 6.39 55.04 20.53
N GLU H 514 7.17 55.98 21.06
CA GLU H 514 7.23 57.36 20.60
C GLU H 514 8.61 57.63 20.03
N ASN H 515 8.64 58.36 18.91
CA ASN H 515 9.78 58.40 17.98
C ASN H 515 11.05 59.06 18.52
N GLY H 516 11.22 59.41 19.77
CA GLY H 516 12.52 59.84 20.22
C GLY H 516 12.78 59.35 21.63
N GLN H 517 11.92 58.46 22.09
CA GLN H 517 11.85 58.10 23.50
C GLN H 517 12.54 56.78 23.74
N VAL H 518 13.65 56.82 24.48
CA VAL H 518 14.31 55.60 24.93
C VAL H 518 13.40 54.95 25.95
N ILE H 519 12.84 53.80 25.63
CA ILE H 519 11.91 53.12 26.52
C ILE H 519 12.51 51.78 26.91
N VAL H 520 11.85 51.13 27.85
CA VAL H 520 12.27 49.83 28.38
C VAL H 520 11.27 48.78 27.94
N ILE H 521 11.74 47.73 27.30
CA ILE H 521 10.84 46.68 26.88
C ILE H 521 10.79 45.57 27.91
N GLY H 522 11.93 45.13 28.42
CA GLY H 522 11.88 43.94 29.24
C GLY H 522 12.96 43.91 30.28
N GLY H 523 12.85 42.96 31.19
CA GLY H 523 13.85 42.90 32.23
C GLY H 523 13.80 41.61 33.01
N LEU H 524 14.82 41.44 33.83
CA LEU H 524 14.95 40.29 34.71
C LEU H 524 15.90 40.67 35.83
N ILE H 525 15.45 40.56 37.07
CA ILE H 525 16.30 40.77 38.23
C ILE H 525 16.24 39.49 39.04
N GLN H 526 17.34 38.75 39.05
CA GLN H 526 17.37 37.43 39.67
C GLN H 526 18.40 37.43 40.77
N ASP H 527 17.95 37.30 42.00
CA ASP H 527 18.81 37.33 43.16
C ASP H 527 18.76 35.96 43.84
N ASP H 528 19.87 35.59 44.47
CA ASP H 528 19.97 34.27 45.05
C ASP H 528 21.00 34.30 46.15
N VAL H 529 20.73 33.54 47.19
CA VAL H 529 21.68 33.30 48.27
C VAL H 529 21.38 31.92 48.84
N SER H 530 22.41 31.09 48.91
CA SER H 530 22.25 29.71 49.32
C SER H 530 23.40 29.36 50.24
N GLN H 531 23.16 28.47 51.19
CA GLN H 531 24.20 28.14 52.16
C GLN H 531 23.94 26.79 52.80
N ALA H 532 24.90 25.88 52.64
CA ALA H 532 24.82 24.56 53.23
C ALA H 532 25.88 24.44 54.32
N GLU H 533 25.57 23.66 55.34
CA GLU H 533 26.52 23.36 56.39
C GLU H 533 26.59 21.86 56.59
N SER H 534 27.63 21.44 57.31
CA SER H 534 27.74 20.05 57.75
C SER H 534 28.63 20.05 58.97
N LYS H 535 28.10 19.64 60.12
CA LYS H 535 28.87 19.74 61.34
C LYS H 535 28.61 18.53 62.22
N VAL H 536 29.49 18.33 63.19
CA VAL H 536 29.16 17.46 64.33
C VAL H 536 28.09 18.16 65.16
N PRO H 537 26.96 17.49 65.47
CA PRO H 537 25.78 18.20 66.00
C PRO H 537 25.94 18.79 67.38
N LEU H 538 26.95 18.42 68.15
CA LEU H 538 27.16 19.04 69.43
C LEU H 538 28.17 20.18 69.39
N LEU H 539 29.19 20.08 68.54
CA LEU H 539 30.35 20.95 68.64
C LEU H 539 30.31 22.15 67.70
N GLY H 540 29.59 22.06 66.58
CA GLY H 540 29.49 23.20 65.70
C GLY H 540 28.68 24.34 66.26
N ASP H 541 27.84 24.08 67.25
CA ASP H 541 26.92 25.09 67.77
C ASP H 541 27.62 26.12 68.64
N ILE H 542 28.74 25.76 69.26
CA ILE H 542 29.40 26.61 70.23
C ILE H 542 30.06 27.79 69.52
N PRO H 543 29.63 29.03 69.79
CA PRO H 543 30.14 30.16 68.98
C PRO H 543 31.49 30.68 69.46
N LEU H 544 32.39 29.79 69.77
CA LEU H 544 33.80 30.04 70.02
C LEU H 544 34.68 29.09 69.25
N LEU H 545 34.26 27.84 69.10
CA LEU H 545 34.99 26.84 68.33
C LEU H 545 34.13 26.26 67.22
N GLY H 546 32.99 26.88 66.92
CA GLY H 546 32.08 26.38 65.91
C GLY H 546 32.65 26.40 64.51
N ARG H 547 33.63 27.27 64.25
CA ARG H 547 34.31 27.25 62.97
C ARG H 547 35.18 26.01 62.84
N LEU H 548 35.72 25.52 63.95
CA LEU H 548 36.67 24.41 63.91
C LEU H 548 36.01 23.05 63.71
N PHE H 549 34.72 22.98 63.51
CA PHE H 549 34.12 21.69 63.27
C PHE H 549 33.24 21.66 62.04
N ARG H 550 32.54 22.74 61.74
CA ARG H 550 31.56 22.73 60.67
C ARG H 550 32.23 22.78 59.31
N SER H 551 31.41 22.75 58.27
CA SER H 551 31.87 22.87 56.89
C SER H 551 30.78 23.61 56.13
N THR H 552 31.07 24.83 55.71
CA THR H 552 30.05 25.68 55.12
C THR H 552 30.35 25.94 53.65
N LYS H 553 29.29 26.25 52.94
CA LYS H 553 29.37 26.54 51.50
C LYS H 553 28.29 27.56 51.19
N ASP H 554 28.70 28.78 50.87
CA ASP H 554 27.79 29.87 50.58
C ASP H 554 27.85 30.19 49.10
N THR H 555 26.77 30.73 48.57
CA THR H 555 26.66 31.00 47.14
C THR H 555 25.68 32.15 46.95
N HIS H 556 26.18 33.31 46.57
CA HIS H 556 25.35 34.45 46.26
C HIS H 556 25.40 34.69 44.76
N THR H 557 24.30 35.17 44.18
CA THR H 557 24.18 35.21 42.73
C THR H 557 23.21 36.30 42.31
N LYS H 558 23.65 37.20 41.44
CA LYS H 558 22.77 38.22 40.90
C LYS H 558 22.85 38.22 39.38
N ARG H 559 21.71 38.44 38.74
CA ARG H 559 21.64 38.64 37.29
C ARG H 559 20.67 39.77 37.04
N ASN H 560 21.17 40.92 36.63
CA ASN H 560 20.34 42.05 36.26
C ASN H 560 20.31 42.14 34.75
N LEU H 561 19.16 42.48 34.20
CA LEU H 561 18.97 42.41 32.76
C LEU H 561 17.92 43.42 32.34
N MET H 562 18.27 44.29 31.41
CA MET H 562 17.31 45.20 30.81
C MET H 562 17.40 45.10 29.30
N VAL H 563 16.25 45.27 28.65
CA VAL H 563 16.17 45.33 27.20
C VAL H 563 15.43 46.60 26.85
N PHE H 564 16.16 47.57 26.30
CA PHE H 564 15.68 48.88 25.90
C PHE H 564 15.50 48.97 24.40
N LEU H 565 14.76 49.99 23.97
CA LEU H 565 14.43 50.14 22.59
C LEU H 565 14.42 51.63 22.25
N ARG H 566 14.80 51.95 21.03
CA ARG H 566 14.83 53.33 20.61
C ARG H 566 14.41 53.42 19.15
N PRO H 567 13.25 53.93 18.87
CA PRO H 567 12.87 54.15 17.48
C PRO H 567 13.14 55.57 17.02
N THR H 568 13.55 55.75 15.77
CA THR H 568 13.67 57.06 15.16
C THR H 568 12.98 57.02 13.81
N VAL H 569 12.03 57.92 13.61
CA VAL H 569 11.29 58.00 12.37
C VAL H 569 11.99 58.95 11.42
N VAL H 570 12.34 58.46 10.24
CA VAL H 570 12.85 59.30 9.17
C VAL H 570 11.93 59.15 7.97
N ARG H 571 11.52 60.29 7.41
CA ARG H 571 10.70 60.31 6.22
C ARG H 571 11.24 61.18 5.11
N ASP H 572 12.13 62.11 5.41
CA ASP H 572 12.90 62.81 4.39
C ASP H 572 14.34 62.32 4.41
N SER H 573 15.02 62.49 3.28
CA SER H 573 16.39 62.01 3.17
C SER H 573 17.38 62.85 3.96
N ALA H 574 16.97 64.02 4.45
CA ALA H 574 17.87 64.87 5.22
C ALA H 574 18.20 64.23 6.57
N GLY H 575 17.18 63.75 7.28
CA GLY H 575 17.41 63.11 8.55
C GLY H 575 18.14 61.79 8.41
N LEU H 576 17.90 61.08 7.31
CA LEU H 576 18.64 59.86 7.02
C LEU H 576 20.10 60.14 6.76
N ALA H 577 20.38 61.23 6.04
CA ALA H 577 21.76 61.66 5.85
C ALA H 577 22.40 62.07 7.16
N ALA H 578 21.64 62.68 8.07
CA ALA H 578 22.18 63.09 9.36
C ALA H 578 22.53 61.89 10.22
N LEU H 579 21.63 60.89 10.27
CA LEU H 579 21.91 59.64 10.97
C LEU H 579 23.13 58.94 10.39
N SER H 580 23.22 58.90 9.06
CA SER H 580 24.35 58.25 8.40
C SER H 580 25.65 58.96 8.71
N GLY H 581 25.64 60.29 8.72
CA GLY H 581 26.82 61.05 9.05
C GLY H 581 27.27 60.86 10.48
N LYS H 582 26.31 60.79 11.41
CA LYS H 582 26.67 60.56 12.80
C LYS H 582 27.24 59.17 13.01
N LYS H 583 26.62 58.14 12.42
CA LYS H 583 27.16 56.79 12.58
C LYS H 583 28.48 56.63 11.85
N TYR H 584 28.67 57.34 10.75
CA TYR H 584 29.91 57.22 10.01
C TYR H 584 31.05 57.92 10.73
N SER H 585 30.77 59.05 11.38
CA SER H 585 31.78 59.68 12.22
C SER H 585 32.07 58.82 13.45
N ASP H 586 31.04 58.17 13.99
CA ASP H 586 31.23 57.34 15.17
C ASP H 586 31.94 56.04 14.86
N ILE H 587 31.97 55.62 13.61
CA ILE H 587 32.83 54.49 13.27
C ILE H 587 34.21 54.97 12.84
N ARG H 588 34.31 56.20 12.31
CA ARG H 588 35.61 56.78 11.98
C ARG H 588 36.44 57.03 13.24
N VAL H 589 35.78 57.38 14.34
CA VAL H 589 36.53 57.60 15.58
C VAL H 589 37.01 56.27 16.14
N ILE H 590 36.32 55.18 15.85
CA ILE H 590 36.82 53.86 16.25
C ILE H 590 38.00 53.48 15.37
N ASP H 591 37.96 53.88 14.09
CA ASP H 591 39.16 53.81 13.27
C ASP H 591 40.26 54.72 13.80
N GLY H 592 39.89 55.82 14.46
CA GLY H 592 40.82 56.76 15.04
C GLY H 592 41.37 56.41 16.40
N THR H 593 41.17 55.18 16.86
CA THR H 593 41.74 54.75 18.13
C THR H 593 42.79 53.66 17.90
N PRO H 604 50.53 46.80 11.98
CA PRO H 604 49.99 47.83 12.85
C PRO H 604 48.51 48.11 12.60
N THR H 605 48.06 49.25 13.11
CA THR H 605 46.68 49.70 13.08
C THR H 605 46.59 51.10 12.49
N ASN H 606 47.21 51.27 11.32
CA ASN H 606 47.45 52.56 10.71
C ASN H 606 46.16 53.22 10.22
N ALA H 607 46.30 54.43 9.69
CA ALA H 607 45.19 55.36 9.49
C ALA H 607 44.26 54.85 8.41
N ASN H 608 42.98 54.68 8.76
CA ASN H 608 41.99 54.12 7.86
C ASN H 608 41.40 55.21 6.97
N GLN H 609 40.48 54.85 6.10
CA GLN H 609 40.21 55.69 4.93
C GLN H 609 38.74 56.07 4.85
N LEU H 610 38.48 57.29 4.38
CA LEU H 610 37.14 57.74 4.05
C LEU H 610 36.73 57.17 2.70
N PHE H 611 35.45 57.28 2.35
CA PHE H 611 34.98 56.94 1.02
C PHE H 611 34.25 58.12 0.41
N ASP H 612 33.69 57.89 -0.76
CA ASP H 612 32.99 58.92 -1.49
C ASP H 612 31.64 59.15 -0.82
N GLY H 613 31.62 59.99 0.21
CA GLY H 613 30.41 60.30 0.93
C GLY H 613 29.39 61.06 0.10
N ASP I 174 -47.73 76.45 -17.89
CA ASP I 174 -46.55 76.91 -18.59
C ASP I 174 -45.32 76.04 -18.30
N TYR I 175 -44.26 76.23 -19.09
CA TYR I 175 -43.11 75.34 -19.06
C TYR I 175 -42.01 75.95 -18.21
N SER I 176 -41.32 75.12 -17.42
CA SER I 176 -40.18 75.60 -16.64
C SER I 176 -39.25 74.45 -16.32
N VAL I 177 -38.03 74.79 -15.93
CA VAL I 177 -37.04 73.84 -15.47
C VAL I 177 -36.38 74.40 -14.21
N ILE I 178 -36.23 73.53 -13.20
CA ILE I 178 -35.61 73.91 -11.94
C ILE I 178 -34.51 72.92 -11.59
N ASN I 179 -33.67 73.35 -10.64
CA ASN I 179 -32.62 72.54 -10.06
C ASN I 179 -33.11 71.88 -8.79
N LEU I 180 -32.25 71.03 -8.22
CA LEU I 180 -32.39 70.50 -6.88
C LEU I 180 -31.02 70.43 -6.24
N ARG I 181 -30.95 70.80 -4.96
CA ARG I 181 -29.69 70.73 -4.24
C ARG I 181 -29.41 69.32 -3.72
N TYR I 182 -30.31 68.82 -2.87
CA TYR I 182 -30.25 67.47 -2.35
C TYR I 182 -31.41 66.60 -2.81
N GLY I 183 -32.43 67.17 -3.44
CA GLY I 183 -33.60 66.41 -3.81
C GLY I 183 -33.36 65.51 -5.01
N TRP I 184 -34.11 64.41 -5.06
CA TRP I 184 -34.02 63.44 -6.15
C TRP I 184 -35.26 63.54 -7.01
N VAL I 185 -35.06 63.72 -8.33
CA VAL I 185 -36.18 63.69 -9.27
C VAL I 185 -36.69 62.27 -9.47
N MET I 186 -35.88 61.27 -9.14
CA MET I 186 -36.30 59.88 -9.22
C MET I 186 -37.44 59.62 -8.23
N ASP I 187 -37.28 60.08 -7.00
CA ASP I 187 -38.34 59.92 -6.02
C ASP I 187 -39.50 60.87 -6.32
N ALA I 188 -39.21 62.08 -6.77
CA ALA I 188 -40.24 63.09 -6.96
C ALA I 188 -41.04 62.88 -8.24
N ALA I 189 -40.61 61.98 -9.12
CA ALA I 189 -41.34 61.77 -10.37
C ALA I 189 -42.69 61.12 -10.12
N GLU I 190 -42.72 60.07 -9.28
CA GLU I 190 -43.97 59.41 -8.90
C GLU I 190 -44.85 60.34 -8.08
N VAL I 191 -44.23 61.26 -7.34
CA VAL I 191 -44.96 62.29 -6.61
C VAL I 191 -45.69 63.20 -7.57
N LEU I 192 -44.93 63.87 -8.43
CA LEU I 192 -45.47 64.92 -9.27
C LEU I 192 -46.32 64.41 -10.41
N ASN I 193 -46.17 63.15 -10.80
CA ASN I 193 -47.10 62.58 -11.77
C ASN I 193 -48.48 62.42 -11.16
N ASN I 194 -48.54 62.10 -9.85
CA ASN I 194 -49.79 62.03 -9.13
C ASN I 194 -50.13 63.31 -8.40
N ALA I 195 -49.39 64.38 -8.64
CA ALA I 195 -49.74 65.67 -8.05
C ALA I 195 -51.04 66.20 -8.65
N MET I 196 -51.25 65.96 -9.94
CA MET I 196 -52.53 66.23 -10.57
C MET I 196 -53.36 64.96 -10.57
N SER I 197 -54.67 65.11 -10.34
CA SER I 197 -55.54 63.99 -10.08
C SER I 197 -55.78 63.18 -11.36
N ARG I 198 -56.43 62.04 -11.17
CA ARG I 198 -56.72 61.14 -12.29
C ARG I 198 -57.91 61.63 -13.10
N ALA I 205 -54.66 63.83 -17.36
CA ALA I 205 -53.60 64.23 -16.44
C ALA I 205 -53.38 65.74 -16.47
N GLY I 206 -53.29 66.30 -17.67
CA GLY I 206 -53.10 67.73 -17.81
C GLY I 206 -51.65 68.13 -17.81
N ALA I 207 -51.15 68.57 -16.66
CA ALA I 207 -49.76 68.99 -16.52
C ALA I 207 -48.82 67.79 -16.65
N GLN I 208 -47.54 68.09 -16.88
CA GLN I 208 -46.55 67.04 -17.05
C GLN I 208 -45.29 67.37 -16.25
N VAL I 209 -44.44 66.34 -16.12
CA VAL I 209 -43.23 66.41 -15.32
C VAL I 209 -42.18 65.48 -15.94
N ILE I 210 -40.95 65.96 -16.02
CA ILE I 210 -39.86 65.29 -16.72
C ILE I 210 -38.61 65.34 -15.84
N ALA I 211 -38.01 64.19 -15.61
CA ALA I 211 -36.88 64.08 -14.70
C ALA I 211 -35.56 64.03 -15.45
N ASP I 212 -34.50 64.52 -14.79
CA ASP I 212 -33.12 64.37 -15.24
C ASP I 212 -32.29 63.90 -14.05
N ALA I 213 -32.01 62.60 -14.01
CA ALA I 213 -31.27 62.02 -12.90
C ALA I 213 -29.76 62.14 -13.05
N ARG I 214 -29.27 62.59 -14.21
CA ARG I 214 -27.83 62.85 -14.32
C ARG I 214 -27.49 64.24 -13.82
N THR I 215 -28.25 65.24 -14.27
CA THR I 215 -28.04 66.62 -13.87
C THR I 215 -29.08 67.12 -12.90
N ASN I 216 -29.94 66.22 -12.40
CA ASN I 216 -30.88 66.47 -11.30
C ASN I 216 -31.85 67.59 -11.64
N ARG I 217 -32.29 67.63 -12.89
CA ARG I 217 -33.12 68.72 -13.34
C ARG I 217 -34.58 68.29 -13.38
N LEU I 218 -35.48 69.27 -13.30
CA LEU I 218 -36.90 69.00 -13.29
C LEU I 218 -37.58 69.91 -14.29
N ILE I 219 -38.23 69.34 -15.29
CA ILE I 219 -38.94 70.10 -16.31
C ILE I 219 -40.42 69.88 -16.11
N ILE I 220 -41.13 70.91 -15.66
CA ILE I 220 -42.54 70.78 -15.37
C ILE I 220 -43.35 71.69 -16.28
N LEU I 221 -44.49 71.19 -16.73
CA LEU I 221 -45.30 71.79 -17.79
C LEU I 221 -46.71 71.90 -17.24
N GLY I 222 -47.03 72.99 -16.54
CA GLY I 222 -48.33 73.11 -15.92
C GLY I 222 -48.64 74.43 -15.26
N PRO I 223 -49.47 74.41 -14.22
CA PRO I 223 -49.96 75.65 -13.63
C PRO I 223 -48.88 76.32 -12.81
N PRO I 224 -48.93 77.65 -12.66
CA PRO I 224 -47.86 78.33 -11.93
C PRO I 224 -47.90 78.14 -10.43
N GLN I 225 -49.07 77.86 -9.86
CA GLN I 225 -49.13 77.64 -8.42
C GLN I 225 -48.59 76.28 -8.01
N ALA I 226 -48.78 75.25 -8.84
CA ALA I 226 -48.13 73.97 -8.60
C ALA I 226 -46.61 74.11 -8.72
N ARG I 227 -46.16 74.94 -9.68
CA ARG I 227 -44.75 75.30 -9.78
C ARG I 227 -44.23 75.93 -8.50
N ALA I 228 -44.93 76.94 -7.99
CA ALA I 228 -44.44 77.67 -6.82
C ALA I 228 -44.48 76.81 -5.56
N LYS I 229 -45.60 76.14 -5.31
CA LYS I 229 -45.74 75.32 -4.12
C LYS I 229 -44.82 74.11 -4.16
N LEU I 230 -44.50 73.60 -5.34
CA LEU I 230 -43.63 72.44 -5.35
C LEU I 230 -42.17 72.81 -5.49
N VAL I 231 -41.85 74.05 -5.90
CA VAL I 231 -40.51 74.57 -5.66
C VAL I 231 -40.30 74.81 -4.16
N GLN I 232 -41.34 75.23 -3.45
CA GLN I 232 -41.22 75.34 -1.99
C GLN I 232 -41.10 73.96 -1.33
N LEU I 233 -41.84 72.97 -1.83
CA LEU I 233 -41.66 71.60 -1.36
C LEU I 233 -40.32 71.04 -1.79
N ALA I 234 -39.75 71.54 -2.89
CA ALA I 234 -38.40 71.16 -3.26
C ALA I 234 -37.39 71.74 -2.30
N GLN I 235 -37.60 72.99 -1.88
CA GLN I 235 -36.68 73.67 -0.98
C GLN I 235 -36.80 73.12 0.44
N SER I 236 -37.96 72.56 0.79
CA SER I 236 -38.08 71.79 2.02
C SER I 236 -37.67 70.34 1.82
N LEU I 237 -37.58 69.90 0.57
CA LEU I 237 -37.38 68.50 0.21
C LEU I 237 -35.91 68.17 0.06
N ASP I 238 -35.11 69.15 -0.35
CA ASP I 238 -33.67 68.99 -0.40
C ASP I 238 -32.99 69.34 0.93
N THR I 239 -33.73 69.30 2.01
CA THR I 239 -33.15 69.41 3.33
C THR I 239 -32.90 68.01 3.88
N PRO I 240 -31.76 67.76 4.53
CA PRO I 240 -31.56 66.47 5.18
C PRO I 240 -32.47 66.30 6.39
N THR I 241 -32.85 65.06 6.64
CA THR I 241 -33.81 64.70 7.70
C THR I 241 -33.39 63.30 8.16
N ALA I 242 -34.33 62.48 8.65
CA ALA I 242 -34.09 61.18 9.28
C ALA I 242 -33.40 60.16 8.38
N ARG I 243 -33.16 58.97 8.94
CA ARG I 243 -32.12 58.00 8.53
C ARG I 243 -30.81 58.71 8.17
N SER I 244 -30.38 59.57 9.09
CA SER I 244 -29.10 60.26 8.97
C SER I 244 -28.61 60.57 10.36
N ALA I 245 -27.36 60.17 10.65
CA ALA I 245 -26.72 60.26 11.97
C ALA I 245 -27.57 59.58 13.05
N ASN I 246 -27.89 58.31 12.81
CA ASN I 246 -28.61 57.49 13.76
C ASN I 246 -27.79 56.26 14.15
N THR I 247 -26.48 56.45 14.30
CA THR I 247 -25.53 55.39 14.55
C THR I 247 -24.92 55.53 15.95
N ARG I 248 -24.11 54.55 16.33
CA ARG I 248 -23.62 54.47 17.70
C ARG I 248 -22.36 53.61 17.72
N VAL I 249 -21.42 53.97 18.59
CA VAL I 249 -20.20 53.20 18.81
C VAL I 249 -20.09 52.90 20.30
N ILE I 250 -19.89 51.62 20.63
CA ILE I 250 -19.90 51.15 22.01
C ILE I 250 -18.58 50.47 22.31
N ARG I 251 -17.85 50.96 23.30
CA ARG I 251 -16.72 50.22 23.83
C ARG I 251 -17.21 49.13 24.76
N LEU I 252 -16.44 48.06 24.83
CA LEU I 252 -16.84 46.95 25.68
C LEU I 252 -15.82 46.73 26.78
N ARG I 253 -16.31 46.27 27.92
CA ARG I 253 -15.50 45.92 29.06
C ARG I 253 -15.81 44.49 29.48
N HIS I 254 -14.76 43.71 29.70
CA HIS I 254 -14.76 42.34 30.18
C HIS I 254 -15.45 41.37 29.23
N ASN I 255 -15.65 41.75 27.97
CA ASN I 255 -16.30 40.90 26.99
C ASN I 255 -15.71 41.16 25.62
N ASP I 256 -15.67 40.12 24.79
CA ASP I 256 -15.24 40.29 23.41
C ASP I 256 -16.36 40.92 22.60
N ALA I 257 -16.00 41.47 21.45
CA ALA I 257 -16.98 42.18 20.64
C ALA I 257 -17.76 41.22 19.75
N LYS I 258 -17.07 40.26 19.15
CA LYS I 258 -17.74 39.34 18.23
C LYS I 258 -18.61 38.34 18.98
N THR I 259 -18.18 37.95 20.18
CA THR I 259 -18.91 36.98 20.98
C THR I 259 -20.27 37.52 21.39
N LEU I 260 -20.32 38.77 21.86
CA LEU I 260 -21.61 39.39 22.11
C LEU I 260 -22.32 39.76 20.83
N ALA I 261 -21.57 39.97 19.74
CA ALA I 261 -22.18 40.43 18.50
C ALA I 261 -23.02 39.34 17.85
N GLU I 262 -22.62 38.07 17.98
CA GLU I 262 -23.48 37.00 17.48
C GLU I 262 -24.79 36.96 18.25
N THR I 263 -24.73 37.16 19.56
CA THR I 263 -25.94 37.08 20.38
C THR I 263 -26.85 38.27 20.14
N LEU I 264 -26.29 39.47 19.98
CA LEU I 264 -27.11 40.64 19.69
C LEU I 264 -27.70 40.56 18.27
N GLY I 265 -26.95 40.00 17.32
CA GLY I 265 -27.52 39.78 16.01
C GLY I 265 -28.60 38.72 16.00
N GLN I 266 -28.52 37.75 16.90
CA GLN I 266 -29.57 36.75 16.98
C GLN I 266 -30.76 37.18 17.81
N ILE I 267 -30.63 38.22 18.66
CA ILE I 267 -31.83 38.76 19.31
C ILE I 267 -32.40 39.95 18.57
N SER I 268 -31.68 40.53 17.62
CA SER I 268 -32.12 41.77 17.05
C SER I 268 -33.13 41.61 15.92
N GLU I 269 -33.59 40.39 15.63
CA GLU I 269 -34.72 40.25 14.72
C GLU I 269 -36.00 40.75 15.36
N GLY I 270 -36.14 40.58 16.68
CA GLY I 270 -37.35 41.00 17.36
C GLY I 270 -37.43 42.47 17.63
N MET I 271 -36.34 43.20 17.46
CA MET I 271 -36.37 44.65 17.56
C MET I 271 -36.59 45.31 16.20
N LYS I 272 -36.90 44.55 15.17
CA LYS I 272 -37.08 45.07 13.83
C LYS I 272 -38.55 45.34 13.53
N SER I 288 -36.65 50.69 10.91
CA SER I 288 -37.10 49.50 10.18
C SER I 288 -35.91 48.60 9.85
N ASN I 289 -34.72 49.01 10.28
CA ASN I 289 -33.50 48.26 10.04
C ASN I 289 -32.63 48.26 11.29
N ILE I 290 -31.79 47.23 11.40
CA ILE I 290 -31.03 46.99 12.62
C ILE I 290 -29.70 46.34 12.29
N LEU I 291 -28.59 46.97 12.69
CA LEU I 291 -27.26 46.50 12.29
C LEU I 291 -26.28 46.61 13.44
N ILE I 292 -25.81 45.46 13.92
CA ILE I 292 -24.82 45.41 15.00
C ILE I 292 -23.65 44.62 14.47
N ARG I 293 -22.53 45.29 14.27
CA ARG I 293 -21.33 44.58 13.83
C ARG I 293 -20.20 44.84 14.82
N ALA I 294 -19.13 44.09 14.68
CA ALA I 294 -18.14 44.04 15.74
C ALA I 294 -16.79 44.57 15.28
N ASP I 295 -15.88 44.69 16.23
CA ASP I 295 -14.49 44.99 15.96
C ASP I 295 -13.67 44.37 17.08
N GLU I 296 -12.83 43.41 16.72
CA GLU I 296 -12.00 42.74 17.71
C GLU I 296 -10.68 43.47 17.96
N SER I 297 -10.38 44.52 17.21
CA SER I 297 -9.13 45.24 17.42
C SER I 297 -9.20 46.09 18.68
N THR I 298 -10.10 47.06 18.69
CA THR I 298 -10.37 47.88 19.86
C THR I 298 -11.58 47.38 20.64
N ASN I 299 -12.03 46.16 20.37
CA ASN I 299 -13.03 45.43 21.15
C ASN I 299 -14.37 46.15 21.17
N ALA I 300 -14.70 46.85 20.10
CA ALA I 300 -15.82 47.75 20.08
C ALA I 300 -16.95 47.20 19.24
N LEU I 301 -18.08 47.88 19.28
CA LEU I 301 -19.31 47.37 18.73
C LEU I 301 -20.02 48.52 18.03
N VAL I 302 -20.33 48.36 16.75
CA VAL I 302 -20.94 49.41 15.97
C VAL I 302 -22.42 49.11 15.83
N LEU I 303 -23.24 50.03 16.32
CA LEU I 303 -24.69 49.93 16.31
C LEU I 303 -25.25 50.87 15.26
N LEU I 304 -26.30 50.40 14.59
CA LEU I 304 -27.08 51.26 13.71
C LEU I 304 -28.54 50.91 13.89
N ALA I 305 -29.29 51.82 14.50
CA ALA I 305 -30.66 51.56 14.90
C ALA I 305 -31.36 52.87 15.21
N ASP I 306 -32.68 52.79 15.30
CA ASP I 306 -33.50 53.89 15.78
C ASP I 306 -33.26 54.08 17.27
N PRO I 307 -33.41 55.32 17.79
CA PRO I 307 -32.97 55.62 19.17
C PRO I 307 -33.66 54.83 20.27
N ASP I 308 -34.89 54.36 20.07
CA ASP I 308 -35.49 53.43 21.02
C ASP I 308 -34.73 52.11 21.04
N THR I 309 -34.42 51.58 19.86
CA THR I 309 -33.64 50.35 19.76
C THR I 309 -32.22 50.57 20.26
N VAL I 310 -31.69 51.78 20.10
CA VAL I 310 -30.38 52.14 20.64
C VAL I 310 -30.40 52.08 22.16
N ASN I 311 -31.46 52.62 22.77
CA ASN I 311 -31.55 52.57 24.24
C ASN I 311 -31.79 51.16 24.75
N ALA I 312 -32.53 50.33 24.00
CA ALA I 312 -32.74 48.95 24.41
C ALA I 312 -31.44 48.15 24.33
N LEU I 313 -30.65 48.37 23.28
CA LEU I 313 -29.39 47.67 23.19
C LEU I 313 -28.36 48.20 24.19
N GLU I 314 -28.48 49.47 24.58
CA GLU I 314 -27.67 49.97 25.68
C GLU I 314 -28.06 49.30 26.99
N ASP I 315 -29.36 49.03 27.18
CA ASP I 315 -29.78 48.29 28.36
C ASP I 315 -29.27 46.84 28.36
N ILE I 316 -29.16 46.24 27.17
CA ILE I 316 -28.54 44.93 27.08
C ILE I 316 -27.06 45.01 27.44
N VAL I 317 -26.36 46.00 26.90
CA VAL I 317 -24.91 46.05 27.04
C VAL I 317 -24.51 46.41 28.45
N ARG I 318 -25.23 47.34 29.09
CA ARG I 318 -24.90 47.73 30.45
C ARG I 318 -25.17 46.63 31.48
N GLN I 319 -25.87 45.57 31.11
CA GLN I 319 -26.10 44.45 32.02
C GLN I 319 -25.38 43.19 31.58
N LEU I 320 -24.47 43.30 30.61
CA LEU I 320 -23.64 42.18 30.19
C LEU I 320 -22.15 42.45 30.31
N ASP I 321 -21.77 43.64 30.73
CA ASP I 321 -20.36 44.02 30.87
C ASP I 321 -20.10 44.29 32.34
N VAL I 322 -19.77 43.25 33.08
CA VAL I 322 -19.49 43.41 34.49
C VAL I 322 -18.09 42.90 34.78
N PRO I 323 -17.40 43.45 35.77
CA PRO I 323 -16.19 42.80 36.27
C PRO I 323 -16.54 41.50 36.97
N ARG I 324 -15.88 40.43 36.55
CA ARG I 324 -16.14 39.13 37.14
C ARG I 324 -15.44 39.01 38.49
N ALA I 325 -15.59 37.86 39.12
CA ALA I 325 -15.12 37.67 40.49
C ALA I 325 -13.94 36.71 40.54
N GLN I 326 -13.12 36.91 41.56
CA GLN I 326 -11.92 36.11 41.75
C GLN I 326 -12.04 35.24 42.98
N VAL I 327 -11.33 34.11 42.93
CA VAL I 327 -11.25 33.18 44.05
C VAL I 327 -9.79 32.98 44.37
N LEU I 328 -9.44 33.08 45.64
CA LEU I 328 -8.18 32.54 46.12
C LEU I 328 -8.48 31.19 46.77
N VAL I 329 -7.92 30.13 46.21
CA VAL I 329 -8.11 28.78 46.70
C VAL I 329 -6.85 28.35 47.43
N GLU I 330 -7.01 27.91 48.67
CA GLU I 330 -5.93 27.37 49.47
C GLU I 330 -6.27 25.93 49.75
N ALA I 331 -5.67 25.00 49.00
CA ALA I 331 -5.81 23.60 49.36
C ALA I 331 -4.69 23.21 50.29
N ALA I 332 -4.97 22.30 51.21
CA ALA I 332 -3.99 21.93 52.22
C ALA I 332 -4.03 20.43 52.39
N ILE I 333 -2.88 19.82 52.60
CA ILE I 333 -2.77 18.37 52.69
C ILE I 333 -1.96 18.06 53.92
N VAL I 334 -2.54 17.28 54.82
CA VAL I 334 -1.84 16.83 56.01
C VAL I 334 -1.71 15.33 55.93
N GLU I 335 -0.52 14.81 56.21
CA GLU I 335 -0.30 13.38 56.30
C GLU I 335 0.53 13.09 57.53
N ILE I 336 0.06 12.19 58.37
CA ILE I 336 0.87 11.66 59.45
C ILE I 336 1.07 10.19 59.17
N SER I 337 2.31 9.80 58.91
CA SER I 337 2.59 8.40 58.69
C SER I 337 3.44 7.87 59.82
N GLY I 338 3.42 6.55 59.97
CA GLY I 338 4.28 5.95 60.95
C GLY I 338 4.26 4.44 60.84
N ASP I 339 5.34 3.80 61.23
CA ASP I 339 5.35 2.35 61.33
C ASP I 339 6.41 1.91 62.32
N ILE I 340 6.22 0.69 62.82
CA ILE I 340 7.12 0.11 63.81
C ILE I 340 7.23 -1.37 63.55
N GLN I 341 8.44 -1.82 63.27
CA GLN I 341 8.72 -3.25 63.24
C GLN I 341 9.19 -3.70 64.61
N ASP I 342 9.23 -5.01 64.80
CA ASP I 342 9.77 -5.59 66.02
C ASP I 342 10.16 -7.03 65.68
N ALA I 343 11.45 -7.28 65.47
CA ALA I 343 11.90 -8.59 65.07
C ALA I 343 12.82 -9.16 66.14
N VAL I 344 12.52 -10.36 66.61
CA VAL I 344 13.29 -10.95 67.70
C VAL I 344 13.25 -12.47 67.60
N GLY I 345 14.43 -13.09 67.70
CA GLY I 345 14.49 -14.54 67.60
C GLY I 345 15.66 -15.18 68.31
N VAL I 346 15.39 -16.30 68.97
CA VAL I 346 16.39 -17.09 69.68
C VAL I 346 16.69 -18.32 68.86
N GLN I 347 17.97 -18.64 68.67
CA GLN I 347 18.37 -19.77 67.86
C GLN I 347 19.32 -20.64 68.67
N TRP I 348 19.10 -21.95 68.64
CA TRP I 348 19.86 -22.91 69.46
C TRP I 348 20.66 -23.84 68.58
N ALA I 349 21.93 -24.01 68.89
CA ALA I 349 22.92 -24.71 68.07
C ALA I 349 23.64 -25.76 68.89
N ILE I 350 22.88 -26.64 69.53
CA ILE I 350 23.46 -27.70 70.36
C ILE I 350 23.96 -28.81 69.43
N ASN I 351 25.23 -28.78 69.07
CA ASN I 351 25.79 -29.86 68.24
C ASN I 351 26.48 -30.91 69.10
N LYS I 352 25.72 -31.47 70.02
CA LYS I 352 26.23 -32.48 70.94
C LYS I 352 26.28 -33.81 70.19
N GLY I 353 27.44 -34.08 69.57
CA GLY I 353 27.74 -35.38 69.01
C GLY I 353 26.96 -35.79 67.76
N GLY I 354 27.42 -36.85 67.12
CA GLY I 354 26.72 -37.45 66.00
C GLY I 354 26.82 -36.68 64.70
N MET I 355 26.67 -37.39 63.58
CA MET I 355 26.55 -36.71 62.30
C MET I 355 25.20 -36.01 62.24
N GLY I 356 25.23 -34.71 61.93
CA GLY I 356 24.05 -33.88 62.07
C GLY I 356 24.36 -32.67 62.92
N GLY I 357 23.74 -32.61 64.09
CA GLY I 357 23.89 -31.46 64.96
C GLY I 357 22.55 -30.79 65.19
N THR I 358 22.10 -30.77 66.44
CA THR I 358 20.69 -30.49 66.75
C THR I 358 20.41 -28.98 66.72
N LYS I 359 20.67 -28.37 65.57
CA LYS I 359 20.58 -26.92 65.44
C LYS I 359 19.17 -26.50 65.04
N THR I 360 18.70 -25.41 65.64
CA THR I 360 17.34 -24.93 65.39
C THR I 360 17.42 -23.75 64.43
N ASN I 361 17.53 -24.08 63.14
CA ASN I 361 17.64 -23.07 62.10
C ASN I 361 16.30 -22.38 61.89
N PHE I 362 16.25 -21.08 62.17
CA PHE I 362 15.11 -20.24 61.86
C PHE I 362 15.55 -19.21 60.84
N ALA I 363 15.16 -19.40 59.59
CA ALA I 363 15.48 -18.44 58.53
C ALA I 363 14.38 -17.39 58.47
N ASN I 364 14.25 -16.65 59.56
CA ASN I 364 13.26 -15.59 59.69
C ASN I 364 13.93 -14.23 59.76
N THR I 365 14.83 -14.02 60.73
CA THR I 365 15.40 -12.72 60.99
C THR I 365 16.88 -12.78 60.64
N GLY I 366 17.19 -12.40 59.40
CA GLY I 366 18.56 -12.16 58.97
C GLY I 366 19.45 -13.39 58.97
N LEU I 367 20.32 -13.46 59.96
CA LEU I 367 21.26 -14.57 60.08
C LEU I 367 20.53 -15.85 60.47
N SER I 368 21.30 -16.93 60.46
CA SER I 368 20.80 -18.24 60.80
C SER I 368 21.97 -19.09 61.26
N ILE I 369 21.65 -20.24 61.85
CA ILE I 369 22.70 -21.11 62.36
C ILE I 369 23.43 -21.80 61.21
N GLY I 370 22.73 -22.10 60.12
CA GLY I 370 23.39 -22.71 58.98
C GLY I 370 24.41 -21.79 58.34
N THR I 371 24.02 -20.53 58.14
CA THR I 371 25.02 -19.57 57.71
C THR I 371 25.95 -19.16 58.83
N LEU I 372 25.67 -19.53 60.09
CA LEU I 372 26.66 -19.28 61.14
C LEU I 372 27.78 -20.33 61.12
N LEU I 373 27.42 -21.60 60.90
CA LEU I 373 28.44 -22.61 60.75
C LEU I 373 29.15 -22.49 59.40
N GLN I 374 28.50 -21.89 58.40
CA GLN I 374 29.27 -21.43 57.26
C GLN I 374 30.02 -20.13 57.55
N SER I 375 29.60 -19.38 58.57
CA SER I 375 30.34 -18.19 58.92
C SER I 375 31.59 -18.51 59.71
N LEU I 376 31.66 -19.71 60.28
CA LEU I 376 32.93 -20.23 60.77
C LEU I 376 33.95 -20.31 59.63
N GLU I 377 33.52 -20.83 58.48
CA GLU I 377 34.37 -20.81 57.29
C GLU I 377 34.49 -19.41 56.69
N SER I 378 33.56 -18.51 57.01
CA SER I 378 33.77 -17.11 56.61
C SER I 378 34.86 -16.48 57.46
N ASN I 379 34.81 -16.71 58.77
CA ASN I 379 35.86 -16.31 59.69
C ASN I 379 37.19 -16.94 59.33
N LYS I 380 37.17 -18.09 58.65
CA LYS I 380 38.38 -18.57 58.02
C LYS I 380 38.86 -17.62 56.91
N ALA I 381 38.24 -17.63 55.71
CA ALA I 381 38.73 -16.65 54.74
C ALA I 381 37.94 -15.33 54.59
N PRO I 382 36.60 -15.29 54.18
CA PRO I 382 36.01 -13.97 53.86
C PRO I 382 35.42 -13.11 54.98
N GLU I 383 34.82 -13.69 56.03
CA GLU I 383 34.16 -13.00 57.15
C GLU I 383 33.05 -12.07 56.64
N SER I 384 31.98 -12.69 56.14
CA SER I 384 30.98 -12.00 55.34
C SER I 384 29.59 -12.05 55.96
N ILE I 385 28.74 -11.16 55.44
CA ILE I 385 27.27 -11.11 55.58
C ILE I 385 26.77 -11.09 57.03
N PRO I 386 26.77 -9.94 57.70
CA PRO I 386 26.00 -9.79 58.93
C PRO I 386 24.61 -9.19 58.66
N ASP I 387 23.75 -9.30 59.68
CA ASP I 387 22.43 -8.68 59.65
C ASP I 387 21.87 -8.62 61.06
N GLY I 388 21.35 -7.46 61.46
CA GLY I 388 20.61 -7.32 62.69
C GLY I 388 21.47 -7.25 63.94
N ALA I 389 20.84 -6.81 65.04
CA ALA I 389 21.54 -6.68 66.32
C ALA I 389 21.68 -8.08 66.93
N ILE I 390 22.85 -8.66 66.82
CA ILE I 390 23.07 -10.06 67.15
C ILE I 390 23.84 -10.18 68.47
N VAL I 391 23.57 -11.26 69.19
CA VAL I 391 24.22 -11.56 70.47
C VAL I 391 24.49 -13.06 70.46
N GLY I 392 25.76 -13.45 70.41
CA GLY I 392 26.08 -14.86 70.33
C GLY I 392 26.69 -15.47 71.58
N ILE I 393 25.91 -16.20 72.36
CA ILE I 393 26.39 -16.88 73.55
C ILE I 393 26.72 -18.31 73.13
N GLY I 394 28.00 -18.64 73.04
CA GLY I 394 28.37 -19.97 72.61
C GLY I 394 29.64 -20.44 73.27
N SER I 395 29.73 -21.75 73.48
CA SER I 395 31.02 -22.38 73.73
C SER I 395 31.61 -22.91 72.44
N SER I 396 31.55 -22.06 71.40
CA SER I 396 32.17 -22.15 70.09
C SER I 396 31.63 -23.27 69.20
N SER I 397 30.90 -24.20 69.76
CA SER I 397 30.08 -25.16 69.03
C SER I 397 28.69 -25.28 69.63
N PHE I 398 28.60 -25.30 70.94
CA PHE I 398 27.34 -25.26 71.68
C PHE I 398 26.87 -23.82 71.65
N GLY I 399 25.99 -23.49 70.71
CA GLY I 399 25.70 -22.09 70.48
C GLY I 399 24.29 -21.62 70.76
N ALA I 400 24.12 -20.31 70.90
CA ALA I 400 22.79 -19.72 71.07
C ALA I 400 22.88 -18.29 70.58
N LEU I 401 22.24 -18.01 69.46
CA LEU I 401 22.29 -16.69 68.83
C LEU I 401 20.95 -15.99 68.99
N VAL I 402 20.98 -14.81 69.58
CA VAL I 402 19.78 -13.98 69.76
C VAL I 402 19.89 -12.82 68.80
N THR I 403 18.92 -12.69 67.89
CA THR I 403 18.94 -11.63 66.90
C THR I 403 17.74 -10.74 67.09
N ALA I 404 17.95 -9.43 67.15
CA ALA I 404 16.86 -8.52 67.41
C ALA I 404 17.07 -7.20 66.69
N LEU I 405 15.96 -6.58 66.30
CA LEU I 405 15.90 -5.24 65.71
C LEU I 405 14.55 -4.63 66.02
N SER I 406 14.52 -3.30 66.08
CA SER I 406 13.26 -2.57 66.26
C SER I 406 13.33 -1.26 65.48
N ALA I 407 12.89 -1.28 64.24
CA ALA I 407 12.76 -0.04 63.49
C ALA I 407 11.53 0.70 63.96
N ASN I 408 11.57 2.02 63.82
CA ASN I 408 10.48 2.86 64.30
C ASN I 408 10.57 4.17 63.52
N THR I 409 9.77 4.31 62.48
CA THR I 409 9.84 5.53 61.67
C THR I 409 8.54 6.27 61.79
N LYS I 410 8.62 7.59 61.84
CA LYS I 410 7.47 8.45 61.82
C LYS I 410 7.67 9.47 60.73
N SER I 411 6.58 10.16 60.36
CA SER I 411 6.66 11.13 59.28
C SER I 411 5.47 12.05 59.37
N ASN I 412 5.65 13.28 58.94
CA ASN I 412 4.58 14.27 59.05
C ASN I 412 4.73 15.26 57.91
N LEU I 413 3.93 15.10 56.88
CA LEU I 413 3.94 15.99 55.73
C LEU I 413 2.80 16.98 55.80
N LEU I 414 3.03 18.13 55.20
CA LEU I 414 2.05 19.20 55.09
C LEU I 414 2.32 19.93 53.79
N SER I 415 1.26 20.38 53.14
CA SER I 415 1.45 21.16 51.93
C SER I 415 0.29 22.14 51.81
N THR I 416 0.56 23.32 51.30
CA THR I 416 -0.48 24.32 51.09
C THR I 416 -0.25 25.06 49.79
N PRO I 417 -0.67 24.50 48.67
CA PRO I 417 -0.75 25.30 47.46
C PRO I 417 -1.94 26.23 47.53
N SER I 418 -1.84 27.34 46.80
CA SER I 418 -2.87 28.38 46.84
C SER I 418 -2.71 29.26 45.62
N LEU I 419 -3.81 29.54 44.94
CA LEU I 419 -3.74 30.38 43.75
C LEU I 419 -4.97 31.26 43.61
N LEU I 420 -4.80 32.34 42.86
CA LEU I 420 -5.88 33.24 42.52
C LEU I 420 -6.35 32.94 41.11
N THR I 421 -7.65 33.07 40.89
CA THR I 421 -8.21 32.80 39.57
C THR I 421 -9.50 33.57 39.37
N LEU I 422 -9.93 33.64 38.13
CA LEU I 422 -11.31 33.97 37.81
C LEU I 422 -12.12 32.69 37.73
N ASP I 423 -13.43 32.84 37.50
CA ASP I 423 -14.25 31.68 37.21
C ASP I 423 -13.97 31.20 35.80
N ASN I 424 -14.16 29.89 35.60
CA ASN I 424 -14.09 29.22 34.30
C ASN I 424 -12.72 29.37 33.65
N GLN I 425 -11.68 29.47 34.48
CA GLN I 425 -10.32 29.70 34.02
C GLN I 425 -9.41 28.70 34.71
N LYS I 426 -8.88 27.77 33.94
CA LYS I 426 -8.11 26.65 34.47
C LYS I 426 -6.77 27.14 35.01
N ALA I 427 -6.71 27.42 36.30
CA ALA I 427 -5.45 27.77 36.91
C ALA I 427 -4.64 26.51 37.15
N GLU I 428 -3.40 26.68 37.63
CA GLU I 428 -2.49 25.57 37.82
C GLU I 428 -1.32 26.04 38.64
N ILE I 429 -0.88 25.23 39.58
CA ILE I 429 0.45 25.38 40.14
C ILE I 429 1.12 24.03 40.02
N LEU I 430 2.37 24.03 39.65
CA LEU I 430 3.13 22.80 39.57
C LEU I 430 4.50 23.08 40.14
N VAL I 431 4.87 22.38 41.21
CA VAL I 431 6.17 22.61 41.83
C VAL I 431 6.89 21.28 41.91
N GLY I 432 8.12 21.23 41.41
CA GLY I 432 8.93 20.05 41.45
C GLY I 432 9.20 19.52 40.06
N GLN I 433 9.99 18.46 40.02
CA GLN I 433 10.79 18.07 38.87
C GLN I 433 9.94 17.64 37.67
N ASN I 434 10.62 17.50 36.53
CA ASN I 434 10.05 17.01 35.28
C ASN I 434 10.94 15.91 34.78
N VAL I 435 10.41 14.71 34.63
CA VAL I 435 11.21 13.51 34.42
C VAL I 435 10.84 12.90 33.09
N PRO I 436 11.72 12.08 32.51
CA PRO I 436 11.33 11.24 31.39
C PRO I 436 10.73 9.92 31.85
N PHE I 437 10.01 9.29 30.95
CA PHE I 437 9.53 7.95 31.22
C PHE I 437 9.46 7.23 29.89
N GLN I 438 9.80 5.95 29.89
CA GLN I 438 9.78 5.20 28.65
C GLN I 438 8.34 4.90 28.27
N THR I 439 8.03 5.05 26.99
CA THR I 439 6.84 4.50 26.40
C THR I 439 7.24 3.41 25.40
N GLY I 440 8.41 2.82 25.60
CA GLY I 440 8.95 1.84 24.69
C GLY I 440 10.42 1.57 24.89
N THR I 454 13.01 2.40 23.17
CA THR I 454 13.07 3.69 23.82
C THR I 454 12.36 4.75 22.99
N THR I 455 11.20 5.17 23.45
CA THR I 455 10.47 6.29 22.85
C THR I 455 9.91 7.20 23.94
N VAL I 456 10.81 7.65 24.83
CA VAL I 456 10.51 8.28 26.11
C VAL I 456 9.75 9.59 25.98
N GLU I 457 9.28 10.11 27.10
CA GLU I 457 8.33 11.21 27.11
C GLU I 457 8.48 11.97 28.42
N ARG I 458 8.14 13.26 28.41
CA ARG I 458 8.32 14.12 29.56
C ARG I 458 7.05 14.20 30.39
N LYS I 459 7.21 14.32 31.70
CA LYS I 459 6.09 14.15 32.62
C LYS I 459 6.44 14.77 33.95
N ASP I 460 5.48 15.48 34.54
CA ASP I 460 5.72 16.35 35.70
C ASP I 460 5.48 15.65 37.02
N ILE I 461 6.37 15.90 37.97
CA ILE I 461 6.41 15.20 39.25
C ILE I 461 6.57 16.23 40.36
N GLY I 462 5.62 16.28 41.28
CA GLY I 462 5.71 17.20 42.39
C GLY I 462 4.34 17.73 42.73
N VAL I 463 4.27 18.64 43.70
CA VAL I 463 3.00 19.16 44.19
C VAL I 463 2.25 19.86 43.09
N SER I 464 0.95 19.67 43.00
CA SER I 464 0.25 20.26 41.88
C SER I 464 -1.18 20.54 42.25
N LEU I 465 -1.75 21.53 41.58
CA LEU I 465 -3.12 21.91 41.88
C LEU I 465 -3.75 22.48 40.63
N LYS I 466 -4.98 22.07 40.31
CA LYS I 466 -5.71 22.62 39.19
C LYS I 466 -7.12 22.91 39.62
N VAL I 467 -7.47 24.18 39.76
CA VAL I 467 -8.79 24.59 40.20
C VAL I 467 -9.55 25.08 38.99
N THR I 468 -10.85 24.83 38.95
CA THR I 468 -11.74 25.60 38.07
C THR I 468 -12.99 26.00 38.81
N PRO I 469 -13.18 27.27 39.12
CA PRO I 469 -14.37 27.69 39.86
C PRO I 469 -15.56 27.93 38.96
N HIS I 470 -16.69 28.18 39.62
CA HIS I 470 -17.89 28.69 38.99
C HIS I 470 -18.62 29.48 40.05
N ILE I 471 -18.82 30.77 39.80
CA ILE I 471 -19.06 31.72 40.88
C ILE I 471 -20.44 32.32 40.76
N ASN I 472 -21.25 32.10 41.78
CA ASN I 472 -22.53 32.73 41.92
C ASN I 472 -22.33 34.15 42.44
N ASP I 473 -23.28 35.02 42.15
CA ASP I 473 -23.27 36.35 42.73
C ASP I 473 -23.69 36.25 44.20
N GLY I 474 -22.74 35.82 45.03
CA GLY I 474 -23.01 35.63 46.44
C GLY I 474 -22.26 34.46 47.04
N ALA I 475 -22.96 33.65 47.83
CA ALA I 475 -22.34 32.54 48.53
C ALA I 475 -22.26 31.32 47.61
N ALA I 476 -21.71 30.23 48.16
CA ALA I 476 -21.80 28.87 47.60
C ALA I 476 -21.19 28.79 46.19
N LEU I 477 -19.87 28.93 46.16
CA LEU I 477 -19.12 28.73 44.94
C LEU I 477 -19.02 27.24 44.58
N ARG I 478 -18.84 26.95 43.30
CA ARG I 478 -18.56 25.59 42.85
C ARG I 478 -17.08 25.47 42.51
N LEU I 479 -16.46 24.36 42.88
CA LEU I 479 -15.07 24.14 42.56
C LEU I 479 -14.90 22.81 41.87
N GLU I 480 -14.04 22.75 40.88
CA GLU I 480 -13.66 21.50 40.23
C GLU I 480 -12.18 21.35 40.52
N ILE I 481 -11.86 20.54 41.49
CA ILE I 481 -10.50 20.45 42.00
C ILE I 481 -9.86 19.26 41.35
N GLU I 482 -8.60 19.40 40.96
CA GLU I 482 -7.79 18.25 40.60
C GLU I 482 -6.47 18.50 41.29
N GLN I 483 -6.34 18.01 42.50
CA GLN I 483 -5.14 18.25 43.28
C GLN I 483 -4.34 16.97 43.27
N GLU I 484 -3.02 17.08 43.30
CA GLU I 484 -2.24 15.88 43.50
C GLU I 484 -0.94 16.19 44.17
N ILE I 485 -0.34 15.17 44.74
CA ILE I 485 1.02 15.22 45.26
C ILE I 485 1.71 13.99 44.76
N SER I 486 2.73 14.18 43.95
CA SER I 486 3.56 13.08 43.48
C SER I 486 4.75 12.94 44.42
N ALA I 487 5.72 12.14 44.01
CA ALA I 487 7.06 12.04 44.61
C ALA I 487 7.91 11.25 43.63
N LEU I 488 9.11 10.87 44.07
CA LEU I 488 9.98 10.03 43.27
C LEU I 488 10.78 9.20 44.25
N LEU I 489 11.01 7.94 43.92
CA LEU I 489 11.45 6.99 44.92
C LEU I 489 12.83 6.42 44.62
N PRO I 490 13.81 6.60 45.50
CA PRO I 490 15.14 6.03 45.26
C PRO I 490 15.36 4.70 45.94
N ASN I 491 14.45 4.33 46.85
CA ASN I 491 14.71 3.20 47.74
C ASN I 491 14.36 1.87 47.07
N ALA I 492 13.07 1.66 46.78
CA ALA I 492 12.58 0.38 46.30
C ALA I 492 12.61 0.41 44.77
N GLN I 493 13.78 0.10 44.24
CA GLN I 493 13.96 0.04 42.80
C GLN I 493 14.07 -1.41 42.35
N GLN I 494 13.29 -1.73 41.33
CA GLN I 494 13.25 -3.06 40.75
C GLN I 494 14.31 -3.18 39.65
N ARG I 495 14.16 -4.17 38.79
CA ARG I 495 14.99 -4.42 37.62
C ARG I 495 14.58 -3.55 36.41
N ASN I 496 13.93 -2.42 36.68
CA ASN I 496 13.31 -1.60 35.64
C ASN I 496 13.61 -0.14 35.92
N ASN I 497 12.85 0.75 35.28
CA ASN I 497 13.15 2.17 35.29
C ASN I 497 12.73 2.86 36.57
N THR I 498 12.65 4.19 36.52
CA THR I 498 12.25 5.01 37.66
C THR I 498 10.86 4.64 38.12
N ASP I 499 10.75 4.23 39.39
CA ASP I 499 9.48 3.86 40.00
C ASP I 499 8.81 5.13 40.50
N LEU I 500 8.32 5.91 39.55
CA LEU I 500 7.90 7.27 39.79
C LEU I 500 6.58 7.27 40.56
N ILE I 501 6.59 7.74 41.79
CA ILE I 501 5.32 7.83 42.50
C ILE I 501 4.65 9.07 41.93
N THR I 502 3.92 8.88 40.82
CA THR I 502 3.38 10.01 40.07
C THR I 502 2.04 10.45 40.64
N SER I 503 1.34 9.55 41.31
CA SER I 503 0.35 9.92 42.29
C SER I 503 0.79 9.31 43.59
N LYS I 504 0.85 10.13 44.63
CA LYS I 504 0.78 9.64 45.99
C LYS I 504 -0.47 10.09 46.66
N ARG I 505 -0.94 11.27 46.33
CA ARG I 505 -2.34 11.59 46.55
C ARG I 505 -2.83 12.14 45.26
N SER I 506 -4.04 11.81 44.87
CA SER I 506 -4.52 12.37 43.61
C SER I 506 -6.02 12.46 43.70
N ILE I 507 -6.52 13.56 44.25
CA ILE I 507 -7.95 13.67 44.41
C ILE I 507 -8.51 14.56 43.34
N LYS I 508 -9.39 14.03 42.53
CA LYS I 508 -9.91 14.72 41.35
C LYS I 508 -11.40 14.86 41.53
N SER I 509 -11.81 15.85 42.30
CA SER I 509 -13.20 15.86 42.73
C SER I 509 -13.90 17.12 42.25
N THR I 510 -15.14 17.27 42.67
CA THR I 510 -15.93 18.43 42.25
C THR I 510 -16.83 18.77 43.43
N ILE I 511 -16.49 19.84 44.15
CA ILE I 511 -17.22 20.12 45.38
C ILE I 511 -17.91 21.47 45.26
N LEU I 512 -18.64 21.86 46.28
CA LEU I 512 -19.39 23.12 46.27
C LEU I 512 -19.30 23.71 47.67
N ALA I 513 -18.53 24.77 47.83
CA ALA I 513 -18.15 25.27 49.14
C ALA I 513 -18.71 26.65 49.42
N GLU I 514 -18.46 27.10 50.64
CA GLU I 514 -18.88 28.39 51.15
C GLU I 514 -17.64 29.23 51.44
N ASN I 515 -17.71 30.51 51.08
CA ASN I 515 -16.56 31.39 50.87
C ASN I 515 -15.75 31.72 52.13
N GLY I 516 -15.94 31.15 53.30
CA GLY I 516 -15.01 31.38 54.38
C GLY I 516 -14.81 30.12 55.18
N GLN I 517 -15.30 29.01 54.66
CA GLN I 517 -15.46 27.78 55.42
C GLN I 517 -14.34 26.82 55.08
N VAL I 518 -13.48 26.54 56.06
CA VAL I 518 -12.48 25.51 55.91
C VAL I 518 -13.21 24.18 55.92
N ILE I 519 -13.22 23.48 54.78
CA ILE I 519 -13.93 22.22 54.66
C ILE I 519 -12.92 21.11 54.40
N VAL I 520 -13.42 19.88 54.42
CA VAL I 520 -12.61 18.70 54.20
C VAL I 520 -13.04 18.06 52.88
N ILE I 521 -12.08 17.85 51.99
CA ILE I 521 -12.43 17.22 50.74
C ILE I 521 -12.20 15.73 50.80
N GLY I 522 -11.07 15.29 51.32
CA GLY I 522 -10.78 13.88 51.19
C GLY I 522 -9.95 13.34 52.33
N GLY I 523 -9.84 12.02 52.38
CA GLY I 523 -9.08 11.45 53.47
C GLY I 523 -8.74 10.00 53.25
N LEU I 524 -7.87 9.51 54.12
CA LEU I 524 -7.46 8.12 54.13
C LEU I 524 -6.93 7.80 55.51
N ILE I 525 -7.50 6.79 56.15
CA ILE I 525 -7.00 6.31 57.43
C ILE I 525 -6.67 4.85 57.23
N GLN I 526 -5.40 4.51 57.22
CA GLN I 526 -4.95 3.17 56.90
C GLN I 526 -4.20 2.60 58.08
N ASP I 527 -4.75 1.58 58.70
CA ASP I 527 -4.16 0.97 59.88
C ASP I 527 -3.79 -0.47 59.54
N ASP I 528 -2.75 -0.96 60.19
CA ASP I 528 -2.22 -2.27 59.86
C ASP I 528 -1.48 -2.81 61.06
N VAL I 529 -1.59 -4.11 61.26
CA VAL I 529 -0.83 -4.84 62.24
C VAL I 529 -0.64 -6.26 61.73
N SER I 530 0.61 -6.71 61.68
CA SER I 530 0.94 -7.99 61.11
C SER I 530 1.98 -8.64 62.00
N GLN I 531 1.95 -9.97 62.05
CA GLN I 531 2.87 -10.67 62.94
C GLN I 531 3.06 -12.11 62.51
N ALA I 532 4.30 -12.46 62.23
CA ALA I 532 4.66 -13.81 61.85
C ALA I 532 5.49 -14.45 62.96
N GLU I 533 5.35 -15.76 63.11
CA GLU I 533 6.16 -16.51 64.04
C GLU I 533 6.78 -17.69 63.32
N SER I 534 7.77 -18.29 63.99
CA SER I 534 8.34 -19.55 63.53
C SER I 534 8.96 -20.22 64.75
N LYS I 535 8.45 -21.38 65.12
CA LYS I 535 8.90 -22.02 66.35
C LYS I 535 9.00 -23.53 66.15
N VAL I 536 9.72 -24.16 67.07
CA VAL I 536 9.57 -25.61 67.23
C VAL I 536 8.19 -25.89 67.82
N PRO I 537 7.39 -26.78 67.22
CA PRO I 537 5.96 -26.85 67.56
C PRO I 537 5.64 -27.36 68.96
N LEU I 538 6.59 -27.95 69.67
CA LEU I 538 6.33 -28.35 71.04
C LEU I 538 6.78 -27.32 72.06
N LEU I 539 7.88 -26.64 71.79
CA LEU I 539 8.58 -25.87 72.82
C LEU I 539 8.23 -24.41 72.83
N GLY I 540 7.79 -23.83 71.72
CA GLY I 540 7.40 -22.44 71.71
C GLY I 540 6.11 -22.16 72.47
N ASP I 541 5.30 -23.19 72.71
CA ASP I 541 3.99 -22.99 73.31
C ASP I 541 4.07 -22.73 74.81
N ILE I 542 5.12 -23.21 75.47
CA ILE I 542 5.23 -23.15 76.92
C ILE I 542 5.48 -21.71 77.35
N PRO I 543 4.56 -21.08 78.11
CA PRO I 543 4.70 -19.64 78.40
C PRO I 543 5.65 -19.34 79.56
N LEU I 544 6.76 -20.03 79.59
CA LEU I 544 7.88 -19.76 80.47
C LEU I 544 9.19 -19.75 79.70
N LEU I 545 9.33 -20.61 78.69
CA LEU I 545 10.51 -20.65 77.83
C LEU I 545 10.15 -20.46 76.37
N GLY I 546 8.92 -20.02 76.09
CA GLY I 546 8.46 -19.85 74.72
C GLY I 546 9.19 -18.77 73.96
N ARG I 547 9.76 -17.80 74.67
CA ARG I 547 10.60 -16.82 74.00
C ARG I 547 11.91 -17.45 73.52
N LEU I 548 12.40 -18.46 74.23
CA LEU I 548 13.70 -19.03 73.91
C LEU I 548 13.68 -19.98 72.71
N PHE I 549 12.57 -20.12 72.04
CA PHE I 549 12.57 -20.99 70.88
C PHE I 549 11.98 -20.34 69.63
N ARG I 550 10.97 -19.49 69.79
CA ARG I 550 10.27 -18.95 68.65
C ARG I 550 11.08 -17.86 67.97
N SER I 551 10.52 -17.32 66.89
CA SER I 551 11.11 -16.21 66.16
C SER I 551 9.96 -15.37 65.65
N THR I 552 9.80 -14.16 66.17
CA THR I 552 8.64 -13.35 65.85
C THR I 552 9.06 -12.11 65.08
N LYS I 553 8.08 -11.60 64.34
CA LYS I 553 8.28 -10.40 63.52
C LYS I 553 6.95 -9.66 63.49
N ASP I 554 6.90 -8.51 64.14
CA ASP I 554 5.68 -7.71 64.22
C ASP I 554 5.86 -6.45 63.38
N THR I 555 4.74 -5.92 62.91
CA THR I 555 4.77 -4.78 62.00
C THR I 555 3.47 -4.01 62.16
N HIS I 556 3.53 -2.84 62.77
CA HIS I 556 2.37 -1.97 62.90
C HIS I 556 2.57 -0.77 62.00
N THR I 557 1.48 -0.24 61.44
CA THR I 557 1.59 0.76 60.39
C THR I 557 0.36 1.64 60.35
N LYS I 558 0.53 2.95 60.44
CA LYS I 558 -0.57 3.88 60.31
C LYS I 558 -0.26 4.93 59.26
N ARG I 559 -1.26 5.31 58.49
CA ARG I 559 -1.17 6.43 57.56
C ARG I 559 -2.46 7.22 57.67
N ASN I 560 -2.39 8.41 58.24
CA ASN I 560 -3.53 9.30 58.32
C ASN I 560 -3.34 10.40 57.30
N LEU I 561 -4.43 10.80 56.66
CA LEU I 561 -4.34 11.70 55.53
C LEU I 561 -5.62 12.50 55.41
N MET I 562 -5.50 13.82 55.41
CA MET I 562 -6.62 14.69 55.14
C MET I 562 -6.26 15.67 54.04
N VAL I 563 -7.25 16.02 53.23
CA VAL I 563 -7.12 17.04 52.21
C VAL I 563 -8.23 18.04 52.42
N PHE I 564 -7.87 19.24 52.88
CA PHE I 564 -8.74 20.35 53.19
C PHE I 564 -8.70 21.39 52.09
N LEU I 565 -9.70 22.27 52.11
CA LEU I 565 -9.83 23.27 51.09
C LEU I 565 -10.38 24.54 51.72
N ARG I 566 -9.97 25.67 51.19
CA ARG I 566 -10.41 26.94 51.71
C ARG I 566 -10.59 27.93 50.56
N PRO I 567 -11.79 28.26 50.21
CA PRO I 567 -12.00 29.30 49.21
C PRO I 567 -12.25 30.66 49.82
N THR I 568 -11.73 31.71 49.20
CA THR I 568 -12.05 33.09 49.58
C THR I 568 -12.44 33.86 48.33
N VAL I 569 -13.62 34.46 48.35
CA VAL I 569 -14.13 35.22 47.22
C VAL I 569 -13.70 36.66 47.38
N VAL I 570 -13.00 37.19 46.39
CA VAL I 570 -12.69 38.61 46.32
C VAL I 570 -13.28 39.16 45.02
N ARG I 571 -14.01 40.26 45.14
CA ARG I 571 -14.56 40.94 43.98
C ARG I 571 -14.23 42.41 43.91
N ASP I 572 -13.84 43.04 45.01
CA ASP I 572 -13.25 44.37 45.00
C ASP I 572 -11.76 44.27 45.27
N SER I 573 -11.03 45.29 44.83
CA SER I 573 -9.59 45.29 44.99
C SER I 573 -9.15 45.52 46.44
N ALA I 574 -10.06 45.94 47.31
CA ALA I 574 -9.71 46.17 48.71
C ALA I 574 -9.38 44.87 49.42
N GLY I 575 -10.22 43.85 49.24
CA GLY I 575 -9.97 42.56 49.86
C GLY I 575 -8.77 41.87 49.26
N LEU I 576 -8.53 42.07 47.97
CA LEU I 576 -7.34 41.53 47.34
C LEU I 576 -6.07 42.20 47.88
N ALA I 577 -6.13 43.50 48.12
CA ALA I 577 -5.02 44.20 48.77
C ALA I 577 -4.82 43.70 50.19
N ALA I 578 -5.90 43.38 50.90
CA ALA I 578 -5.78 42.88 52.26
C ALA I 578 -5.13 41.49 52.30
N LEU I 579 -5.55 40.60 51.40
CA LEU I 579 -4.92 39.30 51.28
C LEU I 579 -3.45 39.42 50.92
N SER I 580 -3.14 40.32 49.98
CA SER I 580 -1.76 40.52 49.57
C SER I 580 -0.91 41.06 50.69
N GLY I 581 -1.45 41.99 51.49
CA GLY I 581 -0.72 42.52 52.62
C GLY I 581 -0.48 41.49 53.69
N LYS I 582 -1.47 40.63 53.95
CA LYS I 582 -1.28 39.58 54.95
C LYS I 582 -0.24 38.55 54.49
N LYS I 583 -0.31 38.12 53.23
CA LYS I 583 0.69 37.16 52.75
C LYS I 583 2.07 37.77 52.65
N TYR I 584 2.13 39.07 52.36
CA TYR I 584 3.43 39.72 52.24
C TYR I 584 4.06 39.93 53.60
N SER I 585 3.25 40.24 54.62
CA SER I 585 3.79 40.30 55.97
C SER I 585 4.19 38.90 56.45
N ASP I 586 3.42 37.88 56.07
CA ASP I 586 3.73 36.54 56.50
C ASP I 586 4.93 35.95 55.78
N ILE I 587 5.34 36.50 54.65
CA ILE I 587 6.61 36.10 54.08
C ILE I 587 7.74 37.00 54.58
N ARG I 588 7.44 38.25 54.97
CA ARG I 588 8.43 39.12 55.58
C ARG I 588 8.88 38.59 56.93
N VAL I 589 7.97 37.97 57.68
CA VAL I 589 8.35 37.42 58.97
C VAL I 589 9.22 36.17 58.78
N ILE I 590 9.07 35.47 57.65
CA ILE I 590 9.98 34.37 57.36
C ILE I 590 11.34 34.92 56.96
N ASP I 591 11.35 36.07 56.27
CA ASP I 591 12.60 36.79 56.11
C ASP I 591 13.15 37.29 57.44
N GLY I 592 12.28 37.54 58.42
CA GLY I 592 12.65 37.98 59.73
C GLY I 592 13.06 36.90 60.71
N THR I 593 13.30 35.68 60.24
CA THR I 593 13.78 34.62 61.11
C THR I 593 15.18 34.20 60.71
N PRO I 604 25.87 34.82 55.43
CA PRO I 604 24.82 34.86 56.45
C PRO I 604 23.42 34.96 55.87
N THR I 605 22.48 35.34 56.72
CA THR I 605 21.05 35.41 56.44
C THR I 605 20.51 36.79 56.81
N ASN I 606 21.20 37.83 56.32
CA ASN I 606 21.01 39.21 56.74
C ASN I 606 19.66 39.75 56.27
N ALA I 607 19.40 41.00 56.67
CA ALA I 607 18.06 41.59 56.64
C ALA I 607 17.59 41.79 55.21
N ASN I 608 16.45 41.19 54.87
CA ASN I 608 15.92 41.23 53.52
C ASN I 608 15.11 42.51 53.30
N GLN I 609 14.55 42.68 52.11
CA GLN I 609 14.16 44.01 51.68
C GLN I 609 12.70 44.07 51.28
N LEU I 610 12.05 45.20 51.57
CA LEU I 610 10.72 45.50 51.07
C LEU I 610 10.79 45.94 49.62
N PHE I 611 9.65 46.01 48.95
CA PHE I 611 9.58 46.61 47.62
C PHE I 611 8.55 47.71 47.60
N ASP I 612 8.33 48.25 46.41
CA ASP I 612 7.40 49.34 46.24
C ASP I 612 5.98 48.81 46.34
N GLY I 613 5.47 48.69 47.55
CA GLY I 613 4.13 48.19 47.78
C GLY I 613 3.04 49.11 47.24
N ASP J 174 -58.70 70.77 0.81
CA ASP J 174 -57.54 71.60 0.51
C ASP J 174 -56.23 70.84 0.69
N TYR J 175 -55.13 71.43 0.22
CA TYR J 175 -53.85 70.75 0.14
C TYR J 175 -52.98 71.15 1.33
N SER J 176 -52.25 70.20 1.89
CA SER J 176 -51.31 70.51 2.96
C SER J 176 -50.23 69.44 3.04
N VAL J 177 -49.14 69.79 3.72
CA VAL J 177 -48.05 68.87 4.00
C VAL J 177 -47.66 69.02 5.47
N ILE J 178 -47.47 67.88 6.14
CA ILE J 178 -47.08 67.86 7.55
C ILE J 178 -45.86 66.96 7.73
N ASN J 179 -45.23 67.13 8.88
CA ASN J 179 -44.12 66.32 9.33
C ASN J 179 -44.63 65.17 10.21
N LEU J 180 -43.70 64.31 10.60
CA LEU J 180 -43.91 63.32 11.64
C LEU J 180 -42.63 63.21 12.46
N ARG J 181 -42.76 63.10 13.77
CA ARG J 181 -41.59 62.95 14.63
C ARG J 181 -41.15 61.49 14.70
N TYR J 182 -42.02 60.62 15.17
CA TYR J 182 -41.78 59.18 15.21
C TYR J 182 -42.71 58.40 14.30
N GLY J 183 -43.74 59.02 13.73
CA GLY J 183 -44.71 58.29 12.94
C GLY J 183 -44.16 57.91 11.57
N TRP J 184 -44.69 56.82 11.03
CA TRP J 184 -44.31 56.32 9.71
C TRP J 184 -45.45 56.55 8.72
N VAL J 185 -45.13 57.22 7.61
CA VAL J 185 -46.10 57.38 6.53
C VAL J 185 -46.32 56.07 5.79
N MET J 186 -45.38 55.13 5.89
CA MET J 186 -45.55 53.82 5.29
C MET J 186 -46.72 53.08 5.93
N ASP J 187 -46.78 53.09 7.25
CA ASP J 187 -47.91 52.46 7.94
C ASP J 187 -49.18 53.29 7.78
N ALA J 188 -49.06 54.62 7.81
CA ALA J 188 -50.22 55.48 7.78
C ALA J 188 -50.83 55.64 6.39
N ALA J 189 -50.15 55.17 5.35
CA ALA J 189 -50.67 55.32 3.99
C ALA J 189 -51.91 54.45 3.79
N GLU J 190 -51.84 53.18 4.21
CA GLU J 190 -52.99 52.29 4.13
C GLU J 190 -54.11 52.74 5.06
N VAL J 191 -53.76 53.41 6.15
CA VAL J 191 -54.73 54.01 7.05
C VAL J 191 -55.51 55.10 6.33
N LEU J 192 -54.78 56.12 5.88
CA LEU J 192 -55.40 57.32 5.36
C LEU J 192 -56.02 57.14 3.99
N ASN J 193 -55.59 56.14 3.23
CA ASN J 193 -56.29 55.83 1.99
C ASN J 193 -57.68 55.28 2.27
N ASN J 194 -57.83 54.53 3.36
CA ASN J 194 -59.12 54.03 3.79
C ASN J 194 -59.76 54.91 4.85
N ALA J 195 -59.20 56.10 5.10
CA ALA J 195 -59.85 57.03 6.01
C ALA J 195 -61.14 57.57 5.42
N MET J 196 -61.15 57.78 4.11
CA MET J 196 -62.38 58.08 3.39
C MET J 196 -62.96 56.81 2.82
N SER J 197 -64.29 56.70 2.88
CA SER J 197 -64.99 55.45 2.59
C SER J 197 -64.93 55.12 1.10
N ARG J 198 -65.37 53.92 0.77
CA ARG J 198 -65.36 53.44 -0.61
C ARG J 198 -66.53 54.03 -1.39
N ALA J 205 -63.26 58.00 -4.05
CA ALA J 205 -62.39 58.18 -2.89
C ALA J 205 -62.46 59.62 -2.39
N GLY J 206 -62.33 60.58 -3.30
CA GLY J 206 -62.39 61.97 -2.93
C GLY J 206 -61.04 62.54 -2.55
N ALA J 207 -60.77 62.59 -1.25
CA ALA J 207 -59.49 63.10 -0.74
C ALA J 207 -58.34 62.17 -1.10
N GLN J 208 -57.12 62.69 -1.00
CA GLN J 208 -55.94 61.91 -1.34
C GLN J 208 -54.85 62.08 -0.27
N VAL J 209 -53.86 61.21 -0.35
CA VAL J 209 -52.79 61.14 0.62
C VAL J 209 -51.54 60.63 -0.08
N ILE J 210 -50.39 61.26 0.21
CA ILE J 210 -49.14 61.03 -0.48
C ILE J 210 -48.03 60.92 0.57
N ALA J 211 -47.26 59.85 0.51
CA ALA J 211 -46.24 59.57 1.49
C ALA J 211 -44.85 59.97 1.00
N ASP J 212 -43.98 60.33 1.96
CA ASP J 212 -42.55 60.52 1.73
C ASP J 212 -41.80 59.77 2.82
N ALA J 213 -41.29 58.58 2.47
CA ALA J 213 -40.59 57.75 3.44
C ALA J 213 -39.12 58.12 3.60
N ARG J 214 -38.59 59.00 2.76
CA ARG J 214 -37.23 59.47 2.98
C ARG J 214 -37.19 60.62 3.97
N THR J 215 -38.07 61.61 3.76
CA THR J 215 -38.15 62.77 4.61
C THR J 215 -39.38 62.76 5.50
N ASN J 216 -40.10 61.64 5.52
CA ASN J 216 -41.18 61.35 6.47
C ASN J 216 -42.31 62.38 6.36
N ARG J 217 -42.60 62.81 5.14
CA ARG J 217 -43.56 63.87 4.94
C ARG J 217 -44.90 63.30 4.52
N LEU J 218 -45.95 64.07 4.77
CA LEU J 218 -47.30 63.63 4.44
C LEU J 218 -48.02 64.74 3.70
N ILE J 219 -48.43 64.48 2.46
CA ILE J 219 -49.14 65.46 1.65
C ILE J 219 -50.58 64.99 1.52
N ILE J 220 -51.50 65.70 2.15
CA ILE J 220 -52.90 65.29 2.14
C ILE J 220 -53.74 66.35 1.46
N LEU J 221 -54.73 65.89 0.69
CA LEU J 221 -55.48 66.73 -0.23
C LEU J 221 -56.96 66.44 0.08
N GLY J 222 -57.55 67.18 1.02
CA GLY J 222 -58.91 66.89 1.42
C GLY J 222 -59.52 67.85 2.42
N PRO J 223 -60.45 67.34 3.23
CA PRO J 223 -61.22 68.22 4.11
C PRO J 223 -60.38 68.69 5.28
N PRO J 224 -60.68 69.86 5.85
CA PRO J 224 -59.84 70.39 6.94
C PRO J 224 -60.02 69.66 8.25
N GLN J 225 -61.18 69.05 8.50
CA GLN J 225 -61.36 68.33 9.76
C GLN J 225 -60.64 66.99 9.77
N ALA J 226 -60.54 66.30 8.62
CA ALA J 226 -59.70 65.12 8.54
C ALA J 226 -58.23 65.49 8.73
N ARG J 227 -57.84 66.65 8.19
CA ARG J 227 -56.51 67.21 8.45
C ARG J 227 -56.25 67.41 9.94
N ALA J 228 -57.18 68.07 10.63
CA ALA J 228 -56.96 68.39 12.04
C ALA J 228 -56.99 67.15 12.92
N LYS J 229 -58.00 66.30 12.73
CA LYS J 229 -58.12 65.09 13.55
C LYS J 229 -57.00 64.11 13.26
N LEU J 230 -56.47 64.09 12.05
CA LEU J 230 -55.40 63.14 11.80
C LEU J 230 -54.02 63.72 12.05
N VAL J 231 -53.89 65.04 12.14
CA VAL J 231 -52.70 65.61 12.76
C VAL J 231 -52.71 65.33 14.26
N GLN J 232 -53.89 65.34 14.89
CA GLN J 232 -53.95 64.94 16.29
C GLN J 232 -53.67 63.44 16.47
N LEU J 233 -54.16 62.60 15.54
CA LEU J 233 -53.78 61.19 15.57
C LEU J 233 -52.31 61.00 15.22
N ALA J 234 -51.73 61.92 14.45
CA ALA J 234 -50.30 61.88 14.20
C ALA J 234 -49.53 62.20 15.46
N GLN J 235 -50.00 63.19 16.23
CA GLN J 235 -49.33 63.61 17.45
C GLN J 235 -49.52 62.58 18.56
N SER J 236 -50.59 61.81 18.51
CA SER J 236 -50.71 60.63 19.37
C SER J 236 -50.02 59.41 18.77
N LEU J 237 -49.71 59.45 17.48
CA LEU J 237 -49.23 58.32 16.73
C LEU J 237 -47.72 58.25 16.72
N ASP J 238 -47.06 59.40 16.80
CA ASP J 238 -45.61 59.47 16.95
C ASP J 238 -45.16 59.39 18.41
N THR J 239 -46.01 58.89 19.28
CA THR J 239 -45.61 58.59 20.63
C THR J 239 -45.18 57.14 20.72
N PRO J 240 -44.09 56.82 21.43
CA PRO J 240 -43.74 55.42 21.64
C PRO J 240 -44.75 54.72 22.56
N THR J 241 -44.93 53.43 22.31
CA THR J 241 -45.90 52.60 23.02
C THR J 241 -45.30 51.20 23.05
N ALA J 242 -46.13 50.14 23.07
CA ALA J 242 -45.73 48.75 23.27
C ALA J 242 -44.77 48.20 22.21
N ARG J 243 -44.39 46.93 22.37
CA ARG J 243 -43.16 46.32 21.85
C ARG J 243 -41.96 47.27 21.98
N SER J 244 -41.79 47.80 23.18
CA SER J 244 -40.66 48.64 23.52
C SER J 244 -40.39 48.50 25.00
N ALA J 245 -39.13 48.19 25.34
CA ALA J 245 -38.68 47.89 26.71
C ALA J 245 -39.51 46.77 27.33
N ASN J 246 -39.56 45.63 26.64
CA ASN J 246 -40.23 44.44 27.12
C ASN J 246 -39.25 43.27 27.21
N THR J 247 -38.02 43.57 27.64
CA THR J 247 -36.93 42.62 27.69
C THR J 247 -36.52 42.33 29.13
N ARG J 248 -35.60 41.39 29.29
CA ARG J 248 -35.25 40.90 30.62
C ARG J 248 -33.87 40.25 30.58
N VAL J 249 -33.12 40.40 31.66
CA VAL J 249 -31.82 39.76 31.82
C VAL J 249 -31.82 38.97 33.11
N ILE J 250 -31.44 37.70 33.05
CA ILE J 250 -31.53 36.77 34.16
C ILE J 250 -30.14 36.20 34.43
N ARG J 251 -29.64 36.40 35.64
CA ARG J 251 -28.46 35.68 36.07
C ARG J 251 -28.84 34.27 36.50
N LEU J 252 -27.92 33.34 36.34
CA LEU J 252 -28.19 31.96 36.69
C LEU J 252 -27.29 31.49 37.80
N ARG J 253 -27.81 30.60 38.63
CA ARG J 253 -27.08 29.98 39.71
C ARG J 253 -27.18 28.47 39.58
N HIS J 254 -26.04 27.81 39.70
CA HIS J 254 -25.86 26.36 39.69
C HIS J 254 -26.24 25.72 38.37
N ASN J 255 -26.36 26.49 37.29
CA ASN J 255 -26.72 25.97 35.99
C ASN J 255 -26.04 26.78 34.89
N ASP J 256 -25.73 26.11 33.79
CA ASP J 256 -25.18 26.81 32.65
C ASP J 256 -26.30 27.54 31.90
N ALA J 257 -25.91 28.51 31.09
CA ALA J 257 -26.90 29.32 30.40
C ALA J 257 -27.39 28.65 29.13
N LYS J 258 -26.47 28.05 28.36
CA LYS J 258 -26.86 27.45 27.09
C LYS J 258 -27.62 26.15 27.31
N THR J 259 -27.26 25.41 28.37
CA THR J 259 -27.90 24.13 28.67
C THR J 259 -29.37 24.32 29.00
N LEU J 260 -29.69 25.29 29.84
CA LEU J 260 -31.09 25.61 30.06
C LEU J 260 -31.71 26.33 28.87
N ALA J 261 -30.89 27.00 28.06
CA ALA J 261 -31.42 27.79 26.96
C ALA J 261 -31.98 26.91 25.85
N GLU J 262 -31.37 25.74 25.61
CA GLU J 262 -31.96 24.81 24.65
C GLU J 262 -33.32 24.34 25.13
N THR J 263 -33.45 24.05 26.42
CA THR J 263 -34.71 23.54 26.95
C THR J 263 -35.79 24.61 26.97
N LEU J 264 -35.44 25.85 27.32
CA LEU J 264 -36.41 26.92 27.29
C LEU J 264 -36.81 27.28 25.86
N GLY J 265 -35.88 27.19 24.90
CA GLY J 265 -36.24 27.39 23.52
C GLY J 265 -37.10 26.27 22.97
N GLN J 266 -36.95 25.06 23.51
CA GLN J 266 -37.80 23.97 23.07
C GLN J 266 -39.14 23.93 23.79
N ILE J 267 -39.30 24.59 24.93
CA ILE J 267 -40.64 24.71 25.52
C ILE J 267 -41.33 26.01 25.13
N SER J 268 -40.62 26.96 24.56
CA SER J 268 -41.21 28.28 24.36
C SER J 268 -42.04 28.39 23.09
N GLU J 269 -42.23 27.30 22.35
CA GLU J 269 -43.21 27.34 21.26
C GLU J 269 -44.63 27.41 21.81
N GLY J 270 -44.88 26.78 22.94
CA GLY J 270 -46.21 26.77 23.51
C GLY J 270 -46.60 28.03 24.25
N MET J 271 -45.63 28.90 24.51
CA MET J 271 -45.94 30.21 25.07
C MET J 271 -46.12 31.28 24.00
N LYS J 272 -46.15 30.89 22.73
CA LYS J 272 -46.28 31.83 21.63
C LYS J 272 -47.73 31.99 21.20
N SER J 288 -46.54 38.12 20.86
CA SER J 288 -46.68 37.22 19.71
C SER J 288 -45.32 36.66 19.31
N ASN J 289 -44.27 37.04 20.04
CA ASN J 289 -42.92 36.59 19.78
C ASN J 289 -42.22 36.25 21.09
N ILE J 290 -41.22 35.37 20.99
CA ILE J 290 -40.58 34.82 22.17
C ILE J 290 -39.11 34.49 21.88
N LEU J 291 -38.20 35.08 22.64
CA LEU J 291 -36.77 34.95 22.34
C LEU J 291 -35.95 34.77 23.61
N ILE J 292 -35.34 33.60 23.77
CA ILE J 292 -34.50 33.31 24.91
C ILE J 292 -33.15 32.91 24.35
N ARG J 293 -32.14 33.74 24.58
CA ARG J 293 -30.81 33.39 24.14
C ARG J 293 -29.86 33.43 25.33
N ALA J 294 -28.66 32.92 25.15
CA ALA J 294 -27.80 32.63 26.28
C ALA J 294 -26.54 33.47 26.25
N ASP J 295 -25.77 33.36 27.34
CA ASP J 295 -24.44 33.91 27.42
C ASP J 295 -23.65 33.04 28.39
N GLU J 296 -22.62 32.39 27.88
CA GLU J 296 -21.79 31.53 28.71
C GLU J 296 -20.68 32.27 29.41
N SER J 297 -20.48 33.55 29.12
CA SER J 297 -19.41 34.31 29.76
C SER J 297 -19.77 34.64 31.21
N THR J 298 -20.83 35.42 31.38
CA THR J 298 -21.38 35.73 32.69
C THR J 298 -22.56 34.84 33.05
N ASN J 299 -22.75 33.73 32.32
CA ASN J 299 -23.69 32.66 32.62
C ASN J 299 -25.13 33.14 32.66
N ALA J 300 -25.44 34.13 31.84
CA ALA J 300 -26.71 34.83 31.94
C ALA J 300 -27.62 34.47 30.77
N LEU J 301 -28.85 34.95 30.85
CA LEU J 301 -29.90 34.51 29.95
C LEU J 301 -30.72 35.73 29.57
N VAL J 302 -30.84 35.99 28.29
CA VAL J 302 -31.54 37.16 27.80
C VAL J 302 -32.92 36.74 27.32
N LEU J 303 -33.93 37.31 27.94
CA LEU J 303 -35.33 37.04 27.65
C LEU J 303 -35.92 38.21 26.89
N LEU J 304 -36.80 37.88 25.95
CA LEU J 304 -37.60 38.88 25.27
C LEU J 304 -39.00 38.30 25.08
N ALA J 305 -39.96 38.85 25.81
CA ALA J 305 -41.30 38.28 25.87
C ALA J 305 -42.25 39.30 26.48
N ASP J 306 -43.53 39.01 26.30
CA ASP J 306 -44.59 39.76 26.97
C ASP J 306 -44.56 39.44 28.46
N PRO J 307 -44.99 40.38 29.33
CA PRO J 307 -44.77 40.22 30.78
C PRO J 307 -45.43 39.02 31.43
N ASP J 308 -46.53 38.49 30.88
CA ASP J 308 -47.05 37.21 31.35
C ASP J 308 -46.07 36.08 31.06
N THR J 309 -45.54 36.06 29.84
CA THR J 309 -44.54 35.06 29.48
C THR J 309 -43.25 35.27 30.25
N VAL J 310 -42.94 36.51 30.60
CA VAL J 310 -41.79 36.81 31.43
C VAL J 310 -41.97 36.23 32.82
N ASN J 311 -43.17 36.37 33.39
CA ASN J 311 -43.42 35.79 34.72
C ASN J 311 -43.44 34.27 34.69
N ALA J 312 -43.95 33.68 33.60
CA ALA J 312 -43.95 32.22 33.47
C ALA J 312 -42.52 31.68 33.36
N LEU J 313 -41.67 32.36 32.58
CA LEU J 313 -40.30 31.90 32.48
C LEU J 313 -39.51 32.18 33.75
N GLU J 314 -39.90 33.20 34.52
CA GLU J 314 -39.32 33.37 35.84
C GLU J 314 -39.74 32.24 36.79
N ASP J 315 -40.97 31.75 36.65
CA ASP J 315 -41.39 30.59 37.43
C ASP J 315 -40.64 29.33 37.03
N ILE J 316 -40.28 29.20 35.74
CA ILE J 316 -39.42 28.09 35.33
C ILE J 316 -38.04 28.22 35.94
N VAL J 317 -37.47 29.43 35.89
CA VAL J 317 -36.08 29.61 36.27
C VAL J 317 -35.91 29.50 37.78
N ARG J 318 -36.85 30.04 38.56
CA ARG J 318 -36.75 29.96 40.01
C ARG J 318 -36.94 28.55 40.55
N GLN J 319 -37.39 27.60 39.74
CA GLN J 319 -37.52 26.21 40.17
C GLN J 319 -36.53 25.30 39.46
N LEU J 320 -35.56 25.85 38.76
CA LEU J 320 -34.51 25.07 38.14
C LEU J 320 -33.11 25.47 38.59
N ASP J 321 -33.00 26.48 39.44
CA ASP J 321 -31.70 26.96 39.93
C ASP J 321 -31.66 26.73 41.43
N VAL J 322 -31.24 25.54 41.83
CA VAL J 322 -31.15 25.23 43.24
C VAL J 322 -29.73 24.83 43.57
N PRO J 323 -29.27 25.08 44.80
CA PRO J 323 -28.02 24.45 45.25
C PRO J 323 -28.21 22.96 45.41
N ARG J 324 -27.33 22.20 44.77
CA ARG J 324 -27.42 20.75 44.84
C ARG J 324 -26.87 20.25 46.17
N ALA J 325 -26.88 18.94 46.36
CA ALA J 325 -26.55 18.35 47.64
C ALA J 325 -25.22 17.59 47.57
N GLN J 326 -24.57 17.50 48.72
CA GLN J 326 -23.28 16.86 48.84
C GLN J 326 -23.37 15.59 49.67
N VAL J 327 -22.48 14.66 49.37
CA VAL J 327 -22.36 13.42 50.12
C VAL J 327 -20.93 13.31 50.59
N LEU J 328 -20.75 13.00 51.86
CA LEU J 328 -19.48 12.48 52.34
C LEU J 328 -19.61 10.97 52.45
N VAL J 329 -18.81 10.27 51.67
CA VAL J 329 -18.81 8.81 51.64
C VAL J 329 -17.59 8.32 52.39
N GLU J 330 -17.82 7.44 53.37
CA GLU J 330 -16.74 6.81 54.11
C GLU J 330 -16.84 5.32 53.83
N ALA J 331 -16.01 4.81 52.94
CA ALA J 331 -15.93 3.36 52.78
C ALA J 331 -14.87 2.82 53.72
N ALA J 332 -15.10 1.62 54.22
CA ALA J 332 -14.19 1.04 55.19
C ALA J 332 -13.98 -0.42 54.85
N ILE J 333 -12.76 -0.91 55.03
CA ILE J 333 -12.40 -2.26 54.65
C ILE J 333 -11.71 -2.88 55.84
N VAL J 334 -12.23 -4.01 56.31
CA VAL J 334 -11.60 -4.75 57.39
C VAL J 334 -11.19 -6.09 56.82
N GLU J 335 -9.98 -6.52 57.12
CA GLU J 335 -9.50 -7.85 56.77
C GLU J 335 -8.79 -8.45 57.95
N ILE J 336 -9.18 -9.65 58.35
CA ILE J 336 -8.41 -10.41 59.32
C ILE J 336 -7.93 -11.65 58.61
N SER J 337 -6.62 -11.76 58.44
CA SER J 337 -6.07 -12.94 57.82
C SER J 337 -5.27 -13.73 58.84
N GLY J 338 -5.06 -14.99 58.54
CA GLY J 338 -4.23 -15.80 59.39
C GLY J 338 -3.97 -17.16 58.79
N ASP J 339 -2.84 -17.75 59.12
CA ASP J 339 -2.58 -19.12 58.73
C ASP J 339 -1.59 -19.75 59.68
N ILE J 340 -1.60 -21.07 59.71
CA ILE J 340 -0.74 -21.84 60.59
C ILE J 340 -0.33 -23.12 59.88
N GLN J 341 0.97 -23.28 59.67
CA GLN J 341 1.49 -24.55 59.23
C GLN J 341 1.89 -25.39 60.42
N ASP J 342 2.13 -26.68 60.17
CA ASP J 342 2.63 -27.58 61.19
C ASP J 342 3.30 -28.74 60.46
N ALA J 343 4.63 -28.73 60.41
CA ALA J 343 5.36 -29.74 59.67
C ALA J 343 6.23 -30.52 60.65
N VAL J 344 6.10 -31.85 60.63
CA VAL J 344 6.83 -32.67 61.58
C VAL J 344 7.08 -34.05 60.98
N GLY J 345 8.33 -34.51 61.06
CA GLY J 345 8.67 -35.80 60.49
C GLY J 345 9.84 -36.50 61.15
N VAL J 346 9.71 -37.82 61.34
CA VAL J 346 10.75 -38.66 61.91
C VAL J 346 11.35 -39.48 60.78
N GLN J 347 12.67 -39.53 60.72
CA GLN J 347 13.37 -40.25 59.65
C GLN J 347 14.36 -41.22 60.28
N TRP J 348 14.38 -42.46 59.79
CA TRP J 348 15.20 -43.52 60.36
C TRP J 348 16.25 -43.98 59.36
N ALA J 349 17.50 -44.07 59.81
CA ALA J 349 18.67 -44.32 58.98
C ALA J 349 19.47 -45.48 59.53
N ILE J 350 18.82 -46.63 59.70
CA ILE J 350 19.48 -47.82 60.20
C ILE J 350 20.27 -48.46 59.07
N ASN J 351 21.55 -48.14 58.95
CA ASN J 351 22.38 -48.77 57.92
C ASN J 351 23.16 -49.95 58.49
N LYS J 352 22.41 -50.90 59.03
CA LYS J 352 22.97 -52.11 59.63
C LYS J 352 23.35 -53.06 58.50
N GLY J 353 24.60 -52.94 58.03
CA GLY J 353 25.18 -53.91 57.14
C GLY J 353 24.65 -53.94 55.71
N GLY J 354 25.37 -54.64 54.84
CA GLY J 354 24.91 -54.88 53.49
C GLY J 354 25.03 -53.70 52.55
N MET J 355 25.13 -53.98 51.24
CA MET J 355 25.03 -52.91 50.26
C MET J 355 23.59 -52.41 50.21
N GLY J 356 23.43 -51.10 50.36
CA GLY J 356 22.12 -50.53 50.56
C GLY J 356 22.10 -49.67 51.81
N GLY J 357 21.35 -50.11 52.82
CA GLY J 357 21.19 -49.34 54.03
C GLY J 357 19.73 -48.98 54.23
N THR J 358 19.14 -49.45 55.32
CA THR J 358 17.69 -49.48 55.47
C THR J 358 17.14 -48.11 55.90
N LYS J 359 17.41 -47.11 55.08
CA LYS J 359 17.08 -45.73 55.42
C LYS J 359 15.68 -45.38 54.94
N THR J 360 14.95 -44.64 55.79
CA THR J 360 13.57 -44.28 55.49
C THR J 360 13.55 -42.84 55.00
N ASN J 361 13.86 -42.66 53.72
CA ASN J 361 13.91 -41.35 53.09
C ASN J 361 12.50 -40.81 52.89
N PHE J 362 12.18 -39.72 53.58
CA PHE J 362 10.94 -38.98 53.38
C PHE J 362 11.30 -37.60 52.86
N ALA J 363 11.11 -37.39 51.56
CA ALA J 363 11.36 -36.08 50.95
C ALA J 363 10.12 -35.22 51.06
N ASN J 364 9.73 -34.95 52.30
CA ASN J 364 8.55 -34.14 52.60
C ASN J 364 8.96 -32.81 53.24
N THR J 365 9.69 -32.85 54.34
CA THR J 365 9.99 -31.66 55.12
C THR J 365 11.48 -31.41 55.02
N GLY J 366 11.86 -30.58 54.05
CA GLY J 366 13.20 -30.03 53.97
C GLY J 366 14.29 -31.05 53.71
N LEU J 367 15.05 -31.36 54.76
CA LEU J 367 16.14 -32.29 54.66
C LEU J 367 15.63 -33.72 54.48
N SER J 368 16.56 -34.62 54.24
CA SER J 368 16.27 -36.02 54.03
C SER J 368 17.52 -36.82 54.38
N ILE J 369 17.35 -38.13 54.49
CA ILE J 369 18.47 -38.99 54.85
C ILE J 369 19.43 -39.12 53.68
N GLY J 370 18.93 -39.11 52.44
CA GLY J 370 19.81 -39.18 51.29
C GLY J 370 20.71 -37.97 51.18
N THR J 371 20.14 -36.78 51.34
CA THR J 371 20.99 -35.61 51.44
C THR J 371 21.70 -35.50 52.78
N LEU J 372 21.35 -36.32 53.77
CA LEU J 372 22.15 -36.35 55.00
C LEU J 372 23.42 -37.17 54.82
N LEU J 373 23.33 -38.30 54.13
CA LEU J 373 24.53 -39.06 53.82
C LEU J 373 25.35 -38.38 52.74
N GLN J 374 24.73 -37.55 51.90
CA GLN J 374 25.52 -36.61 51.12
C GLN J 374 25.99 -35.43 51.95
N SER J 375 25.33 -35.15 53.08
CA SER J 375 25.80 -34.07 53.92
C SER J 375 26.98 -34.49 54.76
N LEU J 376 27.19 -35.79 54.90
CA LEU J 376 28.48 -36.28 55.39
C LEU J 376 29.62 -35.82 54.48
N GLU J 377 29.43 -35.94 53.17
CA GLU J 377 30.40 -35.40 52.23
C GLU J 377 30.33 -33.88 52.14
N SER J 378 29.22 -33.27 52.58
CA SER J 378 29.22 -31.82 52.71
C SER J 378 30.08 -31.39 53.89
N ASN J 379 29.92 -32.08 55.03
CA ASN J 379 30.76 -31.89 56.20
C ASN J 379 32.23 -32.18 55.87
N LYS J 380 32.48 -33.01 54.86
CA LYS J 380 33.83 -33.08 54.32
C LYS J 380 34.24 -31.74 53.70
N ALA J 381 33.78 -31.40 52.46
CA ALA J 381 34.20 -30.08 51.98
C ALA J 381 33.20 -28.91 52.13
N PRO J 382 31.94 -28.90 51.54
CA PRO J 382 31.17 -27.64 51.58
C PRO J 382 30.30 -27.31 52.81
N GLU J 383 29.70 -28.30 53.49
CA GLU J 383 28.80 -28.14 54.65
C GLU J 383 27.60 -27.24 54.30
N SER J 384 26.73 -27.78 53.44
CA SER J 384 25.72 -26.98 52.77
C SER J 384 24.29 -27.43 53.08
N ILE J 385 23.36 -26.53 52.75
CA ILE J 385 21.91 -26.73 52.65
C ILE J 385 21.25 -27.28 53.91
N PRO J 386 20.97 -26.45 54.92
CA PRO J 386 20.05 -26.86 55.98
C PRO J 386 18.62 -26.40 55.69
N ASP J 387 17.68 -26.96 56.46
CA ASP J 387 16.28 -26.54 56.41
C ASP J 387 15.56 -27.07 57.65
N GLY J 388 14.80 -26.19 58.31
CA GLY J 388 13.90 -26.61 59.37
C GLY J 388 14.59 -26.87 60.71
N ALA J 389 13.77 -26.93 61.77
CA ALA J 389 14.29 -27.18 63.11
C ALA J 389 14.59 -28.67 63.24
N ILE J 390 15.88 -29.01 63.15
CA ILE J 390 16.29 -30.40 63.02
C ILE J 390 16.92 -30.88 64.32
N VAL J 391 16.77 -32.17 64.60
CA VAL J 391 17.31 -32.82 65.79
C VAL J 391 17.84 -34.17 65.34
N GLY J 392 19.16 -34.34 65.37
CA GLY J 392 19.74 -35.59 64.90
C GLY J 392 20.29 -36.51 65.95
N ILE J 393 19.57 -37.57 66.30
CA ILE J 393 20.04 -38.57 67.26
C ILE J 393 20.66 -39.69 66.46
N GLY J 394 21.97 -39.79 66.48
CA GLY J 394 22.63 -40.83 65.70
C GLY J 394 23.88 -41.34 66.37
N SER J 395 24.17 -42.62 66.15
CA SER J 395 25.52 -43.13 66.39
C SER J 395 26.34 -43.08 65.10
N SER J 396 26.24 -41.94 64.42
CA SER J 396 27.02 -41.47 63.28
C SER J 396 26.79 -42.26 61.99
N SER J 397 26.18 -43.42 62.07
CA SER J 397 25.64 -44.15 60.94
C SER J 397 24.24 -44.65 61.22
N PHE J 398 24.00 -45.14 62.43
CA PHE J 398 22.68 -45.54 62.90
C PHE J 398 21.96 -44.25 63.27
N GLY J 399 21.15 -43.72 62.37
CA GLY J 399 20.65 -42.37 62.56
C GLY J 399 19.16 -42.23 62.74
N ALA J 400 18.73 -41.09 63.27
CA ALA J 400 17.32 -40.78 63.41
C ALA J 400 17.20 -39.26 63.44
N LEU J 401 16.64 -38.68 62.38
CA LEU J 401 16.54 -37.24 62.25
C LEU J 401 15.08 -36.82 62.40
N VAL J 402 14.82 -35.92 63.34
CA VAL J 402 13.49 -35.38 63.58
C VAL J 402 13.49 -33.94 63.10
N THR J 403 12.64 -33.63 62.13
CA THR J 403 12.58 -32.30 61.56
C THR J 403 11.21 -31.70 61.84
N ALA J 404 11.18 -30.48 62.36
CA ALA J 404 9.92 -29.86 62.72
C ALA J 404 9.98 -28.35 62.52
N LEU J 405 8.82 -27.78 62.18
CA LEU J 405 8.60 -26.35 62.06
C LEU J 405 7.13 -26.07 62.32
N SER J 406 6.84 -24.86 62.82
CA SER J 406 5.47 -24.41 63.01
C SER J 406 5.39 -22.92 62.74
N ALA J 407 5.12 -22.54 61.51
CA ALA J 407 4.84 -21.16 61.21
C ALA J 407 3.45 -20.78 61.67
N ASN J 408 3.27 -19.51 61.99
CA ASN J 408 2.00 -19.05 62.54
C ASN J 408 1.94 -17.54 62.26
N THR J 409 1.26 -17.14 61.20
CA THR J 409 1.20 -15.73 60.86
C THR J 409 -0.22 -15.24 61.00
N LYS J 410 -0.38 -14.03 61.49
CA LYS J 410 -1.66 -13.37 61.57
C LYS J 410 -1.53 -12.01 60.93
N SER J 411 -2.67 -11.39 60.64
CA SER J 411 -2.64 -10.10 59.97
C SER J 411 -3.99 -9.43 60.15
N ASN J 412 -3.99 -8.11 60.19
CA ASN J 412 -5.22 -7.38 60.44
C ASN J 412 -5.12 -6.03 59.74
N LEU J 413 -5.75 -5.92 58.60
CA LEU J 413 -5.77 -4.69 57.83
C LEU J 413 -7.07 -3.94 58.03
N LEU J 414 -6.98 -2.63 57.88
CA LEU J 414 -8.11 -1.73 57.98
C LEU J 414 -7.85 -0.56 57.05
N SER J 415 -8.88 -0.05 56.42
CA SER J 415 -8.70 1.13 55.59
C SER J 415 -9.99 1.92 55.60
N THR J 416 -9.88 3.24 55.56
CA THR J 416 -11.06 4.10 55.53
C THR J 416 -10.81 5.28 54.62
N PRO J 417 -10.99 5.11 53.31
CA PRO J 417 -11.08 6.27 52.44
C PRO J 417 -12.42 6.95 52.60
N SER J 418 -12.43 8.25 52.32
CA SER J 418 -13.63 9.05 52.53
C SER J 418 -13.50 10.33 51.72
N LEU J 419 -14.54 10.69 50.98
CA LEU J 419 -14.49 11.90 50.18
C LEU J 419 -15.83 12.61 50.14
N LEU J 420 -15.77 13.89 49.82
CA LEU J 420 -16.96 14.72 49.63
C LEU J 420 -17.19 14.88 48.14
N THR J 421 -18.47 14.91 47.76
CA THR J 421 -18.81 15.04 46.34
C THR J 421 -20.19 15.66 46.20
N LEU J 422 -20.48 16.11 44.99
CA LEU J 422 -21.85 16.36 44.57
C LEU J 422 -22.40 15.10 43.93
N ASP J 423 -23.68 15.15 43.56
CA ASP J 423 -24.24 14.08 42.76
C ASP J 423 -23.73 14.16 41.33
N ASN J 424 -23.65 13.00 40.68
CA ASN J 424 -23.31 12.84 39.27
C ASN J 424 -21.93 13.39 38.95
N GLN J 425 -21.02 13.32 39.93
CA GLN J 425 -19.68 13.87 39.80
C GLN J 425 -18.69 12.82 40.27
N LYS J 426 -17.92 12.29 39.34
CA LYS J 426 -17.03 11.17 39.59
C LYS J 426 -15.87 11.61 40.47
N ALA J 427 -16.01 11.42 41.78
CA ALA J 427 -14.90 11.69 42.68
C ALA J 427 -13.90 10.54 42.61
N GLU J 428 -12.80 10.69 43.33
CA GLU J 428 -11.73 9.71 43.29
C GLU J 428 -10.76 10.00 44.41
N ILE J 429 -10.30 8.98 45.09
CA ILE J 429 -9.08 9.09 45.88
C ILE J 429 -8.18 7.96 45.43
N LEU J 430 -6.91 8.26 45.30
CA LEU J 430 -5.94 7.24 44.95
C LEU J 430 -4.72 7.47 45.81
N VAL J 431 -4.35 6.51 46.63
CA VAL J 431 -3.19 6.66 47.49
C VAL J 431 -2.26 5.50 47.25
N GLY J 432 -0.99 5.79 46.99
CA GLY J 432 0.01 4.77 46.76
C GLY J 432 0.53 4.81 45.34
N GLN J 433 1.50 3.95 45.08
CA GLN J 433 2.48 4.10 44.02
C GLN J 433 1.86 4.02 42.63
N ASN J 434 2.68 4.38 41.64
CA ASN J 434 2.34 4.30 40.22
C ASN J 434 3.49 3.57 39.54
N VAL J 435 3.19 2.45 38.92
CA VAL J 435 4.22 1.51 38.46
C VAL J 435 4.11 1.37 36.96
N PRO J 436 5.18 0.92 36.30
CA PRO J 436 5.08 0.50 34.91
C PRO J 436 4.69 -0.97 34.81
N PHE J 437 4.20 -1.32 33.63
CA PHE J 437 3.94 -2.72 33.35
C PHE J 437 4.16 -2.92 31.87
N GLN J 438 4.71 -4.06 31.51
CA GLN J 438 4.97 -4.33 30.10
C GLN J 438 3.67 -4.65 29.40
N THR J 439 3.49 -4.09 28.22
CA THR J 439 2.48 -4.56 27.28
C THR J 439 3.18 -5.15 26.06
N GLY J 440 4.42 -5.61 26.25
CA GLY J 440 5.22 -6.13 25.16
C GLY J 440 6.68 -6.26 25.52
N THR J 454 9.26 -4.56 24.63
CA THR J 454 9.00 -3.58 25.68
C THR J 454 8.22 -2.40 25.14
N THR J 455 6.95 -2.31 25.51
CA THR J 455 6.12 -1.16 25.20
C THR J 455 5.28 -0.79 26.43
N VAL J 456 5.97 -0.57 27.55
CA VAL J 456 5.43 -0.47 28.90
C VAL J 456 4.46 0.69 29.08
N GLU J 457 3.77 0.71 30.22
CA GLU J 457 2.65 1.60 30.43
C GLU J 457 2.52 1.87 31.92
N ARG J 458 1.95 3.01 32.27
CA ARG J 458 1.84 3.43 33.66
C ARG J 458 0.49 3.05 34.23
N LYS J 459 0.48 2.71 35.52
CA LYS J 459 -0.69 2.09 36.13
C LYS J 459 -0.62 2.23 37.63
N ASP J 460 -1.76 2.56 38.25
CA ASP J 460 -1.79 2.98 39.64
C ASP J 460 -2.06 1.82 40.60
N ILE J 461 -1.36 1.83 41.72
CA ILE J 461 -1.33 0.74 42.69
C ILE J 461 -1.48 1.33 44.08
N GLY J 462 -2.53 0.92 44.79
CA GLY J 462 -2.74 1.39 46.14
C GLY J 462 -4.21 1.59 46.40
N VAL J 463 -4.55 2.09 47.60
CA VAL J 463 -5.94 2.21 48.01
C VAL J 463 -6.66 3.16 47.09
N SER J 464 -7.89 2.85 46.72
CA SER J 464 -8.57 3.70 45.76
C SER J 464 -10.05 3.64 45.95
N LEU J 465 -10.71 4.73 45.56
CA LEU J 465 -12.14 4.80 45.73
C LEU J 465 -12.72 5.68 44.65
N LYS J 466 -13.81 5.26 44.03
CA LYS J 466 -14.50 6.08 43.03
C LYS J 466 -15.99 6.01 43.29
N VAL J 467 -16.56 7.09 43.78
CA VAL J 467 -17.97 7.14 44.11
C VAL J 467 -18.67 7.93 43.01
N THR J 468 -19.89 7.55 42.68
CA THR J 468 -20.79 8.46 41.97
C THR J 468 -22.17 8.40 42.58
N PRO J 469 -22.62 9.45 43.25
CA PRO J 469 -23.94 9.42 43.88
C PRO J 469 -25.05 9.81 42.92
N HIS J 470 -26.27 9.66 43.41
CA HIS J 470 -27.47 10.20 42.79
C HIS J 470 -28.44 10.46 43.92
N ILE J 471 -28.84 11.72 44.09
CA ILE J 471 -29.37 12.19 45.35
C ILE J 471 -30.81 12.61 45.21
N ASN J 472 -31.67 11.94 45.95
CA ASN J 472 -33.06 12.31 46.08
C ASN J 472 -33.18 13.46 47.05
N ASP J 473 -34.23 14.25 46.92
CA ASP J 473 -34.53 15.28 47.91
C ASP J 473 -35.09 14.60 49.16
N GLY J 474 -34.18 14.03 49.95
CA GLY J 474 -34.58 13.33 51.14
C GLY J 474 -33.70 12.13 51.44
N ALA J 475 -34.32 11.01 51.79
CA ALA J 475 -33.60 9.81 52.18
C ALA J 475 -33.20 9.02 50.94
N ALA J 476 -32.52 7.89 51.17
CA ALA J 476 -32.30 6.82 50.19
C ALA J 476 -31.53 7.31 48.96
N LEU J 477 -30.26 7.62 49.20
CA LEU J 477 -29.36 7.97 48.12
C LEU J 477 -28.95 6.74 47.32
N ARG J 478 -28.58 6.94 46.06
CA ARG J 478 -28.01 5.88 45.25
C ARG J 478 -26.51 6.08 45.14
N LEU J 479 -25.74 5.00 45.22
CA LEU J 479 -24.30 5.08 45.08
C LEU J 479 -23.83 4.11 44.02
N GLU J 480 -22.85 4.53 43.23
CA GLU J 480 -22.19 3.65 42.29
C GLU J 480 -20.75 3.60 42.75
N ILE J 481 -20.40 2.55 43.44
CA ILE J 481 -19.12 2.45 44.12
C ILE J 481 -18.19 1.67 43.22
N GLU J 482 -16.95 2.10 43.12
CA GLU J 482 -15.91 1.26 42.55
C GLU J 482 -14.74 1.42 43.49
N GLN J 483 -14.67 0.55 44.47
CA GLN J 483 -13.63 0.65 45.47
C GLN J 483 -12.62 -0.43 45.18
N GLU J 484 -11.34 -0.16 45.48
CA GLU J 484 -10.39 -1.24 45.38
C GLU J 484 -9.25 -1.02 46.34
N ILE J 485 -8.55 -2.11 46.64
CA ILE J 485 -7.29 -2.06 47.35
C ILE J 485 -6.33 -2.94 46.60
N SER J 486 -5.28 -2.34 46.08
CA SER J 486 -4.22 -3.08 45.43
C SER J 486 -3.13 -3.39 46.45
N ALA J 487 -2.00 -3.86 45.96
CA ALA J 487 -0.75 -4.00 46.71
C ALA J 487 0.35 -4.28 45.69
N LEU J 488 1.54 -4.62 46.18
CA LEU J 488 2.63 -5.00 45.31
C LEU J 488 3.44 -6.02 46.08
N LEU J 489 3.94 -7.04 45.39
CA LEU J 489 4.41 -8.23 46.07
C LEU J 489 5.90 -8.47 45.85
N PRO J 490 6.73 -8.48 46.88
CA PRO J 490 8.16 -8.75 46.69
C PRO J 490 8.53 -10.21 46.92
N ASN J 491 7.61 -10.98 47.50
CA ASN J 491 7.96 -12.31 47.98
C ASN J 491 7.94 -13.34 46.86
N ALA J 492 6.75 -13.60 46.32
CA ALA J 492 6.55 -14.69 45.35
C ALA J 492 6.75 -14.12 43.96
N GLN J 493 8.01 -14.07 43.55
CA GLN J 493 8.36 -13.57 42.23
C GLN J 493 8.78 -14.75 41.35
N GLN J 494 8.21 -14.79 40.16
CA GLN J 494 8.46 -15.82 39.18
C GLN J 494 9.63 -15.40 38.30
N ARG J 495 9.78 -16.03 37.14
CA ARG J 495 10.77 -15.75 36.12
C ARG J 495 10.35 -14.56 35.22
N ASN J 496 9.47 -13.69 35.73
CA ASN J 496 8.85 -12.64 34.93
C ASN J 496 8.85 -11.35 35.72
N ASN J 497 8.01 -10.40 35.30
CA ASN J 497 8.05 -9.04 35.83
C ASN J 497 7.36 -8.92 37.18
N THR J 498 7.06 -7.69 37.56
CA THR J 498 6.40 -7.39 38.82
C THR J 498 5.04 -8.06 38.89
N ASP J 499 4.87 -8.91 39.91
CA ASP J 499 3.62 -9.63 40.13
C ASP J 499 2.68 -8.72 40.91
N LEU J 500 2.18 -7.72 40.20
CA LEU J 500 1.49 -6.59 40.81
C LEU J 500 0.12 -7.04 41.30
N ILE J 501 -0.10 -7.04 42.60
CA ILE J 501 -1.45 -7.37 43.08
C ILE J 501 -2.26 -6.11 42.84
N THR J 502 -2.80 -5.98 41.63
CA THR J 502 -3.45 -4.74 41.21
C THR J 502 -4.90 -4.71 41.66
N SER J 503 -5.50 -5.87 41.85
CA SER J 503 -6.66 -6.00 42.72
C SER J 503 -6.26 -6.97 43.81
N LYS J 504 -6.46 -6.57 45.05
CA LYS J 504 -6.60 -7.52 46.14
C LYS J 504 -7.99 -7.50 46.70
N ARG J 505 -8.62 -6.35 46.70
CA ARG J 505 -10.06 -6.31 46.78
C ARG J 505 -10.50 -5.40 45.67
N SER J 506 -11.58 -5.73 45.00
CA SER J 506 -12.00 -4.82 43.95
C SER J 506 -13.50 -4.97 43.80
N ILE J 507 -14.24 -4.21 44.57
CA ILE J 507 -15.68 -4.36 44.54
C ILE J 507 -16.26 -3.20 43.74
N LYS J 508 -16.94 -3.54 42.65
CA LYS J 508 -17.42 -2.55 41.71
C LYS J 508 -18.93 -2.67 41.68
N SER J 509 -19.60 -2.09 42.65
CA SER J 509 -21.00 -2.40 42.82
C SER J 509 -21.85 -1.15 42.67
N THR J 510 -23.15 -1.33 42.89
CA THR J 510 -24.08 -0.21 42.75
C THR J 510 -25.15 -0.42 43.81
N ILE J 511 -25.09 0.35 44.89
CA ILE J 511 -26.01 0.09 46.00
C ILE J 511 -26.91 1.29 46.21
N LEU J 512 -27.81 1.20 47.18
CA LEU J 512 -28.76 2.27 47.46
C LEU J 512 -28.95 2.33 48.96
N ALA J 513 -28.40 3.36 49.59
CA ALA J 513 -28.26 3.39 51.04
C ALA J 513 -29.08 4.51 51.66
N GLU J 514 -29.07 4.52 52.99
CA GLU J 514 -29.77 5.48 53.82
C GLU J 514 -28.75 6.32 54.57
N ASN J 515 -29.00 7.63 54.66
CA ASN J 515 -28.01 8.66 54.95
C ASN J 515 -27.42 8.63 56.36
N GLY J 516 -27.63 7.65 57.23
CA GLY J 516 -26.89 7.60 58.47
C GLY J 516 -26.57 6.18 58.83
N GLN J 517 -26.78 5.28 57.88
CA GLN J 517 -26.81 3.85 58.16
C GLN J 517 -25.50 3.21 57.71
N VAL J 518 -24.73 2.73 58.67
CA VAL J 518 -23.54 1.95 58.36
C VAL J 518 -24.02 0.61 57.81
N ILE J 519 -23.77 0.37 56.53
CA ILE J 519 -24.23 -0.83 55.87
C ILE J 519 -23.01 -1.64 55.42
N VAL J 520 -23.28 -2.85 54.95
CA VAL J 520 -22.25 -3.77 54.49
C VAL J 520 -22.41 -3.94 52.99
N ILE J 521 -21.33 -3.71 52.26
CA ILE J 521 -21.41 -3.88 50.82
C ILE J 521 -20.93 -5.25 50.42
N GLY J 522 -19.80 -5.71 50.95
CA GLY J 522 -19.25 -6.94 50.41
C GLY J 522 -18.48 -7.73 51.44
N GLY J 523 -18.13 -8.95 51.06
CA GLY J 523 -17.42 -9.77 52.01
C GLY J 523 -16.80 -10.98 51.38
N LEU J 524 -15.97 -11.63 52.18
CA LEU J 524 -15.31 -12.87 51.79
C LEU J 524 -14.89 -13.60 53.05
N ILE J 525 -15.34 -14.83 53.22
CA ILE J 525 -14.91 -15.67 54.33
C ILE J 525 -14.31 -16.91 53.72
N GLN J 526 -13.00 -17.05 53.81
CA GLN J 526 -12.29 -18.13 53.14
C GLN J 526 -11.58 -18.97 54.18
N ASP J 527 -12.01 -20.20 54.33
CA ASP J 527 -11.47 -21.12 55.31
C ASP J 527 -10.80 -22.28 54.59
N ASP J 528 -9.77 -22.82 55.21
CA ASP J 528 -8.99 -23.85 54.55
C ASP J 528 -8.29 -24.69 55.62
N VAL J 529 -8.20 -25.97 55.34
CA VAL J 529 -7.43 -26.91 56.15
C VAL J 529 -6.93 -28.00 55.23
N SER J 530 -5.63 -28.25 55.25
CA SER J 530 -5.01 -29.19 54.35
C SER J 530 -3.98 -29.98 55.13
N GLN J 531 -3.77 -31.22 54.74
CA GLN J 531 -2.85 -32.08 55.49
C GLN J 531 -2.36 -33.23 54.64
N ALA J 532 -1.04 -33.29 54.47
CA ALA J 532 -0.41 -34.37 53.74
C ALA J 532 0.38 -35.24 54.68
N GLU J 533 0.47 -36.52 54.36
CA GLU J 533 1.28 -37.45 55.12
C GLU J 533 2.19 -38.20 54.17
N SER J 534 3.18 -38.87 54.75
CA SER J 534 4.02 -39.80 54.01
C SER J 534 4.61 -40.77 55.03
N LYS J 535 4.28 -42.05 54.90
CA LYS J 535 4.70 -43.01 55.90
C LYS J 535 5.08 -44.33 55.24
N VAL J 536 5.79 -45.15 55.99
CA VAL J 536 5.89 -46.56 55.64
C VAL J 536 4.53 -47.22 55.87
N PRO J 537 3.97 -47.92 54.88
CA PRO J 537 2.54 -48.30 54.93
C PRO J 537 2.17 -49.30 56.00
N LEU J 538 3.12 -49.98 56.63
CA LEU J 538 2.77 -50.88 57.72
C LEU J 538 2.91 -50.23 59.09
N LEU J 539 3.91 -49.35 59.25
CA LEU J 539 4.33 -48.92 60.57
C LEU J 539 3.72 -47.61 61.02
N GLY J 540 3.32 -46.74 60.09
CA GLY J 540 2.68 -45.50 60.48
C GLY J 540 1.29 -45.68 61.07
N ASP J 541 0.65 -46.82 60.81
CA ASP J 541 -0.73 -47.02 61.21
C ASP J 541 -0.87 -47.29 62.69
N ILE J 542 0.16 -47.83 63.33
CA ILE J 542 0.10 -48.28 64.72
C ILE J 542 0.03 -47.07 65.64
N PRO J 543 -1.06 -46.88 66.40
CA PRO J 543 -1.22 -45.63 67.16
C PRO J 543 -0.49 -45.64 68.50
N LEU J 544 0.73 -46.15 68.49
CA LEU J 544 1.68 -46.06 69.59
C LEU J 544 3.04 -45.60 69.09
N LEU J 545 3.44 -46.03 67.90
CA LEU J 545 4.70 -45.61 67.29
C LEU J 545 4.47 -44.96 65.93
N GLY J 546 3.22 -44.61 65.61
CA GLY J 546 2.91 -44.04 64.32
C GLY J 546 3.52 -42.67 64.09
N ARG J 547 3.83 -41.95 65.17
CA ARG J 547 4.55 -40.70 65.02
C ARG J 547 5.98 -40.94 64.59
N LEU J 548 6.57 -42.06 64.99
CA LEU J 548 7.98 -42.32 64.72
C LEU J 548 8.27 -42.77 63.30
N PHE J 549 7.29 -42.80 62.44
CA PHE J 549 7.58 -43.20 61.07
C PHE J 549 7.02 -42.23 60.04
N ARG J 550 5.86 -41.63 60.29
CA ARG J 550 5.21 -40.80 59.29
C ARG J 550 5.89 -39.45 59.16
N SER J 551 5.36 -38.65 58.24
CA SER J 551 5.83 -37.29 58.03
C SER J 551 4.61 -36.48 57.63
N THR J 552 4.18 -35.56 58.50
CA THR J 552 2.94 -34.84 58.28
C THR J 552 3.20 -33.37 58.04
N LYS J 553 2.26 -32.75 57.36
CA LYS J 553 2.31 -31.33 57.04
C LYS J 553 0.90 -30.80 57.02
N ASP J 554 0.55 -29.98 58.00
CA ASP J 554 -0.78 -29.42 58.13
C ASP J 554 -0.74 -27.94 57.80
N THR J 555 -1.87 -27.42 57.35
CA THR J 555 -1.95 -26.04 56.89
C THR J 555 -3.38 -25.55 57.08
N HIS J 556 -3.59 -24.68 58.04
CA HIS J 556 -4.90 -24.07 58.25
C HIS J 556 -4.81 -22.60 57.84
N THR J 557 -5.91 -22.06 57.33
CA THR J 557 -5.86 -20.75 56.70
C THR J 557 -7.22 -20.08 56.75
N LYS J 558 -7.30 -18.87 57.29
CA LYS J 558 -8.53 -18.11 57.28
C LYS J 558 -8.28 -16.72 56.72
N ARG J 559 -9.25 -16.22 55.96
CA ARG J 559 -9.26 -14.84 55.48
C ARG J 559 -10.67 -14.32 55.62
N ASN J 560 -10.88 -13.42 56.57
CA ASN J 560 -12.16 -12.76 56.74
C ASN J 560 -12.06 -11.36 56.18
N LEU J 561 -13.12 -10.91 55.54
CA LEU J 561 -13.07 -9.66 54.81
C LEU J 561 -14.45 -9.04 54.75
N MET J 562 -14.56 -7.80 55.20
CA MET J 562 -15.79 -7.04 55.04
C MET J 562 -15.49 -5.70 54.41
N VAL J 563 -16.43 -5.22 53.62
CA VAL J 563 -16.37 -3.89 53.03
C VAL J 563 -17.66 -3.19 53.37
N PHE J 564 -17.56 -2.19 54.25
CA PHE J 564 -18.66 -1.38 54.76
C PHE J 564 -18.67 -0.02 54.10
N LEU J 565 -19.81 0.65 54.23
CA LEU J 565 -20.01 1.93 53.60
C LEU J 565 -20.84 2.81 54.50
N ARG J 566 -20.57 4.09 54.46
CA ARG J 566 -21.30 5.04 55.29
C ARG J 566 -21.52 6.34 54.53
N PRO J 567 -22.72 6.61 54.11
CA PRO J 567 -22.98 7.90 53.49
C PRO J 567 -23.54 8.92 54.46
N THR J 568 -23.16 10.17 54.32
CA THR J 568 -23.75 11.26 55.07
C THR J 568 -24.13 12.38 54.10
N VAL J 569 -25.40 12.78 54.12
CA VAL J 569 -25.90 13.81 53.24
C VAL J 569 -25.77 15.14 53.95
N VAL J 570 -25.06 16.08 53.31
CA VAL J 570 -25.01 17.46 53.77
C VAL J 570 -25.53 18.35 52.66
N ARG J 571 -26.45 19.24 53.01
CA ARG J 571 -26.98 20.20 52.06
C ARG J 571 -26.92 21.64 52.54
N ASP J 572 -26.77 21.87 53.85
CA ASP J 572 -26.43 23.18 54.36
C ASP J 572 -24.99 23.20 54.84
N SER J 573 -24.41 24.39 54.88
CA SER J 573 -23.02 24.50 55.29
C SER J 573 -22.80 24.27 56.78
N ALA J 574 -23.87 24.23 57.57
CA ALA J 574 -23.73 24.00 59.01
C ALA J 574 -23.24 22.58 59.28
N GLY J 575 -23.88 21.60 58.64
CA GLY J 575 -23.46 20.22 58.84
C GLY J 575 -22.09 19.93 58.26
N LEU J 576 -21.75 20.61 57.16
CA LEU J 576 -20.42 20.50 56.60
C LEU J 576 -19.36 21.08 57.53
N ALA J 577 -19.68 22.20 58.18
CA ALA J 577 -18.80 22.75 59.20
C ALA J 577 -18.67 21.82 60.39
N ALA J 578 -19.76 21.12 60.75
CA ALA J 578 -19.70 20.19 61.88
C ALA J 578 -18.82 18.99 61.56
N LEU J 579 -18.97 18.43 60.36
CA LEU J 579 -18.10 17.34 59.93
C LEU J 579 -16.65 17.77 59.88
N SER J 580 -16.40 18.97 59.36
CA SER J 580 -15.04 19.48 59.27
C SER J 580 -14.44 19.69 60.65
N GLY J 581 -15.22 20.20 61.60
CA GLY J 581 -14.73 20.38 62.95
C GLY J 581 -14.43 19.08 63.65
N LYS J 582 -15.27 18.06 63.43
CA LYS J 582 -15.01 16.76 64.03
C LYS J 582 -13.77 16.11 63.46
N LYS J 583 -13.60 16.14 62.13
CA LYS J 583 -12.41 15.55 61.53
C LYS J 583 -11.16 16.34 61.88
N TYR J 584 -11.30 17.65 62.04
CA TYR J 584 -10.14 18.46 62.38
C TYR J 584 -9.71 18.26 63.82
N SER J 585 -10.67 18.07 64.72
CA SER J 585 -10.31 17.71 66.09
C SER J 585 -9.73 16.31 66.14
N ASP J 586 -10.25 15.40 65.30
CA ASP J 586 -9.76 14.04 65.31
C ASP J 586 -8.39 13.91 64.67
N ILE J 587 -7.97 14.88 63.87
CA ILE J 587 -6.58 14.87 63.42
C ILE J 587 -5.70 15.66 64.37
N ARG J 588 -6.26 16.64 65.09
CA ARG J 588 -5.52 17.36 66.12
C ARG J 588 -5.15 16.45 67.28
N VAL J 589 -6.01 15.49 67.61
CA VAL J 589 -5.67 14.58 68.68
C VAL J 589 -4.58 13.60 68.25
N ILE J 590 -4.47 13.33 66.94
CA ILE J 590 -3.35 12.53 66.46
C ILE J 590 -2.07 13.36 66.50
N ASP J 591 -2.20 14.66 66.25
CA ASP J 591 -1.09 15.56 66.55
C ASP J 591 -0.79 15.60 68.04
N GLY J 592 -1.80 15.39 68.87
CA GLY J 592 -1.67 15.38 70.32
C GLY J 592 -1.18 14.08 70.94
N THR J 593 -0.68 13.15 70.13
CA THR J 593 -0.12 11.92 70.66
C THR J 593 1.38 11.85 70.39
N PRO J 604 12.31 15.69 67.51
CA PRO J 604 11.16 15.23 68.30
C PRO J 604 9.84 15.34 67.55
N THR J 605 8.75 15.27 68.31
CA THR J 605 7.37 15.25 67.83
C THR J 605 6.56 16.33 68.54
N ASN J 606 7.11 17.55 68.54
CA ASN J 606 6.63 18.66 69.35
C ASN J 606 5.26 19.14 68.88
N ALA J 607 4.73 20.13 69.62
CA ALA J 607 3.33 20.51 69.56
C ALA J 607 3.00 21.15 68.22
N ASN J 608 2.02 20.57 67.51
CA ASN J 608 1.65 21.02 66.18
C ASN J 608 0.65 22.17 66.27
N GLN J 609 0.21 22.68 65.12
CA GLN J 609 -0.35 24.02 65.11
C GLN J 609 -1.75 24.02 64.49
N LEU J 610 -2.61 24.88 65.03
CA LEU J 610 -3.91 25.17 64.45
C LEU J 610 -3.75 26.10 63.25
N PHE J 611 -4.81 26.26 62.46
CA PHE J 611 -4.83 27.26 61.41
C PHE J 611 -6.04 28.16 61.59
N ASP J 612 -6.21 29.05 60.62
CA ASP J 612 -7.30 30.01 60.68
C ASP J 612 -8.59 29.31 60.34
N GLY J 613 -9.21 28.69 61.34
CA GLY J 613 -10.45 27.98 61.16
C GLY J 613 -11.62 28.88 60.78
N ASP K 174 -70.21 57.61 13.87
CA ASP K 174 -69.20 58.64 14.09
C ASP K 174 -67.80 58.05 14.24
N TYR K 175 -66.78 58.91 14.20
CA TYR K 175 -65.39 58.47 14.13
C TYR K 175 -64.77 58.53 15.52
N SER K 176 -63.95 57.54 15.85
CA SER K 176 -63.23 57.57 17.12
C SER K 176 -61.98 56.70 17.02
N VAL K 177 -61.08 56.91 17.97
CA VAL K 177 -59.87 56.10 18.12
C VAL K 177 -59.69 55.77 19.60
N ILE K 178 -59.38 54.50 19.88
CA ILE K 178 -59.17 54.02 21.23
C ILE K 178 -57.84 53.29 21.33
N ASN K 179 -57.40 53.11 22.56
CA ASN K 179 -56.22 52.34 22.90
C ASN K 179 -56.61 50.91 23.24
N LEU K 180 -55.59 50.09 23.48
CA LEU K 180 -55.73 48.77 24.08
C LEU K 180 -54.56 48.54 25.02
N ARG K 181 -54.85 47.94 26.17
CA ARG K 181 -53.78 47.65 27.14
C ARG K 181 -53.08 46.35 26.78
N TYR K 182 -53.82 45.25 26.77
CA TYR K 182 -53.33 43.95 26.37
C TYR K 182 -53.98 43.42 25.10
N GLY K 183 -55.03 44.07 24.59
CA GLY K 183 -55.73 43.55 23.44
C GLY K 183 -54.96 43.78 22.14
N TRP K 184 -55.21 42.89 21.18
CA TRP K 184 -54.58 42.95 19.87
C TRP K 184 -55.60 43.38 18.82
N VAL K 185 -55.28 44.43 18.07
CA VAL K 185 -56.13 44.85 16.96
C VAL K 185 -56.01 43.88 15.78
N MET K 186 -54.93 43.09 15.75
CA MET K 186 -54.78 42.07 14.72
C MET K 186 -55.85 41.01 14.84
N ASP K 187 -56.09 40.54 16.06
CA ASP K 187 -57.15 39.56 16.28
C ASP K 187 -58.52 40.22 16.17
N ALA K 188 -58.65 41.44 16.67
CA ALA K 188 -59.95 42.10 16.72
C ALA K 188 -60.39 42.67 15.39
N ALA K 189 -59.51 42.70 14.38
CA ALA K 189 -59.88 43.26 13.09
C ALA K 189 -60.90 42.37 12.38
N GLU K 190 -60.65 41.06 12.36
CA GLU K 190 -61.58 40.11 11.78
C GLU K 190 -62.88 40.04 12.58
N VAL K 191 -62.79 40.31 13.88
CA VAL K 191 -63.97 40.40 14.73
C VAL K 191 -64.84 41.57 14.30
N LEU K 192 -64.28 42.78 14.36
CA LEU K 192 -65.04 43.99 14.17
C LEU K 192 -65.44 44.24 12.73
N ASN K 193 -64.74 43.64 11.77
CA ASN K 193 -65.21 43.72 10.39
C ASN K 193 -66.49 42.93 10.22
N ASN K 194 -66.63 41.82 10.94
CA ASN K 194 -67.85 41.02 10.94
C ASN K 194 -68.77 41.38 12.09
N ALA K 195 -68.48 42.45 12.82
CA ALA K 195 -69.40 42.90 13.86
C ALA K 195 -70.69 43.45 13.26
N MET K 196 -70.58 44.11 12.12
CA MET K 196 -71.74 44.49 11.33
C MET K 196 -72.01 43.42 10.28
N SER K 197 -73.28 43.14 10.05
CA SER K 197 -73.69 42.00 9.24
C SER K 197 -73.38 42.24 7.76
N ARG K 198 -73.56 41.19 6.97
CA ARG K 198 -73.29 41.25 5.55
C ARG K 198 -74.43 41.92 4.80
N ALA K 205 -71.66 46.98 4.27
CA ALA K 205 -71.00 46.85 5.56
C ALA K 205 -71.39 47.97 6.50
N GLY K 206 -71.33 49.21 6.00
CA GLY K 206 -71.70 50.36 6.80
C GLY K 206 -70.53 50.92 7.58
N ALA K 207 -70.43 50.53 8.86
CA ALA K 207 -69.36 50.99 9.72
C ALA K 207 -68.02 50.41 9.29
N GLN K 208 -66.94 51.01 9.77
CA GLN K 208 -65.60 50.57 9.42
C GLN K 208 -64.71 50.49 10.65
N VAL K 209 -63.56 49.84 10.47
CA VAL K 209 -62.62 49.57 11.54
C VAL K 209 -61.22 49.51 10.95
N ILE K 210 -60.27 50.15 11.64
CA ILE K 210 -58.91 50.34 11.15
C ILE K 210 -57.94 50.02 12.29
N ALA K 211 -56.98 49.16 12.01
CA ALA K 211 -56.05 48.66 13.01
C ALA K 211 -54.72 49.40 12.94
N ASP K 212 -54.05 49.49 14.11
CA ASP K 212 -52.66 49.95 14.22
C ASP K 212 -51.92 48.95 15.11
N ALA K 213 -51.16 48.06 14.49
CA ALA K 213 -50.45 47.03 15.23
C ALA K 213 -49.10 47.50 15.76
N ARG K 214 -48.64 48.69 15.37
CA ARG K 214 -47.43 49.22 15.98
C ARG K 214 -47.74 49.94 17.29
N THR K 215 -48.75 50.81 17.26
CA THR K 215 -49.15 51.56 18.44
C THR K 215 -50.45 51.07 19.03
N ASN K 216 -50.96 49.93 18.54
CA ASN K 216 -52.07 49.19 19.12
C ASN K 216 -53.34 50.03 19.16
N ARG K 217 -53.55 50.82 18.13
CA ARG K 217 -54.67 51.75 18.13
C ARG K 217 -55.82 51.20 17.30
N LEU K 218 -57.02 51.67 17.59
CA LEU K 218 -58.21 51.21 16.90
C LEU K 218 -59.03 52.41 16.47
N ILE K 219 -59.24 52.57 15.16
CA ILE K 219 -60.01 53.67 14.61
C ILE K 219 -61.30 53.09 14.06
N ILE K 220 -62.41 53.39 14.71
CA ILE K 220 -63.70 52.84 14.33
C ILE K 220 -64.63 53.96 13.90
N LEU K 221 -65.41 53.68 12.85
CA LEU K 221 -66.20 54.68 12.15
C LEU K 221 -67.61 54.12 12.06
N GLY K 222 -68.43 54.37 13.07
CA GLY K 222 -69.75 53.79 13.10
C GLY K 222 -70.66 54.22 14.24
N PRO K 223 -71.57 53.35 14.65
CA PRO K 223 -72.60 53.73 15.61
C PRO K 223 -72.01 53.86 17.01
N PRO K 224 -72.59 54.70 17.86
CA PRO K 224 -72.00 54.90 19.20
C PRO K 224 -72.20 53.73 20.15
N GLN K 225 -73.25 52.92 19.96
CA GLN K 225 -73.45 51.78 20.84
C GLN K 225 -72.50 50.63 20.54
N ALA K 226 -72.13 50.43 19.26
CA ALA K 226 -71.08 49.48 18.95
C ALA K 226 -69.74 49.95 19.51
N ARG K 227 -69.50 51.26 19.48
CA ARG K 227 -68.35 51.85 20.14
C ARG K 227 -68.32 51.53 21.63
N ALA K 228 -69.44 51.77 22.32
CA ALA K 228 -69.46 51.60 23.77
C ALA K 228 -69.36 50.12 24.17
N LYS K 229 -70.16 49.27 23.52
CA LYS K 229 -70.15 47.85 23.85
C LYS K 229 -68.84 47.18 23.45
N LEU K 230 -68.17 47.68 22.43
CA LEU K 230 -66.92 47.03 22.07
C LEU K 230 -65.72 47.67 22.75
N VAL K 231 -65.85 48.87 23.29
CA VAL K 231 -64.87 49.34 24.28
C VAL K 231 -65.01 48.53 25.57
N GLN K 232 -66.24 48.15 25.94
CA GLN K 232 -66.39 47.26 27.09
C GLN K 232 -65.86 45.86 26.81
N LEU K 233 -66.06 45.36 25.58
CA LEU K 233 -65.45 44.09 25.20
C LEU K 233 -63.94 44.24 25.07
N ALA K 234 -63.45 45.44 24.77
CA ALA K 234 -62.02 45.67 24.79
C ALA K 234 -61.47 45.62 26.21
N GLN K 235 -62.21 46.20 27.16
CA GLN K 235 -61.80 46.23 28.56
C GLN K 235 -61.92 44.86 29.21
N SER K 236 -62.81 44.01 28.70
CA SER K 236 -62.81 42.61 29.08
C SER K 236 -61.84 41.78 28.24
N LEU K 237 -61.39 42.34 27.12
CA LEU K 237 -60.61 41.61 26.13
C LEU K 237 -59.13 41.76 26.38
N ASP K 238 -58.71 42.88 26.96
CA ASP K 238 -57.33 43.08 27.38
C ASP K 238 -57.06 42.55 28.78
N THR K 239 -57.90 41.65 29.26
CA THR K 239 -57.62 40.94 30.49
C THR K 239 -56.93 39.61 30.16
N PRO K 240 -55.91 39.22 30.91
CA PRO K 240 -55.32 37.88 30.69
C PRO K 240 -56.29 36.79 31.12
N THR K 241 -56.19 35.64 30.43
CA THR K 241 -57.08 34.51 30.62
C THR K 241 -56.23 33.27 30.29
N ALA K 242 -56.84 32.19 29.80
CA ALA K 242 -56.21 30.88 29.59
C ALA K 242 -55.05 30.89 28.61
N ARG K 243 -54.46 29.71 28.40
CA ARG K 243 -53.08 29.49 27.93
C ARG K 243 -52.10 30.48 28.58
N SER K 244 -52.18 30.54 29.91
CA SER K 244 -51.29 31.37 30.71
C SER K 244 -51.18 30.73 32.09
N ALA K 245 -49.94 30.49 32.52
CA ALA K 245 -49.61 29.77 33.76
C ALA K 245 -50.28 28.41 33.82
N ASN K 246 -50.03 27.60 32.79
CA ASN K 246 -50.52 26.24 32.72
C ASN K 246 -49.36 25.25 32.59
N THR K 247 -48.28 25.53 33.30
CA THR K 247 -47.04 24.78 33.22
C THR K 247 -46.77 24.06 34.54
N ARG K 248 -45.70 23.25 34.54
CA ARG K 248 -45.45 22.36 35.66
C ARG K 248 -43.97 21.96 35.65
N VAL K 249 -43.40 21.81 36.84
CA VAL K 249 -42.03 21.34 37.01
C VAL K 249 -42.05 20.13 37.94
N ILE K 250 -41.43 19.03 37.51
CA ILE K 250 -41.48 17.76 38.22
C ILE K 250 -40.05 17.32 38.53
N ARG K 251 -39.75 17.13 39.80
CA ARG K 251 -38.52 16.46 40.18
C ARG K 251 -38.68 14.96 40.02
N LEU K 252 -37.58 14.29 39.74
CA LEU K 252 -37.64 12.84 39.55
C LEU K 252 -36.80 12.14 40.59
N ARG K 253 -37.26 10.94 40.95
CA ARG K 253 -36.56 10.08 41.88
C ARG K 253 -36.36 8.72 41.23
N HIS K 254 -35.13 8.21 41.34
CA HIS K 254 -34.69 6.91 40.87
C HIS K 254 -34.77 6.74 39.35
N ASN K 255 -34.91 7.82 38.60
CA ASN K 255 -35.00 7.76 37.16
C ASN K 255 -34.35 8.99 36.55
N ASP K 256 -33.77 8.82 35.36
CA ASP K 256 -33.24 9.95 34.63
C ASP K 256 -34.38 10.74 33.98
N ALA K 257 -34.07 11.98 33.63
CA ALA K 257 -35.10 12.84 33.09
C ALA K 257 -35.30 12.63 31.60
N LYS K 258 -34.20 12.48 30.86
CA LYS K 258 -34.31 12.32 29.41
C LYS K 258 -34.83 10.93 29.04
N THR K 259 -34.47 9.93 29.84
CA THR K 259 -34.90 8.56 29.56
C THR K 259 -36.40 8.41 29.66
N LEU K 260 -37.00 8.97 30.70
CA LEU K 260 -38.46 9.00 30.77
C LEU K 260 -39.04 10.00 29.79
N ALA K 261 -38.27 11.03 29.42
CA ALA K 261 -38.81 12.08 28.57
C ALA K 261 -39.04 11.59 27.15
N GLU K 262 -38.20 10.68 26.65
CA GLU K 262 -38.49 10.09 25.33
C GLU K 262 -39.78 9.30 25.37
N THR K 263 -40.02 8.56 26.46
CA THR K 263 -41.21 7.73 26.54
C THR K 263 -42.46 8.56 26.72
N LEU K 264 -42.39 9.63 27.52
CA LEU K 264 -43.55 10.51 27.67
C LEU K 264 -43.83 11.31 26.41
N GLY K 265 -42.78 11.68 25.66
CA GLY K 265 -43.00 12.32 24.38
C GLY K 265 -43.56 11.37 23.34
N GLN K 266 -43.26 10.08 23.46
CA GLN K 266 -43.83 9.12 22.54
C GLN K 266 -45.21 8.65 22.93
N ILE K 267 -45.63 8.83 24.20
CA ILE K 267 -47.03 8.55 24.53
C ILE K 267 -47.90 9.79 24.49
N SER K 268 -47.31 10.98 24.41
CA SER K 268 -48.12 12.18 24.56
C SER K 268 -48.79 12.64 23.27
N GLU K 269 -48.69 11.87 22.19
CA GLU K 269 -49.50 12.18 21.02
C GLU K 269 -50.96 11.86 21.28
N GLY K 270 -51.23 10.82 22.08
CA GLY K 270 -52.60 10.44 22.35
C GLY K 270 -53.30 11.29 23.39
N MET K 271 -52.56 12.13 24.10
CA MET K 271 -53.17 13.09 25.01
C MET K 271 -53.41 14.44 24.33
N LYS K 272 -53.23 14.52 23.02
CA LYS K 272 -53.38 15.78 22.31
C LYS K 272 -54.77 15.90 21.69
N SER K 288 -54.71 21.83 23.66
CA SER K 288 -54.54 21.40 22.27
C SER K 288 -53.06 21.21 21.95
N ASN K 289 -52.21 21.42 22.95
CA ASN K 289 -50.77 21.28 22.80
C ASN K 289 -50.19 20.59 24.02
N ILE K 290 -49.04 19.95 23.82
CA ILE K 290 -48.45 19.09 24.85
C ILE K 290 -46.93 19.09 24.73
N LEU K 291 -46.24 19.48 25.80
CA LEU K 291 -44.78 19.65 25.74
C LEU K 291 -44.11 19.14 27.00
N ILE K 292 -43.32 18.09 26.86
CA ILE K 292 -42.58 17.52 27.97
C ILE K 292 -41.12 17.52 27.57
N ARG K 293 -40.33 18.35 28.24
CA ARG K 293 -38.90 18.36 27.96
C ARG K 293 -38.14 18.08 29.25
N ALA K 294 -36.85 17.84 29.11
CA ALA K 294 -36.10 17.27 30.22
C ALA K 294 -35.02 18.23 30.71
N ASP K 295 -34.39 17.83 31.81
CA ASP K 295 -33.19 18.48 32.32
C ASP K 295 -32.38 17.44 33.07
N GLU K 296 -31.20 17.15 32.56
CA GLU K 296 -30.34 16.17 33.19
C GLU K 296 -29.47 16.76 34.29
N SER K 297 -29.49 18.07 34.48
CA SER K 297 -28.66 18.67 35.53
C SER K 297 -29.26 18.41 36.91
N THR K 298 -30.46 18.93 37.14
CA THR K 298 -31.21 18.67 38.35
C THR K 298 -32.24 17.56 38.17
N ASN K 299 -32.12 16.78 37.09
CA ASN K 299 -32.88 15.55 36.84
C ASN K 299 -34.38 15.81 36.77
N ALA K 300 -34.76 16.97 36.29
CA ALA K 300 -36.15 17.41 36.39
C ALA K 300 -36.82 17.38 35.02
N LEU K 301 -38.12 17.63 35.03
CA LEU K 301 -38.96 17.40 33.87
C LEU K 301 -39.93 18.56 33.77
N VAL K 302 -39.94 19.24 32.65
CA VAL K 302 -40.78 20.42 32.47
C VAL K 302 -41.98 20.02 31.63
N LEU K 303 -43.16 20.19 32.22
CA LEU K 303 -44.43 19.86 31.61
C LEU K 303 -45.14 21.13 31.19
N LEU K 304 -45.81 21.06 30.05
CA LEU K 304 -46.70 22.12 29.61
C LEU K 304 -47.92 21.47 28.99
N ALA K 305 -49.06 21.57 29.67
CA ALA K 305 -50.26 20.86 29.29
C ALA K 305 -51.45 21.46 30.02
N ASP K 306 -52.64 21.08 29.53
CA ASP K 306 -53.87 21.40 30.22
C ASP K 306 -53.98 20.57 31.49
N PRO K 307 -54.68 21.06 32.53
CA PRO K 307 -54.61 20.43 33.86
C PRO K 307 -55.11 18.99 33.93
N ASP K 308 -56.02 18.56 33.04
CA ASP K 308 -56.34 17.14 32.96
C ASP K 308 -55.14 16.33 32.49
N THR K 309 -54.46 16.82 31.45
CA THR K 309 -53.27 16.15 30.95
C THR K 309 -52.14 16.24 31.98
N VAL K 310 -52.11 17.31 32.77
CA VAL K 310 -51.14 17.44 33.85
C VAL K 310 -51.38 16.36 34.91
N ASN K 311 -52.65 16.13 35.26
CA ASN K 311 -52.95 15.09 36.25
C ASN K 311 -52.69 13.69 35.70
N ALA K 312 -52.93 13.48 34.41
CA ALA K 312 -52.64 12.18 33.81
C ALA K 312 -51.14 11.91 33.78
N LEU K 313 -50.35 12.91 33.44
CA LEU K 313 -48.90 12.71 33.44
C LEU K 313 -48.35 12.62 34.86
N GLU K 314 -49.02 13.23 35.84
CA GLU K 314 -48.64 12.98 37.22
C GLU K 314 -48.95 11.55 37.64
N ASP K 315 -50.04 10.99 37.11
CA ASP K 315 -50.32 9.58 37.38
C ASP K 315 -49.32 8.65 36.72
N ILE K 316 -48.79 9.04 35.56
CA ILE K 316 -47.70 8.28 34.96
C ILE K 316 -46.44 8.37 35.82
N VAL K 317 -46.10 9.58 36.27
CA VAL K 317 -44.84 9.79 36.95
C VAL K 317 -44.83 9.16 38.33
N ARG K 318 -45.95 9.26 39.06
CA ARG K 318 -46.02 8.67 40.38
C ARG K 318 -46.00 7.15 40.38
N GLN K 319 -46.16 6.50 39.23
CA GLN K 319 -46.08 5.06 39.14
C GLN K 319 -44.86 4.60 38.37
N LEU K 320 -43.93 5.49 38.07
CA LEU K 320 -42.67 5.13 37.43
C LEU K 320 -41.45 5.53 38.24
N ASP K 321 -41.63 6.16 39.38
CA ASP K 321 -40.52 6.59 40.23
C ASP K 321 -40.62 5.85 41.55
N VAL K 322 -40.04 4.66 41.59
CA VAL K 322 -40.07 3.87 42.82
C VAL K 322 -38.65 3.57 43.24
N PRO K 323 -38.39 3.42 44.53
CA PRO K 323 -37.13 2.85 44.97
C PRO K 323 -37.05 1.39 44.58
N ARG K 324 -35.96 1.02 43.90
CA ARG K 324 -35.79 -0.34 43.46
C ARG K 324 -35.32 -1.22 44.62
N ALA K 325 -35.11 -2.49 44.35
CA ALA K 325 -34.84 -3.46 45.40
C ALA K 325 -33.40 -3.96 45.32
N GLN K 326 -32.89 -4.37 46.48
CA GLN K 326 -31.52 -4.83 46.60
C GLN K 326 -31.48 -6.31 46.93
N VAL K 327 -30.41 -6.95 46.50
CA VAL K 327 -30.14 -8.35 46.79
C VAL K 327 -28.78 -8.43 47.45
N LEU K 328 -28.71 -9.16 48.55
CA LEU K 328 -27.43 -9.64 49.05
C LEU K 328 -27.28 -11.09 48.63
N VAL K 329 -26.28 -11.35 47.81
CA VAL K 329 -26.00 -12.69 47.30
C VAL K 329 -24.82 -13.26 48.05
N GLU K 330 -24.99 -14.44 48.62
CA GLU K 330 -23.92 -15.17 49.30
C GLU K 330 -23.71 -16.45 48.51
N ALA K 331 -22.70 -16.49 47.67
CA ALA K 331 -22.32 -17.75 47.04
C ALA K 331 -21.30 -18.44 47.92
N ALA K 332 -21.36 -19.77 47.94
CA ALA K 332 -20.49 -20.54 48.81
C ALA K 332 -19.96 -21.73 48.05
N ILE K 333 -18.71 -22.08 48.27
CA ILE K 333 -18.06 -23.15 47.53
C ILE K 333 -17.41 -24.07 48.54
N VAL K 334 -17.77 -25.34 48.51
CA VAL K 334 -17.14 -26.34 49.37
C VAL K 334 -16.43 -27.32 48.48
N GLU K 335 -15.20 -27.66 48.83
CA GLU K 335 -14.45 -28.69 48.14
C GLU K 335 -13.78 -29.59 49.16
N ILE K 336 -13.99 -30.89 49.05
CA ILE K 336 -13.22 -31.84 49.84
C ILE K 336 -12.42 -32.66 48.85
N SER K 337 -11.11 -32.53 48.89
CA SER K 337 -10.28 -33.32 48.02
C SER K 337 -9.48 -34.31 48.84
N GLY K 338 -9.01 -35.34 48.18
CA GLY K 338 -8.15 -36.28 48.85
C GLY K 338 -7.56 -37.29 47.89
N ASP K 339 -6.38 -37.80 48.19
CA ASP K 339 -5.84 -38.90 47.42
C ASP K 339 -4.86 -39.69 48.28
N ILE K 340 -4.64 -40.93 47.85
CA ILE K 340 -3.75 -41.84 48.56
C ILE K 340 -3.03 -42.70 47.55
N GLN K 341 -1.71 -42.61 47.54
CA GLN K 341 -0.91 -43.56 46.80
C GLN K 341 -0.51 -44.71 47.70
N ASP K 342 -0.01 -45.77 47.07
CA ASP K 342 0.53 -46.91 47.81
C ASP K 342 1.50 -47.62 46.87
N ALA K 343 2.78 -47.42 47.06
CA ALA K 343 3.78 -48.00 46.17
C ALA K 343 4.65 -48.95 46.96
N VAL K 344 4.78 -50.19 46.48
CA VAL K 344 5.53 -51.20 47.23
C VAL K 344 6.11 -52.22 46.24
N GLY K 345 7.40 -52.52 46.39
CA GLY K 345 8.04 -53.46 45.49
C GLY K 345 9.23 -54.19 46.07
N VAL K 346 9.33 -55.48 45.80
CA VAL K 346 10.43 -56.33 46.22
C VAL K 346 11.31 -56.61 45.01
N GLN K 347 12.62 -56.45 45.18
CA GLN K 347 13.55 -56.63 44.08
C GLN K 347 14.63 -57.63 44.51
N TRP K 348 14.94 -58.59 43.65
CA TRP K 348 15.86 -59.68 43.97
C TRP K 348 17.10 -59.60 43.07
N ALA K 349 18.27 -59.68 43.69
CA ALA K 349 19.56 -59.44 43.06
C ALA K 349 20.50 -60.61 43.32
N ILE K 350 20.06 -61.81 42.97
CA ILE K 350 20.86 -63.02 43.15
C ILE K 350 21.89 -63.09 42.04
N ASN K 351 23.09 -62.59 42.27
CA ASN K 351 24.14 -62.69 41.25
C ASN K 351 25.06 -63.88 41.52
N LYS K 352 24.43 -65.06 41.57
CA LYS K 352 25.14 -66.31 41.82
C LYS K 352 25.82 -66.73 40.52
N GLY K 353 27.07 -66.30 40.37
CA GLY K 353 27.93 -66.79 39.30
C GLY K 353 27.60 -66.37 37.89
N GLY K 354 28.53 -66.60 36.97
CA GLY K 354 28.31 -66.40 35.55
C GLY K 354 28.31 -64.95 35.11
N MET K 355 28.62 -64.72 33.83
CA MET K 355 28.44 -63.39 33.27
C MET K 355 26.96 -63.11 33.13
N GLY K 356 26.54 -61.97 33.67
CA GLY K 356 25.12 -61.68 33.81
C GLY K 356 24.79 -61.35 35.25
N GLY K 357 24.02 -62.22 35.89
CA GLY K 357 23.57 -61.96 37.25
C GLY K 357 22.07 -61.90 37.30
N THR K 358 21.44 -62.81 38.04
CA THR K 358 20.01 -63.08 37.90
C THR K 358 19.17 -62.04 38.65
N LYS K 359 19.35 -60.78 38.28
CA LYS K 359 18.72 -59.68 39.00
C LYS K 359 17.35 -59.36 38.43
N THR K 360 16.40 -59.09 39.31
CA THR K 360 15.02 -58.82 38.91
C THR K 360 14.79 -57.32 38.94
N ASN K 361 15.22 -56.66 37.87
CA ASN K 361 15.10 -55.21 37.73
C ASN K 361 13.65 -54.83 37.49
N PHE K 362 13.05 -54.12 38.43
CA PHE K 362 11.73 -53.52 38.27
C PHE K 362 11.89 -52.01 38.31
N ALA K 363 11.82 -51.37 37.15
CA ALA K 363 11.90 -49.91 37.07
C ALA K 363 10.50 -49.33 37.23
N ASN K 364 9.92 -49.56 38.40
CA ASN K 364 8.60 -49.07 38.73
C ASN K 364 8.65 -48.04 39.85
N THR K 365 9.24 -48.38 40.98
CA THR K 365 9.21 -47.52 42.16
C THR K 365 10.64 -47.05 42.43
N GLY K 366 10.97 -45.89 41.87
CA GLY K 366 12.17 -45.17 42.22
C GLY K 366 13.46 -45.88 41.85
N LEU K 367 14.13 -46.43 42.84
CA LEU K 367 15.38 -47.13 42.64
C LEU K 367 15.17 -48.44 41.89
N SER K 368 16.29 -49.06 41.55
CA SER K 368 16.28 -50.31 40.82
C SER K 368 17.60 -51.02 41.11
N ILE K 369 17.67 -52.29 40.74
CA ILE K 369 18.89 -53.06 40.99
C ILE K 369 19.99 -52.64 40.04
N GLY K 370 19.64 -52.24 38.81
CA GLY K 370 20.66 -51.78 37.88
C GLY K 370 21.33 -50.50 38.35
N THR K 371 20.53 -49.54 38.80
CA THR K 371 21.13 -48.38 39.42
C THR K 371 21.63 -48.68 40.82
N LEU K 372 21.32 -49.84 41.41
CA LEU K 372 21.95 -50.20 42.68
C LEU K 372 23.37 -50.72 42.47
N LEU K 373 23.58 -51.53 41.44
CA LEU K 373 24.93 -51.97 41.11
C LEU K 373 25.73 -50.84 40.49
N GLN K 374 25.08 -49.86 39.88
CA GLN K 374 25.77 -48.60 39.62
C GLN K 374 25.90 -47.75 40.87
N SER K 375 25.07 -47.98 41.88
CA SER K 375 25.21 -47.22 43.12
C SER K 375 26.35 -47.75 43.96
N LEU K 376 26.78 -48.98 43.69
CA LEU K 376 28.06 -49.45 44.21
C LEU K 376 29.20 -48.54 43.74
N GLU K 377 29.20 -48.21 42.45
CA GLU K 377 30.16 -47.23 41.93
C GLU K 377 29.81 -45.82 42.36
N SER K 378 28.57 -45.56 42.77
CA SER K 378 28.28 -44.26 43.37
C SER K 378 28.89 -44.17 44.77
N ASN K 379 28.72 -45.24 45.55
CA ASN K 379 29.37 -45.38 46.85
C ASN K 379 30.89 -45.34 46.71
N LYS K 380 31.41 -45.70 45.54
CA LYS K 380 32.81 -45.39 45.27
C LYS K 380 33.04 -43.88 45.21
N ALA K 381 32.68 -43.18 44.11
CA ALA K 381 32.91 -41.73 44.18
C ALA K 381 31.69 -40.84 44.53
N PRO K 382 30.53 -40.79 43.76
CA PRO K 382 29.54 -39.74 44.08
C PRO K 382 28.48 -39.99 45.17
N GLU K 383 28.00 -41.24 45.35
CA GLU K 383 26.94 -41.61 46.32
C GLU K 383 25.65 -40.82 46.08
N SER K 384 25.01 -41.13 44.95
CA SER K 384 23.96 -40.28 44.41
C SER K 384 22.61 -41.00 44.28
N ILE K 385 21.58 -40.16 44.11
CA ILE K 385 20.22 -40.50 43.69
C ILE K 385 19.52 -41.55 44.56
N PRO K 386 18.96 -41.19 45.71
CA PRO K 386 18.00 -42.06 46.39
C PRO K 386 16.56 -41.72 46.02
N ASP K 387 15.66 -42.64 46.37
CA ASP K 387 14.22 -42.43 46.22
C ASP K 387 13.48 -43.45 47.05
N GLY K 388 12.48 -42.99 47.81
CA GLY K 388 11.55 -43.87 48.49
C GLY K 388 12.11 -44.50 49.76
N ALA K 389 11.20 -45.05 50.58
CA ALA K 389 11.57 -45.70 51.83
C ALA K 389 12.14 -47.07 51.50
N ILE K 390 13.46 -47.19 51.53
CA ILE K 390 14.15 -48.38 51.03
C ILE K 390 14.68 -49.21 52.19
N VAL K 391 14.75 -50.52 51.98
CA VAL K 391 15.24 -51.48 52.96
C VAL K 391 16.08 -52.49 52.18
N GLY K 392 17.39 -52.49 52.40
CA GLY K 392 18.24 -53.38 51.64
C GLY K 392 18.83 -54.56 52.41
N ILE K 393 18.28 -55.75 52.24
CA ILE K 393 18.79 -56.95 52.89
C ILE K 393 19.72 -57.61 51.88
N GLY K 394 21.02 -57.55 52.10
CA GLY K 394 21.94 -58.13 51.15
C GLY K 394 23.17 -58.69 51.83
N SER K 395 23.73 -59.74 51.25
CA SER K 395 25.10 -60.12 51.55
C SER K 395 26.06 -59.51 50.53
N SER K 396 25.84 -58.22 50.26
CA SER K 396 26.64 -57.27 49.50
C SER K 396 26.72 -57.56 48.00
N SER K 397 26.33 -58.74 47.57
CA SER K 397 26.09 -59.08 46.19
C SER K 397 24.78 -59.83 46.02
N PHE K 398 24.49 -60.76 46.93
CA PHE K 398 23.21 -61.46 46.99
C PHE K 398 22.23 -60.50 47.64
N GLY K 399 21.45 -59.80 46.83
CA GLY K 399 20.69 -58.69 47.38
C GLY K 399 19.18 -58.82 47.32
N ALA K 400 18.50 -58.02 48.12
CA ALA K 400 17.04 -57.95 48.09
C ALA K 400 16.63 -56.59 48.61
N LEU K 401 16.11 -55.75 47.72
CA LEU K 401 15.76 -54.38 48.06
C LEU K 401 14.24 -54.23 48.09
N VAL K 402 13.71 -53.78 49.21
CA VAL K 402 12.28 -53.54 49.36
C VAL K 402 12.07 -52.05 49.40
N THR K 403 11.29 -51.52 48.46
CA THR K 403 11.06 -50.09 48.37
C THR K 403 9.57 -49.82 48.57
N ALA K 404 9.26 -48.88 49.46
CA ALA K 404 7.86 -48.61 49.77
C ALA K 404 7.67 -47.13 50.10
N LEU K 405 6.48 -46.64 49.77
CA LEU K 405 6.00 -45.30 50.11
C LEU K 405 4.49 -45.33 50.18
N SER K 406 3.92 -44.43 50.98
CA SER K 406 2.48 -44.27 51.06
C SER K 406 2.14 -42.80 51.31
N ALA K 407 1.96 -42.04 50.23
CA ALA K 407 1.49 -40.68 50.37
C ALA K 407 -0.01 -40.70 50.68
N ASN K 408 -0.47 -39.66 51.37
CA ASN K 408 -1.86 -39.59 51.79
C ASN K 408 -2.15 -38.12 52.04
N THR K 409 -2.76 -37.46 51.07
CA THR K 409 -3.04 -36.04 51.23
C THR K 409 -4.54 -35.83 51.25
N LYS K 410 -4.99 -34.90 52.09
CA LYS K 410 -6.36 -34.49 52.14
C LYS K 410 -6.41 -32.99 52.02
N SER K 411 -7.60 -32.46 51.76
CA SER K 411 -7.73 -31.03 51.58
C SER K 411 -9.19 -30.65 51.73
N ASN K 412 -9.44 -29.44 52.21
CA ASN K 412 -10.81 -29.02 52.46
C ASN K 412 -10.88 -27.51 52.29
N LEU K 413 -11.38 -27.07 51.15
CA LEU K 413 -11.52 -25.67 50.85
C LEU K 413 -12.95 -25.22 51.05
N LEU K 414 -13.10 -23.95 51.38
CA LEU K 414 -14.38 -23.30 51.56
C LEU K 414 -14.23 -21.85 51.15
N SER K 415 -15.26 -21.29 50.55
CA SER K 415 -15.20 -19.88 50.21
C SER K 415 -16.61 -19.32 50.25
N THR K 416 -16.74 -18.07 50.68
CA THR K 416 -18.05 -17.42 50.73
C THR K 416 -17.93 -15.97 50.31
N PRO K 417 -17.91 -15.69 49.02
CA PRO K 417 -18.10 -14.31 48.59
C PRO K 417 -19.55 -13.92 48.73
N SER K 418 -19.77 -12.62 48.90
CA SER K 418 -21.10 -12.10 49.14
C SER K 418 -21.11 -10.61 48.85
N LEU K 419 -22.11 -10.16 48.10
CA LEU K 419 -22.19 -8.74 47.78
C LEU K 419 -23.63 -8.25 47.73
N LEU K 420 -23.77 -6.94 47.88
CA LEU K 420 -25.06 -6.26 47.76
C LEU K 420 -25.14 -5.62 46.39
N THR K 421 -26.34 -5.61 45.81
CA THR K 421 -26.52 -5.02 44.50
C THR K 421 -27.97 -4.58 44.32
N LEU K 422 -28.18 -3.76 43.30
CA LEU K 422 -29.50 -3.57 42.74
C LEU K 422 -29.74 -4.57 41.64
N ASP K 423 -30.94 -4.56 41.07
CA ASP K 423 -31.18 -5.33 39.87
C ASP K 423 -30.52 -4.68 38.67
N ASN K 424 -30.16 -5.51 37.70
CA ASN K 424 -29.62 -5.09 36.40
C ASN K 424 -28.33 -4.29 36.55
N GLN K 425 -27.56 -4.58 37.59
CA GLN K 425 -26.34 -3.86 37.90
C GLN K 425 -25.23 -4.87 38.17
N LYS K 426 -24.27 -4.91 37.26
CA LYS K 426 -23.22 -5.91 37.28
C LYS K 426 -22.29 -5.68 38.45
N ALA K 427 -22.55 -6.35 39.57
CA ALA K 427 -21.63 -6.29 40.69
C ALA K 427 -20.44 -7.18 40.43
N GLU K 428 -19.48 -7.16 41.34
CA GLU K 428 -18.24 -7.91 41.17
C GLU K 428 -17.49 -7.92 42.49
N ILE K 429 -16.92 -9.05 42.85
CA ILE K 429 -15.86 -9.07 43.84
C ILE K 429 -14.72 -9.83 43.21
N LEU K 430 -13.52 -9.34 43.42
CA LEU K 430 -12.33 -10.02 42.92
C LEU K 430 -11.30 -9.96 44.02
N VAL K 431 -10.85 -11.10 44.52
CA VAL K 431 -9.86 -11.12 45.58
C VAL K 431 -8.71 -11.99 45.14
N GLY K 432 -7.50 -11.45 45.23
CA GLY K 432 -6.31 -12.18 44.85
C GLY K 432 -5.64 -11.56 43.64
N GLN K 433 -4.49 -12.14 43.30
CA GLN K 433 -3.43 -11.49 42.55
C GLN K 433 -3.84 -11.13 41.11
N ASN K 434 -3.00 -10.33 40.47
CA ASN K 434 -3.13 -9.94 39.07
C ASN K 434 -1.79 -10.22 38.40
N VAL K 435 -1.80 -11.08 37.40
CA VAL K 435 -0.56 -11.64 36.85
C VAL K 435 -0.46 -11.23 35.39
N PRO K 436 0.74 -11.27 34.83
CA PRO K 436 0.90 -11.17 33.38
C PRO K 436 0.80 -12.54 32.73
N PHE K 437 0.54 -12.51 31.43
CA PHE K 437 0.59 -13.74 30.66
C PHE K 437 1.02 -13.35 29.26
N GLN K 438 1.82 -14.20 28.64
CA GLN K 438 2.28 -13.90 27.30
C GLN K 438 1.17 -14.13 26.31
N THR K 439 1.03 -13.20 25.36
CA THR K 439 0.26 -13.43 24.16
C THR K 439 1.20 -13.45 22.96
N GLY K 440 2.46 -13.77 23.21
CA GLY K 440 3.47 -13.76 22.17
C GLY K 440 4.88 -13.82 22.72
N THR K 454 7.19 -11.58 22.94
CA THR K 454 6.62 -11.09 24.19
C THR K 454 5.71 -9.90 23.94
N THR K 455 4.40 -10.12 24.09
CA THR K 455 3.41 -9.07 24.03
C THR K 455 2.38 -9.27 25.15
N VAL K 456 2.88 -9.39 26.38
CA VAL K 456 2.16 -9.85 27.56
C VAL K 456 0.98 -8.97 27.94
N GLU K 457 0.17 -9.46 28.88
CA GLU K 457 -1.12 -8.86 29.17
C GLU K 457 -1.49 -9.17 30.61
N ARG K 458 -2.30 -8.31 31.22
CA ARG K 458 -2.66 -8.44 32.62
C ARG K 458 -3.98 -9.18 32.78
N LYS K 459 -4.07 -9.96 33.85
CA LYS K 459 -5.18 -10.91 33.99
C LYS K 459 -5.31 -11.32 35.45
N ASP K 460 -6.56 -11.38 35.92
CA ASP K 460 -6.85 -11.50 37.35
C ASP K 460 -7.02 -12.95 37.79
N ILE K 461 -6.46 -13.25 38.96
CA ILE K 461 -6.35 -14.61 39.50
C ILE K 461 -6.79 -14.59 40.94
N GLY K 462 -7.81 -15.36 41.28
CA GLY K 462 -8.28 -15.44 42.65
C GLY K 462 -9.78 -15.54 42.69
N VAL K 463 -10.35 -15.56 43.89
CA VAL K 463 -11.78 -15.78 44.06
C VAL K 463 -12.55 -14.66 43.40
N SER K 464 -13.64 -14.98 42.73
CA SER K 464 -14.33 -13.94 42.01
C SER K 464 -15.80 -14.24 41.90
N LEU K 465 -16.59 -13.20 41.78
CA LEU K 465 -18.03 -13.38 41.70
C LEU K 465 -18.62 -12.25 40.90
N LYS K 466 -19.53 -12.55 39.98
CA LYS K 466 -20.23 -11.53 39.21
C LYS K 466 -21.70 -11.88 39.16
N VAL K 467 -22.51 -11.14 39.86
CA VAL K 467 -23.95 -11.39 39.93
C VAL K 467 -24.63 -10.36 39.06
N THR K 468 -25.72 -10.76 38.40
CA THR K 468 -26.68 -9.78 37.87
C THR K 468 -28.09 -10.24 38.18
N PRO K 469 -28.80 -9.57 39.07
CA PRO K 469 -30.16 -10.01 39.40
C PRO K 469 -31.20 -9.44 38.44
N HIS K 470 -32.42 -9.92 38.63
CA HIS K 470 -33.61 -9.35 38.02
C HIS K 470 -34.75 -9.64 38.97
N ILE K 471 -35.39 -8.60 39.47
CA ILE K 471 -36.15 -8.69 40.71
C ILE K 471 -37.62 -8.44 40.46
N ASN K 472 -38.42 -9.44 40.76
CA ASN K 472 -39.86 -9.32 40.75
C ASN K 472 -40.30 -8.63 42.02
N ASP K 473 -41.47 -8.00 41.96
CA ASP K 473 -42.07 -7.44 43.16
C ASP K 473 -42.65 -8.58 43.99
N GLY K 474 -41.76 -9.28 44.70
CA GLY K 474 -42.15 -10.42 45.50
C GLY K 474 -41.11 -11.52 45.54
N ALA K 475 -41.54 -12.76 45.36
CA ALA K 475 -40.66 -13.90 45.45
C ALA K 475 -39.98 -14.14 44.11
N ALA K 476 -39.14 -15.19 44.06
CA ALA K 476 -38.60 -15.79 42.84
C ALA K 476 -37.79 -14.78 42.02
N LEU K 477 -36.64 -14.42 42.56
CA LEU K 477 -35.69 -13.59 41.86
C LEU K 477 -34.97 -14.38 40.77
N ARG K 478 -34.48 -13.68 39.74
CA ARG K 478 -33.63 -14.30 38.74
C ARG K 478 -32.19 -13.87 38.98
N LEU K 479 -31.26 -14.80 38.83
CA LEU K 479 -29.85 -14.48 38.99
C LEU K 479 -29.07 -14.93 37.77
N GLU K 480 -28.10 -14.14 37.37
CA GLU K 480 -27.17 -14.52 36.31
C GLU K 480 -25.82 -14.55 36.98
N ILE K 481 -25.37 -15.72 37.33
CA ILE K 481 -24.19 -15.89 38.16
C ILE K 481 -23.03 -16.16 37.24
N GLU K 482 -21.88 -15.56 37.51
CA GLU K 482 -20.64 -15.99 36.89
C GLU K 482 -19.65 -16.03 38.02
N GLN K 483 -19.54 -17.18 38.66
CA GLN K 483 -18.66 -17.31 39.80
C GLN K 483 -17.43 -18.07 39.36
N GLU K 484 -16.28 -17.77 39.95
CA GLU K 484 -15.14 -18.61 39.67
C GLU K 484 -14.19 -18.59 40.83
N ILE K 485 -13.34 -19.60 40.87
CA ILE K 485 -12.21 -19.66 41.78
C ILE K 485 -11.02 -20.07 40.97
N SER K 486 -10.04 -19.20 40.88
CA SER K 486 -8.79 -19.51 40.22
C SER K 486 -7.80 -20.02 41.25
N ALA K 487 -6.54 -20.12 40.86
CA ALA K 487 -5.40 -20.36 41.72
C ALA K 487 -4.14 -20.10 40.89
N LEU K 488 -3.00 -20.44 41.44
CA LEU K 488 -1.75 -20.34 40.70
C LEU K 488 -0.85 -21.45 41.22
N LEU K 489 -0.09 -22.08 40.33
CA LEU K 489 0.51 -23.35 40.66
C LEU K 489 2.03 -23.29 40.63
N PRO K 490 2.72 -23.57 41.74
CA PRO K 490 4.18 -23.57 41.73
C PRO K 490 4.79 -24.94 41.52
N ASN K 491 3.97 -25.99 41.62
CA ASN K 491 4.49 -27.35 41.68
C ASN K 491 4.80 -27.90 40.30
N ALA K 492 3.76 -28.09 39.49
CA ALA K 492 3.89 -28.77 38.21
C ALA K 492 4.15 -27.71 37.15
N GLN K 493 5.41 -27.35 37.01
CA GLN K 493 5.84 -26.38 36.02
C GLN K 493 6.56 -27.08 34.88
N GLN K 494 6.16 -26.77 33.68
CA GLN K 494 6.72 -27.33 32.45
C GLN K 494 7.90 -26.48 32.01
N ARG K 495 8.29 -26.63 30.75
CA ARG K 495 9.33 -25.86 30.08
C ARG K 495 8.80 -24.49 29.57
N ASN K 496 7.74 -23.99 30.17
CA ASN K 496 7.02 -22.82 29.67
C ASN K 496 6.69 -21.91 30.84
N ASN K 497 5.75 -21.00 30.62
CA ASN K 497 5.47 -19.93 31.57
C ASN K 497 4.61 -20.39 32.74
N THR K 498 4.03 -19.42 33.44
CA THR K 498 3.17 -19.68 34.58
C THR K 498 1.97 -20.52 34.18
N ASP K 499 1.84 -21.69 34.81
CA ASP K 499 0.73 -22.60 34.55
C ASP K 499 -0.46 -22.17 35.40
N LEU K 500 -1.04 -21.05 34.99
CA LEU K 500 -2.00 -20.32 35.81
C LEU K 500 -3.32 -21.10 35.86
N ILE K 501 -3.69 -21.59 37.03
CA ILE K 501 -5.00 -22.25 37.11
C ILE K 501 -6.00 -21.11 37.16
N THR K 502 -6.40 -20.62 35.98
CA THR K 502 -7.21 -19.41 35.89
C THR K 502 -8.69 -19.73 36.06
N SER K 503 -9.08 -20.95 35.74
CA SER K 503 -10.28 -21.55 36.29
C SER K 503 -9.85 -22.78 37.04
N LYS K 504 -10.28 -22.88 38.29
CA LYS K 504 -10.36 -24.17 38.95
C LYS K 504 -11.79 -24.54 39.23
N ARG K 505 -12.62 -23.56 39.49
CA ARG K 505 -14.05 -23.74 39.32
C ARG K 505 -14.50 -22.56 38.52
N SER K 506 -15.41 -22.77 37.60
CA SER K 506 -15.86 -21.60 36.85
C SER K 506 -17.28 -21.88 36.40
N ILE K 507 -18.24 -21.57 37.23
CA ILE K 507 -19.61 -21.87 36.88
C ILE K 507 -20.29 -20.60 36.42
N LYS K 508 -20.75 -20.60 35.19
CA LYS K 508 -21.30 -19.40 34.56
C LYS K 508 -22.74 -19.70 34.22
N SER K 509 -23.62 -19.60 35.19
CA SER K 509 -24.95 -20.15 34.98
C SER K 509 -25.99 -19.06 35.11
N THR K 510 -27.25 -19.45 35.02
CA THR K 510 -28.36 -18.51 35.10
C THR K 510 -29.50 -19.21 35.82
N ILE K 511 -29.71 -18.89 37.08
CA ILE K 511 -30.69 -19.65 37.85
C ILE K 511 -31.82 -18.74 38.28
N LEU K 512 -32.80 -19.29 38.98
CA LEU K 512 -33.96 -18.53 39.43
C LEU K 512 -34.34 -19.04 40.82
N ALA K 513 -34.08 -18.24 41.83
CA ALA K 513 -34.13 -18.72 43.21
C ALA K 513 -35.21 -18.02 44.01
N GLU K 514 -35.36 -18.49 45.24
CA GLU K 514 -36.33 -17.99 46.21
C GLU K 514 -35.58 -17.36 47.37
N ASN K 515 -36.09 -16.21 47.84
CA ASN K 515 -35.35 -15.24 48.65
C ASN K 515 -34.94 -15.69 50.04
N GLY K 516 -35.08 -16.94 50.47
CA GLY K 516 -34.49 -17.33 51.73
C GLY K 516 -33.95 -18.74 51.66
N GLN K 517 -33.88 -19.26 50.44
CA GLN K 517 -33.67 -20.68 50.21
C GLN K 517 -32.23 -20.93 49.82
N VAL K 518 -31.49 -21.62 50.69
CA VAL K 518 -30.16 -22.08 50.36
C VAL K 518 -30.31 -23.17 49.31
N ILE K 519 -29.86 -22.89 48.08
CA ILE K 519 -29.99 -23.84 46.99
C ILE K 519 -28.61 -24.26 46.53
N VAL K 520 -28.59 -25.25 45.64
CA VAL K 520 -27.36 -25.78 45.09
C VAL K 520 -27.29 -25.42 43.61
N ILE K 521 -26.20 -24.80 43.21
CA ILE K 521 -26.06 -24.46 41.81
C ILE K 521 -25.28 -25.51 41.07
N GLY K 522 -24.17 -25.98 41.61
CA GLY K 522 -23.33 -26.84 40.80
C GLY K 522 -22.56 -27.84 41.62
N GLY K 523 -21.95 -28.79 40.93
CA GLY K 523 -21.21 -29.78 41.67
C GLY K 523 -20.30 -30.61 40.78
N LEU K 524 -19.46 -31.38 41.45
CA LEU K 524 -18.55 -32.30 40.80
C LEU K 524 -18.17 -33.37 41.79
N ILE K 525 -18.39 -34.63 41.46
CA ILE K 525 -17.95 -35.74 42.27
C ILE K 525 -17.06 -36.59 41.40
N GLN K 526 -15.77 -36.58 41.68
CA GLN K 526 -14.79 -37.24 40.83
C GLN K 526 -14.07 -38.29 41.64
N ASP K 527 -14.27 -39.55 41.28
CA ASP K 527 -13.69 -40.68 41.98
C ASP K 527 -12.74 -41.40 41.05
N ASP K 528 -11.71 -42.00 41.62
CA ASP K 528 -10.67 -42.60 40.81
C ASP K 528 -9.98 -43.66 41.64
N VAL K 529 -9.61 -44.74 40.96
CA VAL K 529 -8.78 -45.78 41.55
C VAL K 529 -7.97 -46.41 40.42
N SER K 530 -6.66 -46.46 40.60
CA SER K 530 -5.77 -46.93 39.56
C SER K 530 -4.72 -47.80 40.20
N GLN K 531 -4.23 -48.79 39.46
CA GLN K 531 -3.27 -49.73 40.04
C GLN K 531 -2.47 -50.41 38.95
N ALA K 532 -1.15 -50.25 39.01
CA ALA K 532 -0.24 -50.88 38.08
C ALA K 532 0.57 -51.93 38.82
N GLU K 533 0.93 -52.99 38.10
CA GLU K 533 1.82 -54.01 38.63
C GLU K 533 2.96 -54.24 37.67
N SER K 534 3.98 -54.94 38.17
CA SER K 534 5.05 -55.42 37.31
C SER K 534 5.69 -56.59 38.03
N LYS K 535 5.62 -57.78 37.43
CA LYS K 535 6.09 -58.98 38.10
C LYS K 535 6.79 -59.90 37.13
N VAL K 536 7.54 -60.84 37.67
CA VAL K 536 7.94 -62.01 36.90
C VAL K 536 6.71 -62.86 36.64
N PRO K 537 6.43 -63.23 35.38
CA PRO K 537 5.10 -63.78 35.04
C PRO K 537 4.78 -65.15 35.63
N LEU K 538 5.76 -65.88 36.15
CA LEU K 538 5.46 -67.15 36.80
C LEU K 538 5.31 -67.02 38.30
N LEU K 539 6.08 -66.13 38.93
CA LEU K 539 6.25 -66.16 40.37
C LEU K 539 5.36 -65.19 41.12
N GLY K 540 4.92 -64.12 40.48
CA GLY K 540 4.02 -63.19 41.15
C GLY K 540 2.63 -63.75 41.38
N ASP K 541 2.25 -64.78 40.63
CA ASP K 541 0.89 -65.30 40.68
C ASP K 541 0.62 -66.10 41.94
N ILE K 542 1.66 -66.70 42.53
CA ILE K 542 1.50 -67.62 43.65
C ILE K 542 1.10 -66.85 44.90
N PRO K 543 -0.09 -67.09 45.46
CA PRO K 543 -0.57 -66.24 46.57
C PRO K 543 -0.03 -66.64 47.93
N LEU K 544 1.25 -66.94 47.98
CA LEU K 544 2.02 -67.13 49.18
C LEU K 544 3.33 -66.35 49.13
N LEU K 545 3.95 -66.25 47.96
CA LEU K 545 5.17 -65.49 47.76
C LEU K 545 4.99 -64.43 46.69
N GLY K 546 3.75 -64.15 46.28
CA GLY K 546 3.50 -63.19 45.22
C GLY K 546 3.86 -61.77 45.58
N ARG K 547 3.89 -61.46 46.88
CA ARG K 547 4.38 -60.15 47.29
C ARG K 547 5.88 -60.02 47.07
N LEU K 548 6.61 -61.13 47.17
CA LEU K 548 8.06 -61.08 47.09
C LEU K 548 8.60 -60.95 45.68
N PHE K 549 7.76 -60.80 44.69
CA PHE K 549 8.28 -60.63 43.34
C PHE K 549 7.69 -59.43 42.62
N ARG K 550 6.42 -59.13 42.84
CA ARG K 550 5.75 -58.10 42.08
C ARG K 550 6.17 -56.71 42.53
N SER K 551 5.63 -55.71 41.86
CA SER K 551 5.85 -54.31 42.20
C SER K 551 4.56 -53.58 41.88
N THR K 552 3.87 -53.10 42.92
CA THR K 552 2.55 -52.52 42.73
C THR K 552 2.56 -51.05 43.06
N LYS K 553 1.60 -50.35 42.46
CA LYS K 553 1.44 -48.92 42.65
C LYS K 553 -0.05 -48.61 42.55
N ASP K 554 -0.65 -48.24 43.67
CA ASP K 554 -2.07 -47.96 43.74
C ASP K 554 -2.28 -46.46 43.93
N THR K 555 -3.42 -45.96 43.49
CA THR K 555 -3.69 -44.53 43.52
C THR K 555 -5.20 -44.34 43.59
N HIS K 556 -5.70 -43.91 44.74
CA HIS K 556 -7.11 -43.59 44.91
C HIS K 556 -7.25 -42.09 45.02
N THR K 557 -8.35 -41.54 44.53
CA THR K 557 -8.47 -40.09 44.40
C THR K 557 -9.93 -39.67 44.43
N LYS K 558 -10.29 -38.77 45.32
CA LYS K 558 -11.64 -38.22 45.35
C LYS K 558 -11.60 -36.71 45.33
N ARG K 559 -12.53 -36.10 44.61
CA ARG K 559 -12.74 -34.66 44.65
C ARG K 559 -14.23 -34.41 44.70
N ASN K 560 -14.72 -33.94 45.83
CA ASN K 560 -16.11 -33.57 45.98
C ASN K 560 -16.20 -32.06 45.96
N LEU K 561 -17.25 -31.55 45.32
CA LEU K 561 -17.34 -30.12 45.07
C LEU K 561 -18.79 -29.71 44.97
N MET K 562 -19.20 -28.74 45.79
CA MET K 562 -20.51 -28.16 45.68
C MET K 562 -20.39 -26.65 45.60
N VAL K 563 -21.29 -26.04 44.85
CA VAL K 563 -21.41 -24.59 44.76
C VAL K 563 -22.85 -24.23 45.09
N PHE K 564 -23.04 -23.62 46.26
CA PHE K 564 -24.33 -23.20 46.79
C PHE K 564 -24.53 -21.71 46.63
N LEU K 565 -25.77 -21.29 46.78
CA LEU K 565 -26.13 -19.90 46.58
C LEU K 565 -27.21 -19.53 47.56
N ARG K 566 -27.19 -18.29 48.01
CA ARG K 566 -28.17 -17.81 48.96
C ARG K 566 -28.54 -16.38 48.64
N PRO K 567 -29.71 -16.13 48.13
CA PRO K 567 -30.13 -14.74 47.94
C PRO K 567 -30.98 -14.24 49.09
N THR K 568 -30.83 -12.97 49.44
CA THR K 568 -31.71 -12.31 50.40
C THR K 568 -32.16 -10.99 49.81
N VAL K 569 -33.47 -10.80 49.73
CA VAL K 569 -34.04 -9.59 49.17
C VAL K 569 -34.25 -8.58 50.29
N VAL K 570 -33.67 -7.41 50.16
CA VAL K 570 -33.93 -6.29 51.05
C VAL K 570 -34.46 -5.13 50.22
N ARG K 571 -35.57 -4.57 50.68
CA ARG K 571 -36.15 -3.40 50.02
C ARG K 571 -36.42 -2.25 50.97
N ASP K 572 -36.48 -2.47 52.28
CA ASP K 572 -36.47 -1.41 53.25
C ASP K 572 -35.12 -1.38 53.96
N SER K 573 -34.78 -0.22 54.52
CA SER K 573 -33.50 -0.07 55.18
C SER K 573 -33.42 -0.80 56.51
N ALA K 574 -34.56 -1.26 57.05
CA ALA K 574 -34.54 -1.98 58.32
C ALA K 574 -33.85 -3.32 58.19
N GLY K 575 -34.19 -4.09 57.15
CA GLY K 575 -33.56 -5.37 56.94
C GLY K 575 -32.10 -5.24 56.56
N LEU K 576 -31.77 -4.18 55.84
CA LEU K 576 -30.37 -3.90 55.51
C LEU K 576 -29.57 -3.57 56.77
N ALA K 577 -30.17 -2.81 57.68
CA ALA K 577 -29.54 -2.55 58.97
C ALA K 577 -29.38 -3.82 59.78
N ALA K 578 -30.35 -4.73 59.69
CA ALA K 578 -30.27 -6.00 60.42
C ALA K 578 -29.15 -6.88 59.89
N LEU K 579 -29.04 -6.99 58.56
CA LEU K 579 -27.93 -7.72 57.95
C LEU K 579 -26.59 -7.11 58.31
N SER K 580 -26.52 -5.78 58.29
CA SER K 580 -25.27 -5.10 58.62
C SER K 580 -24.88 -5.33 60.08
N GLY K 581 -25.87 -5.30 60.97
CA GLY K 581 -25.58 -5.55 62.37
C GLY K 581 -25.14 -6.97 62.64
N LYS K 582 -25.75 -7.94 61.94
CA LYS K 582 -25.32 -9.32 62.11
C LYS K 582 -23.92 -9.55 61.59
N LYS K 583 -23.60 -9.02 60.40
CA LYS K 583 -22.25 -9.19 59.88
C LYS K 583 -21.23 -8.43 60.68
N TYR K 584 -21.62 -7.29 61.26
CA TYR K 584 -20.68 -6.51 62.03
C TYR K 584 -20.40 -7.17 63.37
N SER K 585 -21.42 -7.78 63.98
CA SER K 585 -21.17 -8.57 65.19
C SER K 585 -20.35 -9.80 64.87
N ASP K 586 -20.58 -10.41 63.70
CA ASP K 586 -19.84 -11.61 63.34
C ASP K 586 -18.40 -11.32 62.94
N ILE K 587 -18.09 -10.07 62.61
CA ILE K 587 -16.67 -9.74 62.44
C ILE K 587 -16.07 -9.23 63.75
N ARG K 588 -16.91 -8.67 64.64
CA ARG K 588 -16.44 -8.27 65.96
C ARG K 588 -16.05 -9.48 66.80
N VAL K 589 -16.75 -10.60 66.62
CA VAL K 589 -16.39 -11.79 67.38
C VAL K 589 -15.08 -12.39 66.84
N ILE K 590 -14.77 -12.15 65.56
CA ILE K 590 -13.47 -12.57 65.06
C ILE K 590 -12.38 -11.65 65.60
N ASP K 591 -12.71 -10.38 65.78
CA ASP K 591 -11.83 -9.51 66.56
C ASP K 591 -11.74 -9.97 68.01
N GLY K 592 -12.79 -10.60 68.53
CA GLY K 592 -12.83 -11.11 69.88
C GLY K 592 -12.18 -12.46 70.10
N THR K 593 -11.43 -12.97 69.14
CA THR K 593 -10.71 -14.23 69.33
C THR K 593 -9.21 -14.00 69.32
N PRO K 604 1.07 -7.97 69.92
CA PRO K 604 -0.04 -8.83 70.28
C PRO K 604 -1.27 -8.64 69.40
N THR K 605 -2.41 -9.12 69.87
CA THR K 605 -3.69 -9.14 69.17
C THR K 605 -4.77 -8.51 70.05
N ASN K 606 -4.47 -7.31 70.56
CA ASN K 606 -5.24 -6.65 71.59
C ASN K 606 -6.61 -6.21 71.08
N ALA K 607 -7.39 -5.63 71.99
CA ALA K 607 -8.83 -5.45 71.81
C ALA K 607 -9.11 -4.41 70.72
N ASN K 608 -9.86 -4.83 69.70
CA ASN K 608 -10.15 -3.98 68.55
C ASN K 608 -11.34 -3.08 68.83
N GLN K 609 -11.73 -2.25 67.87
CA GLN K 609 -12.52 -1.08 68.20
C GLN K 609 -13.81 -1.05 67.38
N LEU K 610 -14.88 -0.55 68.01
CA LEU K 610 -16.13 -0.25 67.33
C LEU K 610 -16.00 1.06 66.57
N PHE K 611 -16.96 1.35 65.70
CA PHE K 611 -17.04 2.66 65.06
C PHE K 611 -18.41 3.26 65.31
N ASP K 612 -18.62 4.42 64.69
CA ASP K 612 -19.86 5.14 64.86
C ASP K 612 -20.96 4.44 64.07
N GLY K 613 -21.57 3.43 64.68
CA GLY K 613 -22.63 2.67 64.05
C GLY K 613 -23.89 3.48 63.80
N ASP L 174 -80.54 39.44 19.70
CA ASP L 174 -79.76 40.44 20.41
C ASP L 174 -78.30 40.01 20.60
N TYR L 175 -77.47 40.96 21.02
CA TYR L 175 -76.02 40.75 21.06
C TYR L 175 -75.59 40.39 22.47
N SER L 176 -74.65 39.46 22.59
CA SER L 176 -74.10 39.13 23.90
C SER L 176 -72.72 38.52 23.73
N VAL L 177 -71.98 38.49 24.84
CA VAL L 177 -70.68 37.85 24.92
C VAL L 177 -70.62 37.03 26.21
N ILE L 178 -70.12 35.80 26.10
CA ILE L 178 -69.99 34.90 27.24
C ILE L 178 -68.57 34.36 27.31
N ASN L 179 -68.25 33.81 28.48
CA ASN L 179 -67.00 33.12 28.75
C ASN L 179 -67.17 31.63 28.51
N LEU L 180 -66.05 30.91 28.64
CA LEU L 180 -66.02 29.46 28.73
C LEU L 180 -64.95 29.06 29.73
N ARG L 181 -65.26 28.06 30.56
CA ARG L 181 -64.29 27.58 31.53
C ARG L 181 -63.32 26.59 30.90
N TYR L 182 -63.84 25.49 30.40
CA TYR L 182 -63.08 24.49 29.67
C TYR L 182 -63.47 24.37 28.21
N GLY L 183 -64.55 25.01 27.77
CA GLY L 183 -65.02 24.85 26.41
C GLY L 183 -64.15 25.61 25.41
N TRP L 184 -64.13 25.11 24.18
CA TRP L 184 -63.35 25.71 23.10
C TRP L 184 -64.31 26.34 22.09
N VAL L 185 -64.10 27.63 21.80
CA VAL L 185 -64.87 28.30 20.76
C VAL L 185 -64.44 27.84 19.37
N MET L 186 -63.24 27.26 19.26
CA MET L 186 -62.78 26.70 18.00
C MET L 186 -63.66 25.53 17.57
N ASP L 187 -63.95 24.63 18.50
CA ASP L 187 -64.85 23.51 18.19
C ASP L 187 -66.28 23.99 18.09
N ALA L 188 -66.69 24.93 18.93
CA ALA L 188 -68.08 25.36 18.97
C ALA L 188 -68.46 26.31 17.85
N ALA L 189 -67.49 26.79 17.07
CA ALA L 189 -67.80 27.72 15.99
C ALA L 189 -68.55 27.03 14.87
N GLU L 190 -68.07 25.84 14.46
CA GLU L 190 -68.74 25.05 13.44
C GLU L 190 -70.09 24.55 13.94
N VAL L 191 -70.20 24.35 15.25
CA VAL L 191 -71.48 23.98 15.87
C VAL L 191 -72.49 25.10 15.70
N LEU L 192 -72.16 26.27 16.25
CA LEU L 192 -73.10 27.37 16.34
C LEU L 192 -73.36 28.06 15.02
N ASN L 193 -72.45 27.93 14.05
CA ASN L 193 -72.76 28.43 12.72
C ASN L 193 -73.86 27.59 12.07
N ASN L 194 -73.88 26.29 12.36
CA ASN L 194 -74.93 25.41 11.89
C ASN L 194 -76.03 25.21 12.91
N ALA L 195 -76.02 25.98 14.00
CA ALA L 195 -77.13 25.91 14.96
C ALA L 195 -78.39 26.47 14.35
N MET L 196 -78.28 27.50 13.53
CA MET L 196 -79.39 27.98 12.73
C MET L 196 -79.33 27.35 11.35
N SER L 197 -80.51 26.99 10.82
CA SER L 197 -80.60 26.17 9.62
C SER L 197 -80.17 26.96 8.39
N ARG L 198 -80.06 26.24 7.27
CA ARG L 198 -79.64 26.84 6.01
C ARG L 198 -80.79 27.58 5.35
N ALA L 205 -78.93 32.81 7.01
CA ALA L 205 -78.41 32.31 8.28
C ALA L 205 -79.10 32.98 9.46
N GLY L 206 -79.21 34.30 9.41
CA GLY L 206 -79.86 35.04 10.48
C GLY L 206 -78.92 35.43 11.59
N ALA L 207 -78.90 34.63 12.66
CA ALA L 207 -78.04 34.88 13.81
C ALA L 207 -76.57 34.67 13.44
N GLN L 208 -75.68 35.19 14.28
CA GLN L 208 -74.26 35.07 14.03
C GLN L 208 -73.52 34.67 15.30
N VAL L 209 -72.27 34.28 15.11
CA VAL L 209 -71.42 33.77 16.18
C VAL L 209 -69.97 34.11 15.86
N ILE L 210 -69.23 34.57 16.87
CA ILE L 210 -67.88 35.10 16.71
C ILE L 210 -67.01 34.52 17.82
N ALA L 211 -65.88 33.93 17.44
CA ALA L 211 -65.01 33.24 18.38
C ALA L 211 -63.84 34.12 18.80
N ASP L 212 -63.34 33.87 20.02
CA ASP L 212 -62.07 34.43 20.50
C ASP L 212 -61.29 33.29 21.13
N ALA L 213 -60.30 32.78 20.39
CA ALA L 213 -59.50 31.66 20.86
C ALA L 213 -58.35 32.08 21.74
N ARG L 214 -58.06 33.37 21.86
CA ARG L 214 -57.05 33.81 22.81
C ARG L 214 -57.63 33.96 24.20
N THR L 215 -58.76 34.65 24.30
CA THR L 215 -59.43 34.87 25.57
C THR L 215 -60.69 34.04 25.72
N ASN L 216 -60.92 33.10 24.80
CA ASN L 216 -61.94 32.06 24.91
C ASN L 216 -63.34 32.66 25.00
N ARG L 217 -63.56 33.74 24.27
CA ARG L 217 -64.82 34.47 24.38
C ARG L 217 -65.74 34.10 23.23
N LEU L 218 -67.04 34.28 23.46
CA LEU L 218 -68.03 33.95 22.46
C LEU L 218 -69.00 35.11 22.31
N ILE L 219 -69.07 35.69 21.11
CA ILE L 219 -69.96 36.81 20.84
C ILE L 219 -71.06 36.31 19.91
N ILE L 220 -72.27 36.22 20.43
CA ILE L 220 -73.38 35.67 19.65
C ILE L 220 -74.44 36.74 19.48
N LEU L 221 -75.03 36.76 18.27
CA LEU L 221 -75.89 37.85 17.81
C LEU L 221 -77.17 37.16 17.30
N GLY L 222 -78.14 36.93 18.19
CA GLY L 222 -79.33 36.22 17.79
C GLY L 222 -80.42 36.12 18.83
N PRO L 223 -81.21 35.03 18.77
CA PRO L 223 -82.39 34.93 19.61
C PRO L 223 -82.00 34.61 21.05
N PRO L 224 -82.82 35.01 22.03
CA PRO L 224 -82.44 34.80 23.43
C PRO L 224 -82.54 33.36 23.89
N GLN L 225 -83.39 32.54 23.26
CA GLN L 225 -83.49 31.15 23.67
C GLN L 225 -82.31 30.32 23.17
N ALA L 226 -81.78 30.62 21.99
CA ALA L 226 -80.53 29.99 21.56
C ALA L 226 -79.39 30.38 22.47
N ARG L 227 -79.38 31.65 22.91
CA ARG L 227 -78.44 32.11 23.93
C ARG L 227 -78.53 31.29 25.20
N ALA L 228 -79.75 31.12 25.73
CA ALA L 228 -79.90 30.44 27.02
C ALA L 228 -79.59 28.95 26.91
N LYS L 229 -80.14 28.29 25.89
CA LYS L 229 -79.92 26.86 25.73
C LYS L 229 -78.47 26.55 25.38
N LEU L 230 -77.78 27.46 24.69
CA LEU L 230 -76.41 27.14 24.36
C LEU L 230 -75.42 27.64 25.41
N VAL L 231 -75.83 28.55 26.29
CA VAL L 231 -75.07 28.75 27.52
C VAL L 231 -75.22 27.53 28.44
N GLN L 232 -76.39 26.89 28.44
CA GLN L 232 -76.53 25.64 29.18
C GLN L 232 -75.72 24.51 28.54
N LEU L 233 -75.69 24.45 27.21
CA LEU L 233 -74.81 23.50 26.54
C LEU L 233 -73.35 23.87 26.72
N ALA L 234 -73.04 25.14 26.94
CA ALA L 234 -71.69 25.54 27.29
C ALA L 234 -71.32 25.06 28.67
N GLN L 235 -72.26 25.15 29.61
CA GLN L 235 -72.02 24.74 31.00
C GLN L 235 -71.97 23.23 31.12
N SER L 236 -72.63 22.51 30.22
CA SER L 236 -72.43 21.07 30.10
C SER L 236 -71.23 20.73 29.22
N LEU L 237 -70.76 21.70 28.44
CA LEU L 237 -69.75 21.49 27.42
C LEU L 237 -68.36 21.71 27.95
N ASP L 238 -68.22 22.61 28.93
CA ASP L 238 -66.97 22.81 29.63
C ASP L 238 -66.77 21.86 30.80
N THR L 239 -67.48 20.75 30.80
CA THR L 239 -67.22 19.68 31.76
C THR L 239 -66.28 18.67 31.12
N PRO L 240 -65.29 18.16 31.87
CA PRO L 240 -64.47 17.08 31.33
C PRO L 240 -65.25 15.79 31.19
N THR L 241 -64.87 14.99 30.19
CA THR L 241 -65.56 13.76 29.84
C THR L 241 -64.48 12.84 29.27
N ALA L 242 -64.82 11.93 28.35
CA ALA L 242 -63.94 10.86 27.83
C ALA L 242 -62.69 11.37 27.12
N ARG L 243 -61.88 10.43 26.64
CA ARG L 243 -60.44 10.57 26.37
C ARG L 243 -59.74 11.38 27.47
N SER L 244 -59.99 10.96 28.72
CA SER L 244 -59.35 11.54 29.88
C SER L 244 -59.29 10.47 30.96
N ALA L 245 -58.09 10.25 31.51
CA ALA L 245 -57.79 9.20 32.48
C ALA L 245 -58.21 7.83 31.95
N ASN L 246 -57.71 7.48 30.78
CA ASN L 246 -57.93 6.18 30.16
C ASN L 246 -56.60 5.47 29.93
N THR L 247 -55.68 5.60 30.87
CA THR L 247 -54.32 5.10 30.76
C THR L 247 -54.08 3.99 31.79
N ARG L 248 -52.90 3.38 31.70
CA ARG L 248 -52.62 2.19 32.49
C ARG L 248 -51.12 2.01 32.61
N VAL L 249 -50.66 1.51 33.76
CA VAL L 249 -49.26 1.19 33.98
C VAL L 249 -49.17 -0.25 34.45
N ILE L 250 -48.32 -1.04 33.80
CA ILE L 250 -48.22 -2.48 34.03
C ILE L 250 -46.80 -2.82 34.41
N ARG L 251 -46.61 -3.40 35.59
CA ARG L 251 -45.33 -4.00 35.92
C ARG L 251 -45.21 -5.36 35.25
N LEU L 252 -43.98 -5.75 34.96
CA LEU L 252 -43.76 -7.02 34.29
C LEU L 252 -42.93 -7.94 35.17
N ARG L 253 -43.21 -9.23 35.03
CA ARG L 253 -42.48 -10.27 35.73
C ARG L 253 -41.97 -11.27 34.70
N HIS L 254 -40.68 -11.62 34.84
CA HIS L 254 -39.96 -12.61 34.05
C HIS L 254 -39.84 -12.24 32.58
N ASN L 255 -40.07 -10.98 32.22
CA ASN L 255 -39.98 -10.54 30.84
C ASN L 255 -39.50 -9.10 30.79
N ASP L 256 -38.77 -8.78 29.74
CA ASP L 256 -38.36 -7.40 29.52
C ASP L 256 -39.53 -6.58 28.99
N ALA L 257 -39.41 -5.26 29.13
CA ALA L 257 -40.52 -4.41 28.74
C ALA L 257 -40.49 -4.10 27.25
N LYS L 258 -39.30 -3.84 26.70
CA LYS L 258 -39.21 -3.48 25.29
C LYS L 258 -39.43 -4.70 24.40
N THR L 259 -38.99 -5.87 24.86
CA THR L 259 -39.13 -7.09 24.08
C THR L 259 -40.59 -7.46 23.86
N LEU L 260 -41.40 -7.39 24.91
CA LEU L 260 -42.83 -7.57 24.73
C LEU L 260 -43.47 -6.36 24.06
N ALA L 261 -42.85 -5.19 24.18
CA ALA L 261 -43.46 -3.98 23.66
C ALA L 261 -43.43 -3.96 22.13
N GLU L 262 -42.39 -4.51 21.51
CA GLU L 262 -42.41 -4.63 20.05
C GLU L 262 -43.55 -5.54 19.60
N THR L 263 -43.76 -6.63 20.31
CA THR L 263 -44.79 -7.59 19.92
C THR L 263 -46.18 -7.04 20.14
N LEU L 264 -46.40 -6.33 21.25
CA LEU L 264 -47.70 -5.72 21.48
C LEU L 264 -47.97 -4.57 20.52
N GLY L 265 -46.93 -3.81 20.14
CA GLY L 265 -47.11 -2.80 19.12
C GLY L 265 -47.36 -3.38 17.75
N GLN L 266 -46.85 -4.58 17.49
CA GLN L 266 -47.13 -5.22 16.21
C GLN L 266 -48.44 -5.97 16.19
N ILE L 267 -49.03 -6.30 17.34
CA ILE L 267 -50.39 -6.86 17.31
C ILE L 267 -51.45 -5.80 17.54
N SER L 268 -51.08 -4.60 17.96
CA SER L 268 -52.09 -3.64 18.36
C SER L 268 -52.68 -2.85 17.20
N GLU L 269 -52.32 -3.15 15.96
CA GLU L 269 -53.04 -2.56 14.83
C GLU L 269 -54.43 -3.14 14.72
N GLY L 270 -54.61 -4.41 15.07
CA GLY L 270 -55.91 -5.04 14.96
C GLY L 270 -56.87 -4.71 16.09
N MET L 271 -56.37 -4.09 17.14
CA MET L 271 -57.24 -3.60 18.20
C MET L 271 -57.65 -2.15 17.99
N LYS L 272 -57.33 -1.57 16.83
CA LYS L 272 -57.63 -0.17 16.55
C LYS L 272 -58.93 -0.02 15.78
N SER L 288 -60.16 4.79 19.58
CA SER L 288 -59.75 4.90 18.19
C SER L 288 -58.24 5.02 18.07
N ASN L 289 -57.56 4.98 19.22
CA ASN L 289 -56.11 5.07 19.29
C ASN L 289 -55.57 4.08 20.29
N ILE L 290 -54.30 3.70 20.09
CA ILE L 290 -53.69 2.61 20.86
C ILE L 290 -52.20 2.86 21.01
N LEU L 291 -51.71 2.91 22.25
CA LEU L 291 -50.33 3.29 22.51
C LEU L 291 -49.72 2.46 23.62
N ILE L 292 -48.75 1.62 23.27
CA ILE L 292 -48.05 0.79 24.24
C ILE L 292 -46.58 1.12 24.13
N ARG L 293 -46.03 1.75 25.16
CA ARG L 293 -44.61 2.05 25.15
C ARG L 293 -43.97 1.43 26.39
N ALA L 294 -42.65 1.41 26.41
CA ALA L 294 -41.94 0.60 27.38
C ALA L 294 -41.11 1.44 28.33
N ASP L 295 -40.56 0.76 29.32
CA ASP L 295 -39.57 1.34 30.23
C ASP L 295 -38.68 0.20 30.70
N GLU L 296 -37.40 0.27 30.35
CA GLU L 296 -36.47 -0.75 30.76
C GLU L 296 -35.85 -0.49 32.12
N SER L 297 -36.13 0.65 32.73
CA SER L 297 -35.55 0.94 34.04
C SER L 297 -36.25 0.13 35.14
N THR L 298 -37.54 0.38 35.31
CA THR L 298 -38.37 -0.38 36.22
C THR L 298 -39.16 -1.47 35.51
N ASN L 299 -38.78 -1.80 34.27
CA ASN L 299 -39.27 -2.94 33.51
C ASN L 299 -40.77 -2.88 33.26
N ALA L 300 -41.30 -1.68 33.13
CA ALA L 300 -42.74 -1.48 33.13
C ALA L 300 -43.23 -1.11 31.75
N LEU L 301 -44.54 -1.05 31.61
CA LEU L 301 -45.18 -0.95 30.30
C LEU L 301 -46.32 0.04 30.44
N VAL L 302 -46.33 1.07 29.62
CA VAL L 302 -47.34 2.12 29.70
C VAL L 302 -48.35 1.89 28.58
N LEU L 303 -49.59 1.69 28.98
CA LEU L 303 -50.70 1.44 28.08
C LEU L 303 -51.58 2.68 27.99
N LEU L 304 -52.08 2.93 26.79
CA LEU L 304 -53.09 3.96 26.59
C LEU L 304 -54.09 3.42 25.58
N ALA L 305 -55.29 3.13 26.06
CA ALA L 305 -56.31 2.45 25.26
C ALA L 305 -57.66 2.59 25.92
N ASP L 306 -58.70 2.27 25.14
CA ASP L 306 -60.04 2.16 25.67
C ASP L 306 -60.14 0.92 26.55
N PRO L 307 -61.04 0.94 27.56
CA PRO L 307 -61.01 -0.12 28.59
C PRO L 307 -61.26 -1.55 28.10
N ASP L 308 -61.95 -1.74 26.98
CA ASP L 308 -62.01 -3.07 26.37
C ASP L 308 -60.64 -3.50 25.88
N THR L 309 -59.94 -2.60 25.19
CA THR L 309 -58.60 -2.88 24.72
C THR L 309 -57.63 -3.03 25.89
N VAL L 310 -57.89 -2.31 26.98
CA VAL L 310 -57.10 -2.46 28.20
C VAL L 310 -57.26 -3.85 28.78
N ASN L 311 -58.49 -4.36 28.82
CA ASN L 311 -58.72 -5.70 29.33
C ASN L 311 -58.16 -6.77 28.41
N ALA L 312 -58.20 -6.55 27.10
CA ALA L 312 -57.60 -7.50 26.16
C ALA L 312 -56.10 -7.55 26.29
N LEU L 313 -55.46 -6.39 26.46
CA LEU L 313 -54.01 -6.40 26.64
C LEU L 313 -53.62 -6.92 28.01
N GLU L 314 -54.49 -6.78 29.01
CA GLU L 314 -54.25 -7.46 30.28
C GLU L 314 -54.35 -8.97 30.14
N ASP L 315 -55.24 -9.45 29.28
CA ASP L 315 -55.32 -10.88 29.00
C ASP L 315 -54.07 -11.37 28.26
N ILE L 316 -53.49 -10.53 27.41
CA ILE L 316 -52.22 -10.89 26.78
C ILE L 316 -51.11 -10.96 27.83
N VAL L 317 -51.05 -9.95 28.71
CA VAL L 317 -49.92 -9.84 29.62
C VAL L 317 -49.98 -10.92 30.70
N ARG L 318 -51.17 -11.21 31.21
CA ARG L 318 -51.30 -12.24 32.24
C ARG L 318 -51.01 -13.65 31.73
N GLN L 319 -50.90 -13.86 30.42
CA GLN L 319 -50.56 -15.15 29.87
C GLN L 319 -49.19 -15.16 29.22
N LEU L 320 -48.40 -14.10 29.40
CA LEU L 320 -47.04 -14.05 28.90
C LEU L 320 -46.01 -13.81 29.99
N ASP L 321 -46.44 -13.66 31.23
CA ASP L 321 -45.53 -13.41 32.35
C ASP L 321 -45.65 -14.58 33.31
N VAL L 322 -44.88 -15.62 33.06
CA VAL L 322 -44.91 -16.79 33.92
C VAL L 322 -43.52 -17.05 34.47
N PRO L 323 -43.40 -17.61 35.67
CA PRO L 323 -42.10 -18.13 36.09
C PRO L 323 -41.71 -19.34 35.26
N ARG L 324 -40.52 -19.29 34.70
CA ARG L 324 -40.05 -20.38 33.86
C ARG L 324 -39.57 -21.54 34.74
N ALA L 325 -39.10 -22.61 34.10
CA ALA L 325 -38.79 -23.84 34.80
C ALA L 325 -37.29 -24.10 34.81
N GLN L 326 -36.86 -24.81 35.83
CA GLN L 326 -35.45 -25.12 36.03
C GLN L 326 -35.18 -26.60 35.85
N VAL L 327 -33.96 -26.91 35.43
CA VAL L 327 -33.49 -28.27 35.28
C VAL L 327 -32.24 -28.41 36.09
N LEU L 328 -32.16 -29.46 36.89
CA LEU L 328 -30.88 -29.92 37.41
C LEU L 328 -30.43 -31.10 36.57
N VAL L 329 -29.31 -30.93 35.89
CA VAL L 329 -28.73 -31.94 35.02
C VAL L 329 -27.56 -32.58 35.74
N GLU L 330 -27.59 -33.91 35.85
CA GLU L 330 -26.49 -34.68 36.42
C GLU L 330 -25.96 -35.56 35.30
N ALA L 331 -24.86 -35.18 34.67
CA ALA L 331 -24.20 -36.08 33.74
C ALA L 331 -23.18 -36.91 34.50
N ALA L 332 -23.01 -38.14 34.07
CA ALA L 332 -22.11 -39.04 34.78
C ALA L 332 -21.31 -39.82 33.76
N ILE L 333 -20.05 -40.07 34.07
CA ILE L 333 -19.14 -40.71 33.14
C ILE L 333 -18.45 -41.83 33.89
N VAL L 334 -18.56 -43.05 33.37
CA VAL L 334 -17.89 -44.19 33.94
C VAL L 334 -16.90 -44.70 32.91
N GLU L 335 -15.69 -44.98 33.34
CA GLU L 335 -14.69 -45.61 32.49
C GLU L 335 -13.99 -46.70 33.26
N ILE L 336 -13.95 -47.90 32.69
CA ILE L 336 -13.12 -48.96 33.23
C ILE L 336 -12.08 -49.27 32.18
N SER L 337 -10.83 -49.00 32.49
CA SER L 337 -9.77 -49.32 31.57
C SER L 337 -8.91 -50.42 32.14
N GLY L 338 -8.19 -51.08 31.26
CA GLY L 338 -7.26 -52.08 31.72
C GLY L 338 -6.40 -52.60 30.59
N ASP L 339 -5.19 -53.04 30.91
CA ASP L 339 -4.36 -53.71 29.93
C ASP L 339 -3.38 -54.62 30.62
N ILE L 340 -2.88 -55.59 29.86
CA ILE L 340 -1.94 -56.57 30.37
C ILE L 340 -0.96 -56.93 29.27
N GLN L 341 0.32 -56.66 29.52
CA GLN L 341 1.36 -57.18 28.65
C GLN L 341 1.85 -58.52 29.18
N ASP L 342 2.60 -59.21 28.33
CA ASP L 342 3.23 -60.46 28.73
C ASP L 342 4.42 -60.66 27.78
N ALA L 343 5.62 -60.38 28.25
CA ALA L 343 6.80 -60.47 27.41
C ALA L 343 7.73 -61.54 27.98
N VAL L 344 8.13 -62.49 27.15
CA VAL L 344 8.97 -63.60 27.62
C VAL L 344 9.83 -64.12 26.48
N GLY L 345 11.12 -64.28 26.74
CA GLY L 345 12.01 -64.75 25.71
C GLY L 345 13.24 -65.48 26.21
N VAL L 346 13.60 -66.57 25.53
CA VAL L 346 14.79 -67.37 25.84
C VAL L 346 15.83 -67.09 24.78
N GLN L 347 17.06 -66.84 25.21
CA GLN L 347 18.15 -66.50 24.30
C GLN L 347 19.32 -67.43 24.55
N TRP L 348 19.90 -67.98 23.48
CA TRP L 348 20.96 -68.98 23.57
C TRP L 348 22.26 -68.44 22.99
N ALA L 349 23.34 -68.58 23.73
CA ALA L 349 24.63 -67.98 23.45
C ALA L 349 25.73 -69.03 23.47
N ILE L 350 25.55 -70.08 22.66
CA ILE L 350 26.53 -71.16 22.58
C ILE L 350 27.68 -70.70 21.70
N ASN L 351 28.74 -70.16 22.29
CA ASN L 351 29.90 -69.76 21.49
C ASN L 351 30.97 -70.84 21.50
N LYS L 352 30.56 -72.03 21.05
CA LYS L 352 31.45 -73.19 20.99
C LYS L 352 32.35 -73.04 19.77
N GLY L 353 33.51 -72.41 19.98
CA GLY L 353 34.56 -72.38 18.98
C GLY L 353 34.33 -71.53 17.75
N GLY L 354 35.40 -71.32 16.98
CA GLY L 354 35.30 -70.64 15.70
C GLY L 354 35.10 -69.14 15.76
N MET L 355 35.52 -68.44 14.72
CA MET L 355 35.17 -67.03 14.59
C MET L 355 33.69 -66.91 14.30
N GLY L 356 33.00 -66.11 15.11
CA GLY L 356 31.56 -66.07 15.09
C GLY L 356 31.00 -66.31 16.48
N GLY L 357 30.32 -67.43 16.66
CA GLY L 357 29.69 -67.73 17.92
C GLY L 357 28.19 -67.88 17.72
N THR L 358 27.67 -69.08 18.00
CA THR L 358 26.32 -69.45 17.54
C THR L 358 25.23 -68.87 18.43
N LYS L 359 25.22 -67.54 18.54
CA LYS L 359 24.34 -66.86 19.46
C LYS L 359 23.01 -66.54 18.80
N THR L 360 21.92 -66.72 19.55
CA THR L 360 20.58 -66.50 19.02
C THR L 360 20.08 -65.14 19.51
N ASN L 361 20.51 -64.10 18.81
CA ASN L 361 20.15 -62.74 19.15
C ASN L 361 18.69 -62.48 18.79
N PHE L 362 17.86 -62.23 19.81
CA PHE L 362 16.49 -61.78 19.62
C PHE L 362 16.37 -60.38 20.19
N ALA L 363 16.32 -59.38 19.31
CA ALA L 363 16.15 -57.99 19.74
C ALA L 363 14.65 -57.68 19.84
N ASN L 364 14.00 -58.39 20.74
CA ASN L 364 12.57 -58.22 20.98
C ASN L 364 12.31 -57.65 22.36
N THR L 365 12.81 -58.29 23.42
CA THR L 365 12.49 -57.92 24.78
C THR L 365 13.77 -57.40 25.44
N GLY L 366 13.95 -56.08 25.36
CA GLY L 366 14.97 -55.40 26.14
C GLY L 366 16.38 -55.75 25.77
N LEU L 367 17.03 -56.53 26.63
CA LEU L 367 18.39 -56.94 26.42
C LEU L 367 18.51 -57.93 25.26
N SER L 368 19.76 -58.23 24.93
CA SER L 368 20.06 -59.14 23.84
C SER L 368 21.44 -59.72 24.10
N ILE L 369 21.78 -60.77 23.35
CA ILE L 369 23.07 -61.41 23.53
C ILE L 369 24.20 -60.54 22.99
N GLY L 370 23.93 -59.79 21.91
CA GLY L 370 24.95 -58.90 21.38
C GLY L 370 25.32 -57.80 22.36
N THR L 371 24.31 -57.16 22.95
CA THR L 371 24.62 -56.24 24.02
C THR L 371 24.99 -56.94 25.31
N LEU L 372 24.83 -58.27 25.41
CA LEU L 372 25.36 -58.97 26.58
C LEU L 372 26.86 -59.20 26.45
N LEU L 373 27.34 -59.56 25.27
CA LEU L 373 28.77 -59.67 25.06
C LEU L 373 29.43 -58.31 24.99
N GLN L 374 28.68 -57.26 24.65
CA GLN L 374 29.17 -55.92 24.93
C GLN L 374 28.99 -55.55 26.39
N SER L 375 28.09 -56.24 27.12
CA SER L 375 27.96 -55.95 28.53
C SER L 375 29.06 -56.61 29.33
N LEU L 376 29.74 -57.59 28.76
CA LEU L 376 31.02 -58.04 29.30
C LEU L 376 32.01 -56.89 29.36
N GLU L 377 32.11 -56.12 28.28
CA GLU L 377 32.93 -54.93 28.29
C GLU L 377 32.30 -53.80 29.09
N SER L 378 30.99 -53.87 29.35
CA SER L 378 30.40 -52.91 30.28
C SER L 378 30.82 -53.25 31.71
N ASN L 379 30.75 -54.54 32.05
CA ASN L 379 31.25 -55.05 33.32
C ASN L 379 32.74 -54.77 33.47
N LYS L 380 33.46 -54.63 32.36
CA LYS L 380 34.79 -54.07 32.46
C LYS L 380 34.76 -52.61 32.94
N ALA L 381 34.41 -51.63 32.09
CA ALA L 381 34.37 -50.27 32.67
C ALA L 381 32.98 -49.73 33.08
N PRO L 382 31.92 -49.56 32.18
CA PRO L 382 30.73 -48.82 32.66
C PRO L 382 29.62 -49.58 33.40
N GLU L 383 29.35 -50.84 33.08
CA GLU L 383 28.27 -51.68 33.66
C GLU L 383 26.90 -51.02 33.48
N SER L 384 26.46 -50.99 32.22
CA SER L 384 25.35 -50.14 31.82
C SER L 384 24.17 -50.93 31.24
N ILE L 385 23.03 -50.24 31.17
CA ILE L 385 21.81 -50.57 30.44
C ILE L 385 21.22 -51.94 30.77
N PRO L 386 20.47 -52.09 31.86
CA PRO L 386 19.61 -53.25 32.04
C PRO L 386 18.19 -52.99 31.56
N ASP L 387 17.42 -54.08 31.42
CA ASP L 387 16.01 -54.01 31.10
C ASP L 387 15.35 -55.35 31.41
N GLY L 388 14.21 -55.31 32.10
CA GLY L 388 13.38 -56.49 32.28
C GLY L 388 13.89 -57.46 33.34
N ALA L 389 13.00 -58.36 33.75
CA ALA L 389 13.34 -59.36 34.77
C ALA L 389 14.18 -60.45 34.11
N ILE L 390 15.49 -60.40 34.32
CA ILE L 390 16.43 -61.23 33.58
C ILE L 390 16.96 -62.35 34.48
N VAL L 391 17.28 -63.48 33.86
CA VAL L 391 17.82 -64.66 34.54
C VAL L 391 18.91 -65.21 33.62
N GLY L 392 20.16 -65.12 34.05
CA GLY L 392 21.25 -65.58 33.19
C GLY L 392 21.94 -66.85 33.62
N ILE L 393 21.63 -67.97 32.97
CA ILE L 393 22.28 -69.25 33.26
C ILE L 393 23.43 -69.38 32.27
N GLY L 394 24.65 -69.24 32.72
CA GLY L 394 25.77 -69.33 31.80
C GLY L 394 26.98 -69.92 32.46
N SER L 395 27.78 -70.63 31.67
CA SER L 395 29.17 -70.91 32.06
C SER L 395 30.11 -69.86 31.48
N SER L 396 29.69 -68.60 31.62
CA SER L 396 30.40 -67.35 31.36
C SER L 396 30.71 -67.07 29.89
N SER L 397 30.59 -68.07 29.04
CA SER L 397 30.57 -67.92 27.60
C SER L 397 29.45 -68.72 26.97
N PHE L 398 29.23 -69.94 27.45
CA PHE L 398 28.11 -70.78 27.06
C PHE L 398 26.89 -70.24 27.81
N GLY L 399 26.10 -69.40 27.17
CA GLY L 399 25.09 -68.67 27.90
C GLY L 399 23.65 -68.96 27.54
N ALA L 400 22.74 -68.58 28.43
CA ALA L 400 21.31 -68.69 28.18
C ALA L 400 20.60 -67.66 29.04
N LEU L 401 20.06 -66.64 28.40
CA LEU L 401 19.43 -65.54 29.12
C LEU L 401 17.92 -65.60 28.92
N VAL L 402 17.18 -65.66 30.02
CA VAL L 402 15.72 -65.67 30.00
C VAL L 402 15.25 -64.32 30.50
N THR L 403 14.51 -63.60 29.66
CA THR L 403 14.03 -62.27 30.01
C THR L 403 12.51 -62.28 30.04
N ALA L 404 11.92 -61.76 31.12
CA ALA L 404 10.48 -61.80 31.25
C ALA L 404 9.98 -60.58 32.01
N LEU L 405 8.77 -60.15 31.67
CA LEU L 405 8.03 -59.10 32.34
C LEU L 405 6.54 -59.33 32.13
N SER L 406 5.74 -58.86 33.09
CA SER L 406 4.29 -58.92 32.96
C SER L 406 3.67 -57.70 33.62
N ALA L 407 3.49 -56.64 32.83
CA ALA L 407 2.75 -55.49 33.33
C ALA L 407 1.27 -55.79 33.35
N ASN L 408 0.55 -55.14 34.26
CA ASN L 408 -0.87 -55.40 34.44
C ASN L 408 -1.46 -54.17 35.11
N THR L 409 -2.05 -53.28 34.31
CA THR L 409 -2.60 -52.06 34.88
C THR L 409 -4.11 -52.06 34.73
N LYS L 410 -4.79 -51.56 35.73
CA LYS L 410 -6.23 -51.37 35.67
C LYS L 410 -6.53 -49.95 36.05
N SER L 411 -7.75 -49.51 35.78
CA SER L 411 -8.12 -48.13 36.07
C SER L 411 -9.63 -48.03 36.08
N ASN L 412 -10.14 -47.10 36.88
CA ASN L 412 -11.59 -46.98 37.02
C ASN L 412 -11.90 -45.53 37.35
N LEU L 413 -12.33 -44.78 36.35
CA LEU L 413 -12.69 -43.40 36.51
C LEU L 413 -14.19 -43.23 36.60
N LEU L 414 -14.60 -42.18 37.30
CA LEU L 414 -15.99 -41.82 37.47
C LEU L 414 -16.04 -40.30 37.59
N SER L 415 -17.08 -39.70 37.04
CA SER L 415 -17.24 -38.26 37.20
C SER L 415 -18.72 -37.94 37.19
N THR L 416 -19.12 -36.96 37.98
CA THR L 416 -20.52 -36.53 38.01
C THR L 416 -20.61 -35.02 38.13
N PRO L 417 -20.49 -34.31 37.02
CA PRO L 417 -20.87 -32.89 37.05
C PRO L 417 -22.38 -32.77 37.06
N SER L 418 -22.85 -31.65 37.61
CA SER L 418 -24.28 -31.43 37.78
C SER L 418 -24.52 -29.95 37.99
N LEU L 419 -25.49 -29.39 37.27
CA LEU L 419 -25.78 -27.98 37.43
C LEU L 419 -27.26 -27.68 37.30
N LEU L 420 -27.65 -26.54 37.85
CA LEU L 420 -29.01 -26.03 37.74
C LEU L 420 -29.05 -24.95 36.68
N THR L 421 -30.15 -24.90 35.94
CA THR L 421 -30.28 -23.91 34.88
C THR L 421 -31.75 -23.63 34.61
N LEU L 422 -31.98 -22.54 33.90
CA LEU L 422 -33.25 -22.32 33.22
C LEU L 422 -33.16 -22.89 31.81
N ASP L 423 -34.27 -22.83 31.09
CA ASP L 423 -34.23 -23.15 29.68
C ASP L 423 -33.57 -22.04 28.91
N ASN L 424 -32.94 -22.41 27.78
CA ASN L 424 -32.34 -21.49 26.81
C ASN L 424 -31.24 -20.64 27.43
N GLN L 425 -30.56 -21.19 28.44
CA GLN L 425 -29.54 -20.47 29.18
C GLN L 425 -28.30 -21.36 29.27
N LYS L 426 -27.25 -20.96 28.59
CA LYS L 426 -26.05 -21.77 28.46
C LYS L 426 -25.32 -21.85 29.78
N ALA L 427 -25.59 -22.89 30.55
CA ALA L 427 -24.83 -23.11 31.77
C ALA L 427 -23.47 -23.70 31.43
N GLU L 428 -22.64 -23.88 32.45
CA GLU L 428 -21.28 -24.36 32.27
C GLU L 428 -20.70 -24.73 33.60
N ILE L 429 -19.99 -25.84 33.67
CA ILE L 429 -19.07 -26.08 34.76
C ILE L 429 -17.75 -26.42 34.13
N LEU L 430 -16.68 -25.88 34.69
CA LEU L 430 -15.35 -26.20 34.21
C LEU L 430 -14.47 -26.39 35.43
N VAL L 431 -13.90 -27.57 35.59
CA VAL L 431 -13.05 -27.84 36.74
C VAL L 431 -11.71 -28.33 36.24
N GLY L 432 -10.63 -27.72 36.70
CA GLY L 432 -9.30 -28.10 36.32
C GLY L 432 -8.61 -27.01 35.52
N GLN L 433 -7.35 -27.29 35.21
CA GLN L 433 -6.34 -26.28 34.91
C GLN L 433 -6.64 -25.50 33.63
N ASN L 434 -5.88 -24.42 33.44
CA ASN L 434 -5.91 -23.59 32.25
C ASN L 434 -4.48 -23.43 31.77
N VAL L 435 -4.21 -23.87 30.55
CA VAL L 435 -2.85 -24.04 30.07
C VAL L 435 -2.64 -23.14 28.87
N PRO L 436 -1.39 -22.81 28.55
CA PRO L 436 -1.09 -22.19 27.27
C PRO L 436 -0.86 -23.24 26.19
N PHE L 437 -0.97 -22.79 24.95
CA PHE L 437 -0.61 -23.63 23.84
C PHE L 437 -0.09 -22.73 22.74
N GLN L 438 0.91 -23.20 22.02
CA GLN L 438 1.47 -22.39 20.95
C GLN L 438 0.54 -22.39 19.77
N THR L 439 0.35 -21.21 19.18
CA THR L 439 -0.22 -21.09 17.85
C THR L 439 0.85 -20.56 16.89
N GLY L 440 2.10 -20.80 17.23
CA GLY L 440 3.21 -20.29 16.46
C GLY L 440 4.53 -20.36 17.19
N THR L 454 6.36 -18.07 18.53
CA THR L 454 5.57 -18.13 19.76
C THR L 454 4.50 -17.07 19.76
N THR L 455 3.25 -17.48 19.59
CA THR L 455 2.10 -16.60 19.73
C THR L 455 0.99 -17.32 20.51
N VAL L 456 1.35 -17.81 21.70
CA VAL L 456 0.60 -18.75 22.52
C VAL L 456 -0.77 -18.22 22.96
N GLU L 457 -1.58 -19.10 23.53
CA GLU L 457 -2.97 -18.80 23.78
C GLU L 457 -3.44 -19.66 24.94
N ARG L 458 -4.47 -19.17 25.66
CA ARG L 458 -4.96 -19.84 26.85
C ARG L 458 -6.13 -20.76 26.52
N LYS L 459 -6.23 -21.87 27.25
CA LYS L 459 -7.14 -22.93 26.87
C LYS L 459 -7.37 -23.84 28.05
N ASP L 460 -8.63 -24.23 28.26
CA ASP L 460 -9.07 -24.89 29.49
C ASP L 460 -9.03 -26.41 29.40
N ILE L 461 -8.57 -27.03 30.48
CA ILE L 461 -8.28 -28.46 30.54
C ILE L 461 -8.87 -29.01 31.82
N GLY L 462 -9.78 -29.98 31.70
CA GLY L 462 -10.38 -30.59 32.86
C GLY L 462 -11.83 -30.89 32.61
N VAL L 463 -12.53 -31.41 33.61
CA VAL L 463 -13.91 -31.85 33.46
C VAL L 463 -14.78 -30.69 33.08
N SER L 464 -15.71 -30.89 32.16
CA SER L 464 -16.49 -29.74 31.72
C SER L 464 -17.86 -30.17 31.25
N LEU L 465 -18.80 -29.26 31.36
CA LEU L 465 -20.16 -29.59 30.98
C LEU L 465 -20.85 -28.33 30.51
N LYS L 466 -21.57 -28.40 29.40
CA LYS L 466 -22.34 -27.26 28.90
C LYS L 466 -23.71 -27.76 28.48
N VAL L 467 -24.73 -27.43 29.25
CA VAL L 467 -26.09 -27.87 28.98
C VAL L 467 -26.84 -26.70 28.39
N THR L 468 -27.76 -26.96 27.46
CA THR L 468 -28.80 -25.99 27.13
C THR L 468 -30.13 -26.70 27.01
N PRO L 469 -31.05 -26.50 27.94
CA PRO L 469 -32.35 -27.18 27.87
C PRO L 469 -33.34 -26.45 26.98
N HIS L 470 -34.47 -27.11 26.79
CA HIS L 470 -35.66 -26.53 26.21
C HIS L 470 -36.84 -27.28 26.80
N ILE L 471 -37.72 -26.56 27.49
CA ILE L 471 -38.59 -27.19 28.49
C ILE L 471 -40.04 -27.05 28.08
N ASN L 472 -40.67 -28.20 27.88
CA ASN L 472 -42.09 -28.25 27.67
C ASN L 472 -42.81 -28.13 28.99
N ASP L 473 -44.05 -27.67 28.96
CA ASP L 473 -44.88 -27.66 30.15
C ASP L 473 -45.33 -29.08 30.45
N GLY L 474 -44.43 -29.86 31.03
CA GLY L 474 -44.70 -31.25 31.32
C GLY L 474 -43.49 -32.14 31.16
N ALA L 475 -43.68 -33.28 30.52
CA ALA L 475 -42.62 -34.27 30.37
C ALA L 475 -41.75 -33.92 29.17
N ALA L 476 -40.74 -34.77 28.93
CA ALA L 476 -39.96 -34.83 27.69
C ALA L 476 -39.25 -33.50 27.39
N LEU L 477 -38.26 -33.21 28.22
CA LEU L 477 -37.40 -32.07 28.00
C LEU L 477 -36.42 -32.32 26.85
N ARG L 478 -35.95 -31.26 26.22
CA ARG L 478 -34.89 -31.37 25.23
C ARG L 478 -33.59 -30.87 25.84
N LEU L 479 -32.48 -31.56 25.56
CA LEU L 479 -31.19 -31.14 26.06
C LEU L 479 -30.20 -31.03 24.92
N GLU L 480 -29.35 -30.03 24.96
CA GLU L 480 -28.26 -29.88 24.02
C GLU L 480 -27.00 -29.98 24.87
N ILE L 481 -26.39 -31.13 24.88
CA ILE L 481 -25.30 -31.42 25.79
C ILE L 481 -24.01 -31.21 25.05
N GLU L 482 -23.04 -30.61 25.70
CA GLU L 482 -21.68 -30.63 25.20
C GLU L 482 -20.84 -30.95 26.41
N GLN L 483 -20.59 -32.21 26.63
CA GLN L 483 -19.86 -32.64 27.80
C GLN L 483 -18.47 -33.03 27.35
N GLU L 484 -17.47 -32.81 28.20
CA GLU L 484 -16.17 -33.34 27.86
C GLU L 484 -15.38 -33.62 29.11
N ILE L 485 -14.37 -34.47 28.95
CA ILE L 485 -13.37 -34.70 29.97
C ILE L 485 -12.03 -34.64 29.29
N SER L 486 -11.22 -33.66 29.67
CA SER L 486 -9.87 -33.56 29.17
C SER L 486 -8.94 -34.28 30.13
N ALA L 487 -7.64 -34.08 29.94
CA ALA L 487 -6.57 -34.46 30.87
C ALA L 487 -5.30 -33.77 30.40
N LEU L 488 -4.18 -34.13 30.99
CA LEU L 488 -2.89 -33.62 30.56
C LEU L 488 -1.89 -34.71 30.82
N LEU L 489 -0.93 -34.87 29.92
CA LEU L 489 -0.15 -36.10 29.90
C LEU L 489 1.33 -35.84 30.16
N PRO L 490 1.92 -36.41 31.22
CA PRO L 490 3.35 -36.22 31.46
C PRO L 490 4.21 -37.34 30.92
N ASN L 491 3.59 -38.45 30.52
CA ASN L 491 4.33 -39.67 30.22
C ASN L 491 4.91 -39.64 28.81
N ALA L 492 4.02 -39.67 27.82
CA ALA L 492 4.41 -39.82 26.42
C ALA L 492 4.61 -38.43 25.83
N GLN L 493 5.79 -37.89 26.04
CA GLN L 493 6.15 -36.59 25.52
C GLN L 493 7.11 -36.75 24.36
N GLN L 494 6.80 -36.08 23.27
CA GLN L 494 7.60 -36.09 22.05
C GLN L 494 8.65 -34.99 22.12
N ARG L 495 9.21 -34.64 20.97
CA ARG L 495 10.17 -33.56 20.78
C ARG L 495 9.47 -32.17 20.68
N ASN L 496 8.26 -32.06 21.22
CA ASN L 496 7.42 -30.88 21.01
C ASN L 496 6.78 -30.51 22.34
N ASN L 497 5.73 -29.70 22.28
CA ASN L 497 5.16 -29.08 23.47
C ASN L 497 4.26 -30.03 24.25
N THR L 498 3.44 -29.46 25.12
CA THR L 498 2.51 -30.21 25.94
C THR L 498 1.53 -31.00 25.08
N ASP L 499 1.54 -32.32 25.26
CA ASP L 499 0.65 -33.21 24.53
C ASP L 499 -0.69 -33.26 25.26
N LEU L 500 -1.40 -32.16 25.14
CA LEU L 500 -2.57 -31.90 25.97
C LEU L 500 -3.71 -32.80 25.54
N ILE L 501 -4.14 -33.72 26.39
CA ILE L 501 -5.30 -34.52 26.03
C ILE L 501 -6.49 -33.62 26.28
N THR L 502 -6.83 -32.79 25.29
CA THR L 502 -7.83 -31.74 25.46
C THR L 502 -9.24 -32.29 25.25
N SER L 503 -9.36 -33.36 24.49
CA SER L 503 -10.50 -34.25 24.59
C SER L 503 -9.94 -35.60 24.96
N LYS L 504 -10.49 -36.20 26.00
CA LYS L 504 -10.43 -37.64 26.17
C LYS L 504 -11.78 -38.25 26.07
N ARG L 505 -12.80 -37.56 26.49
CA ARG L 505 -14.14 -37.84 26.02
C ARG L 505 -14.70 -36.52 25.59
N SER L 506 -15.44 -36.50 24.51
CA SER L 506 -16.00 -35.21 24.12
C SER L 506 -17.28 -35.48 23.37
N ILE L 507 -18.38 -35.61 24.08
CA ILE L 507 -19.62 -35.94 23.42
C ILE L 507 -20.46 -34.69 23.31
N LYS L 508 -20.76 -34.30 22.08
CA LYS L 508 -21.44 -33.05 21.79
C LYS L 508 -22.75 -33.39 21.13
N SER L 509 -23.74 -33.75 21.90
CA SER L 509 -24.93 -34.34 21.31
C SER L 509 -26.15 -33.51 21.61
N THR L 510 -27.30 -34.01 21.18
CA THR L 510 -28.55 -33.30 21.37
C THR L 510 -29.62 -34.36 21.60
N ILE L 511 -30.04 -34.54 22.85
CA ILE L 511 -30.95 -35.64 23.15
C ILE L 511 -32.28 -35.08 23.66
N LEU L 512 -33.21 -35.98 23.95
CA LEU L 512 -34.53 -35.57 24.42
C LEU L 512 -34.97 -36.58 25.45
N ALA L 513 -34.99 -36.18 26.72
CA ALA L 513 -35.11 -37.11 27.83
C ALA L 513 -36.39 -36.89 28.61
N GLU L 514 -36.60 -37.77 29.57
CA GLU L 514 -37.74 -37.78 30.47
C GLU L 514 -37.26 -37.50 31.89
N ASN L 515 -38.02 -36.68 32.61
CA ASN L 515 -37.56 -35.97 33.81
C ASN L 515 -37.26 -36.84 35.02
N GLY L 516 -37.21 -38.16 34.98
CA GLY L 516 -36.72 -38.89 36.13
C GLY L 516 -35.93 -40.09 35.68
N GLN L 517 -35.63 -40.14 34.39
CA GLN L 517 -35.14 -41.36 33.75
C GLN L 517 -33.64 -41.27 33.56
N VAL L 518 -32.90 -42.12 34.25
CA VAL L 518 -31.48 -42.25 34.02
C VAL L 518 -31.30 -42.91 32.67
N ILE L 519 -30.77 -42.16 31.69
CA ILE L 519 -30.61 -42.66 30.35
C ILE L 519 -29.13 -42.72 30.02
N VAL L 520 -28.81 -43.31 28.87
CA VAL L 520 -27.45 -43.46 28.39
C VAL L 520 -27.28 -42.60 27.16
N ILE L 521 -26.27 -41.74 27.18
CA ILE L 521 -26.04 -40.90 26.02
C ILE L 521 -25.00 -41.52 25.11
N GLY L 522 -23.90 -42.01 25.66
CA GLY L 522 -22.84 -42.40 24.76
C GLY L 522 -21.99 -43.53 25.32
N GLY L 523 -21.15 -44.08 24.47
CA GLY L 523 -20.33 -45.18 24.95
C GLY L 523 -19.20 -45.50 24.03
N LEU L 524 -18.32 -46.36 24.53
CA LEU L 524 -17.18 -46.86 23.78
C LEU L 524 -16.73 -48.16 24.41
N ILE L 525 -16.69 -49.22 23.64
CA ILE L 525 -16.15 -50.49 24.11
C ILE L 525 -15.03 -50.85 23.18
N GLN L 526 -13.80 -50.78 23.66
CA GLN L 526 -12.63 -50.97 22.82
C GLN L 526 -11.83 -52.14 23.35
N ASP L 527 -11.77 -53.20 22.55
CA ASP L 527 -11.08 -54.43 22.93
C ASP L 527 -9.90 -54.64 21.99
N ASP L 528 -8.85 -55.26 22.50
CA ASP L 528 -7.65 -55.41 21.73
C ASP L 528 -6.87 -56.59 22.27
N VAL L 529 -6.24 -57.31 21.35
CA VAL L 529 -5.31 -58.38 21.68
C VAL L 529 -4.28 -58.46 20.57
N SER L 530 -3.02 -58.39 20.94
CA SER L 530 -1.94 -58.35 19.97
C SER L 530 -0.83 -59.25 20.47
N GLN L 531 -0.09 -59.84 19.54
CA GLN L 531 0.95 -60.80 19.92
C GLN L 531 1.99 -60.94 18.83
N ALA L 532 3.23 -60.64 19.17
CA ALA L 532 4.35 -60.79 18.25
C ALA L 532 5.24 -61.92 18.73
N GLU L 533 5.86 -62.60 17.78
CA GLU L 533 6.84 -63.62 18.08
C GLU L 533 8.12 -63.35 17.32
N SER L 534 9.17 -64.04 17.72
CA SER L 534 10.42 -64.04 16.96
C SER L 534 11.16 -65.32 17.33
N LYS L 535 11.38 -66.20 16.37
CA LYS L 535 11.97 -67.49 16.69
C LYS L 535 12.93 -67.91 15.59
N VAL L 536 13.78 -68.88 15.92
CA VAL L 536 14.47 -69.63 14.88
C VAL L 536 13.44 -70.49 14.15
N PRO L 537 13.38 -70.43 12.81
CA PRO L 537 12.22 -70.99 12.09
C PRO L 537 12.09 -72.50 12.13
N LEU L 538 13.12 -73.23 12.53
CA LEU L 538 12.98 -74.68 12.65
C LEU L 538 12.63 -75.11 14.08
N LEU L 539 13.15 -74.42 15.08
CA LEU L 539 13.16 -74.93 16.44
C LEU L 539 12.01 -74.41 17.29
N GLY L 540 11.46 -73.24 16.98
CA GLY L 540 10.35 -72.74 17.76
C GLY L 540 9.06 -73.50 17.54
N ASP L 541 8.97 -74.26 16.44
CA ASP L 541 7.73 -74.93 16.09
C ASP L 541 7.45 -76.15 16.94
N ILE L 542 8.50 -76.78 17.47
CA ILE L 542 8.38 -78.06 18.17
C ILE L 542 7.70 -77.83 19.52
N PRO L 543 6.52 -78.40 19.75
CA PRO L 543 5.77 -78.06 20.97
C PRO L 543 6.21 -78.84 22.20
N LEU L 544 7.51 -78.98 22.36
CA LEU L 544 8.15 -79.49 23.56
C LEU L 544 9.29 -78.58 24.00
N LEU L 545 10.02 -78.01 23.04
CA LEU L 545 11.10 -77.06 23.33
C LEU L 545 10.87 -75.72 22.65
N GLY L 546 9.66 -75.48 22.15
CA GLY L 546 9.36 -74.25 21.44
C GLY L 546 9.42 -73.02 22.31
N ARG L 547 9.23 -73.17 23.62
CA ARG L 547 9.43 -72.05 24.52
C ARG L 547 10.89 -71.67 24.61
N LEU L 548 11.80 -72.63 24.47
CA LEU L 548 13.22 -72.38 24.67
C LEU L 548 13.89 -71.69 23.49
N PHE L 549 13.15 -71.31 22.48
CA PHE L 549 13.79 -70.60 21.37
C PHE L 549 13.08 -69.31 21.00
N ARG L 550 11.77 -69.28 21.09
CA ARG L 550 11.02 -68.13 20.61
C ARG L 550 11.13 -66.94 21.56
N SER L 551 10.50 -65.85 21.18
CA SER L 551 10.42 -64.65 21.99
C SER L 551 9.06 -64.02 21.72
N THR L 552 8.19 -64.03 22.71
CA THR L 552 6.82 -63.60 22.51
C THR L 552 6.53 -62.34 23.30
N LYS L 553 5.53 -61.62 22.82
CA LYS L 553 5.10 -60.38 23.43
C LYS L 553 3.60 -60.25 23.19
N ASP L 554 2.81 -60.38 24.25
CA ASP L 554 1.36 -60.31 24.16
C ASP L 554 0.89 -59.03 24.80
N THR L 555 -0.27 -58.55 24.36
CA THR L 555 -0.81 -57.27 24.81
C THR L 555 -2.32 -57.31 24.68
N HIS L 556 -3.02 -57.38 25.80
CA HIS L 556 -4.47 -57.33 25.81
C HIS L 556 -4.89 -55.99 26.41
N THR L 557 -6.01 -55.45 25.93
CA THR L 557 -6.37 -54.08 26.27
C THR L 557 -7.87 -53.89 26.18
N LYS L 558 -8.49 -53.41 27.25
CA LYS L 558 -9.91 -53.08 27.23
C LYS L 558 -10.13 -51.67 27.72
N ARG L 559 -11.07 -50.98 27.10
CA ARG L 559 -11.53 -49.68 27.57
C ARG L 559 -13.04 -49.65 27.44
N ASN L 560 -13.74 -49.68 28.56
CA ASN L 560 -15.18 -49.57 28.59
C ASN L 560 -15.54 -48.17 29.05
N LEU L 561 -16.58 -47.61 28.45
CA LEU L 561 -16.90 -46.21 28.67
C LEU L 561 -18.37 -45.98 28.47
N MET L 562 -19.04 -45.42 29.47
CA MET L 562 -20.42 -45.00 29.33
C MET L 562 -20.55 -43.56 29.79
N VAL L 563 -21.46 -42.85 29.14
CA VAL L 563 -21.81 -41.49 29.51
C VAL L 563 -23.32 -41.46 29.69
N PHE L 564 -23.77 -41.32 30.93
CA PHE L 564 -25.16 -41.29 31.35
C PHE L 564 -25.60 -39.88 31.67
N LEU L 565 -26.90 -39.69 31.73
CA LEU L 565 -27.48 -38.39 31.94
C LEU L 565 -28.73 -38.53 32.79
N ARG L 566 -28.97 -37.54 33.62
CA ARG L 566 -30.13 -37.56 34.48
C ARG L 566 -30.71 -36.16 34.61
N PRO L 567 -31.83 -35.89 34.02
CA PRO L 567 -32.48 -34.60 34.22
C PRO L 567 -33.53 -34.65 35.31
N THR L 568 -33.65 -33.57 36.09
CA THR L 568 -34.74 -33.42 37.04
C THR L 568 -35.35 -32.04 36.85
N VAL L 569 -36.66 -32.00 36.62
CA VAL L 569 -37.37 -30.75 36.40
C VAL L 569 -37.88 -30.25 37.73
N VAL L 570 -37.50 -29.03 38.10
CA VAL L 570 -38.06 -28.35 39.25
C VAL L 570 -38.70 -27.06 38.78
N ARG L 571 -39.93 -26.83 39.19
CA ARG L 571 -40.63 -25.59 38.88
C ARG L 571 -41.21 -24.89 40.09
N ASP L 572 -41.38 -25.57 41.21
CA ASP L 572 -41.67 -24.93 42.48
C ASP L 572 -40.45 -24.99 43.38
N SER L 573 -40.39 -24.07 44.33
CA SER L 573 -39.24 -24.00 45.22
C SER L 573 -39.19 -25.15 46.23
N ALA L 574 -40.28 -25.91 46.37
CA ALA L 574 -40.29 -27.01 47.32
C ALA L 574 -39.36 -28.12 46.86
N GLY L 575 -39.44 -28.50 45.59
CA GLY L 575 -38.56 -29.54 45.09
C GLY L 575 -37.12 -29.10 45.02
N LEU L 576 -36.89 -27.82 44.77
CA LEU L 576 -35.54 -27.27 44.80
C LEU L 576 -34.96 -27.30 46.21
N ALA L 577 -35.80 -27.00 47.21
CA ALA L 577 -35.38 -27.14 48.60
C ALA L 577 -35.10 -28.59 48.95
N ALA L 578 -35.87 -29.52 48.39
CA ALA L 578 -35.64 -30.93 48.68
C ALA L 578 -34.33 -31.44 48.08
N LEU L 579 -34.05 -31.05 46.83
CA LEU L 579 -32.77 -31.36 46.21
C LEU L 579 -31.60 -30.76 46.98
N SER L 580 -31.77 -29.51 47.42
CA SER L 580 -30.71 -28.84 48.17
C SER L 580 -30.47 -29.51 49.50
N GLY L 581 -31.54 -29.93 50.18
CA GLY L 581 -31.39 -30.63 51.44
C GLY L 581 -30.72 -31.98 51.29
N LYS L 582 -31.06 -32.71 50.22
CA LYS L 582 -30.42 -34.00 50.00
C LYS L 582 -28.94 -33.84 49.67
N LYS L 583 -28.59 -32.89 48.80
CA LYS L 583 -27.17 -32.69 48.49
C LYS L 583 -26.40 -32.14 49.68
N TYR L 584 -27.06 -31.34 50.51
CA TYR L 584 -26.39 -30.77 51.66
C TYR L 584 -26.15 -31.82 52.73
N SER L 585 -27.11 -32.74 52.91
CA SER L 585 -26.86 -33.86 53.81
C SER L 585 -25.80 -34.79 53.24
N ASP L 586 -25.78 -34.97 51.93
CA ASP L 586 -24.81 -35.85 51.32
C ASP L 586 -23.41 -35.26 51.29
N ILE L 587 -23.27 -33.95 51.45
CA ILE L 587 -21.94 -33.40 51.65
C ILE L 587 -21.60 -33.32 53.14
N ARG L 588 -22.60 -33.22 54.01
CA ARG L 588 -22.38 -33.26 55.45
C ARG L 588 -21.89 -34.62 55.89
N VAL L 589 -22.35 -35.68 55.23
CA VAL L 589 -21.87 -37.02 55.60
C VAL L 589 -20.43 -37.21 55.14
N ILE L 590 -20.01 -36.50 54.08
CA ILE L 590 -18.60 -36.54 53.69
C ILE L 590 -17.78 -35.76 54.69
N ASP L 591 -18.35 -34.67 55.22
CA ASP L 591 -17.74 -34.03 56.39
C ASP L 591 -17.73 -34.96 57.60
N GLY L 592 -18.70 -35.87 57.69
CA GLY L 592 -18.82 -36.82 58.76
C GLY L 592 -17.97 -38.07 58.63
N THR L 593 -17.02 -38.11 57.70
CA THR L 593 -16.12 -39.25 57.58
C THR L 593 -14.69 -38.83 57.91
N PRO L 604 -5.80 -32.16 62.24
CA PRO L 604 -6.78 -33.24 62.10
C PRO L 604 -7.90 -32.90 61.13
N THR L 605 -8.99 -33.67 61.22
CA THR L 605 -10.15 -33.59 60.34
C THR L 605 -11.42 -33.46 61.18
N ASN L 606 -11.40 -32.49 62.09
CA ASN L 606 -12.40 -32.34 63.14
C ASN L 606 -13.75 -31.91 62.57
N ALA L 607 -14.73 -31.81 63.48
CA ALA L 607 -16.14 -31.75 63.12
C ALA L 607 -16.48 -30.45 62.40
N ASN L 608 -17.02 -30.56 61.20
CA ASN L 608 -17.31 -29.40 60.36
C ASN L 608 -18.67 -28.83 60.71
N GLN L 609 -19.07 -27.76 60.03
CA GLN L 609 -20.11 -26.90 60.58
C GLN L 609 -21.28 -26.73 59.62
N LEU L 610 -22.47 -26.64 60.17
CA LEU L 610 -23.67 -26.28 59.43
C LEU L 610 -23.70 -24.78 59.19
N PHE L 611 -24.59 -24.32 58.31
CA PHE L 611 -24.82 -22.90 58.13
C PHE L 611 -26.29 -22.60 58.33
N ASP L 612 -26.64 -21.34 58.10
CA ASP L 612 -28.00 -20.88 58.28
C ASP L 612 -28.85 -21.39 57.13
N GLY L 613 -29.33 -22.62 57.26
CA GLY L 613 -30.16 -23.23 56.24
C GLY L 613 -31.50 -22.55 56.05
N ASP M 174 -88.39 18.81 17.06
CA ASP M 174 -87.89 19.60 18.18
C ASP M 174 -86.41 19.33 18.47
N TYR M 175 -85.81 20.17 19.32
CA TYR M 175 -84.37 20.16 19.52
C TYR M 175 -84.05 19.38 20.80
N SER M 176 -82.97 18.59 20.76
CA SER M 176 -82.52 17.90 21.97
C SER M 176 -81.04 17.57 21.85
N VAL M 177 -80.45 17.25 23.00
CA VAL M 177 -79.06 16.80 23.08
C VAL M 177 -79.01 15.61 24.02
N ILE M 178 -78.29 14.56 23.60
CA ILE M 178 -78.12 13.34 24.38
C ILE M 178 -76.65 13.01 24.51
N ASN M 179 -76.37 12.13 25.46
CA ASN M 179 -75.05 11.56 25.70
C ASN M 179 -74.92 10.24 24.97
N LEU M 180 -73.71 9.67 25.04
CA LEU M 180 -73.43 8.30 24.66
C LEU M 180 -72.43 7.73 25.64
N ARG M 181 -72.63 6.47 26.02
CA ARG M 181 -71.71 5.81 26.93
C ARG M 181 -70.51 5.24 26.18
N TYR M 182 -70.77 4.32 25.26
CA TYR M 182 -69.76 3.75 24.39
C TYR M 182 -69.94 4.11 22.93
N GLY M 183 -71.06 4.72 22.55
CA GLY M 183 -71.33 4.99 21.16
C GLY M 183 -70.51 6.16 20.63
N TRP M 184 -70.24 6.13 19.33
CA TRP M 184 -69.49 7.17 18.65
C TRP M 184 -70.43 7.99 17.76
N VAL M 185 -70.42 9.31 17.94
CA VAL M 185 -71.16 10.19 17.06
C VAL M 185 -70.51 10.31 15.70
N MET M 186 -69.22 9.98 15.61
CA MET M 186 -68.52 9.96 14.33
C MET M 186 -69.12 8.92 13.40
N ASP M 187 -69.34 7.71 13.92
CA ASP M 187 -69.97 6.67 13.11
C ASP M 187 -71.45 6.95 12.91
N ALA M 188 -72.12 7.49 13.94
CA ALA M 188 -73.55 7.68 13.89
C ALA M 188 -73.97 8.90 13.09
N ALA M 189 -73.03 9.75 12.70
CA ALA M 189 -73.37 10.96 11.94
C ALA M 189 -73.85 10.61 10.54
N GLU M 190 -73.12 9.72 9.86
CA GLU M 190 -73.51 9.27 8.53
C GLU M 190 -74.79 8.44 8.60
N VAL M 191 -75.01 7.77 9.74
CA VAL M 191 -76.26 7.05 9.97
C VAL M 191 -77.43 8.01 10.01
N LEU M 192 -77.39 8.94 10.96
CA LEU M 192 -78.52 9.80 11.25
C LEU M 192 -78.74 10.88 10.21
N ASN M 193 -77.73 11.22 9.42
CA ASN M 193 -77.97 12.11 8.29
C ASN M 193 -78.81 11.42 7.23
N ASN M 194 -78.62 10.11 7.07
CA ASN M 194 -79.43 9.32 6.15
C ASN M 194 -80.59 8.63 6.85
N ALA M 195 -80.85 8.96 8.12
CA ALA M 195 -82.02 8.42 8.79
C ALA M 195 -83.30 8.97 8.19
N MET M 196 -83.27 10.24 7.79
CA MET M 196 -84.36 10.81 7.01
C MET M 196 -84.03 10.72 5.53
N SER M 197 -85.05 10.43 4.72
CA SER M 197 -84.85 10.08 3.33
C SER M 197 -84.44 11.30 2.51
N ARG M 198 -84.07 11.04 1.26
CA ARG M 198 -83.61 12.10 0.37
C ARG M 198 -84.80 12.87 -0.21
N ALA M 205 -84.13 17.38 3.38
CA ALA M 205 -83.68 16.53 4.48
C ALA M 205 -84.61 16.64 5.67
N GLY M 206 -84.95 17.87 6.04
CA GLY M 206 -85.85 18.09 7.16
C GLY M 206 -85.13 18.18 8.49
N ALA M 207 -85.09 17.06 9.22
CA ALA M 207 -84.43 17.02 10.51
C ALA M 207 -82.92 17.13 10.36
N GLN M 208 -82.24 17.43 11.46
CA GLN M 208 -80.79 17.60 11.44
C GLN M 208 -80.14 16.89 12.62
N VAL M 209 -78.83 16.76 12.52
CA VAL M 209 -78.04 16.02 13.50
C VAL M 209 -76.64 16.64 13.56
N ILE M 210 -76.13 16.81 14.77
CA ILE M 210 -74.88 17.53 15.04
C ILE M 210 -74.06 16.71 16.02
N ALA M 211 -72.81 16.45 15.68
CA ALA M 211 -71.93 15.60 16.46
C ALA M 211 -70.99 16.41 17.33
N ASP M 212 -70.61 15.82 18.48
CA ASP M 212 -69.53 16.33 19.34
C ASP M 212 -68.63 15.17 19.68
N ALA M 213 -67.49 15.08 18.98
CA ALA M 213 -66.56 13.98 19.18
C ALA M 213 -65.60 14.21 20.34
N ARG M 214 -65.58 15.41 20.92
CA ARG M 214 -64.78 15.61 22.13
C ARG M 214 -65.54 15.18 23.37
N THR M 215 -66.77 15.64 23.49
CA THR M 215 -67.61 15.32 24.63
C THR M 215 -68.71 14.32 24.29
N ASN M 216 -68.66 13.74 23.08
CA ASN M 216 -69.48 12.60 22.66
C ASN M 216 -70.97 12.95 22.71
N ARG M 217 -71.29 14.17 22.34
CA ARG M 217 -72.67 14.64 22.47
C ARG M 217 -73.37 14.58 21.12
N LEU M 218 -74.69 14.50 21.17
CA LEU M 218 -75.49 14.42 19.96
C LEU M 218 -76.63 15.42 20.04
N ILE M 219 -76.67 16.36 19.11
CA ILE M 219 -77.71 17.38 19.07
C ILE M 219 -78.58 17.10 17.86
N ILE M 220 -79.81 16.67 18.09
CA ILE M 220 -80.70 16.29 17.01
C ILE M 220 -81.91 17.21 17.00
N LEU M 221 -82.35 17.58 15.80
CA LEU M 221 -83.34 18.62 15.59
C LEU M 221 -84.40 18.01 14.67
N GLY M 222 -85.41 17.35 15.24
CA GLY M 222 -86.39 16.67 14.44
C GLY M 222 -87.57 16.06 15.18
N PRO M 223 -88.12 14.97 14.63
CA PRO M 223 -89.35 14.42 15.19
C PRO M 223 -89.08 13.69 16.48
N PRO M 224 -90.07 13.59 17.37
CA PRO M 224 -89.82 12.95 18.68
C PRO M 224 -89.71 11.45 18.60
N GLN M 225 -90.32 10.80 17.61
CA GLN M 225 -90.20 9.34 17.50
C GLN M 225 -88.85 8.91 16.97
N ALA M 226 -88.25 9.69 16.07
CA ALA M 226 -86.87 9.41 15.68
C ALA M 226 -85.92 9.61 16.84
N ARG M 227 -86.20 10.62 17.68
CA ARG M 227 -85.48 10.82 18.93
C ARG M 227 -85.57 9.59 19.83
N ALA M 228 -86.78 9.09 20.06
CA ALA M 228 -86.96 7.99 21.00
C ALA M 228 -86.37 6.68 20.47
N LYS M 229 -86.67 6.36 19.21
CA LYS M 229 -86.17 5.12 18.62
C LYS M 229 -84.66 5.15 18.44
N LEU M 230 -84.07 6.32 18.23
CA LEU M 230 -82.64 6.33 18.05
C LEU M 230 -81.89 6.55 19.35
N VAL M 231 -82.56 7.03 20.41
CA VAL M 231 -82.00 6.88 21.74
C VAL M 231 -82.03 5.41 22.16
N GLN M 232 -83.04 4.65 21.75
CA GLN M 232 -83.04 3.21 22.00
C GLN M 232 -81.97 2.51 21.18
N LEU M 233 -81.77 2.92 19.94
CA LEU M 233 -80.66 2.39 19.14
C LEU M 233 -79.32 2.86 19.69
N ALA M 234 -79.29 4.01 20.36
CA ALA M 234 -78.07 4.44 21.04
C ALA M 234 -77.78 3.55 22.24
N GLN M 235 -78.84 3.18 22.99
CA GLN M 235 -78.68 2.35 24.17
C GLN M 235 -78.38 0.90 23.80
N SER M 236 -78.78 0.47 22.61
CA SER M 236 -78.31 -0.79 22.06
C SER M 236 -76.98 -0.64 21.33
N LEU M 237 -76.60 0.60 21.01
CA LEU M 237 -75.45 0.89 20.16
C LEU M 237 -74.19 1.09 20.98
N ASP M 238 -74.34 1.59 22.20
CA ASP M 238 -73.22 1.70 23.13
C ASP M 238 -73.00 0.44 23.94
N THR M 239 -73.49 -0.69 23.45
CA THR M 239 -73.16 -1.97 24.04
C THR M 239 -71.98 -2.57 23.28
N PRO M 240 -71.01 -3.17 23.96
CA PRO M 240 -69.94 -3.88 23.26
C PRO M 240 -70.45 -5.13 22.57
N THR M 241 -69.82 -5.46 21.44
CA THR M 241 -70.23 -6.58 20.59
C THR M 241 -68.93 -7.08 19.94
N ALA M 242 -68.99 -7.65 18.73
CA ALA M 242 -67.89 -8.33 18.06
C ALA M 242 -66.68 -7.44 17.78
N ARG M 243 -65.66 -8.04 17.15
CA ARG M 243 -64.24 -7.63 17.20
C ARG M 243 -63.84 -7.17 18.61
N SER M 244 -64.15 -8.02 19.58
CA SER M 244 -63.77 -7.81 20.96
C SER M 244 -63.65 -9.17 21.63
N ALA M 245 -62.48 -9.41 22.26
CA ALA M 245 -62.12 -10.70 22.87
C ALA M 245 -62.21 -11.84 21.86
N ASN M 246 -61.51 -11.68 20.74
CA ASN M 246 -61.42 -12.69 19.71
C ASN M 246 -59.97 -13.10 19.48
N THR M 247 -59.21 -13.18 20.56
CA THR M 247 -57.77 -13.43 20.53
C THR M 247 -57.45 -14.79 21.15
N ARG M 248 -56.18 -15.17 21.08
CA ARG M 248 -55.78 -16.51 21.46
C ARG M 248 -54.29 -16.52 21.77
N VAL M 249 -53.89 -17.32 22.75
CA VAL M 249 -52.49 -17.52 23.10
C VAL M 249 -52.20 -19.01 23.07
N ILE M 250 -51.14 -19.40 22.35
CA ILE M 250 -50.81 -20.80 22.12
C ILE M 250 -49.39 -21.06 22.60
N ARG M 251 -49.25 -22.00 23.53
CA ARG M 251 -47.93 -22.50 23.87
C ARG M 251 -47.48 -23.49 22.82
N LEU M 252 -46.17 -23.59 22.63
CA LEU M 252 -45.66 -24.50 21.63
C LEU M 252 -44.77 -25.56 22.28
N ARG M 253 -44.79 -26.74 21.68
CA ARG M 253 -43.97 -27.86 22.10
C ARG M 253 -43.17 -28.36 20.92
N HIS M 254 -41.88 -28.56 21.15
CA HIS M 254 -40.89 -29.10 20.21
C HIS M 254 -40.67 -28.23 18.99
N ASN M 255 -41.09 -26.96 19.04
CA ASN M 255 -40.91 -26.05 17.91
C ASN M 255 -40.71 -24.64 18.42
N ASP M 256 -39.93 -23.86 17.68
CA ASP M 256 -39.76 -22.46 18.00
C ASP M 256 -40.99 -21.67 17.58
N ALA M 257 -41.14 -20.48 18.15
CA ALA M 257 -42.33 -19.69 17.89
C ALA M 257 -42.18 -18.88 16.61
N LYS M 258 -41.01 -18.29 16.39
CA LYS M 258 -40.82 -17.45 15.21
C LYS M 258 -40.71 -18.29 13.95
N THR M 259 -40.12 -19.48 14.07
CA THR M 259 -39.94 -20.36 12.92
C THR M 259 -41.27 -20.81 12.34
N LEU M 260 -42.19 -21.23 13.20
CA LEU M 260 -43.53 -21.52 12.72
C LEU M 260 -44.30 -20.25 12.39
N ALA M 261 -43.94 -19.12 13.01
CA ALA M 261 -44.69 -17.90 12.80
C ALA M 261 -44.49 -17.34 11.41
N GLU M 262 -43.29 -17.49 10.82
CA GLU M 262 -43.13 -17.09 9.42
C GLU M 262 -44.02 -17.92 8.51
N THR M 263 -44.11 -19.22 8.77
CA THR M 263 -44.89 -20.10 7.92
C THR M 263 -46.38 -19.85 8.07
N LEU M 264 -46.85 -19.62 9.29
CA LEU M 264 -48.26 -19.30 9.49
C LEU M 264 -48.61 -17.93 8.93
N GLY M 265 -47.69 -16.97 9.00
CA GLY M 265 -47.94 -15.69 8.35
C GLY M 265 -47.92 -15.77 6.84
N GLN M 266 -47.17 -16.72 6.30
CA GLN M 266 -47.18 -16.89 4.86
C GLN M 266 -48.32 -17.77 4.35
N ILE M 267 -48.97 -18.56 5.22
CA ILE M 267 -50.19 -19.23 4.78
C ILE M 267 -51.45 -18.48 5.15
N SER M 268 -51.36 -17.47 6.00
CA SER M 268 -52.58 -16.86 6.52
C SER M 268 -53.15 -15.79 5.60
N GLU M 269 -52.60 -15.58 4.41
CA GLU M 269 -53.28 -14.74 3.43
C GLU M 269 -54.53 -15.41 2.90
N GLY M 270 -54.50 -16.74 2.78
CA GLY M 270 -55.64 -17.46 2.24
C GLY M 270 -56.76 -17.67 3.23
N MET M 271 -56.52 -17.41 4.51
CA MET M 271 -57.59 -17.44 5.49
C MET M 271 -58.22 -16.07 5.71
N LYS M 272 -57.87 -15.09 4.88
CA LYS M 272 -58.39 -13.73 5.03
C LYS M 272 -59.60 -13.50 4.14
N SER M 288 -62.13 -10.55 9.03
CA SER M 288 -61.59 -9.90 7.85
C SER M 288 -60.12 -9.55 8.05
N ASN M 289 -59.58 -9.90 9.22
CA ASN M 289 -58.19 -9.64 9.56
C ASN M 289 -57.59 -10.84 10.25
N ILE M 290 -56.27 -10.96 10.16
CA ILE M 290 -55.57 -12.15 10.61
C ILE M 290 -54.16 -11.79 11.10
N LEU M 291 -53.84 -12.11 12.36
CA LEU M 291 -52.59 -11.66 12.95
C LEU M 291 -51.97 -12.75 13.81
N ILE M 292 -50.83 -13.27 13.39
CA ILE M 292 -50.11 -14.29 14.14
C ILE M 292 -48.72 -13.75 14.40
N ARG M 293 -48.42 -13.46 15.65
CA ARG M 293 -47.09 -13.00 15.98
C ARG M 293 -46.49 -13.92 17.04
N ALA M 294 -45.20 -13.77 17.27
CA ALA M 294 -44.47 -14.77 18.02
C ALA M 294 -43.94 -14.22 19.33
N ASP M 295 -43.38 -15.13 20.13
CA ASP M 295 -42.62 -14.77 21.33
C ASP M 295 -41.61 -15.88 21.55
N GLU M 296 -40.33 -15.52 21.47
CA GLU M 296 -39.27 -16.49 21.66
C GLU M 296 -38.88 -16.65 23.11
N SER M 297 -39.43 -15.85 24.02
CA SER M 297 -39.07 -15.96 25.42
C SER M 297 -39.73 -17.18 26.05
N THR M 298 -41.06 -17.19 26.08
CA THR M 298 -41.84 -18.34 26.54
C THR M 298 -42.32 -19.20 25.38
N ASN M 299 -41.74 -19.01 24.18
CA ASN M 299 -41.92 -19.86 23.01
C ASN M 299 -43.38 -19.91 22.55
N ALA M 300 -44.09 -18.83 22.74
CA ALA M 300 -45.54 -18.83 22.55
C ALA M 300 -45.92 -18.06 21.30
N LEU M 301 -47.20 -18.13 20.97
CA LEU M 301 -47.69 -17.67 19.69
C LEU M 301 -49.01 -16.95 19.93
N VAL M 302 -49.10 -15.70 19.52
CA VAL M 302 -50.29 -14.90 19.75
C VAL M 302 -51.10 -14.84 18.48
N LEU M 303 -52.33 -15.34 18.55
CA LEU M 303 -53.26 -15.40 17.45
C LEU M 303 -54.34 -14.33 17.63
N LEU M 304 -54.73 -13.74 16.51
CA LEU M 304 -55.88 -12.85 16.48
C LEU M 304 -56.65 -13.13 15.20
N ALA M 305 -57.82 -13.72 15.34
CA ALA M 305 -58.58 -14.21 14.20
C ALA M 305 -60.02 -14.49 14.63
N ASP M 306 -60.88 -14.65 13.63
CA ASP M 306 -62.23 -15.10 13.85
C ASP M 306 -62.21 -16.58 14.25
N PRO M 307 -63.20 -17.04 15.03
CA PRO M 307 -63.10 -18.39 15.64
C PRO M 307 -63.02 -19.57 14.67
N ASP M 308 -63.53 -19.44 13.45
CA ASP M 308 -63.27 -20.46 12.44
C ASP M 308 -61.80 -20.50 12.07
N THR M 309 -61.21 -19.33 11.86
CA THR M 309 -59.78 -19.25 11.55
C THR M 309 -58.95 -19.67 12.76
N VAL M 310 -59.46 -19.43 13.97
CA VAL M 310 -58.80 -19.89 15.19
C VAL M 310 -58.77 -21.42 15.23
N ASN M 311 -59.90 -22.06 14.90
CA ASN M 311 -59.93 -23.51 14.88
C ASN M 311 -59.07 -24.11 13.77
N ALA M 312 -59.00 -23.43 12.62
CA ALA M 312 -58.14 -23.91 11.54
C ALA M 312 -56.67 -23.81 11.92
N LEU M 313 -56.28 -22.71 12.55
CA LEU M 313 -54.89 -22.58 12.96
C LEU M 313 -54.57 -23.50 14.14
N GLU M 314 -55.56 -23.84 14.96
CA GLU M 314 -55.35 -24.89 15.96
C GLU M 314 -55.15 -26.25 15.31
N ASP M 315 -55.84 -26.50 14.20
CA ASP M 315 -55.61 -27.75 13.46
C ASP M 315 -54.22 -27.77 12.82
N ILE M 316 -53.71 -26.62 12.41
CA ILE M 316 -52.33 -26.56 11.93
C ILE M 316 -51.36 -26.84 13.07
N VAL M 317 -51.59 -26.22 14.22
CA VAL M 317 -50.61 -26.28 15.30
C VAL M 317 -50.59 -27.66 15.94
N ARG M 318 -51.76 -28.28 16.11
CA ARG M 318 -51.81 -29.62 16.70
C ARG M 318 -51.21 -30.70 15.82
N GLN M 319 -50.93 -30.42 14.55
CA GLN M 319 -50.28 -31.38 13.68
C GLN M 319 -48.87 -30.96 13.30
N LEU M 320 -48.32 -29.96 13.96
CA LEU M 320 -46.94 -29.55 13.74
C LEU M 320 -46.11 -29.58 15.00
N ASP M 321 -46.69 -29.92 16.15
CA ASP M 321 -45.99 -29.98 17.42
C ASP M 321 -46.01 -31.42 17.90
N VAL M 322 -45.02 -32.19 17.45
CA VAL M 322 -44.94 -33.58 17.87
C VAL M 322 -43.59 -33.82 18.53
N PRO M 323 -43.51 -34.76 19.47
CA PRO M 323 -42.21 -35.22 19.93
C PRO M 323 -41.50 -35.99 18.82
N ARG M 324 -40.28 -35.59 18.52
CA ARG M 324 -39.53 -36.24 17.47
C ARG M 324 -38.95 -37.57 17.97
N ALA M 325 -38.23 -38.26 17.12
CA ALA M 325 -37.78 -39.61 17.41
C ALA M 325 -36.27 -39.66 17.59
N GLN M 326 -35.83 -40.62 18.39
CA GLN M 326 -34.42 -40.79 18.71
C GLN M 326 -33.87 -42.06 18.10
N VAL M 327 -32.58 -42.03 17.81
CA VAL M 327 -31.85 -43.18 17.31
C VAL M 327 -30.69 -43.44 18.24
N LEU M 328 -30.51 -44.68 18.64
CA LEU M 328 -29.25 -45.12 19.20
C LEU M 328 -28.49 -45.86 18.10
N VAL M 329 -27.35 -45.32 17.73
CA VAL M 329 -26.50 -45.86 16.67
C VAL M 329 -25.32 -46.56 17.34
N GLU M 330 -25.12 -47.83 16.99
CA GLU M 330 -23.97 -48.59 17.45
C GLU M 330 -23.16 -48.94 16.23
N ALA M 331 -22.09 -48.23 15.96
CA ALA M 331 -21.17 -48.64 14.91
C ALA M 331 -20.11 -49.54 15.51
N ALA M 332 -19.66 -50.52 14.74
CA ALA M 332 -18.71 -51.49 15.25
C ALA M 332 -17.66 -51.73 14.19
N ILE M 333 -16.42 -51.91 14.61
CA ILE M 333 -15.30 -52.05 13.69
C ILE M 333 -14.52 -53.27 14.13
N VAL M 334 -14.35 -54.23 13.24
CA VAL M 334 -13.55 -55.40 13.51
C VAL M 334 -12.37 -55.37 12.56
N GLU M 335 -11.18 -55.63 13.07
CA GLU M 335 -9.99 -55.77 12.24
C GLU M 335 -9.20 -56.97 12.70
N ILE M 336 -8.88 -57.87 11.80
CA ILE M 336 -7.93 -58.93 12.09
C ILE M 336 -6.74 -58.71 11.20
N SER M 337 -5.61 -58.41 11.79
CA SER M 337 -4.40 -58.24 11.00
C SER M 337 -3.43 -59.35 11.32
N GLY M 338 -2.50 -59.56 10.41
CA GLY M 338 -1.46 -60.53 10.67
C GLY M 338 -0.39 -60.48 9.60
N ASP M 339 0.83 -60.84 9.96
CA ASP M 339 1.88 -61.01 8.96
C ASP M 339 2.92 -61.98 9.48
N ILE M 340 3.67 -62.53 8.54
CA ILE M 340 4.70 -63.50 8.85
C ILE M 340 5.86 -63.31 7.89
N GLN M 341 7.03 -62.98 8.41
CA GLN M 341 8.24 -63.02 7.63
C GLN M 341 8.90 -64.38 7.75
N ASP M 342 9.86 -64.63 6.87
CA ASP M 342 10.67 -65.84 6.94
C ASP M 342 11.97 -65.54 6.19
N ALA M 343 13.03 -65.28 6.93
CA ALA M 343 14.30 -64.92 6.33
C ALA M 343 15.34 -65.97 6.66
N VAL M 344 16.00 -66.51 5.64
CA VAL M 344 16.96 -67.59 5.86
C VAL M 344 18.03 -67.56 4.77
N GLY M 345 19.29 -67.63 5.19
CA GLY M 345 20.37 -67.58 4.22
C GLY M 345 21.64 -68.28 4.66
N VAL M 346 22.27 -69.00 3.74
CA VAL M 346 23.53 -69.69 3.97
C VAL M 346 24.62 -68.91 3.25
N GLN M 347 25.73 -68.67 3.94
CA GLN M 347 26.84 -67.90 3.40
C GLN M 347 28.12 -68.70 3.53
N TRP M 348 28.91 -68.75 2.45
CA TRP M 348 30.12 -69.57 2.39
C TRP M 348 31.35 -68.69 2.25
N ALA M 349 32.36 -68.95 3.08
CA ALA M 349 33.54 -68.11 3.24
C ALA M 349 34.81 -68.94 3.09
N ILE M 350 34.91 -69.66 1.98
CA ILE M 350 36.08 -70.50 1.70
C ILE M 350 37.22 -69.61 1.24
N ASN M 351 38.09 -69.18 2.14
CA ASN M 351 39.23 -68.37 1.73
C ASN M 351 40.48 -69.24 1.57
N LYS M 352 40.36 -70.23 0.69
CA LYS M 352 41.44 -71.17 0.41
C LYS M 352 42.43 -70.47 -0.52
N GLY M 353 43.43 -69.82 0.08
CA GLY M 353 44.56 -69.30 -0.65
C GLY M 353 44.32 -68.11 -1.56
N GLY M 354 45.41 -67.49 -2.02
CA GLY M 354 45.34 -66.43 -3.01
C GLY M 354 44.87 -65.09 -2.49
N MET M 355 45.26 -64.02 -3.16
CA MET M 355 44.68 -62.72 -2.87
C MET M 355 43.24 -62.69 -3.35
N GLY M 356 42.33 -62.32 -2.46
CA GLY M 356 40.92 -62.48 -2.70
C GLY M 356 40.26 -63.27 -1.59
N GLY M 357 39.79 -64.46 -1.91
CA GLY M 357 39.07 -65.27 -0.94
C GLY M 357 37.66 -65.53 -1.44
N THR M 358 37.33 -66.80 -1.66
CA THR M 358 36.15 -67.17 -2.45
C THR M 358 34.87 -67.08 -1.62
N LYS M 359 34.60 -65.90 -1.08
CA LYS M 359 33.50 -65.71 -0.15
C LYS M 359 32.23 -65.35 -0.89
N THR M 360 31.11 -65.92 -0.44
CA THR M 360 29.81 -65.72 -1.08
C THR M 360 29.02 -64.70 -0.28
N ASN M 361 29.34 -63.43 -0.50
CA ASN M 361 28.69 -62.34 0.21
C ASN M 361 27.27 -62.16 -0.30
N PHE M 362 26.30 -62.39 0.58
CA PHE M 362 24.89 -62.09 0.33
C PHE M 362 24.46 -61.01 1.29
N ALA M 363 24.33 -59.78 0.79
CA ALA M 363 23.86 -58.67 1.62
C ALA M 363 22.33 -58.61 1.56
N ASN M 364 21.71 -59.69 2.05
CA ASN M 364 20.27 -59.80 2.09
C ASN M 364 19.75 -59.78 3.52
N THR M 365 20.23 -60.69 4.36
CA THR M 365 19.69 -60.87 5.70
C THR M 365 20.76 -60.45 6.69
N GLY M 366 20.71 -59.17 7.09
CA GLY M 366 21.48 -58.68 8.21
C GLY M 366 22.98 -58.69 8.00
N LEU M 367 23.65 -59.64 8.65
CA LEU M 367 25.08 -59.77 8.55
C LEU M 367 25.51 -60.25 7.17
N SER M 368 26.82 -60.24 6.98
CA SER M 368 27.41 -60.67 5.73
C SER M 368 28.84 -61.11 6.01
N ILE M 369 29.44 -61.77 5.02
CA ILE M 369 30.81 -62.27 5.20
C ILE M 369 31.80 -61.12 5.17
N GLY M 370 31.53 -60.07 4.39
CA GLY M 370 32.42 -58.93 4.36
C GLY M 370 32.47 -58.20 5.69
N THR M 371 31.30 -57.96 6.27
CA THR M 371 31.31 -57.44 7.63
C THR M 371 31.65 -58.50 8.66
N LEU M 372 31.72 -59.78 8.28
CA LEU M 372 32.23 -60.78 9.23
C LEU M 372 33.76 -60.74 9.30
N LEU M 373 34.42 -60.60 8.16
CA LEU M 373 35.87 -60.44 8.17
C LEU M 373 36.28 -59.06 8.67
N GLN M 374 35.39 -58.08 8.57
CA GLN M 374 35.58 -56.87 9.36
C GLN M 374 35.18 -57.07 10.81
N SER M 375 34.35 -58.07 11.10
CA SER M 375 33.99 -58.33 12.48
C SER M 375 35.09 -59.07 13.20
N LEU M 376 36.01 -59.69 12.46
CA LEU M 376 37.28 -60.13 13.05
C LEU M 376 38.03 -58.96 13.65
N GLU M 377 38.12 -57.85 12.91
CA GLU M 377 38.69 -56.63 13.45
C GLU M 377 37.77 -55.95 14.46
N SER M 378 36.48 -56.28 14.45
CA SER M 378 35.62 -55.81 15.53
C SER M 378 35.92 -56.57 16.81
N ASN M 379 36.05 -57.89 16.70
CA ASN M 379 36.49 -58.75 17.79
C ASN M 379 37.87 -58.35 18.28
N LYS M 380 38.68 -57.73 17.43
CA LYS M 380 39.87 -57.06 17.92
C LYS M 380 39.51 -55.89 18.85
N ALA M 381 39.10 -54.72 18.32
CA ALA M 381 38.73 -53.68 19.30
C ALA M 381 37.23 -53.51 19.62
N PRO M 382 36.27 -53.16 18.66
CA PRO M 382 34.92 -52.81 19.14
C PRO M 382 33.89 -53.92 19.39
N GLU M 383 33.88 -55.02 18.63
CA GLU M 383 32.92 -56.13 18.71
C GLU M 383 31.48 -55.65 18.52
N SER M 384 31.19 -55.23 17.30
CA SER M 384 30.00 -54.46 17.00
C SER M 384 29.06 -55.13 16.00
N ILE M 385 27.83 -54.61 15.97
CA ILE M 385 26.78 -54.82 14.97
C ILE M 385 26.42 -56.29 14.73
N PRO M 386 25.59 -56.90 15.56
CA PRO M 386 24.95 -58.17 15.20
C PRO M 386 23.56 -57.94 14.60
N ASP M 387 23.03 -58.99 13.97
CA ASP M 387 21.67 -59.01 13.45
C ASP M 387 21.25 -60.45 13.18
N GLY M 388 20.05 -60.81 13.65
CA GLY M 388 19.43 -62.08 13.28
C GLY M 388 19.98 -63.28 14.04
N ALA M 389 19.23 -64.38 13.97
CA ALA M 389 19.63 -65.62 14.64
C ALA M 389 20.72 -66.28 13.82
N ILE M 390 21.96 -66.14 14.25
CA ILE M 390 23.12 -66.53 13.45
C ILE M 390 23.74 -67.80 14.00
N VAL M 391 24.34 -68.59 13.12
CA VAL M 391 25.00 -69.85 13.45
C VAL M 391 26.27 -69.90 12.61
N GLY M 392 27.43 -69.79 13.25
CA GLY M 392 28.66 -69.77 12.49
C GLY M 392 29.53 -71.01 12.59
N ILE M 393 29.51 -71.87 11.56
CA ILE M 393 30.34 -73.06 11.52
C ILE M 393 31.60 -72.69 10.75
N GLY M 394 32.71 -72.56 11.42
CA GLY M 394 33.93 -72.17 10.74
C GLY M 394 35.15 -72.79 11.37
N SER M 395 36.15 -73.05 10.53
CA SER M 395 37.51 -73.27 11.03
C SER M 395 38.31 -71.97 11.01
N SER M 396 37.64 -70.90 11.48
CA SER M 396 38.14 -69.56 11.79
C SER M 396 38.57 -68.75 10.56
N SER M 397 38.73 -69.38 9.42
CA SER M 397 38.84 -68.74 8.13
C SER M 397 37.97 -69.41 7.09
N PHE M 398 37.92 -70.74 7.10
CA PHE M 398 37.02 -71.52 6.26
C PHE M 398 35.66 -71.44 6.93
N GLY M 399 34.80 -70.55 6.46
CA GLY M 399 33.59 -70.26 7.22
C GLY M 399 32.28 -70.59 6.55
N ALA M 400 31.22 -70.67 7.34
CA ALA M 400 29.88 -70.88 6.82
C ALA M 400 28.91 -70.33 7.84
N LEU M 401 28.26 -69.23 7.50
CA LEU M 401 27.35 -68.54 8.40
C LEU M 401 25.91 -68.73 7.94
N VAL M 402 25.07 -69.27 8.82
CA VAL M 402 23.66 -69.46 8.55
C VAL M 402 22.89 -68.45 9.37
N THR M 403 22.13 -67.59 8.70
CA THR M 403 21.38 -66.54 9.38
C THR M 403 19.89 -66.76 9.15
N ALA M 404 19.11 -66.75 10.22
CA ALA M 404 17.69 -67.01 10.09
C ALA M 404 16.90 -66.21 11.10
N LEU M 405 15.67 -65.86 10.72
CA LEU M 405 14.68 -65.21 11.56
C LEU M 405 13.29 -65.55 11.03
N SER M 406 12.31 -65.57 11.94
CA SER M 406 10.91 -65.76 11.55
C SER M 406 10.01 -64.94 12.46
N ALA M 407 9.73 -63.71 12.05
CA ALA M 407 8.75 -62.92 12.76
C ALA M 407 7.35 -63.41 12.43
N ASN M 408 6.43 -63.21 13.36
CA ASN M 408 5.07 -63.71 13.20
C ASN M 408 4.19 -62.88 14.13
N THR M 409 3.54 -61.85 13.58
CA THR M 409 2.72 -61.00 14.41
C THR M 409 1.26 -61.15 14.01
N LYS M 410 0.39 -61.12 14.98
CA LYS M 410 -1.04 -61.13 14.75
C LYS M 410 -1.64 -59.97 15.53
N SER M 411 -2.88 -59.63 15.21
CA SER M 411 -3.53 -58.52 15.86
C SER M 411 -5.03 -58.61 15.65
N ASN M 412 -5.79 -58.11 16.61
CA ASN M 412 -7.23 -58.24 16.53
C ASN M 412 -7.84 -57.05 17.26
N LEU M 413 -8.28 -56.07 16.50
CA LEU M 413 -8.92 -54.87 17.04
C LEU M 413 -10.43 -54.96 16.93
N LEU M 414 -11.09 -54.29 17.85
CA LEU M 414 -12.53 -54.18 17.88
C LEU M 414 -12.88 -52.84 18.49
N SER M 415 -13.94 -52.23 17.99
CA SER M 415 -14.37 -50.98 18.60
C SER M 415 -15.88 -50.86 18.44
N THR M 416 -16.55 -50.28 19.42
CA THR M 416 -17.99 -50.09 19.35
C THR M 416 -18.37 -48.74 19.95
N PRO M 417 -18.24 -47.67 19.18
CA PRO M 417 -18.88 -46.43 19.60
C PRO M 417 -20.38 -46.51 19.39
N SER M 418 -21.10 -45.73 20.18
CA SER M 418 -22.56 -45.77 20.17
C SER M 418 -23.09 -44.52 20.82
N LEU M 419 -24.06 -43.87 20.17
CA LEU M 419 -24.61 -42.65 20.73
C LEU M 419 -26.11 -42.53 20.45
N LEU M 420 -26.77 -41.71 21.27
CA LEU M 420 -28.17 -41.39 21.10
C LEU M 420 -28.28 -40.02 20.46
N THR M 421 -29.27 -39.85 19.61
CA THR M 421 -29.47 -38.58 18.92
C THR M 421 -30.92 -38.42 18.51
N LEU M 422 -31.27 -37.18 18.17
CA LEU M 422 -32.46 -36.91 17.40
C LEU M 422 -32.11 -36.93 15.92
N ASP M 423 -33.13 -36.77 15.07
CA ASP M 423 -32.86 -36.57 13.66
C ASP M 423 -32.32 -35.16 13.43
N ASN M 424 -31.52 -35.04 12.37
CA ASN M 424 -30.99 -33.77 11.87
C ASN M 424 -30.15 -33.05 12.92
N GLN M 425 -29.49 -33.82 13.79
CA GLN M 425 -28.71 -33.29 14.88
C GLN M 425 -27.36 -33.98 14.90
N LYS M 426 -26.32 -33.22 14.58
CA LYS M 426 -24.99 -33.77 14.40
C LYS M 426 -24.41 -34.21 15.72
N ALA M 427 -24.57 -35.48 16.05
CA ALA M 427 -23.93 -36.02 17.24
C ALA M 427 -22.46 -36.27 16.97
N GLU M 428 -21.74 -36.69 18.00
CA GLU M 428 -20.30 -36.88 17.90
C GLU M 428 -19.82 -37.63 19.12
N ILE M 429 -18.93 -38.58 18.93
CA ILE M 429 -18.11 -39.07 20.03
C ILE M 429 -16.68 -38.98 19.55
N LEU M 430 -15.80 -38.54 20.44
CA LEU M 430 -14.39 -38.49 20.11
C LEU M 430 -13.64 -38.98 21.33
N VAL M 431 -12.88 -40.05 21.20
CA VAL M 431 -12.14 -40.60 22.32
C VAL M 431 -10.68 -40.70 21.92
N GLY M 432 -9.80 -40.15 22.73
CA GLY M 432 -8.38 -40.20 22.49
C GLY M 432 -7.81 -38.82 22.22
N GLN M 433 -6.50 -38.79 22.06
CA GLN M 433 -5.66 -37.63 22.28
C GLN M 433 -5.95 -36.49 21.30
N ASN M 434 -5.38 -35.32 21.62
CA ASN M 434 -5.44 -34.13 20.78
C ASN M 434 -4.02 -33.63 20.63
N VAL M 435 -3.52 -33.57 19.39
CA VAL M 435 -2.10 -33.37 19.14
C VAL M 435 -1.93 -32.09 18.35
N PRO M 436 -0.73 -31.52 18.37
CA PRO M 436 -0.40 -30.44 17.44
C PRO M 436 0.14 -31.01 16.13
N PHE M 437 0.09 -30.16 15.11
CA PHE M 437 0.72 -30.51 13.85
C PHE M 437 1.19 -29.21 13.22
N GLN M 438 2.35 -29.26 12.58
CA GLN M 438 2.87 -28.06 11.96
C GLN M 438 2.08 -27.77 10.69
N THR M 439 1.76 -26.49 10.50
CA THR M 439 1.33 -25.99 9.21
C THR M 439 2.38 -25.02 8.67
N GLY M 440 3.63 -25.19 9.13
CA GLY M 440 4.70 -24.30 8.77
C GLY M 440 5.91 -24.44 9.65
N THR M 454 7.12 -22.56 11.97
CA THR M 454 6.23 -23.16 12.95
C THR M 454 4.98 -22.31 13.12
N THR M 455 3.86 -22.80 12.61
CA THR M 455 2.55 -22.18 12.82
C THR M 455 1.52 -23.27 13.12
N VAL M 456 1.82 -24.09 14.14
CA VAL M 456 1.16 -25.35 14.46
C VAL M 456 -0.31 -25.20 14.81
N GLU M 457 -1.01 -26.32 14.90
CA GLU M 457 -2.46 -26.32 14.99
C GLU M 457 -2.90 -27.59 15.71
N ARG M 458 -4.06 -27.52 16.36
CA ARG M 458 -4.56 -28.63 17.17
C ARG M 458 -5.50 -29.52 16.36
N LYS M 459 -5.47 -30.82 16.65
CA LYS M 459 -6.12 -31.79 15.78
C LYS M 459 -6.33 -33.09 16.55
N ASP M 460 -7.51 -33.68 16.40
CA ASP M 460 -7.95 -34.78 17.25
C ASP M 460 -7.62 -36.15 16.66
N ILE M 461 -7.18 -37.04 17.55
CA ILE M 461 -6.65 -38.36 17.17
C ILE M 461 -7.28 -39.40 18.08
N GLY M 462 -7.97 -40.37 17.49
CA GLY M 462 -8.57 -41.42 18.27
C GLY M 462 -9.91 -41.81 17.68
N VAL M 463 -10.62 -42.74 18.33
CA VAL M 463 -11.87 -43.27 17.80
C VAL M 463 -12.89 -42.17 17.69
N SER M 464 -13.65 -42.16 16.61
CA SER M 464 -14.57 -41.05 16.44
C SER M 464 -15.76 -41.46 15.63
N LEU M 465 -16.87 -40.79 15.87
CA LEU M 465 -18.10 -41.13 15.18
C LEU M 465 -18.94 -39.89 15.04
N LYS M 466 -19.51 -39.65 13.85
CA LYS M 466 -20.41 -38.53 13.63
C LYS M 466 -21.60 -39.02 12.84
N VAL M 467 -22.75 -39.12 13.48
CA VAL M 467 -23.96 -39.61 12.86
C VAL M 467 -24.85 -38.41 12.57
N THR M 468 -25.58 -38.45 11.47
CA THR M 468 -26.74 -37.58 11.30
C THR M 468 -27.90 -38.37 10.73
N PRO M 469 -28.94 -38.63 11.49
CA PRO M 469 -30.06 -39.40 10.98
C PRO M 469 -31.08 -38.54 10.24
N HIS M 470 -32.04 -39.25 9.64
CA HIS M 470 -33.25 -38.65 9.09
C HIS M 470 -34.32 -39.71 9.18
N ILE M 471 -35.38 -39.42 9.92
CA ILE M 471 -36.23 -40.46 10.48
C ILE M 471 -37.62 -40.38 9.91
N ASN M 472 -38.02 -41.45 9.24
CA ASN M 472 -39.37 -41.61 8.76
C ASN M 472 -40.25 -42.07 9.93
N ASP M 473 -41.54 -41.79 9.82
CA ASP M 473 -42.49 -42.31 10.80
C ASP M 473 -42.70 -43.79 10.53
N GLY M 474 -41.74 -44.60 10.96
CA GLY M 474 -41.79 -46.02 10.73
C GLY M 474 -40.42 -46.64 10.49
N ALA M 475 -40.32 -47.50 9.49
CA ALA M 475 -39.10 -48.21 9.21
C ALA M 475 -38.17 -47.36 8.35
N ALA M 476 -37.00 -47.92 8.02
CA ALA M 476 -36.08 -47.43 6.99
C ALA M 476 -35.60 -46.01 7.28
N LEU M 477 -34.78 -45.90 8.31
CA LEU M 477 -34.12 -44.65 8.63
C LEU M 477 -32.99 -44.36 7.65
N ARG M 478 -32.65 -43.08 7.50
CA ARG M 478 -31.48 -42.68 6.73
C ARG M 478 -30.37 -42.28 7.68
N LEU M 479 -29.14 -42.66 7.37
CA LEU M 479 -28.01 -42.28 8.20
C LEU M 479 -26.94 -41.65 7.34
N GLU M 480 -26.29 -40.62 7.87
CA GLU M 480 -25.14 -40.02 7.22
C GLU M 480 -24.00 -40.24 8.20
N ILE M 481 -23.19 -41.23 7.93
CA ILE M 481 -22.18 -41.68 8.87
C ILE M 481 -20.87 -41.04 8.47
N GLU M 482 -20.11 -40.59 9.44
CA GLU M 482 -18.72 -40.25 9.20
C GLU M 482 -17.98 -40.86 10.37
N GLN M 483 -17.53 -42.09 10.20
CA GLN M 483 -16.88 -42.79 11.27
C GLN M 483 -15.39 -42.80 10.97
N GLU M 484 -14.56 -42.76 12.00
CA GLU M 484 -13.14 -42.97 11.73
C GLU M 484 -12.47 -43.58 12.93
N ILE M 485 -11.32 -44.16 12.68
CA ILE M 485 -10.41 -44.61 13.73
C ILE M 485 -9.04 -44.13 13.34
N SER M 486 -8.47 -43.26 14.15
CA SER M 486 -7.11 -42.81 13.95
C SER M 486 -6.18 -43.68 14.76
N ALA M 487 -4.93 -43.26 14.88
CA ALA M 487 -3.93 -43.80 15.80
C ALA M 487 -2.76 -42.83 15.81
N LEU M 488 -1.67 -43.22 16.43
CA LEU M 488 -0.45 -42.42 16.42
C LEU M 488 0.69 -43.40 16.48
N LEU M 489 1.77 -43.11 15.75
CA LEU M 489 2.76 -44.14 15.47
C LEU M 489 4.13 -43.79 16.04
N PRO M 490 4.68 -44.61 16.94
CA PRO M 490 6.02 -44.33 17.48
C PRO M 490 7.13 -45.06 16.75
N ASN M 491 6.76 -46.03 15.91
CA ASN M 491 7.75 -46.96 15.36
C ASN M 491 8.47 -46.36 14.16
N ALA M 492 7.72 -46.15 13.07
CA ALA M 492 8.29 -45.76 11.78
C ALA M 492 8.29 -44.23 11.73
N GLN M 493 9.34 -43.65 12.31
CA GLN M 493 9.50 -42.21 12.31
C GLN M 493 10.61 -41.82 11.35
N GLN M 494 10.31 -40.85 10.51
CA GLN M 494 11.23 -40.33 9.51
C GLN M 494 12.04 -39.20 10.12
N ARG M 495 12.66 -38.39 9.26
CA ARG M 495 13.41 -37.20 9.61
C ARG M 495 12.49 -35.97 9.85
N ASN M 496 11.23 -36.22 10.18
CA ASN M 496 10.22 -35.17 10.23
C ASN M 496 9.38 -35.37 11.48
N ASN M 497 8.21 -34.74 11.51
CA ASN M 497 7.40 -34.66 12.72
C ASN M 497 6.60 -35.94 12.97
N THR M 498 5.60 -35.82 13.83
CA THR M 498 4.74 -36.93 14.19
C THR M 498 4.03 -37.48 12.97
N ASP M 499 4.25 -38.77 12.69
CA ASP M 499 3.63 -39.46 11.56
C ASP M 499 2.26 -39.93 12.00
N LEU M 500 1.36 -38.97 12.13
CA LEU M 500 0.08 -39.17 12.79
C LEU M 500 -0.82 -40.00 11.89
N ILE M 501 -1.16 -41.22 12.30
CA ILE M 501 -2.11 -41.98 11.50
C ILE M 501 -3.47 -41.39 11.84
N THR M 502 -3.84 -40.33 11.12
CA THR M 502 -5.03 -39.54 11.46
C THR M 502 -6.28 -40.16 10.85
N SER M 503 -6.11 -40.90 9.76
CA SER M 503 -7.07 -41.91 9.37
C SER M 503 -6.33 -43.22 9.35
N LYS M 504 -6.87 -44.22 10.03
CA LYS M 504 -6.56 -45.60 9.73
C LYS M 504 -7.76 -46.31 9.19
N ARG M 505 -8.93 -45.95 9.65
CA ARG M 505 -10.13 -46.21 8.88
C ARG M 505 -10.88 -44.92 8.83
N SER M 506 -11.47 -44.62 7.70
CA SER M 506 -12.21 -43.36 7.67
C SER M 506 -13.33 -43.51 6.65
N ILE M 507 -14.45 -44.03 7.09
CA ILE M 507 -15.53 -44.27 6.15
C ILE M 507 -16.57 -43.18 6.32
N LYS M 508 -16.79 -42.44 5.25
CA LYS M 508 -17.65 -41.26 5.28
C LYS M 508 -18.78 -41.51 4.33
N SER M 509 -19.78 -42.25 4.76
CA SER M 509 -20.76 -42.74 3.81
C SER M 509 -22.14 -42.24 4.15
N THR M 510 -23.12 -42.71 3.39
CA THR M 510 -24.50 -42.28 3.59
C THR M 510 -25.38 -43.49 3.28
N ILE M 511 -25.89 -44.15 4.30
CA ILE M 511 -26.62 -45.38 4.06
C ILE M 511 -28.06 -45.23 4.48
N LEU M 512 -28.86 -46.28 4.31
CA LEU M 512 -30.28 -46.25 4.64
C LEU M 512 -30.64 -47.61 5.20
N ALA M 513 -30.87 -47.68 6.50
CA ALA M 513 -30.95 -48.95 7.20
C ALA M 513 -32.33 -49.19 7.78
N GLU M 514 -32.47 -50.38 8.35
CA GLU M 514 -33.70 -50.86 8.98
C GLU M 514 -33.45 -51.04 10.47
N ASN M 515 -34.42 -50.63 11.29
CA ASN M 515 -34.24 -50.33 12.71
C ASN M 515 -33.92 -51.52 13.61
N GLY M 516 -33.63 -52.73 13.15
CA GLY M 516 -33.16 -53.75 14.05
C GLY M 516 -32.10 -54.60 13.37
N GLN M 517 -31.66 -54.15 12.21
CA GLN M 517 -30.89 -54.98 11.30
C GLN M 517 -29.41 -54.63 11.40
N VAL M 518 -28.62 -55.58 11.90
CA VAL M 518 -27.17 -55.42 11.89
C VAL M 518 -26.73 -55.53 10.44
N ILE M 519 -26.24 -54.43 9.87
CA ILE M 519 -25.82 -54.40 8.49
C ILE M 519 -24.32 -54.13 8.42
N VAL M 520 -23.79 -54.23 7.21
CA VAL M 520 -22.37 -54.03 6.95
C VAL M 520 -22.22 -52.76 6.12
N ILE M 521 -21.40 -51.85 6.60
CA ILE M 521 -21.19 -50.63 5.84
C ILE M 521 -19.95 -50.74 4.96
N GLY M 522 -18.85 -51.24 5.51
CA GLY M 522 -17.64 -51.16 4.72
C GLY M 522 -16.68 -52.28 5.02
N GLY M 523 -15.65 -52.38 4.19
CA GLY M 523 -14.71 -53.46 4.41
C GLY M 523 -13.43 -53.29 3.64
N LEU M 524 -12.47 -54.13 3.97
CA LEU M 524 -11.19 -54.19 3.31
C LEU M 524 -10.59 -55.55 3.55
N ILE M 525 -10.26 -56.26 2.49
CA ILE M 525 -9.57 -57.54 2.60
C ILE M 525 -8.28 -57.39 1.81
N GLN M 526 -7.16 -57.33 2.49
CA GLN M 526 -5.88 -57.05 1.85
C GLN M 526 -4.94 -58.23 2.08
N ASP M 527 -4.60 -58.92 1.01
CA ASP M 527 -3.75 -60.09 1.08
C ASP M 527 -2.45 -59.80 0.35
N ASP M 528 -1.38 -60.42 0.80
CA ASP M 528 -0.07 -60.12 0.23
C ASP M 528 0.83 -61.31 0.47
N VAL M 529 1.69 -61.57 -0.50
CA VAL M 529 2.75 -62.56 -0.39
C VAL M 529 3.90 -62.09 -1.27
N SER M 530 5.09 -62.01 -0.69
CA SER M 530 6.24 -61.47 -1.39
C SER M 530 7.43 -62.34 -1.04
N GLN M 531 8.37 -62.46 -1.97
CA GLN M 531 9.51 -63.34 -1.74
C GLN M 531 10.67 -62.96 -2.62
N ALA M 532 11.79 -62.63 -2.00
CA ALA M 532 13.02 -62.29 -2.71
C ALA M 532 14.04 -63.39 -2.49
N GLU M 533 14.88 -63.60 -3.48
CA GLU M 533 16.00 -64.53 -3.36
C GLU M 533 17.28 -63.84 -3.78
N SER M 534 18.39 -64.48 -3.44
CA SER M 534 19.69 -64.05 -3.94
C SER M 534 20.61 -65.26 -3.88
N LYS M 535 21.10 -65.72 -5.02
CA LYS M 535 21.88 -66.95 -5.06
C LYS M 535 23.02 -66.82 -6.04
N VAL M 536 23.98 -67.73 -5.91
CA VAL M 536 24.91 -67.96 -7.01
C VAL M 536 24.16 -68.63 -8.15
N PRO M 537 24.24 -68.11 -9.38
CA PRO M 537 23.30 -68.53 -10.45
C PRO M 537 23.43 -69.95 -10.92
N LEU M 538 24.52 -70.64 -10.61
CA LEU M 538 24.64 -72.04 -10.99
C LEU M 538 24.21 -72.99 -9.88
N LEU M 539 24.48 -72.64 -8.63
CA LEU M 539 24.42 -73.59 -7.54
C LEU M 539 23.11 -73.57 -6.76
N GLY M 540 22.40 -72.44 -6.76
CA GLY M 540 21.12 -72.40 -6.08
C GLY M 540 20.04 -73.20 -6.75
N ASP M 541 20.21 -73.52 -8.04
CA ASP M 541 19.16 -74.18 -8.80
C ASP M 541 19.02 -75.65 -8.45
N ILE M 542 20.10 -76.28 -7.99
CA ILE M 542 20.13 -77.73 -7.77
C ILE M 542 19.27 -78.08 -6.56
N PRO M 543 18.19 -78.86 -6.74
CA PRO M 543 17.25 -79.07 -5.63
C PRO M 543 17.69 -80.17 -4.66
N LEU M 544 18.96 -80.19 -4.34
CA LEU M 544 19.55 -80.99 -3.28
C LEU M 544 20.44 -80.16 -2.38
N LEU M 545 21.16 -79.18 -2.95
CA LEU M 545 22.01 -78.27 -2.20
C LEU M 545 21.61 -76.82 -2.43
N GLY M 546 20.44 -76.58 -3.02
CA GLY M 546 20.01 -75.23 -3.32
C GLY M 546 19.74 -74.39 -2.10
N ARG M 547 19.44 -75.01 -0.97
CA ARG M 547 19.32 -74.27 0.28
C ARG M 547 20.68 -73.75 0.74
N LEU M 548 21.75 -74.48 0.44
CA LEU M 548 23.07 -74.13 0.96
C LEU M 548 23.73 -72.99 0.21
N PHE M 549 23.06 -72.37 -0.74
CA PHE M 549 23.68 -71.24 -1.42
C PHE M 549 22.79 -70.01 -1.47
N ARG M 550 21.48 -70.18 -1.59
CA ARG M 550 20.60 -69.04 -1.80
C ARG M 550 20.39 -68.28 -0.50
N SER M 551 19.61 -67.21 -0.61
CA SER M 551 19.22 -66.40 0.54
C SER M 551 17.82 -65.89 0.26
N THR M 552 16.85 -66.37 1.02
CA THR M 552 15.45 -66.08 0.74
C THR M 552 14.85 -65.22 1.84
N LYS M 553 13.81 -64.52 1.45
CA LYS M 553 13.07 -63.64 2.36
C LYS M 553 11.62 -63.64 1.93
N ASP M 554 10.75 -64.23 2.73
CA ASP M 554 9.34 -64.34 2.41
C ASP M 554 8.56 -63.43 3.36
N THR M 555 7.40 -62.99 2.90
CA THR M 555 6.59 -62.04 3.66
C THR M 555 5.13 -62.23 3.27
N HIS M 556 4.34 -62.78 4.16
CA HIS M 556 2.91 -62.93 3.93
C HIS M 556 2.18 -61.95 4.85
N THR M 557 1.05 -61.43 4.41
CA THR M 557 0.40 -60.33 5.10
C THR M 557 -1.09 -60.31 4.83
N LYS M 558 -1.91 -60.34 5.88
CA LYS M 558 -3.35 -60.21 5.72
C LYS M 558 -3.88 -59.10 6.60
N ARG M 559 -4.86 -58.37 6.09
CA ARG M 559 -5.60 -57.38 6.88
C ARG M 559 -7.06 -57.52 6.50
N ASN M 560 -7.86 -58.04 7.42
CA ASN M 560 -9.29 -58.12 7.22
C ASN M 560 -9.95 -57.04 8.05
N LEU M 561 -11.00 -56.44 7.50
CA LEU M 561 -11.59 -55.27 8.12
C LEU M 561 -13.06 -55.17 7.75
N MET M 562 -13.92 -55.11 8.75
CA MET M 562 -15.33 -54.86 8.52
C MET M 562 -15.78 -53.70 9.40
N VAL M 563 -16.73 -52.92 8.87
CA VAL M 563 -17.37 -51.85 9.61
C VAL M 563 -18.86 -52.08 9.52
N PHE M 564 -19.46 -52.45 10.65
CA PHE M 564 -20.87 -52.76 10.80
C PHE M 564 -21.60 -51.61 11.49
N LEU M 565 -22.92 -51.65 11.38
CA LEU M 565 -23.73 -50.58 11.91
C LEU M 565 -25.02 -51.18 12.44
N ARG M 566 -25.55 -50.57 13.49
CA ARG M 566 -26.77 -51.06 14.09
C ARG M 566 -27.60 -49.89 14.57
N PRO M 567 -28.68 -49.58 13.91
CA PRO M 567 -29.58 -48.54 14.42
C PRO M 567 -30.72 -49.10 15.23
N THR M 568 -31.13 -48.40 16.29
CA THR M 568 -32.33 -48.74 17.04
C THR M 568 -33.15 -47.48 17.20
N VAL M 569 -34.40 -47.53 16.77
CA VAL M 569 -35.30 -46.39 16.87
C VAL M 569 -36.05 -46.46 18.18
N VAL M 570 -35.95 -45.42 18.99
CA VAL M 570 -36.76 -45.26 20.18
C VAL M 570 -37.56 -43.98 20.06
N ARG M 571 -38.85 -44.09 20.31
CA ARG M 571 -39.72 -42.92 20.31
C ARG M 571 -40.56 -42.77 21.56
N ASP M 572 -40.73 -43.83 22.35
CA ASP M 572 -41.28 -43.71 23.69
C ASP M 572 -40.18 -43.92 24.71
N SER M 573 -40.40 -43.39 25.92
CA SER M 573 -39.39 -43.50 26.96
C SER M 573 -39.25 -44.90 27.53
N ALA M 574 -40.19 -45.80 27.23
CA ALA M 574 -40.11 -47.17 27.73
C ALA M 574 -38.95 -47.91 27.11
N GLY M 575 -38.80 -47.83 25.79
CA GLY M 575 -37.69 -48.50 25.12
C GLY M 575 -36.36 -47.87 25.46
N LEU M 576 -36.35 -46.56 25.68
CA LEU M 576 -35.13 -45.89 26.13
C LEU M 576 -34.73 -46.33 27.52
N ALA M 577 -35.71 -46.52 28.41
CA ALA M 577 -35.44 -47.08 29.72
C ALA M 577 -34.94 -48.52 29.62
N ALA M 578 -35.45 -49.28 28.67
CA ALA M 578 -35.01 -50.67 28.50
C ALA M 578 -33.56 -50.74 28.01
N LEU M 579 -33.22 -49.90 27.03
CA LEU M 579 -31.83 -49.81 26.57
C LEU M 579 -30.90 -49.37 27.68
N SER M 580 -31.34 -48.39 28.47
CA SER M 580 -30.52 -47.89 29.56
C SER M 580 -30.31 -48.96 30.63
N GLY M 581 -31.36 -49.72 30.94
CA GLY M 581 -31.23 -50.80 31.90
C GLY M 581 -30.32 -51.91 31.43
N LYS M 582 -30.39 -52.25 30.15
CA LYS M 582 -29.50 -53.28 29.62
C LYS M 582 -28.05 -52.83 29.62
N LYS M 583 -27.78 -51.59 29.18
CA LYS M 583 -26.40 -51.11 29.20
C LYS M 583 -25.89 -50.91 30.62
N TYR M 584 -26.77 -50.55 31.55
CA TYR M 584 -26.34 -50.34 32.91
C TYR M 584 -26.06 -51.67 33.60
N SER M 585 -26.83 -52.70 33.30
CA SER M 585 -26.50 -54.03 33.81
C SER M 585 -25.22 -54.56 33.17
N ASP M 586 -25.01 -54.24 31.88
CA ASP M 586 -23.83 -54.72 31.20
C ASP M 586 -22.57 -53.97 31.61
N ILE M 587 -22.70 -52.80 32.22
CA ILE M 587 -21.52 -52.19 32.81
C ILE M 587 -21.38 -52.60 34.27
N ARG M 588 -22.48 -52.94 34.94
CA ARG M 588 -22.43 -53.46 36.30
C ARG M 588 -21.74 -54.81 36.35
N VAL M 589 -21.92 -55.62 35.31
CA VAL M 589 -21.25 -56.92 35.28
C VAL M 589 -19.75 -56.75 35.04
N ILE M 590 -19.35 -55.67 34.37
CA ILE M 590 -17.92 -55.38 34.24
C ILE M 590 -17.38 -54.89 35.57
N ASP M 591 -18.20 -54.16 36.32
CA ASP M 591 -17.85 -53.89 37.72
C ASP M 591 -17.82 -55.18 38.53
N GLY M 592 -18.60 -56.18 38.15
CA GLY M 592 -18.67 -57.46 38.81
C GLY M 592 -17.59 -58.46 38.43
N THR M 593 -16.56 -58.03 37.72
CA THR M 593 -15.46 -58.93 37.38
C THR M 593 -14.18 -58.47 38.08
N PRO M 604 -7.21 -52.65 45.82
CA PRO M 604 -7.96 -53.73 45.17
C PRO M 604 -9.01 -53.22 44.18
N THR M 605 -9.94 -54.10 43.83
CA THR M 605 -10.98 -53.87 42.84
C THR M 605 -12.35 -54.21 43.43
N ASN M 606 -12.61 -53.64 44.62
CA ASN M 606 -13.73 -54.00 45.46
C ASN M 606 -15.07 -53.58 44.85
N ALA M 607 -16.15 -53.94 45.55
CA ALA M 607 -17.50 -53.95 44.99
C ALA M 607 -17.98 -52.53 44.70
N ASN M 608 -18.34 -52.28 43.45
CA ASN M 608 -18.74 -50.95 43.01
C ASN M 608 -20.21 -50.71 43.29
N GLN M 609 -20.73 -49.55 42.92
CA GLN M 609 -21.96 -49.08 43.56
C GLN M 609 -23.02 -48.74 42.52
N LEU M 610 -24.27 -49.00 42.86
CA LEU M 610 -25.41 -48.57 42.07
C LEU M 610 -25.69 -47.09 42.34
N PHE M 611 -26.54 -46.48 41.53
CA PHE M 611 -27.01 -45.13 41.79
C PHE M 611 -28.53 -45.12 41.82
N ASP M 612 -29.07 -43.92 41.96
CA ASP M 612 -30.50 -43.74 42.04
C ASP M 612 -31.09 -43.92 40.66
N GLY M 613 -31.37 -45.16 40.29
CA GLY M 613 -31.95 -45.48 39.00
C GLY M 613 -33.35 -44.96 38.82
N ASP N 174 -91.78 -0.01 6.62
CA ASP N 174 -91.58 0.38 8.01
C ASP N 174 -90.12 0.21 8.45
N TYR N 175 -89.79 0.76 9.61
CA TYR N 175 -88.40 0.86 10.06
C TYR N 175 -88.10 -0.28 11.04
N SER N 176 -86.90 -0.85 10.94
CA SER N 176 -86.48 -1.87 11.89
C SER N 176 -84.97 -1.95 11.94
N VAL N 177 -84.47 -2.57 13.00
CA VAL N 177 -83.05 -2.84 13.16
C VAL N 177 -82.89 -4.28 13.64
N ILE N 178 -81.94 -5.00 13.03
CA ILE N 178 -81.66 -6.38 13.38
C ILE N 178 -80.17 -6.56 13.64
N ASN N 179 -79.85 -7.68 14.28
CA ASN N 179 -78.50 -8.12 14.54
C ASN N 179 -78.03 -9.07 13.45
N LEU N 180 -76.76 -9.45 13.54
CA LEU N 180 -76.19 -10.55 12.77
C LEU N 180 -75.23 -11.30 13.66
N ARG N 181 -75.25 -12.64 13.56
CA ARG N 181 -74.34 -13.45 14.35
C ARG N 181 -72.97 -13.56 13.68
N TYR N 182 -72.94 -14.10 12.47
CA TYR N 182 -71.75 -14.19 11.65
C TYR N 182 -71.81 -13.36 10.39
N GLY N 183 -72.97 -12.80 10.04
CA GLY N 183 -73.11 -12.08 8.79
C GLY N 183 -72.47 -10.70 8.84
N TRP N 184 -72.04 -10.23 7.68
CA TRP N 184 -71.41 -8.92 7.53
C TRP N 184 -72.37 -7.97 6.82
N VAL N 185 -72.62 -6.82 7.43
CA VAL N 185 -73.41 -5.78 6.79
C VAL N 185 -72.62 -5.10 5.68
N MET N 186 -71.29 -5.21 5.71
CA MET N 186 -70.45 -4.67 4.65
C MET N 186 -70.73 -5.38 3.33
N ASP N 187 -70.80 -6.70 3.37
CA ASP N 187 -71.12 -7.45 2.16
C ASP N 187 -72.59 -7.31 1.82
N ALA N 188 -73.47 -7.29 2.81
CA ALA N 188 -74.89 -7.27 2.58
C ALA N 188 -75.42 -5.91 2.17
N ALA N 189 -74.61 -4.85 2.27
CA ALA N 189 -75.08 -3.52 1.92
C ALA N 189 -75.32 -3.39 0.42
N GLU N 190 -74.35 -3.87 -0.38
CA GLU N 190 -74.50 -3.87 -1.83
C GLU N 190 -75.60 -4.82 -2.28
N VAL N 191 -75.84 -5.88 -1.49
CA VAL N 191 -76.95 -6.79 -1.74
C VAL N 191 -78.27 -6.05 -1.59
N LEU N 192 -78.51 -5.53 -0.38
CA LEU N 192 -79.81 -4.99 -0.02
C LEU N 192 -80.10 -3.65 -0.67
N ASN N 193 -79.07 -2.91 -1.11
CA ASN N 193 -79.34 -1.72 -1.89
C ASN N 193 -79.90 -2.08 -3.26
N ASN N 194 -79.47 -3.21 -3.82
CA ASN N 194 -80.00 -3.71 -5.07
C ASN N 194 -81.08 -4.76 -4.86
N ALA N 195 -81.55 -4.93 -3.62
CA ALA N 195 -82.67 -5.83 -3.39
C ALA N 195 -83.95 -5.26 -3.98
N MET N 196 -84.11 -3.95 -3.93
CA MET N 196 -85.18 -3.28 -4.65
C MET N 196 -84.66 -2.78 -5.99
N SER N 197 -85.50 -2.90 -7.01
CA SER N 197 -85.08 -2.69 -8.39
C SER N 197 -84.80 -1.21 -8.66
N ARG N 198 -84.24 -0.96 -9.84
CA ARG N 198 -83.88 0.40 -10.24
C ARG N 198 -85.10 1.17 -10.72
N ALA N 205 -85.70 4.12 -5.77
CA ALA N 205 -85.24 3.01 -4.95
C ALA N 205 -86.32 2.56 -3.98
N GLY N 206 -86.93 3.51 -3.28
CA GLY N 206 -87.97 3.20 -2.33
C GLY N 206 -87.45 2.90 -0.95
N ALA N 207 -87.29 1.61 -0.64
CA ALA N 207 -86.79 1.19 0.67
C ALA N 207 -85.32 1.55 0.82
N GLN N 208 -84.85 1.52 2.07
CA GLN N 208 -83.47 1.86 2.36
C GLN N 208 -82.85 0.86 3.33
N VAL N 209 -81.53 0.94 3.43
CA VAL N 209 -80.74 0.01 4.22
C VAL N 209 -79.50 0.74 4.73
N ILE N 210 -79.18 0.52 6.00
CA ILE N 210 -78.13 1.25 6.71
C ILE N 210 -77.30 0.25 7.49
N ALA N 211 -75.98 0.30 7.31
CA ALA N 211 -75.07 -0.67 7.91
C ALA N 211 -74.41 -0.11 9.16
N ASP N 212 -74.06 -1.01 10.08
CA ASP N 212 -73.21 -0.72 11.24
C ASP N 212 -72.15 -1.80 11.31
N ALA N 213 -70.94 -1.48 10.85
CA ALA N 213 -69.85 -2.45 10.83
C ALA N 213 -69.11 -2.54 12.15
N ARG N 214 -69.37 -1.63 13.10
CA ARG N 214 -68.77 -1.79 14.42
C ARG N 214 -69.59 -2.72 15.30
N THR N 215 -70.90 -2.50 15.34
CA THR N 215 -71.79 -3.31 16.13
C THR N 215 -72.64 -4.25 15.29
N ASN N 216 -72.33 -4.35 13.98
CA ASN N 216 -72.88 -5.35 13.07
C ASN N 216 -74.40 -5.24 12.97
N ARG N 217 -74.90 -4.02 12.98
CA ARG N 217 -76.34 -3.81 13.01
C ARG N 217 -76.85 -3.47 11.62
N LEU N 218 -78.13 -3.73 11.41
CA LEU N 218 -78.74 -3.47 10.11
C LEU N 218 -80.05 -2.72 10.32
N ILE N 219 -80.15 -1.51 9.78
CA ILE N 219 -81.34 -0.69 9.90
C ILE N 219 -82.00 -0.64 8.52
N ILE N 220 -83.14 -1.27 8.38
CA ILE N 220 -83.82 -1.35 7.09
C ILE N 220 -85.17 -0.65 7.19
N LEU N 221 -85.52 0.07 6.11
CA LEU N 221 -86.65 0.98 6.08
C LEU N 221 -87.46 0.61 4.85
N GLY N 222 -88.39 -0.33 4.98
CA GLY N 222 -89.12 -0.79 3.83
C GLY N 222 -90.25 -1.78 4.11
N PRO N 223 -90.53 -2.65 3.13
CA PRO N 223 -91.69 -3.51 3.24
C PRO N 223 -91.45 -4.64 4.24
N PRO N 224 -92.51 -5.16 4.86
CA PRO N 224 -92.31 -6.19 5.89
C PRO N 224 -91.91 -7.54 5.34
N GLN N 225 -92.27 -7.86 4.10
CA GLN N 225 -91.88 -9.15 3.54
C GLN N 225 -90.41 -9.20 3.14
N ALA N 226 -89.85 -8.08 2.67
CA ALA N 226 -88.42 -8.01 2.45
C ALA N 226 -87.68 -8.13 3.77
N ARG N 227 -88.23 -7.52 4.84
CA ARG N 227 -87.72 -7.70 6.19
C ARG N 227 -87.69 -9.17 6.59
N ALA N 228 -88.81 -9.87 6.42
CA ALA N 228 -88.90 -11.25 6.88
C ALA N 228 -88.01 -12.19 6.06
N LYS N 229 -88.10 -12.08 4.73
CA LYS N 229 -87.32 -12.95 3.85
C LYS N 229 -85.82 -12.66 3.97
N LEU N 230 -85.43 -11.42 4.27
CA LEU N 230 -84.01 -11.17 4.37
C LEU N 230 -83.49 -11.34 5.77
N VAL N 231 -84.35 -11.37 6.79
CA VAL N 231 -83.94 -11.91 8.08
C VAL N 231 -83.74 -13.42 7.97
N GLN N 232 -84.56 -14.11 7.16
CA GLN N 232 -84.32 -15.52 6.91
C GLN N 232 -83.05 -15.75 6.09
N LEU N 233 -82.78 -14.89 5.11
CA LEU N 233 -81.50 -14.95 4.41
C LEU N 233 -80.34 -14.54 5.31
N ALA N 234 -80.60 -13.72 6.32
CA ALA N 234 -79.58 -13.42 7.31
C ALA N 234 -79.29 -14.63 8.17
N GLN N 235 -80.33 -15.37 8.55
CA GLN N 235 -80.17 -16.55 9.40
C GLN N 235 -79.56 -17.71 8.62
N SER N 236 -79.74 -17.73 7.30
CA SER N 236 -78.98 -18.64 6.46
C SER N 236 -77.62 -18.07 6.08
N LEU N 237 -77.43 -16.77 6.25
CA LEU N 237 -76.27 -16.04 5.78
C LEU N 237 -75.18 -15.99 6.82
N ASP N 238 -75.57 -15.99 8.09
CA ASP N 238 -74.61 -16.06 9.19
C ASP N 238 -74.25 -17.51 9.55
N THR N 239 -74.46 -18.43 8.64
CA THR N 239 -73.98 -19.78 8.79
C THR N 239 -72.63 -19.91 8.11
N PRO N 240 -71.66 -20.59 8.71
CA PRO N 240 -70.40 -20.86 8.01
C PRO N 240 -70.59 -21.84 6.86
N THR N 241 -69.78 -21.65 5.82
CA THR N 241 -69.87 -22.43 4.58
C THR N 241 -68.43 -22.50 4.05
N ALA N 242 -68.24 -22.59 2.73
CA ALA N 242 -66.96 -22.83 2.07
C ALA N 242 -65.90 -21.76 2.32
N ARG N 243 -64.73 -21.96 1.72
CA ARG N 243 -63.42 -21.42 2.16
C ARG N 243 -63.28 -21.45 3.69
N SER N 244 -63.55 -22.63 4.24
CA SER N 244 -63.38 -22.88 5.67
C SER N 244 -63.09 -24.36 5.84
N ALA N 245 -62.00 -24.66 6.56
CA ALA N 245 -61.48 -26.01 6.75
C ALA N 245 -61.24 -26.73 5.42
N ASN N 246 -60.46 -26.08 4.56
CA ASN N 246 -60.06 -26.64 3.28
C ASN N 246 -58.54 -26.74 3.19
N THR N 247 -57.90 -27.11 4.30
CA THR N 247 -56.46 -27.15 4.43
C THR N 247 -55.98 -28.59 4.61
N ARG N 248 -54.66 -28.75 4.63
CA ARG N 248 -54.07 -30.08 4.61
C ARG N 248 -52.64 -30.01 5.17
N VAL N 249 -52.23 -31.05 5.88
CA VAL N 249 -50.86 -31.18 6.38
C VAL N 249 -50.30 -32.51 5.91
N ILE N 250 -49.12 -32.47 5.30
CA ILE N 250 -48.51 -33.64 4.66
C ILE N 250 -47.15 -33.87 5.28
N ARG N 251 -46.94 -35.06 5.85
CA ARG N 251 -45.60 -35.47 6.22
C ARG N 251 -44.86 -35.96 5.00
N LEU N 252 -43.55 -35.81 5.02
CA LEU N 252 -42.74 -36.23 3.90
C LEU N 252 -41.78 -37.33 4.29
N ARG N 253 -41.51 -38.21 3.34
CA ARG N 253 -40.55 -39.28 3.50
C ARG N 253 -39.54 -39.21 2.38
N HIS N 254 -38.26 -39.33 2.75
CA HIS N 254 -37.09 -39.36 1.88
C HIS N 254 -36.89 -38.08 1.09
N ASN N 255 -37.53 -36.98 1.47
CA ASN N 255 -37.39 -35.72 0.77
C ASN N 255 -37.51 -34.57 1.75
N ASP N 256 -36.80 -33.48 1.46
CA ASP N 256 -36.94 -32.29 2.26
C ASP N 256 -38.23 -31.56 1.92
N ALA N 257 -38.65 -30.69 2.83
CA ALA N 257 -39.92 -30.02 2.63
C ALA N 257 -39.78 -28.78 1.74
N LYS N 258 -38.72 -28.01 1.95
CA LYS N 258 -38.54 -26.79 1.18
C LYS N 258 -38.12 -27.09 -0.26
N THR N 259 -37.35 -28.16 -0.45
CA THR N 259 -36.87 -28.54 -1.76
C THR N 259 -38.02 -28.91 -2.69
N LEU N 260 -38.95 -29.72 -2.19
CA LEU N 260 -40.15 -30.00 -2.98
C LEU N 260 -41.08 -28.80 -2.99
N ALA N 261 -41.00 -27.93 -1.98
CA ALA N 261 -41.94 -26.82 -1.89
C ALA N 261 -41.68 -25.78 -2.96
N GLU N 262 -40.41 -25.55 -3.34
CA GLU N 262 -40.16 -24.67 -4.47
C GLU N 262 -40.76 -25.22 -5.75
N THR N 263 -40.65 -26.52 -5.96
CA THR N 263 -41.14 -27.13 -7.19
C THR N 263 -42.66 -27.14 -7.22
N LEU N 264 -43.31 -27.42 -6.10
CA LEU N 264 -44.76 -27.38 -6.06
C LEU N 264 -45.29 -25.97 -6.18
N GLY N 265 -44.59 -24.98 -5.62
CA GLY N 265 -44.97 -23.60 -5.84
C GLY N 265 -44.76 -23.13 -7.27
N GLN N 266 -43.79 -23.72 -7.96
CA GLN N 266 -43.59 -23.36 -9.35
C GLN N 266 -44.49 -24.13 -10.30
N ILE N 267 -45.08 -25.25 -9.89
CA ILE N 267 -46.10 -25.88 -10.74
C ILE N 267 -47.50 -25.47 -10.37
N SER N 268 -47.70 -24.83 -9.21
CA SER N 268 -49.06 -24.60 -8.76
C SER N 268 -49.71 -23.36 -9.34
N GLU N 269 -49.07 -22.67 -10.28
CA GLU N 269 -49.76 -21.63 -11.01
C GLU N 269 -50.80 -22.22 -11.97
N GLY N 270 -50.51 -23.40 -12.52
CA GLY N 270 -51.43 -24.02 -13.45
C GLY N 270 -52.60 -24.72 -12.82
N MET N 271 -52.57 -24.90 -11.50
CA MET N 271 -53.72 -25.42 -10.79
C MET N 271 -54.61 -24.32 -10.24
N LYS N 272 -54.36 -23.07 -10.61
CA LYS N 272 -55.13 -21.94 -10.11
C LYS N 272 -56.25 -21.54 -11.07
N SER N 288 -59.84 -20.90 -6.00
CA SER N 288 -59.29 -19.80 -6.78
C SER N 288 -57.94 -19.37 -6.22
N ASN N 289 -57.50 -20.05 -5.16
CA ASN N 289 -56.23 -19.74 -4.51
C ASN N 289 -55.51 -21.04 -4.17
N ILE N 290 -54.18 -20.94 -4.06
CA ILE N 290 -53.33 -22.11 -3.91
C ILE N 290 -52.09 -21.77 -3.09
N LEU N 291 -51.88 -22.49 -1.99
CA LEU N 291 -50.80 -22.12 -1.05
C LEU N 291 -50.11 -23.36 -0.52
N ILE N 292 -48.85 -23.55 -0.89
CA ILE N 292 -48.05 -24.67 -0.41
C ILE N 292 -46.83 -24.08 0.26
N ARG N 293 -46.74 -24.22 1.57
CA ARG N 293 -45.56 -23.75 2.27
C ARG N 293 -44.94 -24.90 3.05
N ALA N 294 -43.73 -24.68 3.54
CA ALA N 294 -42.93 -25.80 4.03
C ALA N 294 -42.66 -25.67 5.52
N ASP N 295 -42.05 -26.73 6.05
CA ASP N 295 -41.52 -26.74 7.41
C ASP N 295 -40.35 -27.71 7.43
N GLU N 296 -39.17 -27.20 7.69
CA GLU N 296 -37.99 -28.03 7.74
C GLU N 296 -37.75 -28.64 9.10
N SER N 297 -38.54 -28.29 10.11
CA SER N 297 -38.34 -28.86 11.44
C SER N 297 -38.83 -30.29 11.49
N THR N 298 -40.13 -30.49 11.27
CA THR N 298 -40.73 -31.80 11.17
C THR N 298 -40.91 -32.24 9.73
N ASN N 299 -40.24 -31.56 8.78
CA ASN N 299 -40.12 -31.96 7.38
C ASN N 299 -41.46 -32.03 6.69
N ALA N 300 -42.40 -31.19 7.09
CA ALA N 300 -43.77 -31.30 6.67
C ALA N 300 -44.14 -30.19 5.69
N LEU N 301 -45.34 -30.30 5.14
CA LEU N 301 -45.75 -29.47 4.02
C LEU N 301 -47.19 -29.06 4.26
N VAL N 302 -47.46 -27.77 4.27
CA VAL N 302 -48.79 -27.27 4.56
C VAL N 302 -49.44 -26.86 3.25
N LEU N 303 -50.56 -27.50 2.94
CA LEU N 303 -51.33 -27.28 1.73
C LEU N 303 -52.58 -26.50 2.06
N LEU N 304 -52.94 -25.61 1.16
CA LEU N 304 -54.23 -24.92 1.22
C LEU N 304 -54.76 -24.81 -0.19
N ALA N 305 -55.83 -25.56 -0.47
CA ALA N 305 -56.34 -25.70 -1.82
C ALA N 305 -57.74 -26.29 -1.77
N ASP N 306 -58.43 -26.18 -2.90
CA ASP N 306 -59.69 -26.86 -3.09
C ASP N 306 -59.45 -28.36 -3.22
N PRO N 307 -60.43 -29.20 -2.83
CA PRO N 307 -60.17 -30.65 -2.70
C PRO N 307 -59.75 -31.38 -3.97
N ASP N 308 -60.13 -30.90 -5.15
CA ASP N 308 -59.57 -31.45 -6.39
C ASP N 308 -58.07 -31.16 -6.47
N THR N 309 -57.68 -29.92 -6.17
CA THR N 309 -56.28 -29.55 -6.18
C THR N 309 -55.53 -30.27 -5.06
N VAL N 310 -56.22 -30.54 -3.95
CA VAL N 310 -55.64 -31.32 -2.86
C VAL N 310 -55.34 -32.74 -3.32
N ASN N 311 -56.28 -33.36 -4.05
CA ASN N 311 -56.04 -34.71 -4.55
C ASN N 311 -54.96 -34.75 -5.62
N ALA N 312 -54.88 -33.71 -6.45
CA ALA N 312 -53.82 -33.64 -7.46
C ALA N 312 -52.45 -33.50 -6.82
N LEU N 313 -52.35 -32.66 -5.79
CA LEU N 313 -51.06 -32.52 -5.12
C LEU N 313 -50.72 -33.75 -4.29
N GLU N 314 -51.73 -34.48 -3.82
CA GLU N 314 -51.45 -35.78 -3.21
C GLU N 314 -50.94 -36.78 -4.23
N ASP N 315 -51.43 -36.71 -5.46
CA ASP N 315 -50.89 -37.56 -6.52
C ASP N 315 -49.45 -37.18 -6.88
N ILE N 316 -49.11 -35.89 -6.78
CA ILE N 316 -47.71 -35.49 -6.96
C ILE N 316 -46.86 -36.04 -5.83
N VAL N 317 -47.33 -35.91 -4.59
CA VAL N 317 -46.50 -36.23 -3.44
C VAL N 317 -46.31 -37.74 -3.31
N ARG N 318 -47.35 -38.52 -3.57
CA ARG N 318 -47.23 -39.97 -3.47
C ARG N 318 -46.34 -40.58 -4.56
N GLN N 319 -45.96 -39.83 -5.58
CA GLN N 319 -45.06 -40.32 -6.60
C GLN N 319 -43.71 -39.62 -6.56
N LEU N 320 -43.43 -38.85 -5.51
CA LEU N 320 -42.14 -38.21 -5.33
C LEU N 320 -41.46 -38.60 -4.03
N ASP N 321 -42.11 -39.40 -3.20
CA ASP N 321 -41.56 -39.81 -1.90
C ASP N 321 -41.37 -41.32 -1.95
N VAL N 322 -40.23 -41.75 -2.44
CA VAL N 322 -39.94 -43.18 -2.51
C VAL N 322 -38.67 -43.47 -1.75
N PRO N 323 -38.53 -44.66 -1.17
CA PRO N 323 -37.23 -45.08 -0.67
C PRO N 323 -36.27 -45.31 -1.83
N ARG N 324 -35.11 -44.68 -1.75
CA ARG N 324 -34.13 -44.81 -2.82
C ARG N 324 -33.40 -46.13 -2.69
N ALA N 325 -32.45 -46.37 -3.59
CA ALA N 325 -31.80 -47.66 -3.69
C ALA N 325 -30.34 -47.58 -3.27
N GLN N 326 -29.84 -48.70 -2.78
CA GLN N 326 -28.47 -48.79 -2.29
C GLN N 326 -27.62 -49.68 -3.18
N VAL N 327 -26.33 -49.38 -3.20
CA VAL N 327 -25.35 -50.17 -3.93
C VAL N 327 -24.29 -50.59 -2.95
N LEU N 328 -23.94 -51.86 -2.97
CA LEU N 328 -22.68 -52.31 -2.37
C LEU N 328 -21.69 -52.50 -3.50
N VAL N 329 -20.62 -51.72 -3.46
CA VAL N 329 -19.58 -51.74 -4.46
C VAL N 329 -18.38 -52.47 -3.89
N GLU N 330 -17.90 -53.50 -4.58
CA GLU N 330 -16.70 -54.23 -4.21
C GLU N 330 -15.69 -54.00 -5.33
N ALA N 331 -14.75 -53.10 -5.14
CA ALA N 331 -13.65 -53.00 -6.09
C ALA N 331 -12.52 -53.91 -5.65
N ALA N 332 -11.81 -54.47 -6.60
CA ALA N 332 -10.77 -55.43 -6.29
C ALA N 332 -9.57 -55.14 -7.17
N ILE N 333 -8.38 -55.30 -6.61
CA ILE N 333 -7.15 -54.97 -7.32
C ILE N 333 -6.22 -56.14 -7.19
N VAL N 334 -5.78 -56.68 -8.31
CA VAL N 334 -4.80 -57.76 -8.30
C VAL N 334 -3.55 -57.24 -8.98
N GLU N 335 -2.40 -57.51 -8.37
CA GLU N 335 -1.12 -57.19 -8.97
C GLU N 335 -0.19 -58.37 -8.80
N ILE N 336 0.40 -58.84 -9.89
CA ILE N 336 1.48 -59.80 -9.80
C ILE N 336 2.71 -59.12 -10.35
N SER N 337 3.70 -58.91 -9.49
CA SER N 337 4.93 -58.32 -9.95
C SER N 337 6.05 -59.33 -9.86
N GLY N 338 7.11 -59.08 -10.61
CA GLY N 338 8.26 -59.93 -10.50
C GLY N 338 9.42 -59.38 -11.29
N ASP N 339 10.64 -59.67 -10.86
CA ASP N 339 11.81 -59.34 -11.66
C ASP N 339 12.94 -60.28 -11.31
N ILE N 340 13.89 -60.37 -12.23
CA ILE N 340 15.04 -61.24 -12.09
C ILE N 340 16.25 -60.56 -12.72
N GLN N 341 17.26 -60.31 -11.91
CA GLN N 341 18.55 -59.90 -12.44
C GLN N 341 19.42 -61.12 -12.66
N ASP N 342 20.51 -60.90 -13.39
CA ASP N 342 21.51 -61.95 -13.59
C ASP N 342 22.81 -61.24 -13.94
N ALA N 343 23.72 -61.13 -12.99
CA ALA N 343 24.97 -60.41 -13.21
C ALA N 343 26.12 -61.38 -13.07
N VAL N 344 27.00 -61.42 -14.08
CA VAL N 344 28.10 -62.38 -14.06
C VAL N 344 29.27 -61.82 -14.87
N GLY N 345 30.46 -61.88 -14.29
CA GLY N 345 31.63 -61.35 -14.96
C GLY N 345 32.95 -61.98 -14.57
N VAL N 346 33.80 -62.24 -15.55
CA VAL N 346 35.13 -62.80 -15.36
C VAL N 346 36.14 -61.68 -15.56
N GLN N 347 37.10 -61.57 -14.64
CA GLN N 347 38.09 -60.51 -14.69
C GLN N 347 39.48 -61.13 -14.62
N TRP N 348 40.39 -60.69 -15.49
CA TRP N 348 41.73 -61.28 -15.59
C TRP N 348 42.78 -60.25 -15.22
N ALA N 349 43.71 -60.66 -14.35
CA ALA N 349 44.70 -59.80 -13.72
C ALA N 349 46.09 -60.36 -13.91
N ILE N 350 46.47 -60.60 -15.17
CA ILE N 350 47.79 -61.13 -15.48
C ILE N 350 48.80 -59.99 -15.42
N ASN N 351 49.45 -59.81 -14.29
CA ASN N 351 50.48 -58.77 -14.19
C ASN N 351 51.88 -59.35 -14.41
N LYS N 352 52.04 -59.97 -15.58
CA LYS N 352 53.30 -60.60 -15.97
C LYS N 352 54.25 -59.50 -16.41
N GLY N 353 55.03 -58.98 -15.46
CA GLY N 353 56.14 -58.09 -15.76
C GLY N 353 55.79 -56.69 -16.25
N GLY N 354 56.80 -55.82 -16.28
CA GLY N 354 56.66 -54.50 -16.83
C GLY N 354 55.88 -53.51 -16.00
N MET N 355 56.16 -52.22 -16.18
CA MET N 355 55.32 -51.19 -15.58
C MET N 355 53.97 -51.19 -16.27
N GLY N 356 52.91 -51.28 -15.48
CA GLY N 356 51.59 -51.51 -16.02
C GLY N 356 50.96 -52.72 -15.37
N GLY N 357 50.74 -53.77 -16.15
CA GLY N 357 50.07 -54.96 -15.66
C GLY N 357 48.81 -55.20 -16.45
N THR N 358 48.74 -56.34 -17.14
CA THR N 358 47.76 -56.55 -18.20
C THR N 358 46.39 -56.93 -17.63
N LYS N 359 45.85 -56.06 -16.78
CA LYS N 359 44.63 -56.36 -16.05
C LYS N 359 43.40 -55.93 -16.85
N THR N 360 42.37 -56.76 -16.81
CA THR N 360 41.15 -56.51 -17.58
C THR N 360 40.09 -55.96 -16.63
N ASN N 361 40.19 -54.66 -16.36
CA ASN N 361 39.28 -53.98 -15.44
C ASN N 361 37.92 -53.82 -16.10
N PHE N 362 36.91 -54.48 -15.54
CA PHE N 362 35.51 -54.29 -15.94
C PHE N 362 34.78 -53.70 -14.75
N ALA N 363 34.48 -52.40 -14.82
CA ALA N 363 33.72 -51.73 -13.76
C ALA N 363 32.23 -51.85 -14.07
N ASN N 364 31.76 -53.09 -14.09
CA ASN N 364 30.37 -53.40 -14.35
C ASN N 364 29.69 -53.97 -13.11
N THR N 365 30.22 -55.04 -12.55
CA THR N 365 29.57 -55.76 -11.46
C THR N 365 30.42 -55.59 -10.21
N GLY N 366 30.08 -54.57 -9.43
CA GLY N 366 30.61 -54.42 -8.09
C GLY N 366 32.10 -54.15 -8.02
N LEU N 367 32.85 -55.17 -7.62
CA LEU N 367 34.28 -55.08 -7.50
C LEU N 367 34.95 -54.97 -8.86
N SER N 368 36.25 -54.73 -8.81
CA SER N 368 37.06 -54.59 -10.01
C SER N 368 38.50 -54.93 -9.64
N ILE N 369 39.33 -55.10 -10.66
CA ILE N 369 40.72 -55.45 -10.42
C ILE N 369 41.49 -54.25 -9.88
N GLY N 370 41.13 -53.04 -10.32
CA GLY N 370 41.79 -51.85 -9.80
C GLY N 370 41.55 -51.66 -8.31
N THR N 371 40.29 -51.80 -7.90
CA THR N 371 40.04 -51.80 -6.47
C THR N 371 40.44 -53.11 -5.81
N LEU N 372 40.79 -54.15 -6.58
CA LEU N 372 41.36 -55.34 -5.95
C LEU N 372 42.83 -55.14 -5.60
N LEU N 373 43.59 -54.51 -6.50
CA LEU N 373 44.97 -54.19 -6.17
C LEU N 373 45.06 -53.04 -5.18
N GLN N 374 44.03 -52.20 -5.10
CA GLN N 374 43.90 -51.35 -3.92
C GLN N 374 43.36 -52.11 -2.72
N SER N 375 42.71 -53.25 -2.93
CA SER N 375 42.24 -54.02 -1.80
C SER N 375 43.37 -54.83 -1.19
N LEU N 376 44.46 -55.02 -1.92
CA LEU N 376 45.70 -55.47 -1.32
C LEU N 376 46.15 -54.51 -0.23
N GLU N 377 46.12 -53.20 -0.52
CA GLU N 377 46.39 -52.21 0.49
C GLU N 377 45.25 -52.06 1.49
N SER N 378 44.05 -52.52 1.14
CA SER N 378 43.00 -52.58 2.15
C SER N 378 43.28 -53.71 3.13
N ASN N 379 43.66 -54.88 2.61
CA ASN N 379 44.11 -56.00 3.42
C ASN N 379 45.33 -55.63 4.25
N LYS N 380 46.10 -54.64 3.81
CA LYS N 380 47.08 -54.06 4.69
C LYS N 380 46.40 -53.36 5.88
N ALA N 381 45.85 -52.13 5.71
CA ALA N 381 45.18 -51.58 6.90
C ALA N 381 43.66 -51.73 6.99
N PRO N 382 42.77 -51.18 6.05
CA PRO N 382 41.33 -51.21 6.38
C PRO N 382 40.49 -52.45 6.05
N GLU N 383 40.79 -53.19 4.97
CA GLU N 383 40.04 -54.38 4.50
C GLU N 383 38.57 -54.03 4.23
N SER N 384 38.36 -53.25 3.19
CA SER N 384 37.08 -52.57 2.97
C SER N 384 36.42 -52.96 1.65
N ILE N 385 35.12 -52.63 1.58
CA ILE N 385 34.26 -52.60 0.40
C ILE N 385 34.20 -53.91 -0.39
N PRO N 386 33.41 -54.89 0.04
CA PRO N 386 33.05 -56.01 -0.84
C PRO N 386 31.73 -55.76 -1.57
N ASP N 387 31.48 -56.58 -2.59
CA ASP N 387 30.22 -56.58 -3.32
C ASP N 387 30.10 -57.86 -4.12
N GLY N 388 28.94 -58.52 -4.04
CA GLY N 388 28.61 -59.63 -4.90
C GLY N 388 29.28 -60.94 -4.51
N ALA N 389 28.76 -62.04 -5.07
CA ALA N 389 29.28 -63.38 -4.80
C ALA N 389 30.57 -63.54 -5.60
N ILE N 390 31.71 -63.41 -4.93
CA ILE N 390 33.01 -63.34 -5.59
C ILE N 390 33.77 -64.63 -5.39
N VAL N 391 34.61 -64.97 -6.37
CA VAL N 391 35.44 -66.17 -6.37
C VAL N 391 36.79 -65.74 -6.94
N GLY N 392 37.82 -65.74 -6.11
CA GLY N 392 39.13 -65.28 -6.58
C GLY N 392 40.17 -66.36 -6.76
N ILE N 393 40.44 -66.77 -7.99
CA ILE N 393 41.47 -67.75 -8.28
C ILE N 393 42.72 -66.98 -8.65
N GLY N 394 43.71 -66.95 -7.78
CA GLY N 394 44.91 -66.20 -8.07
C GLY N 394 46.13 -66.84 -7.48
N SER N 395 47.26 -66.65 -8.16
CA SER N 395 48.56 -66.86 -7.53
C SER N 395 49.10 -65.54 -6.97
N SER N 396 48.21 -64.82 -6.30
CA SER N 396 48.41 -63.62 -5.49
C SER N 396 48.83 -62.38 -6.27
N SER N 397 49.24 -62.54 -7.51
CA SER N 397 49.39 -61.45 -8.47
C SER N 397 48.78 -61.81 -9.81
N PHE N 398 48.98 -63.05 -10.25
CA PHE N 398 48.34 -63.60 -11.45
C PHE N 398 46.92 -63.94 -11.05
N GLY N 399 45.98 -63.04 -11.33
CA GLY N 399 44.66 -63.21 -10.75
C GLY N 399 43.52 -63.44 -11.72
N ALA N 400 42.41 -63.94 -11.19
CA ALA N 400 41.20 -64.11 -11.99
C ALA N 400 40.01 -64.08 -11.03
N LEU N 401 39.22 -63.03 -11.10
CA LEU N 401 38.11 -62.84 -10.17
C LEU N 401 36.80 -63.04 -10.93
N VAL N 402 35.96 -63.95 -10.44
CA VAL N 402 34.66 -64.21 -11.02
C VAL N 402 33.62 -63.67 -10.05
N THR N 403 32.80 -62.74 -10.51
CA THR N 403 31.80 -62.11 -9.66
C THR N 403 30.42 -62.41 -10.21
N ALA N 404 29.51 -62.89 -9.36
CA ALA N 404 28.20 -63.27 -9.83
C ALA N 404 27.15 -63.00 -8.76
N LEU N 405 25.94 -62.70 -9.22
CA LEU N 405 24.75 -62.52 -8.40
C LEU N 405 23.53 -62.83 -9.24
N SER N 406 22.46 -63.28 -8.59
CA SER N 406 21.18 -63.51 -9.26
C SER N 406 20.05 -63.20 -8.30
N ALA N 407 19.60 -61.95 -8.31
CA ALA N 407 18.40 -61.60 -7.55
C ALA N 407 17.18 -62.10 -8.28
N ASN N 408 16.12 -62.38 -7.52
CA ASN N 408 14.91 -62.95 -8.07
C ASN N 408 13.78 -62.62 -7.10
N THR N 409 13.02 -61.57 -7.37
CA THR N 409 11.96 -61.18 -6.45
C THR N 409 10.63 -61.36 -7.14
N LYS N 410 9.64 -61.80 -6.39
CA LYS N 410 8.28 -61.90 -6.86
C LYS N 410 7.39 -61.19 -5.86
N SER N 411 6.16 -60.92 -6.26
CA SER N 411 5.25 -60.20 -5.39
C SER N 411 3.83 -60.41 -5.90
N ASN N 412 2.88 -60.39 -4.97
CA ASN N 412 1.50 -60.66 -5.34
C ASN N 412 0.60 -59.90 -4.38
N LEU N 413 0.08 -58.78 -4.83
CA LEU N 413 -0.81 -57.96 -4.03
C LEU N 413 -2.26 -58.19 -4.44
N LEU N 414 -3.15 -57.98 -3.48
CA LEU N 414 -4.57 -58.08 -3.67
C LEU N 414 -5.23 -57.11 -2.72
N SER N 415 -6.31 -56.49 -3.15
CA SER N 415 -7.04 -55.61 -2.26
C SER N 415 -8.50 -55.64 -2.63
N THR N 416 -9.38 -55.54 -1.65
CA THR N 416 -10.82 -55.52 -1.91
C THR N 416 -11.51 -54.54 -0.97
N PRO N 417 -11.49 -53.26 -1.31
CA PRO N 417 -12.39 -52.34 -0.61
C PRO N 417 -13.81 -52.54 -1.09
N SER N 418 -14.75 -52.20 -0.22
CA SER N 418 -16.16 -52.41 -0.51
C SER N 418 -16.99 -51.54 0.42
N LEU N 419 -17.97 -50.84 -0.13
CA LEU N 419 -18.81 -49.99 0.70
C LEU N 419 -20.25 -49.97 0.21
N LEU N 420 -21.13 -49.59 1.13
CA LEU N 420 -22.55 -49.41 0.84
C LEU N 420 -22.82 -47.93 0.68
N THR N 421 -23.73 -47.59 -0.23
CA THR N 421 -24.06 -46.20 -0.47
C THR N 421 -25.46 -46.09 -1.05
N LEU N 422 -25.98 -44.87 -1.01
CA LEU N 422 -27.10 -44.49 -1.85
C LEU N 422 -26.58 -43.93 -3.17
N ASP N 423 -27.49 -43.60 -4.07
CA ASP N 423 -27.11 -42.88 -5.26
C ASP N 423 -26.80 -41.44 -4.91
N ASN N 424 -25.92 -40.83 -5.71
CA ASN N 424 -25.57 -39.41 -5.64
C ASN N 424 -25.00 -39.01 -4.28
N GLN N 425 -24.33 -39.95 -3.63
CA GLN N 425 -23.80 -39.75 -2.29
C GLN N 425 -22.36 -40.23 -2.28
N LYS N 426 -21.43 -39.28 -2.13
CA LYS N 426 -20.02 -39.55 -2.24
C LYS N 426 -19.53 -40.37 -1.07
N ALA N 427 -19.50 -41.68 -1.22
CA ALA N 427 -18.92 -42.52 -0.19
C ALA N 427 -17.41 -42.47 -0.26
N GLU N 428 -16.75 -43.12 0.67
CA GLU N 428 -15.29 -43.09 0.77
C GLU N 428 -14.84 -44.15 1.74
N ILE N 429 -13.79 -44.86 1.40
CA ILE N 429 -13.02 -45.60 2.40
C ILE N 429 -11.59 -45.16 2.24
N LEU N 430 -10.92 -44.96 3.37
CA LEU N 430 -9.51 -44.62 3.34
C LEU N 430 -8.84 -45.41 4.43
N VAL N 431 -7.89 -46.26 4.08
CA VAL N 431 -7.19 -47.07 5.07
C VAL N 431 -5.71 -46.83 4.92
N GLY N 432 -5.05 -46.51 6.01
CA GLY N 432 -3.62 -46.28 6.03
C GLY N 432 -3.29 -44.85 6.34
N GLN N 433 -2.00 -44.58 6.43
CA GLN N 433 -1.42 -43.48 7.18
C GLN N 433 -1.79 -42.11 6.60
N ASN N 434 -1.48 -41.08 7.39
CA ASN N 434 -1.65 -39.68 7.00
C ASN N 434 -0.33 -38.99 7.28
N VAL N 435 0.29 -38.42 6.25
CA VAL N 435 1.67 -37.97 6.32
C VAL N 435 1.69 -36.47 6.06
N PRO N 436 2.75 -35.80 6.49
CA PRO N 436 3.00 -34.43 6.04
C PRO N 436 3.78 -34.41 4.74
N PHE N 437 3.71 -33.27 4.07
CA PHE N 437 4.54 -33.05 2.91
C PHE N 437 4.84 -31.57 2.84
N GLN N 438 6.05 -31.24 2.43
CA GLN N 438 6.42 -29.84 2.34
C GLN N 438 5.75 -29.21 1.14
N THR N 439 5.22 -28.01 1.33
CA THR N 439 4.87 -27.13 0.23
C THR N 439 5.79 -25.91 0.25
N GLY N 440 6.97 -26.07 0.83
CA GLY N 440 7.91 -24.97 0.99
C GLY N 440 9.01 -25.27 1.97
N THR N 454 9.57 -24.21 4.96
CA THR N 454 8.68 -25.23 5.51
C THR N 454 7.29 -24.67 5.73
N THR N 455 6.35 -25.09 4.89
CA THR N 455 4.94 -24.76 5.06
C THR N 455 4.09 -26.00 4.79
N VAL N 456 4.41 -27.09 5.51
CA VAL N 456 3.96 -28.46 5.26
C VAL N 456 2.45 -28.62 5.38
N GLU N 457 1.96 -29.79 4.97
CA GLU N 457 0.54 -30.01 4.79
C GLU N 457 0.25 -31.50 4.97
N ARG N 458 -0.98 -31.82 5.37
CA ARG N 458 -1.36 -33.19 5.65
C ARG N 458 -2.01 -33.84 4.45
N LYS N 459 -1.78 -35.13 4.28
CA LYS N 459 -2.14 -35.81 3.04
C LYS N 459 -2.19 -37.31 3.28
N ASP N 460 -3.22 -37.95 2.73
CA ASP N 460 -3.56 -39.33 3.07
C ASP N 460 -2.91 -40.35 2.14
N ILE N 461 -2.43 -41.44 2.72
CA ILE N 461 -1.63 -42.44 2.04
C ILE N 461 -2.16 -43.82 2.41
N GLY N 462 -2.59 -44.59 1.42
CA GLY N 462 -3.08 -45.93 1.67
C GLY N 462 -4.24 -46.24 0.77
N VAL N 463 -4.84 -47.42 0.93
CA VAL N 463 -5.89 -47.88 0.04
C VAL N 463 -7.08 -46.95 0.12
N SER N 464 -7.70 -46.65 -1.01
CA SER N 464 -8.78 -45.68 -0.95
C SER N 464 -9.77 -45.92 -2.06
N LEU N 465 -11.00 -45.52 -1.80
CA LEU N 465 -12.05 -45.75 -2.78
C LEU N 465 -13.09 -44.66 -2.64
N LYS N 466 -13.53 -44.10 -3.76
CA LYS N 466 -14.59 -43.09 -3.75
C LYS N 466 -15.58 -43.42 -4.85
N VAL N 467 -16.75 -43.89 -4.49
CA VAL N 467 -17.77 -44.27 -5.45
C VAL N 467 -18.82 -43.16 -5.47
N THR N 468 -19.39 -42.89 -6.64
CA THR N 468 -20.66 -42.18 -6.69
C THR N 468 -21.58 -42.85 -7.70
N PRO N 469 -22.65 -43.50 -7.27
CA PRO N 469 -23.54 -44.17 -8.20
C PRO N 469 -24.59 -43.25 -8.78
N HIS N 470 -25.32 -43.81 -9.74
CA HIS N 470 -26.54 -43.21 -10.26
C HIS N 470 -27.41 -44.36 -10.72
N ILE N 471 -28.60 -44.49 -10.13
CA ILE N 471 -29.30 -45.75 -10.11
C ILE N 471 -30.61 -45.66 -10.87
N ASN N 472 -30.71 -46.46 -11.91
CA ASN N 472 -31.95 -46.62 -12.65
C ASN N 472 -32.85 -47.55 -11.87
N ASP N 473 -34.15 -47.43 -12.10
CA ASP N 473 -35.11 -48.38 -11.54
C ASP N 473 -35.01 -49.69 -12.34
N GLY N 474 -33.98 -50.46 -12.04
CA GLY N 474 -33.73 -51.70 -12.74
C GLY N 474 -32.27 -52.01 -12.91
N ALA N 475 -31.89 -52.43 -14.11
CA ALA N 475 -30.53 -52.84 -14.40
C ALA N 475 -29.67 -51.62 -14.74
N ALA N 476 -28.39 -51.87 -15.02
CA ALA N 476 -27.46 -50.93 -15.65
C ALA N 476 -27.29 -49.65 -14.82
N LEU N 477 -26.63 -49.82 -13.69
CA LEU N 477 -26.25 -48.69 -12.85
C LEU N 477 -25.08 -47.93 -13.46
N ARG N 478 -24.97 -46.65 -13.12
CA ARG N 478 -23.81 -45.86 -13.49
C ARG N 478 -22.91 -45.68 -12.28
N LEU N 479 -21.60 -45.78 -12.46
CA LEU N 479 -20.66 -45.58 -11.38
C LEU N 479 -19.63 -44.54 -11.77
N GLU N 480 -19.26 -43.70 -10.82
CA GLU N 480 -18.16 -42.76 -11.01
C GLU N 480 -17.13 -43.17 -9.98
N ILE N 481 -16.13 -43.89 -10.42
CA ILE N 481 -15.18 -44.51 -9.52
C ILE N 481 -13.97 -43.62 -9.45
N GLU N 482 -13.41 -43.45 -8.25
CA GLU N 482 -12.10 -42.87 -8.12
C GLU N 482 -11.40 -43.76 -7.12
N GLN N 483 -10.73 -44.77 -7.60
CA GLN N 483 -10.08 -45.72 -6.73
C GLN N 483 -8.60 -45.45 -6.75
N GLU N 484 -7.91 -45.67 -5.64
CA GLU N 484 -6.47 -45.58 -5.71
C GLU N 484 -5.85 -46.48 -4.68
N ILE N 485 -4.58 -46.79 -4.90
CA ILE N 485 -3.74 -47.46 -3.92
C ILE N 485 -2.44 -46.70 -3.87
N SER N 486 -2.14 -46.12 -2.74
CA SER N 486 -0.88 -45.46 -2.52
C SER N 486 0.10 -46.45 -1.90
N ALA N 487 1.23 -45.94 -1.42
CA ALA N 487 2.19 -46.64 -0.59
C ALA N 487 3.15 -45.59 -0.05
N LEU N 488 4.21 -46.04 0.60
CA LEU N 488 5.25 -45.14 1.08
C LEU N 488 6.55 -45.92 1.00
N LEU N 489 7.63 -45.26 0.61
CA LEU N 489 8.82 -45.98 0.19
C LEU N 489 10.01 -45.69 1.07
N PRO N 490 10.60 -46.69 1.72
CA PRO N 490 11.78 -46.46 2.55
C PRO N 490 13.09 -46.74 1.83
N ASN N 491 13.01 -47.37 0.66
CA ASN N 491 14.22 -47.90 0.02
C ASN N 491 14.95 -46.83 -0.77
N ALA N 492 14.32 -46.34 -1.83
CA ALA N 492 14.96 -45.43 -2.78
C ALA N 492 14.68 -44.01 -2.32
N GLN N 493 15.52 -43.55 -1.40
CA GLN N 493 15.42 -42.20 -0.89
C GLN N 493 16.55 -41.35 -1.45
N GLN N 494 16.18 -40.19 -1.97
CA GLN N 494 17.10 -39.23 -2.55
C GLN N 494 17.62 -38.30 -1.46
N ARG N 495 18.18 -37.16 -1.87
CA ARG N 495 18.66 -36.09 -1.03
C ARG N 495 17.51 -35.17 -0.55
N ASN N 496 16.28 -35.66 -0.55
CA ASN N 496 15.10 -34.84 -0.33
C ASN N 496 14.16 -35.59 0.62
N ASN N 497 12.90 -35.16 0.64
CA ASN N 497 11.95 -35.63 1.64
C ASN N 497 11.38 -37.00 1.30
N THR N 498 10.28 -37.33 1.97
CA THR N 498 9.59 -38.60 1.77
C THR N 498 9.14 -38.76 0.32
N ASP N 499 9.63 -39.83 -0.32
CA ASP N 499 9.29 -40.13 -1.70
C ASP N 499 7.98 -40.91 -1.71
N LEU N 500 6.91 -40.18 -1.42
CA LEU N 500 5.62 -40.76 -1.11
C LEU N 500 5.00 -41.32 -2.37
N ILE N 501 4.84 -42.64 -2.46
CA ILE N 501 4.15 -43.17 -3.63
C ILE N 501 2.68 -42.92 -3.36
N THR N 502 2.20 -41.72 -3.73
CA THR N 502 0.86 -41.28 -3.37
C THR N 502 -0.17 -41.79 -4.36
N SER N 503 0.26 -42.06 -5.59
CA SER N 503 -0.44 -42.98 -6.45
C SER N 503 0.52 -44.09 -6.77
N LYS N 504 0.09 -45.32 -6.58
CA LYS N 504 0.68 -46.45 -7.26
C LYS N 504 -0.29 -47.07 -8.21
N ARG N 505 -1.56 -47.04 -7.88
CA ARG N 505 -2.59 -47.17 -8.88
C ARG N 505 -3.55 -46.05 -8.64
N SER N 506 -4.05 -45.44 -9.69
CA SER N 506 -5.00 -44.36 -9.43
C SER N 506 -5.93 -44.28 -10.61
N ILE N 507 -6.99 -45.06 -10.59
CA ILE N 507 -7.89 -45.07 -11.72
C ILE N 507 -9.11 -44.27 -11.39
N LYS N 508 -9.34 -43.22 -12.17
CA LYS N 508 -10.39 -42.25 -11.89
C LYS N 508 -11.34 -42.29 -13.07
N SER N 509 -12.23 -43.26 -13.08
CA SER N 509 -12.98 -43.49 -14.31
C SER N 509 -14.46 -43.33 -14.07
N THR N 510 -15.23 -43.61 -15.10
CA THR N 510 -16.69 -43.47 -15.02
C THR N 510 -17.29 -44.57 -15.87
N ILE N 511 -17.80 -45.62 -15.24
CA ILE N 511 -18.24 -46.77 -16.00
C ILE N 511 -19.74 -46.97 -15.81
N LEU N 512 -20.30 -47.97 -16.47
CA LEU N 512 -21.73 -48.24 -16.41
C LEU N 512 -21.90 -49.76 -16.40
N ALA N 513 -22.27 -50.31 -15.26
CA ALA N 513 -22.20 -51.76 -15.05
C ALA N 513 -23.58 -52.36 -14.85
N GLU N 514 -23.57 -53.68 -14.75
CA GLU N 514 -24.75 -54.51 -14.53
C GLU N 514 -24.66 -55.18 -13.17
N ASN N 515 -25.77 -55.22 -12.45
CA ASN N 515 -25.83 -55.43 -11.01
C ASN N 515 -25.41 -56.82 -10.53
N GLY N 516 -24.86 -57.73 -11.30
CA GLY N 516 -24.31 -58.93 -10.73
C GLY N 516 -23.05 -59.34 -11.45
N GLN N 517 -22.56 -58.45 -12.30
CA GLN N 517 -21.54 -58.79 -13.28
C GLN N 517 -20.18 -58.32 -12.81
N VAL N 518 -19.30 -59.26 -12.52
CA VAL N 518 -17.90 -58.94 -12.23
C VAL N 518 -17.28 -58.46 -13.52
N ILE N 519 -16.93 -57.18 -13.58
CA ILE N 519 -16.36 -56.60 -14.79
C ILE N 519 -14.94 -56.14 -14.50
N VAL N 520 -14.25 -55.73 -15.56
CA VAL N 520 -12.88 -55.26 -15.47
C VAL N 520 -12.86 -53.78 -15.79
N ILE N 521 -12.28 -52.99 -14.89
CA ILE N 521 -12.20 -51.56 -15.15
C ILE N 521 -10.88 -51.20 -15.78
N GLY N 522 -9.77 -51.71 -15.25
CA GLY N 522 -8.51 -51.20 -15.74
C GLY N 522 -7.40 -52.23 -15.67
N GLY N 523 -6.29 -51.88 -16.28
CA GLY N 523 -5.20 -52.85 -16.28
C GLY N 523 -3.89 -52.24 -16.71
N LEU N 524 -2.84 -53.02 -16.50
CA LEU N 524 -1.49 -52.66 -16.91
C LEU N 524 -0.70 -53.94 -17.04
N ILE N 525 -0.11 -54.18 -18.21
CA ILE N 525 0.79 -55.30 -18.41
C ILE N 525 2.10 -54.72 -18.87
N GLN N 526 3.11 -54.77 -18.02
CA GLN N 526 4.38 -54.12 -18.29
C GLN N 526 5.48 -55.16 -18.29
N ASP N 527 6.07 -55.37 -19.45
CA ASP N 527 7.11 -56.38 -19.63
C ASP N 527 8.41 -55.67 -19.99
N ASP N 528 9.52 -56.27 -19.59
CA ASP N 528 10.81 -55.63 -19.78
C ASP N 528 11.87 -56.70 -19.79
N VAL N 529 12.87 -56.48 -20.63
CA VAL N 529 14.07 -57.29 -20.68
C VAL N 529 15.22 -56.40 -21.13
N SER N 530 16.29 -56.37 -20.35
CA SER N 530 17.41 -55.49 -20.61
C SER N 530 18.69 -56.26 -20.36
N GLN N 531 19.73 -55.92 -21.10
CA GLN N 531 20.97 -56.67 -20.98
C GLN N 531 22.16 -55.84 -21.47
N ALA N 532 23.11 -55.62 -20.58
CA ALA N 532 24.32 -54.91 -20.90
C ALA N 532 25.51 -55.87 -20.88
N GLU N 533 26.49 -55.60 -21.73
CA GLU N 533 27.72 -56.36 -21.74
C GLU N 533 28.90 -55.40 -21.66
N SER N 534 30.06 -55.97 -21.37
CA SER N 534 31.31 -55.23 -21.45
C SER N 534 32.42 -56.26 -21.64
N LYS N 535 33.11 -56.20 -22.77
CA LYS N 535 34.10 -57.23 -23.08
C LYS N 535 35.31 -56.61 -23.75
N VAL N 536 36.40 -57.36 -23.76
CA VAL N 536 37.49 -57.07 -24.68
C VAL N 536 37.01 -57.38 -26.10
N PRO N 537 37.14 -56.44 -27.05
CA PRO N 537 36.43 -56.57 -28.33
C PRO N 537 36.88 -57.69 -29.23
N LEU N 538 38.03 -58.31 -28.99
CA LEU N 538 38.44 -59.45 -29.79
C LEU N 538 38.07 -60.78 -29.16
N LEU N 539 38.11 -60.87 -27.83
CA LEU N 539 38.09 -62.15 -27.15
C LEU N 539 36.73 -62.57 -26.66
N GLY N 540 35.83 -61.62 -26.40
CA GLY N 540 34.49 -62.00 -25.97
C GLY N 540 33.65 -62.64 -27.07
N ASP N 541 34.03 -62.45 -28.32
CA ASP N 541 33.22 -62.91 -29.44
C ASP N 541 33.31 -64.42 -29.64
N ILE N 542 34.42 -65.02 -29.23
CA ILE N 542 34.69 -66.43 -29.52
C ILE N 542 33.77 -67.31 -28.67
N PRO N 543 32.88 -68.10 -29.28
CA PRO N 543 31.87 -68.82 -28.49
C PRO N 543 32.38 -70.12 -27.90
N LEU N 544 33.58 -70.09 -27.37
CA LEU N 544 34.18 -71.14 -26.56
C LEU N 544 34.78 -70.58 -25.29
N LEU N 545 35.37 -69.39 -25.36
CA LEU N 545 35.95 -68.71 -24.21
C LEU N 545 35.33 -67.33 -24.00
N GLY N 546 34.21 -67.05 -24.67
CA GLY N 546 33.58 -65.75 -24.58
C GLY N 546 33.02 -65.44 -23.21
N ARG N 547 32.70 -66.47 -22.43
CA ARG N 547 32.30 -66.24 -21.05
C ARG N 547 33.47 -65.75 -20.20
N LEU N 548 34.68 -66.18 -20.53
CA LEU N 548 35.84 -65.87 -19.70
C LEU N 548 36.37 -64.46 -19.91
N PHE N 549 35.72 -63.64 -20.68
CA PHE N 549 36.21 -62.28 -20.83
C PHE N 549 35.13 -61.23 -20.62
N ARG N 550 33.89 -61.51 -21.02
CA ARG N 550 32.85 -60.50 -20.98
C ARG N 550 32.34 -60.28 -19.56
N SER N 551 31.41 -59.36 -19.44
CA SER N 551 30.74 -59.06 -18.18
C SER N 551 29.31 -58.69 -18.52
N THR N 552 28.36 -59.52 -18.14
CA THR N 552 26.98 -59.34 -18.56
C THR N 552 26.10 -59.02 -17.36
N LYS N 553 24.99 -58.35 -17.66
CA LYS N 553 24.02 -57.97 -16.65
C LYS N 553 22.65 -57.99 -17.32
N ASP N 554 21.81 -58.94 -16.94
CA ASP N 554 20.49 -59.11 -17.50
C ASP N 554 19.45 -58.71 -16.47
N THR N 555 18.28 -58.28 -16.95
CA THR N 555 17.24 -57.77 -16.07
C THR N 555 15.90 -58.00 -16.75
N HIS N 556 15.12 -58.93 -16.26
CA HIS N 556 13.77 -59.17 -16.77
C HIS N 556 12.77 -58.69 -15.72
N THR N 557 11.62 -58.19 -16.16
CA THR N 557 10.71 -57.51 -15.26
C THR N 557 9.29 -57.58 -15.78
N LYS N 558 8.37 -58.08 -14.96
CA LYS N 558 6.96 -58.10 -15.32
C LYS N 558 6.13 -57.47 -14.22
N ARG N 559 5.11 -56.72 -14.62
CA ARG N 559 4.11 -56.19 -13.70
C ARG N 559 2.75 -56.36 -14.35
N ASN N 560 1.95 -57.27 -13.82
CA ASN N 560 0.59 -57.48 -14.27
C ASN N 560 -0.35 -56.86 -13.27
N LEU N 561 -1.41 -56.24 -13.76
CA LEU N 561 -2.27 -55.45 -12.90
C LEU N 561 -3.67 -55.42 -13.46
N MET N 562 -4.65 -55.83 -12.67
CA MET N 562 -6.04 -55.69 -13.04
C MET N 562 -6.80 -55.00 -11.93
N VAL N 563 -7.80 -54.21 -12.32
CA VAL N 563 -8.71 -53.56 -11.40
C VAL N 563 -10.12 -53.94 -11.83
N PHE N 564 -10.77 -54.77 -11.01
CA PHE N 564 -12.12 -55.28 -11.22
C PHE N 564 -13.11 -54.57 -10.33
N LEU N 565 -14.39 -54.72 -10.67
CA LEU N 565 -15.44 -54.04 -9.97
C LEU N 565 -16.65 -54.94 -9.91
N ARG N 566 -17.40 -54.83 -8.83
CA ARG N 566 -18.58 -55.65 -8.65
C ARG N 566 -19.67 -54.84 -7.96
N PRO N 567 -20.70 -54.47 -8.66
CA PRO N 567 -21.81 -53.80 -8.00
C PRO N 567 -22.93 -54.75 -7.64
N THR N 568 -23.57 -54.54 -6.50
CA THR N 568 -24.77 -55.27 -6.13
C THR N 568 -25.84 -54.27 -5.70
N VAL N 569 -26.99 -54.32 -6.34
CA VAL N 569 -28.09 -53.42 -6.03
C VAL N 569 -28.96 -54.06 -4.97
N VAL N 570 -29.15 -53.37 -3.85
CA VAL N 570 -30.10 -53.76 -2.84
C VAL N 570 -31.11 -52.64 -2.66
N ARG N 571 -32.38 -52.99 -2.69
CA ARG N 571 -33.45 -52.01 -2.47
C ARG N 571 -34.44 -52.44 -1.40
N ASP N 572 -34.51 -53.71 -1.06
CA ASP N 572 -35.23 -54.17 0.12
C ASP N 572 -34.24 -54.59 1.19
N SER N 573 -34.70 -54.56 2.45
CA SER N 573 -33.82 -54.90 3.56
C SER N 573 -33.50 -56.39 3.63
N ALA N 574 -34.22 -57.24 2.89
CA ALA N 574 -33.95 -58.66 2.91
C ALA N 574 -32.60 -58.98 2.29
N GLY N 575 -32.32 -58.40 1.13
CA GLY N 575 -31.03 -58.64 0.48
C GLY N 575 -29.89 -58.01 1.24
N LEU N 576 -30.14 -56.88 1.90
CA LEU N 576 -29.14 -56.27 2.74
C LEU N 576 -28.82 -57.14 3.95
N ALA N 577 -29.86 -57.75 4.53
CA ALA N 577 -29.65 -58.70 5.61
C ALA N 577 -28.88 -59.93 5.13
N ALA N 578 -29.13 -60.36 3.89
CA ALA N 578 -28.43 -61.52 3.36
C ALA N 578 -26.95 -61.23 3.12
N LEU N 579 -26.65 -60.05 2.57
CA LEU N 579 -25.26 -59.63 2.42
C LEU N 579 -24.56 -59.51 3.76
N SER N 580 -25.26 -58.93 4.74
CA SER N 580 -24.68 -58.76 6.06
C SER N 580 -24.41 -60.10 6.72
N GLY N 581 -25.33 -61.07 6.57
CA GLY N 581 -25.13 -62.39 7.12
C GLY N 581 -23.98 -63.12 6.48
N LYS N 582 -23.83 -62.99 5.16
CA LYS N 582 -22.71 -63.63 4.48
C LYS N 582 -21.38 -63.04 4.90
N LYS N 583 -21.29 -61.70 4.97
CA LYS N 583 -20.03 -61.08 5.38
C LYS N 583 -19.73 -61.35 6.84
N TYR N 584 -20.78 -61.46 7.66
CA TYR N 584 -20.57 -61.70 9.08
C TYR N 584 -20.12 -63.13 9.32
N SER N 585 -20.66 -64.09 8.56
CA SER N 585 -20.16 -65.45 8.65
C SER N 585 -18.73 -65.54 8.10
N ASP N 586 -18.44 -64.77 7.06
CA ASP N 586 -17.11 -64.81 6.47
C ASP N 586 -16.07 -64.11 7.33
N ILE N 587 -16.48 -63.26 8.25
CA ILE N 587 -15.51 -62.76 9.22
C ILE N 587 -15.47 -63.64 10.46
N ARG N 588 -16.57 -64.34 10.77
CA ARG N 588 -16.58 -65.30 11.87
C ARG N 588 -15.67 -66.49 11.57
N VAL N 589 -15.57 -66.89 10.31
CA VAL N 589 -14.68 -67.99 9.97
C VAL N 589 -13.23 -67.55 10.06
N ILE N 590 -12.94 -66.25 9.88
CA ILE N 590 -11.59 -65.76 10.11
C ILE N 590 -11.32 -65.72 11.60
N ASP N 591 -12.34 -65.41 12.40
CA ASP N 591 -12.22 -65.62 13.84
C ASP N 591 -12.05 -67.10 14.17
N GLY N 592 -12.59 -67.99 13.34
CA GLY N 592 -12.50 -69.42 13.51
C GLY N 592 -11.23 -70.07 13.01
N THR N 593 -10.20 -69.29 12.68
CA THR N 593 -8.93 -69.85 12.26
C THR N 593 -7.83 -69.52 13.28
N PRO N 604 -3.04 -66.04 23.64
CA PRO N 604 -3.50 -66.90 22.53
C PRO N 604 -4.49 -66.20 21.61
N THR N 605 -5.19 -67.00 20.82
CA THR N 605 -6.14 -66.58 19.80
C THR N 605 -7.48 -67.27 20.00
N ASN N 606 -7.98 -67.21 21.23
CA ASN N 606 -9.12 -67.99 21.70
C ASN N 606 -10.42 -67.56 21.02
N ALA N 607 -11.49 -68.27 21.37
CA ALA N 607 -12.74 -68.25 20.61
C ALA N 607 -13.43 -66.90 20.74
N ASN N 608 -13.68 -66.26 19.59
CA ASN N 608 -14.26 -64.92 19.56
C ASN N 608 -15.78 -65.00 19.64
N GLN N 609 -16.45 -63.86 19.61
CA GLN N 609 -17.81 -63.81 20.12
C GLN N 609 -18.77 -63.25 19.09
N LEU N 610 -19.99 -63.78 19.09
CA LEU N 610 -21.09 -63.24 18.32
C LEU N 610 -21.66 -62.01 19.01
N PHE N 611 -22.50 -61.25 18.31
CA PHE N 611 -23.25 -60.16 18.92
C PHE N 611 -24.73 -60.35 18.69
N ASP N 612 -25.49 -59.36 19.12
CA ASP N 612 -26.93 -59.41 19.00
C ASP N 612 -27.31 -59.16 17.56
N GLY N 613 -27.31 -60.21 16.75
CA GLY N 613 -27.66 -60.11 15.34
C GLY N 613 -29.10 -59.75 15.11
N ASP O 174 -90.26 -13.51 -10.57
CA ASP O 174 -90.30 -13.61 -9.13
C ASP O 174 -88.90 -13.73 -8.51
N TYR O 175 -88.82 -13.58 -7.19
CA TYR O 175 -87.54 -13.46 -6.50
C TYR O 175 -87.16 -14.82 -5.91
N SER O 176 -85.87 -15.17 -5.98
CA SER O 176 -85.40 -16.38 -5.34
C SER O 176 -83.92 -16.28 -5.06
N VAL O 177 -83.44 -17.17 -4.19
CA VAL O 177 -82.03 -17.30 -3.86
C VAL O 177 -81.67 -18.78 -3.86
N ILE O 178 -80.55 -19.12 -4.48
CA ILE O 178 -80.07 -20.49 -4.57
C ILE O 178 -78.62 -20.55 -4.11
N ASN O 179 -78.19 -21.77 -3.82
CA ASN O 179 -76.82 -22.10 -3.48
C ASN O 179 -76.06 -22.54 -4.72
N LEU O 180 -74.75 -22.77 -4.54
CA LEU O 180 -73.91 -23.45 -5.50
C LEU O 180 -72.94 -24.35 -4.75
N ARG O 181 -72.72 -25.55 -5.27
CA ARG O 181 -71.77 -26.46 -4.64
C ARG O 181 -70.34 -26.16 -5.06
N TYR O 182 -70.07 -26.25 -6.36
CA TYR O 182 -68.78 -25.89 -6.93
C TYR O 182 -68.85 -24.69 -7.85
N GLY O 183 -70.03 -24.20 -8.20
CA GLY O 183 -70.14 -23.12 -9.16
C GLY O 183 -69.77 -21.77 -8.55
N TRP O 184 -69.29 -20.87 -9.42
CA TRP O 184 -68.90 -19.53 -9.02
C TRP O 184 -69.90 -18.52 -9.55
N VAL O 185 -70.44 -17.69 -8.64
CA VAL O 185 -71.31 -16.60 -9.04
C VAL O 185 -70.53 -15.48 -9.72
N MET O 186 -69.21 -15.43 -9.50
CA MET O 186 -68.36 -14.45 -10.17
C MET O 186 -68.34 -14.70 -11.66
N ASP O 187 -68.18 -15.95 -12.07
CA ASP O 187 -68.21 -16.28 -13.49
C ASP O 187 -69.63 -16.20 -14.03
N ALA O 188 -70.61 -16.63 -13.24
CA ALA O 188 -71.98 -16.72 -13.71
C ALA O 188 -72.70 -15.37 -13.73
N ALA O 189 -72.10 -14.33 -13.16
CA ALA O 189 -72.75 -13.02 -13.15
C ALA O 189 -72.82 -12.42 -14.54
N GLU O 190 -71.69 -12.46 -15.27
CA GLU O 190 -71.66 -11.99 -16.65
C GLU O 190 -72.51 -12.86 -17.56
N VAL O 191 -72.65 -14.14 -17.21
CA VAL O 191 -73.54 -15.04 -17.93
C VAL O 191 -74.98 -14.59 -17.78
N LEU O 192 -75.46 -14.54 -16.54
CA LEU O 192 -76.87 -14.33 -16.26
C LEU O 192 -77.31 -12.89 -16.48
N ASN O 193 -76.39 -11.93 -16.47
CA ASN O 193 -76.76 -10.58 -16.86
C ASN O 193 -77.08 -10.52 -18.34
N ASN O 194 -76.38 -11.32 -19.15
CA ASN O 194 -76.65 -11.42 -20.58
C ASN O 194 -77.56 -12.59 -20.91
N ALA O 195 -78.13 -13.25 -19.90
CA ALA O 195 -79.11 -14.31 -20.16
C ALA O 195 -80.38 -13.74 -20.76
N MET O 196 -80.78 -12.56 -20.31
CA MET O 196 -81.85 -11.81 -20.95
C MET O 196 -81.27 -10.83 -21.95
N SER O 197 -81.94 -10.68 -23.09
CA SER O 197 -81.40 -9.96 -24.23
C SER O 197 -81.35 -8.47 -23.95
N ARG O 198 -80.71 -7.74 -24.86
CA ARG O 198 -80.55 -6.30 -24.74
C ARG O 198 -81.83 -5.58 -25.16
N ALA O 205 -83.55 -4.62 -19.70
CA ALA O 205 -82.99 -5.87 -19.22
C ALA O 205 -84.09 -6.77 -18.65
N GLY O 206 -84.94 -6.19 -17.80
CA GLY O 206 -86.02 -6.95 -17.21
C GLY O 206 -85.63 -7.64 -15.92
N ALA O 207 -85.28 -8.92 -16.01
CA ALA O 207 -84.88 -9.70 -14.86
C ALA O 207 -83.52 -9.24 -14.34
N GLN O 208 -83.21 -9.64 -13.11
CA GLN O 208 -81.95 -9.24 -12.48
C GLN O 208 -81.30 -10.42 -11.79
N VAL O 209 -80.03 -10.22 -11.44
CA VAL O 209 -79.19 -11.27 -10.86
C VAL O 209 -78.18 -10.60 -9.94
N ILE O 210 -77.97 -11.20 -8.76
CA ILE O 210 -77.17 -10.64 -7.69
C ILE O 210 -76.27 -11.73 -7.13
N ALA O 211 -74.98 -11.45 -7.06
CA ALA O 211 -73.99 -12.44 -6.65
C ALA O 211 -73.59 -12.27 -5.19
N ASP O 212 -73.20 -13.38 -4.57
CA ASP O 212 -72.56 -13.40 -3.24
C ASP O 212 -71.35 -14.30 -3.32
N ALA O 213 -70.17 -13.70 -3.45
CA ALA O 213 -68.94 -14.45 -3.59
C ALA O 213 -68.35 -14.89 -2.26
N ARG O 214 -68.89 -14.42 -1.14
CA ARG O 214 -68.43 -14.93 0.15
C ARG O 214 -69.17 -16.21 0.52
N THR O 215 -70.49 -16.19 0.40
CA THR O 215 -71.32 -17.33 0.72
C THR O 215 -71.88 -18.01 -0.51
N ASN O 216 -71.40 -17.62 -1.70
CA ASN O 216 -71.64 -18.30 -2.98
C ASN O 216 -73.14 -18.37 -3.30
N ARG O 217 -73.84 -17.29 -2.98
CA ARG O 217 -75.29 -17.29 -3.15
C ARG O 217 -75.68 -16.56 -4.41
N LEU O 218 -76.86 -16.88 -4.91
CA LEU O 218 -77.35 -16.28 -6.15
C LEU O 218 -78.77 -15.82 -5.95
N ILE O 219 -79.02 -14.52 -6.09
CA ILE O 219 -80.35 -13.95 -5.92
C ILE O 219 -80.82 -13.50 -7.29
N ILE O 220 -81.81 -14.20 -7.83
CA ILE O 220 -82.30 -13.90 -9.17
C ILE O 220 -83.75 -13.47 -9.10
N LEU O 221 -84.09 -12.46 -9.92
CA LEU O 221 -85.36 -11.74 -9.85
C LEU O 221 -85.93 -11.77 -11.27
N GLY O 222 -86.69 -12.81 -11.62
CA GLY O 222 -87.18 -12.93 -12.96
C GLY O 222 -88.13 -14.09 -13.22
N PRO O 223 -88.13 -14.59 -14.45
CA PRO O 223 -89.13 -15.59 -14.84
C PRO O 223 -88.82 -16.94 -14.22
N PRO O 224 -89.84 -17.79 -14.00
CA PRO O 224 -89.58 -19.07 -13.34
C PRO O 224 -88.88 -20.09 -14.22
N GLN O 225 -89.02 -20.00 -15.54
CA GLN O 225 -88.35 -20.96 -16.40
C GLN O 225 -86.86 -20.67 -16.53
N ALA O 226 -86.45 -19.40 -16.51
CA ALA O 226 -85.03 -19.07 -16.44
C ALA O 226 -84.44 -19.55 -15.12
N ARG O 227 -85.23 -19.43 -14.03
CA ARG O 227 -84.86 -19.99 -12.73
C ARG O 227 -84.62 -21.49 -12.83
N ALA O 228 -85.57 -22.23 -13.41
CA ALA O 228 -85.47 -23.69 -13.44
C ALA O 228 -84.34 -24.16 -14.36
N LYS O 229 -84.27 -23.60 -15.57
CA LYS O 229 -83.25 -24.01 -16.52
C LYS O 229 -81.87 -23.60 -16.07
N LEU O 230 -81.74 -22.51 -15.32
CA LEU O 230 -80.41 -22.12 -14.90
C LEU O 230 -80.03 -22.70 -13.55
N VAL O 231 -80.99 -23.19 -12.76
CA VAL O 231 -80.66 -24.08 -11.67
C VAL O 231 -80.18 -25.43 -12.22
N GLN O 232 -80.76 -25.88 -13.34
CA GLN O 232 -80.24 -27.08 -13.98
C GLN O 232 -78.86 -26.86 -14.58
N LEU O 233 -78.63 -25.68 -15.18
CA LEU O 233 -77.29 -25.34 -15.64
C LEU O 233 -76.34 -25.12 -14.46
N ALA O 234 -76.86 -24.73 -13.30
CA ALA O 234 -76.04 -24.67 -12.11
C ALA O 234 -75.63 -26.05 -11.64
N GLN O 235 -76.58 -27.01 -11.71
CA GLN O 235 -76.31 -28.38 -11.27
C GLN O 235 -75.42 -29.11 -12.27
N SER O 236 -75.42 -28.69 -13.53
CA SER O 236 -74.41 -29.15 -14.47
C SER O 236 -73.15 -28.31 -14.40
N LEU O 237 -73.21 -27.15 -13.78
CA LEU O 237 -72.15 -26.16 -13.79
C LEU O 237 -71.22 -26.33 -12.62
N ASP O 238 -71.75 -26.81 -11.50
CA ASP O 238 -70.94 -27.15 -10.33
C ASP O 238 -70.38 -28.57 -10.41
N THR O 239 -70.32 -29.14 -11.58
CA THR O 239 -69.61 -30.39 -11.78
C THR O 239 -68.19 -30.10 -12.23
N PRO O 240 -67.19 -30.82 -11.71
CA PRO O 240 -65.83 -30.66 -12.23
C PRO O 240 -65.70 -31.20 -13.65
N THR O 241 -64.81 -30.57 -14.42
CA THR O 241 -64.61 -30.87 -15.82
C THR O 241 -63.14 -30.56 -16.09
N ALA O 242 -62.77 -30.18 -17.33
CA ALA O 242 -61.39 -30.01 -17.79
C ALA O 242 -60.59 -28.96 -17.02
N ARG O 243 -59.32 -28.80 -17.44
CA ARG O 243 -58.20 -28.28 -16.62
C ARG O 243 -58.25 -28.81 -15.20
N SER O 244 -58.36 -30.13 -15.10
CA SER O 244 -58.33 -30.84 -13.83
C SER O 244 -57.81 -32.25 -14.09
N ALA O 245 -56.78 -32.63 -13.33
CA ALA O 245 -56.04 -33.89 -13.49
C ALA O 245 -55.51 -34.06 -14.92
N ASN O 246 -54.77 -33.07 -15.37
CA ASN O 246 -54.12 -33.09 -16.68
C ASN O 246 -52.60 -32.96 -16.53
N THR O 247 -52.06 -33.61 -15.50
CA THR O 247 -50.66 -33.51 -15.14
C THR O 247 -49.95 -34.84 -15.35
N ARG O 248 -48.64 -34.84 -15.14
CA ARG O 248 -47.82 -35.99 -15.48
C ARG O 248 -46.52 -35.93 -14.70
N VAL O 249 -46.01 -37.10 -14.30
CA VAL O 249 -44.72 -37.22 -13.63
C VAL O 249 -43.88 -38.22 -14.40
N ILE O 250 -42.66 -37.83 -14.75
CA ILE O 250 -41.77 -38.61 -15.61
C ILE O 250 -40.47 -38.87 -14.87
N ARG O 251 -40.13 -40.14 -14.68
CA ARG O 251 -38.79 -40.48 -14.23
C ARG O 251 -37.83 -40.42 -15.40
N LEU O 252 -36.58 -40.12 -15.10
CA LEU O 252 -35.58 -40.03 -16.15
C LEU O 252 -34.49 -41.06 -15.96
N ARG O 253 -33.95 -41.51 -17.08
CA ARG O 253 -32.85 -42.45 -17.10
C ARG O 253 -31.72 -41.87 -17.95
N HIS O 254 -30.51 -41.94 -17.41
CA HIS O 254 -29.26 -41.53 -18.03
C HIS O 254 -29.20 -40.04 -18.32
N ASN O 255 -30.06 -39.23 -17.72
CA ASN O 255 -30.07 -37.79 -17.94
C ASN O 255 -30.51 -37.08 -16.68
N ASP O 256 -29.97 -35.88 -16.48
CA ASP O 256 -30.41 -35.06 -15.37
C ASP O 256 -31.75 -34.43 -15.69
N ALA O 257 -32.44 -33.98 -14.64
CA ALA O 257 -33.78 -33.45 -14.82
C ALA O 257 -33.75 -31.98 -15.23
N LYS O 258 -32.88 -31.20 -14.60
CA LYS O 258 -32.83 -29.78 -14.89
C LYS O 258 -32.20 -29.50 -16.25
N THR O 259 -31.22 -30.34 -16.63
CA THR O 259 -30.52 -30.18 -17.90
C THR O 259 -31.47 -30.36 -19.08
N LEU O 260 -32.29 -31.39 -19.05
CA LEU O 260 -33.32 -31.53 -20.07
C LEU O 260 -34.45 -30.53 -19.87
N ALA O 261 -34.65 -30.06 -18.63
CA ALA O 261 -35.76 -29.18 -18.36
C ALA O 261 -35.57 -27.81 -18.98
N GLU O 262 -34.32 -27.31 -19.03
CA GLU O 262 -34.10 -26.05 -19.75
C GLU O 262 -34.42 -26.20 -21.23
N THR O 263 -34.06 -27.33 -21.82
CA THR O 263 -34.29 -27.53 -23.25
C THR O 263 -35.76 -27.73 -23.55
N LEU O 264 -36.48 -28.46 -22.70
CA LEU O 264 -37.91 -28.62 -22.92
C LEU O 264 -38.67 -27.32 -22.67
N GLY O 265 -38.22 -26.50 -21.70
CA GLY O 265 -38.82 -25.21 -21.53
C GLY O 265 -38.52 -24.25 -22.67
N GLN O 266 -37.38 -24.43 -23.33
CA GLN O 266 -37.08 -23.59 -24.48
C GLN O 266 -37.71 -24.09 -25.77
N ILE O 267 -38.13 -25.36 -25.84
CA ILE O 267 -38.91 -25.77 -27.02
C ILE O 267 -40.40 -25.70 -26.78
N SER O 268 -40.85 -25.53 -25.55
CA SER O 268 -42.28 -25.65 -25.29
C SER O 268 -43.06 -24.37 -25.55
N GLU O 269 -42.44 -23.33 -26.08
CA GLU O 269 -43.21 -22.20 -26.55
C GLU O 269 -44.00 -22.54 -27.80
N GLY O 270 -43.44 -23.42 -28.65
CA GLY O 270 -44.11 -23.78 -29.88
C GLY O 270 -45.22 -24.79 -29.72
N MET O 271 -45.31 -25.43 -28.55
CA MET O 271 -46.44 -26.30 -28.26
C MET O 271 -47.57 -25.57 -27.54
N LYS O 272 -47.49 -24.25 -27.45
CA LYS O 272 -48.51 -23.46 -26.75
C LYS O 272 -49.55 -22.92 -27.72
N SER O 288 -53.80 -24.52 -23.42
CA SER O 288 -53.35 -23.16 -23.70
C SER O 288 -52.19 -22.79 -22.80
N ASN O 289 -51.77 -23.72 -21.95
CA ASN O 289 -50.66 -23.51 -21.04
C ASN O 289 -49.77 -24.74 -21.01
N ILE O 290 -48.51 -24.51 -20.64
CA ILE O 290 -47.49 -25.55 -20.72
C ILE O 290 -46.43 -25.35 -19.64
N LEU O 291 -46.24 -26.37 -18.79
CA LEU O 291 -45.36 -26.22 -17.63
C LEU O 291 -44.53 -27.47 -17.41
N ILE O 292 -43.22 -27.36 -17.58
CA ILE O 292 -42.29 -28.46 -17.36
C ILE O 292 -41.29 -27.99 -16.34
N ARG O 293 -41.34 -28.56 -15.14
CA ARG O 293 -40.36 -28.21 -14.13
C ARG O 293 -39.64 -29.47 -13.68
N ALA O 294 -38.56 -29.29 -12.93
CA ALA O 294 -37.64 -30.39 -12.70
C ALA O 294 -37.58 -30.76 -11.22
N ASP O 295 -36.87 -31.85 -10.96
CA ASP O 295 -36.51 -32.26 -9.61
C ASP O 295 -35.20 -33.02 -9.70
N GLU O 296 -34.17 -32.48 -9.08
CA GLU O 296 -32.88 -33.12 -9.09
C GLU O 296 -32.70 -34.14 -7.98
N SER O 297 -33.66 -34.26 -7.07
CA SER O 297 -33.52 -35.22 -5.99
C SER O 297 -33.75 -36.64 -6.48
N THR O 298 -34.96 -36.90 -6.97
CA THR O 298 -35.30 -38.17 -7.60
C THR O 298 -35.22 -38.10 -9.11
N ASN O 299 -34.57 -37.06 -9.65
CA ASN O 299 -34.21 -36.93 -11.06
C ASN O 299 -35.43 -36.92 -11.97
N ALA O 300 -36.54 -36.39 -11.48
CA ALA O 300 -37.81 -36.54 -12.17
C ALA O 300 -38.25 -35.21 -12.77
N LEU O 301 -39.33 -35.27 -13.54
CA LEU O 301 -39.74 -34.17 -14.37
C LEU O 301 -41.24 -34.05 -14.28
N VAL O 302 -41.74 -32.89 -13.89
CA VAL O 302 -43.16 -32.69 -13.71
C VAL O 302 -43.72 -31.94 -14.91
N LEU O 303 -44.65 -32.57 -15.60
CA LEU O 303 -45.29 -32.04 -16.78
C LEU O 303 -46.70 -31.60 -16.45
N LEU O 304 -47.10 -30.49 -17.07
CA LEU O 304 -48.48 -30.04 -17.00
C LEU O 304 -48.86 -29.52 -18.39
N ALA O 305 -49.72 -30.26 -19.07
CA ALA O 305 -50.03 -29.98 -20.46
C ALA O 305 -51.31 -30.73 -20.86
N ASP O 306 -51.86 -30.33 -21.99
CA ASP O 306 -52.94 -31.05 -22.62
C ASP O 306 -52.42 -32.38 -23.17
N PRO O 307 -53.27 -33.41 -23.25
CA PRO O 307 -52.77 -34.77 -23.54
C PRO O 307 -52.08 -34.96 -24.89
N ASP O 308 -52.40 -34.14 -25.90
CA ASP O 308 -51.60 -34.16 -27.12
C ASP O 308 -50.19 -33.68 -26.86
N THR O 309 -50.06 -32.58 -26.11
CA THR O 309 -48.75 -32.06 -25.74
C THR O 309 -48.03 -33.02 -24.81
N VAL O 310 -48.79 -33.74 -23.97
CA VAL O 310 -48.21 -34.77 -23.12
C VAL O 310 -47.62 -35.89 -23.95
N ASN O 311 -48.33 -36.33 -24.99
CA ASN O 311 -47.80 -37.39 -25.85
C ASN O 311 -46.61 -36.91 -26.68
N ALA O 312 -46.61 -35.65 -27.09
CA ALA O 312 -45.46 -35.10 -27.82
C ALA O 312 -44.23 -35.01 -26.94
N LEU O 313 -44.40 -34.58 -25.69
CA LEU O 313 -43.26 -34.52 -24.80
C LEU O 313 -42.81 -35.91 -24.37
N GLU O 314 -43.72 -36.88 -24.34
CA GLU O 314 -43.29 -38.26 -24.14
C GLU O 314 -42.48 -38.77 -25.32
N ASP O 315 -42.82 -38.34 -26.53
CA ASP O 315 -42.01 -38.69 -27.70
C ASP O 315 -40.63 -38.04 -27.65
N ILE O 316 -40.55 -36.83 -27.09
CA ILE O 316 -39.23 -36.23 -26.87
C ILE O 316 -38.44 -37.01 -25.86
N VAL O 317 -39.07 -37.37 -24.74
CA VAL O 317 -38.35 -37.97 -23.63
C VAL O 317 -37.91 -39.39 -23.96
N ARG O 318 -38.75 -40.16 -24.63
CA ARG O 318 -38.39 -41.53 -24.99
C ARG O 318 -37.28 -41.61 -26.04
N GLN O 319 -36.92 -40.51 -26.68
CA GLN O 319 -35.82 -40.50 -27.62
C GLN O 319 -34.64 -39.69 -27.13
N LEU O 320 -34.63 -39.30 -25.86
CA LEU O 320 -33.50 -38.61 -25.26
C LEU O 320 -32.94 -39.32 -24.05
N ASP O 321 -33.53 -40.45 -23.65
CA ASP O 321 -33.08 -41.21 -22.49
C ASP O 321 -32.62 -42.57 -22.97
N VAL O 322 -31.36 -42.65 -23.37
CA VAL O 322 -30.82 -43.92 -23.86
C VAL O 322 -29.62 -44.29 -23.00
N PRO O 323 -29.34 -45.58 -22.83
CA PRO O 323 -28.05 -45.97 -22.27
C PRO O 323 -26.94 -45.66 -23.25
N ARG O 324 -25.93 -44.96 -22.77
CA ARG O 324 -24.82 -44.58 -23.63
C ARG O 324 -23.87 -45.77 -23.80
N ALA O 325 -22.80 -45.56 -24.56
CA ALA O 325 -21.92 -46.65 -24.96
C ALA O 325 -20.57 -46.54 -24.28
N GLN O 326 -19.93 -47.68 -24.09
CA GLN O 326 -18.64 -47.77 -23.43
C GLN O 326 -17.55 -48.17 -24.39
N VAL O 327 -16.34 -47.72 -24.10
CA VAL O 327 -15.16 -48.09 -24.85
C VAL O 327 -14.16 -48.67 -23.89
N LEU O 328 -13.58 -49.81 -24.25
CA LEU O 328 -12.36 -50.27 -23.62
C LEU O 328 -11.21 -49.93 -24.56
N VAL O 329 -10.31 -49.08 -24.08
CA VAL O 329 -9.16 -48.62 -24.84
C VAL O 329 -7.94 -49.35 -24.33
N GLU O 330 -7.21 -50.00 -25.22
CA GLU O 330 -5.94 -50.65 -24.89
C GLU O 330 -4.88 -49.93 -25.69
N ALA O 331 -4.12 -49.04 -25.05
CA ALA O 331 -2.96 -48.47 -25.71
C ALA O 331 -1.75 -49.33 -25.39
N ALA O 332 -0.84 -49.44 -26.34
CA ALA O 332 0.31 -50.31 -26.18
C ALA O 332 1.54 -49.58 -26.68
N ILE O 333 2.66 -49.77 -26.01
CA ILE O 333 3.89 -49.05 -26.35
C ILE O 333 4.99 -50.08 -26.43
N VAL O 334 5.66 -50.14 -27.57
CA VAL O 334 6.80 -51.02 -27.74
C VAL O 334 8.01 -50.15 -27.98
N GLU O 335 9.11 -50.46 -27.31
CA GLU O 335 10.38 -49.79 -27.53
C GLU O 335 11.47 -50.83 -27.60
N ILE O 336 12.27 -50.81 -28.65
CA ILE O 336 13.48 -51.60 -28.69
C ILE O 336 14.63 -50.63 -28.76
N SER O 337 15.45 -50.60 -27.74
CA SER O 337 16.61 -49.74 -27.74
C SER O 337 17.86 -50.57 -27.79
N GLY O 338 18.95 -49.95 -28.22
CA GLY O 338 20.22 -50.62 -28.19
C GLY O 338 21.35 -49.69 -28.55
N ASP O 339 22.53 -49.96 -28.04
CA ASP O 339 23.72 -49.23 -28.46
C ASP O 339 24.95 -50.07 -28.23
N ILE O 340 26.00 -49.72 -28.96
CA ILE O 340 27.26 -50.43 -28.91
C ILE O 340 28.40 -49.43 -29.06
N GLN O 341 29.24 -49.35 -28.04
CA GLN O 341 30.49 -48.62 -28.18
C GLN O 341 31.58 -49.57 -28.63
N ASP O 342 32.70 -48.98 -29.04
CA ASP O 342 33.89 -49.75 -29.39
C ASP O 342 35.08 -48.80 -29.26
N ALA O 343 35.82 -48.91 -28.17
CA ALA O 343 36.94 -48.02 -27.92
C ALA O 343 38.23 -48.81 -27.91
N VAL O 344 39.20 -48.40 -28.71
CA VAL O 344 40.45 -49.16 -28.80
C VAL O 344 41.59 -48.21 -29.17
N GLY O 345 42.70 -48.31 -28.44
CA GLY O 345 43.83 -47.44 -28.70
C GLY O 345 45.18 -48.00 -28.29
N VAL O 346 46.17 -47.78 -29.15
CA VAL O 346 47.55 -48.20 -28.91
C VAL O 346 48.36 -46.96 -28.56
N GLN O 347 49.16 -47.05 -27.50
CA GLN O 347 49.95 -45.93 -27.04
C GLN O 347 51.41 -46.37 -26.92
N TRP O 348 52.33 -45.54 -27.42
CA TRP O 348 53.75 -45.87 -27.48
C TRP O 348 54.55 -44.91 -26.62
N ALA O 349 55.42 -45.47 -25.78
CA ALA O 349 56.15 -44.76 -24.74
C ALA O 349 57.64 -45.04 -24.86
N ILE O 350 58.21 -44.79 -26.03
CA ILE O 350 59.63 -45.00 -26.27
C ILE O 350 60.40 -43.83 -25.66
N ASN O 351 60.87 -43.98 -24.44
CA ASN O 351 61.68 -42.92 -23.83
C ASN O 351 63.17 -43.20 -23.99
N LYS O 352 63.58 -43.35 -25.24
CA LYS O 352 64.97 -43.64 -25.57
C LYS O 352 65.76 -42.34 -25.48
N GLY O 353 66.30 -42.09 -24.28
CA GLY O 353 67.27 -41.02 -24.08
C GLY O 353 66.74 -39.60 -24.15
N GLY O 354 67.57 -38.65 -23.71
CA GLY O 354 67.27 -37.24 -23.83
C GLY O 354 66.23 -36.71 -22.87
N MET O 355 66.29 -35.41 -22.58
CA MET O 355 65.21 -34.78 -21.84
C MET O 355 63.98 -34.69 -22.72
N GLY O 356 62.87 -35.19 -22.20
CA GLY O 356 61.68 -35.39 -23.01
C GLY O 356 61.20 -36.82 -22.91
N GLY O 357 61.28 -37.56 -24.00
CA GLY O 357 60.78 -38.91 -24.04
C GLY O 357 59.69 -39.03 -25.08
N THR O 358 59.91 -39.86 -26.10
CA THR O 358 59.10 -39.81 -27.33
C THR O 358 57.77 -40.54 -27.16
N LYS O 359 56.99 -40.09 -26.18
CA LYS O 359 55.76 -40.77 -25.82
C LYS O 359 54.59 -40.25 -26.63
N THR O 360 53.72 -41.17 -27.05
CA THR O 360 52.57 -40.82 -27.90
C THR O 360 51.33 -40.77 -27.03
N ASN O 361 51.17 -39.65 -26.33
CA ASN O 361 50.04 -39.44 -25.43
C ASN O 361 48.76 -39.24 -26.24
N PHE O 362 47.82 -40.18 -26.10
CA PHE O 362 46.47 -40.05 -26.65
C PHE O 362 45.50 -40.00 -25.48
N ALA O 363 45.00 -38.80 -25.18
CA ALA O 363 44.00 -38.64 -24.12
C ALA O 363 42.60 -38.84 -24.71
N ASN O 364 42.37 -40.04 -25.20
CA ASN O 364 41.10 -40.42 -25.79
C ASN O 364 40.38 -41.46 -24.94
N THR O 365 41.03 -42.59 -24.67
CA THR O 365 40.38 -43.70 -24.01
C THR O 365 41.04 -43.87 -22.64
N GLY O 366 40.42 -43.24 -21.63
CA GLY O 366 40.75 -43.49 -20.25
C GLY O 366 42.14 -43.08 -19.84
N LEU O 367 43.01 -44.07 -19.67
CA LEU O 367 44.38 -43.85 -19.26
C LEU O 367 45.19 -43.20 -20.38
N SER O 368 46.40 -42.82 -20.04
CA SER O 368 47.32 -42.18 -20.96
C SER O 368 48.73 -42.43 -20.47
N ILE O 369 49.70 -42.14 -21.34
CA ILE O 369 51.09 -42.37 -20.97
C ILE O 369 51.56 -41.34 -19.96
N GLY O 370 51.05 -40.11 -20.03
CA GLY O 370 51.43 -39.10 -19.05
C GLY O 370 50.97 -39.47 -17.66
N THR O 371 49.71 -39.90 -17.52
CA THR O 371 49.28 -40.43 -16.24
C THR O 371 49.83 -41.81 -15.98
N LEU O 372 50.46 -42.47 -16.97
CA LEU O 372 51.14 -43.73 -16.67
C LEU O 372 52.51 -43.48 -16.02
N LEU O 373 53.25 -42.49 -16.51
CA LEU O 373 54.49 -42.12 -15.86
C LEU O 373 54.26 -41.39 -14.55
N GLN O 374 53.08 -40.77 -14.39
CA GLN O 374 52.66 -40.39 -13.05
C GLN O 374 52.13 -41.58 -12.27
N SER O 375 51.71 -42.65 -12.95
CA SER O 375 51.26 -43.83 -12.23
C SER O 375 52.42 -44.64 -11.72
N LEU O 376 53.62 -44.42 -12.28
CA LEU O 376 54.84 -44.90 -11.63
C LEU O 376 54.97 -44.32 -10.23
N GLU O 377 54.75 -43.01 -10.09
CA GLU O 377 54.71 -42.40 -8.78
C GLU O 377 53.45 -42.75 -8.01
N SER O 378 52.39 -43.22 -8.69
CA SER O 378 51.25 -43.75 -7.95
C SER O 378 51.61 -45.10 -7.36
N ASN O 379 52.26 -45.97 -8.14
CA ASN O 379 52.79 -47.23 -7.68
C ASN O 379 53.81 -47.02 -6.57
N LYS O 380 54.45 -45.85 -6.53
CA LYS O 380 55.19 -45.49 -5.34
C LYS O 380 54.27 -45.33 -4.13
N ALA O 381 53.52 -44.20 -4.00
CA ALA O 381 52.64 -44.18 -2.83
C ALA O 381 51.15 -44.55 -3.06
N PRO O 382 50.31 -43.83 -3.92
CA PRO O 382 48.87 -44.14 -3.88
C PRO O 382 48.31 -45.29 -4.72
N GLU O 383 48.86 -45.57 -5.91
CA GLU O 383 48.40 -46.61 -6.86
C GLU O 383 46.93 -46.39 -7.26
N SER O 384 46.72 -45.32 -8.02
CA SER O 384 45.39 -44.78 -8.23
C SER O 384 44.96 -44.77 -9.71
N ILE O 385 43.66 -44.60 -9.89
CA ILE O 385 42.95 -44.27 -11.13
C ILE O 385 43.22 -45.23 -12.30
N PRO O 386 42.57 -46.39 -12.35
CA PRO O 386 42.53 -47.17 -13.59
C PRO O 386 41.28 -46.85 -14.41
N ASP O 387 41.32 -47.29 -15.68
CA ASP O 387 40.17 -47.20 -16.57
C ASP O 387 40.38 -48.13 -17.76
N GLY O 388 39.36 -48.92 -18.09
CA GLY O 388 39.34 -49.70 -19.31
C GLY O 388 40.18 -50.97 -19.25
N ALA O 389 39.93 -51.86 -20.22
CA ALA O 389 40.65 -53.13 -20.30
C ALA O 389 42.04 -52.85 -20.87
N ILE O 390 43.04 -52.81 -20.01
CA ILE O 390 44.37 -52.35 -20.37
C ILE O 390 45.33 -53.53 -20.46
N VAL O 391 46.32 -53.39 -21.34
CA VAL O 391 47.35 -54.40 -21.58
C VAL O 391 48.67 -53.64 -21.74
N GLY O 392 49.57 -53.79 -20.77
CA GLY O 392 50.81 -53.04 -20.84
C GLY O 392 52.06 -53.84 -21.16
N ILE O 393 52.54 -53.77 -22.41
CA ILE O 393 53.76 -54.45 -22.81
C ILE O 393 54.89 -53.44 -22.69
N GLY O 394 55.74 -53.59 -21.70
CA GLY O 394 56.81 -52.63 -21.51
C GLY O 394 58.05 -53.29 -20.95
N SER O 395 59.20 -52.73 -21.33
CA SER O 395 60.43 -52.99 -20.58
C SER O 395 60.66 -51.89 -19.54
N SER O 396 59.57 -51.55 -18.84
CA SER O 396 59.46 -50.69 -17.66
C SER O 396 59.73 -49.21 -17.91
N SER O 397 60.31 -48.89 -19.05
CA SER O 397 60.39 -47.53 -19.56
C SER O 397 60.03 -47.47 -21.02
N PHE O 398 60.49 -48.44 -21.81
CA PHE O 398 60.12 -48.62 -23.20
C PHE O 398 58.73 -49.26 -23.20
N GLY O 399 57.69 -48.45 -23.34
CA GLY O 399 56.36 -48.96 -23.08
C GLY O 399 55.41 -48.99 -24.25
N ALA O 400 54.35 -49.78 -24.13
CA ALA O 400 53.30 -49.82 -25.14
C ALA O 400 52.02 -50.28 -24.44
N LEU O 401 51.06 -49.37 -24.30
CA LEU O 401 49.83 -49.66 -23.59
C LEU O 401 48.68 -49.74 -24.58
N VAL O 402 47.97 -50.87 -24.56
CA VAL O 402 46.81 -51.08 -25.41
C VAL O 402 45.58 -51.04 -24.52
N THR O 403 44.67 -50.12 -24.79
CA THR O 403 43.48 -49.95 -23.97
C THR O 403 42.25 -50.22 -24.83
N ALA O 404 41.35 -51.07 -24.35
CA ALA O 404 40.19 -51.44 -25.14
C ALA O 404 38.99 -51.69 -24.23
N LEU O 405 37.81 -51.39 -24.78
CA LEU O 405 36.51 -51.67 -24.17
C LEU O 405 35.48 -51.81 -25.27
N SER O 406 34.44 -52.60 -24.99
CA SER O 406 33.31 -52.74 -25.91
C SER O 406 32.03 -52.92 -25.12
N ALA O 407 31.37 -51.82 -24.81
CA ALA O 407 30.05 -51.90 -24.21
C ALA O 407 29.03 -52.28 -25.27
N ASN O 408 27.96 -52.94 -24.82
CA ASN O 408 26.94 -53.43 -25.74
C ASN O 408 25.67 -53.60 -24.92
N THR O 409 24.78 -52.63 -24.97
CA THR O 409 23.56 -52.71 -24.18
C THR O 409 22.37 -52.81 -25.11
N LYS O 410 21.40 -53.61 -24.72
CA LYS O 410 20.14 -53.71 -25.43
C LYS O 410 19.02 -53.51 -24.43
N SER O 411 17.82 -53.27 -24.94
CA SER O 411 16.70 -53.02 -24.05
C SER O 411 15.41 -53.22 -24.84
N ASN O 412 14.37 -53.64 -24.14
CA ASN O 412 13.12 -53.94 -24.82
C ASN O 412 11.98 -53.69 -23.83
N LEU O 413 11.32 -52.55 -23.98
CA LEU O 413 10.21 -52.17 -23.14
C LEU O 413 8.89 -52.43 -23.85
N LEU O 414 7.87 -52.68 -23.04
CA LEU O 414 6.52 -52.90 -23.50
C LEU O 414 5.58 -52.39 -22.42
N SER O 415 4.47 -51.81 -22.81
CA SER O 415 3.49 -51.39 -21.82
C SER O 415 2.11 -51.48 -22.44
N THR O 416 1.12 -51.83 -21.65
CA THR O 416 -0.25 -51.92 -22.13
C THR O 416 -1.21 -51.41 -21.07
N PRO O 417 -1.39 -50.11 -20.96
CA PRO O 417 -2.52 -49.60 -20.17
C PRO O 417 -3.81 -49.80 -20.94
N SER O 418 -4.90 -49.90 -20.19
CA SER O 418 -6.20 -50.18 -20.78
C SER O 418 -7.28 -49.80 -19.78
N LEU O 419 -8.29 -49.08 -20.24
CA LEU O 419 -9.37 -48.68 -19.34
C LEU O 419 -10.71 -48.67 -20.03
N LEU O 420 -11.76 -48.75 -19.22
CA LEU O 420 -13.13 -48.66 -19.68
C LEU O 420 -13.65 -47.27 -19.40
N THR O 421 -14.48 -46.76 -20.30
CA THR O 421 -15.03 -45.42 -20.12
C THR O 421 -16.34 -45.29 -20.88
N LEU O 422 -17.07 -44.23 -20.54
CA LEU O 422 -18.13 -43.74 -21.40
C LEU O 422 -17.56 -42.70 -22.35
N ASP O 423 -18.40 -42.20 -23.25
CA ASP O 423 -18.00 -41.06 -24.05
C ASP O 423 -18.01 -39.80 -23.21
N ASN O 424 -17.15 -38.86 -23.59
CA ASN O 424 -17.07 -37.51 -23.02
C ASN O 424 -16.76 -37.54 -21.53
N GLN O 425 -16.02 -38.56 -21.10
CA GLN O 425 -15.70 -38.76 -19.69
C GLN O 425 -14.21 -39.02 -19.58
N LYS O 426 -13.50 -38.08 -18.99
CA LYS O 426 -12.04 -38.11 -18.93
C LYS O 426 -11.57 -39.22 -18.01
N ALA O 427 -11.28 -40.38 -18.57
CA ALA O 427 -10.71 -41.44 -17.78
C ALA O 427 -9.23 -41.18 -17.56
N GLU O 428 -8.58 -42.03 -16.78
CA GLU O 428 -7.17 -41.85 -16.43
C GLU O 428 -6.67 -43.11 -15.79
N ILE O 429 -5.46 -43.52 -16.14
CA ILE O 429 -4.71 -44.45 -15.32
C ILE O 429 -3.37 -43.81 -15.07
N LEU O 430 -2.89 -43.92 -13.85
CA LEU O 430 -1.58 -43.41 -13.52
C LEU O 430 -0.91 -44.45 -12.64
N VAL O 431 0.22 -44.99 -13.07
CA VAL O 431 0.91 -45.99 -12.29
C VAL O 431 2.34 -45.54 -12.09
N GLY O 432 2.80 -45.54 -10.85
CA GLY O 432 4.15 -45.15 -10.52
C GLY O 432 4.18 -43.88 -9.70
N GLN O 433 5.38 -43.51 -9.31
CA GLN O 433 5.66 -42.66 -8.16
C GLN O 433 5.12 -41.24 -8.32
N ASN O 434 5.14 -40.51 -7.20
CA ASN O 434 4.78 -39.10 -7.14
C ASN O 434 5.90 -38.38 -6.42
N VAL O 435 6.53 -37.43 -7.09
CA VAL O 435 7.79 -36.85 -6.64
C VAL O 435 7.58 -35.36 -6.39
N PRO O 436 8.44 -34.75 -5.60
CA PRO O 436 8.49 -33.29 -5.53
C PRO O 436 9.41 -32.72 -6.59
N PHE O 437 9.22 -31.44 -6.86
CA PHE O 437 10.14 -30.73 -7.73
C PHE O 437 10.16 -29.29 -7.27
N GLN O 438 11.35 -28.68 -7.33
CA GLN O 438 11.46 -27.32 -6.89
C GLN O 438 10.85 -26.39 -7.93
N THR O 439 10.10 -25.41 -7.46
CA THR O 439 9.73 -24.26 -8.26
C THR O 439 10.40 -23.01 -7.69
N GLY O 440 11.51 -23.21 -6.99
CA GLY O 440 12.21 -22.13 -6.33
C GLY O 440 13.22 -22.60 -5.31
N THR O 454 13.20 -22.58 -2.10
CA THR O 454 12.46 -23.83 -2.06
C THR O 454 10.98 -23.57 -1.93
N THR O 455 10.23 -23.78 -3.00
CA THR O 455 8.77 -23.72 -2.98
C THR O 455 8.20 -24.89 -3.78
N VAL O 456 8.62 -26.10 -3.41
CA VAL O 456 8.45 -27.35 -4.16
C VAL O 456 7.00 -27.74 -4.37
N GLU O 457 6.78 -28.73 -5.21
CA GLU O 457 5.45 -29.06 -5.70
C GLU O 457 5.41 -30.53 -6.06
N ARG O 458 4.22 -31.13 -6.01
CA ARG O 458 4.07 -32.56 -6.25
C ARG O 458 3.69 -32.83 -7.70
N LYS O 459 4.17 -33.95 -8.23
CA LYS O 459 4.09 -34.19 -9.66
C LYS O 459 4.27 -35.67 -9.94
N ASP O 460 3.45 -36.22 -10.84
CA ASP O 460 3.32 -37.66 -11.02
C ASP O 460 4.25 -38.20 -12.10
N ILE O 461 4.85 -39.35 -11.82
CA ILE O 461 5.89 -39.95 -12.64
C ILE O 461 5.58 -41.42 -12.83
N GLY O 462 5.42 -41.85 -14.08
CA GLY O 462 5.15 -43.25 -14.36
C GLY O 462 4.18 -43.37 -15.50
N VAL O 463 3.79 -44.59 -15.84
CA VAL O 463 2.95 -44.86 -17.00
C VAL O 463 1.61 -44.17 -16.83
N SER O 464 1.09 -43.57 -17.89
CA SER O 464 -0.13 -42.83 -17.72
C SER O 464 -0.93 -42.81 -19.00
N LEU O 465 -2.23 -42.67 -18.85
CA LEU O 465 -3.09 -42.68 -20.02
C LEU O 465 -4.32 -41.84 -19.72
N LYS O 466 -4.72 -40.99 -20.65
CA LYS O 466 -5.94 -40.20 -20.50
C LYS O 466 -6.70 -40.24 -21.82
N VAL O 467 -7.81 -40.95 -21.84
CA VAL O 467 -8.62 -41.10 -23.03
C VAL O 467 -9.83 -40.21 -22.88
N THR O 468 -10.30 -39.63 -23.98
CA THR O 468 -11.66 -39.10 -24.04
C THR O 468 -12.31 -39.50 -25.34
N PRO O 469 -13.29 -40.38 -25.33
CA PRO O 469 -13.92 -40.80 -26.58
C PRO O 469 -15.05 -39.87 -27.00
N HIS O 470 -15.55 -40.15 -28.20
CA HIS O 470 -16.78 -39.57 -28.70
C HIS O 470 -17.37 -40.60 -29.66
N ILE O 471 -18.57 -41.06 -29.36
CA ILE O 471 -19.04 -42.35 -29.87
C ILE O 471 -20.23 -42.15 -30.77
N ASN O 472 -20.07 -42.56 -32.03
CA ASN O 472 -21.16 -42.61 -32.97
C ASN O 472 -21.97 -43.86 -32.72
N ASP O 473 -23.23 -43.83 -33.12
CA ASP O 473 -24.06 -45.02 -33.07
C ASP O 473 -23.63 -45.95 -34.21
N GLY O 474 -22.53 -46.65 -34.00
CA GLY O 474 -21.99 -47.53 -35.01
C GLY O 474 -20.47 -47.57 -35.02
N ALA O 475 -19.88 -47.50 -36.20
CA ALA O 475 -18.44 -47.60 -36.36
C ALA O 475 -17.79 -46.24 -36.13
N ALA O 476 -16.45 -46.21 -36.25
CA ALA O 476 -15.64 -45.00 -36.37
C ALA O 476 -15.79 -44.08 -35.16
N LEU O 477 -15.26 -44.55 -34.04
CA LEU O 477 -15.21 -43.74 -32.84
C LEU O 477 -14.12 -42.67 -32.95
N ARG O 478 -14.28 -41.58 -32.20
CA ARG O 478 -13.23 -40.57 -32.08
C ARG O 478 -12.54 -40.71 -30.74
N LEU O 479 -11.23 -40.57 -30.72
CA LEU O 479 -10.48 -40.64 -29.48
C LEU O 479 -9.62 -39.42 -29.33
N GLU O 480 -9.51 -38.91 -28.10
CA GLU O 480 -8.59 -37.83 -27.79
C GLU O 480 -7.63 -38.43 -26.78
N ILE O 481 -6.47 -38.83 -27.25
CA ILE O 481 -5.54 -39.60 -26.44
C ILE O 481 -4.53 -38.64 -25.87
N GLU O 482 -4.17 -38.82 -24.62
CA GLU O 482 -3.00 -38.17 -24.07
C GLU O 482 -2.29 -39.25 -23.30
N GLN O 483 -1.38 -39.94 -23.96
CA GLN O 483 -0.69 -41.04 -23.34
C GLN O 483 0.71 -40.58 -23.01
N GLU O 484 1.28 -41.09 -21.93
CA GLU O 484 2.69 -40.80 -21.71
C GLU O 484 3.33 -41.92 -20.93
N ILE O 485 4.64 -41.97 -21.01
CA ILE O 485 5.47 -42.82 -20.17
C ILE O 485 6.59 -41.97 -19.65
N SER O 486 6.64 -41.78 -18.36
CA SER O 486 7.73 -41.08 -17.72
C SER O 486 8.78 -42.10 -17.29
N ALA O 487 9.73 -41.64 -16.49
CA ALA O 487 10.70 -42.46 -15.76
C ALA O 487 11.38 -41.54 -14.74
N LEU O 488 12.42 -42.05 -14.11
CA LEU O 488 13.21 -41.25 -13.21
C LEU O 488 14.62 -41.78 -13.29
N LEU O 489 15.61 -40.89 -13.25
CA LEU O 489 16.95 -41.27 -13.67
C LEU O 489 17.96 -41.15 -12.53
N PRO O 490 18.63 -42.24 -12.16
CA PRO O 490 19.64 -42.16 -11.10
C PRO O 490 21.05 -42.00 -11.63
N ASN O 491 21.24 -42.20 -12.93
CA ASN O 491 22.59 -42.31 -13.49
C ASN O 491 23.20 -40.95 -13.75
N ALA O 492 22.63 -40.21 -14.70
CA ALA O 492 23.21 -38.96 -15.17
C ALA O 492 22.64 -37.83 -14.33
N GLN O 493 23.25 -37.60 -13.19
CA GLN O 493 22.86 -36.54 -12.29
C GLN O 493 23.87 -35.42 -12.34
N GLN O 494 23.37 -34.21 -12.51
CA GLN O 494 24.17 -33.00 -12.58
C GLN O 494 24.38 -32.44 -11.18
N ARG O 495 24.77 -31.18 -11.10
CA ARG O 495 24.94 -30.41 -9.88
C ARG O 495 23.59 -29.86 -9.35
N ASN O 496 22.48 -30.48 -9.72
CA ASN O 496 21.16 -29.94 -9.46
C ASN O 496 20.26 -31.08 -8.99
N ASN O 497 18.95 -30.85 -9.05
CA ASN O 497 17.98 -31.75 -8.43
C ASN O 497 17.71 -32.99 -9.28
N THR O 498 16.61 -33.66 -8.97
CA THR O 498 16.20 -34.86 -9.69
C THR O 498 15.95 -34.57 -11.16
N ASP O 499 16.70 -35.26 -12.01
CA ASP O 499 16.59 -35.12 -13.46
C ASP O 499 15.46 -36.01 -13.94
N LEU O 500 14.25 -35.56 -13.63
CA LEU O 500 13.06 -36.38 -13.75
C LEU O 500 12.71 -36.54 -15.23
N ILE O 501 12.79 -37.75 -15.76
CA ILE O 501 12.37 -37.94 -17.13
C ILE O 501 10.85 -37.99 -17.06
N THR O 502 10.21 -36.80 -17.10
CA THR O 502 8.78 -36.69 -16.86
C THR O 502 7.99 -36.95 -18.13
N SER O 503 8.60 -36.71 -19.29
CA SER O 503 8.19 -37.35 -20.50
C SER O 503 9.37 -38.17 -21.00
N LYS O 504 9.14 -39.43 -21.28
CA LYS O 504 10.01 -40.17 -22.18
C LYS O 504 9.28 -40.54 -23.43
N ARG O 505 8.01 -40.79 -23.34
CA ARG O 505 7.15 -40.69 -24.50
C ARG O 505 5.97 -39.86 -24.08
N SER O 506 5.50 -38.99 -24.94
CA SER O 506 4.36 -38.20 -24.52
C SER O 506 3.58 -37.83 -25.76
N ILE O 507 2.68 -38.70 -26.17
CA ILE O 507 1.94 -38.43 -27.39
C ILE O 507 0.57 -37.95 -27.04
N LYS O 508 0.25 -36.74 -27.47
CA LYS O 508 -0.98 -36.07 -27.08
C LYS O 508 -1.76 -35.82 -28.35
N SER O 509 -2.45 -36.83 -28.84
CA SER O 509 -2.98 -36.72 -30.18
C SER O 509 -4.50 -36.83 -30.17
N THR O 510 -5.08 -36.85 -31.36
CA THR O 510 -6.52 -36.92 -31.48
C THR O 510 -6.82 -37.73 -32.74
N ILE O 511 -7.20 -38.99 -32.58
CA ILE O 511 -7.34 -39.85 -33.74
C ILE O 511 -8.79 -40.29 -33.89
N LEU O 512 -9.07 -41.07 -34.92
CA LEU O 512 -10.43 -41.52 -35.20
C LEU O 512 -10.32 -42.95 -35.72
N ALA O 513 -10.72 -43.91 -34.90
CA ALA O 513 -10.42 -45.31 -35.15
C ALA O 513 -11.69 -46.12 -35.40
N GLU O 514 -11.46 -47.39 -35.73
CA GLU O 514 -12.49 -48.37 -36.01
C GLU O 514 -12.44 -49.46 -34.94
N ASN O 515 -13.62 -49.89 -34.48
CA ASN O 515 -13.82 -50.59 -33.22
C ASN O 515 -13.21 -51.99 -33.14
N GLY O 516 -12.41 -52.49 -34.06
CA GLY O 516 -11.73 -53.75 -33.81
C GLY O 516 -10.34 -53.72 -34.40
N GLN O 517 -9.91 -52.54 -34.80
CA GLN O 517 -8.75 -52.38 -35.65
C GLN O 517 -7.55 -51.94 -34.82
N VAL O 518 -6.56 -52.80 -34.70
CA VAL O 518 -5.30 -52.43 -34.08
C VAL O 518 -4.61 -51.45 -35.02
N ILE O 519 -4.50 -50.19 -34.61
CA ILE O 519 -3.90 -49.17 -35.44
C ILE O 519 -2.63 -48.66 -34.77
N VAL O 520 -1.90 -47.83 -35.50
CA VAL O 520 -0.65 -47.25 -35.04
C VAL O 520 -0.86 -45.75 -34.85
N ILE O 521 -0.54 -45.26 -33.66
CA ILE O 521 -0.69 -43.83 -33.43
C ILE O 521 0.61 -43.11 -33.66
N GLY O 522 1.72 -43.63 -33.14
CA GLY O 522 2.93 -42.82 -33.20
C GLY O 522 4.17 -43.65 -33.28
N GLY O 523 5.28 -42.99 -33.54
CA GLY O 523 6.51 -43.75 -33.65
C GLY O 523 7.74 -42.87 -33.63
N LEU O 524 8.88 -43.54 -33.52
CA LEU O 524 10.18 -42.89 -33.55
C LEU O 524 11.20 -43.93 -33.93
N ILE O 525 11.96 -43.67 -34.98
CA ILE O 525 13.06 -44.53 -35.38
C ILE O 525 14.30 -43.67 -35.39
N GLN O 526 15.19 -43.89 -34.43
CA GLN O 526 16.34 -43.02 -34.26
C GLN O 526 17.60 -43.85 -34.40
N ASP O 527 18.36 -43.58 -35.44
CA ASP O 527 19.57 -44.30 -35.74
C ASP O 527 20.76 -43.36 -35.63
N ASP O 528 21.90 -43.93 -35.26
CA ASP O 528 23.07 -43.09 -34.99
C ASP O 528 24.30 -43.94 -35.17
N VAL O 529 25.34 -43.32 -35.69
CA VAL O 529 26.67 -43.91 -35.78
C VAL O 529 27.68 -42.79 -35.72
N SER O 530 28.62 -42.90 -34.80
CA SER O 530 29.58 -41.84 -34.56
C SER O 530 30.94 -42.48 -34.36
N GLN O 531 31.99 -41.78 -34.75
CA GLN O 531 33.33 -42.35 -34.66
C GLN O 531 34.40 -41.27 -34.64
N ALA O 532 35.17 -41.25 -33.58
CA ALA O 532 36.28 -40.32 -33.43
C ALA O 532 37.59 -41.07 -33.52
N GLU O 533 38.61 -40.40 -34.04
CA GLU O 533 39.95 -40.95 -34.08
C GLU O 533 40.92 -39.94 -33.50
N SER O 534 42.12 -40.43 -33.20
CA SER O 534 43.22 -39.54 -32.82
C SER O 534 44.50 -40.30 -33.13
N LYS O 535 45.31 -39.76 -34.04
CA LYS O 535 46.50 -40.49 -34.48
C LYS O 535 47.65 -39.53 -34.70
N VAL O 536 48.85 -40.10 -34.76
CA VAL O 536 49.98 -39.36 -35.33
C VAL O 536 49.74 -39.22 -36.83
N PRO O 537 49.81 -38.01 -37.40
CA PRO O 537 49.29 -37.77 -38.75
C PRO O 537 50.05 -38.45 -39.88
N LEU O 538 51.25 -38.95 -39.64
CA LEU O 538 51.95 -39.69 -40.68
C LEU O 538 51.75 -41.19 -40.58
N LEU O 539 51.64 -41.72 -39.37
CA LEU O 539 51.77 -43.16 -39.15
C LEU O 539 50.45 -43.88 -39.07
N GLY O 540 49.37 -43.21 -38.68
CA GLY O 540 48.09 -43.87 -38.65
C GLY O 540 47.52 -44.20 -40.02
N ASP O 541 48.01 -43.54 -41.06
CA ASP O 541 47.44 -43.69 -42.38
C ASP O 541 47.82 -45.00 -43.04
N ILE O 542 48.96 -45.58 -42.66
CA ILE O 542 49.52 -46.75 -43.32
C ILE O 542 48.67 -47.97 -42.99
N PRO O 543 48.01 -48.60 -43.97
CA PRO O 543 47.06 -49.68 -43.63
C PRO O 543 47.71 -51.03 -43.41
N LEU O 544 48.81 -51.04 -42.70
CA LEU O 544 49.49 -52.21 -42.18
C LEU O 544 49.82 -52.05 -40.72
N LEU O 545 50.19 -50.84 -40.29
CA LEU O 545 50.49 -50.54 -38.90
C LEU O 545 49.62 -49.41 -38.38
N GLY O 546 48.56 -49.06 -39.11
CA GLY O 546 47.69 -47.96 -38.71
C GLY O 546 46.93 -48.22 -37.44
N ARG O 547 46.70 -49.48 -37.10
CA ARG O 547 46.09 -49.80 -35.81
C ARG O 547 47.05 -49.49 -34.66
N LEU O 548 48.36 -49.62 -34.90
CA LEU O 548 49.33 -49.47 -33.83
C LEU O 548 49.62 -48.02 -33.46
N PHE O 549 48.93 -47.08 -34.03
CA PHE O 549 49.17 -45.70 -33.64
C PHE O 549 47.91 -44.93 -33.30
N ARG O 550 46.81 -45.21 -33.98
CA ARG O 550 45.61 -44.41 -33.81
C ARG O 550 44.89 -44.77 -32.51
N SER O 551 43.80 -44.07 -32.27
CA SER O 551 42.95 -44.32 -31.11
C SER O 551 41.53 -44.03 -31.56
N THR O 552 40.69 -45.06 -31.65
CA THR O 552 39.36 -44.92 -32.21
C THR O 552 38.30 -45.14 -31.15
N LYS O 553 37.15 -44.56 -31.41
CA LYS O 553 36.00 -44.67 -30.52
C LYS O 553 34.75 -44.64 -31.38
N ASP O 554 34.06 -45.76 -31.47
CA ASP O 554 32.86 -45.89 -32.29
C ASP O 554 31.65 -46.01 -31.39
N THR O 555 30.49 -45.59 -31.90
CA THR O 555 29.28 -45.56 -31.11
C THR O 555 28.10 -45.69 -32.05
N HIS O 556 27.43 -46.84 -32.02
CA HIS O 556 26.23 -47.05 -32.81
C HIS O 556 25.04 -47.09 -31.85
N THR O 557 23.88 -46.62 -32.31
CA THR O 557 22.76 -46.42 -31.41
C THR O 557 21.45 -46.50 -32.17
N LYS O 558 20.53 -47.35 -31.73
CA LYS O 558 19.20 -47.42 -32.32
C LYS O 558 18.15 -47.31 -31.24
N ARG O 559 17.07 -46.61 -31.55
CA ARG O 559 15.88 -46.56 -30.69
C ARG O 559 14.67 -46.68 -31.59
N ASN O 560 13.99 -47.81 -31.54
CA ASN O 560 12.75 -48.01 -32.27
C ASN O 560 11.60 -47.90 -31.29
N LEU O 561 10.51 -47.29 -31.74
CA LEU O 561 9.43 -46.97 -30.84
C LEU O 561 8.12 -46.92 -31.60
N MET O 562 7.14 -47.70 -31.16
CA MET O 562 5.80 -47.62 -31.71
C MET O 562 4.80 -47.44 -30.58
N VAL O 563 3.74 -46.71 -30.88
CA VAL O 563 2.62 -46.55 -29.96
C VAL O 563 1.37 -46.92 -30.72
N PHE O 564 0.77 -48.06 -30.35
CA PHE O 564 -0.42 -48.63 -30.95
C PHE O 564 -1.63 -48.40 -30.06
N LEU O 565 -2.80 -48.59 -30.66
CA LEU O 565 -4.05 -48.33 -29.97
C LEU O 565 -5.08 -49.35 -30.42
N ARG O 566 -5.95 -49.72 -29.51
CA ARG O 566 -6.98 -50.69 -29.82
C ARG O 566 -8.27 -50.31 -29.10
N PRO O 567 -9.26 -49.84 -29.81
CA PRO O 567 -10.54 -49.59 -29.18
C PRO O 567 -11.51 -50.75 -29.35
N THR O 568 -12.33 -51.03 -28.33
CA THR O 568 -13.41 -51.99 -28.44
C THR O 568 -14.67 -51.35 -27.90
N VAL O 569 -15.72 -51.32 -28.71
CA VAL O 569 -16.99 -50.73 -28.33
C VAL O 569 -17.86 -51.80 -27.70
N VAL O 570 -18.29 -51.56 -26.47
CA VAL O 570 -19.28 -52.40 -25.82
C VAL O 570 -20.49 -51.54 -25.47
N ARG O 571 -21.67 -52.02 -25.83
CA ARG O 571 -22.90 -51.33 -25.50
C ARG O 571 -23.93 -52.22 -24.82
N ASP O 572 -23.81 -53.54 -24.93
CA ASP O 572 -24.58 -54.45 -24.10
C ASP O 572 -23.67 -55.08 -23.06
N SER O 573 -24.27 -55.55 -21.97
CA SER O 573 -23.49 -56.14 -20.90
C SER O 573 -22.93 -57.51 -21.25
N ALA O 574 -23.38 -58.13 -22.33
CA ALA O 574 -22.87 -59.44 -22.72
C ALA O 574 -21.41 -59.34 -23.17
N GLY O 575 -21.09 -58.37 -24.03
CA GLY O 575 -19.73 -58.20 -24.47
C GLY O 575 -18.80 -57.73 -23.37
N LEU O 576 -19.33 -56.94 -22.44
CA LEU O 576 -18.57 -56.53 -21.27
C LEU O 576 -18.26 -57.72 -20.37
N ALA O 577 -19.23 -58.62 -20.20
CA ALA O 577 -18.98 -59.86 -19.47
C ALA O 577 -17.97 -60.73 -20.18
N ALA O 578 -17.98 -60.74 -21.52
CA ALA O 578 -17.01 -61.54 -22.27
C ALA O 578 -15.60 -61.01 -22.12
N LEU O 579 -15.45 -59.68 -22.22
CA LEU O 579 -14.14 -59.05 -21.98
C LEU O 579 -13.66 -59.32 -20.56
N SER O 580 -14.56 -59.21 -19.58
CA SER O 580 -14.19 -59.44 -18.20
C SER O 580 -13.77 -60.88 -17.97
N GLY O 581 -14.47 -61.83 -18.59
CA GLY O 581 -14.11 -63.22 -18.45
C GLY O 581 -12.77 -63.55 -19.09
N LYS O 582 -12.49 -62.94 -20.25
CA LYS O 582 -11.20 -63.17 -20.89
C LYS O 582 -10.06 -62.59 -20.07
N LYS O 583 -10.22 -61.35 -19.57
CA LYS O 583 -9.15 -60.77 -18.77
C LYS O 583 -8.99 -61.48 -17.43
N TYR O 584 -10.09 -62.00 -16.88
CA TYR O 584 -10.01 -62.69 -15.62
C TYR O 584 -9.35 -64.05 -15.77
N SER O 585 -9.62 -64.74 -16.88
CA SER O 585 -8.89 -65.97 -17.15
C SER O 585 -7.42 -65.69 -17.44
N ASP O 586 -7.14 -64.57 -18.11
CA ASP O 586 -5.77 -64.24 -18.43
C ASP O 586 -4.98 -63.75 -17.23
N ILE O 587 -5.64 -63.33 -16.17
CA ILE O 587 -4.91 -63.08 -14.94
C ILE O 587 -4.87 -64.32 -14.05
N ARG O 588 -5.85 -65.22 -14.18
CA ARG O 588 -5.82 -66.49 -13.48
C ARG O 588 -4.69 -67.38 -13.97
N VAL O 589 -4.36 -67.29 -15.26
CA VAL O 589 -3.26 -68.09 -15.78
C VAL O 589 -1.92 -67.53 -15.28
N ILE O 590 -1.87 -66.24 -14.99
CA ILE O 590 -0.66 -65.69 -14.39
C ILE O 590 -0.57 -66.12 -12.94
N ASP O 591 -1.72 -66.24 -12.27
CA ASP O 591 -1.75 -66.92 -10.98
C ASP O 591 -1.36 -68.39 -11.12
N GLY O 592 -1.62 -69.00 -12.27
CA GLY O 592 -1.29 -70.38 -12.55
C GLY O 592 0.11 -70.65 -13.00
N THR O 593 1.01 -69.68 -12.88
CA THR O 593 2.42 -69.89 -13.23
C THR O 593 3.30 -69.80 -11.98
N PRO O 604 6.09 -69.53 -0.39
CA PRO O 604 5.92 -69.99 -1.76
C PRO O 604 4.94 -69.16 -2.57
N THR O 605 4.50 -69.73 -3.69
CA THR O 605 3.63 -69.10 -4.67
C THR O 605 2.41 -69.98 -4.95
N ASN O 606 1.77 -70.41 -3.86
CA ASN O 606 0.75 -71.45 -3.89
C ASN O 606 -0.52 -70.97 -4.59
N ALA O 607 -1.49 -71.89 -4.69
CA ALA O 607 -2.62 -71.77 -5.61
C ALA O 607 -3.55 -70.64 -5.19
N ASN O 608 -3.77 -69.69 -6.08
CA ASN O 608 -4.57 -68.50 -5.79
C ASN O 608 -6.04 -68.79 -6.01
N GLN O 609 -6.90 -67.81 -5.79
CA GLN O 609 -8.30 -68.10 -5.52
C GLN O 609 -9.22 -67.36 -6.49
N LEU O 610 -10.31 -68.01 -6.86
CA LEU O 610 -11.39 -67.37 -7.61
C LEU O 610 -12.25 -66.54 -6.67
N PHE O 611 -13.12 -65.71 -7.22
CA PHE O 611 -14.11 -64.99 -6.43
C PHE O 611 -15.49 -65.28 -6.97
N ASP O 612 -16.47 -64.60 -6.38
CA ASP O 612 -17.85 -64.79 -6.76
C ASP O 612 -18.10 -64.10 -8.09
N GLY O 613 -17.80 -64.81 -9.18
CA GLY O 613 -17.98 -64.27 -10.51
C GLY O 613 -19.43 -64.03 -10.88
#